data_6F0L
#
_entry.id   6F0L
#
_cell.length_a   1.000
_cell.length_b   1.000
_cell.length_c   1.000
_cell.angle_alpha   90.00
_cell.angle_beta   90.00
_cell.angle_gamma   90.00
#
_symmetry.space_group_name_H-M   'P 1'
#
loop_
_entity.id
_entity.type
_entity.pdbx_description
1 polymer 'DNA replication licensing factor MCM2'
2 polymer 'DNA replication licensing factor MCM3'
3 polymer 'DNA replication licensing factor MCM4'
4 polymer 'Minichromosome maintenance protein 5'
5 polymer 'DNA replication licensing factor MCM6'
6 polymer 'DNA replication licensing factor MCM7'
7 polymer 'DNA (62-MER)'
8 polymer 'DNA (62-MER)'
9 non-polymer "ADENOSINE-5'-DIPHOSPHATE"
#
loop_
_entity_poly.entity_id
_entity_poly.type
_entity_poly.pdbx_seq_one_letter_code
_entity_poly.pdbx_strand_id
1 'polypeptide(L)'
;MSDNRRRRREEDDSDSENELPPSSPQQHFRGGMNPVSSPIGSPDMINPEGDDNEVDDVPDIDEVEEQMNEVDLMDDNMYE
DYAADHNRDRYDPDQVDDREQQELSLSERRRIDAQLNERDRLLRNVAYIDDEDEEQEGAAQLDEMGLPVQRRRRRRQYED
LENSDDDLLSDMDIDPLREELTLESLSNVKANSYSEWITQPNVSRTIARELKSFLLEYTDETGRSVYGARIRTLGEMNSE
SLEVNYRHLAESKAILALFLAKCPEEMLKIFDLVAMEATELHYPDYARIHSEIHVRISDFPTIYSLRELRESNLSSLVRV
TGVVTRRTGVFPQLKYVKFNCLKCGSILGPFFQDSNEEIRISFCTNCKSKGPFRVNGEKTVYRNYQRVTLQEAPGTVPPG
RLPRHREVILLADLVDVSKPGEEVEVTGIYKNNYDGNLNAKNGFPVFATIIEANSIKRREGNTANEGEEGLDVFSWTEEE
EREFRKISRDRGIIDKIISSMAPSIYGHRDIKTAVACSLFGGVPKNVNGKHSIRGDINVLLLGDPGTAKSQILKYVEKTA
HRAVFATGQGASAVGLTASVRKDPITKEWTLEGGALVLADKGVCLIDEFDKMNDQDRTSIHEAMEQQSISISKAGIVTTL
QARCSIIAAANPNGGRYNSTLPLAQNVSLTEPILSRFDILCVVRDLVDEEADERLATFVVDSHVRSHPENDEDREGEELK
NNGESAIEQGEDEINEQLNARQRRLQRQRKKEEEISPIPQELLMKYIHYARTKIYPKLHQMDMDKVSRVYADLRRESIST
GSFPITVRHLESILRIAESFAKMRLSEFVSSYDLDRAIKVVVDSFVDAQKVSVRRQLRRSFAIYTLGH
;
2,A
2 'polypeptide(L)'
;MEGSTGFDGDATTFFAPDAVFGDRVRRFQEFLDTFTSYRDSVRSIQVYNSNNAANYNDDQDDADERDLLGDDDGDDLEKE
KKAASSTSLNILPHRIIISLDDLREFDRSFWSGILVEPAYFIPPAEKALTDLADSMDDVPHPNASAVSSRHPWKLSFKGS
FGAHALSPRTLTAQHLNKLVSVEGIVTKTSLVRPKLIRSVHYAAKTGRFHYRDYTDATTTLTTRIPTPAIYPTEDTEGNK
LTTEYGYSTFIDHQRITVQEMPEMAPAGQLPRSIDVILDDDLVDKTKPGDRVNVVGVFKSLGAGGMNQSNSNTLIGFKTL
ILGNTVYPLHARSTGVAARQMLTDFDIRNINKLSKKKDIFDILSQSLAPSIYGHDHIKKAILLMLMGGVEKNLENGSHLR
GDINILMVGDPSTAKSQLLRFVLNTASLAIATTGRGSSGVGLTAAVTTDRETGERRLEAGAMVLADRGVVCIDEFDKMTD
VDRVAIHEVMEQQTVTIAKAGIHTTLNARCSVIAAANPVFGQYDVNRDPHQNIALPDSLLSRFDLLFVVTDDINEIRDRS
ISEHVLRTHRYLPPGYLEGEPVRERLNLSLAVGEDADINPEEHSNSGAGVENEGEDDEDHVFEKFNPLLQAGAKLAKNKG
NYNGTEIPKLVTIPFLRKYVQYAKERVIPQLTQEAINVIVKNYTDLRNDDNTKKSPITARTLETLIRLATAHAKVRLSKT
VNKVDAKVAANLLRFALLGEDIGNDIDEEESEYEEALSKRSPQKSPKKRQRVRQPASNSGSPIKSTPRRSTASSVNATPS
SARRILRFQDDEQNAGEDDNDIMSPLPADEEAELQRRLQLGLRVSPRRREHLHAPEEGSSGPLTEVGTPRLPNVSSAGQD
DEQQQSVISFDNVEPGTISTGRLSLISGIIARLMQTEIFEEESYPVASLFERINEELPEEEKFSAQEYLAGLKIMSDRNN
LMVADDKVWRV
;
3,B
3 'polypeptide(L)'
;MSQQSSSPTKEDNNSSSPVVPNPDSVPPQLSSPALFYSSSSSQGDIYGRNNSQNLSQGEGNIRAAIGSSPLNFPSSSQRQ
NSDVFQSQGRQGRIRSSASASGRSRYHSDLRSDRALPTSSSSLGRNGQNRVHMRRNDIHTSDLSSPRRIVDFDTRSGVNT
LDTSSSSAPPSEASEPLRIIWGTNVSIQECTTNFRNFLMSFKYKFRKILDEREEFINNTTDEELYYIKQLNEMRELGTSN
LNLDARNLLAYKQTEDLYHQLLNYPQEVISIMDQTIKDCMVSLIVDNNLDYDLDEIETKFYKVRPYNVGSCKGMRELNPN
DIDKLINLKGLVLRSTPVIPDMKVAFFKCNVCDHTMAVEIDRGVIQEPARCERIDCNEPNSMSLIHNRCSFADKQVIKLQ
ETPDFVPDGQTPHSISLCVYDELVDSCRAGDRIEVTGTFRSIPIRANSRQRVLKSLYKTYVDVVHVKKVSDKRLDVDTST
IEQELMQNKVDHNEVEEVRQITDQDLAKIREVAAREDLYSLLARSIAPSIYELEDVKKGILLQLFGGTNKTFTKGGRYRG
DINILLCGDPSTSKSQILQYVHKITPRGVYTSGKGSSAVGLTAYITRDVDTKQLVLESGALVLSDGGVCCIDEFDKMSDS
TRSVLHEVMEQQTISIAKAGIITTLNARSSILASANPIGSRYNPNLPVTENIDLPPPLLSRFDLVYLVLDKVDEKNDREL
AKHLTNLYLEDKPEHISQDDVLPVEFLTMYISYAKEHIHPIITEAAKTELVRAYVGMRKMGDDSRSDEKRITATTRQLES
MIRLAEAHAKMKLKNVVELEDVQEAVRLIRSAIKDYATDPKTGKIDMNLVQTGKSVIQRKLQEDLSREIMNVLKDQASDS
MSFNELIKQINEHSQDRVESSDIQEALSRLQQEDKVIVLGEGVRRSVRLNNRV
;
4,C
4 'polypeptide(L)'
;MSFDRPEIYSAPVLQGESPNDDDNTEIIKSFKNFILEFRLDSQFIYRDQLRNNILVKNYSLTVNMEHLIGYNEDIYKKLS
DEPSDIIPLFETAITQVAKRISILSRAQSANNNDKDPENTSMDTDSLLLNSLPTFQLILNSNANQIPLRDLDSEHVSKIV
RLSGIIISTSVLSSRATYLSIMCRNCRHTTSITINNFNSITGNTVSLPRSCLSTIESESSMANESNIGDESTKKNCGPDP
YIIIHESSKFIDQQFLKLQEIPELVPVGEMPRNLTMTCDRYLTNKVIPGTRVTIVGIYSIYNSKNGAGSGRSGGGNGGSG
VAIRTPYIKILGIQSDVETSSIWNSVTMFTEEEEEEFLQLSRNPKLYEILTNSIAPSIFGNEDIKKAIVCLLMGGSKKIL
PDGMRLRGDINVLLLGDPGTAKSQLLKFVEKVSPIAVYTSGKGSSAAGLTASVQRDPMTREFYLEGGAMVLADGGVVCID
EFDKMRDEDRVAIHEAMEQQTISIAKAGITTVLNSRTSVLAAANPIYGRYDDLKSPGDNIDFQTTILSRFDMIFIVKDDH
NEERDISIANHVINIHTGNANAMQNQQEENGSEISIEKMKRYITYCRLKCAPRLSPQAAEKLSSNFVTIRKQLLINELES
TERSSIPITIRQLEAIIRITESLAKLELSPIAQERHVDEAIRLFQASTMDAASQDPIGGLNQASGTSLSEIRRFEQELKR
RLPIGWSTSYQTLRREFVDTHRFSQLALDKALYALEKHETIQLRHQGQNIYRSGV
;
5,D
5 'polypeptide(L)'
;MSSPFPADTPSSNRPSNSSPPPSSIGAGFGSSSGLDSQIGSRLHFPSSSQPHVSNSQTGPFVNDSTQFSSQRLQTDGSAT
NDMEGNEPARSFKSRALNHVKKVDDVTGEKVREAFEQFLEDFSVQSTDTGEVEKVYRAQIEFMKIYDLNTIYIDYQHLSM
RENGALAMAISEQYYRFLPFLQKGLRRVVRKYAPELLNTSDSLKRSEGDEGQADEDEQQDDDMNGSSLPRDSGSSAAPGN
GTSAMATRSITTSTSPEQTERVFQISFFNLPTVHRIRDIRSEKIGSLLSISGTVTRTSEVRPELYKASFTCDMCRAIVDN
VEQSFKYTEPTFCPNPSCENRAFWTLNVTRSRFLDWQKVRIQENANEIPTGSMPRTLDVILRGDSVERAKPGDRCKFTGV
EIVVPDVTQLGLPGVKPSSTLDTRGISKTTEGLNSGVTGLRSLGVRDLTYKISFLACHVISIGSNIGASSPDANSNNRET
ELQMAANLQANNVYQDNERDQEVFLNSLSSDEINELKEMVKDEHIYDKLVRSIAPAVFGHEAVKKGILLQMLGGVHKSTV
EGIKLRGDINICVVGDPSTSKSQFLKYVVGFAPRSVYTSGKASSAAGLTAAVVRDEEGGDYTIEAGALMLADNGICCIDE
FDKMDISDQVAIHEAMEQQTISIAKAGIHATLNARTSILAAANPVGGRYNRKLSLRGNLNMTAPIMSRFDLFFVILDDCN
EKIDTELASHIVDLHMKRDEAIEPPFSAEQLRRYIKYARTFKPILTKEARSYLVEKYKELRKDDAQGFSRSSYRITVRQL
ESMIRLSEAIARANCVDEITPSFIAEAYDLLRQSIIRVDVDDVEMDEEFDNIESQSHAASGNNDDNDDGTGSGVITSEPP
ADIEEGQSEATARPGTSEKKKTTVTYDKYVSMMNMIVRKIAEVDREGAEELTAVDIVDWYLLQKENDLGSLAEYWEERRL
AFKVIKRLVKDRILMEIHGTRHNLRDLENEENENNKTVYVIHPNCEVLDQLEPQDSS
;
6,E
6 'polypeptide(L)'
;MSAALPSIQLPVDYNNLFNEITDFLVTFKQDTLSSDATRNENEDENLDAENIEQHLLEKGPKYMAMLQKVANRELNSVII
DLDDILQYQNEKFLQGTQADDLVSAIQQNANHFTELFCRAIDNNMPLPTKEIDYKDDVLDVILNQRRLRNERMLSDRTNE
IRSENLMDTTMDPPSSMNDALREVVEDETELFPPNLTRRYFLYFKPLSQNCARRYRKKAISSKPLSVRQIKGDFLGQLIT
VRGIITRVSDVKPAVEVIAYTCDQCGYEVFQEVNSRTFTPLSECTSEECSQNQTKGQLFMSTRASKFSAFQECKIQELSQ
QVPVGHIPRSLNIHVNGTLVRSLSPGDIVDVTGIFLPAPYTGFKALKAGLLTETYLEAQFVRQHKKKFASFSLTSDVEER
VMELITSGDVYNRLAKSIAPEIYGNLDVKKALLLLLVGGVDKRVGDGMKIRGDINVCLMGDPGVAKSQLLKAICKISPRG
VYTTGKGSSGVGLTAAVMKDPVTDEMILEGGALVLADNGICCIDEFDKMDESDRTAIHEVMEQQTISISKAGINTTLNAR
TSILAAANPLYGRYNPRLSPLDNINLPAALLSRFDILFLMLDIPSRDDDEKLAEHVTYVHMHNKQPDLDFTPVEPSKMRE
YIAYAKTKRPVMSEAVNDYVVQAYIRLRQDSKREMDSKFSFGQATPRTLLGIIRLSQALAKLRLADMVDIDDVEEALRLV
RVSKESLYQETNKSKEDESPTTKIFTIIKKMLQETGKNTLSYENIVKTVRLRGFTMLQLSNCIQEYSYLNVWHLINEGNT
LKFVDDGTMDTDQEDSLVSTPKLAPQTTASANVSAQDSDIDLQDA
;
7,F
7 'polydeoxyribonucleotide'
;(DC)(DA)(DT)(DG)(DC)(DA)(DT)(DG)(DC)(DA)(DT)(DG)(DC)(DA)(DT)(DG)(DC)(DA)(DT)(DG)
(DC)(DA)(DT)(DG)(DC)(DA)(DT)(DG)(DC)(DA)(DT)(DG)(DC)(DA)(DT)(DG)(DC)(DA)(DT)(DG)
(DC)(DA)(DT)(DG)(DC)(DA)(DT)(DG)(DC)(DA)(DT)(DG)(DC)(DA)(DT)(DG)(DC)(DA)(DT)(DG)
(DC)(DA)
;
X
8 'polydeoxyribonucleotide'
;(DT)(DG)(DC)(DA)(DT)(DG)(DC)(DA)(DT)(DG)(DC)(DA)(DT)(DG)(DC)(DA)(DT)(DG)(DC)(DA)
(DT)(DG)(DC)(DA)(DT)(DG)(DC)(DA)(DT)(DG)(DC)(DA)(DT)(DG)(DC)(DA)(DT)(DG)(DC)(DA)
(DT)(DG)(DC)(DA)(DT)(DG)(DC)(DA)(DT)(DG)(DC)(DA)(DT)(DG)(DC)(DA)(DT)(DG)(DC)(DA)
(DT)(DG)
;
Y
#
# COMPACT_ATOMS: atom_id res chain seq x y z
N PRO A 201 -30.76 -27.72 26.31
CA PRO A 201 -32.05 -28.27 26.72
C PRO A 201 -33.13 -27.19 26.92
N ASN A 202 -34.12 -27.15 26.01
CA ASN A 202 -35.11 -26.09 26.00
C ASN A 202 -36.36 -26.42 26.80
N VAL A 203 -36.50 -27.66 27.28
CA VAL A 203 -37.68 -28.03 28.06
C VAL A 203 -37.60 -27.43 29.46
N SER A 204 -36.40 -26.97 29.86
CA SER A 204 -36.16 -26.31 31.13
C SER A 204 -36.96 -25.02 31.32
N ARG A 205 -37.51 -24.45 30.24
CA ARG A 205 -38.56 -23.46 30.34
C ARG A 205 -39.72 -23.94 31.21
N THR A 206 -40.18 -25.17 31.00
CA THR A 206 -41.19 -25.75 31.87
C THR A 206 -40.64 -25.97 33.27
N ILE A 207 -39.34 -26.21 33.37
CA ILE A 207 -38.70 -26.38 34.68
C ILE A 207 -38.42 -25.02 35.29
N ALA A 208 -38.34 -23.97 34.46
CA ALA A 208 -38.19 -22.62 34.98
C ALA A 208 -39.44 -22.19 35.75
N ARG A 209 -40.60 -22.75 35.38
CA ARG A 209 -41.79 -22.67 36.20
C ARG A 209 -41.63 -23.40 37.52
N GLU A 210 -40.88 -24.49 37.53
CA GLU A 210 -40.87 -25.38 38.69
C GLU A 210 -40.03 -24.80 39.82
N LEU A 211 -39.13 -23.88 39.51
CA LEU A 211 -38.29 -23.29 40.55
C LEU A 211 -38.99 -22.18 41.32
N LYS A 212 -40.11 -21.66 40.81
CA LYS A 212 -40.97 -20.83 41.64
C LYS A 212 -42.14 -21.62 42.20
N SER A 213 -42.33 -22.86 41.73
CA SER A 213 -43.17 -23.84 42.39
C SER A 213 -42.53 -24.38 43.67
N PHE A 214 -41.26 -24.09 43.89
CA PHE A 214 -40.60 -24.35 45.16
C PHE A 214 -40.45 -23.09 46.00
N LEU A 215 -40.36 -21.93 45.35
CA LEU A 215 -39.90 -20.72 46.03
C LEU A 215 -40.92 -20.18 47.03
N LEU A 216 -42.06 -19.77 46.53
CA LEU A 216 -42.94 -18.89 47.29
C LEU A 216 -43.98 -19.64 48.13
N GLU A 217 -43.85 -20.96 48.26
CA GLU A 217 -44.79 -21.72 49.08
C GLU A 217 -44.08 -22.78 49.92
N TYR A 218 -42.85 -22.52 50.32
CA TYR A 218 -42.15 -23.41 51.24
C TYR A 218 -42.76 -23.24 52.63
N THR A 219 -43.75 -24.08 52.93
CA THR A 219 -44.53 -23.97 54.16
C THR A 219 -44.00 -24.95 55.19
N ASP A 220 -43.28 -24.43 56.19
CA ASP A 220 -42.75 -25.26 57.26
C ASP A 220 -42.62 -24.38 58.50
N GLU A 221 -43.05 -24.93 59.65
CA GLU A 221 -43.14 -24.22 60.93
C GLU A 221 -44.03 -22.99 60.79
N THR A 222 -45.31 -23.27 60.57
CA THR A 222 -46.40 -22.32 60.38
C THR A 222 -46.12 -21.45 59.15
N GLY A 223 -46.13 -22.07 57.98
CA GLY A 223 -45.93 -21.34 56.74
C GLY A 223 -44.48 -20.95 56.59
N ARG A 224 -44.23 -19.64 56.57
CA ARG A 224 -42.90 -19.02 56.62
C ARG A 224 -42.02 -19.49 55.46
N SER A 225 -42.45 -19.14 54.26
CA SER A 225 -41.51 -19.14 53.15
C SER A 225 -40.58 -17.95 53.39
N VAL A 226 -39.44 -18.22 54.03
CA VAL A 226 -38.52 -17.16 54.43
C VAL A 226 -37.85 -16.57 53.20
N TYR A 227 -37.82 -17.34 52.11
CA TYR A 227 -37.27 -16.89 50.83
C TYR A 227 -38.04 -15.68 50.30
N GLY A 228 -39.37 -15.80 50.25
CA GLY A 228 -40.18 -14.64 49.90
C GLY A 228 -40.16 -13.57 50.97
N ALA A 229 -39.95 -13.96 52.23
CA ALA A 229 -39.77 -12.98 53.29
C ALA A 229 -38.42 -12.28 53.16
N ARG A 230 -37.46 -12.94 52.53
CA ARG A 230 -36.14 -12.33 52.34
C ARG A 230 -36.19 -11.24 51.29
N ILE A 231 -36.92 -11.48 50.19
CA ILE A 231 -36.77 -10.70 48.95
C ILE A 231 -37.23 -9.27 49.14
N ARG A 232 -38.31 -9.08 49.90
CA ARG A 232 -38.85 -7.74 50.13
C ARG A 232 -37.90 -6.88 50.96
N THR A 233 -37.04 -7.54 51.76
CA THR A 233 -36.02 -6.80 52.48
C THR A 233 -34.79 -6.57 51.61
N LEU A 234 -34.61 -7.40 50.57
CA LEU A 234 -33.44 -7.26 49.71
C LEU A 234 -33.53 -6.01 48.86
N GLY A 235 -34.68 -5.80 48.21
CA GLY A 235 -34.86 -4.59 47.42
C GLY A 235 -35.03 -3.35 48.28
N GLU A 236 -35.37 -3.55 49.56
CA GLU A 236 -35.29 -2.46 50.53
C GLU A 236 -33.86 -1.99 50.70
N MET A 237 -32.91 -2.93 50.74
CA MET A 237 -31.51 -2.57 50.87
C MET A 237 -30.89 -2.24 49.50
N ASN A 238 -31.61 -2.56 48.41
CA ASN A 238 -31.08 -2.61 47.05
C ASN A 238 -29.84 -3.49 47.00
N SER A 239 -29.94 -4.65 47.66
CA SER A 239 -28.77 -5.47 47.97
C SER A 239 -28.22 -6.21 46.76
N GLU A 240 -29.03 -6.42 45.73
CA GLU A 240 -28.78 -7.19 44.50
C GLU A 240 -28.04 -8.51 44.72
N SER A 241 -28.35 -9.18 45.82
CA SER A 241 -27.77 -10.47 46.16
C SER A 241 -28.78 -11.25 46.97
N LEU A 242 -28.84 -12.56 46.74
CA LEU A 242 -29.88 -13.39 47.31
C LEU A 242 -29.26 -14.65 47.89
N GLU A 243 -29.82 -15.10 49.01
CA GLU A 243 -29.36 -16.31 49.68
C GLU A 243 -30.26 -17.48 49.34
N VAL A 244 -29.65 -18.63 49.07
CA VAL A 244 -30.36 -19.88 48.89
C VAL A 244 -29.76 -20.92 49.82
N ASN A 245 -30.57 -21.47 50.71
CA ASN A 245 -30.16 -22.68 51.40
C ASN A 245 -30.17 -23.87 50.44
N TYR A 246 -29.02 -24.51 50.32
CA TYR A 246 -28.89 -25.74 49.55
C TYR A 246 -29.59 -26.91 50.21
N ARG A 247 -29.90 -26.82 51.50
CA ARG A 247 -30.60 -27.88 52.21
C ARG A 247 -32.03 -28.07 51.73
N HIS A 248 -32.74 -26.97 51.50
CA HIS A 248 -34.19 -27.03 51.34
C HIS A 248 -34.62 -27.65 50.02
N LEU A 249 -33.79 -27.52 48.99
CA LEU A 249 -34.17 -28.01 47.67
C LEU A 249 -34.15 -29.52 47.61
N ALA A 250 -33.33 -30.16 48.47
CA ALA A 250 -33.24 -31.61 48.46
C ALA A 250 -34.49 -32.27 49.00
N GLU A 251 -35.25 -31.59 49.87
CA GLU A 251 -36.43 -32.19 50.46
C GLU A 251 -37.57 -32.29 49.45
N SER A 252 -37.82 -31.22 48.69
CA SER A 252 -38.95 -31.24 47.78
C SER A 252 -38.61 -31.97 46.49
N LYS A 253 -37.66 -31.43 45.73
CA LYS A 253 -37.28 -31.99 44.43
C LYS A 253 -35.76 -31.99 44.34
N ALA A 254 -35.15 -33.12 44.71
CA ALA A 254 -33.70 -33.20 44.77
C ALA A 254 -33.07 -33.47 43.42
N ILE A 255 -33.86 -33.61 42.36
CA ILE A 255 -33.32 -33.82 41.03
C ILE A 255 -32.62 -32.57 40.52
N LEU A 256 -33.04 -31.40 40.98
CA LEU A 256 -32.34 -30.17 40.65
C LEU A 256 -31.03 -30.05 41.41
N ALA A 257 -30.91 -30.71 42.56
CA ALA A 257 -29.65 -30.69 43.28
C ALA A 257 -28.58 -31.46 42.53
N LEU A 258 -28.98 -32.55 41.87
CA LEU A 258 -28.13 -33.17 40.88
C LEU A 258 -27.85 -32.24 39.71
N PHE A 259 -28.84 -31.44 39.32
CA PHE A 259 -28.69 -30.48 38.24
C PHE A 259 -27.91 -29.24 38.67
N LEU A 260 -27.55 -29.15 39.95
CA LEU A 260 -26.67 -28.12 40.45
C LEU A 260 -25.21 -28.54 40.45
N ALA A 261 -24.89 -29.65 41.14
CA ALA A 261 -23.50 -30.04 41.30
C ALA A 261 -22.86 -30.51 40.00
N LYS A 262 -23.62 -31.15 39.12
CA LYS A 262 -23.04 -31.53 37.84
C LYS A 262 -22.90 -30.32 36.92
N CYS A 263 -23.97 -29.54 36.77
CA CYS A 263 -23.98 -28.42 35.84
C CYS A 263 -24.41 -27.17 36.59
N PRO A 264 -23.49 -26.49 37.27
CA PRO A 264 -23.86 -25.26 37.97
C PRO A 264 -23.90 -24.04 37.07
N GLU A 265 -23.33 -24.10 35.87
CA GLU A 265 -23.15 -22.90 35.06
C GLU A 265 -24.46 -22.41 34.48
N GLU A 266 -25.10 -23.23 33.65
CA GLU A 266 -26.35 -22.80 33.02
C GLU A 266 -27.52 -22.93 33.99
N MET A 267 -27.33 -23.63 35.11
CA MET A 267 -28.37 -23.71 36.13
C MET A 267 -28.66 -22.34 36.74
N LEU A 268 -27.62 -21.55 36.96
CA LEU A 268 -27.83 -20.27 37.62
C LEU A 268 -28.32 -19.22 36.63
N LYS A 269 -27.96 -19.34 35.36
CA LYS A 269 -28.36 -18.36 34.37
C LYS A 269 -29.84 -18.49 34.02
N ILE A 270 -30.45 -19.64 34.29
CA ILE A 270 -31.90 -19.77 34.21
C ILE A 270 -32.45 -19.24 35.53
N PHE A 271 -31.68 -19.40 36.60
CA PHE A 271 -32.20 -19.20 37.94
C PHE A 271 -32.39 -17.72 38.27
N ASP A 272 -31.48 -16.87 37.79
CA ASP A 272 -31.49 -15.48 38.21
C ASP A 272 -32.61 -14.67 37.55
N LEU A 273 -32.90 -14.97 36.28
CA LEU A 273 -33.84 -14.14 35.53
C LEU A 273 -35.27 -14.42 35.97
N VAL A 274 -35.55 -15.68 36.34
CA VAL A 274 -36.87 -16.01 36.86
C VAL A 274 -37.01 -15.45 38.28
N ALA A 275 -35.90 -15.33 39.00
CA ALA A 275 -35.94 -14.67 40.30
C ALA A 275 -36.18 -13.17 40.15
N MET A 276 -35.77 -12.60 39.02
CA MET A 276 -35.99 -11.18 38.78
C MET A 276 -37.46 -10.87 38.61
N GLU A 277 -38.17 -11.64 37.80
CA GLU A 277 -39.59 -11.40 37.58
C GLU A 277 -40.43 -11.74 38.80
N ALA A 278 -39.95 -12.66 39.66
CA ALA A 278 -40.65 -12.92 40.90
C ALA A 278 -40.43 -11.79 41.90
N THR A 279 -39.39 -10.99 41.68
CA THR A 279 -39.16 -9.82 42.53
C THR A 279 -39.87 -8.59 41.95
N GLU A 280 -39.88 -8.47 40.63
CA GLU A 280 -40.41 -7.24 40.02
C GLU A 280 -41.94 -7.24 40.04
N LEU A 281 -42.56 -8.41 40.23
CA LEU A 281 -43.98 -8.42 40.57
C LEU A 281 -44.24 -7.87 41.98
N HIS A 282 -43.24 -7.89 42.85
CA HIS A 282 -43.40 -7.36 44.19
C HIS A 282 -42.98 -5.90 44.29
N TYR A 283 -41.85 -5.53 43.70
CA TYR A 283 -41.45 -4.12 43.65
C TYR A 283 -41.64 -3.60 42.23
N PRO A 284 -42.41 -2.54 42.05
CA PRO A 284 -42.86 -2.17 40.70
C PRO A 284 -41.80 -1.49 39.86
N ASP A 285 -40.82 -0.81 40.47
CA ASP A 285 -39.84 -0.04 39.74
C ASP A 285 -38.42 -0.38 40.16
N TYR A 286 -38.21 -1.59 40.68
CA TYR A 286 -36.88 -1.99 41.11
C TYR A 286 -35.94 -2.25 39.94
N ALA A 287 -36.49 -2.64 38.79
CA ALA A 287 -35.71 -2.83 37.58
C ALA A 287 -35.11 -1.55 37.05
N ARG A 288 -35.59 -0.39 37.50
CA ARG A 288 -34.99 0.88 37.12
C ARG A 288 -33.70 1.16 37.90
N ILE A 289 -33.40 0.32 38.89
CA ILE A 289 -32.25 0.58 39.76
C ILE A 289 -31.09 -0.33 39.39
N HIS A 290 -31.27 -1.64 39.56
CA HIS A 290 -30.23 -2.63 39.29
C HIS A 290 -30.64 -3.63 38.22
N SER A 291 -31.85 -4.17 38.34
CA SER A 291 -32.49 -5.11 37.40
C SER A 291 -31.74 -6.44 37.25
N GLU A 292 -30.78 -6.74 38.13
CA GLU A 292 -30.11 -8.03 38.05
C GLU A 292 -29.60 -8.42 39.43
N ILE A 293 -29.97 -9.63 39.87
CA ILE A 293 -29.58 -10.16 41.17
C ILE A 293 -28.90 -11.49 40.93
N HIS A 294 -27.66 -11.61 41.41
CA HIS A 294 -26.95 -12.87 41.42
C HIS A 294 -26.93 -13.45 42.84
N VAL A 295 -27.02 -14.77 42.93
CA VAL A 295 -27.48 -15.43 44.14
C VAL A 295 -26.33 -16.16 44.83
N ARG A 296 -26.61 -16.60 46.05
CA ARG A 296 -25.65 -17.27 46.91
C ARG A 296 -26.20 -18.62 47.37
N ILE A 297 -25.29 -19.56 47.60
CA ILE A 297 -25.64 -20.91 48.00
C ILE A 297 -24.99 -21.19 49.35
N SER A 298 -25.75 -21.75 50.29
CA SER A 298 -25.40 -21.73 51.69
C SER A 298 -24.64 -22.97 52.16
N ASP A 299 -25.26 -24.15 52.05
CA ASP A 299 -24.84 -25.32 52.82
C ASP A 299 -24.63 -26.52 51.89
N PHE A 300 -23.43 -26.65 51.37
CA PHE A 300 -23.10 -27.75 50.48
C PHE A 300 -22.44 -28.84 51.32
N PRO A 301 -23.09 -29.98 51.53
CA PRO A 301 -22.75 -30.86 52.66
C PRO A 301 -21.62 -31.84 52.36
N THR A 302 -20.55 -31.34 51.72
CA THR A 302 -19.30 -32.08 51.57
C THR A 302 -18.20 -31.05 51.35
N ILE A 303 -17.16 -31.13 52.17
CA ILE A 303 -16.12 -30.12 52.20
C ILE A 303 -14.79 -30.78 51.83
N TYR A 304 -14.25 -30.40 50.69
CA TYR A 304 -12.87 -30.73 50.36
C TYR A 304 -12.02 -29.49 50.63
N SER A 305 -11.11 -29.60 51.61
CA SER A 305 -10.27 -28.47 51.98
C SER A 305 -9.35 -28.04 50.86
N LEU A 306 -8.35 -28.87 50.55
CA LEU A 306 -7.40 -28.61 49.49
C LEU A 306 -6.99 -29.94 48.87
N ARG A 307 -6.05 -29.87 47.92
CA ARG A 307 -5.18 -30.93 47.43
C ARG A 307 -5.91 -32.15 46.87
N GLU A 308 -7.23 -32.09 46.70
CA GLU A 308 -7.99 -33.22 46.20
C GLU A 308 -8.68 -32.89 44.90
N LEU A 309 -8.20 -31.90 44.16
CA LEU A 309 -8.82 -31.51 42.91
C LEU A 309 -8.47 -32.51 41.82
N ARG A 310 -9.50 -32.96 41.09
CA ARG A 310 -9.28 -33.85 39.97
C ARG A 310 -9.93 -33.29 38.71
N GLU A 311 -9.82 -34.03 37.62
CA GLU A 311 -10.54 -33.70 36.41
C GLU A 311 -12.04 -33.86 36.57
N SER A 312 -12.47 -34.66 37.54
CA SER A 312 -13.88 -34.81 37.88
C SER A 312 -14.40 -33.66 38.73
N ASN A 313 -13.61 -32.63 38.97
CA ASN A 313 -14.01 -31.50 39.78
C ASN A 313 -14.22 -30.24 38.97
N LEU A 314 -13.80 -30.22 37.71
CA LEU A 314 -13.99 -29.04 36.88
C LEU A 314 -15.44 -28.94 36.45
N SER A 315 -15.89 -27.69 36.26
CA SER A 315 -17.27 -27.33 35.95
C SER A 315 -18.25 -27.89 36.99
N SER A 316 -17.84 -27.81 38.25
CA SER A 316 -18.69 -28.24 39.34
C SER A 316 -18.51 -27.34 40.55
N LEU A 317 -19.45 -27.39 41.49
CA LEU A 317 -19.40 -26.56 42.69
C LEU A 317 -18.62 -27.32 43.75
N VAL A 318 -17.61 -26.68 44.29
CA VAL A 318 -16.78 -27.25 45.33
C VAL A 318 -16.85 -26.36 46.56
N ARG A 319 -17.12 -26.98 47.71
CA ARG A 319 -17.11 -26.26 48.98
C ARG A 319 -15.70 -26.27 49.55
N VAL A 320 -15.09 -25.08 49.63
CA VAL A 320 -13.67 -24.91 49.86
C VAL A 320 -13.47 -24.05 51.09
N THR A 321 -12.58 -24.51 51.98
CA THR A 321 -12.07 -23.69 53.07
C THR A 321 -10.63 -23.29 52.79
N GLY A 322 -10.11 -22.39 53.61
CA GLY A 322 -8.73 -21.97 53.43
C GLY A 322 -8.42 -20.75 54.25
N VAL A 323 -7.24 -20.18 53.98
CA VAL A 323 -6.69 -19.04 54.71
C VAL A 323 -6.46 -17.92 53.72
N VAL A 324 -6.85 -16.70 54.08
CA VAL A 324 -6.72 -15.55 53.21
C VAL A 324 -5.25 -15.17 53.08
N THR A 325 -4.71 -15.35 51.88
CA THR A 325 -3.36 -14.93 51.56
C THR A 325 -3.45 -13.52 50.97
N ARG A 326 -2.39 -13.01 50.35
CA ARG A 326 -2.36 -11.67 49.80
C ARG A 326 -3.31 -11.53 48.63
N ARG A 327 -3.59 -10.28 48.26
CA ARG A 327 -4.49 -10.00 47.15
C ARG A 327 -4.00 -8.74 46.45
N THR A 328 -4.81 -8.26 45.51
CA THR A 328 -4.53 -7.07 44.72
C THR A 328 -5.57 -6.00 45.01
N GLY A 329 -5.52 -4.92 44.24
CA GLY A 329 -6.53 -3.89 44.31
C GLY A 329 -7.78 -4.26 43.55
N VAL A 330 -8.64 -3.28 43.30
CA VAL A 330 -9.93 -3.53 42.66
C VAL A 330 -9.89 -2.87 41.29
N PHE A 331 -10.19 -3.62 40.26
CA PHE A 331 -10.08 -3.14 38.90
C PHE A 331 -11.43 -3.14 38.22
N PRO A 332 -11.65 -2.29 37.22
CA PRO A 332 -12.90 -2.36 36.46
C PRO A 332 -12.83 -3.38 35.33
N GLN A 333 -13.98 -3.98 35.07
CA GLN A 333 -14.16 -4.90 33.96
C GLN A 333 -15.51 -4.61 33.33
N LEU A 334 -15.57 -4.70 32.00
CA LEU A 334 -16.78 -4.42 31.24
C LEU A 334 -17.93 -5.34 31.62
N LYS A 335 -19.13 -4.76 31.62
CA LYS A 335 -20.39 -5.49 31.78
C LYS A 335 -21.30 -5.29 30.58
N TYR A 336 -21.49 -4.06 30.13
CA TYR A 336 -22.19 -3.75 28.88
C TYR A 336 -21.22 -3.06 27.93
N VAL A 337 -21.12 -3.59 26.72
CA VAL A 337 -20.12 -3.16 25.77
C VAL A 337 -20.80 -2.49 24.59
N LYS A 338 -20.35 -1.27 24.27
CA LYS A 338 -20.82 -0.53 23.11
C LYS A 338 -19.62 -0.26 22.21
N PHE A 339 -19.83 -0.37 20.91
CA PHE A 339 -18.81 0.04 19.96
C PHE A 339 -19.27 1.28 19.22
N ASN A 340 -18.38 1.82 18.40
CA ASN A 340 -18.73 2.93 17.52
C ASN A 340 -18.01 2.79 16.20
N CYS A 341 -18.78 2.64 15.12
CA CYS A 341 -18.18 2.47 13.81
C CYS A 341 -17.69 3.82 13.28
N LEU A 342 -16.36 3.96 13.25
CA LEU A 342 -15.75 5.20 12.80
C LEU A 342 -16.00 5.46 11.33
N LYS A 343 -16.25 4.42 10.55
CA LYS A 343 -16.66 4.59 9.17
C LYS A 343 -18.08 5.16 9.10
N CYS A 344 -19.06 4.39 9.58
CA CYS A 344 -20.46 4.76 9.43
C CYS A 344 -20.99 5.51 10.65
N GLY A 345 -20.30 6.57 11.06
CA GLY A 345 -20.85 7.51 12.01
C GLY A 345 -20.99 7.06 13.45
N SER A 346 -22.22 6.82 13.89
CA SER A 346 -22.56 6.71 15.29
C SER A 346 -22.26 5.31 15.84
N ILE A 347 -22.80 5.04 17.02
CA ILE A 347 -22.42 3.87 17.80
C ILE A 347 -23.01 2.59 17.21
N LEU A 348 -22.51 1.45 17.70
CA LEU A 348 -23.10 0.16 17.39
C LEU A 348 -24.30 -0.15 18.30
N GLY A 349 -24.05 -0.30 19.59
CA GLY A 349 -25.10 -0.67 20.51
C GLY A 349 -24.58 -1.50 21.67
N PRO A 350 -25.42 -1.71 22.68
CA PRO A 350 -24.98 -2.46 23.85
C PRO A 350 -24.92 -3.96 23.58
N PHE A 351 -23.98 -4.61 24.25
CA PHE A 351 -23.81 -6.05 24.17
C PHE A 351 -23.41 -6.58 25.54
N PHE A 352 -23.52 -7.90 25.71
CA PHE A 352 -23.37 -8.56 27.00
C PHE A 352 -21.92 -8.99 27.21
N GLN A 353 -21.47 -8.91 28.46
CA GLN A 353 -20.13 -9.36 28.78
C GLN A 353 -20.11 -10.88 28.97
N ASP A 354 -19.61 -11.57 27.94
CA ASP A 354 -19.39 -13.01 28.05
C ASP A 354 -18.27 -13.28 29.04
N SER A 355 -18.32 -14.45 29.66
CA SER A 355 -17.36 -14.82 30.70
C SER A 355 -16.04 -15.19 30.02
N ASN A 356 -14.98 -14.46 30.37
CA ASN A 356 -13.59 -14.66 30.00
C ASN A 356 -13.36 -14.60 28.48
N GLU A 357 -14.19 -13.90 27.72
CA GLU A 357 -13.99 -13.76 26.29
C GLU A 357 -14.47 -12.38 25.85
N GLU A 358 -13.88 -11.88 24.77
CA GLU A 358 -14.25 -10.58 24.26
C GLU A 358 -15.44 -10.69 23.32
N ILE A 359 -15.97 -9.53 22.92
CA ILE A 359 -17.16 -9.52 22.06
C ILE A 359 -16.76 -9.58 20.59
N ARG A 360 -16.09 -8.52 20.12
CA ARG A 360 -15.58 -8.39 18.74
C ARG A 360 -16.68 -8.55 17.69
N ILE A 361 -17.62 -7.61 17.68
CA ILE A 361 -18.68 -7.55 16.68
C ILE A 361 -18.04 -7.18 15.34
N SER A 362 -18.36 -7.93 14.30
CA SER A 362 -17.60 -7.84 13.05
C SER A 362 -18.00 -6.65 12.20
N PHE A 363 -19.22 -6.66 11.66
CA PHE A 363 -19.64 -5.63 10.71
C PHE A 363 -21.16 -5.65 10.58
N CYS A 364 -21.79 -4.52 10.90
CA CYS A 364 -23.23 -4.34 10.78
C CYS A 364 -23.50 -2.84 10.82
N THR A 365 -24.71 -2.46 10.37
CA THR A 365 -25.21 -1.08 10.28
C THR A 365 -24.31 -0.17 9.45
N ASN A 366 -23.50 -0.75 8.58
CA ASN A 366 -22.65 -0.10 7.62
C ASN A 366 -22.69 -0.88 6.32
N CYS A 367 -23.89 -1.37 5.98
CA CYS A 367 -24.14 -2.43 5.00
C CYS A 367 -23.35 -3.70 5.31
N LYS A 368 -23.16 -3.96 6.62
CA LYS A 368 -22.49 -5.16 7.16
C LYS A 368 -21.09 -5.35 6.60
N SER A 369 -20.40 -4.25 6.34
CA SER A 369 -19.07 -4.27 5.77
C SER A 369 -18.19 -3.29 6.54
N LYS A 370 -16.93 -3.19 6.10
CA LYS A 370 -15.91 -2.33 6.70
C LYS A 370 -15.74 -2.64 8.18
N GLY A 371 -15.18 -3.83 8.45
CA GLY A 371 -15.20 -4.46 9.75
C GLY A 371 -14.44 -3.76 10.88
N PRO A 372 -13.80 -2.61 10.63
CA PRO A 372 -13.13 -1.89 11.73
C PRO A 372 -14.09 -1.41 12.82
N PHE A 373 -13.67 -1.52 14.07
CA PHE A 373 -14.47 -1.11 15.22
C PHE A 373 -13.52 -0.74 16.35
N ARG A 374 -14.11 -0.19 17.42
CA ARG A 374 -13.38 0.08 18.66
C ARG A 374 -14.39 0.28 19.78
N VAL A 375 -13.99 -0.06 21.01
CA VAL A 375 -14.82 0.25 22.17
C VAL A 375 -14.74 1.74 22.47
N ASN A 376 -15.89 2.36 22.64
CA ASN A 376 -15.92 3.76 23.06
C ASN A 376 -15.69 3.88 24.56
N GLY A 377 -15.21 5.03 24.98
CA GLY A 377 -14.96 5.25 26.39
C GLY A 377 -16.19 5.39 27.23
N GLU A 378 -17.09 6.29 26.87
CA GLU A 378 -18.33 6.51 27.59
C GLU A 378 -19.34 5.42 27.28
N LYS A 379 -20.46 5.48 28.00
CA LYS A 379 -21.63 4.63 27.80
C LYS A 379 -21.35 3.15 27.96
N THR A 380 -20.29 2.79 28.67
CA THR A 380 -19.95 1.39 28.90
C THR A 380 -20.02 1.15 30.40
N VAL A 381 -21.05 0.47 30.84
CA VAL A 381 -21.21 0.19 32.26
C VAL A 381 -20.30 -0.97 32.63
N TYR A 382 -19.49 -0.77 33.66
CA TYR A 382 -18.46 -1.73 34.02
C TYR A 382 -18.88 -2.59 35.21
N ARG A 383 -17.91 -3.35 35.72
CA ARG A 383 -18.08 -4.22 36.86
C ARG A 383 -16.73 -4.36 37.54
N ASN A 384 -16.71 -4.20 38.86
CA ASN A 384 -15.46 -4.24 39.60
C ASN A 384 -14.92 -5.67 39.72
N TYR A 385 -13.60 -5.77 39.58
CA TYR A 385 -12.89 -7.03 39.43
C TYR A 385 -11.75 -7.11 40.43
N GLN A 386 -11.49 -8.31 40.93
CA GLN A 386 -10.44 -8.51 41.92
C GLN A 386 -10.07 -9.99 41.98
N ARG A 387 -8.78 -10.27 42.08
CA ARG A 387 -8.26 -11.64 42.20
C ARG A 387 -7.55 -11.77 43.54
N VAL A 388 -7.69 -12.92 44.19
CA VAL A 388 -7.19 -13.13 45.54
C VAL A 388 -6.44 -14.45 45.57
N THR A 389 -5.23 -14.44 46.12
CA THR A 389 -4.49 -15.66 46.39
C THR A 389 -4.98 -16.32 47.67
N LEU A 390 -4.91 -17.65 47.70
CA LEU A 390 -5.31 -18.41 48.87
C LEU A 390 -4.36 -19.58 49.02
N GLN A 391 -4.01 -19.91 50.26
CA GLN A 391 -3.12 -21.02 50.55
C GLN A 391 -3.77 -21.96 51.56
N GLU A 392 -3.12 -23.11 51.73
CA GLU A 392 -3.62 -24.17 52.58
C GLU A 392 -3.48 -23.78 54.05
N ALA A 393 -4.37 -24.33 54.87
CA ALA A 393 -4.40 -23.98 56.29
C ALA A 393 -3.20 -24.59 57.01
N PRO A 394 -2.33 -23.79 57.61
CA PRO A 394 -1.11 -24.32 58.21
C PRO A 394 -1.32 -25.08 59.52
N GLY A 395 -2.50 -25.01 60.12
CA GLY A 395 -2.71 -25.66 61.39
C GLY A 395 -2.99 -27.15 61.27
N THR A 396 -3.82 -27.51 60.31
CA THR A 396 -4.31 -28.88 60.16
C THR A 396 -3.63 -29.62 59.02
N VAL A 397 -2.33 -29.42 58.83
CA VAL A 397 -1.59 -30.08 57.77
C VAL A 397 -1.41 -31.55 58.15
N PRO A 398 -1.62 -32.49 57.22
CA PRO A 398 -1.19 -33.86 57.48
C PRO A 398 0.31 -33.93 57.59
N PRO A 399 0.85 -34.80 58.45
CA PRO A 399 2.21 -34.61 58.99
C PRO A 399 3.30 -34.79 57.95
N GLY A 400 4.06 -33.72 57.72
CA GLY A 400 5.18 -33.72 56.81
C GLY A 400 4.93 -32.99 55.51
N ARG A 401 3.67 -32.85 55.10
CA ARG A 401 3.32 -32.28 53.80
C ARG A 401 3.41 -30.75 53.84
N LEU A 402 3.18 -30.13 52.69
CA LEU A 402 3.44 -28.71 52.49
C LEU A 402 2.21 -28.00 51.95
N PRO A 403 2.02 -26.74 52.31
CA PRO A 403 0.88 -25.98 51.76
C PRO A 403 1.12 -25.53 50.33
N ARG A 404 0.03 -25.41 49.58
CA ARG A 404 0.07 -24.99 48.19
C ARG A 404 -0.99 -23.91 47.97
N HIS A 405 -1.00 -23.35 46.76
CA HIS A 405 -1.76 -22.16 46.47
C HIS A 405 -2.84 -22.44 45.43
N ARG A 406 -3.77 -21.49 45.31
CA ARG A 406 -4.80 -21.55 44.28
C ARG A 406 -5.34 -20.14 44.09
N GLU A 407 -5.78 -19.83 42.87
CA GLU A 407 -6.30 -18.50 42.56
C GLU A 407 -7.81 -18.44 42.75
N VAL A 408 -8.25 -17.33 43.34
CA VAL A 408 -9.67 -17.06 43.57
C VAL A 408 -9.98 -15.70 42.97
N ILE A 409 -11.05 -15.62 42.19
CA ILE A 409 -11.45 -14.39 41.51
C ILE A 409 -12.73 -13.86 42.16
N LEU A 410 -12.70 -12.59 42.56
CA LEU A 410 -13.86 -11.92 43.12
C LEU A 410 -14.71 -11.29 42.02
N LEU A 411 -15.97 -11.06 42.37
CA LEU A 411 -16.94 -10.41 41.49
C LEU A 411 -17.65 -9.34 42.30
N ALA A 412 -18.77 -8.84 41.74
CA ALA A 412 -19.27 -7.49 41.99
C ALA A 412 -19.63 -7.23 43.45
N ASP A 413 -20.60 -7.99 43.98
CA ASP A 413 -20.94 -7.83 45.38
C ASP A 413 -19.94 -8.48 46.31
N LEU A 414 -19.01 -9.25 45.77
CA LEU A 414 -18.03 -9.96 46.57
C LEU A 414 -16.76 -9.14 46.80
N VAL A 415 -16.76 -7.86 46.43
CA VAL A 415 -15.56 -7.06 46.53
C VAL A 415 -15.29 -6.69 47.99
N ASP A 416 -14.08 -7.03 48.46
CA ASP A 416 -13.51 -6.59 49.74
C ASP A 416 -14.35 -7.06 50.93
N VAL A 417 -14.48 -8.38 51.05
CA VAL A 417 -15.10 -8.99 52.23
C VAL A 417 -14.06 -9.40 53.25
N SER A 418 -12.88 -9.84 52.80
CA SER A 418 -11.86 -10.33 53.70
C SER A 418 -10.93 -9.20 54.14
N LYS A 419 -9.82 -9.61 54.77
CA LYS A 419 -8.80 -8.78 55.35
C LYS A 419 -7.65 -9.76 55.46
N PRO A 420 -6.42 -9.38 55.08
CA PRO A 420 -5.33 -10.36 54.97
C PRO A 420 -4.89 -10.91 56.31
N GLY A 421 -4.74 -12.24 56.36
CA GLY A 421 -4.40 -12.95 57.57
C GLY A 421 -5.57 -13.63 58.25
N GLU A 422 -6.64 -13.94 57.52
CA GLU A 422 -7.82 -14.57 58.07
C GLU A 422 -8.12 -15.88 57.36
N GLU A 423 -9.17 -16.56 57.83
CA GLU A 423 -9.72 -17.67 57.08
C GLU A 423 -10.90 -17.19 56.25
N VAL A 424 -11.43 -18.10 55.44
CA VAL A 424 -12.59 -17.82 54.62
C VAL A 424 -13.28 -19.14 54.30
N GLU A 425 -14.59 -19.10 54.05
CA GLU A 425 -15.33 -20.28 53.62
C GLU A 425 -16.04 -19.93 52.32
N VAL A 426 -15.57 -20.48 51.22
CA VAL A 426 -16.05 -20.08 49.91
C VAL A 426 -16.77 -21.24 49.23
N THR A 427 -17.71 -20.89 48.36
CA THR A 427 -18.42 -21.85 47.52
C THR A 427 -17.88 -21.65 46.11
N GLY A 428 -16.95 -22.50 45.71
CA GLY A 428 -16.19 -22.29 44.51
C GLY A 428 -16.63 -23.21 43.39
N ILE A 429 -16.63 -22.66 42.18
CA ILE A 429 -16.72 -23.47 40.98
C ILE A 429 -15.30 -23.59 40.41
N TYR A 430 -14.98 -24.74 39.84
CA TYR A 430 -13.60 -25.09 39.53
C TYR A 430 -13.43 -25.06 38.02
N LYS A 431 -12.55 -24.17 37.56
CA LYS A 431 -12.28 -23.99 36.14
C LYS A 431 -10.79 -23.94 35.90
N ASN A 432 -10.42 -23.53 34.70
CA ASN A 432 -9.05 -23.18 34.37
C ASN A 432 -9.11 -22.00 33.40
N ASN A 433 -7.98 -21.36 33.17
CA ASN A 433 -7.90 -20.39 32.09
C ASN A 433 -8.03 -21.09 30.74
N TYR A 434 -8.37 -20.32 29.72
CA TYR A 434 -8.65 -20.91 28.41
C TYR A 434 -7.38 -21.41 27.75
N ASP A 435 -6.48 -20.49 27.41
CA ASP A 435 -5.16 -20.76 26.85
C ASP A 435 -4.41 -19.45 26.79
N GLY A 436 -3.10 -19.52 26.98
CA GLY A 436 -2.27 -18.41 26.54
C GLY A 436 -1.15 -18.84 25.63
N ASN A 437 -1.30 -18.53 24.33
CA ASN A 437 -0.23 -18.51 23.33
C ASN A 437 0.48 -19.87 23.21
N LEU A 438 -0.23 -20.85 22.68
CA LEU A 438 0.40 -22.14 22.35
C LEU A 438 1.49 -21.95 21.30
N ASN A 439 2.69 -22.40 21.62
CA ASN A 439 3.83 -22.32 20.72
C ASN A 439 4.63 -23.60 20.83
N ALA A 440 5.85 -23.55 20.32
CA ALA A 440 6.77 -24.67 20.44
C ALA A 440 7.27 -24.78 21.88
N LYS A 441 6.82 -25.81 22.58
CA LYS A 441 7.16 -26.05 23.96
C LYS A 441 7.28 -27.56 24.14
N ASN A 442 7.21 -28.01 25.38
CA ASN A 442 7.05 -29.43 25.64
C ASN A 442 5.71 -29.92 25.12
N GLY A 443 5.65 -31.22 24.80
CA GLY A 443 4.41 -31.78 24.31
C GLY A 443 3.36 -31.90 25.41
N PHE A 444 3.78 -31.80 26.66
CA PHE A 444 2.88 -31.91 27.79
C PHE A 444 2.08 -30.62 27.96
N PRO A 445 0.74 -30.68 27.90
CA PRO A 445 -0.06 -29.46 28.06
C PRO A 445 -0.11 -29.04 29.53
N VAL A 446 0.25 -27.79 29.78
CA VAL A 446 0.31 -27.27 31.14
C VAL A 446 -0.76 -26.19 31.28
N PHE A 447 -1.87 -26.52 31.92
CA PHE A 447 -2.98 -25.60 32.10
C PHE A 447 -3.20 -25.37 33.59
N ALA A 448 -3.02 -24.12 34.02
CA ALA A 448 -3.27 -23.76 35.41
C ALA A 448 -4.76 -23.58 35.65
N THR A 449 -5.21 -24.04 36.81
CA THR A 449 -6.63 -24.09 37.14
C THR A 449 -7.00 -22.96 38.08
N ILE A 450 -8.18 -22.39 37.86
CA ILE A 450 -8.64 -21.20 38.56
C ILE A 450 -9.98 -21.53 39.19
N ILE A 451 -10.16 -21.18 40.46
CA ILE A 451 -11.45 -21.33 41.13
C ILE A 451 -12.12 -19.97 41.17
N GLU A 452 -13.33 -19.89 40.62
CA GLU A 452 -14.20 -18.76 40.87
C GLU A 452 -15.16 -19.14 42.00
N ALA A 453 -15.39 -18.23 42.92
CA ALA A 453 -16.23 -18.56 44.05
C ALA A 453 -17.52 -17.73 44.06
N ASN A 454 -18.57 -18.31 44.61
CA ASN A 454 -19.83 -17.58 44.77
C ASN A 454 -20.04 -17.01 46.16
N SER A 455 -20.02 -17.81 47.22
CA SER A 455 -20.44 -17.31 48.52
C SER A 455 -19.24 -17.29 49.45
N ILE A 456 -18.72 -16.09 49.71
CA ILE A 456 -17.60 -15.88 50.61
C ILE A 456 -18.17 -15.73 52.02
N LYS A 457 -17.71 -16.59 52.92
CA LYS A 457 -18.17 -16.59 54.30
C LYS A 457 -16.99 -16.71 55.26
N ARG A 458 -17.17 -16.17 56.45
CA ARG A 458 -16.18 -16.33 57.50
C ARG A 458 -16.32 -17.71 58.13
N ARG A 459 -15.17 -18.30 58.49
CA ARG A 459 -15.17 -19.58 59.19
C ARG A 459 -15.76 -19.43 60.59
N GLU A 460 -16.51 -20.43 61.01
CA GLU A 460 -17.10 -20.50 62.34
C GLU A 460 -16.07 -20.55 63.46
N VAL A 473 -17.25 -2.73 63.63
CA VAL A 473 -18.22 -3.81 63.69
C VAL A 473 -18.96 -3.72 65.03
N PHE A 474 -18.36 -3.00 65.97
CA PHE A 474 -18.91 -2.82 67.30
C PHE A 474 -19.14 -1.34 67.54
N SER A 475 -20.32 -1.00 68.05
CA SER A 475 -20.68 0.38 68.35
C SER A 475 -21.73 0.36 69.45
N TRP A 476 -22.36 1.51 69.68
CA TRP A 476 -23.37 1.65 70.72
C TRP A 476 -24.75 1.66 70.08
N THR A 477 -25.77 1.46 70.92
CA THR A 477 -27.16 1.49 70.52
C THR A 477 -27.92 2.28 71.61
N GLU A 478 -29.22 2.55 71.37
CA GLU A 478 -30.06 3.27 72.32
C GLU A 478 -30.21 2.52 73.63
N GLU A 479 -30.50 1.22 73.56
CA GLU A 479 -30.53 0.40 74.76
C GLU A 479 -29.13 0.21 75.34
N GLU A 480 -28.09 0.40 74.52
CA GLU A 480 -26.71 0.28 74.99
C GLU A 480 -26.15 1.58 75.52
N GLU A 481 -26.80 2.71 75.24
CA GLU A 481 -26.38 3.98 75.83
C GLU A 481 -27.19 4.36 77.06
N ARG A 482 -28.31 3.68 77.32
CA ARG A 482 -29.06 3.93 78.54
C ARG A 482 -28.73 2.92 79.64
N GLU A 483 -28.39 1.69 79.27
CA GLU A 483 -27.80 0.73 80.20
C GLU A 483 -26.38 1.13 80.53
N PHE A 484 -25.74 1.87 79.64
CA PHE A 484 -24.46 2.54 79.89
C PHE A 484 -24.49 3.36 81.16
N ARG A 485 -25.56 4.15 81.35
CA ARG A 485 -25.64 5.04 82.50
C ARG A 485 -25.91 4.31 83.80
N LYS A 486 -26.33 3.05 83.74
CA LYS A 486 -26.57 2.29 84.97
C LYS A 486 -25.27 1.92 85.64
N ILE A 487 -24.19 1.74 84.87
CA ILE A 487 -22.90 1.48 85.48
C ILE A 487 -22.21 2.78 85.88
N SER A 488 -22.25 3.79 85.02
CA SER A 488 -21.45 5.00 85.21
C SER A 488 -21.91 5.87 86.38
N ARG A 489 -23.07 5.58 86.96
CA ARG A 489 -23.53 6.30 88.14
C ARG A 489 -22.87 5.82 89.42
N ASP A 490 -22.18 4.68 89.39
CA ASP A 490 -21.77 4.02 90.62
C ASP A 490 -20.43 4.57 91.12
N ARG A 491 -20.03 4.09 92.29
CA ARG A 491 -18.76 4.49 92.90
C ARG A 491 -17.66 3.44 92.75
N GLY A 492 -17.98 2.17 93.01
CA GLY A 492 -16.98 1.11 93.02
C GLY A 492 -16.65 0.54 91.65
N ILE A 493 -16.74 1.38 90.61
CA ILE A 493 -16.40 0.97 89.27
C ILE A 493 -14.89 0.96 89.06
N ILE A 494 -14.14 1.50 90.01
CA ILE A 494 -12.70 1.66 89.85
C ILE A 494 -12.02 0.31 89.87
N ASP A 495 -12.16 -0.43 90.97
CA ASP A 495 -11.61 -1.77 91.06
C ASP A 495 -12.29 -2.75 90.12
N LYS A 496 -13.56 -2.53 89.79
CA LYS A 496 -14.30 -3.46 88.95
C LYS A 496 -13.78 -3.45 87.53
N ILE A 497 -13.28 -2.30 87.07
CA ILE A 497 -12.54 -2.24 85.81
C ILE A 497 -11.27 -3.08 85.90
N ILE A 498 -10.53 -2.93 87.00
CA ILE A 498 -9.33 -3.74 87.21
C ILE A 498 -9.70 -5.20 87.45
N SER A 499 -10.84 -5.44 88.09
CA SER A 499 -11.32 -6.82 88.28
C SER A 499 -11.75 -7.48 86.98
N SER A 500 -12.01 -6.70 85.93
CA SER A 500 -12.35 -7.25 84.63
C SER A 500 -11.20 -7.15 83.62
N MET A 501 -10.01 -6.74 84.05
CA MET A 501 -8.93 -6.50 83.10
C MET A 501 -8.26 -7.80 82.66
N ALA A 502 -7.60 -8.49 83.57
CA ALA A 502 -6.84 -9.69 83.23
C ALA A 502 -6.84 -10.63 84.42
N PRO A 503 -7.83 -11.53 84.52
CA PRO A 503 -7.83 -12.49 85.63
C PRO A 503 -6.77 -13.58 85.49
N SER A 504 -6.02 -13.61 84.40
CA SER A 504 -4.91 -14.55 84.28
C SER A 504 -3.78 -14.19 85.24
N ILE A 505 -3.24 -12.99 85.11
CA ILE A 505 -2.22 -12.51 86.03
C ILE A 505 -2.91 -12.13 87.34
N TYR A 506 -2.48 -12.76 88.44
CA TYR A 506 -3.29 -12.73 89.64
C TYR A 506 -3.14 -11.41 90.41
N GLY A 507 -1.95 -11.11 90.89
CA GLY A 507 -1.78 -9.98 91.78
C GLY A 507 -1.62 -8.67 91.07
N HIS A 508 -0.72 -7.83 91.60
CA HIS A 508 -0.13 -6.68 90.91
C HIS A 508 -1.19 -5.61 90.60
N ARG A 509 -1.83 -5.12 91.66
CA ARG A 509 -2.97 -4.22 91.54
C ARG A 509 -2.61 -2.87 90.96
N ASP A 510 -1.42 -2.35 91.26
CA ASP A 510 -1.06 -1.01 90.82
C ASP A 510 -0.78 -0.97 89.33
N ILE A 511 0.00 -1.92 88.83
CA ILE A 511 0.41 -1.87 87.43
C ILE A 511 -0.73 -2.26 86.51
N LYS A 512 -1.68 -3.05 87.02
CA LYS A 512 -2.89 -3.31 86.24
C LYS A 512 -3.78 -2.07 86.18
N THR A 513 -3.74 -1.25 87.24
CA THR A 513 -4.50 -0.01 87.25
C THR A 513 -3.89 1.01 86.30
N ALA A 514 -2.55 1.02 86.20
CA ALA A 514 -1.87 2.00 85.35
C ALA A 514 -2.11 1.72 83.87
N VAL A 515 -2.20 0.44 83.49
CA VAL A 515 -2.57 0.09 82.13
C VAL A 515 -4.01 0.47 81.86
N ALA A 516 -4.88 0.29 82.87
CA ALA A 516 -6.28 0.68 82.75
C ALA A 516 -6.42 2.18 82.58
N CYS A 517 -5.51 2.95 83.18
CA CYS A 517 -5.56 4.40 83.03
C CYS A 517 -4.98 4.86 81.71
N SER A 518 -3.97 4.16 81.20
CA SER A 518 -3.17 4.66 80.09
C SER A 518 -3.96 4.64 78.77
N LEU A 519 -4.52 3.49 78.43
CA LEU A 519 -5.37 3.37 77.24
C LEU A 519 -6.68 4.14 77.38
N PHE A 520 -7.09 4.49 78.60
CA PHE A 520 -8.37 5.13 78.82
C PHE A 520 -8.40 6.56 78.31
N GLY A 521 -7.25 7.18 78.12
CA GLY A 521 -7.14 8.39 77.32
C GLY A 521 -7.02 9.65 78.15
N GLY A 522 -6.58 10.71 77.47
CA GLY A 522 -6.46 12.02 78.07
C GLY A 522 -6.96 13.07 77.09
N VAL A 523 -6.91 14.31 77.52
CA VAL A 523 -7.32 15.45 76.72
C VAL A 523 -6.10 16.36 76.54
N PRO A 524 -5.75 16.75 75.32
CA PRO A 524 -4.58 17.62 75.15
C PRO A 524 -4.81 19.05 75.59
N LYS A 525 -6.02 19.59 75.38
CA LYS A 525 -6.46 20.96 75.66
C LYS A 525 -5.43 22.00 75.20
N ASN A 526 -5.32 22.07 73.87
CA ASN A 526 -4.46 23.03 73.20
C ASN A 526 -4.84 24.46 73.57
N VAL A 527 -3.87 25.19 74.13
CA VAL A 527 -4.02 26.61 74.42
C VAL A 527 -4.06 27.34 73.09
N ASN A 528 -4.97 28.31 72.98
CA ASN A 528 -5.23 28.98 71.72
C ASN A 528 -4.00 29.78 71.27
N GLY A 529 -3.33 29.25 70.25
CA GLY A 529 -2.18 29.92 69.67
C GLY A 529 -0.86 29.57 70.32
N LYS A 530 -0.86 29.29 71.61
CA LYS A 530 0.40 29.12 72.32
C LYS A 530 0.97 27.72 72.14
N HIS A 531 0.29 26.70 72.67
CA HIS A 531 0.86 25.37 72.77
C HIS A 531 -0.20 24.38 73.22
N SER A 532 -0.02 23.13 72.85
CA SER A 532 -0.72 22.01 73.46
C SER A 532 0.30 21.22 74.24
N ILE A 533 -0.07 20.77 75.44
CA ILE A 533 0.93 20.13 76.28
C ILE A 533 1.08 18.68 75.85
N ARG A 534 0.04 17.88 76.09
CA ARG A 534 0.00 16.45 75.76
C ARG A 534 -1.40 15.91 76.01
N GLY A 535 -1.85 14.97 75.20
CA GLY A 535 -3.07 14.25 75.48
C GLY A 535 -2.79 12.76 75.54
N ASP A 536 -1.56 12.42 75.88
CA ASP A 536 -1.06 11.06 75.78
C ASP A 536 -0.42 10.63 77.09
N ILE A 537 -0.40 9.32 77.32
CA ILE A 537 0.19 8.75 78.52
C ILE A 537 1.43 7.97 78.10
N ASN A 538 2.57 8.30 78.70
CA ASN A 538 3.83 7.65 78.39
C ASN A 538 4.19 6.68 79.49
N VAL A 539 4.28 5.41 79.14
CA VAL A 539 4.37 4.32 80.11
C VAL A 539 5.73 3.66 79.97
N LEU A 540 6.41 3.48 81.11
CA LEU A 540 7.58 2.62 81.20
C LEU A 540 7.25 1.43 82.09
N LEU A 541 7.63 0.23 81.66
CA LEU A 541 7.46 -0.98 82.46
C LEU A 541 8.76 -1.77 82.38
N LEU A 542 9.56 -1.67 83.44
CA LEU A 542 10.74 -2.52 83.58
C LEU A 542 10.28 -3.94 83.85
N GLY A 543 10.39 -4.80 82.85
CA GLY A 543 10.00 -6.18 82.98
C GLY A 543 11.02 -7.01 83.72
N ASP A 544 10.90 -8.33 83.58
CA ASP A 544 11.81 -9.32 84.15
C ASP A 544 11.48 -10.65 83.50
N PRO A 545 12.47 -11.42 83.05
CA PRO A 545 12.22 -12.82 82.67
C PRO A 545 11.75 -13.62 83.87
N GLY A 546 10.63 -14.31 83.69
CA GLY A 546 9.97 -15.00 84.79
C GLY A 546 8.66 -14.30 85.13
N THR A 547 8.07 -13.67 84.12
CA THR A 547 6.86 -12.88 84.29
C THR A 547 6.01 -13.10 83.04
N ALA A 548 4.69 -12.92 83.19
CA ALA A 548 3.76 -12.98 82.07
C ALA A 548 3.49 -11.61 81.48
N LYS A 549 4.52 -10.74 81.43
CA LYS A 549 4.35 -9.35 81.00
C LYS A 549 3.93 -9.22 79.55
N SER A 550 4.20 -10.24 78.73
CA SER A 550 3.74 -10.22 77.35
C SER A 550 2.23 -10.41 77.25
N GLN A 551 1.62 -11.07 78.24
CA GLN A 551 0.19 -11.32 78.22
C GLN A 551 -0.61 -10.05 78.45
N ILE A 552 -0.03 -9.08 79.18
CA ILE A 552 -0.69 -7.79 79.40
C ILE A 552 -0.85 -7.04 78.08
N LEU A 553 0.27 -6.87 77.36
CA LEU A 553 0.21 -6.19 76.08
C LEU A 553 -0.49 -7.04 75.02
N LYS A 554 -0.54 -8.36 75.21
CA LYS A 554 -1.39 -9.19 74.38
C LYS A 554 -2.86 -8.89 74.60
N TYR A 555 -3.24 -8.62 75.85
CA TYR A 555 -4.63 -8.28 76.13
C TYR A 555 -4.98 -6.91 75.58
N VAL A 556 -3.99 -6.03 75.48
CA VAL A 556 -4.22 -4.67 74.98
C VAL A 556 -4.62 -4.69 73.51
N GLU A 557 -3.89 -5.43 72.68
CA GLU A 557 -4.13 -5.41 71.24
C GLU A 557 -5.45 -6.09 70.90
N LYS A 558 -5.87 -7.05 71.70
CA LYS A 558 -7.19 -7.64 71.53
C LYS A 558 -8.30 -6.66 71.92
N THR A 559 -8.09 -5.88 72.96
CA THR A 559 -9.18 -5.09 73.52
C THR A 559 -9.33 -3.75 72.83
N ALA A 560 -8.21 -3.08 72.54
CA ALA A 560 -8.23 -1.69 72.13
C ALA A 560 -8.72 -1.52 70.70
N HIS A 561 -9.06 -0.27 70.36
CA HIS A 561 -9.55 0.06 69.03
C HIS A 561 -8.43 0.01 68.00
N ARG A 562 -7.43 0.88 68.15
CA ARG A 562 -6.27 0.90 67.28
C ARG A 562 -5.05 0.59 68.13
N ALA A 563 -4.62 -0.66 68.11
CA ALA A 563 -3.45 -1.08 68.86
C ALA A 563 -2.55 -1.91 67.95
N VAL A 564 -1.34 -1.41 67.73
CA VAL A 564 -0.39 -2.02 66.82
C VAL A 564 0.84 -2.43 67.62
N PHE A 565 1.10 -3.73 67.68
CA PHE A 565 2.32 -4.22 68.30
C PHE A 565 3.47 -4.13 67.30
N ALA A 566 4.30 -3.11 67.46
CA ALA A 566 5.54 -2.99 66.69
C ALA A 566 6.63 -3.67 67.50
N THR A 567 7.14 -4.79 66.97
CA THR A 567 8.07 -5.62 67.72
C THR A 567 9.43 -4.95 67.85
N GLY A 568 10.28 -5.56 68.66
CA GLY A 568 11.59 -5.03 68.95
C GLY A 568 12.56 -5.07 67.80
N GLN A 569 12.70 -6.23 67.15
CA GLN A 569 13.74 -6.40 66.14
C GLN A 569 13.32 -7.39 65.06
N GLY A 570 12.79 -6.84 63.97
CA GLY A 570 12.69 -7.52 62.70
C GLY A 570 11.67 -8.63 62.58
N ALA A 571 10.81 -8.82 63.58
CA ALA A 571 9.82 -9.90 63.49
C ALA A 571 8.58 -9.46 62.74
N SER A 572 8.33 -8.15 62.68
CA SER A 572 7.20 -7.60 61.97
C SER A 572 7.68 -6.92 60.69
N ALA A 573 6.72 -6.59 59.83
CA ALA A 573 7.06 -5.88 58.60
C ALA A 573 7.43 -4.43 58.90
N VAL A 574 6.90 -3.87 59.99
CA VAL A 574 7.21 -2.49 60.35
C VAL A 574 8.60 -2.41 60.94
N GLY A 575 9.18 -1.21 60.88
CA GLY A 575 10.50 -0.99 61.45
C GLY A 575 10.63 0.38 62.09
N LEU A 576 9.48 1.04 62.33
CA LEU A 576 9.31 2.29 63.06
C LEU A 576 9.94 3.50 62.38
N THR A 577 10.57 3.36 61.23
CA THR A 577 11.19 4.47 60.52
C THR A 577 10.61 4.51 59.11
N ALA A 578 10.08 5.67 58.73
CA ALA A 578 9.49 5.83 57.42
C ALA A 578 10.57 5.93 56.37
N SER A 579 10.35 5.28 55.22
CA SER A 579 11.30 5.30 54.13
C SER A 579 10.57 5.04 52.83
N VAL A 580 11.09 5.62 51.76
CA VAL A 580 10.53 5.40 50.42
C VAL A 580 11.02 4.05 49.93
N ARG A 581 10.09 3.13 49.72
CA ARG A 581 10.42 1.79 49.26
C ARG A 581 9.55 1.44 48.07
N LYS A 582 10.07 0.57 47.22
CA LYS A 582 9.19 -0.03 46.23
C LYS A 582 8.60 -1.31 46.80
N ASP A 583 7.60 -1.84 46.09
CA ASP A 583 6.87 -3.02 46.51
C ASP A 583 7.24 -4.14 45.54
N PRO A 584 7.71 -5.30 46.02
CA PRO A 584 8.00 -6.42 45.10
C PRO A 584 6.77 -7.02 44.43
N ILE A 585 5.62 -6.82 45.05
CA ILE A 585 4.33 -7.16 44.44
C ILE A 585 4.07 -6.16 43.29
N THR A 586 4.29 -4.86 43.56
CA THR A 586 4.19 -3.79 42.58
C THR A 586 5.55 -3.09 42.67
N LYS A 587 6.09 -2.63 41.55
CA LYS A 587 7.41 -2.02 41.55
C LYS A 587 7.53 -0.50 41.74
N GLU A 588 6.44 0.22 41.95
CA GLU A 588 6.61 1.68 42.06
C GLU A 588 7.01 2.08 43.47
N TRP A 589 7.60 3.27 43.59
CA TRP A 589 7.94 3.80 44.90
C TRP A 589 6.68 4.16 45.68
N THR A 590 6.56 3.62 46.88
CA THR A 590 5.44 3.92 47.78
C THR A 590 6.01 4.40 49.10
N LEU A 591 5.43 5.47 49.64
CA LEU A 591 5.83 5.92 50.96
C LEU A 591 5.25 4.98 52.00
N GLU A 592 6.10 4.54 52.92
CA GLU A 592 5.71 3.59 53.95
C GLU A 592 6.05 4.22 55.29
N GLY A 593 5.07 4.83 55.94
CA GLY A 593 5.29 5.38 57.26
C GLY A 593 5.48 4.32 58.30
N GLY A 594 6.04 4.73 59.44
CA GLY A 594 6.27 3.81 60.53
C GLY A 594 5.00 3.43 61.25
N ALA A 595 5.16 2.54 62.24
CA ALA A 595 4.02 2.16 63.07
C ALA A 595 3.57 3.32 63.95
N LEU A 596 4.50 4.19 64.33
CA LEU A 596 4.12 5.39 65.05
C LEU A 596 3.45 6.39 64.13
N VAL A 597 3.76 6.34 62.84
CA VAL A 597 2.94 7.07 61.88
C VAL A 597 1.58 6.40 61.76
N LEU A 598 1.56 5.07 61.86
CA LEU A 598 0.31 4.32 61.74
C LEU A 598 -0.60 4.51 62.95
N ALA A 599 -0.05 4.55 64.16
CA ALA A 599 -0.85 4.47 65.38
C ALA A 599 -1.24 5.84 65.91
N ASP A 600 -1.43 6.82 65.03
CA ASP A 600 -1.96 8.11 65.46
C ASP A 600 -3.40 7.94 65.94
N LYS A 601 -3.69 8.55 67.10
CA LYS A 601 -4.88 8.28 67.91
C LYS A 601 -5.02 6.79 68.19
N GLY A 602 -3.90 6.16 68.51
CA GLY A 602 -3.86 4.75 68.86
C GLY A 602 -2.70 4.52 69.80
N VAL A 603 -2.56 3.29 70.25
CA VAL A 603 -1.54 2.93 71.24
C VAL A 603 -0.62 1.90 70.62
N CYS A 604 0.67 2.19 70.59
CA CYS A 604 1.64 1.26 70.04
C CYS A 604 2.35 0.53 71.18
N LEU A 605 2.81 -0.68 70.88
CA LEU A 605 3.42 -1.56 71.87
C LEU A 605 4.79 -1.98 71.39
N ILE A 606 5.84 -1.37 71.94
CA ILE A 606 7.21 -1.59 71.53
C ILE A 606 8.00 -2.04 72.75
N ASP A 607 8.86 -3.05 72.56
CA ASP A 607 9.63 -3.61 73.66
C ASP A 607 11.05 -3.92 73.20
N GLU A 608 11.89 -4.35 74.16
CA GLU A 608 13.33 -4.57 74.00
C GLU A 608 14.02 -3.30 73.48
N PHE A 609 13.97 -2.27 74.32
CA PHE A 609 14.53 -0.98 73.92
C PHE A 609 16.04 -1.02 73.87
N ASP A 610 16.67 -1.90 74.65
CA ASP A 610 18.11 -2.09 74.64
C ASP A 610 18.61 -2.64 73.32
N LYS A 611 17.79 -3.36 72.58
CA LYS A 611 18.21 -3.91 71.30
C LYS A 611 17.65 -3.07 70.16
N MET A 612 17.60 -1.76 70.36
CA MET A 612 17.15 -0.85 69.33
C MET A 612 18.25 0.13 68.98
N ASN A 613 18.36 0.43 67.70
CA ASN A 613 19.48 1.16 67.16
C ASN A 613 19.37 2.64 67.45
N ASP A 614 20.39 3.39 67.04
CA ASP A 614 20.34 4.84 67.13
C ASP A 614 19.37 5.40 66.11
N GLN A 615 19.15 4.68 65.01
CA GLN A 615 18.08 5.00 64.08
C GLN A 615 16.73 4.98 64.76
N ASP A 616 16.45 3.95 65.55
CA ASP A 616 15.22 3.89 66.33
C ASP A 616 15.22 4.92 67.44
N ARG A 617 16.39 5.20 68.02
CA ARG A 617 16.45 6.00 69.22
C ARG A 617 16.22 7.48 68.93
N THR A 618 16.67 7.95 67.77
CA THR A 618 16.32 9.29 67.34
C THR A 618 14.83 9.41 66.99
N SER A 619 14.24 8.32 66.51
CA SER A 619 12.82 8.34 66.15
C SER A 619 11.93 8.46 67.39
N ILE A 620 12.24 7.68 68.43
CA ILE A 620 11.46 7.74 69.66
C ILE A 620 11.68 9.07 70.36
N HIS A 621 12.90 9.62 70.24
CA HIS A 621 13.19 10.94 70.79
C HIS A 621 12.37 12.03 70.12
N GLU A 622 12.26 11.99 68.80
CA GLU A 622 11.51 13.03 68.11
C GLU A 622 10.00 12.84 68.30
N ALA A 623 9.56 11.57 68.43
CA ALA A 623 8.13 11.28 68.51
C ALA A 623 7.50 11.77 69.80
N MET A 624 8.14 11.55 70.95
CA MET A 624 7.67 12.12 72.19
C MET A 624 8.03 13.58 72.35
N GLU A 625 8.78 14.16 71.42
CA GLU A 625 9.16 15.56 71.56
C GLU A 625 8.04 16.47 71.09
N GLN A 626 7.70 16.42 69.81
CA GLN A 626 6.77 17.38 69.23
C GLN A 626 5.68 16.71 68.41
N GLN A 627 5.55 15.38 68.55
CA GLN A 627 4.40 14.60 68.05
C GLN A 627 4.30 14.63 66.53
N SER A 628 5.43 14.88 65.86
CA SER A 628 5.43 15.08 64.41
C SER A 628 6.75 14.63 63.85
N ILE A 629 6.70 13.81 62.80
CA ILE A 629 7.90 13.22 62.20
C ILE A 629 8.15 13.90 60.87
N SER A 630 9.34 14.48 60.70
CA SER A 630 9.76 15.10 59.46
C SER A 630 10.69 14.15 58.71
N ILE A 631 10.71 14.29 57.38
CA ILE A 631 11.54 13.46 56.51
C ILE A 631 12.23 14.35 55.48
N SER A 632 13.37 13.88 54.97
CA SER A 632 14.10 14.57 53.93
C SER A 632 14.56 13.62 52.82
N LYS A 633 13.68 12.77 52.32
CA LYS A 633 14.09 11.83 51.28
C LYS A 633 14.11 12.50 49.91
N ALA A 634 14.24 11.67 48.87
CA ALA A 634 14.84 11.93 47.54
C ALA A 634 14.43 13.29 46.97
N GLY A 635 13.16 13.57 46.75
CA GLY A 635 12.76 14.90 46.35
C GLY A 635 11.61 15.39 47.18
N ILE A 636 11.51 14.87 48.40
CA ILE A 636 10.32 15.00 49.22
C ILE A 636 10.71 15.45 50.63
N VAL A 637 10.04 16.50 51.11
CA VAL A 637 10.23 17.02 52.46
C VAL A 637 8.88 17.33 53.10
N THR A 638 8.38 16.40 53.92
CA THR A 638 7.11 16.57 54.60
C THR A 638 7.29 16.33 56.09
N THR A 639 6.23 16.65 56.83
CA THR A 639 6.18 16.52 58.29
C THR A 639 4.89 15.78 58.63
N LEU A 640 4.98 14.49 58.91
CA LEU A 640 3.79 13.76 59.30
C LEU A 640 3.64 13.72 60.81
N GLN A 641 2.41 13.72 61.28
CA GLN A 641 2.09 13.83 62.70
C GLN A 641 2.03 12.45 63.33
N ALA A 642 2.04 12.42 64.67
CA ALA A 642 1.99 11.16 65.42
C ALA A 642 1.52 11.46 66.83
N ARG A 643 0.36 10.93 67.21
CA ARG A 643 -0.21 11.17 68.54
C ARG A 643 -0.37 9.85 69.28
N CYS A 644 0.69 9.06 69.29
CA CYS A 644 0.65 7.74 69.89
C CYS A 644 0.73 7.82 71.40
N SER A 645 0.54 6.67 72.04
CA SER A 645 0.77 6.51 73.47
C SER A 645 1.65 5.29 73.63
N ILE A 646 2.76 5.43 74.33
CA ILE A 646 3.81 4.42 74.35
C ILE A 646 3.75 3.66 75.67
N ILE A 647 3.66 2.33 75.57
CA ILE A 647 3.71 1.43 76.72
C ILE A 647 4.88 0.49 76.51
N ALA A 648 5.73 0.36 77.53
CA ALA A 648 7.01 -0.31 77.41
C ALA A 648 6.96 -1.72 78.01
N ALA A 649 8.00 -2.50 77.71
CA ALA A 649 8.25 -3.79 78.36
C ALA A 649 9.75 -4.04 78.29
N ALA A 650 10.45 -3.72 79.37
CA ALA A 650 11.91 -3.71 79.37
C ALA A 650 12.47 -5.03 79.87
N ASN A 651 13.78 -5.04 80.11
CA ASN A 651 14.54 -6.20 80.55
C ASN A 651 15.70 -5.69 81.39
N PRO A 652 15.83 -6.14 82.65
CA PRO A 652 16.91 -5.61 83.50
C PRO A 652 18.28 -6.06 83.05
N ASN A 653 19.29 -5.26 83.36
CA ASN A 653 20.66 -5.54 82.95
C ASN A 653 21.28 -6.47 83.99
N GLY A 654 21.69 -7.65 83.57
CA GLY A 654 22.25 -8.62 84.49
C GLY A 654 21.19 -9.23 85.39
N GLY A 655 21.19 -8.84 86.66
CA GLY A 655 20.30 -9.41 87.65
C GLY A 655 18.85 -9.08 87.41
N ARG A 656 17.99 -9.84 88.08
CA ARG A 656 16.54 -9.61 88.04
C ARG A 656 16.17 -8.28 88.70
N TYR A 657 16.96 -7.86 89.69
CA TYR A 657 16.86 -6.54 90.28
C TYR A 657 18.25 -6.27 90.82
N ASN A 658 18.93 -5.26 90.23
CA ASN A 658 20.39 -5.22 90.22
C ASN A 658 20.96 -5.02 91.62
N SER A 659 20.70 -3.89 92.24
CA SER A 659 21.26 -3.60 93.56
C SER A 659 20.34 -2.62 94.27
N THR A 660 20.88 -2.00 95.32
CA THR A 660 20.26 -0.84 95.94
C THR A 660 20.33 0.39 95.04
N LEU A 661 21.19 0.35 94.01
CA LEU A 661 21.33 1.43 93.06
C LEU A 661 20.00 1.70 92.33
N PRO A 662 19.74 2.98 91.97
CA PRO A 662 18.41 3.32 91.42
C PRO A 662 18.15 2.78 90.03
N LEU A 663 16.96 3.07 89.52
CA LEU A 663 16.50 2.48 88.27
C LEU A 663 17.27 3.04 87.08
N ALA A 664 17.60 4.33 87.12
CA ALA A 664 18.43 4.91 86.06
C ALA A 664 19.84 4.33 86.06
N GLN A 665 20.32 3.90 87.22
CA GLN A 665 21.56 3.13 87.29
C GLN A 665 21.32 1.68 86.93
N ASN A 666 20.14 1.15 87.26
CA ASN A 666 19.81 -0.23 86.91
C ASN A 666 19.65 -0.39 85.40
N VAL A 667 18.97 0.56 84.75
CA VAL A 667 18.71 0.42 83.33
C VAL A 667 19.94 0.85 82.54
N SER A 668 20.01 0.39 81.29
CA SER A 668 21.07 0.77 80.36
C SER A 668 20.64 1.84 79.36
N LEU A 669 19.46 2.42 79.54
CA LEU A 669 18.98 3.46 78.63
C LEU A 669 19.45 4.82 79.12
N THR A 670 18.94 5.87 78.50
CA THR A 670 19.41 7.23 78.73
C THR A 670 18.38 8.05 79.49
N GLU A 671 18.81 9.23 79.90
CA GLU A 671 18.05 10.17 80.72
C GLU A 671 16.86 10.85 80.02
N PRO A 672 16.95 11.36 78.77
CA PRO A 672 15.76 12.06 78.22
C PRO A 672 14.58 11.17 77.93
N ILE A 673 14.78 9.91 77.53
CA ILE A 673 13.65 8.99 77.37
C ILE A 673 13.07 8.61 78.73
N LEU A 674 13.88 8.60 79.78
CA LEU A 674 13.38 8.45 81.14
C LEU A 674 12.56 9.66 81.58
N SER A 675 12.94 10.86 81.16
CA SER A 675 12.18 12.05 81.51
C SER A 675 10.84 12.08 80.80
N ARG A 676 10.81 11.69 79.53
CA ARG A 676 9.57 11.70 78.77
C ARG A 676 8.63 10.57 79.17
N PHE A 677 9.16 9.52 79.78
CA PHE A 677 8.29 8.52 80.39
C PHE A 677 7.76 9.04 81.70
N ASP A 678 6.46 8.81 81.93
CA ASP A 678 5.81 9.35 83.12
C ASP A 678 5.66 8.29 84.21
N ILE A 679 4.97 7.21 83.91
CA ILE A 679 4.77 6.14 84.87
C ILE A 679 5.82 5.06 84.64
N LEU A 680 6.31 4.48 85.73
CA LEU A 680 7.41 3.53 85.70
C LEU A 680 7.02 2.30 86.49
N CYS A 681 6.57 1.25 85.80
CA CYS A 681 6.11 0.03 86.44
C CYS A 681 7.28 -0.92 86.67
N VAL A 682 7.41 -1.38 87.91
CA VAL A 682 8.48 -2.28 88.31
C VAL A 682 7.87 -3.59 88.77
N VAL A 683 8.35 -4.70 88.21
CA VAL A 683 7.94 -6.02 88.63
C VAL A 683 8.98 -6.58 89.58
N ARG A 684 8.55 -7.57 90.38
CA ARG A 684 9.40 -8.15 91.40
C ARG A 684 9.44 -9.66 91.23
N ASP A 685 10.61 -10.24 91.48
CA ASP A 685 10.80 -11.69 91.47
C ASP A 685 11.41 -12.08 92.81
N LEU A 686 10.58 -12.64 93.68
CA LEU A 686 11.05 -13.06 94.99
C LEU A 686 10.25 -14.28 95.40
N VAL A 687 10.91 -15.18 96.14
CA VAL A 687 10.26 -16.37 96.65
C VAL A 687 9.39 -15.95 97.83
N ASP A 688 8.12 -15.72 97.55
CA ASP A 688 7.15 -15.42 98.59
C ASP A 688 6.27 -16.65 98.77
N GLU A 689 6.13 -17.07 100.02
CA GLU A 689 5.54 -18.37 100.33
C GLU A 689 4.05 -18.41 99.95
N GLU A 690 3.33 -17.33 100.20
CA GLU A 690 1.92 -17.29 99.84
C GLU A 690 1.72 -17.16 98.34
N ALA A 691 2.62 -16.46 97.64
CA ALA A 691 2.43 -16.24 96.21
C ALA A 691 2.75 -17.49 95.40
N ASP A 692 3.68 -18.31 95.89
CA ASP A 692 4.09 -19.48 95.13
C ASP A 692 3.03 -20.57 95.18
N GLU A 693 2.35 -20.71 96.32
CA GLU A 693 1.26 -21.68 96.43
C GLU A 693 0.09 -21.28 95.53
N ARG A 694 -0.19 -19.99 95.44
CA ARG A 694 -1.20 -19.50 94.51
C ARG A 694 -0.80 -19.73 93.06
N LEU A 695 0.46 -19.46 92.70
CA LEU A 695 0.84 -19.47 91.30
C LEU A 695 0.99 -20.89 90.78
N ALA A 696 1.65 -21.76 91.56
CA ALA A 696 1.93 -23.11 91.09
C ALA A 696 0.66 -23.95 90.97
N THR A 697 -0.27 -23.79 91.92
CA THR A 697 -1.56 -24.45 91.79
C THR A 697 -2.38 -23.85 90.66
N PHE A 698 -2.14 -22.58 90.33
CA PHE A 698 -2.76 -22.01 89.13
C PHE A 698 -2.16 -22.59 87.87
N VAL A 699 -0.89 -23.00 87.93
CA VAL A 699 -0.24 -23.59 86.75
C VAL A 699 -0.79 -24.99 86.48
N VAL A 700 -0.91 -25.80 87.53
CA VAL A 700 -1.42 -27.16 87.40
C VAL A 700 -2.87 -27.15 86.94
N ASP A 701 -3.68 -26.24 87.49
CA ASP A 701 -5.07 -26.07 87.08
C ASP A 701 -5.15 -25.65 85.62
N SER A 702 -4.18 -24.87 85.14
CA SER A 702 -4.11 -24.52 83.73
C SER A 702 -3.72 -25.69 82.86
N HIS A 703 -3.11 -26.73 83.44
CA HIS A 703 -2.57 -27.80 82.62
C HIS A 703 -3.24 -29.15 82.85
N VAL A 704 -4.08 -29.27 83.88
CA VAL A 704 -5.01 -30.40 83.92
C VAL A 704 -6.05 -30.25 82.81
N ARG A 705 -6.34 -29.01 82.42
CA ARG A 705 -7.21 -28.74 81.28
C ARG A 705 -6.51 -29.16 80.01
N SER A 706 -6.77 -30.40 79.58
CA SER A 706 -6.02 -31.00 78.50
C SER A 706 -6.91 -31.88 77.62
N SER A 756 -18.99 -11.10 88.69
CA SER A 756 -18.41 -9.86 89.20
C SER A 756 -17.55 -9.04 88.20
N PRO A 757 -16.68 -9.64 87.38
CA PRO A 757 -16.06 -8.84 86.30
C PRO A 757 -17.04 -8.58 85.17
N ILE A 758 -16.79 -7.48 84.47
CA ILE A 758 -17.57 -7.11 83.30
C ILE A 758 -17.21 -8.09 82.18
N PRO A 759 -18.19 -8.66 81.48
CA PRO A 759 -17.88 -9.40 80.26
C PRO A 759 -17.29 -8.48 79.21
N GLN A 760 -16.32 -9.02 78.47
CA GLN A 760 -15.37 -8.18 77.75
C GLN A 760 -15.97 -7.44 76.57
N GLU A 761 -17.16 -7.82 76.11
CA GLU A 761 -17.81 -7.08 75.05
C GLU A 761 -18.34 -5.75 75.55
N LEU A 762 -18.73 -5.69 76.83
CA LEU A 762 -19.32 -4.46 77.35
C LEU A 762 -18.25 -3.42 77.66
N LEU A 763 -17.12 -3.85 78.21
CA LEU A 763 -16.07 -2.90 78.57
C LEU A 763 -15.37 -2.35 77.34
N MET A 764 -15.27 -3.14 76.27
CA MET A 764 -14.79 -2.56 75.02
C MET A 764 -15.85 -1.68 74.38
N LYS A 765 -17.13 -1.93 74.66
CA LYS A 765 -18.17 -1.00 74.24
C LYS A 765 -18.13 0.26 75.09
N TYR A 766 -17.66 0.13 76.34
CA TYR A 766 -17.59 1.26 77.24
C TYR A 766 -16.56 2.27 76.77
N ILE A 767 -15.33 1.82 76.55
CA ILE A 767 -14.23 2.73 76.26
C ILE A 767 -14.30 3.25 74.84
N HIS A 768 -14.93 2.50 73.93
CA HIS A 768 -15.13 3.00 72.58
C HIS A 768 -16.13 4.15 72.58
N TYR A 769 -17.15 4.04 73.43
CA TYR A 769 -18.15 5.10 73.51
C TYR A 769 -17.65 6.28 74.34
N ALA A 770 -16.85 6.01 75.37
CA ALA A 770 -16.48 7.07 76.30
C ALA A 770 -15.40 7.97 75.73
N ARG A 771 -14.33 7.39 75.19
CA ARG A 771 -13.14 8.13 74.78
C ARG A 771 -13.41 9.09 73.64
N THR A 772 -14.45 8.88 72.87
CA THR A 772 -14.80 9.82 71.81
C THR A 772 -15.52 11.03 72.38
N LYS A 773 -16.14 10.88 73.55
CA LYS A 773 -17.16 11.83 73.98
C LYS A 773 -16.78 12.68 75.18
N ILE A 774 -16.44 12.08 76.32
CA ILE A 774 -16.46 12.81 77.58
C ILE A 774 -15.21 13.70 77.70
N TYR A 775 -15.45 14.99 77.83
CA TYR A 775 -14.38 16.00 77.80
C TYR A 775 -14.42 16.77 79.10
N PRO A 776 -13.85 16.26 80.18
CA PRO A 776 -14.06 16.86 81.50
C PRO A 776 -13.29 18.15 81.71
N LYS A 777 -13.84 18.96 82.62
CA LYS A 777 -13.25 20.23 83.02
C LYS A 777 -13.32 20.32 84.55
N LEU A 778 -12.73 21.36 85.11
CA LEU A 778 -12.68 21.52 86.55
C LEU A 778 -12.51 22.98 86.92
N HIS A 779 -12.88 23.31 88.16
CA HIS A 779 -12.88 24.68 88.65
C HIS A 779 -11.57 25.00 89.38
N GLN A 780 -11.38 26.28 89.69
CA GLN A 780 -10.14 26.78 90.26
C GLN A 780 -10.19 26.89 91.78
N MET A 781 -11.20 26.28 92.41
CA MET A 781 -11.52 26.62 93.80
C MET A 781 -10.99 25.65 94.83
N ASP A 782 -10.58 24.44 94.43
CA ASP A 782 -10.07 23.45 95.38
C ASP A 782 -8.59 23.14 95.21
N MET A 783 -7.95 23.65 94.16
CA MET A 783 -6.63 23.17 93.82
C MET A 783 -5.50 23.93 94.50
N ASP A 784 -5.81 24.88 95.38
CA ASP A 784 -4.78 25.56 96.15
C ASP A 784 -4.12 24.66 97.19
N LYS A 785 -4.84 23.65 97.67
CA LYS A 785 -4.23 22.62 98.50
C LYS A 785 -3.18 21.84 97.72
N VAL A 786 -3.46 21.54 96.45
CA VAL A 786 -2.60 20.70 95.63
C VAL A 786 -1.26 21.37 95.37
N SER A 787 -1.27 22.70 95.19
CA SER A 787 -0.03 23.44 95.03
C SER A 787 0.79 23.42 96.32
N ARG A 788 0.10 23.40 97.46
CA ARG A 788 0.80 23.26 98.73
C ARG A 788 1.36 21.85 98.90
N VAL A 789 0.68 20.85 98.35
CA VAL A 789 1.19 19.47 98.40
C VAL A 789 2.48 19.37 97.60
N TYR A 790 2.54 20.05 96.46
CA TYR A 790 3.79 20.10 95.69
C TYR A 790 4.88 20.84 96.45
N ALA A 791 4.51 21.86 97.22
CA ALA A 791 5.47 22.52 98.08
C ALA A 791 5.89 21.62 99.23
N ASP A 792 5.00 20.72 99.66
CA ASP A 792 5.35 19.76 100.70
C ASP A 792 6.36 18.74 100.21
N LEU A 793 6.20 18.27 98.97
CA LEU A 793 7.09 17.22 98.47
C LEU A 793 8.43 17.79 98.01
N ARG A 794 8.45 19.05 97.56
CA ARG A 794 9.67 19.55 96.94
C ARG A 794 10.76 19.88 97.94
N ARG A 795 10.45 20.69 98.96
CA ARG A 795 11.48 21.25 99.83
C ARG A 795 12.15 20.21 100.73
N GLU A 796 11.47 19.10 101.02
CA GLU A 796 12.03 18.09 101.90
C GLU A 796 12.82 17.02 101.15
N SER A 797 12.43 16.71 99.92
CA SER A 797 13.08 15.70 99.11
C SER A 797 14.29 16.24 98.35
N ILE A 798 14.76 17.43 98.69
CA ILE A 798 16.00 17.96 98.10
C ILE A 798 17.20 17.11 98.50
N SER A 799 17.29 16.72 99.77
CA SER A 799 18.43 15.94 100.23
C SER A 799 18.38 14.49 99.77
N THR A 800 17.22 14.01 99.31
CA THR A 800 17.10 12.60 98.95
C THR A 800 17.73 12.30 97.60
N GLY A 801 17.73 13.27 96.70
CA GLY A 801 18.31 13.07 95.39
C GLY A 801 18.55 14.40 94.70
N SER A 802 19.51 14.43 93.77
CA SER A 802 19.80 15.64 92.98
C SER A 802 18.81 16.05 91.86
N PHE A 803 18.36 15.08 91.05
CA PHE A 803 17.48 15.31 89.88
C PHE A 803 15.97 15.01 89.87
N PRO A 804 15.46 14.15 90.78
CA PRO A 804 14.06 13.77 90.55
C PRO A 804 12.93 14.81 90.58
N ILE A 805 12.92 15.75 91.51
CA ILE A 805 11.85 16.72 91.57
C ILE A 805 11.87 17.62 90.32
N THR A 806 10.71 17.75 89.66
CA THR A 806 10.57 18.53 88.44
C THR A 806 9.14 19.10 88.39
N VAL A 807 9.03 20.35 87.92
CA VAL A 807 7.72 20.96 87.72
C VAL A 807 6.94 20.31 86.58
N ARG A 808 7.62 19.61 85.66
CA ARG A 808 6.89 18.85 84.65
C ARG A 808 6.23 17.63 85.26
N HIS A 809 6.78 17.14 86.38
CA HIS A 809 6.18 16.01 87.06
C HIS A 809 4.93 16.42 87.83
N LEU A 810 4.72 17.72 88.05
CA LEU A 810 3.46 18.21 88.58
C LEU A 810 2.32 17.99 87.58
N GLU A 811 2.64 18.09 86.29
CA GLU A 811 1.63 17.93 85.25
C GLU A 811 1.12 16.49 85.19
N SER A 812 1.92 15.55 85.68
CA SER A 812 1.57 14.13 85.67
C SER A 812 0.29 13.85 86.42
N ILE A 813 0.04 14.60 87.50
CA ILE A 813 -1.18 14.44 88.26
C ILE A 813 -2.39 14.85 87.43
N LEU A 814 -2.27 15.98 86.73
CA LEU A 814 -3.41 16.58 86.04
C LEU A 814 -3.87 15.77 84.85
N ARG A 815 -2.95 15.22 84.08
CA ARG A 815 -3.35 14.47 82.89
C ARG A 815 -3.84 13.08 83.29
N ILE A 816 -3.46 12.62 84.48
CA ILE A 816 -4.02 11.37 84.98
C ILE A 816 -5.39 11.60 85.62
N ALA A 817 -5.55 12.70 86.36
CA ALA A 817 -6.79 12.92 87.10
C ALA A 817 -7.95 13.24 86.17
N GLU A 818 -7.67 13.72 84.96
CA GLU A 818 -8.75 14.00 84.01
C GLU A 818 -9.37 12.72 83.46
N SER A 819 -8.66 11.59 83.51
CA SER A 819 -9.24 10.34 83.05
C SER A 819 -10.13 9.73 84.12
N PHE A 820 -10.02 10.22 85.36
CA PHE A 820 -10.75 9.60 86.45
C PHE A 820 -12.19 10.10 86.52
N ALA A 821 -12.42 11.36 86.16
CA ALA A 821 -13.79 11.81 85.95
C ALA A 821 -14.37 11.22 84.67
N LYS A 822 -13.51 10.83 83.74
CA LYS A 822 -13.95 10.08 82.57
C LYS A 822 -14.38 8.66 82.92
N MET A 823 -13.89 8.11 84.03
CA MET A 823 -14.32 6.78 84.44
C MET A 823 -15.79 6.74 84.82
N ARG A 824 -16.27 7.76 85.51
CA ARG A 824 -17.69 7.86 85.85
C ARG A 824 -18.50 8.54 84.75
N LEU A 825 -17.83 9.08 83.74
CA LEU A 825 -18.39 10.08 82.81
C LEU A 825 -19.14 11.16 83.56
N SER A 826 -18.47 11.72 84.56
CA SER A 826 -19.08 12.73 85.42
C SER A 826 -18.68 14.15 85.05
N GLU A 827 -17.59 14.32 84.29
CA GLU A 827 -17.09 15.56 83.70
C GLU A 827 -16.54 16.52 84.76
N PHE A 828 -16.70 16.19 86.04
CA PHE A 828 -16.21 16.98 87.15
C PHE A 828 -15.31 16.12 88.04
N VAL A 829 -14.27 16.74 88.55
CA VAL A 829 -13.26 16.04 89.36
C VAL A 829 -13.81 15.87 90.76
N SER A 830 -14.10 14.63 91.13
CA SER A 830 -14.48 14.30 92.50
C SER A 830 -13.26 14.33 93.41
N SER A 831 -13.51 14.26 94.72
CA SER A 831 -12.43 14.22 95.69
C SER A 831 -11.61 12.95 95.59
N TYR A 832 -12.25 11.82 95.25
CA TYR A 832 -11.52 10.58 95.02
C TYR A 832 -10.65 10.68 93.77
N ASP A 833 -11.09 11.46 92.78
CA ASP A 833 -10.35 11.57 91.52
C ASP A 833 -9.00 12.23 91.74
N LEU A 834 -8.92 13.16 92.69
CA LEU A 834 -7.63 13.72 93.06
C LEU A 834 -6.82 12.72 93.88
N ASP A 835 -7.50 11.95 94.74
CA ASP A 835 -6.80 11.10 95.70
C ASP A 835 -6.24 9.85 95.03
N ARG A 836 -6.95 9.33 94.02
CA ARG A 836 -6.39 8.24 93.23
C ARG A 836 -5.22 8.71 92.39
N ALA A 837 -5.23 9.98 91.98
CA ALA A 837 -4.17 10.52 91.13
C ALA A 837 -2.87 10.65 91.92
N ILE A 838 -2.96 10.87 93.22
CA ILE A 838 -1.75 11.06 94.01
C ILE A 838 -1.11 9.71 94.35
N LYS A 839 -1.92 8.77 94.85
CA LYS A 839 -1.36 7.59 95.50
C LYS A 839 -0.84 6.57 94.49
N VAL A 840 -1.06 6.80 93.20
CA VAL A 840 -0.46 5.92 92.19
C VAL A 840 0.84 6.52 91.65
N VAL A 841 0.92 7.85 91.61
CA VAL A 841 2.11 8.51 91.06
C VAL A 841 3.27 8.48 92.06
N VAL A 842 2.97 8.75 93.33
CA VAL A 842 4.00 9.02 94.31
C VAL A 842 4.79 7.75 94.65
N ASP A 843 4.09 6.67 94.96
CA ASP A 843 4.74 5.44 95.39
C ASP A 843 5.54 4.76 94.29
N SER A 844 5.14 4.91 93.03
CA SER A 844 5.99 4.46 91.94
C SER A 844 7.24 5.33 91.81
N PHE A 845 7.09 6.64 92.04
CA PHE A 845 8.24 7.53 92.09
C PHE A 845 9.12 7.23 93.31
N VAL A 846 8.52 6.68 94.37
CA VAL A 846 9.29 6.25 95.54
C VAL A 846 10.18 5.07 95.20
N ASP A 847 9.59 4.03 94.59
CA ASP A 847 10.24 2.73 94.45
C ASP A 847 11.42 2.72 93.50
N ALA A 848 11.57 3.72 92.65
CA ALA A 848 12.70 3.77 91.72
C ALA A 848 13.97 4.27 92.36
N GLN A 849 13.93 4.70 93.62
CA GLN A 849 15.09 5.26 94.29
C GLN A 849 15.85 4.15 95.04
N LYS A 850 16.78 4.57 95.89
CA LYS A 850 17.65 3.69 96.66
C LYS A 850 16.86 3.11 97.83
N VAL A 851 17.46 2.18 98.57
CA VAL A 851 16.85 1.65 99.80
C VAL A 851 16.68 2.75 100.86
N SER A 852 17.47 3.81 100.79
CA SER A 852 17.32 4.97 101.67
C SER A 852 16.11 5.86 101.31
N VAL A 853 15.23 5.41 100.41
CA VAL A 853 13.90 6.00 100.25
C VAL A 853 12.98 5.58 101.39
N ARG A 854 13.43 4.66 102.25
CA ARG A 854 12.76 4.32 103.50
C ARG A 854 12.60 5.55 104.39
N ARG A 855 13.57 6.46 104.37
CA ARG A 855 13.40 7.76 105.00
C ARG A 855 12.30 8.56 104.31
N GLN A 856 12.32 8.58 102.97
CA GLN A 856 11.28 9.25 102.19
C GLN A 856 9.94 8.53 102.29
N LEU A 857 9.94 7.22 102.57
CA LEU A 857 8.70 6.51 102.89
C LEU A 857 8.03 7.06 104.14
N ARG A 858 8.80 7.51 105.13
CA ARG A 858 8.23 7.91 106.40
C ARG A 858 7.70 9.34 106.42
N ARG A 859 7.54 9.97 105.25
CA ARG A 859 6.84 11.24 105.17
C ARG A 859 5.68 11.22 104.19
N SER A 860 5.36 10.07 103.60
CA SER A 860 4.22 9.91 102.72
C SER A 860 3.00 9.34 103.44
N PHE A 861 2.90 9.55 104.75
CA PHE A 861 1.87 8.90 105.54
C PHE A 861 0.59 9.72 105.58
N ALA A 862 0.72 11.04 105.73
CA ALA A 862 -0.44 11.91 105.54
C ALA A 862 -0.85 11.97 104.07
N ILE A 863 0.09 11.69 103.16
CA ILE A 863 -0.27 11.44 101.77
C ILE A 863 -1.14 10.19 101.67
N TYR A 864 -0.78 9.14 102.42
CA TYR A 864 -1.60 7.95 102.51
C TYR A 864 -2.81 8.21 103.40
N ALA B 16 15.53 29.46 -8.26
CA ALA B 16 15.58 30.91 -8.10
C ALA B 16 14.88 31.34 -6.82
N PRO B 17 15.48 32.27 -6.09
CA PRO B 17 14.87 32.75 -4.85
C PRO B 17 13.71 33.69 -5.14
N ASP B 18 12.82 33.80 -4.15
CA ASP B 18 11.71 34.73 -4.27
C ASP B 18 12.13 36.13 -3.82
N ALA B 19 11.15 37.04 -3.80
CA ALA B 19 11.39 38.40 -3.34
C ALA B 19 11.66 38.48 -1.85
N VAL B 20 11.12 37.54 -1.07
CA VAL B 20 11.30 37.57 0.39
C VAL B 20 12.75 37.30 0.75
N PHE B 21 13.36 36.32 0.09
CA PHE B 21 14.69 35.86 0.46
C PHE B 21 15.75 36.92 0.20
N GLY B 22 15.64 37.64 -0.92
CA GLY B 22 16.61 38.67 -1.22
C GLY B 22 16.43 39.92 -0.38
N ASP B 23 15.23 40.15 0.14
CA ASP B 23 15.00 41.34 0.95
C ASP B 23 15.61 41.20 2.33
N ARG B 24 15.58 40.00 2.91
CA ARG B 24 16.31 39.76 4.14
C ARG B 24 17.81 39.87 3.90
N VAL B 25 18.27 39.51 2.70
CA VAL B 25 19.67 39.68 2.34
C VAL B 25 20.03 41.16 2.26
N ARG B 26 19.31 41.92 1.44
CA ARG B 26 19.71 43.29 1.13
C ARG B 26 19.54 44.20 2.34
N ARG B 27 18.55 43.91 3.19
CA ARG B 27 18.43 44.65 4.45
C ARG B 27 19.60 44.36 5.38
N PHE B 28 20.00 43.08 5.49
CA PHE B 28 21.14 42.78 6.33
C PHE B 28 22.45 43.18 5.66
N GLN B 29 22.49 43.12 4.32
CA GLN B 29 23.64 43.65 3.59
C GLN B 29 23.78 45.14 3.81
N GLU B 30 22.65 45.84 3.95
CA GLU B 30 22.67 47.23 4.36
C GLU B 30 23.25 47.38 5.76
N PHE B 31 22.92 46.46 6.67
CA PHE B 31 23.55 46.49 7.98
C PHE B 31 25.00 46.05 7.92
N LEU B 32 25.30 45.09 7.06
CA LEU B 32 26.66 44.60 6.96
C LEU B 32 27.57 45.63 6.29
N ASP B 33 26.98 46.51 5.49
CA ASP B 33 27.70 47.67 4.98
C ASP B 33 27.66 48.83 5.97
N THR B 34 26.80 48.77 6.99
CA THR B 34 26.66 49.90 7.90
C THR B 34 27.86 50.00 8.83
N PHE B 35 28.28 48.87 9.39
CA PHE B 35 29.34 48.86 10.40
C PHE B 35 30.56 48.11 9.86
N THR B 36 31.69 48.79 9.82
CA THR B 36 32.90 48.28 9.19
C THR B 36 33.77 47.51 10.16
N SER B 37 33.33 47.37 11.42
CA SER B 37 34.11 46.63 12.41
C SER B 37 34.18 45.15 12.08
N TYR B 38 33.10 44.60 11.54
CA TYR B 38 33.11 43.18 11.19
C TYR B 38 33.84 42.95 9.87
N ARG B 39 34.04 44.00 9.08
CA ARG B 39 34.77 43.88 7.83
C ARG B 39 36.23 43.53 8.07
N ASP B 40 36.86 44.22 9.03
CA ASP B 40 38.25 43.95 9.34
C ASP B 40 38.42 42.63 10.08
N SER B 41 37.34 42.13 10.68
CA SER B 41 37.38 40.85 11.37
C SER B 41 37.59 39.71 10.39
N VAL B 42 36.74 39.63 9.35
CA VAL B 42 36.83 38.55 8.39
C VAL B 42 38.09 38.71 7.52
N ARG B 43 38.52 39.96 7.35
CA ARG B 43 39.79 40.25 6.69
C ARG B 43 40.95 39.61 7.42
N SER B 44 40.99 39.75 8.74
CA SER B 44 42.06 39.14 9.52
C SER B 44 41.94 37.62 9.54
N ILE B 45 40.70 37.10 9.42
CA ILE B 45 40.50 35.66 9.30
C ILE B 45 41.14 35.13 8.04
N GLN B 46 40.94 35.84 6.92
CA GLN B 46 41.41 35.33 5.65
C GLN B 46 42.92 35.50 5.50
N VAL B 47 43.46 36.62 5.98
CA VAL B 47 44.88 36.90 5.82
C VAL B 47 45.72 35.96 6.67
N TYR B 48 45.27 35.66 7.89
CA TYR B 48 46.02 34.77 8.76
C TYR B 48 46.03 33.34 8.23
N ASN B 49 44.87 32.84 7.84
CA ASN B 49 44.79 31.48 7.30
C ASN B 49 45.49 31.36 5.96
N SER B 50 45.56 32.46 5.21
CA SER B 50 46.42 32.48 4.03
C SER B 50 47.88 32.41 4.45
N ASN B 51 48.26 33.17 5.47
CA ASN B 51 49.63 33.12 5.97
C ASN B 51 49.88 31.84 6.75
N ASN B 52 48.83 31.21 7.27
CA ASN B 52 49.00 29.92 7.92
C ASN B 52 49.35 28.85 6.91
N ALA B 53 48.73 28.90 5.73
CA ALA B 53 49.08 27.95 4.68
C ALA B 53 50.35 28.38 3.95
N ALA B 54 50.74 29.65 4.07
CA ALA B 54 51.93 30.13 3.37
C ALA B 54 53.20 29.61 4.02
N ASN B 55 53.24 29.58 5.35
CA ASN B 55 54.44 29.12 6.04
C ASN B 55 54.52 27.59 6.03
N TYR B 56 53.37 26.93 5.96
CA TYR B 56 53.36 25.47 5.89
C TYR B 56 53.75 24.92 4.53
N ASN B 57 53.78 25.74 3.49
CA ASN B 57 54.00 25.26 2.13
C ASN B 57 55.15 25.95 1.42
N ASP B 58 55.98 26.71 2.13
CA ASP B 58 57.15 27.33 1.54
C ASP B 58 58.46 26.87 2.16
N ASP B 59 58.51 26.75 3.49
CA ASP B 59 59.74 26.28 4.12
C ASP B 59 59.85 24.76 4.02
N GLN B 60 58.74 24.06 4.21
CA GLN B 60 58.73 22.59 4.17
C GLN B 60 58.60 22.15 2.72
N ASP B 61 59.75 22.04 2.06
CA ASP B 61 59.80 21.57 0.68
C ASP B 61 61.14 20.93 0.35
N ILE B 91 43.32 25.70 10.33
CA ILE B 91 43.14 25.50 11.76
C ILE B 91 41.92 26.26 12.26
N LEU B 92 41.90 27.56 12.00
CA LEU B 92 40.81 28.39 12.49
C LEU B 92 39.54 28.12 11.70
N PRO B 93 38.39 28.10 12.36
CA PRO B 93 37.12 27.91 11.66
C PRO B 93 36.62 29.22 11.06
N HIS B 94 35.40 29.17 10.54
CA HIS B 94 34.75 30.29 9.87
C HIS B 94 33.52 30.69 10.68
N ARG B 95 33.72 31.55 11.67
CA ARG B 95 32.60 32.15 12.38
C ARG B 95 33.05 33.45 13.02
N ILE B 96 32.16 34.42 13.05
CA ILE B 96 32.45 35.79 13.47
C ILE B 96 31.40 36.19 14.48
N ILE B 97 31.84 36.76 15.59
CA ILE B 97 30.95 37.14 16.68
C ILE B 97 30.17 38.39 16.28
N ILE B 98 28.84 38.29 16.31
CA ILE B 98 27.95 39.44 16.16
C ILE B 98 27.17 39.62 17.44
N SER B 99 27.23 40.81 18.01
CA SER B 99 26.50 41.14 19.22
C SER B 99 25.00 41.27 18.93
N LEU B 100 24.21 41.18 20.00
CA LEU B 100 22.80 41.56 19.95
C LEU B 100 22.60 43.02 20.28
N ASP B 101 23.61 43.86 20.09
CA ASP B 101 23.45 45.27 20.35
C ASP B 101 22.78 45.97 19.19
N ASP B 102 23.43 45.98 18.03
CA ASP B 102 23.17 46.97 17.00
C ASP B 102 21.87 46.76 16.27
N LEU B 103 21.29 45.56 16.36
CA LEU B 103 20.05 45.26 15.65
C LEU B 103 18.87 46.03 16.20
N ARG B 104 18.91 46.40 17.49
CA ARG B 104 17.81 47.18 18.04
C ARG B 104 17.87 48.62 17.56
N GLU B 105 19.07 49.17 17.40
CA GLU B 105 19.23 50.53 16.91
C GLU B 105 19.28 50.61 15.39
N PHE B 106 19.07 49.50 14.70
CA PHE B 106 19.02 49.52 13.25
C PHE B 106 17.64 49.11 12.73
N ASP B 107 17.16 47.92 13.10
CA ASP B 107 15.88 47.42 12.62
C ASP B 107 15.17 46.67 13.74
N ARG B 108 14.16 47.32 14.32
CA ARG B 108 13.39 46.67 15.37
C ARG B 108 12.51 45.56 14.84
N SER B 109 12.19 45.61 13.54
CA SER B 109 11.48 44.49 12.93
C SER B 109 12.37 43.27 12.83
N PHE B 110 13.57 43.45 12.29
CA PHE B 110 14.51 42.35 12.13
C PHE B 110 15.04 41.88 13.48
N TRP B 111 15.05 42.77 14.47
CA TRP B 111 15.22 42.43 15.87
C TRP B 111 14.20 41.40 16.31
N SER B 112 12.93 41.75 16.15
CA SER B 112 11.80 40.95 16.61
C SER B 112 11.67 39.62 15.91
N GLY B 113 11.96 39.56 14.61
CA GLY B 113 11.77 38.35 13.84
C GLY B 113 12.72 37.23 14.24
N ILE B 114 13.94 37.62 14.60
CA ILE B 114 14.92 36.65 15.07
C ILE B 114 14.48 36.07 16.41
N LEU B 115 14.02 36.93 17.31
CA LEU B 115 13.71 36.54 18.68
C LEU B 115 12.45 35.70 18.81
N VAL B 116 11.71 35.50 17.72
CA VAL B 116 10.52 34.65 17.73
C VAL B 116 10.68 33.48 16.77
N GLU B 117 10.83 33.77 15.47
CA GLU B 117 10.98 32.73 14.46
C GLU B 117 12.35 32.88 13.81
N PRO B 118 13.37 32.25 14.38
CA PRO B 118 14.72 32.38 13.82
C PRO B 118 14.94 31.60 12.55
N ALA B 119 14.02 30.71 12.18
CA ALA B 119 14.16 29.81 11.04
C ALA B 119 13.88 30.49 9.70
N TYR B 120 13.84 31.82 9.67
CA TYR B 120 13.63 32.55 8.43
C TYR B 120 14.72 33.60 8.21
N PHE B 121 15.43 33.99 9.27
CA PHE B 121 16.36 35.11 9.15
C PHE B 121 17.80 34.63 9.26
N ILE B 122 18.00 33.47 9.87
CA ILE B 122 19.36 32.93 9.99
C ILE B 122 19.94 32.45 8.65
N PRO B 123 19.23 31.68 7.80
CA PRO B 123 19.84 31.30 6.51
C PRO B 123 20.18 32.45 5.58
N PRO B 124 19.32 33.48 5.36
CA PRO B 124 19.73 34.48 4.35
C PRO B 124 20.85 35.38 4.81
N ALA B 125 20.95 35.62 6.12
CA ALA B 125 22.03 36.47 6.61
C ALA B 125 23.38 35.77 6.46
N GLU B 126 23.40 34.45 6.61
CA GLU B 126 24.63 33.70 6.40
C GLU B 126 24.99 33.65 4.92
N LYS B 127 23.99 33.44 4.06
CA LYS B 127 24.19 33.50 2.62
C LYS B 127 24.71 34.86 2.20
N ALA B 128 24.18 35.93 2.80
CA ALA B 128 24.73 37.26 2.57
C ALA B 128 26.12 37.39 3.16
N LEU B 129 26.41 36.67 4.23
CA LEU B 129 27.73 36.78 4.81
C LEU B 129 28.74 36.00 3.99
N THR B 130 28.35 34.84 3.47
CA THR B 130 29.22 34.12 2.55
C THR B 130 29.41 34.89 1.26
N ASP B 131 28.46 35.73 0.89
CA ASP B 131 28.68 36.66 -0.21
C ASP B 131 29.81 37.64 0.12
N LEU B 132 29.84 38.14 1.35
CA LEU B 132 30.87 39.10 1.73
C LEU B 132 32.24 38.43 1.77
N ALA B 133 32.29 37.17 2.19
CA ALA B 133 33.54 36.43 2.20
C ALA B 133 34.04 36.19 0.78
N ASP B 134 33.13 35.97 -0.17
CA ASP B 134 33.56 35.71 -1.53
C ASP B 134 33.85 37.00 -2.28
N SER B 135 33.13 38.07 -1.95
CA SER B 135 33.36 39.34 -2.63
C SER B 135 34.63 40.02 -2.19
N MET B 136 34.99 39.94 -0.90
CA MET B 136 36.16 40.65 -0.43
C MET B 136 37.44 39.93 -0.87
N ASP B 137 37.37 38.61 -1.01
CA ASP B 137 38.44 37.88 -1.66
C ASP B 137 37.84 36.78 -2.52
N HIS B 151 31.56 25.85 2.35
CA HIS B 151 32.03 26.48 3.56
C HIS B 151 30.91 27.27 4.23
N PRO B 152 30.58 26.91 5.47
CA PRO B 152 29.39 27.46 6.14
C PRO B 152 29.47 28.94 6.49
N TRP B 153 30.57 29.38 7.11
CA TRP B 153 30.76 30.74 7.63
C TRP B 153 29.64 31.11 8.62
N LYS B 154 29.63 30.38 9.74
CA LYS B 154 28.59 30.52 10.75
C LYS B 154 28.78 31.80 11.56
N LEU B 155 27.97 31.93 12.62
CA LEU B 155 27.97 33.13 13.45
C LEU B 155 27.91 32.76 14.93
N SER B 156 27.69 33.78 15.76
CA SER B 156 27.69 33.58 17.21
C SER B 156 26.35 33.87 17.85
N PHE B 157 25.81 35.06 17.53
CA PHE B 157 24.71 35.70 18.27
C PHE B 157 25.05 35.82 19.76
N LYS B 158 26.13 36.56 20.01
CA LYS B 158 26.46 36.99 21.35
C LYS B 158 25.48 38.09 21.74
N GLY B 159 25.19 38.23 23.03
CA GLY B 159 24.37 39.34 23.47
C GLY B 159 23.51 38.94 24.65
N SER B 160 23.35 39.90 25.55
CA SER B 160 22.54 39.70 26.75
C SER B 160 21.15 40.25 26.49
N PHE B 161 20.14 39.47 26.86
CA PHE B 161 18.75 39.84 26.67
C PHE B 161 17.95 39.28 27.83
N GLY B 162 17.05 40.09 28.38
CA GLY B 162 16.23 39.62 29.48
C GLY B 162 14.98 38.91 29.01
N ALA B 163 14.90 38.63 27.70
CA ALA B 163 13.72 37.99 27.15
C ALA B 163 13.68 36.51 27.51
N HIS B 164 14.70 35.75 27.13
CA HIS B 164 14.65 34.31 27.20
C HIS B 164 15.93 33.76 27.81
N ALA B 165 16.31 34.31 28.96
CA ALA B 165 17.43 33.80 29.72
C ALA B 165 16.97 32.96 30.90
N LEU B 166 15.89 32.20 30.71
CA LEU B 166 15.22 31.49 31.79
C LEU B 166 15.95 30.21 32.14
N SER B 167 15.54 29.61 33.25
CA SER B 167 16.04 28.33 33.71
C SER B 167 15.58 27.22 32.77
N PRO B 168 16.39 26.19 32.58
CA PRO B 168 15.93 25.02 31.82
C PRO B 168 14.90 24.20 32.58
N ARG B 169 14.83 24.42 33.89
CA ARG B 169 13.86 23.75 34.74
C ARG B 169 12.43 24.15 34.39
N THR B 170 12.24 25.38 33.91
CA THR B 170 10.92 25.89 33.58
C THR B 170 10.77 26.19 32.09
N LEU B 171 11.51 25.49 31.24
CA LEU B 171 11.62 25.83 29.84
C LEU B 171 10.59 25.13 28.95
N THR B 172 10.18 23.91 29.32
CA THR B 172 9.44 23.01 28.45
C THR B 172 8.05 23.54 28.12
N ALA B 173 7.56 23.19 26.93
CA ALA B 173 6.22 23.44 26.39
C ALA B 173 5.92 24.91 26.11
N GLN B 174 6.84 25.81 26.42
CA GLN B 174 6.70 27.22 26.11
C GLN B 174 7.91 27.64 25.30
N HIS B 175 7.72 28.64 24.44
CA HIS B 175 8.78 29.27 23.64
C HIS B 175 9.48 28.28 22.73
N LEU B 176 8.73 27.28 22.28
CA LEU B 176 9.25 26.32 21.33
C LEU B 176 9.45 27.00 19.99
N ASN B 177 10.43 26.50 19.22
CA ASN B 177 10.85 27.06 17.93
C ASN B 177 11.31 28.52 18.09
N LYS B 178 11.99 28.79 19.20
CA LYS B 178 12.58 30.10 19.43
C LYS B 178 14.05 29.94 19.79
N LEU B 179 14.74 31.04 20.03
CA LEU B 179 16.15 31.04 20.41
C LEU B 179 16.24 31.34 21.89
N VAL B 180 16.83 30.43 22.66
CA VAL B 180 16.85 30.50 24.11
C VAL B 180 18.30 30.40 24.57
N SER B 181 18.68 31.22 25.56
CA SER B 181 19.98 31.14 26.20
C SER B 181 19.86 30.40 27.52
N VAL B 182 20.57 29.27 27.64
CA VAL B 182 20.49 28.39 28.79
C VAL B 182 21.89 28.23 29.38
N GLU B 183 21.99 28.28 30.71
CA GLU B 183 23.23 27.98 31.41
C GLU B 183 22.99 26.83 32.37
N GLY B 184 24.08 26.20 32.81
CA GLY B 184 23.95 25.11 33.75
C GLY B 184 25.19 24.25 33.78
N ILE B 185 24.97 23.00 34.22
CA ILE B 185 26.05 22.08 34.54
C ILE B 185 26.25 21.08 33.41
N VAL B 186 27.52 20.91 33.01
CA VAL B 186 27.90 19.93 32.01
C VAL B 186 28.11 18.60 32.72
N THR B 187 27.37 17.58 32.29
CA THR B 187 27.45 16.27 32.89
C THR B 187 27.30 15.18 31.85
N LYS B 188 27.88 14.00 32.18
CA LYS B 188 27.90 12.77 31.38
C LYS B 188 28.15 12.99 29.89
N THR B 189 29.34 13.52 29.59
CA THR B 189 29.74 13.79 28.21
C THR B 189 29.91 12.49 27.43
N SER B 190 29.28 12.42 26.26
CA SER B 190 29.31 11.23 25.43
C SER B 190 30.60 11.20 24.59
N LEU B 191 30.69 10.22 23.71
CA LEU B 191 31.88 9.96 22.93
C LEU B 191 31.85 10.74 21.62
N VAL B 192 33.04 11.03 21.10
CA VAL B 192 33.18 11.83 19.89
C VAL B 192 33.14 10.90 18.68
N ARG B 193 32.14 11.09 17.82
CA ARG B 193 32.05 10.28 16.62
C ARG B 193 32.05 11.18 15.39
N PRO B 194 32.71 10.75 14.31
CA PRO B 194 32.58 11.46 13.04
C PRO B 194 31.36 11.00 12.26
N LYS B 195 30.93 11.85 11.34
CA LYS B 195 29.70 11.61 10.58
C LYS B 195 30.01 11.53 9.09
N LEU B 196 29.36 10.57 8.43
CA LEU B 196 29.56 10.33 7.01
C LEU B 196 28.68 11.29 6.21
N ILE B 197 29.26 11.87 5.17
CA ILE B 197 28.56 12.88 4.37
C ILE B 197 28.59 12.50 2.89
N ARG B 198 29.80 12.35 2.35
CA ARG B 198 30.01 12.25 0.91
C ARG B 198 30.77 10.98 0.61
N SER B 199 30.14 10.05 -0.11
CA SER B 199 30.76 8.79 -0.46
C SER B 199 31.46 8.87 -1.81
N VAL B 200 32.57 8.16 -1.92
CA VAL B 200 33.38 8.13 -3.14
C VAL B 200 33.46 6.68 -3.60
N HIS B 201 33.21 6.45 -4.88
CA HIS B 201 33.20 5.10 -5.42
C HIS B 201 33.99 5.05 -6.73
N TYR B 202 34.83 4.03 -6.86
CA TYR B 202 35.57 3.77 -8.07
C TYR B 202 34.96 2.57 -8.79
N ALA B 203 34.70 2.74 -10.07
CA ALA B 203 34.31 1.64 -10.94
C ALA B 203 35.55 1.14 -11.66
N ALA B 204 35.70 -0.18 -11.74
CA ALA B 204 36.94 -0.76 -12.23
C ALA B 204 37.12 -0.52 -13.72
N LYS B 205 36.21 -1.05 -14.54
CA LYS B 205 36.39 -1.12 -15.98
C LYS B 205 36.28 0.23 -16.67
N THR B 206 35.31 1.05 -16.28
CA THR B 206 35.21 2.39 -16.85
C THR B 206 36.33 3.29 -16.34
N GLY B 207 36.84 3.01 -15.15
CA GLY B 207 37.98 3.75 -14.63
C GLY B 207 37.70 5.16 -14.18
N ARG B 208 36.45 5.47 -13.83
CA ARG B 208 36.11 6.80 -13.37
C ARG B 208 35.59 6.75 -11.93
N PHE B 209 35.51 7.91 -11.30
CA PHE B 209 34.94 8.02 -9.97
C PHE B 209 33.47 8.40 -10.08
N HIS B 210 32.85 8.69 -8.94
CA HIS B 210 31.48 9.15 -8.93
C HIS B 210 31.25 10.15 -7.81
N TYR B 211 29.98 10.40 -7.52
CA TYR B 211 29.59 11.42 -6.57
C TYR B 211 28.26 11.06 -5.92
N ARG B 212 28.21 11.19 -4.60
CA ARG B 212 27.04 10.83 -3.81
C ARG B 212 27.13 11.51 -2.45
N ASP B 213 26.04 12.16 -2.06
CA ASP B 213 25.94 12.84 -0.78
C ASP B 213 24.82 12.24 0.06
N TYR B 214 24.84 12.58 1.35
CA TYR B 214 23.78 12.18 2.26
C TYR B 214 23.57 13.29 3.27
N THR B 215 22.29 13.53 3.61
CA THR B 215 21.91 14.61 4.51
C THR B 215 21.03 14.06 5.62
N ASP B 216 20.93 14.83 6.70
CA ASP B 216 20.02 14.53 7.79
C ASP B 216 19.29 15.80 8.19
N ALA B 217 18.24 15.61 9.00
CA ALA B 217 17.34 16.72 9.31
C ALA B 217 17.92 17.67 10.35
N THR B 218 19.05 17.32 10.95
CA THR B 218 19.57 18.11 12.07
C THR B 218 20.15 19.44 11.60
N THR B 219 20.85 19.42 10.47
CA THR B 219 21.66 20.59 10.09
C THR B 219 20.81 21.68 9.46
N THR B 220 19.77 21.29 8.70
CA THR B 220 19.21 22.19 7.70
C THR B 220 18.32 23.26 8.33
N LEU B 221 17.77 22.99 9.52
CA LEU B 221 16.91 23.84 10.35
C LEU B 221 15.53 24.08 9.73
N THR B 222 15.24 23.58 8.53
CA THR B 222 13.94 23.70 7.90
C THR B 222 13.44 22.30 7.57
N THR B 223 12.15 22.06 7.78
CA THR B 223 11.60 20.74 7.51
C THR B 223 11.46 20.53 6.01
N ARG B 224 12.44 19.85 5.42
CA ARG B 224 12.47 19.57 4.00
C ARG B 224 12.01 18.13 3.81
N ILE B 225 11.55 17.81 2.60
CA ILE B 225 11.07 16.48 2.26
C ILE B 225 12.23 15.49 2.35
N PRO B 226 12.13 14.49 3.24
CA PRO B 226 13.24 13.53 3.38
C PRO B 226 13.30 12.56 2.21
N THR B 227 14.50 12.44 1.65
CA THR B 227 14.76 11.56 0.53
C THR B 227 15.92 10.64 0.89
N PRO B 228 15.66 9.49 1.51
CA PRO B 228 16.75 8.56 1.83
C PRO B 228 17.27 7.89 0.57
N ALA B 229 18.55 7.55 0.61
CA ALA B 229 19.20 6.91 -0.53
C ALA B 229 20.02 5.75 -0.01
N ILE B 230 19.89 4.58 -0.64
CA ILE B 230 20.63 3.41 -0.21
C ILE B 230 22.08 3.56 -0.67
N TYR B 231 23.01 3.07 0.14
CA TYR B 231 24.44 3.11 -0.15
C TYR B 231 24.73 2.30 -1.41
N PRO B 232 25.36 2.91 -2.41
CA PRO B 232 25.29 2.38 -3.77
C PRO B 232 26.17 1.16 -4.00
N THR B 233 25.67 0.28 -4.87
CA THR B 233 26.33 -0.92 -5.35
C THR B 233 25.74 -1.25 -6.71
N GLU B 234 26.61 -1.58 -7.69
CA GLU B 234 26.24 -2.03 -9.03
C GLU B 234 25.39 -1.00 -9.78
N ASP B 235 25.99 0.14 -10.13
CA ASP B 235 25.20 1.32 -10.49
C ASP B 235 24.53 1.27 -11.86
N THR B 236 25.28 1.19 -12.96
CA THR B 236 24.69 1.42 -14.27
C THR B 236 24.55 0.12 -15.04
N GLU B 237 25.67 -0.51 -15.36
CA GLU B 237 25.69 -1.66 -16.25
C GLU B 237 25.99 -2.95 -15.50
N GLY B 238 26.77 -2.87 -14.42
CA GLY B 238 27.20 -4.05 -13.72
C GLY B 238 28.66 -4.04 -13.31
N ASN B 239 29.35 -2.92 -13.47
CA ASN B 239 30.69 -2.82 -12.91
C ASN B 239 30.61 -2.71 -11.40
N LYS B 240 31.56 -3.34 -10.72
CA LYS B 240 31.59 -3.29 -9.27
C LYS B 240 31.99 -1.91 -8.78
N LEU B 241 31.17 -1.32 -7.93
CA LEU B 241 31.47 -0.05 -7.30
C LEU B 241 32.44 -0.31 -6.17
N THR B 242 33.72 -0.32 -6.49
CA THR B 242 34.74 -0.43 -5.46
C THR B 242 34.79 0.84 -4.64
N THR B 243 34.73 0.68 -3.33
CA THR B 243 34.70 1.83 -2.43
C THR B 243 36.10 2.41 -2.27
N GLU B 244 36.16 3.70 -1.98
CA GLU B 244 37.41 4.36 -1.63
C GLU B 244 37.21 5.12 -0.34
N TYR B 245 38.27 5.75 0.13
CA TYR B 245 38.22 6.57 1.32
C TYR B 245 39.11 7.78 1.11
N GLY B 246 39.38 8.50 2.20
CA GLY B 246 40.26 9.66 2.19
C GLY B 246 39.66 10.87 1.55
N TYR B 247 39.35 10.79 0.25
CA TYR B 247 38.65 11.87 -0.43
C TYR B 247 37.20 11.99 -0.02
N SER B 248 36.64 10.91 0.51
CA SER B 248 35.33 10.96 1.15
C SER B 248 35.40 11.84 2.39
N THR B 249 34.51 12.82 2.46
CA THR B 249 34.60 13.83 3.50
C THR B 249 33.81 13.41 4.75
N PHE B 250 34.24 13.95 5.89
CA PHE B 250 33.68 13.57 7.18
C PHE B 250 33.71 14.78 8.12
N ILE B 251 32.76 14.82 9.05
CA ILE B 251 32.63 15.89 10.03
C ILE B 251 32.25 15.28 11.37
N ASP B 252 32.92 15.73 12.43
CA ASP B 252 32.69 15.18 13.76
C ASP B 252 31.33 15.62 14.32
N HIS B 253 30.96 14.97 15.43
CA HIS B 253 29.61 15.02 15.95
C HIS B 253 29.64 14.64 17.42
N GLN B 254 28.77 15.26 18.21
CA GLN B 254 28.76 15.05 19.64
C GLN B 254 27.40 15.45 20.19
N ARG B 255 26.93 14.72 21.19
CA ARG B 255 25.72 15.10 21.93
C ARG B 255 26.00 15.03 23.43
N ILE B 256 25.47 16.01 24.16
CA ILE B 256 25.69 16.13 25.60
C ILE B 256 24.39 16.55 26.29
N THR B 257 24.35 16.34 27.60
CA THR B 257 23.22 16.72 28.44
C THR B 257 23.67 17.81 29.41
N VAL B 258 22.76 18.71 29.75
CA VAL B 258 23.06 19.84 30.62
C VAL B 258 22.07 19.86 31.77
N GLN B 259 22.59 19.69 32.99
CA GLN B 259 21.80 19.86 34.20
C GLN B 259 21.83 21.33 34.58
N GLU B 260 20.78 21.77 35.28
CA GLU B 260 20.65 23.16 35.68
C GLU B 260 21.60 23.48 36.83
N MET B 261 21.63 24.77 37.19
CA MET B 261 22.55 25.27 38.21
C MET B 261 22.10 24.81 39.60
N PRO B 262 23.00 24.24 40.42
CA PRO B 262 22.62 23.89 41.79
C PRO B 262 22.46 25.10 42.69
N GLU B 263 23.19 26.18 42.44
CA GLU B 263 23.02 27.41 43.20
C GLU B 263 21.71 28.11 42.90
N MET B 264 21.19 27.94 41.68
CA MET B 264 19.88 28.45 41.32
C MET B 264 18.76 27.50 41.72
N ALA B 265 19.10 26.22 41.97
CA ALA B 265 18.12 25.19 42.26
C ALA B 265 17.42 25.43 43.59
N PRO B 266 16.22 24.88 43.78
CA PRO B 266 15.61 24.91 45.11
C PRO B 266 16.29 23.94 46.07
N ALA B 267 15.75 23.84 47.29
CA ALA B 267 16.40 23.13 48.39
C ALA B 267 16.60 21.64 48.10
N GLY B 268 15.52 20.89 47.94
CA GLY B 268 15.68 19.58 47.35
C GLY B 268 14.49 19.09 46.55
N GLN B 269 14.70 18.87 45.26
CA GLN B 269 13.74 18.28 44.34
C GLN B 269 14.51 17.57 43.24
N LEU B 270 13.80 16.78 42.45
CA LEU B 270 14.45 16.05 41.38
C LEU B 270 14.82 16.99 40.24
N PRO B 271 16.10 17.04 39.87
CA PRO B 271 16.51 17.86 38.74
C PRO B 271 16.08 17.23 37.42
N ARG B 272 15.75 18.11 36.47
CA ARG B 272 15.35 17.70 35.14
C ARG B 272 16.18 18.46 34.12
N SER B 273 16.45 17.82 32.99
CA SER B 273 17.44 18.32 32.05
C SER B 273 17.00 18.09 30.62
N ILE B 274 17.75 18.69 29.69
CA ILE B 274 17.57 18.51 28.26
C ILE B 274 18.90 18.16 27.63
N ASP B 275 18.95 18.13 26.29
CA ASP B 275 20.12 17.68 25.56
C ASP B 275 20.52 18.71 24.51
N VAL B 276 21.81 18.69 24.16
CA VAL B 276 22.40 19.60 23.18
C VAL B 276 23.32 18.79 22.29
N ILE B 277 23.12 18.89 20.98
CA ILE B 277 24.01 18.28 19.99
C ILE B 277 24.89 19.38 19.41
N LEU B 278 26.19 19.11 19.31
CA LEU B 278 27.16 20.10 18.88
C LEU B 278 27.43 19.97 17.39
N ASP B 279 28.40 20.74 16.90
CA ASP B 279 28.74 20.78 15.49
C ASP B 279 30.26 20.70 15.36
N ASP B 280 30.76 20.95 14.15
CA ASP B 280 32.07 20.49 13.72
C ASP B 280 33.20 21.14 14.51
N ASP B 281 33.29 22.46 14.46
CA ASP B 281 34.29 23.19 15.21
C ASP B 281 33.95 23.32 16.69
N LEU B 282 32.82 22.75 17.12
CA LEU B 282 32.34 22.91 18.48
C LEU B 282 32.31 21.60 19.25
N VAL B 283 32.87 20.53 18.70
CA VAL B 283 32.99 19.27 19.44
C VAL B 283 34.02 19.42 20.54
N ASP B 284 33.65 19.00 21.75
CA ASP B 284 34.56 18.82 22.90
C ASP B 284 35.26 20.12 23.31
N LYS B 285 34.45 21.04 23.83
CA LYS B 285 34.97 22.20 24.51
C LYS B 285 34.80 22.12 26.03
N THR B 286 34.00 21.16 26.50
CA THR B 286 33.62 21.07 27.90
C THR B 286 33.97 19.70 28.46
N LYS B 287 34.57 19.68 29.64
CA LYS B 287 34.62 18.47 30.43
C LYS B 287 33.35 18.38 31.27
N PRO B 288 32.92 17.18 31.65
CA PRO B 288 31.72 17.07 32.51
C PRO B 288 32.00 17.57 33.92
N GLY B 289 31.27 18.60 34.33
CA GLY B 289 31.44 19.14 35.66
C GLY B 289 31.76 20.62 35.71
N ASP B 290 31.34 21.39 34.71
CA ASP B 290 31.60 22.82 34.72
C ASP B 290 30.30 23.62 34.67
N ARG B 291 30.45 24.94 34.57
CA ARG B 291 29.33 25.86 34.43
C ARG B 291 29.50 26.60 33.12
N VAL B 292 28.57 26.38 32.18
CA VAL B 292 28.70 26.83 30.80
C VAL B 292 27.39 27.46 30.38
N ASN B 293 27.46 28.63 29.76
CA ASN B 293 26.31 29.21 29.09
C ASN B 293 26.22 28.65 27.68
N VAL B 294 24.99 28.33 27.25
CA VAL B 294 24.71 27.78 25.93
C VAL B 294 23.64 28.65 25.29
N VAL B 295 23.91 29.12 24.07
CA VAL B 295 22.97 29.92 23.31
C VAL B 295 22.66 29.22 22.01
N GLY B 296 21.40 28.88 21.81
CA GLY B 296 20.97 28.21 20.60
C GLY B 296 19.48 28.28 20.42
N VAL B 297 18.97 27.41 19.56
CA VAL B 297 17.57 27.45 19.13
C VAL B 297 16.89 26.16 19.56
N PHE B 298 15.78 26.30 20.27
CA PHE B 298 15.03 25.16 20.81
C PHE B 298 14.15 24.56 19.72
N LYS B 299 14.60 23.42 19.21
CA LYS B 299 13.91 22.76 18.10
C LYS B 299 13.37 21.40 18.52
N SER B 300 12.13 21.11 18.10
CA SER B 300 11.49 19.82 18.36
C SER B 300 11.32 19.11 17.01
N LEU B 301 11.94 17.95 16.89
CA LEU B 301 11.78 17.12 15.70
C LEU B 301 11.06 15.83 16.04
N GLY B 302 10.83 15.03 15.01
CA GLY B 302 10.27 13.70 15.15
C GLY B 302 8.76 13.72 14.99
N ALA B 303 8.23 12.59 14.51
CA ALA B 303 6.79 12.39 14.39
C ALA B 303 6.25 12.03 15.76
N GLY B 304 5.47 12.93 16.35
CA GLY B 304 5.02 12.75 17.71
C GLY B 304 3.91 11.74 17.88
N GLY B 305 4.20 10.47 17.62
CA GLY B 305 3.31 9.38 17.92
C GLY B 305 2.05 9.29 17.09
N MET B 306 1.89 10.12 16.07
CA MET B 306 0.67 10.14 15.28
C MET B 306 0.78 9.26 14.04
N ASN B 307 1.82 8.43 13.94
CA ASN B 307 1.98 7.59 12.76
C ASN B 307 0.99 6.42 12.79
N GLN B 308 1.13 5.53 13.76
CA GLN B 308 0.21 4.42 13.88
C GLN B 308 -0.83 4.72 14.95
N LEU B 314 3.49 7.04 25.54
CA LEU B 314 2.58 7.26 24.43
C LEU B 314 2.78 8.65 23.83
N ILE B 315 3.86 9.32 24.23
CA ILE B 315 4.09 10.71 23.87
C ILE B 315 5.36 10.81 23.05
N GLY B 316 5.27 11.42 21.88
CA GLY B 316 6.42 11.73 21.06
C GLY B 316 6.93 13.12 21.35
N PHE B 317 7.43 13.79 20.30
CA PHE B 317 7.92 15.17 20.31
C PHE B 317 9.03 15.38 21.32
N LYS B 318 10.03 14.51 21.27
CA LYS B 318 11.23 14.76 22.06
C LYS B 318 11.99 15.94 21.45
N THR B 319 12.63 16.71 22.31
CA THR B 319 13.18 18.01 21.94
C THR B 319 14.70 18.02 22.12
N LEU B 320 15.31 19.06 21.55
CA LEU B 320 16.75 19.30 21.58
C LEU B 320 17.00 20.76 21.21
N ILE B 321 18.27 21.16 21.20
CA ILE B 321 18.65 22.54 20.88
C ILE B 321 19.85 22.51 19.95
N LEU B 322 19.73 23.14 18.79
CA LEU B 322 20.79 23.14 17.78
C LEU B 322 21.13 24.57 17.38
N GLY B 323 22.15 24.69 16.54
CA GLY B 323 22.61 26.00 16.10
C GLY B 323 23.21 26.79 17.22
N ASN B 324 24.27 26.27 17.83
CA ASN B 324 24.61 26.60 19.20
C ASN B 324 25.94 27.34 19.27
N THR B 325 26.10 28.13 20.32
CA THR B 325 27.42 28.60 20.74
C THR B 325 27.63 28.31 22.22
N VAL B 326 28.87 28.00 22.57
CA VAL B 326 29.22 27.44 23.86
C VAL B 326 30.11 28.45 24.59
N TYR B 327 29.75 28.79 25.81
CA TYR B 327 30.55 29.72 26.58
C TYR B 327 30.74 29.21 28.01
N PRO B 328 31.92 28.69 28.33
CA PRO B 328 32.22 28.35 29.71
C PRO B 328 32.40 29.59 30.56
N LEU B 329 31.81 29.57 31.74
CA LEU B 329 31.84 30.72 32.65
C LEU B 329 32.47 30.30 33.97
N HIS B 330 33.04 31.28 34.67
CA HIS B 330 33.71 31.01 35.92
C HIS B 330 32.73 30.65 37.02
N ALA B 331 33.11 29.67 37.83
CA ALA B 331 32.37 29.28 39.01
C ALA B 331 32.98 29.96 40.23
N ARG B 332 32.47 29.58 41.40
CA ARG B 332 33.14 29.94 42.63
C ARG B 332 34.37 29.08 42.87
N SER B 333 34.27 27.79 42.57
CA SER B 333 35.37 26.87 42.81
C SER B 333 35.58 25.85 41.71
N THR B 334 35.34 26.19 40.44
CA THR B 334 35.51 25.24 39.35
C THR B 334 35.89 25.97 38.08
N GLY B 335 36.96 25.53 37.44
CA GLY B 335 37.23 25.97 36.08
C GLY B 335 38.05 27.24 35.99
N VAL B 336 38.24 27.71 34.77
CA VAL B 336 39.22 28.75 34.45
C VAL B 336 38.62 30.12 34.71
N ALA B 337 39.42 31.02 35.28
CA ALA B 337 39.06 32.43 35.42
C ALA B 337 40.10 33.34 34.76
N ALA B 338 40.92 32.77 33.90
CA ALA B 338 42.05 33.50 33.30
C ALA B 338 41.68 34.20 32.01
N ARG B 339 40.38 34.41 31.75
CA ARG B 339 39.94 35.13 30.55
C ARG B 339 40.01 36.64 30.70
N GLN B 340 40.67 37.14 31.74
CA GLN B 340 40.69 38.57 31.99
C GLN B 340 41.67 39.24 31.03
N MET B 341 41.18 40.27 30.34
CA MET B 341 41.96 40.91 29.30
C MET B 341 43.04 41.81 29.90
N LEU B 342 43.97 42.21 29.04
CA LEU B 342 45.03 43.17 29.40
C LEU B 342 45.13 44.17 28.25
N THR B 343 44.84 45.43 28.52
CA THR B 343 45.03 46.43 27.48
C THR B 343 46.46 46.95 27.52
N ASP B 344 46.79 47.74 26.50
CA ASP B 344 48.06 48.47 26.53
C ASP B 344 48.02 49.56 27.59
N PHE B 345 46.84 50.12 27.84
CA PHE B 345 46.64 51.01 28.98
C PHE B 345 46.84 50.27 30.29
N ASP B 346 46.49 48.98 30.33
CA ASP B 346 46.67 48.19 31.55
C ASP B 346 48.14 47.93 31.82
N ILE B 347 48.87 47.41 30.83
CA ILE B 347 50.24 47.00 31.05
C ILE B 347 51.16 48.20 31.25
N ARG B 348 50.80 49.36 30.69
CA ARG B 348 51.57 50.57 30.93
C ARG B 348 51.51 51.00 32.39
N ASN B 349 50.39 50.71 33.04
CA ASN B 349 50.30 50.94 34.47
C ASN B 349 51.16 49.94 35.24
N ILE B 350 51.22 48.71 34.76
CA ILE B 350 52.06 47.69 35.38
C ILE B 350 53.53 48.01 35.18
N ASN B 351 53.89 48.44 33.98
CA ASN B 351 55.26 48.88 33.71
C ASN B 351 55.62 50.14 34.49
N LYS B 352 54.63 51.00 34.77
CA LYS B 352 54.91 52.13 35.65
C LYS B 352 55.03 51.67 37.09
N LEU B 353 54.27 50.65 37.48
CA LEU B 353 54.30 50.08 38.81
C LEU B 353 55.59 49.33 39.11
N SER B 354 56.08 48.52 38.18
CA SER B 354 57.21 47.63 38.45
C SER B 354 58.54 48.37 38.51
N LYS B 355 58.56 49.66 38.18
CA LYS B 355 59.78 50.46 38.22
C LYS B 355 60.07 51.02 39.61
N LYS B 356 59.49 50.43 40.65
CA LYS B 356 59.66 50.98 41.98
C LYS B 356 60.51 50.02 42.82
N LYS B 357 60.64 50.34 44.11
CA LYS B 357 61.63 49.69 44.97
C LYS B 357 61.01 49.10 46.23
N ASP B 358 59.73 49.35 46.48
CA ASP B 358 59.13 48.95 47.74
C ASP B 358 57.71 48.40 47.54
N ILE B 359 57.37 48.01 46.31
CA ILE B 359 56.02 47.55 46.01
C ILE B 359 55.71 46.21 46.65
N PHE B 360 56.73 45.45 47.07
CA PHE B 360 56.47 44.20 47.79
C PHE B 360 55.81 44.47 49.13
N ASP B 361 56.20 45.54 49.81
CA ASP B 361 55.55 45.97 51.03
C ASP B 361 54.10 46.36 50.80
N ILE B 362 53.83 47.09 49.72
CA ILE B 362 52.48 47.58 49.46
C ILE B 362 51.57 46.41 49.11
N LEU B 363 52.07 45.47 48.33
CA LEU B 363 51.32 44.25 48.06
C LEU B 363 51.18 43.37 49.29
N SER B 364 52.12 43.46 50.24
CA SER B 364 51.99 42.71 51.47
C SER B 364 50.88 43.29 52.35
N GLN B 365 50.85 44.61 52.48
CA GLN B 365 49.86 45.29 53.29
C GLN B 365 48.48 45.31 52.64
N SER B 366 48.41 45.09 51.34
CA SER B 366 47.16 45.09 50.60
C SER B 366 46.26 43.91 50.93
N LEU B 367 46.84 42.76 51.23
CA LEU B 367 46.06 41.54 51.33
C LEU B 367 45.43 41.32 52.69
N ALA B 368 45.53 42.31 53.59
CA ALA B 368 44.82 42.28 54.87
C ALA B 368 43.84 43.45 54.85
N PRO B 369 42.69 43.30 54.18
CA PRO B 369 41.78 44.44 54.06
C PRO B 369 41.01 44.70 55.33
N SER B 370 40.87 43.68 56.16
CA SER B 370 40.06 43.77 57.37
C SER B 370 40.70 43.03 58.53
N ILE B 371 41.98 42.69 58.40
CA ILE B 371 42.68 41.88 59.39
C ILE B 371 43.88 42.67 59.88
N TYR B 372 44.01 42.80 61.20
CA TYR B 372 45.16 43.49 61.74
C TYR B 372 46.35 42.54 61.86
N GLY B 373 47.53 43.05 61.50
CA GLY B 373 48.78 42.34 61.74
C GLY B 373 49.11 41.31 60.68
N HIS B 374 49.90 40.32 61.13
CA HIS B 374 50.31 39.14 60.37
C HIS B 374 51.07 39.54 59.10
N ASP B 375 52.14 40.31 59.30
CA ASP B 375 52.85 40.89 58.17
C ASP B 375 53.59 39.84 57.37
N HIS B 376 54.35 38.98 58.05
CA HIS B 376 55.21 38.06 57.33
C HIS B 376 54.42 36.87 56.80
N ILE B 377 53.22 36.64 57.35
CA ILE B 377 52.34 35.60 56.82
C ILE B 377 51.86 35.98 55.42
N LYS B 378 51.47 37.24 55.24
CA LYS B 378 50.92 37.70 53.98
C LYS B 378 51.95 37.68 52.87
N LYS B 379 53.22 37.83 53.22
CA LYS B 379 54.30 37.89 52.23
C LYS B 379 54.42 36.56 51.48
N ALA B 380 54.23 35.45 52.17
CA ALA B 380 54.32 34.14 51.53
C ALA B 380 53.11 33.88 50.63
N ILE B 381 51.98 34.49 50.94
CA ILE B 381 50.76 34.23 50.19
C ILE B 381 50.85 34.86 48.81
N LEU B 382 51.65 35.94 48.68
CA LEU B 382 52.07 36.38 47.35
C LEU B 382 52.87 35.30 46.66
N LEU B 383 53.79 34.66 47.39
CA LEU B 383 54.79 33.82 46.76
C LEU B 383 54.24 32.47 46.35
N MET B 384 53.19 31.98 47.02
CA MET B 384 52.62 30.71 46.59
C MET B 384 51.89 30.87 45.27
N LEU B 385 51.23 32.01 45.07
CA LEU B 385 50.57 32.27 43.80
C LEU B 385 51.57 32.55 42.70
N MET B 386 52.80 32.95 43.06
CA MET B 386 53.88 32.98 42.09
C MET B 386 54.26 31.57 41.67
N GLY B 387 54.30 30.64 42.62
CA GLY B 387 54.43 29.23 42.31
C GLY B 387 55.85 28.73 42.07
N GLY B 388 56.84 29.61 42.01
CA GLY B 388 58.20 29.17 41.74
C GLY B 388 58.41 28.77 40.29
N VAL B 389 59.61 28.28 39.99
CA VAL B 389 59.95 27.88 38.64
C VAL B 389 59.93 26.37 38.58
N GLU B 390 59.64 25.83 37.40
CA GLU B 390 59.65 24.39 37.16
C GLU B 390 60.68 24.09 36.08
N LYS B 391 61.64 23.24 36.41
CA LYS B 391 62.62 22.75 35.44
C LYS B 391 62.63 21.23 35.52
N ASN B 392 61.93 20.59 34.59
CA ASN B 392 61.98 19.15 34.45
C ASN B 392 63.33 18.78 33.82
N LEU B 393 63.99 17.78 34.40
CA LEU B 393 65.29 17.37 33.92
C LEU B 393 65.19 16.65 32.59
N GLU B 394 66.29 16.68 31.85
CA GLU B 394 66.45 15.85 30.67
C GLU B 394 66.52 14.39 31.11
N ASN B 395 65.59 13.60 30.57
CA ASN B 395 65.34 12.15 30.81
C ASN B 395 65.59 11.71 32.25
N GLY B 396 65.08 12.49 33.18
CA GLY B 396 65.20 12.22 34.60
C GLY B 396 63.84 12.33 35.22
N SER B 397 63.72 13.18 36.23
CA SER B 397 62.45 13.51 36.82
C SER B 397 62.29 15.02 36.93
N HIS B 398 61.05 15.45 37.17
CA HIS B 398 60.79 16.84 37.45
C HIS B 398 61.31 17.21 38.82
N LEU B 399 61.55 18.50 39.01
CA LEU B 399 61.86 19.04 40.34
C LEU B 399 60.76 20.03 40.72
N ARG B 400 60.13 19.73 41.85
CA ARG B 400 58.92 20.39 42.30
C ARG B 400 59.17 21.85 42.63
N GLY B 401 58.25 22.72 42.20
CA GLY B 401 58.46 24.14 42.30
C GLY B 401 57.53 24.90 43.22
N ASP B 402 56.36 24.35 43.51
CA ASP B 402 55.37 25.07 44.29
C ASP B 402 55.68 24.95 45.79
N ILE B 403 54.92 25.67 46.61
CA ILE B 403 55.22 25.85 48.03
C ILE B 403 53.95 25.58 48.81
N ASN B 404 54.06 24.79 49.88
CA ASN B 404 52.91 24.38 50.68
C ASN B 404 53.12 24.74 52.15
N ILE B 405 52.13 25.39 52.75
CA ILE B 405 52.25 26.04 54.05
C ILE B 405 51.10 25.58 54.93
N LEU B 406 51.40 25.22 56.18
CA LEU B 406 50.40 25.05 57.21
C LEU B 406 50.61 26.11 58.29
N MET B 407 49.51 26.65 58.80
CA MET B 407 49.52 27.58 59.92
C MET B 407 48.83 26.94 61.12
N VAL B 408 49.14 27.46 62.30
CA VAL B 408 48.49 27.01 63.52
C VAL B 408 48.39 28.20 64.47
N GLY B 409 47.35 28.20 65.29
CA GLY B 409 47.15 29.27 66.26
C GLY B 409 45.89 29.03 67.06
N ASP B 410 45.69 29.92 68.03
CA ASP B 410 44.50 29.85 68.87
C ASP B 410 43.29 30.35 68.08
N PRO B 411 42.09 29.84 68.41
CA PRO B 411 40.89 30.23 67.65
C PRO B 411 40.53 31.70 67.83
N SER B 412 39.64 32.15 66.93
CA SER B 412 39.18 33.55 66.82
C SER B 412 40.35 34.50 66.61
N THR B 413 41.35 34.04 65.87
CA THR B 413 42.51 34.87 65.57
C THR B 413 42.76 34.91 64.07
N ALA B 414 41.70 35.20 63.31
CA ALA B 414 41.72 35.36 61.85
C ALA B 414 42.17 34.11 61.11
N LYS B 415 42.00 32.93 61.73
CA LYS B 415 42.31 31.70 61.02
C LYS B 415 41.26 31.39 59.95
N SER B 416 39.98 31.52 60.27
CA SER B 416 38.93 31.35 59.30
C SER B 416 38.65 32.62 58.52
N GLN B 417 39.26 33.74 58.94
CA GLN B 417 39.17 35.01 58.21
C GLN B 417 40.23 35.09 57.12
N LEU B 418 41.00 34.01 56.94
CA LEU B 418 42.03 34.02 55.91
C LEU B 418 41.59 33.22 54.69
N LEU B 419 40.74 32.20 54.90
CA LEU B 419 40.64 31.08 53.98
C LEU B 419 39.94 31.41 52.68
N ARG B 420 38.76 32.03 52.73
CA ARG B 420 38.06 32.36 51.50
C ARG B 420 38.75 33.51 50.77
N PHE B 421 39.51 34.33 51.49
CA PHE B 421 40.35 35.33 50.85
C PHE B 421 41.41 34.66 50.00
N VAL B 422 41.93 33.53 50.47
CA VAL B 422 42.82 32.75 49.63
C VAL B 422 42.06 32.14 48.46
N LEU B 423 40.81 31.74 48.69
CA LEU B 423 40.01 31.12 47.64
C LEU B 423 39.62 32.12 46.56
N ASN B 424 38.99 33.23 46.93
CA ASN B 424 38.35 34.11 45.96
C ASN B 424 39.35 34.91 45.14
N THR B 425 40.44 35.34 45.76
CA THR B 425 41.45 36.11 45.05
C THR B 425 42.22 35.25 44.04
N ALA B 426 42.46 33.98 44.37
CA ALA B 426 43.24 33.13 43.50
C ALA B 426 42.36 32.55 42.39
N SER B 427 42.95 31.68 41.58
CA SER B 427 42.29 31.08 40.44
C SER B 427 42.42 29.57 40.50
N LEU B 428 41.30 28.88 40.21
CA LEU B 428 41.16 27.42 40.24
C LEU B 428 41.49 26.86 41.62
N ALA B 429 40.66 27.24 42.59
CA ALA B 429 40.78 26.76 43.96
C ALA B 429 39.61 25.86 44.31
N ILE B 430 39.86 24.88 45.17
CA ILE B 430 38.82 23.97 45.66
C ILE B 430 38.91 23.91 47.17
N ALA B 431 37.83 24.28 47.85
CA ALA B 431 37.73 24.21 49.29
C ALA B 431 37.43 22.78 49.71
N THR B 432 38.33 22.18 50.48
CA THR B 432 38.20 20.81 50.93
C THR B 432 38.08 20.82 52.45
N THR B 433 36.93 20.37 52.95
CA THR B 433 36.58 20.50 54.35
C THR B 433 36.35 19.14 54.99
N GLY B 434 36.85 18.99 56.22
CA GLY B 434 36.53 17.82 57.02
C GLY B 434 37.18 16.57 56.47
N ARG B 435 36.36 15.55 56.23
CA ARG B 435 36.86 14.33 55.60
C ARG B 435 37.10 14.57 54.12
N GLY B 436 37.92 13.71 53.54
CA GLY B 436 38.17 13.73 52.11
C GLY B 436 38.05 12.34 51.52
N SER B 437 37.08 11.59 52.05
CA SER B 437 37.05 10.15 51.85
C SER B 437 36.53 9.78 50.46
N SER B 438 37.26 8.85 49.83
CA SER B 438 36.81 8.07 48.67
C SER B 438 36.50 8.95 47.46
N GLY B 439 37.52 9.65 46.96
CA GLY B 439 37.36 10.33 45.70
C GLY B 439 37.83 11.76 45.67
N VAL B 440 38.35 12.27 46.78
CA VAL B 440 38.96 13.59 46.74
C VAL B 440 40.33 13.52 46.09
N GLY B 441 41.22 12.70 46.66
CA GLY B 441 42.46 12.39 45.99
C GLY B 441 42.33 11.36 44.90
N LEU B 442 41.16 10.76 44.75
CA LEU B 442 40.99 9.65 43.81
C LEU B 442 39.94 9.96 42.77
N THR B 443 39.64 8.98 41.92
CA THR B 443 38.53 9.04 40.98
C THR B 443 37.52 7.93 41.17
N ALA B 444 37.95 6.82 41.79
CA ALA B 444 37.16 5.68 42.26
C ALA B 444 36.61 4.80 41.14
N ALA B 445 36.73 5.24 39.89
CA ALA B 445 36.47 4.47 38.67
C ALA B 445 35.08 3.85 38.61
N VAL B 446 34.10 4.39 39.31
CA VAL B 446 32.78 3.78 39.34
C VAL B 446 32.01 4.22 38.10
N THR B 447 32.10 3.42 37.04
CA THR B 447 31.27 3.61 35.86
C THR B 447 30.58 2.30 35.54
N THR B 448 29.27 2.37 35.30
CA THR B 448 28.45 1.24 34.91
C THR B 448 27.77 1.63 33.59
N ASP B 449 28.62 2.05 32.65
CA ASP B 449 28.20 2.71 31.43
C ASP B 449 27.38 1.76 30.55
N ARG B 450 26.17 2.22 30.19
CA ARG B 450 25.20 1.34 29.54
C ARG B 450 25.53 1.11 28.08
N GLU B 451 26.43 1.92 27.50
CA GLU B 451 26.78 1.72 26.10
C GLU B 451 27.67 0.50 25.91
N THR B 452 28.59 0.25 26.85
CA THR B 452 29.49 -0.89 26.79
C THR B 452 30.08 -1.13 28.17
N GLY B 453 30.39 -2.40 28.45
CA GLY B 453 31.04 -2.75 29.69
C GLY B 453 32.48 -2.28 29.70
N GLU B 454 32.74 -1.21 30.46
CA GLU B 454 34.06 -0.59 30.48
C GLU B 454 34.19 0.22 31.76
N ARG B 455 35.39 0.70 32.01
CA ARG B 455 35.67 1.46 33.22
C ARG B 455 36.30 2.80 32.85
N ARG B 456 35.68 3.88 33.29
CA ARG B 456 36.22 5.22 33.11
C ARG B 456 36.35 5.90 34.46
N LEU B 457 36.72 7.17 34.42
CA LEU B 457 37.05 7.90 35.64
C LEU B 457 36.18 9.13 35.78
N GLU B 458 35.99 9.55 37.04
CA GLU B 458 35.35 10.82 37.37
C GLU B 458 36.36 11.61 38.18
N ALA B 459 36.86 12.70 37.59
CA ALA B 459 38.01 13.43 38.12
C ALA B 459 37.71 14.04 39.49
N GLY B 460 38.45 13.58 40.49
CA GLY B 460 38.29 14.07 41.84
C GLY B 460 38.89 15.44 42.01
N ALA B 461 38.70 16.03 43.20
CA ALA B 461 39.09 17.41 43.45
C ALA B 461 40.60 17.63 43.38
N MET B 462 41.38 16.74 43.98
CA MET B 462 42.83 16.79 43.86
C MET B 462 43.28 16.59 42.42
N VAL B 463 42.56 15.79 41.67
CA VAL B 463 42.81 15.69 40.23
C VAL B 463 42.39 16.99 39.55
N LEU B 464 41.25 17.54 39.97
CA LEU B 464 40.67 18.69 39.28
C LEU B 464 41.42 19.98 39.56
N ALA B 465 42.13 20.08 40.67
CA ALA B 465 42.74 21.34 41.10
C ALA B 465 44.15 21.52 40.54
N ASP B 466 44.44 20.89 39.40
CA ASP B 466 45.77 20.96 38.80
C ASP B 466 46.09 22.40 38.39
N ARG B 467 47.36 22.78 38.55
CA ARG B 467 47.86 24.16 38.41
C ARG B 467 47.11 25.14 39.32
N GLY B 468 46.69 24.68 40.50
CA GLY B 468 45.87 25.50 41.35
C GLY B 468 46.16 25.38 42.83
N VAL B 469 45.16 25.68 43.66
CA VAL B 469 45.29 25.72 45.10
C VAL B 469 44.25 24.79 45.70
N VAL B 470 44.65 24.00 46.69
CA VAL B 470 43.73 23.17 47.46
C VAL B 470 43.62 23.76 48.86
N CYS B 471 42.40 24.10 49.26
CA CYS B 471 42.12 24.67 50.57
C CYS B 471 41.69 23.55 51.50
N ILE B 472 42.54 23.22 52.45
CA ILE B 472 42.23 22.18 53.43
C ILE B 472 41.82 22.82 54.74
N ASP B 473 40.59 22.52 55.18
CA ASP B 473 40.07 23.02 56.43
C ASP B 473 40.02 21.90 57.45
N GLU B 474 40.43 22.24 58.68
CA GLU B 474 40.44 21.35 59.85
C GLU B 474 41.27 20.09 59.58
N PHE B 475 42.56 20.34 59.37
CA PHE B 475 43.48 19.31 58.91
C PHE B 475 43.70 18.20 59.92
N ASP B 476 43.59 18.49 61.22
CA ASP B 476 43.82 17.48 62.24
C ASP B 476 42.74 16.42 62.30
N LYS B 477 41.53 16.73 61.84
CA LYS B 477 40.44 15.76 61.90
C LYS B 477 40.49 14.75 60.77
N MET B 478 41.45 14.88 59.85
CA MET B 478 41.58 13.92 58.78
C MET B 478 42.12 12.59 59.30
N THR B 479 41.53 11.50 58.84
CA THR B 479 42.02 10.18 59.20
C THR B 479 43.32 9.88 58.48
N ASP B 480 43.98 8.81 58.92
CA ASP B 480 45.26 8.40 58.34
C ASP B 480 45.13 7.79 56.96
N VAL B 481 43.90 7.52 56.51
CA VAL B 481 43.70 6.82 55.25
C VAL B 481 44.09 7.70 54.07
N ASP B 482 43.54 8.90 53.99
CA ASP B 482 43.86 9.80 52.89
C ASP B 482 45.25 10.42 53.05
N ARG B 483 45.80 10.43 54.27
CA ARG B 483 47.14 10.93 54.51
C ARG B 483 48.21 10.09 53.82
N VAL B 484 47.88 8.83 53.51
CA VAL B 484 48.74 8.02 52.65
C VAL B 484 48.88 8.65 51.27
N ALA B 485 47.77 9.18 50.75
CA ALA B 485 47.80 9.79 49.42
C ALA B 485 48.50 11.14 49.44
N ILE B 486 48.55 11.80 50.59
CA ILE B 486 49.12 13.14 50.64
C ILE B 486 50.64 13.11 50.46
N HIS B 487 51.29 12.06 50.98
CA HIS B 487 52.69 11.81 50.67
C HIS B 487 52.90 11.59 49.19
N GLU B 488 51.96 10.88 48.56
CA GLU B 488 52.03 10.67 47.11
C GLU B 488 51.78 11.96 46.34
N VAL B 489 50.81 12.76 46.79
CA VAL B 489 50.47 13.98 46.04
C VAL B 489 51.55 15.03 46.19
N MET B 490 51.92 15.36 47.43
CA MET B 490 52.79 16.49 47.68
C MET B 490 54.23 16.28 47.25
N GLU B 491 54.64 15.06 47.01
CA GLU B 491 56.06 14.87 46.76
C GLU B 491 56.36 14.40 45.35
N GLN B 492 55.56 13.49 44.80
CA GLN B 492 55.84 12.96 43.47
C GLN B 492 54.99 13.64 42.41
N GLN B 493 54.03 14.46 42.83
CA GLN B 493 53.15 15.27 41.99
C GLN B 493 52.30 14.44 41.05
N THR B 494 52.11 13.16 41.36
CA THR B 494 51.36 12.22 40.54
C THR B 494 50.41 11.44 41.42
N VAL B 495 49.39 10.87 40.79
CA VAL B 495 48.46 9.95 41.45
C VAL B 495 48.34 8.73 40.56
N THR B 496 48.63 7.55 41.12
CA THR B 496 48.45 6.29 40.41
C THR B 496 47.36 5.52 41.10
N ILE B 497 46.32 5.16 40.36
CA ILE B 497 45.20 4.41 40.89
C ILE B 497 45.19 3.05 40.21
N ALA B 498 45.31 1.99 41.00
CA ALA B 498 45.43 0.64 40.48
C ALA B 498 44.35 -0.23 41.13
N LYS B 499 43.17 -0.24 40.52
CA LYS B 499 42.12 -1.15 40.93
C LYS B 499 42.05 -2.25 39.87
N ALA B 500 41.16 -3.24 40.06
CA ALA B 500 41.16 -4.45 39.26
C ALA B 500 40.72 -4.21 37.81
N GLY B 501 40.04 -3.10 37.53
CA GLY B 501 39.67 -2.81 36.17
C GLY B 501 40.87 -2.36 35.34
N ILE B 502 41.38 -1.17 35.65
CA ILE B 502 42.53 -0.61 34.94
C ILE B 502 43.43 0.08 35.96
N HIS B 503 44.72 -0.29 35.97
CA HIS B 503 45.69 0.48 36.73
C HIS B 503 46.04 1.74 35.95
N THR B 504 46.07 2.88 36.63
CA THR B 504 46.21 4.17 35.98
C THR B 504 47.35 4.95 36.61
N THR B 505 47.60 6.12 36.02
CA THR B 505 48.65 7.05 36.45
C THR B 505 48.29 8.42 35.86
N LEU B 506 48.26 9.44 36.71
CA LEU B 506 47.89 10.77 36.25
C LEU B 506 48.76 11.81 36.95
N ASN B 507 48.52 13.08 36.62
CA ASN B 507 49.37 14.19 37.06
C ASN B 507 48.53 15.22 37.80
N ALA B 508 49.05 15.66 38.95
CA ALA B 508 48.42 16.73 39.72
C ALA B 508 49.49 17.39 40.56
N ARG B 509 49.73 18.68 40.31
CA ARG B 509 50.82 19.45 40.93
C ARG B 509 50.22 20.65 41.67
N CYS B 510 49.22 20.36 42.49
CA CYS B 510 48.46 21.36 43.23
C CYS B 510 49.33 22.00 44.32
N SER B 511 48.96 23.22 44.71
CA SER B 511 49.53 23.87 45.88
C SER B 511 48.56 23.72 47.04
N VAL B 512 49.11 23.53 48.24
CA VAL B 512 48.36 23.04 49.38
C VAL B 512 48.50 24.00 50.55
N ILE B 513 47.38 24.45 51.10
CA ILE B 513 47.35 25.11 52.41
C ILE B 513 46.38 24.37 53.30
N ALA B 514 46.84 23.96 54.48
CA ALA B 514 46.01 23.28 55.45
C ALA B 514 46.03 24.06 56.76
N ALA B 515 45.13 23.70 57.66
CA ALA B 515 44.99 24.41 58.93
C ALA B 515 44.58 23.39 59.98
N ALA B 516 45.44 23.19 60.97
CA ALA B 516 45.15 22.30 62.09
C ALA B 516 45.13 23.09 63.39
N ASN B 517 44.47 22.52 64.38
CA ASN B 517 44.41 23.10 65.70
C ASN B 517 45.50 22.52 66.59
N PRO B 518 45.76 23.14 67.74
CA PRO B 518 46.47 22.42 68.82
C PRO B 518 45.63 21.28 69.35
N VAL B 519 46.29 20.38 70.07
CA VAL B 519 45.64 19.17 70.56
C VAL B 519 44.66 19.50 71.67
N PHE B 520 45.10 20.29 72.65
CA PHE B 520 44.31 20.54 73.84
C PHE B 520 44.55 21.97 74.31
N GLY B 521 43.45 22.69 74.54
CA GLY B 521 43.50 24.07 74.99
C GLY B 521 44.13 25.02 73.98
N GLN B 522 44.52 26.18 74.50
CA GLN B 522 45.28 27.16 73.74
C GLN B 522 46.79 27.04 73.97
N TYR B 523 47.23 25.90 74.48
CA TYR B 523 48.60 25.75 74.99
C TYR B 523 49.57 25.70 73.80
N ASP B 524 49.90 26.90 73.33
CA ASP B 524 50.71 27.10 72.16
C ASP B 524 52.17 27.39 72.51
N VAL B 525 52.43 27.84 73.73
CA VAL B 525 53.77 28.22 74.16
C VAL B 525 54.13 27.63 75.52
N ASN B 526 53.16 27.07 76.25
CA ASN B 526 53.37 26.77 77.66
C ASN B 526 54.20 25.51 77.86
N ARG B 527 53.73 24.38 77.32
CA ARG B 527 54.34 23.09 77.66
C ARG B 527 55.67 22.89 76.95
N ASP B 528 55.65 22.79 75.63
CA ASP B 528 56.82 22.59 74.80
C ASP B 528 56.46 22.86 73.36
N PRO B 529 57.39 23.36 72.56
CA PRO B 529 57.11 23.55 71.12
C PRO B 529 56.94 22.24 70.36
N HIS B 530 57.50 21.15 70.85
CA HIS B 530 57.34 19.86 70.19
C HIS B 530 56.04 19.20 70.65
N GLN B 531 55.33 18.57 69.70
CA GLN B 531 54.11 17.79 69.94
C GLN B 531 52.99 18.64 70.54
N ASN B 532 52.80 19.83 69.98
CA ASN B 532 51.55 20.54 70.14
C ASN B 532 50.51 20.09 69.12
N ILE B 533 50.91 19.22 68.20
CA ILE B 533 50.09 18.80 67.07
C ILE B 533 49.94 17.29 67.13
N ALA B 534 51.06 16.61 67.40
CA ALA B 534 51.20 15.14 67.36
C ALA B 534 50.78 14.59 65.99
N LEU B 535 51.53 15.03 65.00
CA LEU B 535 51.35 14.66 63.61
C LEU B 535 52.44 13.66 63.24
N PRO B 536 52.24 12.88 62.16
CA PRO B 536 53.31 12.00 61.68
C PRO B 536 54.54 12.77 61.22
N ASP B 537 55.68 12.08 61.21
CA ASP B 537 56.97 12.74 61.16
C ASP B 537 57.28 13.30 59.76
N SER B 538 56.89 12.58 58.72
CA SER B 538 57.17 13.03 57.35
C SER B 538 56.34 14.25 56.98
N LEU B 539 55.19 14.42 57.64
CA LEU B 539 54.33 15.57 57.37
C LEU B 539 54.97 16.87 57.86
N LEU B 540 55.87 16.79 58.85
CA LEU B 540 56.74 17.93 59.13
C LEU B 540 57.60 18.28 57.93
N SER B 541 58.17 17.27 57.28
CA SER B 541 59.00 17.47 56.12
C SER B 541 58.21 17.84 54.88
N ARG B 542 56.92 17.50 54.82
CA ARG B 542 56.11 17.85 53.67
C ARG B 542 55.86 19.35 53.62
N PHE B 543 55.58 19.96 54.77
CA PHE B 543 55.17 21.35 54.79
C PHE B 543 56.39 22.27 54.89
N ASP B 544 56.29 23.42 54.25
CA ASP B 544 57.48 24.27 54.08
C ASP B 544 57.64 25.23 55.24
N LEU B 545 56.65 26.05 55.52
CA LEU B 545 56.69 26.95 56.66
C LEU B 545 55.53 26.65 57.59
N LEU B 546 55.80 26.70 58.89
CA LEU B 546 54.82 26.37 59.92
C LEU B 546 54.63 27.59 60.81
N PHE B 547 53.55 28.32 60.58
CA PHE B 547 53.32 29.58 61.25
C PHE B 547 52.56 29.36 62.56
N VAL B 548 53.04 29.99 63.62
CA VAL B 548 52.45 29.89 64.95
C VAL B 548 51.92 31.26 65.32
N VAL B 549 50.62 31.35 65.55
CA VAL B 549 49.96 32.60 65.90
C VAL B 549 49.66 32.57 67.39
N THR B 550 50.11 33.60 68.10
CA THR B 550 50.02 33.67 69.55
C THR B 550 48.72 34.36 69.96
N ASP B 551 48.55 34.50 71.28
CA ASP B 551 47.38 35.11 71.91
C ASP B 551 47.83 36.23 72.82
N ASP B 552 48.65 37.13 72.26
CA ASP B 552 49.29 38.17 73.03
C ASP B 552 48.27 39.19 73.52
N ILE B 553 48.21 39.36 74.83
CA ILE B 553 47.27 40.27 75.48
C ILE B 553 48.00 41.55 75.86
N ASN B 554 47.52 42.67 75.34
CA ASN B 554 48.13 43.97 75.58
C ASN B 554 47.04 45.01 75.63
N GLU B 555 47.44 46.28 75.60
CA GLU B 555 46.54 47.42 75.52
C GLU B 555 46.81 48.26 74.29
N ILE B 556 48.08 48.46 73.95
CA ILE B 556 48.44 49.12 72.69
C ILE B 556 48.03 48.23 71.52
N ARG B 557 48.27 46.93 71.64
CA ARG B 557 47.78 45.98 70.64
C ARG B 557 46.26 45.93 70.62
N ASP B 558 45.63 45.99 71.79
CA ASP B 558 44.17 46.04 71.87
C ASP B 558 43.63 47.33 71.27
N ARG B 559 44.37 48.43 71.41
CA ARG B 559 44.00 49.69 70.79
C ARG B 559 43.99 49.57 69.27
N SER B 560 45.00 48.93 68.71
CA SER B 560 45.04 48.70 67.26
C SER B 560 43.94 47.75 66.81
N ILE B 561 43.48 46.86 67.70
CA ILE B 561 42.29 46.07 67.41
C ILE B 561 41.05 46.95 67.47
N SER B 562 41.05 47.95 68.36
CA SER B 562 39.83 48.67 68.71
C SER B 562 39.31 49.51 67.55
N GLU B 563 40.09 50.51 67.10
CA GLU B 563 39.61 51.37 66.02
C GLU B 563 39.56 50.68 64.68
N HIS B 564 40.20 49.52 64.54
CA HIS B 564 40.17 48.79 63.29
C HIS B 564 38.78 48.21 63.03
N VAL B 565 38.20 47.54 64.03
CA VAL B 565 36.90 46.91 63.85
C VAL B 565 35.81 47.96 63.88
N LEU B 566 36.04 49.08 64.56
CA LEU B 566 35.04 50.14 64.62
C LEU B 566 34.88 50.85 63.28
N ARG B 567 36.00 51.18 62.63
CA ARG B 567 35.90 51.77 61.31
C ARG B 567 35.54 50.74 60.25
N THR B 568 35.60 49.45 60.57
CA THR B 568 35.26 48.40 59.62
C THR B 568 33.78 48.41 59.28
N HIS B 569 32.93 48.53 60.26
CA HIS B 569 31.49 48.45 60.00
C HIS B 569 30.90 49.73 59.49
N ARG B 570 31.67 50.75 59.14
CA ARG B 570 31.10 51.98 58.63
C ARG B 570 31.81 52.39 57.33
N VAL B 651 46.18 49.16 43.18
CA VAL B 651 45.95 49.32 44.61
C VAL B 651 44.86 48.31 45.02
N THR B 652 43.99 48.02 44.06
CA THR B 652 42.74 47.33 44.36
C THR B 652 42.83 45.82 44.11
N ILE B 653 41.80 45.11 44.55
CA ILE B 653 41.69 43.67 44.25
C ILE B 653 41.55 43.36 42.76
N PRO B 654 40.65 43.97 41.98
CA PRO B 654 40.57 43.58 40.56
C PRO B 654 41.77 44.03 39.73
N PHE B 655 42.50 45.05 40.16
CA PHE B 655 43.76 45.36 39.52
C PHE B 655 44.83 44.32 39.83
N LEU B 656 44.72 43.67 40.99
CA LEU B 656 45.77 42.76 41.46
C LEU B 656 45.88 41.52 40.59
N ARG B 657 44.77 40.84 40.32
CA ARG B 657 44.84 39.57 39.61
C ARG B 657 45.22 39.75 38.14
N LYS B 658 45.03 40.95 37.58
CA LYS B 658 45.68 41.26 36.30
C LYS B 658 47.19 41.24 36.43
N TYR B 659 47.72 41.84 37.50
CA TYR B 659 49.16 41.88 37.69
C TYR B 659 49.71 40.50 38.03
N VAL B 660 48.87 39.62 38.57
CA VAL B 660 49.32 38.29 38.93
C VAL B 660 49.46 37.41 37.70
N GLN B 661 48.38 37.27 36.93
CA GLN B 661 48.40 36.27 35.85
C GLN B 661 49.25 36.70 34.67
N TYR B 662 49.60 37.99 34.59
CA TYR B 662 50.55 38.43 33.59
C TYR B 662 51.94 37.89 33.87
N ALA B 663 52.30 37.72 35.14
CA ALA B 663 53.66 37.36 35.49
C ALA B 663 53.95 35.88 35.27
N LYS B 664 52.93 35.09 34.91
CA LYS B 664 53.15 33.64 34.84
C LYS B 664 53.85 33.25 33.55
N GLU B 665 53.50 33.88 32.44
CA GLU B 665 53.90 33.35 31.14
C GLU B 665 55.18 33.98 30.59
N ARG B 666 55.59 35.10 31.19
CA ARG B 666 56.82 35.79 30.78
C ARG B 666 57.87 36.16 31.87
N VAL B 667 57.61 35.95 33.17
CA VAL B 667 58.55 36.35 34.21
C VAL B 667 59.49 35.31 34.87
N ILE B 668 59.55 34.07 34.40
CA ILE B 668 60.42 33.10 35.06
C ILE B 668 61.89 33.56 34.97
N PRO B 669 62.61 33.50 36.10
CA PRO B 669 64.01 33.93 36.12
C PRO B 669 64.98 32.76 36.14
N GLN B 670 66.26 33.09 36.11
CA GLN B 670 67.33 32.11 36.10
C GLN B 670 68.41 32.52 37.09
N LEU B 671 68.92 31.53 37.82
CA LEU B 671 69.84 31.73 38.92
C LEU B 671 71.19 32.22 38.40
N THR B 672 71.81 33.09 39.20
CA THR B 672 73.08 33.72 38.85
C THR B 672 74.12 33.32 39.90
N GLN B 673 75.36 33.77 39.66
CA GLN B 673 76.49 33.39 40.52
C GLN B 673 76.36 33.96 41.92
N GLU B 674 75.78 35.16 42.05
CA GLU B 674 75.62 35.80 43.35
C GLU B 674 74.62 35.06 44.24
N ALA B 675 73.76 34.23 43.69
CA ALA B 675 72.81 33.46 44.46
C ALA B 675 73.43 32.30 45.21
N ILE B 676 74.63 31.87 44.82
CA ILE B 676 75.25 30.73 45.48
C ILE B 676 75.87 31.17 46.81
N ASN B 677 76.66 32.24 46.78
CA ASN B 677 77.64 32.55 47.81
C ASN B 677 77.02 32.87 49.17
N VAL B 678 75.80 33.41 49.17
CA VAL B 678 75.16 33.72 50.44
C VAL B 678 74.58 32.45 51.05
N ILE B 679 73.82 31.69 50.27
CA ILE B 679 73.07 30.58 50.84
C ILE B 679 73.94 29.38 51.16
N VAL B 680 75.15 29.30 50.59
CA VAL B 680 76.07 28.26 51.00
C VAL B 680 76.58 28.53 52.41
N LYS B 681 76.97 29.77 52.68
CA LYS B 681 77.33 30.18 54.03
C LYS B 681 76.14 30.08 54.97
N ASN B 682 74.94 30.38 54.46
CA ASN B 682 73.77 30.46 55.33
C ASN B 682 73.24 29.08 55.71
N TYR B 683 73.25 28.14 54.77
CA TYR B 683 72.64 26.84 55.04
C TYR B 683 73.48 26.00 56.00
N THR B 684 74.80 26.24 56.04
CA THR B 684 75.63 25.59 57.03
C THR B 684 75.28 26.04 58.43
N ASP B 685 74.94 27.33 58.59
CA ASP B 685 74.45 27.84 59.86
C ASP B 685 73.11 27.19 60.22
N LEU B 686 72.32 26.86 59.19
CA LEU B 686 71.04 26.21 59.41
C LEU B 686 71.20 24.78 59.91
N ARG B 687 72.34 24.16 59.64
CA ARG B 687 72.55 22.79 60.09
C ARG B 687 73.31 22.76 61.41
N ASN B 688 74.18 23.74 61.63
CA ASN B 688 75.08 23.68 62.77
C ASN B 688 74.47 24.22 64.06
N ASP B 689 73.52 25.15 63.97
CA ASP B 689 73.05 25.85 65.15
C ASP B 689 71.55 25.80 65.35
N ASP B 690 70.76 25.63 64.28
CA ASP B 690 69.33 25.44 64.44
C ASP B 690 69.01 24.09 65.08
N ASN B 691 69.83 23.08 64.83
CA ASN B 691 69.71 21.79 65.49
C ASN B 691 69.98 21.87 66.99
N THR B 692 70.70 22.88 67.44
CA THR B 692 70.85 23.17 68.87
C THR B 692 69.62 23.85 69.45
N LYS B 693 68.66 24.25 68.61
CA LYS B 693 67.43 24.88 69.07
C LYS B 693 66.20 24.04 68.74
N LYS B 694 65.99 23.73 67.46
CA LYS B 694 64.83 22.96 67.02
C LYS B 694 65.22 21.89 66.02
N SER B 695 64.22 21.31 65.35
CA SER B 695 64.42 20.20 64.43
C SER B 695 63.24 20.19 63.46
N PRO B 696 63.37 19.56 62.27
CA PRO B 696 64.51 18.93 61.57
C PRO B 696 65.16 19.81 60.52
N ILE B 697 66.33 19.41 60.02
CA ILE B 697 66.98 20.08 58.91
C ILE B 697 67.33 19.02 57.87
N THR B 698 66.62 19.04 56.75
CA THR B 698 66.90 18.15 55.63
C THR B 698 67.42 18.99 54.47
N ALA B 699 67.90 18.30 53.43
CA ALA B 699 68.27 19.01 52.20
C ALA B 699 67.04 19.49 51.44
N ARG B 700 65.88 18.90 51.73
CA ARG B 700 64.61 19.38 51.20
C ARG B 700 64.33 20.82 51.62
N THR B 701 64.82 21.22 52.79
CA THR B 701 64.71 22.60 53.22
C THR B 701 65.47 23.54 52.31
N LEU B 702 66.62 23.10 51.79
CA LEU B 702 67.38 23.93 50.87
C LEU B 702 66.66 24.06 49.53
N GLU B 703 65.84 23.08 49.18
CA GLU B 703 65.04 23.17 47.96
C GLU B 703 64.00 24.27 48.07
N THR B 704 63.46 24.47 49.27
CA THR B 704 62.56 25.59 49.50
C THR B 704 63.30 26.91 49.46
N LEU B 705 64.59 26.91 49.83
CA LEU B 705 65.38 28.14 49.77
C LEU B 705 65.56 28.61 48.34
N ILE B 706 65.54 27.68 47.39
CA ILE B 706 65.56 28.04 45.98
C ILE B 706 64.24 28.69 45.58
N ARG B 707 63.13 28.15 46.08
CA ARG B 707 61.81 28.59 45.66
C ARG B 707 61.49 29.99 46.15
N LEU B 708 61.96 30.34 47.35
CA LEU B 708 61.69 31.66 47.91
C LEU B 708 62.40 32.77 47.16
N ALA B 709 63.67 32.54 46.79
CA ALA B 709 64.36 33.52 45.96
C ALA B 709 63.80 33.53 44.55
N THR B 710 63.22 32.40 44.12
CA THR B 710 62.62 32.31 42.80
C THR B 710 61.36 33.17 42.71
N ALA B 711 60.44 32.99 43.66
CA ALA B 711 59.16 33.69 43.60
C ALA B 711 59.33 35.18 43.86
N HIS B 712 60.36 35.56 44.63
CA HIS B 712 60.64 36.96 44.87
C HIS B 712 61.11 37.68 43.60
N ALA B 713 61.83 36.99 42.73
CA ALA B 713 62.23 37.60 41.48
C ALA B 713 61.04 37.74 40.52
N LYS B 714 60.02 36.89 40.70
CA LYS B 714 58.81 37.03 39.88
C LYS B 714 58.07 38.30 40.20
N VAL B 715 58.13 38.75 41.46
CA VAL B 715 57.40 39.94 41.87
C VAL B 715 58.02 41.18 41.25
N ARG B 716 59.34 41.25 41.24
CA ARG B 716 60.05 42.37 40.64
C ARG B 716 60.16 42.24 39.13
N LEU B 717 59.74 41.09 38.57
CA LEU B 717 59.75 40.80 37.13
C LEU B 717 61.14 40.91 36.52
N SER B 718 62.17 40.61 37.32
CA SER B 718 63.52 40.60 36.82
C SER B 718 63.77 39.29 36.08
N LYS B 719 64.82 39.26 35.27
CA LYS B 719 65.17 38.04 34.56
C LYS B 719 66.34 37.31 35.21
N THR B 720 67.29 38.04 35.77
CA THR B 720 68.34 37.48 36.58
C THR B 720 67.82 37.28 38.00
N VAL B 721 68.68 36.77 38.87
CA VAL B 721 68.38 36.63 40.29
C VAL B 721 69.41 37.43 41.07
N ASN B 722 68.94 38.34 41.91
CA ASN B 722 69.80 39.22 42.68
C ASN B 722 70.01 38.62 44.07
N LYS B 723 71.10 39.07 44.71
CA LYS B 723 71.41 38.71 46.09
C LYS B 723 70.35 39.18 47.07
N VAL B 724 69.66 40.28 46.74
CA VAL B 724 68.64 40.85 47.61
C VAL B 724 67.45 39.91 47.73
N ASP B 725 67.19 39.13 46.68
CA ASP B 725 66.15 38.11 46.72
C ASP B 725 66.45 37.05 47.77
N ALA B 726 67.73 36.71 47.93
CA ALA B 726 68.13 35.82 49.00
C ALA B 726 68.07 36.51 50.35
N LYS B 727 68.35 37.82 50.39
CA LYS B 727 68.27 38.57 51.63
C LYS B 727 66.84 38.62 52.14
N VAL B 728 65.88 38.68 51.23
CA VAL B 728 64.48 38.50 51.61
C VAL B 728 64.23 37.07 52.04
N ALA B 729 64.75 36.11 51.28
CA ALA B 729 64.46 34.70 51.53
C ALA B 729 65.10 34.19 52.81
N ALA B 730 66.24 34.78 53.20
CA ALA B 730 66.89 34.35 54.44
C ALA B 730 66.10 34.81 55.65
N ASN B 731 65.47 35.98 55.57
CA ASN B 731 64.72 36.50 56.71
C ASN B 731 63.43 35.73 56.91
N LEU B 732 62.91 35.11 55.86
CA LEU B 732 61.62 34.44 55.92
C LEU B 732 61.68 33.17 56.76
N LEU B 733 62.86 32.56 56.85
CA LEU B 733 62.97 31.37 57.68
C LEU B 733 63.07 31.72 59.16
N ARG B 734 63.62 32.90 59.48
CA ARG B 734 63.86 33.24 60.88
C ARG B 734 62.58 33.49 61.62
N PHE B 735 61.64 34.22 61.01
CA PHE B 735 60.38 34.48 61.67
C PHE B 735 59.48 33.26 61.63
N ALA B 736 59.63 32.40 60.63
CA ALA B 736 58.79 31.21 60.53
C ALA B 736 59.17 30.19 61.59
N LEU B 737 60.43 30.18 62.02
CA LEU B 737 60.88 29.16 62.95
C LEU B 737 61.26 29.75 64.30
N LEU B 738 62.16 30.73 64.31
CA LEU B 738 62.68 31.28 65.57
C LEU B 738 61.90 32.52 65.97
N LEU C 177 49.28 -41.96 -10.38
CA LEU C 177 49.13 -42.27 -8.96
C LEU C 177 47.75 -41.88 -8.44
N ARG C 178 47.20 -42.71 -7.57
CA ARG C 178 45.95 -42.37 -6.92
C ARG C 178 46.19 -41.45 -5.74
N ILE C 179 45.23 -40.58 -5.46
CA ILE C 179 45.41 -39.51 -4.49
C ILE C 179 44.05 -39.11 -3.95
N ILE C 180 44.01 -38.69 -2.69
CA ILE C 180 42.85 -38.06 -2.07
C ILE C 180 43.10 -36.56 -2.12
N TRP C 181 42.02 -35.77 -2.27
CA TRP C 181 42.14 -34.37 -2.65
C TRP C 181 42.85 -33.52 -1.59
N GLY C 182 42.43 -33.62 -0.34
CA GLY C 182 43.06 -32.80 0.67
C GLY C 182 44.45 -33.23 1.08
N THR C 183 44.82 -34.47 0.78
CA THR C 183 46.02 -35.05 1.36
C THR C 183 47.12 -35.22 0.33
N ASN C 184 48.28 -35.73 0.77
CA ASN C 184 49.25 -36.35 -0.13
C ASN C 184 49.59 -37.73 0.46
N VAL C 185 48.68 -38.68 0.25
CA VAL C 185 48.82 -40.07 0.64
C VAL C 185 48.08 -40.90 -0.39
N SER C 186 48.16 -42.22 -0.20
CA SER C 186 47.33 -43.15 -0.95
C SER C 186 46.98 -44.30 -0.02
N ILE C 187 46.03 -45.12 -0.45
CA ILE C 187 45.60 -46.25 0.36
C ILE C 187 46.69 -47.32 0.41
N GLN C 188 47.20 -47.72 -0.75
CA GLN C 188 48.01 -48.94 -0.81
C GLN C 188 49.43 -48.69 -0.30
N GLU C 189 49.96 -47.48 -0.53
CA GLU C 189 51.30 -47.17 -0.03
C GLU C 189 51.30 -47.02 1.47
N CYS C 190 50.18 -46.56 2.04
CA CYS C 190 50.06 -46.52 3.48
C CYS C 190 49.86 -47.91 4.06
N THR C 191 49.05 -48.75 3.38
CA THR C 191 48.64 -50.02 3.94
C THR C 191 49.79 -51.02 3.97
N THR C 192 50.47 -51.19 2.84
CA THR C 192 51.55 -52.16 2.74
C THR C 192 52.74 -51.76 3.60
N ASN C 193 52.96 -50.46 3.77
CA ASN C 193 54.02 -50.02 4.65
C ASN C 193 53.63 -50.22 6.12
N PHE C 194 52.33 -50.20 6.41
CA PHE C 194 51.86 -50.42 7.77
C PHE C 194 51.96 -51.89 8.14
N ARG C 195 51.75 -52.77 7.16
CA ARG C 195 51.93 -54.20 7.39
C ARG C 195 53.39 -54.53 7.68
N ASN C 196 54.31 -53.77 7.06
CA ASN C 196 55.74 -53.91 7.28
C ASN C 196 56.12 -53.68 8.74
N PHE C 197 55.59 -52.65 9.38
CA PHE C 197 55.90 -52.39 10.77
C PHE C 197 55.29 -53.42 11.69
N LEU C 198 54.14 -53.97 11.32
CA LEU C 198 53.42 -54.92 12.17
C LEU C 198 54.02 -56.31 12.16
N MET C 199 55.10 -56.53 11.43
CA MET C 199 55.86 -57.76 11.54
C MET C 199 57.31 -57.53 11.92
N SER C 200 57.67 -56.34 12.40
CA SER C 200 59.07 -56.02 12.63
C SER C 200 59.20 -55.09 13.82
N PHE C 201 59.72 -55.61 14.94
CA PHE C 201 60.18 -54.78 16.05
C PHE C 201 61.18 -55.59 16.85
N LYS C 202 62.35 -55.02 17.13
CA LYS C 202 63.42 -55.67 17.90
C LYS C 202 64.04 -54.70 18.88
N TYR C 203 63.19 -54.05 19.68
CA TYR C 203 63.56 -53.06 20.69
C TYR C 203 64.30 -51.88 20.08
N LYS C 204 63.85 -51.45 18.90
CA LYS C 204 64.50 -50.34 18.20
C LYS C 204 64.44 -49.04 19.00
N PHE C 205 63.39 -48.87 19.81
CA PHE C 205 63.32 -47.71 20.69
C PHE C 205 64.39 -47.76 21.75
N ARG C 206 64.85 -48.96 22.13
CA ARG C 206 65.95 -49.06 23.07
C ARG C 206 67.29 -48.74 22.42
N LYS C 207 67.37 -48.84 21.09
CA LYS C 207 68.61 -48.51 20.40
C LYS C 207 68.92 -47.02 20.46
N ILE C 208 67.91 -46.17 20.62
CA ILE C 208 68.21 -44.77 20.89
C ILE C 208 68.54 -44.60 22.38
N LEU C 209 67.90 -45.40 23.24
CA LEU C 209 68.20 -45.43 24.67
C LEU C 209 69.54 -46.07 24.98
N ASP C 210 70.10 -46.83 24.04
CA ASP C 210 71.41 -47.48 24.09
C ASP C 210 71.50 -48.57 25.16
N GLU C 211 70.36 -49.18 25.53
CA GLU C 211 70.25 -50.46 26.25
C GLU C 211 70.67 -50.38 27.72
N ARG C 212 71.26 -49.26 28.12
CA ARG C 212 71.98 -49.02 29.39
C ARG C 212 72.71 -50.24 29.97
N ASP C 221 63.98 -61.75 25.43
CA ASP C 221 62.78 -60.93 25.50
C ASP C 221 62.56 -60.12 24.23
N GLU C 222 63.43 -60.34 23.24
CA GLU C 222 63.56 -59.45 22.09
C GLU C 222 62.50 -59.65 21.02
N GLU C 223 61.50 -60.51 21.26
CA GLU C 223 60.37 -60.65 20.34
C GLU C 223 59.56 -59.36 20.31
N LEU C 224 58.95 -59.09 19.16
CA LEU C 224 58.21 -57.85 18.96
C LEU C 224 56.95 -57.85 19.82
N TYR C 225 56.48 -56.63 20.10
CA TYR C 225 55.37 -56.44 21.04
C TYR C 225 54.06 -56.97 20.46
N TYR C 226 53.74 -56.53 19.26
CA TYR C 226 52.39 -56.58 18.73
C TYR C 226 51.95 -57.97 18.31
N ILE C 227 52.86 -58.94 18.23
CA ILE C 227 52.44 -60.33 18.18
C ILE C 227 51.74 -60.71 19.47
N LYS C 228 52.42 -60.51 20.60
CA LYS C 228 51.84 -60.81 21.90
C LYS C 228 50.70 -59.85 22.21
N GLN C 229 50.82 -58.60 21.81
CA GLN C 229 49.82 -57.60 22.13
C GLN C 229 48.54 -57.80 21.35
N LEU C 230 48.61 -58.41 20.16
CA LEU C 230 47.39 -58.80 19.49
C LEU C 230 46.83 -60.09 20.08
N ASN C 231 47.67 -60.89 20.73
CA ASN C 231 47.19 -62.11 21.35
C ASN C 231 46.37 -61.82 22.60
N GLU C 232 46.78 -60.84 23.40
CA GLU C 232 45.97 -60.46 24.55
C GLU C 232 44.72 -59.71 24.11
N MET C 233 44.74 -59.13 22.90
CA MET C 233 43.50 -58.76 22.24
C MET C 233 42.72 -60.00 21.81
N ARG C 234 43.41 -61.08 21.45
CA ARG C 234 42.75 -62.22 20.81
C ARG C 234 42.07 -63.13 21.82
N GLU C 235 42.84 -63.74 22.71
CA GLU C 235 42.28 -64.76 23.60
C GLU C 235 41.39 -64.14 24.67
N LEU C 236 41.62 -62.87 25.00
CA LEU C 236 40.76 -62.23 25.99
C LEU C 236 39.48 -61.66 25.40
N GLY C 237 39.43 -61.43 24.08
CA GLY C 237 38.29 -60.78 23.48
C GLY C 237 38.20 -59.30 23.73
N THR C 238 39.27 -58.67 24.22
CA THR C 238 39.22 -57.25 24.54
C THR C 238 39.70 -56.41 23.35
N SER C 239 38.97 -55.33 23.09
CA SER C 239 39.21 -54.49 21.92
C SER C 239 40.19 -53.37 22.27
N ASN C 240 40.27 -52.36 21.40
CA ASN C 240 40.95 -51.09 21.62
C ASN C 240 42.44 -51.22 21.88
N LEU C 241 43.20 -51.63 20.87
CA LEU C 241 44.65 -51.54 20.93
C LEU C 241 45.07 -50.08 20.91
N ASN C 242 46.25 -49.82 21.46
CA ASN C 242 46.79 -48.47 21.54
C ASN C 242 48.30 -48.52 21.47
N LEU C 243 48.93 -47.39 21.16
CA LEU C 243 50.38 -47.34 20.99
C LEU C 243 50.88 -45.91 21.13
N ASP C 244 52.21 -45.80 21.26
CA ASP C 244 52.89 -44.52 21.39
C ASP C 244 53.17 -43.94 20.01
N ALA C 245 54.01 -42.91 19.97
CA ALA C 245 54.46 -42.29 18.75
C ALA C 245 55.87 -42.71 18.35
N ARG C 246 56.72 -43.03 19.32
CA ARG C 246 58.14 -43.18 19.04
C ARG C 246 58.45 -44.50 18.37
N ASN C 247 57.49 -45.43 18.35
CA ASN C 247 57.73 -46.70 17.68
C ASN C 247 57.80 -46.52 16.17
N LEU C 248 57.17 -45.47 15.63
CA LEU C 248 57.36 -45.14 14.23
C LEU C 248 58.63 -44.34 13.98
N LEU C 249 59.32 -43.91 15.03
CA LEU C 249 60.51 -43.09 14.84
C LEU C 249 61.75 -43.96 14.66
N ALA C 250 61.96 -44.91 15.58
CA ALA C 250 63.19 -45.68 15.58
C ALA C 250 63.24 -46.66 14.42
N TYR C 251 62.08 -47.17 14.00
CA TYR C 251 62.00 -47.99 12.80
C TYR C 251 62.30 -47.11 11.59
N LYS C 252 63.29 -47.51 10.81
CA LYS C 252 63.78 -46.67 9.71
C LYS C 252 62.74 -46.54 8.62
N GLN C 253 62.05 -47.62 8.31
CA GLN C 253 60.90 -47.59 7.44
C GLN C 253 59.76 -46.96 8.21
N THR C 254 58.74 -46.49 7.48
CA THR C 254 57.54 -45.76 7.95
C THR C 254 57.91 -44.44 8.63
N GLU C 255 59.08 -43.87 8.37
CA GLU C 255 59.43 -42.58 8.95
C GLU C 255 58.62 -41.51 8.25
N ASP C 256 58.39 -41.71 6.95
CA ASP C 256 57.50 -40.88 6.16
C ASP C 256 56.05 -41.01 6.63
N LEU C 257 55.70 -42.19 7.17
CA LEU C 257 54.33 -42.45 7.62
C LEU C 257 53.99 -41.67 8.87
N TYR C 258 55.00 -41.31 9.67
CA TYR C 258 54.76 -40.73 10.99
C TYR C 258 54.17 -39.33 10.89
N HIS C 259 54.73 -38.50 10.01
CA HIS C 259 54.24 -37.13 9.88
C HIS C 259 52.93 -37.06 9.13
N GLN C 260 52.54 -38.13 8.45
CA GLN C 260 51.22 -38.19 7.84
C GLN C 260 50.13 -38.19 8.89
N LEU C 261 50.34 -38.89 10.00
CA LEU C 261 49.38 -38.92 11.09
C LEU C 261 49.26 -37.56 11.76
N LEU C 262 50.37 -36.81 11.79
CA LEU C 262 50.36 -35.49 12.40
C LEU C 262 49.52 -34.50 11.62
N ASN C 263 49.41 -34.65 10.30
CA ASN C 263 48.76 -33.62 9.49
C ASN C 263 47.39 -34.03 9.00
N TYR C 264 47.06 -35.32 8.97
CA TYR C 264 45.75 -35.78 8.52
C TYR C 264 45.28 -36.93 9.40
N PRO C 265 44.87 -36.66 10.64
CA PRO C 265 44.63 -37.77 11.56
C PRO C 265 43.35 -38.53 11.30
N GLN C 266 42.36 -37.91 10.65
CA GLN C 266 41.05 -38.54 10.49
C GLN C 266 41.11 -39.71 9.53
N GLU C 267 41.97 -39.63 8.52
CA GLU C 267 41.95 -40.66 7.48
C GLU C 267 43.00 -41.73 7.72
N VAL C 268 44.12 -41.37 8.35
CA VAL C 268 45.23 -42.31 8.52
C VAL C 268 44.84 -43.43 9.47
N ILE C 269 44.10 -43.11 10.52
CA ILE C 269 43.72 -44.09 11.54
C ILE C 269 42.77 -45.13 10.95
N SER C 270 41.85 -44.68 10.09
CA SER C 270 40.83 -45.57 9.55
C SER C 270 41.41 -46.60 8.60
N ILE C 271 42.45 -46.23 7.85
CA ILE C 271 43.07 -47.16 6.91
C ILE C 271 43.84 -48.23 7.66
N MET C 272 44.44 -47.86 8.79
CA MET C 272 45.10 -48.83 9.66
C MET C 272 44.12 -49.84 10.20
N ASP C 273 42.90 -49.41 10.51
CA ASP C 273 41.93 -50.28 11.14
C ASP C 273 41.44 -51.36 10.20
N GLN C 274 41.48 -51.08 8.89
CA GLN C 274 41.10 -52.08 7.90
C GLN C 274 42.10 -53.23 7.88
N THR C 275 43.39 -52.90 7.76
CA THR C 275 44.41 -53.93 7.65
C THR C 275 44.77 -54.56 8.99
N ILE C 276 44.51 -53.88 10.10
CA ILE C 276 44.60 -54.55 11.40
C ILE C 276 43.51 -55.60 11.50
N LYS C 277 42.29 -55.27 11.06
CA LYS C 277 41.21 -56.25 10.96
C LYS C 277 41.57 -57.35 9.97
N ASP C 278 42.30 -57.00 8.92
CA ASP C 278 42.85 -58.04 8.04
C ASP C 278 43.99 -58.79 8.70
N CYS C 279 44.74 -58.12 9.58
CA CYS C 279 45.82 -58.83 10.29
C CYS C 279 45.25 -59.81 11.30
N MET C 280 44.05 -59.55 11.79
CA MET C 280 43.34 -60.54 12.60
C MET C 280 43.06 -61.79 11.79
N VAL C 281 42.69 -61.62 10.52
CA VAL C 281 42.38 -62.75 9.66
C VAL C 281 43.65 -63.47 9.25
N SER C 282 44.77 -62.74 9.17
CA SER C 282 46.06 -63.34 8.86
C SER C 282 46.54 -64.28 9.96
N LEU C 283 46.10 -64.08 11.20
CA LEU C 283 46.47 -65.00 12.26
C LEU C 283 45.51 -66.19 12.33
N ILE C 284 44.25 -65.99 11.97
CA ILE C 284 43.23 -67.03 12.19
C ILE C 284 43.32 -68.16 11.18
N VAL C 285 44.12 -68.00 10.12
CA VAL C 285 44.27 -69.04 9.12
C VAL C 285 45.34 -70.04 9.54
N ASP C 286 45.90 -69.85 10.74
CA ASP C 286 46.92 -70.74 11.26
C ASP C 286 46.31 -71.96 11.96
N ASN C 287 45.28 -71.75 12.79
CA ASN C 287 44.69 -72.84 13.55
C ASN C 287 43.31 -73.26 13.04
N ASN C 288 42.55 -72.36 12.42
CA ASN C 288 41.39 -72.63 11.58
C ASN C 288 40.18 -73.22 12.31
N LEU C 289 40.23 -73.32 13.65
CA LEU C 289 39.03 -73.54 14.49
C LEU C 289 39.12 -72.54 15.64
N ASP C 290 38.66 -71.32 15.38
CA ASP C 290 38.97 -70.19 16.25
C ASP C 290 37.77 -69.26 16.37
N TYR C 291 37.10 -69.32 17.52
CA TYR C 291 36.35 -68.20 18.10
C TYR C 291 35.14 -67.77 17.29
N ASP C 292 34.57 -68.70 16.50
CA ASP C 292 33.39 -68.45 15.65
C ASP C 292 33.67 -67.31 14.67
N LEU C 293 34.54 -67.66 13.70
CA LEU C 293 35.33 -66.76 12.85
C LEU C 293 34.60 -65.56 12.29
N ASP C 294 33.29 -65.65 12.06
CA ASP C 294 32.57 -64.54 11.46
C ASP C 294 32.33 -63.41 12.45
N GLU C 295 31.92 -63.72 13.68
CA GLU C 295 31.43 -62.69 14.58
C GLU C 295 32.58 -61.91 15.21
N ILE C 296 33.68 -62.60 15.54
CA ILE C 296 34.87 -61.90 16.03
C ILE C 296 35.49 -61.05 14.93
N GLU C 297 35.32 -61.43 13.68
CA GLU C 297 35.60 -60.54 12.57
C GLU C 297 34.64 -59.36 12.53
N THR C 298 33.37 -59.60 12.86
CA THR C 298 32.32 -58.59 12.69
C THR C 298 32.48 -57.43 13.67
N LYS C 299 33.15 -57.67 14.79
CA LYS C 299 33.26 -56.66 15.84
C LYS C 299 34.15 -55.51 15.41
N PHE C 300 33.71 -54.29 15.73
CA PHE C 300 34.45 -53.09 15.37
C PHE C 300 35.76 -52.99 16.16
N TYR C 301 36.83 -52.65 15.46
CA TYR C 301 38.14 -52.48 16.06
C TYR C 301 38.60 -51.05 15.82
N LYS C 302 39.23 -50.45 16.82
CA LYS C 302 39.83 -49.13 16.61
C LYS C 302 41.03 -48.96 17.52
N VAL C 303 41.85 -47.97 17.16
CA VAL C 303 43.14 -47.71 17.77
C VAL C 303 43.08 -46.35 18.42
N ARG C 304 43.69 -46.22 19.60
CA ARG C 304 43.79 -44.94 20.30
C ARG C 304 45.26 -44.54 20.40
N PRO C 305 45.82 -43.91 19.37
CA PRO C 305 47.22 -43.48 19.44
C PRO C 305 47.39 -42.28 20.37
N TYR C 306 48.54 -42.26 21.02
CA TYR C 306 48.81 -41.27 22.06
C TYR C 306 50.32 -41.11 22.19
N ASN C 307 50.72 -40.35 23.21
CA ASN C 307 52.11 -39.99 23.50
C ASN C 307 52.74 -39.28 22.30
N VAL C 308 51.94 -38.52 21.57
CA VAL C 308 52.35 -38.00 20.25
C VAL C 308 52.96 -36.63 20.48
N GLY C 309 54.21 -36.63 20.95
CA GLY C 309 54.96 -35.40 21.09
C GLY C 309 54.48 -34.41 22.14
N SER C 310 55.37 -33.51 22.55
CA SER C 310 54.97 -32.38 23.38
C SER C 310 55.93 -31.24 23.04
N CYS C 311 55.52 -30.39 22.11
CA CYS C 311 56.39 -29.33 21.64
C CYS C 311 56.16 -28.03 22.39
N LYS C 312 54.96 -27.45 22.28
CA LYS C 312 54.68 -26.12 22.79
C LYS C 312 53.27 -26.09 23.38
N GLY C 313 52.93 -24.97 24.00
CA GLY C 313 51.70 -24.86 24.75
C GLY C 313 50.50 -24.47 23.91
N MET C 314 49.40 -24.23 24.61
CA MET C 314 48.14 -23.90 23.95
C MET C 314 48.14 -22.49 23.39
N ARG C 315 48.75 -21.54 24.11
CA ARG C 315 48.75 -20.14 23.71
C ARG C 315 49.52 -19.91 22.41
N GLU C 316 50.53 -20.75 22.16
CA GLU C 316 51.38 -20.56 20.98
C GLU C 316 50.67 -20.88 19.67
N LEU C 317 49.60 -21.68 19.72
CA LEU C 317 49.03 -22.29 18.52
C LEU C 317 48.43 -21.31 17.53
N ASN C 318 49.04 -21.22 16.35
CA ASN C 318 48.59 -20.38 15.28
C ASN C 318 47.29 -20.91 14.68
N PRO C 319 46.53 -20.08 13.95
CA PRO C 319 45.36 -20.59 13.22
C PRO C 319 45.70 -21.51 12.06
N ASN C 320 46.97 -21.67 11.70
CA ASN C 320 47.33 -22.63 10.68
C ASN C 320 47.14 -24.06 11.20
N ASP C 321 47.45 -24.28 12.46
CA ASP C 321 47.46 -25.63 13.02
C ASP C 321 46.05 -26.01 13.47
N ILE C 322 45.23 -26.32 12.47
CA ILE C 322 43.83 -26.63 12.75
C ILE C 322 43.68 -28.06 13.25
N ASP C 323 44.07 -29.04 12.45
CA ASP C 323 43.80 -30.43 12.79
C ASP C 323 45.11 -31.17 12.98
N LYS C 324 45.63 -31.11 14.21
CA LYS C 324 46.85 -31.82 14.57
C LYS C 324 46.58 -32.53 15.88
N LEU C 325 47.53 -33.36 16.30
CA LEU C 325 47.46 -34.07 17.56
C LEU C 325 48.18 -33.27 18.62
N ILE C 326 47.51 -33.07 19.75
CA ILE C 326 47.99 -32.14 20.78
C ILE C 326 47.97 -32.84 22.13
N ASN C 327 49.11 -32.80 22.81
CA ASN C 327 49.23 -33.29 24.17
C ASN C 327 49.19 -32.13 25.16
N LEU C 328 48.20 -32.16 26.05
CA LEU C 328 48.08 -31.17 27.10
C LEU C 328 47.78 -31.85 28.42
N LYS C 329 47.97 -31.11 29.51
CA LYS C 329 47.87 -31.64 30.87
C LYS C 329 46.93 -30.73 31.66
N GLY C 330 46.87 -30.93 32.98
CA GLY C 330 46.12 -30.07 33.85
C GLY C 330 45.06 -30.78 34.66
N LEU C 331 44.12 -29.99 35.17
CA LEU C 331 43.13 -30.45 36.12
C LEU C 331 41.73 -30.34 35.55
N VAL C 332 40.76 -30.94 36.24
CA VAL C 332 39.40 -31.10 35.73
C VAL C 332 38.44 -30.39 36.67
N LEU C 333 37.59 -29.52 36.12
CA LEU C 333 36.67 -28.71 36.93
C LEU C 333 35.37 -29.45 37.28
N ARG C 334 34.57 -29.77 36.27
CA ARG C 334 33.21 -30.24 36.51
C ARG C 334 32.84 -31.31 35.49
N SER C 335 31.59 -31.77 35.57
CA SER C 335 31.08 -32.79 34.67
C SER C 335 29.64 -32.46 34.32
N THR C 336 29.40 -32.22 33.03
CA THR C 336 28.05 -32.04 32.52
C THR C 336 27.30 -33.38 32.55
N PRO C 337 25.96 -33.36 32.49
CA PRO C 337 25.23 -34.62 32.30
C PRO C 337 25.38 -35.19 30.89
N VAL C 338 24.74 -36.32 30.63
CA VAL C 338 24.88 -37.03 29.36
C VAL C 338 24.15 -36.26 28.28
N ILE C 339 24.81 -36.01 27.15
CA ILE C 339 24.16 -35.41 26.01
C ILE C 339 23.91 -36.49 24.98
N PRO C 340 22.66 -36.75 24.61
CA PRO C 340 22.36 -37.75 23.59
C PRO C 340 22.46 -37.13 22.21
N ASP C 341 22.56 -37.97 21.19
CA ASP C 341 22.65 -37.49 19.83
C ASP C 341 22.16 -38.59 18.90
N MET C 342 21.21 -38.25 18.04
CA MET C 342 20.60 -39.23 17.14
C MET C 342 21.60 -39.75 16.11
N LYS C 343 21.68 -41.07 16.00
CA LYS C 343 22.41 -41.69 14.92
C LYS C 343 21.53 -42.31 13.86
N VAL C 344 20.40 -42.90 14.24
CA VAL C 344 19.40 -43.38 13.31
C VAL C 344 18.08 -42.72 13.68
N ALA C 345 17.44 -42.09 12.70
CA ALA C 345 16.17 -41.41 12.90
C ALA C 345 15.02 -42.40 12.78
N PHE C 346 13.80 -41.86 12.74
CA PHE C 346 12.62 -42.72 12.73
C PHE C 346 11.47 -41.95 12.09
N PHE C 347 10.79 -42.59 11.15
CA PHE C 347 9.71 -41.95 10.41
C PHE C 347 8.54 -42.91 10.21
N LYS C 348 7.34 -42.34 10.16
CA LYS C 348 6.14 -43.08 9.82
C LYS C 348 5.24 -42.19 8.98
N CYS C 349 4.04 -42.68 8.71
CA CYS C 349 2.94 -41.90 8.18
C CYS C 349 1.67 -42.37 8.88
N ASN C 350 0.52 -42.02 8.32
CA ASN C 350 -0.74 -42.25 8.99
C ASN C 350 -1.57 -43.37 8.38
N VAL C 351 -1.43 -43.65 7.10
CA VAL C 351 -2.30 -44.59 6.40
C VAL C 351 -1.56 -45.90 6.21
N CYS C 352 -1.86 -46.89 7.05
CA CYS C 352 -1.33 -48.24 7.18
C CYS C 352 0.08 -48.25 7.77
N ASP C 353 0.70 -47.09 7.99
CA ASP C 353 1.79 -46.89 8.96
C ASP C 353 3.06 -47.65 8.59
N HIS C 354 3.55 -47.43 7.39
CA HIS C 354 4.89 -47.85 7.00
C HIS C 354 5.88 -47.05 7.84
N THR C 355 6.94 -47.73 8.27
CA THR C 355 7.80 -47.25 9.34
C THR C 355 9.28 -47.27 8.93
N MET C 356 9.57 -46.75 7.74
CA MET C 356 10.95 -46.67 7.29
C MET C 356 11.74 -45.65 8.11
N ALA C 357 13.06 -45.74 8.02
CA ALA C 357 13.92 -44.88 8.80
C ALA C 357 15.12 -44.47 7.95
N VAL C 358 15.93 -43.57 8.52
CA VAL C 358 17.14 -43.08 7.87
C VAL C 358 18.10 -42.68 8.99
N GLU C 359 19.38 -42.60 8.65
CA GLU C 359 20.42 -42.37 9.65
C GLU C 359 20.92 -40.94 9.56
N ILE C 360 21.75 -40.55 10.54
CA ILE C 360 22.40 -39.26 10.49
C ILE C 360 23.44 -39.27 9.36
N ASP C 361 23.52 -38.15 8.66
CA ASP C 361 24.60 -37.94 7.70
C ASP C 361 25.71 -37.17 8.39
N ARG C 362 26.63 -36.60 7.61
CA ARG C 362 27.70 -35.82 8.22
C ARG C 362 27.17 -34.51 8.77
N GLY C 363 26.06 -34.00 8.24
CA GLY C 363 25.51 -32.79 8.79
C GLY C 363 24.05 -32.77 9.20
N VAL C 364 23.20 -33.57 8.54
CA VAL C 364 21.75 -33.43 8.67
C VAL C 364 21.05 -34.78 8.62
N ILE C 365 19.73 -34.72 8.76
CA ILE C 365 18.82 -35.81 8.43
C ILE C 365 17.76 -35.25 7.50
N GLN C 366 17.64 -35.85 6.32
CA GLN C 366 16.68 -35.42 5.31
C GLN C 366 15.48 -36.35 5.32
N GLU C 367 14.39 -35.89 4.72
CA GLU C 367 13.20 -36.71 4.77
C GLU C 367 12.34 -36.51 3.53
N PRO C 368 11.70 -37.58 3.04
CA PRO C 368 10.94 -37.47 1.79
C PRO C 368 9.55 -36.87 2.02
N ALA C 369 8.79 -36.79 0.92
CA ALA C 369 7.43 -36.28 1.01
C ALA C 369 6.42 -37.39 1.25
N ARG C 370 6.45 -38.44 0.43
CA ARG C 370 5.43 -39.48 0.48
C ARG C 370 6.08 -40.85 0.63
N CYS C 371 5.47 -41.69 1.47
CA CYS C 371 6.16 -42.85 2.04
C CYS C 371 5.38 -44.17 1.96
N GLU C 372 4.10 -44.13 2.30
CA GLU C 372 3.22 -45.30 2.28
C GLU C 372 3.03 -45.64 0.83
N ARG C 373 2.97 -46.93 0.51
CA ARG C 373 2.92 -47.42 -0.86
C ARG C 373 4.18 -46.98 -1.65
N ILE C 374 5.37 -47.07 -1.03
CA ILE C 374 6.66 -46.65 -1.62
C ILE C 374 6.55 -45.12 -1.93
N ASP C 375 7.15 -44.58 -2.99
CA ASP C 375 6.91 -43.17 -3.31
C ASP C 375 5.71 -43.13 -4.26
N CYS C 376 4.50 -43.41 -3.76
CA CYS C 376 3.34 -43.45 -4.63
C CYS C 376 2.00 -43.23 -3.94
N ASN C 377 1.05 -42.84 -4.77
CA ASN C 377 -0.36 -42.57 -4.42
C ASN C 377 -0.51 -41.47 -3.37
N GLU C 378 0.54 -40.64 -3.19
CA GLU C 378 0.68 -39.48 -2.30
C GLU C 378 -0.06 -39.61 -0.96
N PRO C 379 0.27 -40.62 -0.15
CA PRO C 379 -0.72 -41.13 0.81
C PRO C 379 -1.07 -40.23 1.97
N ASN C 380 -0.08 -39.79 2.75
CA ASN C 380 -0.40 -39.22 4.05
C ASN C 380 0.70 -38.25 4.48
N SER C 381 0.54 -37.72 5.69
CA SER C 381 1.51 -36.83 6.29
C SER C 381 2.62 -37.67 6.93
N MET C 382 3.86 -37.21 6.77
CA MET C 382 4.99 -37.93 7.32
C MET C 382 5.03 -37.78 8.85
N SER C 383 5.26 -38.89 9.54
CA SER C 383 5.33 -38.87 11.00
C SER C 383 6.78 -38.97 11.43
N LEU C 384 7.04 -38.57 12.67
CA LEU C 384 8.35 -38.70 13.29
C LEU C 384 8.15 -39.00 14.76
N ILE C 385 8.71 -40.11 15.22
CA ILE C 385 8.64 -40.50 16.62
C ILE C 385 10.06 -40.56 17.16
N HIS C 386 10.37 -39.68 18.11
CA HIS C 386 11.73 -39.53 18.62
C HIS C 386 11.97 -40.30 19.91
N ASN C 387 11.29 -41.42 20.12
CA ASN C 387 11.62 -42.32 21.21
C ASN C 387 11.79 -43.75 20.72
N ARG C 388 11.46 -44.02 19.46
CA ARG C 388 11.79 -45.27 18.82
C ARG C 388 13.12 -45.23 18.09
N CYS C 389 13.75 -44.05 18.00
CA CYS C 389 14.96 -43.86 17.21
C CYS C 389 16.20 -44.10 18.05
N SER C 390 17.31 -44.33 17.35
CA SER C 390 18.58 -44.63 17.99
C SER C 390 19.29 -43.35 18.41
N PHE C 391 20.32 -43.51 19.25
CA PHE C 391 20.99 -42.36 19.81
C PHE C 391 22.49 -42.65 19.96
N ALA C 392 23.18 -41.70 20.59
CA ALA C 392 24.58 -41.84 20.98
C ALA C 392 24.74 -41.16 22.33
N ASP C 393 26.00 -41.02 22.78
CA ASP C 393 26.32 -40.42 24.07
C ASP C 393 27.48 -39.45 23.92
N LYS C 394 27.35 -38.28 24.54
CA LYS C 394 28.39 -37.26 24.50
C LYS C 394 28.39 -36.55 25.85
N GLN C 395 29.57 -36.16 26.32
CA GLN C 395 29.74 -35.46 27.58
C GLN C 395 30.70 -34.30 27.41
N VAL C 396 30.38 -33.16 28.03
CA VAL C 396 31.21 -31.98 27.99
C VAL C 396 31.95 -31.87 29.32
N ILE C 397 33.26 -31.64 29.26
CA ILE C 397 34.10 -31.49 30.44
C ILE C 397 35.01 -30.29 30.22
N LYS C 398 34.98 -29.34 31.17
CA LYS C 398 35.78 -28.13 31.12
C LYS C 398 37.05 -28.32 31.94
N LEU C 399 38.18 -27.92 31.38
CA LEU C 399 39.49 -28.26 31.90
C LEU C 399 40.31 -27.00 32.14
N GLN C 400 41.20 -27.06 33.14
CA GLN C 400 42.22 -26.05 33.30
C GLN C 400 43.57 -26.73 33.25
N GLU C 401 44.52 -26.11 32.57
CA GLU C 401 45.81 -26.69 32.23
C GLU C 401 46.92 -26.01 33.03
N THR C 402 48.07 -26.68 33.07
CA THR C 402 49.29 -26.12 33.65
C THR C 402 50.36 -26.19 32.57
N PRO C 403 50.44 -25.17 31.71
CA PRO C 403 51.40 -25.22 30.60
C PRO C 403 52.81 -24.86 31.04
N ASP C 404 53.56 -25.87 31.52
CA ASP C 404 54.97 -25.73 31.90
C ASP C 404 55.82 -25.12 30.79
N PHE C 405 56.86 -24.38 31.18
CA PHE C 405 57.49 -23.33 30.37
C PHE C 405 56.42 -22.34 29.88
N VAL C 406 55.90 -21.60 30.85
CA VAL C 406 54.91 -20.56 30.62
C VAL C 406 55.48 -19.45 29.76
N PRO C 407 54.66 -18.72 29.00
CA PRO C 407 55.14 -17.50 28.37
C PRO C 407 55.08 -16.33 29.33
N ASP C 408 55.55 -15.18 28.84
CA ASP C 408 55.63 -14.00 29.69
C ASP C 408 54.24 -13.39 29.90
N GLY C 409 53.97 -12.97 31.12
CA GLY C 409 52.72 -12.28 31.45
C GLY C 409 51.50 -13.16 31.39
N GLN C 410 51.68 -14.47 31.45
CA GLN C 410 50.60 -15.40 31.14
C GLN C 410 49.73 -15.64 32.36
N THR C 411 48.44 -15.48 32.16
CA THR C 411 47.38 -15.81 33.07
C THR C 411 46.97 -17.28 32.91
N PRO C 412 46.41 -17.91 33.93
CA PRO C 412 45.82 -19.24 33.74
C PRO C 412 44.57 -19.16 32.87
N HIS C 413 44.27 -20.29 32.24
CA HIS C 413 43.26 -20.34 31.19
C HIS C 413 42.49 -21.65 31.29
N SER C 414 41.23 -21.61 30.88
CA SER C 414 40.40 -22.81 30.91
C SER C 414 39.92 -23.15 29.51
N ILE C 415 39.92 -24.45 29.18
CA ILE C 415 39.44 -25.00 27.92
C ILE C 415 38.42 -26.09 28.26
N SER C 416 37.75 -26.63 27.25
CA SER C 416 36.78 -27.70 27.43
C SER C 416 36.97 -28.76 26.35
N LEU C 417 36.25 -29.87 26.47
CA LEU C 417 36.40 -31.01 25.58
C LEU C 417 35.13 -31.85 25.53
N CYS C 418 35.12 -32.80 24.60
CA CYS C 418 33.88 -33.43 24.11
C CYS C 418 33.99 -34.95 23.98
N VAL C 419 34.32 -35.64 25.08
CA VAL C 419 34.45 -37.10 25.13
C VAL C 419 33.20 -37.83 24.64
N TYR C 420 33.36 -39.09 24.25
CA TYR C 420 32.30 -39.82 23.58
C TYR C 420 32.04 -41.14 24.33
N ASP C 421 31.30 -42.03 23.64
CA ASP C 421 30.57 -43.18 24.19
C ASP C 421 31.34 -44.02 25.21
N GLU C 422 32.50 -44.51 24.82
CA GLU C 422 33.26 -45.39 25.70
C GLU C 422 33.96 -44.60 26.78
N LEU C 423 34.21 -43.32 26.54
CA LEU C 423 34.86 -42.47 27.53
C LEU C 423 33.88 -41.75 28.43
N VAL C 424 32.63 -42.20 28.49
CA VAL C 424 31.68 -41.62 29.42
C VAL C 424 31.98 -42.11 30.83
N ASP C 425 32.13 -41.14 31.75
CA ASP C 425 32.64 -41.34 33.12
C ASP C 425 33.99 -42.06 33.08
N SER C 426 34.86 -41.62 32.19
CA SER C 426 36.25 -42.01 32.19
C SER C 426 37.11 -40.98 32.90
N CYS C 427 36.50 -39.96 33.51
CA CYS C 427 37.23 -38.87 34.13
C CYS C 427 36.52 -38.45 35.40
N ARG C 428 37.30 -38.05 36.40
CA ARG C 428 36.76 -37.40 37.58
C ARG C 428 37.23 -35.94 37.60
N ALA C 429 36.75 -35.17 38.56
CA ALA C 429 37.03 -33.73 38.62
C ALA C 429 38.17 -33.51 39.60
N GLY C 430 39.29 -33.00 39.10
CA GLY C 430 40.40 -32.63 39.96
C GLY C 430 41.63 -33.47 39.72
N ASP C 431 41.52 -34.47 38.86
CA ASP C 431 42.65 -35.33 38.56
C ASP C 431 43.65 -34.60 37.67
N ARG C 432 44.92 -35.00 37.78
CA ARG C 432 45.98 -34.50 36.93
C ARG C 432 46.10 -35.45 35.74
N ILE C 433 45.45 -35.08 34.64
CA ILE C 433 45.33 -35.95 33.47
C ILE C 433 46.05 -35.30 32.30
N GLU C 434 46.88 -36.08 31.61
CA GLU C 434 47.43 -35.69 30.32
C GLU C 434 46.41 -36.04 29.26
N VAL C 435 46.26 -35.17 28.27
CA VAL C 435 45.16 -35.24 27.31
C VAL C 435 45.70 -35.21 25.90
N THR C 436 45.36 -36.23 25.11
CA THR C 436 45.68 -36.30 23.70
C THR C 436 44.44 -36.03 22.88
N GLY C 437 44.54 -35.08 21.96
CA GLY C 437 43.34 -34.70 21.23
C GLY C 437 43.66 -33.90 20.00
N THR C 438 42.58 -33.49 19.33
CA THR C 438 42.63 -32.76 18.07
C THR C 438 41.93 -31.42 18.23
N PHE C 439 42.55 -30.37 17.73
CA PHE C 439 42.01 -29.03 17.80
C PHE C 439 40.88 -28.85 16.78
N ARG C 440 39.84 -28.11 17.17
CA ARG C 440 38.72 -27.80 16.28
C ARG C 440 38.31 -26.35 16.47
N SER C 441 37.40 -25.89 15.60
CA SER C 441 36.85 -24.53 15.67
C SER C 441 35.52 -24.53 14.92
N ILE C 442 34.43 -24.24 15.60
CA ILE C 442 33.08 -24.35 15.05
C ILE C 442 32.27 -23.10 15.39
N PRO C 443 31.50 -22.56 14.44
CA PRO C 443 30.68 -21.36 14.73
C PRO C 443 29.57 -21.62 15.73
N ILE C 444 29.03 -20.52 16.24
CA ILE C 444 27.95 -20.55 17.23
C ILE C 444 26.80 -19.69 16.74
N ARG C 445 25.61 -20.06 17.19
CA ARG C 445 24.42 -19.28 16.90
C ARG C 445 24.39 -18.01 17.74
N ALA C 446 23.50 -17.11 17.36
CA ALA C 446 23.20 -15.92 18.15
C ALA C 446 21.78 -16.03 18.67
N ASN C 447 21.60 -15.67 19.95
CA ASN C 447 20.34 -15.38 20.68
C ASN C 447 19.21 -16.39 20.44
N SER C 448 19.54 -17.63 20.08
CA SER C 448 18.62 -18.77 19.92
C SER C 448 17.47 -18.50 18.95
N ARG C 449 17.64 -17.58 18.02
CA ARG C 449 16.50 -17.18 17.21
C ARG C 449 16.71 -17.42 15.73
N GLN C 450 17.83 -16.97 15.18
CA GLN C 450 18.00 -16.87 13.74
C GLN C 450 19.10 -17.81 13.28
N ARG C 451 19.39 -17.77 11.98
CA ARG C 451 20.43 -18.60 11.40
C ARG C 451 21.70 -17.83 11.13
N VAL C 452 21.78 -16.60 11.61
CA VAL C 452 22.98 -15.80 11.43
C VAL C 452 24.07 -16.26 12.37
N LEU C 453 25.06 -16.96 11.81
CA LEU C 453 26.16 -17.47 12.61
C LEU C 453 27.16 -16.36 12.86
N LYS C 454 27.60 -16.22 14.11
CA LYS C 454 28.65 -15.28 14.44
C LYS C 454 29.97 -15.74 13.84
N SER C 455 30.79 -14.77 13.44
CA SER C 455 32.15 -15.06 13.00
C SER C 455 33.03 -15.38 14.21
N LEU C 456 34.31 -15.64 13.95
CA LEU C 456 35.35 -15.89 14.95
C LEU C 456 34.98 -17.11 15.81
N TYR C 457 35.10 -18.28 15.18
CA TYR C 457 34.63 -19.55 15.71
C TYR C 457 35.20 -19.86 17.10
N LYS C 458 34.40 -20.52 17.93
CA LYS C 458 34.84 -20.94 19.25
C LYS C 458 35.57 -22.27 19.14
N THR C 459 36.72 -22.34 19.81
CA THR C 459 37.65 -23.44 19.66
C THR C 459 37.57 -24.36 20.87
N TYR C 460 37.81 -25.65 20.65
CA TYR C 460 37.65 -26.65 21.70
C TYR C 460 38.56 -27.83 21.43
N VAL C 461 38.42 -28.85 22.26
CA VAL C 461 39.27 -30.04 22.25
C VAL C 461 38.39 -31.24 21.92
N ASP C 462 38.93 -32.15 21.11
CA ASP C 462 38.21 -33.27 20.50
C ASP C 462 39.00 -34.56 20.75
N VAL C 463 39.15 -34.90 22.03
CA VAL C 463 40.12 -35.83 22.60
C VAL C 463 40.23 -37.19 21.93
N VAL C 464 41.38 -37.81 22.07
CA VAL C 464 41.68 -39.10 21.43
C VAL C 464 41.89 -40.19 22.47
N HIS C 465 42.93 -40.06 23.30
CA HIS C 465 43.27 -41.05 24.32
C HIS C 465 43.57 -40.30 25.60
N VAL C 466 43.27 -40.94 26.73
CA VAL C 466 43.25 -40.29 28.03
C VAL C 466 44.40 -40.87 28.85
N LYS C 467 45.07 -40.00 29.62
CA LYS C 467 46.02 -40.48 30.62
C LYS C 467 45.37 -40.42 32.01
N LYS C 468 44.13 -40.89 32.09
CA LYS C 468 43.43 -41.05 33.36
C LYS C 468 44.16 -42.00 34.30
N VAL C 469 44.89 -42.96 33.72
CA VAL C 469 45.69 -43.91 34.48
C VAL C 469 46.82 -43.16 35.18
N SER C 470 47.37 -43.77 36.23
CA SER C 470 48.37 -43.13 37.07
C SER C 470 49.70 -43.05 36.34
N ASP C 471 50.42 -41.96 36.56
CA ASP C 471 51.77 -41.85 36.04
C ASP C 471 52.70 -42.80 36.78
N LYS C 472 53.77 -43.23 36.11
CA LYS C 472 54.79 -44.01 36.78
C LYS C 472 55.62 -43.14 37.72
N ARG C 473 55.68 -41.84 37.43
CA ARG C 473 56.50 -40.94 38.23
C ARG C 473 55.87 -40.64 39.59
N LEU C 474 54.69 -40.06 39.61
CA LEU C 474 54.07 -39.63 40.85
C LEU C 474 53.32 -40.80 41.48
N ASP C 475 52.57 -40.51 42.55
CA ASP C 475 52.01 -41.56 43.39
C ASP C 475 50.76 -42.16 42.75
N VAL C 476 50.30 -43.28 43.32
CA VAL C 476 49.13 -44.00 42.82
C VAL C 476 48.01 -43.82 43.84
N ASP C 477 46.80 -43.60 43.35
CA ASP C 477 45.64 -43.40 44.21
C ASP C 477 45.26 -44.71 44.92
N THR C 478 44.48 -44.56 45.98
CA THR C 478 44.03 -45.69 46.80
C THR C 478 42.99 -46.50 46.02
N SER C 479 42.68 -47.68 46.54
CA SER C 479 41.69 -48.55 45.90
C SER C 479 40.41 -48.54 46.73
N THR C 480 40.47 -47.96 47.92
CA THR C 480 39.29 -47.84 48.75
C THR C 480 38.34 -46.77 48.24
N ILE C 481 38.79 -45.92 47.31
CA ILE C 481 37.94 -44.87 46.79
C ILE C 481 37.41 -45.25 45.40
N GLU C 482 38.28 -45.84 44.57
CA GLU C 482 37.93 -46.27 43.22
C GLU C 482 36.97 -47.47 43.22
N GLN C 483 36.80 -48.15 44.36
CA GLN C 483 36.14 -49.45 44.45
C GLN C 483 34.68 -49.44 44.02
N GLU C 484 34.05 -48.27 43.91
CA GLU C 484 32.78 -48.20 43.20
C GLU C 484 32.95 -48.51 41.73
N LEU C 485 33.93 -47.88 41.08
CA LEU C 485 34.21 -48.17 39.68
C LEU C 485 35.09 -49.38 39.48
N MET C 486 35.67 -49.94 40.55
CA MET C 486 36.19 -51.30 40.42
C MET C 486 35.06 -52.30 40.45
N GLN C 487 34.01 -52.00 41.22
CA GLN C 487 32.79 -52.79 41.13
C GLN C 487 32.10 -52.58 39.78
N ASN C 488 32.25 -51.39 39.21
CA ASN C 488 31.83 -51.14 37.84
C ASN C 488 33.01 -51.46 36.92
N LYS C 489 32.93 -51.07 35.64
CA LYS C 489 34.01 -51.04 34.66
C LYS C 489 34.50 -52.45 34.28
N VAL C 490 33.84 -53.49 34.79
CA VAL C 490 34.09 -54.88 34.40
C VAL C 490 33.08 -55.16 33.29
N ASP C 491 31.95 -54.47 33.35
CA ASP C 491 30.91 -54.59 32.33
C ASP C 491 31.36 -54.05 30.98
N HIS C 492 32.17 -53.01 30.97
CA HIS C 492 32.68 -52.44 29.73
C HIS C 492 34.20 -52.39 29.76
N ASN C 493 34.82 -52.78 28.66
CA ASN C 493 36.27 -52.78 28.56
C ASN C 493 36.78 -51.35 28.41
N GLU C 494 37.66 -50.95 29.33
CA GLU C 494 38.03 -49.55 29.49
C GLU C 494 39.53 -49.47 29.72
N VAL C 495 39.99 -48.32 30.23
CA VAL C 495 41.36 -48.13 30.66
C VAL C 495 41.58 -48.85 31.98
N GLU C 496 42.83 -48.92 32.42
CA GLU C 496 43.16 -49.74 33.58
C GLU C 496 43.18 -48.94 34.89
N GLU C 497 43.58 -47.66 34.83
CA GLU C 497 43.60 -46.66 35.91
C GLU C 497 44.62 -46.98 37.01
N VAL C 498 45.26 -48.14 36.94
CA VAL C 498 46.16 -48.61 37.99
C VAL C 498 47.53 -48.86 37.38
N ARG C 499 48.57 -48.37 38.03
CA ARG C 499 49.93 -48.65 37.62
C ARG C 499 50.23 -50.14 37.71
N GLN C 500 50.43 -50.75 36.55
CA GLN C 500 50.54 -52.20 36.46
C GLN C 500 51.91 -52.65 36.96
N ILE C 501 51.93 -53.66 37.81
CA ILE C 501 53.16 -54.18 38.38
C ILE C 501 53.64 -55.33 37.51
N THR C 502 54.88 -55.23 37.03
CA THR C 502 55.44 -56.30 36.20
C THR C 502 55.96 -57.42 37.09
N ASP C 503 56.63 -58.39 36.47
CA ASP C 503 56.97 -59.63 37.14
C ASP C 503 58.37 -59.66 37.73
N GLN C 504 59.37 -59.18 36.98
CA GLN C 504 60.77 -59.36 37.39
C GLN C 504 61.11 -58.51 38.59
N ASP C 505 60.52 -57.32 38.68
CA ASP C 505 60.78 -56.42 39.78
C ASP C 505 60.06 -56.81 41.07
N LEU C 506 59.19 -57.83 41.03
CA LEU C 506 58.49 -58.25 42.24
C LEU C 506 59.45 -58.86 43.25
N ALA C 507 60.37 -59.71 42.79
CA ALA C 507 61.42 -60.20 43.68
C ALA C 507 62.37 -59.08 44.07
N LYS C 508 62.52 -58.10 43.19
CA LYS C 508 63.35 -56.94 43.50
C LYS C 508 62.70 -56.07 44.57
N ILE C 509 61.38 -55.99 44.58
CA ILE C 509 60.66 -55.44 45.73
C ILE C 509 60.93 -56.27 46.97
N ARG C 510 60.88 -57.60 46.82
CA ARG C 510 61.20 -58.48 47.93
C ARG C 510 62.69 -58.48 48.25
N GLU C 511 63.54 -58.04 47.33
CA GLU C 511 64.95 -57.82 47.61
C GLU C 511 65.15 -56.59 48.49
N VAL C 512 64.51 -55.48 48.14
CA VAL C 512 64.62 -54.27 48.94
C VAL C 512 63.93 -54.45 50.28
N ALA C 513 62.88 -55.30 50.33
CA ALA C 513 62.18 -55.59 51.57
C ALA C 513 63.05 -56.35 52.57
N ALA C 514 64.05 -57.09 52.10
CA ALA C 514 64.94 -57.81 52.99
C ALA C 514 66.08 -56.95 53.52
N ARG C 515 66.11 -55.67 53.20
CA ARG C 515 67.19 -54.79 53.67
C ARG C 515 67.05 -54.50 55.16
N GLU C 516 68.16 -54.60 55.88
CA GLU C 516 68.14 -54.31 57.30
C GLU C 516 68.01 -52.81 57.57
N ASP C 517 68.72 -51.99 56.80
CA ASP C 517 68.75 -50.54 57.04
C ASP C 517 67.64 -49.80 56.32
N LEU C 518 66.54 -50.49 56.00
CA LEU C 518 65.39 -49.88 55.31
C LEU C 518 64.78 -48.74 56.11
N TYR C 519 64.80 -48.84 57.43
CA TYR C 519 64.19 -47.84 58.29
C TYR C 519 65.00 -46.55 58.31
N SER C 520 66.27 -46.60 57.90
CA SER C 520 67.11 -45.41 57.77
C SER C 520 67.40 -45.03 56.33
N LEU C 521 67.48 -46.00 55.43
CA LEU C 521 67.77 -45.71 54.03
C LEU C 521 66.64 -44.92 53.37
N LEU C 522 65.40 -45.27 53.72
CA LEU C 522 64.26 -44.76 52.96
C LEU C 522 64.00 -43.30 53.22
N ALA C 523 64.09 -42.87 54.49
CA ALA C 523 63.84 -41.48 54.83
C ALA C 523 64.91 -40.55 54.29
N ARG C 524 66.17 -40.99 54.27
CA ARG C 524 67.24 -40.22 53.68
C ARG C 524 67.05 -40.04 52.18
N SER C 525 66.46 -41.05 51.53
CA SER C 525 66.31 -41.05 50.08
C SER C 525 65.12 -40.22 49.60
N ILE C 526 64.33 -39.65 50.52
CA ILE C 526 63.14 -38.93 50.11
C ILE C 526 63.50 -37.58 49.50
N ALA C 527 64.12 -36.71 50.30
CA ALA C 527 64.44 -35.35 49.89
C ALA C 527 65.93 -35.13 50.08
N PRO C 528 66.72 -35.26 49.01
CA PRO C 528 68.17 -35.11 49.14
C PRO C 528 68.66 -33.67 49.21
N SER C 529 67.77 -32.69 49.32
CA SER C 529 68.17 -31.29 49.38
C SER C 529 68.41 -30.79 50.79
N ILE C 530 67.77 -31.39 51.79
CA ILE C 530 67.89 -30.96 53.18
C ILE C 530 68.26 -32.20 54.01
N TYR C 531 69.19 -32.03 54.93
CA TYR C 531 69.95 -33.13 55.55
C TYR C 531 69.61 -33.14 57.04
N GLU C 532 68.38 -33.50 57.36
CA GLU C 532 67.87 -33.19 58.70
C GLU C 532 66.52 -33.88 58.81
N LEU C 533 65.87 -33.72 59.97
CA LEU C 533 64.45 -34.03 60.20
C LEU C 533 64.11 -35.48 59.83
N GLU C 534 65.06 -36.37 60.14
CA GLU C 534 64.97 -37.77 59.79
C GLU C 534 63.79 -38.47 60.46
N ASP C 535 63.39 -38.00 61.64
CA ASP C 535 62.14 -38.45 62.22
C ASP C 535 60.96 -37.79 61.51
N VAL C 536 61.10 -36.53 61.13
CA VAL C 536 59.99 -35.79 60.53
C VAL C 536 59.74 -36.26 59.10
N LYS C 537 60.81 -36.55 58.36
CA LYS C 537 60.67 -37.13 57.03
C LYS C 537 60.08 -38.52 57.11
N LYS C 538 60.35 -39.23 58.19
CA LYS C 538 59.79 -40.55 58.41
C LYS C 538 58.29 -40.48 58.64
N GLY C 539 57.83 -39.42 59.32
CA GLY C 539 56.41 -39.20 59.43
C GLY C 539 55.76 -38.88 58.09
N ILE C 540 56.48 -38.17 57.23
CA ILE C 540 56.04 -37.96 55.85
C ILE C 540 55.99 -39.29 55.13
N LEU C 541 56.97 -40.16 55.37
CA LEU C 541 56.92 -41.51 54.83
C LEU C 541 55.78 -42.31 55.46
N LEU C 542 55.61 -42.20 56.78
CA LEU C 542 54.51 -42.89 57.42
C LEU C 542 53.17 -42.23 57.17
N GLN C 543 53.16 -41.00 56.66
CA GLN C 543 51.92 -40.41 56.16
C GLN C 543 51.38 -41.16 54.96
N LEU C 544 52.27 -41.77 54.18
CA LEU C 544 51.88 -42.44 52.96
C LEU C 544 51.52 -43.91 53.21
N PHE C 545 51.98 -44.48 54.31
CA PHE C 545 51.61 -45.83 54.74
C PHE C 545 50.48 -45.77 55.75
N GLY C 546 49.69 -44.71 55.70
CA GLY C 546 48.78 -44.38 56.77
C GLY C 546 47.61 -45.31 57.03
N GLY C 547 47.69 -46.05 58.14
CA GLY C 547 46.53 -46.67 58.77
C GLY C 547 45.79 -47.76 58.04
N THR C 548 44.79 -48.32 58.70
CA THR C 548 43.92 -49.34 58.14
C THR C 548 42.50 -48.82 58.11
N ASN C 549 41.90 -48.81 56.92
CA ASN C 549 40.54 -48.29 56.74
C ASN C 549 39.58 -49.34 57.27
N LYS C 550 39.23 -49.21 58.54
CA LYS C 550 38.33 -50.15 59.20
C LYS C 550 36.92 -49.58 59.26
N THR C 551 36.02 -50.22 58.54
CA THR C 551 34.59 -49.92 58.62
C THR C 551 33.90 -51.12 59.25
N PHE C 552 32.91 -50.85 60.10
CA PHE C 552 32.24 -51.93 60.80
C PHE C 552 31.17 -52.52 59.90
N THR C 553 30.42 -53.50 60.41
CA THR C 553 29.27 -54.03 59.70
C THR C 553 28.20 -52.97 59.55
N LYS C 554 27.93 -52.25 60.64
CA LYS C 554 27.19 -51.00 60.61
C LYS C 554 28.03 -49.96 61.34
N GLY C 555 28.24 -48.81 60.70
CA GLY C 555 29.06 -47.79 61.31
C GLY C 555 30.55 -48.09 61.18
N GLY C 556 31.33 -47.61 62.13
CA GLY C 556 32.77 -47.71 62.04
C GLY C 556 33.37 -46.56 61.26
N ARG C 557 33.85 -46.85 60.04
CA ARG C 557 34.45 -45.90 59.12
C ARG C 557 35.64 -45.17 59.76
N TYR C 558 36.66 -45.96 60.04
CA TYR C 558 37.87 -45.46 60.68
C TYR C 558 38.98 -45.42 59.63
N ARG C 559 39.33 -44.23 59.19
CA ARG C 559 40.20 -44.06 58.04
C ARG C 559 41.65 -44.27 58.43
N GLY C 560 42.56 -44.02 57.49
CA GLY C 560 43.97 -44.15 57.74
C GLY C 560 44.71 -42.83 57.75
N ASP C 561 43.97 -41.74 57.95
CA ASP C 561 44.58 -40.42 57.94
C ASP C 561 45.45 -40.20 59.17
N ILE C 562 46.56 -39.49 58.99
CA ILE C 562 47.29 -38.85 60.08
C ILE C 562 47.54 -37.40 59.70
N ASN C 563 47.48 -36.51 60.68
CA ASN C 563 47.52 -35.08 60.39
C ASN C 563 48.53 -34.38 61.28
N ILE C 564 49.45 -33.68 60.65
CA ILE C 564 50.64 -33.16 61.30
C ILE C 564 50.74 -31.67 61.03
N LEU C 565 50.95 -30.88 62.07
CA LEU C 565 51.47 -29.54 61.89
C LEU C 565 52.94 -29.54 62.28
N LEU C 566 53.72 -28.77 61.52
CA LEU C 566 55.11 -28.51 61.84
C LEU C 566 55.29 -27.01 61.90
N CYS C 567 56.17 -26.55 62.79
CA CYS C 567 56.38 -25.12 62.90
C CYS C 567 57.81 -24.82 63.35
N GLY C 568 58.14 -23.55 63.46
CA GLY C 568 59.44 -23.13 63.92
C GLY C 568 59.93 -21.92 63.17
N ASP C 569 61.24 -21.75 63.19
CA ASP C 569 61.85 -20.55 62.65
C ASP C 569 61.83 -20.58 61.12
N PRO C 570 61.87 -19.42 60.47
CA PRO C 570 62.07 -19.39 59.02
C PRO C 570 63.50 -19.72 58.63
N SER C 571 63.80 -19.62 57.33
CA SER C 571 65.05 -20.10 56.71
C SER C 571 65.27 -21.57 57.04
N THR C 572 64.20 -22.34 56.92
CA THR C 572 64.23 -23.78 57.19
C THR C 572 63.89 -24.54 55.91
N SER C 573 63.46 -23.81 54.88
CA SER C 573 62.92 -24.35 53.62
C SER C 573 61.76 -25.32 53.89
N LYS C 574 60.89 -24.91 54.81
CA LYS C 574 59.69 -25.68 55.09
C LYS C 574 58.75 -25.74 53.89
N SER C 575 58.68 -24.65 53.12
CA SER C 575 57.89 -24.64 51.90
C SER C 575 58.49 -25.55 50.84
N GLN C 576 59.82 -25.63 50.79
CA GLN C 576 60.49 -26.47 49.82
C GLN C 576 60.25 -27.94 50.11
N ILE C 577 59.99 -28.28 51.37
CA ILE C 577 59.47 -29.58 51.72
C ILE C 577 58.11 -29.80 51.09
N LEU C 578 57.22 -28.83 51.26
CA LEU C 578 55.81 -29.02 50.91
C LEU C 578 55.58 -29.04 49.40
N GLN C 579 56.37 -28.26 48.65
CA GLN C 579 56.30 -28.30 47.19
C GLN C 579 56.67 -29.69 46.68
N TYR C 580 57.69 -30.30 47.27
CA TYR C 580 58.06 -31.67 46.94
C TYR C 580 56.97 -32.64 47.33
N VAL C 581 56.29 -32.38 48.45
CA VAL C 581 55.13 -33.17 48.82
C VAL C 581 54.00 -32.95 47.82
N HIS C 582 53.85 -31.70 47.34
CA HIS C 582 52.78 -31.37 46.42
C HIS C 582 52.95 -32.05 45.08
N LYS C 583 54.19 -32.29 44.65
CA LYS C 583 54.40 -32.94 43.37
C LYS C 583 54.05 -34.41 43.41
N ILE C 584 54.20 -35.06 44.57
CA ILE C 584 53.97 -36.49 44.65
C ILE C 584 52.49 -36.83 44.62
N THR C 585 51.67 -35.99 45.23
CA THR C 585 50.28 -36.33 45.50
C THR C 585 49.47 -36.32 44.20
N PRO C 586 48.73 -37.39 43.90
CA PRO C 586 47.95 -37.42 42.65
C PRO C 586 46.76 -36.49 42.65
N ARG C 587 46.29 -36.02 43.81
CA ARG C 587 45.23 -35.03 43.86
C ARG C 587 45.61 -33.96 44.89
N GLY C 588 46.81 -33.42 44.77
CA GLY C 588 47.32 -32.45 45.72
C GLY C 588 46.70 -31.08 45.56
N VAL C 589 46.39 -30.45 46.69
CA VAL C 589 45.87 -29.09 46.74
C VAL C 589 46.76 -28.26 47.64
N TYR C 590 47.38 -27.23 47.08
CA TYR C 590 48.31 -26.38 47.79
C TYR C 590 47.66 -25.00 48.01
N THR C 591 47.24 -24.74 49.23
CA THR C 591 46.60 -23.48 49.57
C THR C 591 47.57 -22.59 50.34
N SER C 592 47.07 -21.47 50.83
CA SER C 592 47.84 -20.55 51.66
C SER C 592 46.90 -19.87 52.63
N GLY C 593 47.37 -18.78 53.22
CA GLY C 593 46.58 -18.04 54.18
C GLY C 593 45.99 -16.76 53.61
N LYS C 594 44.85 -16.36 54.18
CA LYS C 594 44.18 -15.08 53.96
C LYS C 594 43.72 -14.86 52.53
N GLY C 595 43.71 -15.89 51.70
CA GLY C 595 43.15 -15.78 50.37
C GLY C 595 41.91 -16.63 50.32
N SER C 596 41.45 -17.02 51.50
CA SER C 596 40.39 -18.00 51.69
C SER C 596 39.16 -17.35 52.29
N SER C 597 38.09 -18.13 52.33
CA SER C 597 36.88 -17.76 53.03
C SER C 597 36.15 -19.03 53.43
N ALA C 598 35.09 -18.87 54.22
CA ALA C 598 34.25 -20.01 54.58
C ALA C 598 33.53 -20.56 53.35
N VAL C 599 33.06 -19.69 52.47
CA VAL C 599 32.53 -20.14 51.20
C VAL C 599 33.67 -20.62 50.29
N GLY C 600 34.87 -20.12 50.53
CA GLY C 600 36.00 -20.44 49.67
C GLY C 600 36.58 -21.83 49.73
N LEU C 601 35.89 -22.78 50.38
CA LEU C 601 36.29 -24.17 50.33
C LEU C 601 35.19 -25.14 49.90
N THR C 602 33.95 -24.69 49.80
CA THR C 602 32.86 -25.57 49.38
C THR C 602 31.72 -24.73 48.82
N ALA C 603 30.91 -25.37 47.98
CA ALA C 603 29.69 -24.81 47.39
C ALA C 603 29.98 -23.54 46.59
N TYR C 604 30.68 -23.74 45.47
CA TYR C 604 31.14 -22.64 44.63
C TYR C 604 30.11 -22.26 43.58
N ILE C 605 28.82 -22.39 43.93
CA ILE C 605 27.66 -22.15 43.06
C ILE C 605 27.72 -20.80 42.35
N THR C 606 27.59 -20.83 41.03
CA THR C 606 27.81 -19.67 40.20
C THR C 606 27.07 -19.86 38.88
N ARG C 607 27.25 -18.91 37.97
CA ARG C 607 26.49 -18.84 36.72
C ARG C 607 27.29 -19.54 35.63
N ASP C 608 26.59 -20.28 34.77
CA ASP C 608 27.25 -20.92 33.63
C ASP C 608 27.30 -19.95 32.45
N VAL C 609 28.20 -20.22 31.51
CA VAL C 609 28.43 -19.28 30.42
C VAL C 609 27.72 -19.73 29.15
N ASP C 610 28.12 -20.87 28.59
CA ASP C 610 27.63 -21.29 27.29
C ASP C 610 26.22 -21.87 27.34
N THR C 611 25.89 -22.63 28.39
CA THR C 611 24.52 -23.07 28.58
C THR C 611 23.70 -22.08 29.37
N LYS C 612 24.37 -21.14 30.05
CA LYS C 612 23.78 -19.97 30.70
C LYS C 612 22.79 -20.39 31.79
N GLN C 613 23.31 -21.13 32.76
CA GLN C 613 22.52 -21.65 33.86
C GLN C 613 23.24 -21.30 35.16
N LEU C 614 22.72 -21.81 36.27
CA LEU C 614 23.33 -21.67 37.58
C LEU C 614 23.84 -23.04 38.00
N VAL C 615 25.15 -23.24 37.91
CA VAL C 615 25.77 -24.54 38.10
C VAL C 615 26.55 -24.53 39.40
N LEU C 616 26.35 -25.57 40.21
CA LEU C 616 27.05 -25.72 41.47
C LEU C 616 28.39 -26.41 41.23
N GLU C 617 29.44 -25.88 41.85
CA GLU C 617 30.78 -26.43 41.68
C GLU C 617 31.24 -27.10 42.97
N SER C 618 32.13 -28.07 42.82
CA SER C 618 32.78 -28.71 43.95
C SER C 618 33.80 -27.76 44.55
N GLY C 619 34.02 -27.89 45.85
CA GLY C 619 34.90 -26.97 46.54
C GLY C 619 36.33 -27.43 46.66
N ALA C 620 37.10 -26.78 47.54
CA ALA C 620 38.52 -27.06 47.70
C ALA C 620 38.79 -28.40 48.37
N LEU C 621 38.07 -28.73 49.43
CA LEU C 621 38.24 -30.02 50.09
C LEU C 621 37.68 -31.17 49.27
N VAL C 622 36.69 -30.90 48.43
CA VAL C 622 36.24 -31.90 47.49
C VAL C 622 37.29 -32.10 46.41
N LEU C 623 38.04 -31.04 46.07
CA LEU C 623 39.23 -31.22 45.28
C LEU C 623 40.38 -31.83 46.07
N SER C 624 40.28 -31.82 47.39
CA SER C 624 41.25 -32.52 48.23
C SER C 624 40.79 -33.92 48.60
N ASP C 625 39.66 -34.37 48.04
CA ASP C 625 39.06 -35.65 48.43
C ASP C 625 39.94 -36.77 47.92
N GLY C 626 40.78 -37.29 48.81
CA GLY C 626 41.77 -38.28 48.44
C GLY C 626 43.09 -37.60 48.16
N GLY C 627 44.04 -37.73 49.09
CA GLY C 627 45.33 -37.10 48.90
C GLY C 627 45.75 -36.21 50.05
N VAL C 628 46.46 -35.13 49.73
CA VAL C 628 47.07 -34.24 50.72
C VAL C 628 46.66 -32.82 50.41
N CYS C 629 46.12 -32.11 51.40
CA CYS C 629 45.96 -30.67 51.30
C CYS C 629 47.12 -29.98 52.01
N CYS C 630 47.42 -28.76 51.56
CA CYS C 630 48.58 -28.03 52.06
C CYS C 630 48.19 -26.60 52.37
N ILE C 631 48.48 -26.17 53.59
CA ILE C 631 48.07 -24.87 54.10
C ILE C 631 49.30 -24.17 54.67
N ASP C 632 49.49 -22.90 54.30
CA ASP C 632 50.60 -22.11 54.83
C ASP C 632 50.09 -20.94 55.66
N GLU C 633 50.89 -20.57 56.66
CA GLU C 633 50.62 -19.50 57.63
C GLU C 633 49.28 -19.73 58.35
N PHE C 634 49.25 -20.85 59.07
CA PHE C 634 48.04 -21.33 59.72
C PHE C 634 47.58 -20.44 60.88
N ASP C 635 48.49 -19.65 61.46
CA ASP C 635 48.13 -18.82 62.60
C ASP C 635 47.22 -17.66 62.19
N LYS C 636 47.24 -17.28 60.92
CA LYS C 636 46.49 -16.10 60.47
C LYS C 636 45.21 -16.52 59.75
N MET C 637 44.51 -17.52 60.28
CA MET C 637 43.16 -17.76 59.82
C MET C 637 42.17 -17.00 60.69
N SER C 638 40.91 -16.99 60.26
CA SER C 638 39.85 -16.30 60.97
C SER C 638 39.30 -17.22 62.06
N ASP C 639 38.12 -16.91 62.58
CA ASP C 639 37.40 -17.89 63.37
C ASP C 639 36.62 -18.87 62.50
N SER C 640 35.95 -18.39 61.45
CA SER C 640 35.10 -19.25 60.64
C SER C 640 35.94 -20.15 59.75
N THR C 641 36.88 -19.58 59.01
CA THR C 641 37.99 -20.39 58.54
C THR C 641 38.75 -20.86 59.78
N ARG C 642 39.15 -22.14 59.77
CA ARG C 642 39.65 -23.02 60.84
C ARG C 642 38.48 -23.57 61.68
N SER C 643 37.26 -23.03 61.54
CA SER C 643 36.14 -23.71 62.19
C SER C 643 35.64 -24.86 61.35
N VAL C 644 35.92 -24.84 60.05
CA VAL C 644 35.53 -25.89 59.13
C VAL C 644 36.35 -27.13 59.45
N LEU C 645 37.56 -26.90 59.94
CA LEU C 645 38.50 -27.98 60.22
C LEU C 645 38.05 -28.89 61.35
N HIS C 646 37.18 -28.39 62.25
CA HIS C 646 36.63 -29.21 63.31
C HIS C 646 35.85 -30.40 62.79
N GLU C 647 35.06 -30.22 61.73
CA GLU C 647 34.22 -31.27 61.19
C GLU C 647 35.07 -32.36 60.51
N VAL C 648 36.12 -31.93 59.83
CA VAL C 648 36.93 -32.87 59.04
C VAL C 648 37.83 -33.68 59.95
N MET C 649 38.46 -33.01 60.93
CA MET C 649 39.36 -33.69 61.85
C MET C 649 38.63 -34.65 62.77
N GLU C 650 37.33 -34.44 62.99
CA GLU C 650 36.58 -35.31 63.86
C GLU C 650 35.75 -36.31 63.06
N GLN C 651 34.87 -35.81 62.21
CA GLN C 651 33.90 -36.68 61.55
C GLN C 651 34.33 -37.15 60.18
N GLN C 652 35.26 -36.42 59.53
CA GLN C 652 35.62 -36.61 58.12
C GLN C 652 34.38 -36.54 57.24
N THR C 653 33.62 -35.45 57.41
CA THR C 653 32.46 -35.14 56.58
C THR C 653 32.45 -33.66 56.28
N ILE C 654 31.56 -33.24 55.37
CA ILE C 654 31.25 -31.83 55.12
C ILE C 654 29.74 -31.73 55.00
N SER C 655 29.14 -30.79 55.73
CA SER C 655 27.69 -30.63 55.77
C SER C 655 27.30 -29.39 54.96
N ILE C 656 26.78 -29.62 53.75
CA ILE C 656 26.23 -28.55 52.95
C ILE C 656 24.71 -28.56 53.08
N ALA C 657 24.13 -27.42 53.45
CA ALA C 657 22.69 -27.37 53.69
C ALA C 657 22.05 -26.09 53.18
N LYS C 658 22.70 -25.30 52.34
CA LYS C 658 22.08 -24.10 51.82
C LYS C 658 21.38 -24.39 50.49
N ALA C 659 21.03 -23.30 49.78
CA ALA C 659 20.00 -23.29 48.74
C ALA C 659 20.27 -24.25 47.58
N GLY C 660 21.52 -24.55 47.29
CA GLY C 660 21.79 -25.51 46.24
C GLY C 660 21.46 -26.93 46.66
N ILE C 661 22.21 -27.45 47.63
CA ILE C 661 22.11 -28.84 48.04
C ILE C 661 22.00 -28.89 49.55
N ILE C 662 21.03 -29.64 50.06
CA ILE C 662 20.99 -29.94 51.48
C ILE C 662 21.25 -31.43 51.64
N THR C 663 22.54 -31.80 51.74
CA THR C 663 22.98 -33.18 51.84
C THR C 663 24.44 -33.16 52.28
N THR C 664 24.78 -33.93 53.30
CA THR C 664 26.16 -34.01 53.74
C THR C 664 26.99 -34.89 52.80
N LEU C 665 28.31 -34.74 52.89
CA LEU C 665 29.22 -35.52 52.09
C LEU C 665 30.58 -35.59 52.77
N ASN C 666 31.33 -36.62 52.46
CA ASN C 666 32.68 -36.77 52.98
C ASN C 666 33.72 -36.33 51.95
N ALA C 667 34.87 -35.88 52.43
CA ALA C 667 35.99 -35.53 51.57
C ALA C 667 37.27 -35.80 52.36
N ARG C 668 37.83 -36.98 52.18
CA ARG C 668 38.98 -37.40 52.97
C ARG C 668 40.27 -36.89 52.35
N SER C 669 41.23 -36.55 53.20
CA SER C 669 42.52 -36.05 52.73
C SER C 669 43.56 -36.39 53.78
N SER C 670 44.78 -35.95 53.52
CA SER C 670 45.83 -35.97 54.53
C SER C 670 46.16 -34.50 54.83
N ILE C 671 45.62 -33.99 55.91
CA ILE C 671 45.78 -32.59 56.24
C ILE C 671 47.17 -32.36 56.83
N LEU C 672 47.89 -31.41 56.27
CA LEU C 672 49.19 -31.03 56.80
C LEU C 672 49.38 -29.55 56.54
N ALA C 673 49.87 -28.84 57.56
CA ALA C 673 49.97 -27.39 57.50
C ALA C 673 51.18 -26.93 58.30
N SER C 674 51.42 -25.62 58.25
CA SER C 674 52.58 -25.03 58.90
C SER C 674 52.30 -23.57 59.18
N ALA C 675 53.00 -23.05 60.20
CA ALA C 675 52.91 -21.65 60.56
C ALA C 675 54.20 -21.25 61.27
N ASN C 676 54.31 -19.97 61.60
CA ASN C 676 55.49 -19.43 62.25
C ASN C 676 55.08 -18.74 63.55
N PRO C 677 55.92 -18.82 64.60
CA PRO C 677 55.50 -18.26 65.90
C PRO C 677 55.52 -16.74 65.94
N ILE C 678 55.20 -16.19 67.12
CA ILE C 678 55.12 -14.73 67.27
C ILE C 678 56.50 -14.12 67.18
N GLY C 679 57.40 -14.52 68.08
CA GLY C 679 58.80 -14.20 67.96
C GLY C 679 59.37 -14.94 66.76
N SER C 680 60.24 -14.26 66.02
CA SER C 680 60.89 -14.89 64.87
C SER C 680 61.83 -16.00 65.33
N ARG C 681 62.38 -15.86 66.53
CA ARG C 681 63.04 -16.94 67.23
C ARG C 681 62.23 -17.27 68.47
N TYR C 682 61.94 -18.55 68.67
CA TYR C 682 61.37 -18.98 69.94
C TYR C 682 62.42 -18.83 71.03
N ASN C 683 62.13 -17.95 71.97
CA ASN C 683 63.09 -17.84 73.06
C ASN C 683 62.87 -18.94 74.08
N PRO C 684 63.92 -19.38 74.77
CA PRO C 684 63.73 -20.28 75.91
C PRO C 684 63.19 -19.52 77.12
N ASN C 685 63.05 -20.27 78.22
CA ASN C 685 62.47 -19.79 79.47
C ASN C 685 61.07 -19.22 79.26
N LEU C 686 60.29 -19.92 78.43
CA LEU C 686 58.98 -19.50 78.02
C LEU C 686 58.25 -20.74 77.56
N PRO C 687 56.96 -20.87 77.85
CA PRO C 687 56.24 -22.10 77.49
C PRO C 687 56.05 -22.23 76.00
N VAL C 688 56.21 -23.47 75.52
CA VAL C 688 55.99 -23.75 74.10
C VAL C 688 54.53 -23.54 73.73
N THR C 689 53.63 -23.85 74.67
CA THR C 689 52.20 -23.64 74.46
C THR C 689 51.85 -22.17 74.37
N GLU C 690 52.69 -21.30 74.95
CA GLU C 690 52.41 -19.88 74.89
C GLU C 690 52.67 -19.30 73.50
N ASN C 691 53.79 -19.67 72.88
CA ASN C 691 54.30 -18.89 71.74
C ASN C 691 53.71 -19.35 70.41
N ILE C 692 52.53 -19.97 70.41
CA ILE C 692 51.80 -20.32 69.20
C ILE C 692 50.34 -19.94 69.40
N ASP C 693 49.78 -19.17 68.47
CA ASP C 693 48.44 -18.59 68.62
C ASP C 693 47.37 -19.58 68.17
N LEU C 694 47.30 -20.69 68.89
CA LEU C 694 46.23 -21.65 68.76
C LEU C 694 45.55 -21.84 70.10
N PRO C 695 44.26 -22.16 70.10
CA PRO C 695 43.65 -22.76 71.28
C PRO C 695 44.25 -24.13 71.54
N PRO C 696 44.83 -24.33 72.72
CA PRO C 696 45.60 -25.57 73.00
C PRO C 696 44.79 -26.86 73.03
N PRO C 697 43.46 -26.88 73.26
CA PRO C 697 42.76 -28.14 72.93
C PRO C 697 42.67 -28.40 71.44
N LEU C 698 42.55 -27.35 70.63
CA LEU C 698 42.61 -27.56 69.19
C LEU C 698 44.03 -27.83 68.73
N LEU C 699 45.02 -27.23 69.40
CA LEU C 699 46.41 -27.53 69.11
C LEU C 699 46.75 -28.98 69.44
N SER C 700 46.27 -29.48 70.57
CA SER C 700 46.48 -30.87 70.94
C SER C 700 45.58 -31.83 70.18
N ARG C 701 44.64 -31.33 69.37
CA ARG C 701 43.80 -32.23 68.59
C ARG C 701 44.59 -32.93 67.48
N PHE C 702 45.67 -32.32 67.00
CA PHE C 702 46.47 -32.90 65.94
C PHE C 702 47.16 -34.19 66.39
N ASP C 703 47.55 -35.00 65.42
CA ASP C 703 48.19 -36.28 65.68
C ASP C 703 49.59 -36.06 66.26
N LEU C 704 50.46 -35.37 65.53
CA LEU C 704 51.82 -35.09 66.00
C LEU C 704 52.21 -33.69 65.57
N VAL C 705 52.83 -32.96 66.49
CA VAL C 705 53.22 -31.57 66.27
C VAL C 705 54.74 -31.51 66.37
N TYR C 706 55.38 -30.86 65.42
CA TYR C 706 56.83 -30.70 65.44
C TYR C 706 57.23 -29.25 65.71
N LEU C 707 58.44 -29.08 66.23
CA LEU C 707 59.08 -27.78 66.40
C LEU C 707 60.50 -27.91 65.88
N VAL C 708 60.84 -27.07 64.92
CA VAL C 708 62.19 -27.03 64.36
C VAL C 708 62.82 -25.69 64.73
N LEU C 709 63.91 -25.75 65.48
CA LEU C 709 64.58 -24.57 65.99
C LEU C 709 66.03 -24.57 65.53
N ASP C 710 66.69 -23.42 65.72
CA ASP C 710 68.09 -23.25 65.35
C ASP C 710 68.97 -23.56 66.56
N LYS C 711 70.14 -24.12 66.28
CA LYS C 711 71.11 -24.45 67.31
C LYS C 711 72.39 -23.66 67.06
N VAL C 712 73.12 -23.36 68.13
CA VAL C 712 74.29 -22.50 68.04
C VAL C 712 75.58 -23.28 67.83
N ASP C 713 75.50 -24.54 67.41
CA ASP C 713 76.70 -25.37 67.28
C ASP C 713 77.50 -25.00 66.04
N GLU C 714 78.51 -25.81 65.74
CA GLU C 714 79.48 -25.54 64.70
C GLU C 714 79.74 -26.73 63.78
N LYS C 715 79.57 -27.97 64.26
CA LYS C 715 80.04 -29.14 63.54
C LYS C 715 79.23 -29.39 62.26
N ASN C 716 77.92 -29.20 62.30
CA ASN C 716 77.11 -29.42 61.11
C ASN C 716 77.22 -28.24 60.15
N ASP C 717 77.73 -27.10 60.62
CA ASP C 717 77.83 -25.92 59.78
C ASP C 717 78.98 -26.00 58.80
N ARG C 718 80.01 -26.79 59.12
CA ARG C 718 81.00 -27.12 58.09
C ARG C 718 80.42 -28.11 57.11
N GLU C 719 79.57 -29.01 57.59
CA GLU C 719 78.84 -29.94 56.73
C GLU C 719 77.78 -29.22 55.91
N LEU C 720 77.39 -28.01 56.36
CA LEU C 720 76.38 -27.21 55.67
C LEU C 720 76.84 -26.80 54.28
N ALA C 721 77.89 -25.97 54.23
CA ALA C 721 78.23 -25.30 52.98
C ALA C 721 78.90 -26.25 52.01
N LYS C 722 79.51 -27.33 52.49
CA LYS C 722 80.04 -28.33 51.57
C LYS C 722 78.93 -29.08 50.86
N HIS C 723 77.82 -29.33 51.56
CA HIS C 723 76.66 -29.95 50.93
C HIS C 723 76.00 -29.01 49.94
N LEU C 724 75.77 -27.76 50.35
CA LEU C 724 74.89 -26.87 49.60
C LEU C 724 75.59 -26.28 48.38
N THR C 725 76.91 -26.11 48.47
CA THR C 725 77.66 -25.72 47.27
C THR C 725 77.68 -26.84 46.24
N ASN C 726 77.74 -28.09 46.72
CA ASN C 726 77.84 -29.25 45.84
C ASN C 726 76.57 -29.42 45.01
N LEU C 727 75.43 -28.99 45.56
CA LEU C 727 74.22 -28.95 44.75
C LEU C 727 74.27 -27.85 43.71
N TYR C 728 74.99 -26.76 44.00
CA TYR C 728 75.07 -25.66 43.06
C TYR C 728 76.26 -25.78 42.12
N LEU C 729 77.41 -26.24 42.62
CA LEU C 729 78.60 -26.38 41.82
C LEU C 729 78.44 -27.53 40.83
N GLU C 730 79.23 -27.45 39.74
CA GLU C 730 79.36 -28.40 38.62
C GLU C 730 78.02 -28.79 37.98
N ASP C 731 76.97 -27.98 38.19
CA ASP C 731 75.66 -27.89 37.53
C ASP C 731 75.05 -29.21 37.05
N LYS C 732 75.18 -30.26 37.85
CA LYS C 732 74.73 -31.59 37.47
C LYS C 732 74.19 -32.29 38.70
N PRO C 733 73.00 -32.92 38.61
CA PRO C 733 72.49 -33.68 39.76
C PRO C 733 73.25 -34.98 39.98
N GLU C 734 74.03 -35.04 41.07
CA GLU C 734 74.76 -36.24 41.43
C GLU C 734 74.62 -36.48 42.93
N ASP C 739 77.61 -41.01 48.73
CA ASP C 739 77.79 -42.45 48.88
C ASP C 739 76.49 -43.13 49.30
N ASP C 740 75.40 -42.80 48.61
CA ASP C 740 74.10 -43.38 48.93
C ASP C 740 73.45 -43.87 47.64
N VAL C 741 72.71 -44.96 47.77
CA VAL C 741 71.85 -45.46 46.70
C VAL C 741 70.50 -44.76 46.84
N LEU C 742 70.10 -44.07 45.77
CA LEU C 742 68.89 -43.27 45.79
C LEU C 742 67.93 -43.77 44.73
N PRO C 743 67.09 -44.76 45.03
CA PRO C 743 66.12 -45.22 44.03
C PRO C 743 65.00 -44.21 43.84
N VAL C 744 64.89 -43.70 42.63
CA VAL C 744 63.95 -42.62 42.34
C VAL C 744 62.56 -43.22 42.21
N GLU C 745 62.46 -44.39 41.59
CA GLU C 745 61.16 -44.93 41.22
C GLU C 745 60.86 -46.27 41.87
N PHE C 746 61.79 -46.83 42.64
CA PHE C 746 61.46 -48.03 43.40
C PHE C 746 60.45 -47.74 44.49
N LEU C 747 60.67 -46.68 45.27
CA LEU C 747 59.75 -46.28 46.32
C LEU C 747 58.38 -45.91 45.79
N THR C 748 58.31 -45.40 44.56
CA THR C 748 57.04 -45.03 43.96
C THR C 748 56.14 -46.25 43.78
N MET C 749 56.72 -47.36 43.32
CA MET C 749 55.96 -48.58 43.23
C MET C 749 55.96 -49.37 44.54
N TYR C 750 56.96 -49.15 45.39
CA TYR C 750 57.00 -49.84 46.69
C TYR C 750 55.84 -49.42 47.56
N ILE C 751 55.51 -48.13 47.56
CA ILE C 751 54.38 -47.64 48.35
C ILE C 751 53.07 -48.13 47.75
N SER C 752 52.98 -48.13 46.42
CA SER C 752 51.73 -48.49 45.76
C SER C 752 51.42 -49.97 45.92
N TYR C 753 52.45 -50.83 45.83
CA TYR C 753 52.22 -52.25 46.06
C TYR C 753 51.88 -52.54 47.51
N ALA C 754 52.47 -51.81 48.45
CA ALA C 754 52.22 -52.02 49.86
C ALA C 754 50.87 -51.49 50.31
N LYS C 755 50.18 -50.76 49.45
CA LYS C 755 48.94 -50.11 49.83
C LYS C 755 47.76 -51.07 49.92
N GLU C 756 47.61 -51.99 48.96
CA GLU C 756 46.42 -52.83 48.91
C GLU C 756 46.68 -54.21 49.50
N HIS C 757 47.90 -54.71 49.32
CA HIS C 757 48.26 -56.06 49.72
C HIS C 757 48.56 -56.17 51.20
N ILE C 758 48.45 -55.09 51.95
CA ILE C 758 48.77 -55.07 53.37
C ILE C 758 47.58 -54.55 54.14
N HIS C 759 47.09 -55.37 55.08
CA HIS C 759 46.11 -54.93 56.08
C HIS C 759 46.67 -55.35 57.42
N PRO C 760 47.43 -54.48 58.08
CA PRO C 760 48.12 -54.87 59.32
C PRO C 760 47.15 -55.03 60.48
N ILE C 761 47.31 -56.15 61.18
CA ILE C 761 46.42 -56.52 62.27
C ILE C 761 47.18 -56.32 63.57
N ILE C 762 46.47 -55.90 64.61
CA ILE C 762 47.03 -55.28 65.80
C ILE C 762 46.79 -56.11 67.05
N THR C 763 46.91 -57.44 66.92
CA THR C 763 46.48 -58.42 67.92
C THR C 763 47.16 -58.34 69.28
N GLU C 764 46.73 -59.27 70.17
CA GLU C 764 46.82 -59.20 71.64
C GLU C 764 48.14 -58.69 72.21
N ALA C 765 49.27 -59.15 71.67
CA ALA C 765 50.59 -58.96 72.24
C ALA C 765 50.99 -57.49 72.36
N ALA C 766 50.52 -56.64 71.45
CA ALA C 766 50.76 -55.21 71.55
C ALA C 766 49.90 -54.54 72.61
N LYS C 767 48.73 -55.11 72.93
CA LYS C 767 47.78 -54.42 73.81
C LYS C 767 48.25 -54.38 75.25
N THR C 768 49.13 -55.30 75.64
CA THR C 768 49.66 -55.28 77.00
C THR C 768 50.57 -54.07 77.20
N GLU C 769 51.49 -53.86 76.26
CA GLU C 769 52.42 -52.74 76.37
C GLU C 769 51.75 -51.41 76.09
N LEU C 770 50.76 -51.40 75.19
CA LEU C 770 50.17 -50.15 74.71
C LEU C 770 49.35 -49.48 75.80
N VAL C 771 48.51 -50.27 76.48
CA VAL C 771 47.76 -49.75 77.62
C VAL C 771 48.69 -49.39 78.77
N ARG C 772 49.77 -50.17 78.92
CA ARG C 772 50.80 -49.85 79.91
C ARG C 772 51.49 -48.53 79.58
N ALA C 773 51.67 -48.25 78.28
CA ALA C 773 52.34 -47.02 77.89
C ALA C 773 51.43 -45.80 78.01
N TYR C 774 50.12 -45.98 77.84
CA TYR C 774 49.24 -44.82 77.72
C TYR C 774 48.94 -44.18 79.07
N VAL C 775 48.90 -44.99 80.14
CA VAL C 775 48.55 -44.48 81.45
C VAL C 775 49.69 -43.62 82.01
N GLY C 776 50.93 -44.03 81.76
CA GLY C 776 52.06 -43.19 82.14
C GLY C 776 52.13 -41.91 81.33
N MET C 777 51.63 -41.93 80.10
CA MET C 777 51.44 -40.69 79.37
C MET C 777 50.34 -39.85 79.98
N ARG C 778 49.27 -40.51 80.46
CA ARG C 778 48.20 -39.81 81.16
C ARG C 778 48.65 -39.30 82.53
N LYS C 779 49.70 -39.90 83.10
CA LYS C 779 50.13 -39.57 84.45
C LYS C 779 50.68 -38.15 84.56
N MET C 780 51.20 -37.61 83.46
CA MET C 780 51.62 -36.20 83.44
C MET C 780 50.40 -35.29 83.52
N GLY C 781 50.41 -34.39 84.50
CA GLY C 781 49.28 -33.49 84.73
C GLY C 781 49.74 -32.17 85.28
N ASP C 782 49.03 -31.68 86.30
CA ASP C 782 49.24 -30.38 86.95
C ASP C 782 49.22 -29.21 85.96
N ILE C 791 51.06 -28.49 77.64
CA ILE C 791 50.28 -29.30 76.72
C ILE C 791 49.81 -30.54 77.49
N THR C 792 48.70 -31.12 77.06
CA THR C 792 48.10 -32.25 77.75
C THR C 792 48.12 -33.49 76.85
N ALA C 793 47.60 -34.59 77.40
CA ALA C 793 47.44 -35.84 76.66
C ALA C 793 46.01 -36.30 76.82
N THR C 794 45.31 -36.46 75.70
CA THR C 794 43.90 -36.74 75.70
C THR C 794 43.63 -38.07 75.00
N THR C 795 42.34 -38.36 74.79
CA THR C 795 41.95 -39.62 74.14
C THR C 795 42.30 -39.64 72.66
N ARG C 796 42.61 -38.48 72.07
CA ARG C 796 43.21 -38.46 70.74
C ARG C 796 44.55 -39.17 70.74
N GLN C 797 45.31 -39.04 71.83
CA GLN C 797 46.64 -39.64 71.90
C GLN C 797 46.56 -41.16 72.01
N LEU C 798 45.45 -41.69 72.52
CA LEU C 798 45.26 -43.14 72.48
C LEU C 798 45.01 -43.62 71.06
N GLU C 799 44.21 -42.88 70.30
CA GLU C 799 43.97 -43.24 68.91
C GLU C 799 45.17 -42.90 68.04
N SER C 800 46.02 -41.98 68.53
CA SER C 800 47.18 -41.54 67.77
C SER C 800 48.19 -42.65 67.55
N MET C 801 48.42 -43.47 68.58
CA MET C 801 49.51 -44.44 68.53
C MET C 801 49.15 -45.63 67.66
N ILE C 802 47.88 -46.07 67.67
CA ILE C 802 47.51 -47.27 66.95
C ILE C 802 47.44 -47.02 65.45
N ARG C 803 47.26 -45.76 65.06
CA ARG C 803 47.25 -45.44 63.64
C ARG C 803 48.65 -45.19 63.13
N LEU C 804 49.59 -44.99 64.05
CA LEU C 804 50.98 -44.81 63.65
C LEU C 804 51.77 -46.11 63.75
N ALA C 805 51.32 -47.03 64.61
CA ALA C 805 52.07 -48.26 64.83
C ALA C 805 51.90 -49.23 63.67
N GLU C 806 50.66 -49.48 63.26
CA GLU C 806 50.41 -50.39 62.15
C GLU C 806 50.77 -49.76 60.81
N ALA C 807 50.89 -48.43 60.76
CA ALA C 807 51.46 -47.78 59.59
C ALA C 807 52.94 -48.15 59.43
N HIS C 808 53.66 -48.22 60.55
CA HIS C 808 55.01 -48.75 60.53
C HIS C 808 55.01 -50.24 60.20
N ALA C 809 53.96 -50.96 60.60
CA ALA C 809 53.82 -52.35 60.20
C ALA C 809 53.42 -52.47 58.74
N LYS C 810 52.80 -51.43 58.17
CA LYS C 810 52.57 -51.43 56.73
C LYS C 810 53.89 -51.29 55.99
N MET C 811 54.86 -50.59 56.59
CA MET C 811 56.22 -50.70 56.10
C MET C 811 56.75 -52.09 56.44
N LYS C 812 57.61 -52.61 55.56
CA LYS C 812 58.29 -53.89 55.67
C LYS C 812 57.35 -55.09 55.70
N LEU C 813 56.17 -54.94 55.09
CA LEU C 813 55.31 -56.05 54.64
C LEU C 813 54.83 -56.93 55.80
N LYS C 814 54.23 -56.30 56.79
CA LYS C 814 53.76 -57.01 57.98
C LYS C 814 52.25 -56.86 58.07
N ASN C 815 51.54 -57.96 57.85
CA ASN C 815 50.09 -57.97 58.02
C ASN C 815 49.68 -58.15 59.47
N VAL C 816 50.64 -58.37 60.37
CA VAL C 816 50.39 -58.47 61.80
C VAL C 816 51.24 -57.43 62.50
N VAL C 817 50.95 -57.22 63.77
CA VAL C 817 51.73 -56.32 64.60
C VAL C 817 52.73 -57.16 65.39
N GLU C 818 53.77 -56.50 65.89
CA GLU C 818 54.73 -57.09 66.80
C GLU C 818 54.85 -56.18 68.02
N LEU C 819 55.16 -56.77 69.18
CA LEU C 819 55.32 -56.01 70.40
C LEU C 819 56.48 -55.01 70.29
N GLU C 820 57.52 -55.38 69.55
CA GLU C 820 58.50 -54.39 69.13
C GLU C 820 58.07 -53.83 67.79
N ASP C 821 58.56 -52.63 67.47
CA ASP C 821 58.14 -51.51 66.59
C ASP C 821 57.16 -50.58 67.27
N VAL C 822 56.73 -50.88 68.49
CA VAL C 822 55.85 -49.97 69.21
C VAL C 822 56.65 -48.91 69.94
N GLN C 823 57.91 -49.20 70.25
CA GLN C 823 58.70 -48.31 71.09
C GLN C 823 59.13 -47.07 70.34
N GLU C 824 59.47 -47.20 69.07
CA GLU C 824 59.84 -46.01 68.31
C GLU C 824 58.62 -45.20 67.90
N ALA C 825 57.44 -45.83 67.85
CA ALA C 825 56.21 -45.07 67.69
C ALA C 825 55.98 -44.14 68.87
N VAL C 826 56.32 -44.59 70.08
CA VAL C 826 56.38 -43.70 71.22
C VAL C 826 57.49 -42.67 71.04
N ARG C 827 58.65 -43.11 70.57
CA ARG C 827 59.83 -42.26 70.48
C ARG C 827 59.67 -41.14 69.46
N LEU C 828 58.87 -41.36 68.41
CA LEU C 828 58.54 -40.27 67.49
C LEU C 828 57.73 -39.18 68.20
N ILE C 829 56.86 -39.56 69.11
CA ILE C 829 56.23 -38.57 69.97
C ILE C 829 57.24 -38.03 70.96
N ARG C 830 58.11 -38.90 71.49
CA ARG C 830 59.16 -38.46 72.41
C ARG C 830 60.24 -37.65 71.71
N SER C 831 60.37 -37.78 70.39
CA SER C 831 61.28 -36.92 69.63
C SER C 831 60.84 -35.47 69.71
N ALA C 832 59.53 -35.24 69.72
CA ALA C 832 59.03 -33.91 70.06
C ALA C 832 59.30 -33.59 71.52
N ILE C 833 59.08 -34.57 72.41
CA ILE C 833 59.08 -34.32 73.86
C ILE C 833 60.48 -34.01 74.37
N LYS C 834 61.49 -34.71 73.86
CA LYS C 834 62.85 -34.41 74.29
C LYS C 834 63.36 -33.10 73.69
N ASP C 835 62.69 -32.57 72.66
CA ASP C 835 62.93 -31.21 72.20
C ASP C 835 62.21 -30.17 73.04
N TYR C 836 61.45 -30.59 74.05
CA TYR C 836 60.62 -29.68 74.83
C TYR C 836 61.14 -29.48 76.24
N ALA C 837 62.46 -29.53 76.44
CA ALA C 837 63.03 -29.36 77.76
C ALA C 837 63.22 -27.88 78.12
N THR C 838 63.99 -27.16 77.31
CA THR C 838 64.34 -25.74 77.49
C THR C 838 64.87 -25.40 78.88
N SER D 2 -8.78 26.42 -16.23
CA SER D 2 -8.48 26.28 -14.81
C SER D 2 -9.22 27.31 -13.98
N PHE D 3 -9.95 26.83 -12.99
CA PHE D 3 -10.65 27.69 -12.04
C PHE D 3 -10.01 27.54 -10.67
N ASP D 4 -10.60 28.20 -9.68
CA ASP D 4 -10.25 28.01 -8.28
C ASP D 4 -11.32 27.16 -7.60
N ARG D 5 -11.19 27.03 -6.29
CA ARG D 5 -12.10 26.21 -5.52
C ARG D 5 -13.45 26.89 -5.40
N PRO D 6 -14.53 26.11 -5.33
CA PRO D 6 -15.84 26.67 -4.97
C PRO D 6 -15.87 26.98 -3.47
N GLU D 7 -16.85 27.79 -3.08
CA GLU D 7 -16.99 28.21 -1.70
C GLU D 7 -18.43 28.03 -1.24
N ILE D 8 -18.58 27.87 0.08
CA ILE D 8 -19.89 27.70 0.71
C ILE D 8 -20.01 28.72 1.82
N TYR D 9 -21.07 29.52 1.77
CA TYR D 9 -21.40 30.44 2.84
C TYR D 9 -22.93 30.50 2.94
N SER D 10 -23.42 30.95 4.09
CA SER D 10 -24.86 31.06 4.31
C SER D 10 -25.09 32.05 5.44
N ALA D 11 -26.37 32.28 5.74
CA ALA D 11 -26.79 33.09 6.88
C ALA D 11 -28.20 32.67 7.25
N PRO D 12 -28.49 32.48 8.55
CA PRO D 12 -29.87 32.19 8.96
C PRO D 12 -30.71 33.45 8.88
N VAL D 13 -31.90 33.33 8.31
CA VAL D 13 -32.83 34.45 8.15
C VAL D 13 -34.14 34.17 8.86
N LEU D 14 -34.84 33.11 8.46
CA LEU D 14 -36.11 32.76 9.06
C LEU D 14 -35.87 32.03 10.36
N GLN D 15 -36.39 32.61 11.44
CA GLN D 15 -36.37 32.00 12.76
C GLN D 15 -37.57 31.05 12.89
N GLY D 16 -37.42 29.85 12.34
CA GLY D 16 -38.50 28.87 12.39
C GLY D 16 -37.94 27.51 12.73
N GLU D 17 -38.86 26.62 13.15
CA GLU D 17 -38.54 25.26 13.61
C GLU D 17 -37.55 25.29 14.77
N SER D 18 -37.96 25.86 15.90
CA SER D 18 -37.09 25.93 17.07
C SER D 18 -37.83 25.62 18.36
N PRO D 19 -38.03 24.35 18.71
CA PRO D 19 -38.54 24.03 20.04
C PRO D 19 -37.44 24.11 21.08
N ASN D 20 -37.84 24.47 22.30
CA ASN D 20 -36.91 24.55 23.43
C ASN D 20 -36.59 23.13 23.90
N ASP D 21 -35.64 22.51 23.20
CA ASP D 21 -35.35 21.11 23.48
C ASP D 21 -34.21 20.99 24.48
N ASP D 22 -33.61 22.12 24.86
CA ASP D 22 -32.54 22.24 25.85
C ASP D 22 -31.33 21.39 25.47
N ASP D 23 -30.67 21.77 24.38
CA ASP D 23 -29.69 20.93 23.71
C ASP D 23 -28.50 21.76 23.25
N ASN D 24 -27.80 21.21 22.23
CA ASN D 24 -26.47 21.62 21.76
C ASN D 24 -26.28 23.14 21.72
N THR D 25 -27.11 23.83 20.94
CA THR D 25 -26.95 25.29 20.87
C THR D 25 -27.62 25.98 22.04
N GLU D 26 -28.62 25.33 22.65
CA GLU D 26 -29.41 25.98 23.69
C GLU D 26 -28.61 26.18 24.96
N ILE D 27 -27.77 25.20 25.31
CA ILE D 27 -27.05 25.26 26.57
C ILE D 27 -25.94 26.32 26.49
N ILE D 28 -25.38 26.52 25.30
CA ILE D 28 -24.29 27.46 25.10
C ILE D 28 -24.73 28.89 25.38
N LYS D 29 -25.97 29.22 24.97
CA LYS D 29 -26.46 30.58 25.16
C LYS D 29 -26.74 30.88 26.63
N SER D 30 -26.95 29.83 27.44
CA SER D 30 -27.30 30.01 28.83
C SER D 30 -26.14 30.58 29.65
N PHE D 31 -24.90 30.30 29.24
CA PHE D 31 -23.77 30.71 30.05
C PHE D 31 -23.31 32.11 29.69
N LYS D 32 -23.71 32.59 28.51
CA LYS D 32 -23.58 34.01 28.24
C LYS D 32 -24.48 34.82 29.17
N ASN D 33 -25.62 34.25 29.56
CA ASN D 33 -26.46 34.82 30.59
C ASN D 33 -25.89 34.66 31.99
N PHE D 34 -24.79 33.91 32.14
CA PHE D 34 -24.17 33.75 33.43
C PHE D 34 -23.02 34.71 33.69
N ILE D 35 -21.99 34.70 32.85
CA ILE D 35 -20.76 35.40 33.17
C ILE D 35 -20.94 36.90 33.10
N LEU D 36 -21.56 37.38 32.02
CA LEU D 36 -21.87 38.80 31.93
C LEU D 36 -23.02 39.16 32.86
N GLU D 37 -23.95 38.23 33.05
CA GLU D 37 -25.19 38.55 33.77
C GLU D 37 -25.41 37.68 35.00
N PHE D 38 -24.38 37.49 35.81
CA PHE D 38 -24.57 37.26 37.24
C PHE D 38 -24.06 38.48 37.99
N ARG D 39 -24.74 38.80 39.09
CA ARG D 39 -24.25 39.79 40.04
C ARG D 39 -24.72 39.40 41.42
N LEU D 40 -23.78 39.14 42.33
CA LEU D 40 -24.13 38.93 43.73
C LEU D 40 -24.31 40.28 44.43
N ASP D 41 -24.35 40.23 45.75
CA ASP D 41 -24.67 41.39 46.57
C ASP D 41 -23.61 42.48 46.43
N SER D 42 -24.02 43.59 45.80
CA SER D 42 -23.25 44.79 45.48
C SER D 42 -22.05 44.51 44.58
N GLN D 43 -21.97 43.35 43.95
CA GLN D 43 -20.78 43.00 43.19
C GLN D 43 -21.11 41.92 42.18
N PHE D 44 -20.58 42.10 40.98
CA PHE D 44 -20.47 41.02 40.00
C PHE D 44 -19.00 40.70 39.83
N ILE D 45 -18.66 39.42 39.86
CA ILE D 45 -17.29 39.00 40.08
C ILE D 45 -16.63 38.39 38.86
N TYR D 46 -17.30 37.50 38.13
CA TYR D 46 -16.63 36.76 37.07
C TYR D 46 -16.44 37.61 35.83
N ARG D 47 -17.34 38.56 35.62
CA ARG D 47 -17.12 39.57 34.59
C ARG D 47 -15.95 40.48 34.96
N ASP D 48 -15.80 40.77 36.26
CA ASP D 48 -14.66 41.58 36.69
C ASP D 48 -13.42 40.72 36.90
N GLN D 49 -13.59 39.41 37.02
CA GLN D 49 -12.43 38.53 37.07
C GLN D 49 -11.70 38.51 35.74
N LEU D 50 -12.44 38.34 34.65
CA LEU D 50 -11.80 38.10 33.37
C LEU D 50 -11.27 39.38 32.76
N ARG D 51 -11.84 40.53 33.16
CA ARG D 51 -11.37 41.81 32.65
C ARG D 51 -9.97 42.13 33.16
N ASN D 52 -9.57 41.54 34.28
CA ASN D 52 -8.19 41.66 34.71
C ASN D 52 -7.33 40.62 33.99
N ASN D 53 -7.86 39.41 33.82
CA ASN D 53 -7.11 38.24 33.35
C ASN D 53 -6.54 38.39 31.96
N ILE D 54 -7.09 39.28 31.13
CA ILE D 54 -6.53 39.48 29.80
C ILE D 54 -5.25 40.29 29.90
N LEU D 55 -5.26 41.35 30.71
CA LEU D 55 -4.04 42.13 30.92
C LEU D 55 -3.02 41.35 31.72
N VAL D 56 -3.49 40.47 32.60
CA VAL D 56 -2.65 39.47 33.24
C VAL D 56 -2.08 38.48 32.24
N LYS D 57 -2.81 38.20 31.16
CA LYS D 57 -2.62 37.03 30.29
C LYS D 57 -2.64 35.75 31.14
N ASN D 58 -3.76 35.61 31.85
CA ASN D 58 -4.10 34.38 32.55
C ASN D 58 -4.66 33.33 31.62
N TYR D 59 -5.60 33.74 30.75
CA TYR D 59 -6.27 32.88 29.77
C TYR D 59 -6.98 31.72 30.46
N SER D 60 -7.49 31.96 31.66
CA SER D 60 -8.06 30.92 32.50
C SER D 60 -9.07 31.53 33.46
N LEU D 61 -9.76 30.67 34.20
CA LEU D 61 -10.91 31.13 34.97
C LEU D 61 -11.13 30.19 36.14
N THR D 62 -11.66 30.74 37.23
CA THR D 62 -11.91 30.01 38.45
C THR D 62 -13.41 29.85 38.67
N VAL D 63 -13.83 28.65 39.07
CA VAL D 63 -15.24 28.32 39.21
C VAL D 63 -15.50 27.81 40.62
N ASN D 64 -16.42 28.47 41.31
CA ASN D 64 -17.09 27.85 42.45
C ASN D 64 -18.26 27.04 41.92
N MET D 65 -18.09 25.73 41.91
CA MET D 65 -19.16 24.85 41.43
C MET D 65 -20.32 24.80 42.41
N GLU D 66 -20.04 25.00 43.70
CA GLU D 66 -21.10 25.09 44.69
C GLU D 66 -21.90 26.38 44.55
N HIS D 67 -21.33 27.39 43.91
CA HIS D 67 -22.07 28.60 43.62
C HIS D 67 -23.04 28.40 42.46
N LEU D 68 -22.76 27.43 41.59
CA LEU D 68 -23.52 27.30 40.35
C LEU D 68 -24.92 26.75 40.60
N ILE D 69 -25.09 25.94 41.65
CA ILE D 69 -26.41 25.43 41.98
C ILE D 69 -27.33 26.55 42.48
N GLY D 70 -26.75 27.61 43.04
CA GLY D 70 -27.57 28.74 43.46
C GLY D 70 -28.05 29.57 42.29
N TYR D 71 -27.33 29.52 41.17
CA TYR D 71 -27.75 30.27 39.99
C TYR D 71 -28.84 29.52 39.23
N ASN D 72 -28.52 28.33 38.75
CA ASN D 72 -29.46 27.49 38.00
C ASN D 72 -29.46 26.10 38.61
N GLU D 73 -30.44 25.29 38.20
CA GLU D 73 -30.69 24.01 38.83
C GLU D 73 -30.40 22.86 37.88
N ASP D 74 -30.83 23.00 36.62
CA ASP D 74 -30.74 21.89 35.68
C ASP D 74 -29.32 21.68 35.18
N ILE D 75 -28.55 22.76 35.03
CA ILE D 75 -27.17 22.70 34.55
C ILE D 75 -26.28 21.85 35.44
N TYR D 76 -26.44 21.97 36.77
CA TYR D 76 -25.56 21.30 37.71
C TYR D 76 -25.72 19.79 37.66
N LYS D 77 -26.96 19.31 37.61
CA LYS D 77 -27.17 17.88 37.47
C LYS D 77 -26.89 17.38 36.06
N LYS D 78 -27.04 18.23 35.05
CA LYS D 78 -26.76 17.80 33.69
C LYS D 78 -25.26 17.66 33.47
N LEU D 79 -24.48 18.58 34.05
CA LEU D 79 -23.03 18.44 34.02
C LEU D 79 -22.58 17.29 34.89
N SER D 80 -23.34 16.98 35.94
CA SER D 80 -23.03 15.89 36.85
C SER D 80 -23.07 14.53 36.18
N ASP D 81 -24.00 14.31 35.25
CA ASP D 81 -24.12 13.01 34.62
C ASP D 81 -23.04 12.79 33.57
N GLU D 82 -23.02 13.64 32.54
CA GLU D 82 -22.07 13.52 31.43
C GLU D 82 -21.27 14.81 31.33
N PRO D 83 -20.21 14.95 32.13
CA PRO D 83 -19.42 16.18 32.08
C PRO D 83 -18.58 16.32 30.82
N SER D 84 -17.99 15.22 30.34
CA SER D 84 -17.02 15.20 29.25
C SER D 84 -17.55 15.77 27.95
N ASP D 85 -18.87 15.76 27.75
CA ASP D 85 -19.45 16.39 26.58
C ASP D 85 -19.71 17.87 26.79
N ILE D 86 -20.05 18.30 28.00
CA ILE D 86 -20.42 19.68 28.24
C ILE D 86 -19.22 20.54 28.61
N ILE D 87 -18.11 19.93 29.02
CA ILE D 87 -16.88 20.68 29.28
C ILE D 87 -16.35 21.44 28.06
N PRO D 88 -16.18 20.83 26.87
CA PRO D 88 -15.63 21.64 25.76
C PRO D 88 -16.58 22.70 25.24
N LEU D 89 -17.88 22.54 25.45
CA LEU D 89 -18.82 23.54 24.98
C LEU D 89 -18.79 24.77 25.87
N PHE D 90 -18.33 24.61 27.12
CA PHE D 90 -18.15 25.75 28.02
C PHE D 90 -17.11 26.72 27.49
N GLU D 91 -16.03 26.18 26.93
CA GLU D 91 -14.90 27.00 26.51
C GLU D 91 -15.29 27.93 25.38
N THR D 92 -16.19 27.48 24.51
CA THR D 92 -16.76 28.33 23.49
C THR D 92 -17.55 29.48 24.09
N ALA D 93 -18.32 29.19 25.14
CA ALA D 93 -19.07 30.26 25.82
C ALA D 93 -18.13 31.18 26.57
N ILE D 94 -16.97 30.68 26.98
CA ILE D 94 -15.98 31.52 27.62
C ILE D 94 -15.40 32.51 26.62
N THR D 95 -14.91 32.01 25.48
CA THR D 95 -14.12 32.84 24.59
C THR D 95 -14.94 33.86 23.83
N GLN D 96 -16.22 33.56 23.52
CA GLN D 96 -17.03 34.51 22.77
C GLN D 96 -17.32 35.75 23.59
N VAL D 97 -17.44 35.59 24.90
CA VAL D 97 -17.41 36.74 25.78
C VAL D 97 -16.05 37.40 25.73
N ALA D 98 -14.99 36.59 25.76
CA ALA D 98 -13.63 37.11 25.87
C ALA D 98 -13.18 37.79 24.58
N LYS D 99 -13.72 37.36 23.43
CA LYS D 99 -13.39 38.01 22.17
C LYS D 99 -13.93 39.44 22.14
N ARG D 100 -15.08 39.66 22.77
CA ARG D 100 -15.66 41.00 22.82
C ARG D 100 -14.82 41.92 23.70
N ILE D 101 -14.38 41.40 24.85
CA ILE D 101 -13.66 42.21 25.82
C ILE D 101 -12.30 42.60 25.30
N SER D 102 -11.67 41.71 24.52
CA SER D 102 -10.38 42.02 23.90
C SER D 102 -10.50 43.18 22.92
N ILE D 103 -11.64 43.29 22.25
CA ILE D 103 -11.89 44.45 21.41
C ILE D 103 -12.18 45.67 22.27
N LEU D 104 -12.96 45.47 23.34
CA LEU D 104 -13.28 46.57 24.26
C LEU D 104 -12.05 47.07 24.98
N SER D 105 -11.07 46.19 25.21
CA SER D 105 -9.83 46.61 25.84
C SER D 105 -8.99 47.48 24.92
N ARG D 106 -8.68 46.97 23.73
CA ARG D 106 -7.66 47.58 22.90
C ARG D 106 -8.16 48.84 22.21
N ALA D 107 -9.38 48.79 21.68
CA ALA D 107 -9.85 49.85 20.78
C ALA D 107 -10.21 51.10 21.55
N GLN D 108 -10.59 50.97 22.82
CA GLN D 108 -11.01 52.14 23.59
C GLN D 108 -9.80 52.99 23.99
N SER D 109 -8.91 52.41 24.80
CA SER D 109 -7.73 53.13 25.28
C SER D 109 -6.56 52.14 25.34
N ALA D 110 -5.56 52.38 24.51
CA ALA D 110 -4.37 51.55 24.47
C ALA D 110 -3.41 51.94 25.59
N ASN D 130 -6.45 39.63 17.64
CA ASN D 130 -5.43 39.01 16.82
C ASN D 130 -5.26 37.55 17.24
N SER D 131 -4.22 37.28 18.02
CA SER D 131 -3.91 35.94 18.50
C SER D 131 -4.71 35.69 19.77
N LEU D 132 -5.51 34.64 19.77
CA LEU D 132 -6.38 34.37 20.90
C LEU D 132 -6.67 32.88 21.00
N PRO D 133 -6.01 32.17 21.90
CA PRO D 133 -6.21 30.71 21.98
C PRO D 133 -7.45 30.33 22.76
N THR D 134 -7.63 29.03 22.98
CA THR D 134 -8.73 28.50 23.75
C THR D 134 -8.38 28.49 25.23
N PHE D 135 -9.32 28.92 26.06
CA PHE D 135 -9.03 29.09 27.49
C PHE D 135 -9.23 27.76 28.21
N GLN D 136 -9.26 27.83 29.53
CA GLN D 136 -9.33 26.64 30.37
C GLN D 136 -10.02 27.01 31.67
N LEU D 137 -10.94 26.17 32.11
CA LEU D 137 -11.69 26.41 33.33
C LEU D 137 -11.06 25.66 34.49
N ILE D 138 -11.19 26.22 35.69
CA ILE D 138 -10.70 25.61 36.92
C ILE D 138 -11.85 25.68 37.92
N LEU D 139 -12.24 24.54 38.46
CA LEU D 139 -13.33 24.49 39.43
C LEU D 139 -12.85 23.90 40.75
N ASN D 140 -13.53 24.30 41.83
CA ASN D 140 -13.17 23.79 43.14
C ASN D 140 -14.38 23.75 44.06
N SER D 141 -14.33 22.89 45.07
CA SER D 141 -15.42 22.66 46.00
C SER D 141 -14.88 22.03 47.28
N ASN D 142 -15.73 21.99 48.29
CA ASN D 142 -15.41 21.35 49.55
C ASN D 142 -16.62 20.61 50.10
N ALA D 143 -17.36 19.94 49.23
CA ALA D 143 -18.61 19.32 49.67
C ALA D 143 -18.37 17.96 50.33
N ASN D 144 -17.82 17.00 49.58
CA ASN D 144 -17.70 15.63 50.06
C ASN D 144 -16.28 15.14 49.79
N GLN D 145 -15.43 15.16 50.81
CA GLN D 145 -14.07 14.64 50.66
C GLN D 145 -14.14 13.13 50.64
N ILE D 146 -14.35 12.57 49.45
CA ILE D 146 -14.57 11.13 49.26
C ILE D 146 -13.26 10.40 49.48
N PRO D 147 -13.23 9.37 50.32
CA PRO D 147 -11.99 8.63 50.54
C PRO D 147 -11.63 7.77 49.33
N LEU D 148 -10.33 7.49 49.21
CA LEU D 148 -9.80 6.78 48.06
C LEU D 148 -10.08 5.29 48.13
N ARG D 149 -10.51 4.77 49.28
CA ARG D 149 -10.66 3.34 49.47
C ARG D 149 -11.84 2.78 48.69
N ASP D 150 -12.88 3.57 48.45
CA ASP D 150 -14.10 3.09 47.83
C ASP D 150 -14.36 3.90 46.56
N LEU D 151 -13.93 3.35 45.42
CA LEU D 151 -14.18 3.94 44.10
C LEU D 151 -14.73 2.83 43.22
N ASP D 152 -16.05 2.64 43.26
CA ASP D 152 -16.70 1.55 42.56
C ASP D 152 -16.77 1.85 41.06
N SER D 153 -17.24 0.84 40.32
CA SER D 153 -17.50 0.97 38.89
C SER D 153 -18.71 1.85 38.60
N GLU D 154 -19.53 2.15 39.60
CA GLU D 154 -20.59 3.14 39.42
C GLU D 154 -20.05 4.56 39.43
N HIS D 155 -18.80 4.75 39.81
CA HIS D 155 -18.17 6.06 39.80
C HIS D 155 -17.35 6.29 38.54
N VAL D 156 -17.49 5.41 37.55
CA VAL D 156 -16.75 5.56 36.31
C VAL D 156 -17.27 6.75 35.52
N SER D 157 -16.35 7.64 35.14
CA SER D 157 -16.61 8.80 34.28
C SER D 157 -17.65 9.74 34.87
N LYS D 158 -17.50 9.98 36.18
CA LYS D 158 -18.38 10.88 36.88
C LYS D 158 -17.53 11.88 37.66
N ILE D 159 -18.15 12.99 38.03
CA ILE D 159 -17.46 14.05 38.74
C ILE D 159 -17.26 13.59 40.18
N VAL D 160 -16.05 13.14 40.49
CA VAL D 160 -15.72 12.64 41.82
C VAL D 160 -14.52 13.42 42.31
N ARG D 161 -14.60 13.97 43.51
CA ARG D 161 -13.48 14.64 44.14
C ARG D 161 -12.90 13.77 45.26
N LEU D 162 -11.68 14.09 45.65
CA LEU D 162 -10.98 13.35 46.69
C LEU D 162 -9.86 14.23 47.24
N SER D 163 -9.01 13.64 48.08
CA SER D 163 -7.89 14.34 48.69
C SER D 163 -6.88 13.31 49.18
N GLY D 164 -5.60 13.62 49.01
CA GLY D 164 -4.57 12.69 49.41
C GLY D 164 -3.21 13.35 49.47
N ILE D 165 -2.18 12.54 49.22
CA ILE D 165 -0.79 12.98 49.31
C ILE D 165 -0.10 12.68 47.98
N ILE D 166 0.53 13.70 47.41
CA ILE D 166 1.20 13.57 46.11
C ILE D 166 2.59 13.00 46.34
N ILE D 167 2.92 11.94 45.59
CA ILE D 167 4.22 11.30 45.76
C ILE D 167 5.30 12.11 45.08
N SER D 168 5.23 12.21 43.74
CA SER D 168 6.34 12.71 42.95
C SER D 168 5.84 12.98 41.55
N THR D 169 6.41 13.99 40.92
CA THR D 169 5.98 14.40 39.59
C THR D 169 6.71 13.59 38.53
N SER D 170 6.63 14.04 37.28
CA SER D 170 7.34 13.43 36.19
C SER D 170 8.11 14.52 35.45
N VAL D 171 8.67 14.15 34.32
CA VAL D 171 9.40 15.09 33.47
C VAL D 171 8.47 15.51 32.34
N LEU D 172 8.45 16.81 32.06
CA LEU D 172 7.42 17.38 31.20
C LEU D 172 7.69 17.03 29.73
N SER D 173 6.69 16.41 29.11
CA SER D 173 6.67 16.15 27.69
C SER D 173 5.78 17.20 27.02
N SER D 174 5.48 17.00 25.74
CA SER D 174 4.69 17.99 25.01
C SER D 174 3.82 17.31 23.97
N ARG D 175 2.54 17.64 23.97
CA ARG D 175 1.65 17.30 22.87
C ARG D 175 1.52 18.49 21.93
N ALA D 176 0.87 18.25 20.80
CA ALA D 176 0.69 19.28 19.78
C ALA D 176 -0.79 19.54 19.55
N THR D 177 -1.11 20.78 19.21
CA THR D 177 -2.49 21.18 18.92
C THR D 177 -2.69 21.59 17.48
N TYR D 178 -1.91 22.54 16.98
CA TYR D 178 -2.05 23.07 15.64
C TYR D 178 -0.80 22.71 14.87
N LEU D 179 -0.97 22.34 13.59
CA LEU D 179 0.10 21.81 12.78
C LEU D 179 -0.27 21.88 11.30
N SER D 180 0.72 22.10 10.45
CA SER D 180 0.55 22.13 9.00
C SER D 180 1.32 20.95 8.40
N ILE D 181 0.68 20.25 7.46
CA ILE D 181 1.26 19.00 6.97
C ILE D 181 1.48 19.15 5.46
N MET D 182 1.98 18.11 4.80
CA MET D 182 2.29 18.12 3.38
C MET D 182 2.19 16.70 2.84
N CYS D 183 1.62 16.55 1.64
CA CYS D 183 1.59 15.25 0.99
C CYS D 183 2.88 15.08 0.22
N ARG D 184 3.62 14.01 0.52
CA ARG D 184 4.98 13.90 0.00
C ARG D 184 5.03 13.61 -1.50
N ASN D 185 3.89 13.27 -2.12
CA ASN D 185 3.79 13.17 -3.56
C ASN D 185 2.91 14.27 -4.15
N CYS D 186 1.71 14.47 -3.59
CA CYS D 186 0.73 15.31 -4.26
C CYS D 186 1.00 16.79 -4.04
N ARG D 187 1.82 17.12 -3.03
CA ARG D 187 2.03 18.47 -2.51
C ARG D 187 0.68 19.09 -2.11
N HIS D 188 0.11 18.48 -1.09
CA HIS D 188 -1.20 18.85 -0.58
C HIS D 188 -1.11 19.20 0.89
N THR D 189 -1.54 20.42 1.23
CA THR D 189 -1.39 20.94 2.59
C THR D 189 -2.75 21.27 3.19
N THR D 190 -2.92 20.86 4.44
CA THR D 190 -4.07 21.25 5.26
C THR D 190 -3.54 21.65 6.63
N SER D 191 -4.45 21.79 7.59
CA SER D 191 -4.07 22.10 8.95
C SER D 191 -5.07 21.46 9.90
N ILE D 192 -4.59 21.05 11.07
CA ILE D 192 -5.40 20.30 12.02
C ILE D 192 -5.30 20.96 13.40
N THR D 193 -6.44 21.32 13.95
CA THR D 193 -6.55 21.77 15.34
C THR D 193 -7.22 20.68 16.16
N ILE D 194 -6.84 20.57 17.43
CA ILE D 194 -7.52 19.71 18.37
C ILE D 194 -7.77 20.47 19.67
N ASN D 195 -8.78 20.04 20.40
CA ASN D 195 -9.12 20.63 21.69
C ASN D 195 -9.04 19.63 22.84
N ASN D 196 -9.71 18.49 22.73
CA ASN D 196 -9.73 17.48 23.78
C ASN D 196 -8.63 16.49 23.47
N PHE D 197 -7.41 16.86 23.85
CA PHE D 197 -6.24 16.05 23.52
C PHE D 197 -6.06 14.88 24.49
N ASN D 198 -6.93 14.78 25.48
CA ASN D 198 -6.78 13.78 26.52
C ASN D 198 -7.53 12.49 26.21
N ASN D 203 -3.68 8.86 20.92
CA ASN D 203 -4.74 7.87 21.06
C ASN D 203 -6.04 8.40 20.47
N THR D 204 -6.30 9.69 20.69
CA THR D 204 -7.57 10.26 20.26
C THR D 204 -7.59 10.49 18.76
N VAL D 205 -6.54 11.05 18.20
CA VAL D 205 -6.51 11.36 16.77
C VAL D 205 -5.10 11.07 16.25
N SER D 206 -4.99 10.81 14.95
CA SER D 206 -3.71 10.62 14.30
C SER D 206 -3.80 11.10 12.87
N LEU D 207 -2.70 10.96 12.14
CA LEU D 207 -2.65 11.44 10.78
C LEU D 207 -3.42 10.50 9.86
N PRO D 208 -4.15 11.03 8.88
CA PRO D 208 -4.93 10.17 7.99
C PRO D 208 -4.05 9.46 6.98
N ARG D 209 -4.69 8.59 6.20
CA ARG D 209 -3.98 7.70 5.30
C ARG D 209 -4.41 7.86 3.85
N SER D 210 -4.81 9.06 3.43
CA SER D 210 -5.06 9.35 2.02
C SER D 210 -4.59 10.77 1.74
N CYS D 211 -4.08 10.98 0.53
CA CYS D 211 -3.48 12.26 0.17
C CYS D 211 -4.50 13.39 0.10
N LEU D 212 -5.79 13.03 -0.06
CA LEU D 212 -6.97 13.86 0.19
C LEU D 212 -7.18 14.94 -0.87
N SER D 213 -6.22 15.09 -1.78
CA SER D 213 -6.41 15.93 -2.95
C SER D 213 -7.39 15.31 -3.94
N THR D 214 -7.64 14.01 -3.83
CA THR D 214 -8.63 13.35 -4.67
C THR D 214 -10.05 13.81 -4.34
N ILE D 215 -10.32 14.09 -3.07
CA ILE D 215 -11.64 14.62 -2.68
C ILE D 215 -11.55 16.13 -2.85
N GLU D 216 -11.97 16.59 -4.02
CA GLU D 216 -11.93 18.00 -4.38
C GLU D 216 -13.09 18.32 -5.29
N SER D 217 -13.76 19.45 -5.02
CA SER D 217 -14.90 19.89 -5.82
C SER D 217 -14.50 20.77 -6.99
N GLU D 218 -13.28 20.61 -7.51
CA GLU D 218 -12.82 21.38 -8.66
C GLU D 218 -12.37 20.40 -9.73
N SER D 219 -12.66 20.74 -10.98
CA SER D 219 -12.44 19.84 -12.10
C SER D 219 -10.96 19.70 -12.46
N SER D 220 -10.29 20.84 -12.70
CA SER D 220 -8.92 20.82 -13.22
C SER D 220 -7.91 20.30 -12.20
N MET D 221 -8.18 20.48 -10.90
CA MET D 221 -7.29 19.89 -9.90
C MET D 221 -7.54 18.39 -9.73
N ALA D 222 -8.81 17.97 -9.77
CA ALA D 222 -9.09 16.55 -9.64
C ALA D 222 -8.77 15.79 -10.92
N ASN D 223 -8.61 16.49 -12.04
CA ASN D 223 -8.23 15.84 -13.28
C ASN D 223 -6.76 15.43 -13.25
N GLU D 224 -5.92 16.26 -12.63
CA GLU D 224 -4.51 15.93 -12.52
C GLU D 224 -4.23 15.08 -11.29
N LYS D 234 -2.11 8.55 -10.23
CA LYS D 234 -1.13 8.94 -9.21
C LYS D 234 -1.55 8.42 -7.85
N ASN D 235 -0.61 8.44 -6.90
CA ASN D 235 -0.88 7.93 -5.57
C ASN D 235 0.12 8.53 -4.59
N CYS D 236 -0.36 9.39 -3.70
CA CYS D 236 0.43 9.73 -2.52
C CYS D 236 0.60 8.54 -1.59
N GLY D 237 -0.29 7.54 -1.69
CA GLY D 237 -0.31 6.37 -0.82
C GLY D 237 0.97 5.55 -0.81
N PRO D 238 1.34 4.98 0.36
CA PRO D 238 0.74 4.96 1.70
C PRO D 238 0.83 6.28 2.46
N ASP D 239 0.52 6.27 3.78
CA ASP D 239 0.31 7.43 4.65
C ASP D 239 1.41 8.47 4.51
N PRO D 240 1.11 9.57 3.85
CA PRO D 240 2.17 10.41 3.27
C PRO D 240 2.56 11.59 4.14
N TYR D 241 1.85 11.75 5.24
CA TYR D 241 1.87 13.02 5.92
C TYR D 241 3.10 13.15 6.81
N ILE D 242 3.85 14.22 6.56
CA ILE D 242 5.02 14.55 7.34
C ILE D 242 4.81 15.93 7.93
N ILE D 243 4.91 16.04 9.24
CA ILE D 243 4.54 17.28 9.92
C ILE D 243 5.63 18.32 9.75
N ILE D 244 5.28 19.42 9.09
CA ILE D 244 6.12 20.60 9.05
C ILE D 244 6.13 21.20 10.45
N HIS D 245 7.26 21.09 11.13
CA HIS D 245 7.34 21.45 12.53
C HIS D 245 7.61 22.92 12.77
N GLU D 246 7.91 23.69 11.72
CA GLU D 246 8.38 25.05 11.91
C GLU D 246 7.25 26.02 12.26
N SER D 247 5.99 25.62 12.11
CA SER D 247 4.87 26.50 12.38
C SER D 247 3.77 25.75 13.11
N SER D 248 4.14 25.02 14.16
CA SER D 248 3.18 24.22 14.90
C SER D 248 3.01 24.77 16.31
N LYS D 249 2.03 24.24 17.04
CA LYS D 249 1.71 24.75 18.37
C LYS D 249 1.66 23.59 19.36
N PHE D 250 2.09 23.86 20.59
CA PHE D 250 2.39 22.80 21.54
C PHE D 250 1.91 23.16 22.94
N ILE D 251 1.74 22.12 23.75
CA ILE D 251 1.20 22.20 25.10
C ILE D 251 2.05 21.34 26.04
N ASP D 252 1.61 21.21 27.29
CA ASP D 252 2.35 20.47 28.31
C ASP D 252 1.55 19.27 28.78
N GLN D 253 2.26 18.30 29.37
CA GLN D 253 1.65 17.11 29.95
C GLN D 253 2.50 16.70 31.14
N GLN D 254 1.85 16.35 32.25
CA GLN D 254 2.50 16.38 33.56
C GLN D 254 2.75 15.02 34.19
N PHE D 255 1.70 14.21 34.37
CA PHE D 255 1.75 12.87 34.99
C PHE D 255 2.27 12.92 36.43
N LEU D 256 1.43 13.45 37.33
CA LEU D 256 1.75 13.35 38.75
C LEU D 256 1.45 11.93 39.25
N LYS D 257 1.61 11.72 40.55
CA LYS D 257 1.22 10.47 41.18
C LYS D 257 0.85 10.75 42.63
N LEU D 258 -0.28 10.20 43.07
CA LEU D 258 -0.82 10.50 44.37
C LEU D 258 -0.95 9.22 45.18
N GLN D 259 -0.78 9.36 46.50
CA GLN D 259 -0.92 8.26 47.44
C GLN D 259 -1.95 8.64 48.48
N GLU D 260 -2.72 7.64 48.92
CA GLU D 260 -3.69 7.81 49.99
C GLU D 260 -2.99 8.18 51.30
N ILE D 261 -3.75 8.84 52.17
CA ILE D 261 -3.19 9.30 53.44
C ILE D 261 -3.07 8.12 54.40
N PRO D 262 -1.89 7.85 54.94
CA PRO D 262 -1.68 6.61 55.71
C PRO D 262 -2.17 6.67 57.15
N GLU D 263 -2.93 7.69 57.53
CA GLU D 263 -3.32 7.83 58.92
C GLU D 263 -4.39 6.81 59.29
N LEU D 264 -5.28 6.49 58.34
CA LEU D 264 -6.37 5.54 58.61
C LEU D 264 -6.48 4.32 57.66
N VAL D 265 -6.63 3.11 58.24
CA VAL D 265 -6.82 1.83 57.52
C VAL D 265 -5.86 1.27 56.43
N PRO D 266 -4.51 1.37 56.59
CA PRO D 266 -3.71 0.70 55.58
C PRO D 266 -2.98 -0.39 56.34
N VAL D 267 -3.57 -0.70 57.49
CA VAL D 267 -2.96 -1.56 58.51
C VAL D 267 -2.65 -2.96 57.98
N GLY D 268 -3.66 -3.65 57.49
CA GLY D 268 -3.44 -5.00 57.01
C GLY D 268 -2.78 -5.06 55.65
N GLU D 269 -3.02 -4.06 54.83
CA GLU D 269 -2.60 -4.08 53.44
C GLU D 269 -1.30 -3.31 53.25
N MET D 270 -0.92 -3.12 51.98
CA MET D 270 0.02 -2.13 51.53
C MET D 270 -0.78 -0.94 51.01
N PRO D 271 -0.24 0.28 51.05
CA PRO D 271 -1.01 1.42 50.55
C PRO D 271 -1.18 1.38 49.03
N ARG D 272 -2.33 1.87 48.57
CA ARG D 272 -2.63 1.95 47.15
C ARG D 272 -2.29 3.33 46.61
N ASN D 273 -2.38 3.46 45.29
CA ASN D 273 -2.06 4.70 44.61
C ASN D 273 -2.75 4.73 43.25
N LEU D 274 -2.74 5.90 42.62
CA LEU D 274 -3.31 6.06 41.29
C LEU D 274 -2.38 6.84 40.38
N THR D 275 -2.87 7.23 39.21
CA THR D 275 -2.03 7.87 38.19
C THR D 275 -2.70 9.14 37.71
N MET D 276 -1.94 10.23 37.65
CA MET D 276 -2.46 11.57 37.43
C MET D 276 -2.08 12.07 36.04
N THR D 277 -2.74 13.15 35.59
CA THR D 277 -2.47 13.87 34.35
C THR D 277 -3.16 15.22 34.40
N CYS D 278 -2.40 16.30 34.21
CA CYS D 278 -2.94 17.65 34.25
C CYS D 278 -2.72 18.37 32.93
N ASP D 279 -3.56 19.38 32.69
CA ASP D 279 -3.57 20.17 31.48
C ASP D 279 -2.70 21.42 31.65
N ARG D 280 -2.89 22.40 30.75
CA ARG D 280 -1.96 23.49 30.43
C ARG D 280 -1.49 24.33 31.60
N TYR D 281 -2.38 25.07 32.23
CA TYR D 281 -1.99 25.91 33.35
C TYR D 281 -1.93 25.15 34.65
N LEU D 282 -2.34 23.90 34.67
CA LEU D 282 -2.28 23.08 35.87
C LEU D 282 -0.89 22.48 36.09
N THR D 283 -0.05 22.48 35.07
CA THR D 283 1.31 22.00 35.22
C THR D 283 2.15 23.00 36.01
N ASN D 284 3.24 22.48 36.59
CA ASN D 284 4.23 23.24 37.37
C ASN D 284 3.58 23.99 38.53
N LYS D 285 2.58 23.37 39.15
CA LYS D 285 1.83 24.04 40.19
C LYS D 285 2.23 23.60 41.59
N VAL D 286 2.20 22.30 41.87
CA VAL D 286 2.23 21.80 43.24
C VAL D 286 3.55 21.09 43.49
N ILE D 287 4.22 21.48 44.55
CA ILE D 287 5.34 20.72 45.11
C ILE D 287 4.79 19.44 45.75
N PRO D 288 5.32 18.26 45.43
CA PRO D 288 4.69 17.00 45.88
C PRO D 288 4.79 16.82 47.38
N GLY D 289 3.76 16.20 47.96
CA GLY D 289 3.76 15.88 49.37
C GLY D 289 2.67 16.55 50.17
N THR D 290 2.16 17.68 49.67
CA THR D 290 1.24 18.46 50.45
C THR D 290 -0.16 17.83 50.43
N ARG D 291 -1.02 18.35 51.31
CA ARG D 291 -2.37 17.87 51.42
C ARG D 291 -3.30 18.76 50.60
N VAL D 292 -3.74 18.25 49.46
CA VAL D 292 -4.53 19.01 48.51
C VAL D 292 -5.77 18.22 48.15
N THR D 293 -6.75 18.92 47.57
CA THR D 293 -8.01 18.31 47.16
C THR D 293 -8.13 18.49 45.65
N ILE D 294 -8.60 17.45 44.97
CA ILE D 294 -8.71 17.44 43.52
C ILE D 294 -10.09 16.91 43.16
N VAL D 295 -10.83 17.68 42.37
CA VAL D 295 -12.04 17.18 41.73
C VAL D 295 -11.60 16.51 40.44
N GLY D 296 -12.16 15.34 40.14
CA GLY D 296 -11.65 14.60 39.01
C GLY D 296 -12.71 13.85 38.25
N ILE D 297 -12.27 13.19 37.19
CA ILE D 297 -13.10 12.34 36.36
C ILE D 297 -12.45 10.97 36.34
N TYR D 298 -13.15 9.97 36.84
CA TYR D 298 -12.61 8.62 36.98
C TYR D 298 -12.67 7.92 35.64
N SER D 299 -11.59 8.05 34.85
CA SER D 299 -11.55 7.57 33.48
C SER D 299 -10.69 6.30 33.37
N ILE D 300 -10.77 5.65 32.21
CA ILE D 300 -10.25 4.31 31.98
C ILE D 300 -9.43 4.33 30.70
N TYR D 301 -8.26 3.69 30.72
CA TYR D 301 -7.54 3.40 29.50
C TYR D 301 -7.33 1.89 29.39
N ASN D 302 -6.67 1.46 28.31
CA ASN D 302 -6.67 0.06 27.91
C ASN D 302 -5.33 -0.65 28.03
N SER D 303 -4.23 0.08 27.83
CA SER D 303 -2.95 -0.54 27.53
C SER D 303 -2.37 -1.29 28.72
N LYS D 304 -1.38 -2.11 28.44
CA LYS D 304 -0.82 -3.04 29.42
C LYS D 304 0.15 -2.36 30.35
N GLY D 320 -6.52 -11.34 29.23
CA GLY D 320 -7.57 -11.81 28.36
C GLY D 320 -8.94 -11.75 29.00
N VAL D 321 -9.03 -11.05 30.14
CA VAL D 321 -10.26 -10.94 30.88
C VAL D 321 -10.73 -9.51 30.68
N ALA D 322 -10.05 -8.81 29.77
CA ALA D 322 -10.28 -7.40 29.40
C ALA D 322 -10.21 -6.52 30.65
N ILE D 323 -9.08 -6.62 31.32
CA ILE D 323 -8.84 -5.90 32.57
C ILE D 323 -8.16 -4.59 32.23
N ARG D 324 -8.70 -3.50 32.74
CA ARG D 324 -8.27 -2.17 32.32
C ARG D 324 -7.94 -1.37 33.56
N THR D 325 -6.79 -0.71 33.56
CA THR D 325 -6.33 0.13 34.67
C THR D 325 -7.05 1.48 34.81
N PRO D 326 -7.26 1.93 36.06
CA PRO D 326 -7.90 3.19 36.47
C PRO D 326 -7.03 4.44 36.29
N TYR D 327 -7.66 5.60 36.07
CA TYR D 327 -6.93 6.87 35.90
C TYR D 327 -7.84 8.05 36.26
N ILE D 328 -7.27 9.23 36.50
CA ILE D 328 -8.09 10.39 36.82
C ILE D 328 -7.80 11.52 35.85
N LYS D 329 -8.81 11.93 35.10
CA LYS D 329 -8.81 13.20 34.40
C LYS D 329 -9.02 14.31 35.43
N ILE D 330 -8.11 15.28 35.45
CA ILE D 330 -7.96 16.17 36.57
C ILE D 330 -8.48 17.56 36.22
N LEU D 331 -9.40 18.06 37.03
CA LEU D 331 -9.92 19.41 36.85
C LEU D 331 -9.95 20.13 38.20
N GLY D 332 -9.09 21.12 38.33
CA GLY D 332 -9.17 22.01 39.47
C GLY D 332 -8.62 21.49 40.78
N ILE D 333 -7.31 21.32 40.87
CA ILE D 333 -6.66 21.17 42.16
C ILE D 333 -6.61 22.53 42.86
N GLN D 334 -6.91 22.52 44.17
CA GLN D 334 -6.68 23.69 45.01
C GLN D 334 -5.72 23.28 46.13
N SER D 335 -4.88 24.23 46.53
CA SER D 335 -3.77 23.94 47.42
C SER D 335 -4.20 24.09 48.88
N ASP D 336 -3.28 23.73 49.78
CA ASP D 336 -3.51 23.94 51.20
C ASP D 336 -3.09 25.35 51.58
N VAL D 337 -3.75 25.90 52.60
CA VAL D 337 -3.45 27.23 53.09
C VAL D 337 -2.75 27.14 54.44
N VAL D 346 6.01 35.95 49.90
CA VAL D 346 5.31 37.21 49.73
C VAL D 346 6.16 38.35 50.25
N THR D 347 6.55 39.26 49.34
CA THR D 347 7.36 40.41 49.71
C THR D 347 6.52 41.67 49.86
N MET D 348 5.84 42.07 48.79
CA MET D 348 5.07 43.31 48.82
C MET D 348 3.68 43.07 49.40
N PHE D 349 3.06 44.15 49.83
CA PHE D 349 1.80 44.09 50.55
C PHE D 349 1.14 45.47 50.46
N THR D 350 0.06 45.67 51.23
CA THR D 350 -0.80 46.83 51.06
C THR D 350 -0.22 48.04 51.79
N GLU D 351 -0.98 49.13 51.79
CA GLU D 351 -0.57 50.40 52.39
C GLU D 351 -1.09 50.57 53.81
N GLU D 352 -2.29 50.05 54.09
CA GLU D 352 -2.81 50.10 55.45
C GLU D 352 -2.03 49.20 56.39
N GLU D 353 -1.40 48.14 55.86
CA GLU D 353 -0.53 47.32 56.70
C GLU D 353 0.78 48.03 56.97
N GLU D 354 1.20 48.91 56.06
CA GLU D 354 2.34 49.77 56.35
C GLU D 354 2.01 50.74 57.47
N GLU D 355 0.78 51.28 57.46
CA GLU D 355 0.42 52.34 58.39
C GLU D 355 0.29 51.80 59.81
N GLU D 356 -0.30 50.61 59.96
CA GLU D 356 -0.43 50.02 61.27
C GLU D 356 0.91 49.54 61.80
N PHE D 357 1.89 49.32 60.93
CA PHE D 357 3.26 49.14 61.39
C PHE D 357 3.82 50.43 61.95
N LEU D 358 3.60 51.54 61.22
CA LEU D 358 4.09 52.85 61.62
C LEU D 358 3.47 53.35 62.91
N GLN D 359 2.21 53.01 63.16
CA GLN D 359 1.58 53.26 64.44
C GLN D 359 2.24 52.48 65.57
N LEU D 360 2.58 51.22 65.32
CA LEU D 360 3.27 50.42 66.31
C LEU D 360 4.74 50.82 66.42
N SER D 361 5.26 51.47 65.39
CA SER D 361 6.67 51.83 65.34
C SER D 361 7.05 52.89 66.35
N ARG D 362 6.26 53.94 66.50
CA ARG D 362 6.64 55.09 67.30
C ARG D 362 6.26 54.95 68.77
N ASN D 363 5.83 53.77 69.19
CA ASN D 363 5.54 53.55 70.59
C ASN D 363 6.84 53.49 71.40
N PRO D 364 6.97 54.28 72.46
CA PRO D 364 8.19 54.18 73.29
C PRO D 364 8.21 52.99 74.23
N LYS D 365 7.12 52.22 74.31
CA LYS D 365 7.05 51.03 75.14
C LYS D 365 7.20 49.77 74.30
N LEU D 366 7.85 49.91 73.14
CA LEU D 366 7.82 48.87 72.13
C LEU D 366 8.71 47.69 72.50
N TYR D 367 9.87 47.96 73.10
CA TYR D 367 10.72 46.87 73.56
C TYR D 367 10.07 46.11 74.70
N GLU D 368 9.33 46.81 75.57
CA GLU D 368 8.73 46.16 76.72
C GLU D 368 7.57 45.27 76.29
N ILE D 369 6.72 45.77 75.40
CA ILE D 369 5.52 45.06 75.01
C ILE D 369 5.85 43.80 74.20
N LEU D 370 6.97 43.80 73.47
CA LEU D 370 7.38 42.59 72.76
C LEU D 370 8.11 41.63 73.67
N THR D 371 8.77 42.13 74.72
CA THR D 371 9.31 41.29 75.76
C THR D 371 8.27 40.94 76.82
N ASN D 372 7.01 41.24 76.57
CA ASN D 372 5.91 40.60 77.26
C ASN D 372 5.10 39.75 76.32
N SER D 373 5.57 39.51 75.10
CA SER D 373 4.79 38.86 74.06
C SER D 373 5.12 37.39 73.85
N ILE D 374 6.31 36.94 74.25
CA ILE D 374 6.75 35.59 73.88
C ILE D 374 6.03 34.54 74.72
N ALA D 375 6.26 34.52 76.03
CA ALA D 375 5.78 33.43 76.88
C ALA D 375 4.94 33.98 78.03
N PRO D 376 3.64 34.21 77.81
CA PRO D 376 2.71 34.24 78.93
C PRO D 376 2.41 32.87 79.49
N SER D 377 2.67 31.83 78.72
CA SER D 377 2.54 30.45 79.18
C SER D 377 3.68 30.02 80.08
N ILE D 378 4.81 30.72 80.07
CA ILE D 378 5.95 30.33 80.88
C ILE D 378 6.32 31.50 81.79
N PHE D 379 6.28 31.27 83.09
CA PHE D 379 6.55 32.30 84.07
C PHE D 379 8.04 32.37 84.37
N GLY D 380 8.53 33.59 84.55
CA GLY D 380 9.94 33.79 84.80
C GLY D 380 10.75 33.82 83.51
N ASN D 381 12.07 33.64 83.70
CA ASN D 381 13.08 33.63 82.64
C ASN D 381 13.03 34.93 81.82
N GLU D 382 12.99 36.04 82.55
CA GLU D 382 12.78 37.34 81.94
C GLU D 382 13.99 37.83 81.15
N ASP D 383 15.20 37.36 81.48
CA ASP D 383 16.34 37.70 80.65
C ASP D 383 16.37 36.86 79.40
N ILE D 384 15.98 35.60 79.52
CA ILE D 384 15.78 34.73 78.37
C ILE D 384 14.64 35.27 77.51
N LYS D 385 13.63 35.86 78.15
CA LYS D 385 12.53 36.51 77.47
C LYS D 385 13.02 37.68 76.61
N LYS D 386 14.12 38.32 77.02
CA LYS D 386 14.68 39.41 76.24
C LYS D 386 15.51 38.94 75.06
N ALA D 387 16.42 37.98 75.29
CA ALA D 387 17.45 37.64 74.33
C ALA D 387 16.92 36.94 73.09
N ILE D 388 15.73 36.34 73.17
CA ILE D 388 15.13 35.69 72.01
C ILE D 388 14.81 36.70 70.92
N VAL D 389 14.43 37.92 71.31
CA VAL D 389 13.90 38.90 70.36
C VAL D 389 15.00 39.39 69.42
N CYS D 390 16.14 39.81 69.97
CA CYS D 390 17.23 40.37 69.19
C CYS D 390 17.86 39.36 68.23
N LEU D 391 17.85 38.08 68.57
CA LEU D 391 18.26 37.03 67.64
C LEU D 391 17.31 36.91 66.47
N LEU D 392 16.01 37.07 66.69
CA LEU D 392 15.02 36.94 65.63
C LEU D 392 14.97 38.14 64.70
N MET D 393 15.81 39.15 64.92
CA MET D 393 15.83 40.30 64.04
C MET D 393 16.89 40.20 62.96
N GLY D 394 18.07 39.71 63.29
CA GLY D 394 19.14 39.64 62.32
C GLY D 394 19.89 40.95 62.25
N GLY D 395 21.20 40.90 62.41
CA GLY D 395 22.02 42.09 62.43
C GLY D 395 22.37 42.58 61.04
N SER D 396 23.39 43.42 60.99
CA SER D 396 23.87 43.99 59.75
C SER D 396 24.60 42.94 58.93
N LYS D 397 24.89 43.29 57.68
CA LYS D 397 25.53 42.40 56.73
C LYS D 397 26.32 43.24 55.74
N LYS D 398 27.64 43.19 55.85
CA LYS D 398 28.53 44.06 55.09
C LYS D 398 29.21 43.27 54.00
N ILE D 399 29.03 43.69 52.75
CA ILE D 399 29.43 42.96 51.56
C ILE D 399 30.51 43.82 50.92
N LEU D 400 31.45 44.28 51.76
CA LEU D 400 32.47 45.26 51.45
C LEU D 400 33.27 44.95 50.17
N PRO D 401 33.92 45.97 49.59
CA PRO D 401 34.92 45.69 48.56
C PRO D 401 36.08 44.87 49.07
N ASP D 402 36.33 44.90 50.38
CA ASP D 402 37.16 43.91 51.04
C ASP D 402 36.61 42.52 50.78
N GLY D 403 37.52 41.56 50.59
CA GLY D 403 37.18 40.33 49.87
C GLY D 403 36.19 39.43 50.58
N MET D 404 36.00 39.62 51.89
CA MET D 404 35.06 38.82 52.65
C MET D 404 33.85 39.65 53.07
N ARG D 405 32.78 38.95 53.40
CA ARG D 405 31.65 39.53 54.12
C ARG D 405 31.63 39.01 55.55
N LEU D 406 30.94 39.73 56.43
CA LEU D 406 30.79 39.24 57.78
C LEU D 406 29.48 38.47 57.94
N ARG D 407 29.13 38.17 59.19
CA ARG D 407 27.95 37.40 59.51
C ARG D 407 27.01 38.27 60.33
N GLY D 408 25.71 38.00 60.17
CA GLY D 408 24.72 38.81 60.86
C GLY D 408 24.15 38.13 62.10
N ASP D 409 23.80 36.86 61.98
CA ASP D 409 23.05 36.15 62.99
C ASP D 409 23.94 35.82 64.18
N ILE D 410 23.28 35.64 65.33
CA ILE D 410 23.95 35.37 66.59
C ILE D 410 23.51 34.00 67.09
N ASN D 411 24.25 33.44 68.04
CA ASN D 411 23.92 32.14 68.57
C ASN D 411 23.96 32.15 70.08
N VAL D 412 22.93 31.55 70.70
CA VAL D 412 22.77 31.57 72.15
C VAL D 412 22.63 30.14 72.63
N LEU D 413 23.33 29.80 73.71
CA LEU D 413 23.21 28.49 74.31
C LEU D 413 22.24 28.51 75.49
N LEU D 414 21.55 27.39 75.65
CA LEU D 414 20.56 27.21 76.71
C LEU D 414 20.91 25.98 77.54
N LEU D 415 22.16 25.92 77.97
CA LEU D 415 22.58 24.89 78.90
C LEU D 415 21.88 25.07 80.24
N GLY D 416 21.41 23.97 80.80
CA GLY D 416 20.75 24.02 82.09
C GLY D 416 19.91 22.81 82.34
N ASP D 417 19.27 22.83 83.50
CA ASP D 417 18.57 21.71 84.11
C ASP D 417 17.32 21.35 83.33
N PRO D 418 16.92 20.07 83.34
CA PRO D 418 15.63 19.71 82.77
C PRO D 418 14.49 20.19 83.64
N GLY D 419 13.31 20.32 83.04
CA GLY D 419 12.19 20.97 83.67
C GLY D 419 12.08 22.43 83.35
N THR D 420 13.00 22.96 82.53
CA THR D 420 13.00 24.37 82.16
C THR D 420 11.83 24.71 81.24
N ALA D 421 11.25 23.69 80.57
CA ALA D 421 10.33 23.83 79.45
C ALA D 421 10.94 24.67 78.33
N LYS D 422 12.26 24.53 78.17
CA LYS D 422 12.92 25.06 76.98
C LYS D 422 12.51 24.28 75.74
N SER D 423 12.09 23.02 75.93
CA SER D 423 11.46 22.26 74.85
C SER D 423 10.19 22.94 74.38
N GLN D 424 9.37 23.41 75.33
CA GLN D 424 8.21 24.22 75.00
C GLN D 424 8.62 25.55 74.39
N LEU D 425 9.75 26.10 74.83
CA LEU D 425 10.24 27.37 74.29
C LEU D 425 10.64 27.23 72.83
N LEU D 426 11.38 26.17 72.49
CA LEU D 426 11.87 26.02 71.13
C LEU D 426 10.75 25.70 70.15
N LYS D 427 9.65 25.10 70.63
CA LYS D 427 8.47 24.96 69.80
C LYS D 427 7.89 26.32 69.45
N PHE D 428 7.92 27.26 70.40
CA PHE D 428 7.35 28.58 70.15
C PHE D 428 8.24 29.40 69.24
N VAL D 429 9.54 29.08 69.20
CA VAL D 429 10.47 29.77 68.31
C VAL D 429 10.12 29.50 66.85
N GLU D 430 9.75 28.25 66.52
CA GLU D 430 9.32 27.94 65.17
C GLU D 430 8.00 28.62 64.85
N LYS D 431 7.13 28.77 65.84
CA LYS D 431 5.87 29.47 65.63
C LYS D 431 6.08 30.94 65.34
N VAL D 432 7.16 31.52 65.85
CA VAL D 432 7.46 32.92 65.53
C VAL D 432 8.12 33.03 64.17
N SER D 433 9.10 32.18 63.90
CA SER D 433 9.88 32.26 62.68
C SER D 433 9.05 31.92 61.46
N PRO D 434 9.24 32.63 60.34
CA PRO D 434 8.54 32.25 59.11
C PRO D 434 8.97 30.92 58.56
N ILE D 435 10.28 30.67 58.48
CA ILE D 435 10.81 29.35 58.15
C ILE D 435 11.86 28.97 59.17
N ALA D 436 11.77 27.74 59.66
CA ALA D 436 12.65 27.24 60.72
C ALA D 436 12.58 25.73 60.72
N VAL D 437 13.66 25.09 61.14
CA VAL D 437 13.72 23.64 61.22
C VAL D 437 14.06 23.25 62.65
N TYR D 438 13.22 22.42 63.24
CA TYR D 438 13.45 21.88 64.58
C TYR D 438 14.13 20.54 64.43
N THR D 439 15.25 20.37 65.12
CA THR D 439 15.99 19.10 65.13
C THR D 439 16.30 18.71 66.57
N SER D 440 16.04 17.46 66.90
CA SER D 440 16.48 16.87 68.15
C SER D 440 17.69 15.98 67.89
N GLY D 441 18.87 16.46 68.24
CA GLY D 441 20.09 15.82 67.83
C GLY D 441 20.37 16.08 66.37
N LYS D 442 21.34 15.35 65.84
CA LYS D 442 21.57 15.39 64.40
C LYS D 442 20.58 14.52 63.65
N GLY D 443 19.97 13.57 64.35
CA GLY D 443 19.17 12.58 63.68
C GLY D 443 17.68 12.76 63.85
N SER D 444 16.98 12.91 62.73
CA SER D 444 15.54 12.67 62.70
C SER D 444 15.32 11.20 62.38
N SER D 445 14.04 10.81 62.26
CA SER D 445 13.65 9.42 61.97
C SER D 445 14.16 9.06 60.58
N ALA D 446 14.11 9.97 59.61
CA ALA D 446 14.64 9.69 58.29
C ALA D 446 15.35 10.89 57.66
N ALA D 447 15.44 12.01 58.39
CA ALA D 447 15.99 13.24 57.84
C ALA D 447 17.36 13.51 58.45
N GLY D 448 18.37 13.61 57.60
CA GLY D 448 19.68 14.05 58.03
C GLY D 448 19.69 15.55 58.27
N LEU D 449 20.81 16.02 58.82
CA LEU D 449 20.93 17.42 59.19
C LEU D 449 21.94 18.18 58.35
N THR D 450 23.05 17.57 57.98
CA THR D 450 24.08 18.25 57.22
C THR D 450 23.85 18.01 55.74
N ALA D 451 24.70 18.63 54.92
CA ALA D 451 24.53 18.65 53.48
C ALA D 451 24.84 17.27 52.90
N SER D 452 23.81 16.47 52.72
CA SER D 452 23.92 15.16 52.12
C SER D 452 23.72 15.24 50.60
N VAL D 453 24.56 14.50 49.87
CA VAL D 453 24.46 14.39 48.42
C VAL D 453 24.17 12.94 48.10
N GLN D 454 22.99 12.68 47.56
CA GLN D 454 22.58 11.33 47.17
C GLN D 454 22.51 11.26 45.66
N ARG D 455 23.06 10.20 45.09
CA ARG D 455 22.94 9.97 43.67
C ARG D 455 21.53 9.47 43.36
N ASP D 456 20.95 9.99 42.28
CA ASP D 456 19.64 9.56 41.84
C ASP D 456 19.74 8.11 41.36
N PRO D 457 18.94 7.17 41.90
CA PRO D 457 19.01 5.79 41.40
C PRO D 457 18.56 5.64 39.95
N MET D 458 17.58 6.42 39.51
CA MET D 458 17.36 6.54 38.08
C MET D 458 18.38 7.52 37.51
N THR D 459 18.88 7.20 36.31
CA THR D 459 19.70 8.04 35.43
C THR D 459 21.12 8.26 35.98
N ARG D 460 21.37 7.84 37.22
CA ARG D 460 22.63 8.01 37.96
C ARG D 460 23.09 9.46 37.95
N GLU D 461 22.28 10.29 38.59
CA GLU D 461 22.47 11.73 38.57
C GLU D 461 22.77 12.24 39.97
N PHE D 462 23.73 13.15 40.06
CA PHE D 462 24.09 13.80 41.31
C PHE D 462 23.17 14.98 41.59
N TYR D 463 22.61 15.02 42.79
CA TYR D 463 21.79 16.16 43.19
C TYR D 463 21.93 16.34 44.69
N LEU D 464 21.43 17.47 45.17
CA LEU D 464 21.46 17.76 46.60
C LEU D 464 20.31 17.03 47.27
N GLU D 465 20.65 16.09 48.15
CA GLU D 465 19.63 15.29 48.82
C GLU D 465 18.87 16.09 49.88
N GLY D 466 19.59 16.72 50.79
CA GLY D 466 18.94 17.49 51.83
C GLY D 466 19.76 17.66 53.09
N GLY D 467 19.08 17.89 54.21
CA GLY D 467 19.74 18.17 55.47
C GLY D 467 18.96 19.16 56.29
N ALA D 468 19.64 20.15 56.87
CA ALA D 468 18.94 21.23 57.55
C ALA D 468 19.39 22.62 57.10
N MET D 469 20.68 22.83 56.90
CA MET D 469 21.18 24.18 56.66
C MET D 469 20.83 24.68 55.28
N VAL D 470 20.67 23.78 54.32
CA VAL D 470 20.18 24.17 53.00
C VAL D 470 18.72 24.59 53.09
N LEU D 471 17.95 23.92 53.96
CA LEU D 471 16.53 24.19 54.05
C LEU D 471 16.24 25.54 54.69
N ALA D 472 16.86 25.83 55.83
CA ALA D 472 16.52 27.00 56.64
C ALA D 472 17.38 28.21 56.32
N ASP D 473 17.80 28.34 55.06
CA ASP D 473 18.64 29.43 54.60
C ASP D 473 17.93 30.76 54.81
N GLY D 474 18.52 31.62 55.65
CA GLY D 474 17.87 32.85 56.04
C GLY D 474 16.84 32.61 57.12
N GLY D 475 17.12 31.67 58.02
CA GLY D 475 16.14 31.31 59.04
C GLY D 475 16.73 30.76 60.31
N VAL D 476 15.94 29.94 61.01
CA VAL D 476 16.23 29.56 62.39
C VAL D 476 16.50 28.07 62.45
N VAL D 477 17.59 27.70 63.12
CA VAL D 477 17.95 26.30 63.32
C VAL D 477 17.81 25.98 64.80
N CYS D 478 17.02 24.96 65.11
CA CYS D 478 16.86 24.45 66.47
C CYS D 478 17.52 23.09 66.59
N ILE D 479 18.54 23.01 67.44
CA ILE D 479 19.27 21.76 67.67
C ILE D 479 19.23 21.44 69.16
N ASP D 480 18.72 20.27 69.49
CA ASP D 480 18.77 19.75 70.85
C ASP D 480 19.97 18.83 70.99
N GLU D 481 20.45 18.72 72.24
CA GLU D 481 21.45 17.73 72.66
C GLU D 481 22.74 17.84 71.84
N PHE D 482 23.35 19.02 71.92
CA PHE D 482 24.58 19.27 71.20
C PHE D 482 25.76 18.45 71.72
N ASP D 483 25.71 18.02 72.98
CA ASP D 483 26.81 17.28 73.56
C ASP D 483 26.51 15.79 73.63
N LYS D 484 25.23 15.41 73.49
CA LYS D 484 24.81 14.01 73.38
C LYS D 484 24.80 13.56 71.93
N MET D 485 25.68 14.15 71.13
CA MET D 485 25.53 14.18 69.68
C MET D 485 26.65 13.40 69.01
N ARG D 486 26.29 12.72 67.92
CA ARG D 486 27.28 12.09 67.06
C ARG D 486 28.15 13.16 66.43
N ASP D 487 29.38 12.79 66.04
CA ASP D 487 30.39 13.77 65.71
C ASP D 487 31.14 13.47 64.42
N GLU D 488 30.44 12.99 63.39
CA GLU D 488 31.07 12.74 62.11
C GLU D 488 31.00 13.92 61.16
N ASP D 489 30.02 14.81 61.35
CA ASP D 489 29.78 15.96 60.50
C ASP D 489 29.60 17.24 61.29
N ARG D 490 30.03 17.24 62.56
CA ARG D 490 29.99 18.37 63.46
C ARG D 490 30.82 19.53 62.95
N VAL D 491 31.88 19.23 62.19
CA VAL D 491 32.77 20.24 61.65
C VAL D 491 32.03 21.15 60.68
N ALA D 492 31.06 20.59 59.95
CA ALA D 492 30.21 21.41 59.08
C ALA D 492 29.37 22.40 59.89
N ILE D 493 28.97 22.02 61.10
CA ILE D 493 28.31 22.97 61.97
C ILE D 493 29.32 23.99 62.50
N HIS D 494 30.56 23.56 62.68
CA HIS D 494 31.61 24.45 63.15
C HIS D 494 32.11 25.43 62.09
N GLU D 495 31.60 25.37 60.86
CA GLU D 495 31.96 26.34 59.84
C GLU D 495 30.81 27.24 59.44
N ALA D 496 29.59 26.72 59.45
CA ALA D 496 28.40 27.44 59.02
C ALA D 496 28.11 28.68 59.84
N MET D 497 28.49 28.68 61.11
CA MET D 497 28.25 29.81 62.00
C MET D 497 29.29 30.91 61.88
N GLU D 498 30.15 30.86 60.87
CA GLU D 498 31.18 31.87 60.70
C GLU D 498 31.17 32.48 59.31
N GLN D 499 30.83 31.71 58.29
CA GLN D 499 30.85 32.20 56.92
C GLN D 499 29.50 32.07 56.23
N GLN D 500 28.55 31.37 56.86
CA GLN D 500 27.22 31.08 56.34
C GLN D 500 27.26 30.36 55.00
N THR D 501 28.33 29.63 54.70
CA THR D 501 28.58 29.04 53.40
C THR D 501 29.20 27.66 53.58
N ILE D 502 28.36 26.63 53.63
CA ILE D 502 28.86 25.26 53.71
C ILE D 502 29.28 24.80 52.32
N SER D 503 30.55 24.47 52.16
CA SER D 503 31.09 23.99 50.91
C SER D 503 31.04 22.46 50.89
N ILE D 504 30.82 21.90 49.70
CA ILE D 504 30.73 20.46 49.53
C ILE D 504 31.65 20.07 48.39
N ALA D 505 32.60 19.18 48.69
CA ALA D 505 33.62 18.76 47.73
C ALA D 505 33.63 17.24 47.61
N LYS D 506 32.45 16.67 47.40
CA LYS D 506 32.32 15.23 47.26
C LYS D 506 32.75 14.79 45.85
N ALA D 507 32.44 13.54 45.51
CA ALA D 507 33.02 12.91 44.32
C ALA D 507 32.50 13.52 43.03
N GLY D 508 31.32 14.13 43.04
CA GLY D 508 30.78 14.67 41.81
C GLY D 508 31.14 16.12 41.56
N ILE D 509 30.83 16.99 42.50
CA ILE D 509 30.86 18.42 42.28
C ILE D 509 31.78 19.09 43.28
N THR D 510 32.10 20.36 43.01
CA THR D 510 32.99 21.17 43.82
C THR D 510 32.34 22.52 44.13
N THR D 511 31.09 22.49 44.58
CA THR D 511 30.32 23.71 44.66
C THR D 511 30.42 24.36 46.04
N VAL D 512 30.12 25.66 46.08
CA VAL D 512 30.04 26.44 47.29
C VAL D 512 28.68 27.12 47.31
N LEU D 513 27.85 26.78 48.29
CA LEU D 513 26.52 27.35 48.39
C LEU D 513 26.44 28.36 49.53
N ASN D 514 25.29 29.01 49.63
CA ASN D 514 25.00 29.94 50.70
C ASN D 514 24.00 29.32 51.68
N SER D 515 24.19 29.59 52.97
CA SER D 515 23.27 29.11 53.98
C SER D 515 23.29 30.12 55.13
N ARG D 516 22.34 31.06 55.11
CA ARG D 516 22.33 32.19 56.02
C ARG D 516 21.45 31.95 57.23
N THR D 517 21.47 30.73 57.74
CA THR D 517 20.63 30.29 58.84
C THR D 517 21.06 30.95 60.15
N SER D 518 20.32 30.64 61.21
CA SER D 518 20.65 31.08 62.55
C SER D 518 20.43 29.91 63.50
N VAL D 519 21.49 29.51 64.20
CA VAL D 519 21.45 28.31 65.02
C VAL D 519 21.20 28.69 66.47
N LEU D 520 20.27 27.98 67.11
CA LEU D 520 20.03 28.13 68.54
C LEU D 520 20.51 26.84 69.18
N ALA D 521 21.54 26.95 70.00
CA ALA D 521 22.02 25.77 70.72
C ALA D 521 21.35 25.68 72.09
N ALA D 522 21.25 24.45 72.58
CA ALA D 522 20.68 24.20 73.91
C ALA D 522 21.36 22.96 74.46
N ALA D 523 22.40 23.16 75.25
CA ALA D 523 23.20 22.07 75.76
C ALA D 523 22.56 21.50 77.03
N ASN D 524 23.19 20.46 77.59
CA ASN D 524 22.72 19.82 78.78
C ASN D 524 23.93 19.59 79.68
N PRO D 525 23.95 20.17 80.87
CA PRO D 525 25.09 19.97 81.78
C PRO D 525 25.06 18.57 82.37
N ILE D 526 26.23 18.12 82.80
CA ILE D 526 26.37 16.86 83.50
C ILE D 526 26.14 17.12 84.99
N TYR D 527 25.37 16.24 85.62
CA TYR D 527 25.04 16.21 87.05
C TYR D 527 24.30 17.45 87.53
N GLY D 528 23.64 18.19 86.63
CA GLY D 528 22.78 19.30 87.01
C GLY D 528 23.47 20.51 87.60
N ARG D 529 23.23 20.76 88.88
CA ARG D 529 23.83 21.90 89.56
C ARG D 529 25.28 21.65 89.98
N TYR D 530 25.80 20.45 89.79
CA TYR D 530 27.20 20.17 90.08
C TYR D 530 28.14 20.79 89.05
N ASP D 531 27.62 21.15 87.86
CA ASP D 531 28.44 21.79 86.85
C ASP D 531 28.84 23.19 87.28
N ASP D 532 28.01 23.82 88.12
CA ASP D 532 28.37 25.08 88.77
C ASP D 532 29.12 24.88 90.08
N LEU D 533 29.29 23.64 90.53
CA LEU D 533 30.14 23.36 91.69
C LEU D 533 31.58 23.10 91.28
N LYS D 534 31.81 22.80 90.01
CA LYS D 534 33.15 22.70 89.45
C LYS D 534 33.55 24.07 88.87
N SER D 535 34.57 24.08 88.02
CA SER D 535 34.85 25.25 87.21
C SER D 535 33.70 25.49 86.23
N PRO D 536 33.44 26.74 85.83
CA PRO D 536 32.26 27.02 84.99
C PRO D 536 32.31 26.45 83.57
N GLY D 537 33.34 25.71 83.18
CA GLY D 537 33.30 24.93 81.97
C GLY D 537 32.70 23.56 82.26
N ASP D 538 33.45 22.50 81.93
CA ASP D 538 33.23 21.15 82.47
C ASP D 538 31.90 20.54 82.00
N ASN D 539 31.45 20.92 80.81
CA ASN D 539 30.28 20.28 80.22
C ASN D 539 30.66 19.51 78.95
N ILE D 540 31.24 20.17 77.95
CA ILE D 540 31.67 19.46 76.75
C ILE D 540 32.94 18.68 77.09
N ASP D 541 32.87 17.36 76.89
CA ASP D 541 33.98 16.48 77.25
C ASP D 541 35.19 16.72 76.35
N PHE D 542 34.96 17.21 75.14
CA PHE D 542 36.06 17.44 74.22
C PHE D 542 36.89 18.64 74.67
N GLN D 543 36.29 19.84 74.61
CA GLN D 543 36.91 21.08 75.08
C GLN D 543 35.86 22.17 75.08
N THR D 544 36.28 23.34 75.59
CA THR D 544 35.41 24.50 75.66
C THR D 544 35.78 25.56 74.63
N THR D 545 36.63 25.22 73.66
CA THR D 545 36.88 26.14 72.57
C THR D 545 35.70 26.22 71.62
N ILE D 546 34.85 25.19 71.64
CA ILE D 546 33.55 25.27 70.98
C ILE D 546 32.76 26.45 71.52
N LEU D 547 32.79 26.62 72.85
CA LEU D 547 32.08 27.69 73.52
C LEU D 547 32.64 29.06 73.19
N SER D 548 33.93 29.13 72.85
CA SER D 548 34.54 30.40 72.44
C SER D 548 34.06 30.88 71.09
N ARG D 549 33.55 29.98 70.24
CA ARG D 549 32.99 30.38 68.95
C ARG D 549 31.55 30.86 69.04
N PHE D 550 30.97 30.93 70.23
CA PHE D 550 29.61 31.41 70.37
C PHE D 550 29.58 32.82 70.95
N ASP D 551 28.38 33.32 71.22
CA ASP D 551 28.18 34.69 71.67
C ASP D 551 27.58 34.78 73.07
N MET D 552 26.42 34.18 73.30
CA MET D 552 25.68 34.38 74.55
C MET D 552 25.48 33.04 75.22
N ILE D 553 25.84 32.97 76.51
CA ILE D 553 25.78 31.72 77.25
C ILE D 553 24.98 31.95 78.52
N PHE D 554 23.89 31.19 78.68
CA PHE D 554 22.99 31.34 79.80
C PHE D 554 22.90 30.05 80.59
N ILE D 555 22.82 30.19 81.91
CA ILE D 555 22.80 29.06 82.83
C ILE D 555 21.44 29.02 83.48
N VAL D 556 20.79 27.86 83.43
CA VAL D 556 19.50 27.66 84.06
C VAL D 556 19.72 27.04 85.43
N LYS D 557 19.27 27.73 86.47
CA LYS D 557 19.41 27.30 87.85
C LYS D 557 18.07 26.82 88.38
N ASP D 558 18.08 26.34 89.62
CA ASP D 558 16.86 25.91 90.30
C ASP D 558 17.05 26.10 91.80
N ASP D 559 16.62 27.25 92.31
CA ASP D 559 16.76 27.58 93.72
C ASP D 559 15.38 27.53 94.36
N HIS D 560 15.27 26.73 95.42
CA HIS D 560 13.99 26.54 96.08
C HIS D 560 13.58 27.79 96.85
N ASN D 561 12.39 28.29 96.53
CA ASN D 561 11.76 29.37 97.28
C ASN D 561 10.29 29.07 97.35
N GLU D 562 9.79 28.92 98.58
CA GLU D 562 8.48 28.29 98.81
C GLU D 562 7.35 29.17 98.31
N GLU D 563 7.48 30.49 98.49
CA GLU D 563 6.49 31.40 97.92
C GLU D 563 6.61 31.46 96.40
N ARG D 564 7.85 31.38 95.89
CA ARG D 564 8.04 31.28 94.46
C ARG D 564 7.58 29.92 93.94
N ASP D 565 7.68 28.88 94.77
CA ASP D 565 7.23 27.55 94.41
C ASP D 565 5.72 27.52 94.20
N ILE D 566 4.97 28.26 95.01
CA ILE D 566 3.54 28.36 94.80
C ILE D 566 3.24 29.23 93.59
N SER D 567 4.00 30.31 93.41
CA SER D 567 3.75 31.24 92.31
C SER D 567 4.10 30.60 90.97
N ILE D 568 5.13 29.75 90.94
CA ILE D 568 5.43 29.05 89.70
C ILE D 568 4.43 27.91 89.49
N ALA D 569 3.77 27.46 90.56
CA ALA D 569 2.74 26.45 90.39
C ALA D 569 1.43 27.07 89.94
N ASN D 570 0.87 27.95 90.77
CA ASN D 570 -0.52 28.39 90.60
C ASN D 570 -0.67 29.32 89.40
N HIS D 571 0.45 29.79 88.84
CA HIS D 571 0.42 30.41 87.52
C HIS D 571 -0.04 29.42 86.47
N VAL D 572 0.35 28.15 86.61
CA VAL D 572 0.27 27.23 85.48
C VAL D 572 -0.98 26.35 85.58
N ILE D 573 -1.51 26.18 86.80
CA ILE D 573 -2.81 25.51 86.96
C ILE D 573 -3.91 26.31 86.27
N ASN D 574 -3.82 27.64 86.35
CA ASN D 574 -4.79 28.50 85.67
C ASN D 574 -4.64 28.43 84.15
N ILE D 575 -3.44 28.10 83.67
CA ILE D 575 -3.22 27.90 82.24
C ILE D 575 -3.97 26.68 81.76
N HIS D 576 -3.91 25.59 82.55
CA HIS D 576 -4.44 24.29 82.12
C HIS D 576 -5.94 24.33 81.91
N THR D 577 -6.69 24.52 82.97
CA THR D 577 -8.11 24.22 82.97
C THR D 577 -8.92 25.51 82.96
N GLY D 578 -10.00 25.52 82.17
CA GLY D 578 -10.85 26.68 82.04
C GLY D 578 -10.24 27.87 81.35
N ASN D 579 -9.08 27.67 80.68
CA ASN D 579 -8.28 28.62 79.87
C ASN D 579 -8.30 30.06 80.40
N ALA D 580 -8.15 30.19 81.72
CA ALA D 580 -8.40 31.47 82.38
C ALA D 580 -7.36 32.50 82.01
N ASN D 581 -6.08 32.12 82.03
CA ASN D 581 -5.03 33.01 81.55
C ASN D 581 -5.10 33.24 80.05
N ALA D 582 -5.59 32.27 79.29
CA ALA D 582 -5.87 32.50 77.88
C ALA D 582 -7.03 33.47 77.70
N MET D 583 -8.00 33.45 78.61
CA MET D 583 -9.01 34.50 78.63
C MET D 583 -8.43 35.80 79.13
N GLN D 584 -7.50 35.74 80.10
CA GLN D 584 -6.79 36.93 80.54
C GLN D 584 -5.91 37.50 79.44
N ASN D 585 -5.44 36.64 78.53
CA ASN D 585 -4.76 37.14 77.35
C ASN D 585 -5.67 38.00 76.48
N GLN D 586 -6.95 37.64 76.40
CA GLN D 586 -7.87 38.31 75.48
C GLN D 586 -8.17 39.74 75.90
N GLN D 587 -8.10 40.03 77.21
CA GLN D 587 -8.14 41.42 77.62
C GLN D 587 -6.79 42.09 77.49
N GLU D 588 -5.69 41.31 77.54
CA GLU D 588 -4.40 41.87 77.18
C GLU D 588 -4.30 42.06 75.67
N GLU D 589 -4.97 41.19 74.89
CA GLU D 589 -5.13 41.39 73.45
C GLU D 589 -5.81 42.71 73.12
N ASN D 590 -6.72 43.15 74.00
CA ASN D 590 -7.34 44.46 73.86
C ASN D 590 -6.34 45.60 74.05
N GLY D 591 -5.24 45.36 74.76
CA GLY D 591 -4.28 46.40 75.03
C GLY D 591 -2.89 46.17 74.47
N SER D 592 -2.55 44.94 74.11
CA SER D 592 -1.17 44.61 73.82
C SER D 592 -1.09 43.39 72.91
N GLU D 593 -0.21 43.48 71.90
CA GLU D 593 0.31 42.33 71.15
C GLU D 593 -0.81 41.55 70.44
N ILE D 594 -1.40 42.19 69.43
CA ILE D 594 -2.74 41.82 68.96
C ILE D 594 -2.74 40.47 68.24
N SER D 595 -1.58 40.04 67.74
CA SER D 595 -1.49 38.71 67.13
C SER D 595 -0.06 38.21 67.10
N ILE D 596 0.06 36.89 67.00
CA ILE D 596 1.34 36.27 66.73
C ILE D 596 1.72 36.47 65.27
N GLU D 597 0.81 36.12 64.36
CA GLU D 597 1.12 36.14 62.94
C GLU D 597 1.22 37.55 62.38
N LYS D 598 0.57 38.53 63.02
CA LYS D 598 0.83 39.93 62.70
C LYS D 598 2.25 40.31 63.03
N MET D 599 2.72 39.90 64.22
CA MET D 599 4.11 40.14 64.61
C MET D 599 5.06 39.36 63.72
N LYS D 600 4.61 38.20 63.23
CA LYS D 600 5.40 37.43 62.27
C LYS D 600 5.60 38.20 60.98
N ARG D 601 4.52 38.78 60.44
CA ARG D 601 4.64 39.63 59.27
C ARG D 601 5.40 40.91 59.59
N TYR D 602 5.31 41.38 60.84
CA TYR D 602 5.97 42.61 61.24
C TYR D 602 7.48 42.47 61.23
N ILE D 603 7.99 41.31 61.65
CA ILE D 603 9.43 41.10 61.68
C ILE D 603 9.98 41.01 60.26
N THR D 604 9.24 40.38 59.36
CA THR D 604 9.66 40.25 57.97
C THR D 604 9.76 41.61 57.29
N TYR D 605 8.82 42.51 57.60
CA TYR D 605 8.96 43.88 57.11
C TYR D 605 10.11 44.59 57.79
N CYS D 606 10.33 44.32 59.08
CA CYS D 606 11.47 44.93 59.75
C CYS D 606 12.79 44.42 59.22
N ARG D 607 12.87 43.16 58.80
CA ARG D 607 14.16 42.57 58.47
C ARG D 607 14.71 43.11 57.16
N LEU D 608 14.00 42.85 56.07
CA LEU D 608 14.55 43.08 54.74
C LEU D 608 14.53 44.53 54.30
N LYS D 609 13.81 45.41 55.00
CA LYS D 609 13.70 46.80 54.57
C LYS D 609 14.85 47.66 55.08
N CYS D 610 15.04 47.74 56.38
CA CYS D 610 15.91 48.75 56.95
C CYS D 610 17.37 48.36 56.81
N ALA D 611 18.22 49.38 56.72
CA ALA D 611 19.66 49.24 56.64
C ALA D 611 20.29 50.02 57.78
N PRO D 612 20.40 49.44 58.98
CA PRO D 612 20.87 50.21 60.14
C PRO D 612 22.37 50.44 60.15
N ARG D 613 22.79 51.36 61.01
CA ARG D 613 24.18 51.74 61.15
C ARG D 613 24.33 52.45 62.49
N LEU D 614 25.48 52.25 63.11
CA LEU D 614 25.76 52.79 64.44
C LEU D 614 26.25 54.22 64.33
N SER D 615 26.51 54.85 65.47
CA SER D 615 27.00 56.21 65.54
C SER D 615 28.44 56.20 66.06
N PRO D 616 29.29 57.10 65.56
CA PRO D 616 30.71 57.06 65.95
C PRO D 616 30.96 57.43 67.41
N GLN D 617 30.09 58.22 68.03
CA GLN D 617 30.25 58.51 69.44
C GLN D 617 29.80 57.34 70.32
N ALA D 618 29.08 56.38 69.74
CA ALA D 618 28.78 55.16 70.49
C ALA D 618 29.93 54.16 70.42
N ALA D 619 30.84 54.37 69.46
CA ALA D 619 31.98 53.47 69.33
C ALA D 619 32.97 53.66 70.46
N GLU D 620 33.21 54.91 70.87
CA GLU D 620 34.15 55.19 71.95
C GLU D 620 33.65 54.71 73.30
N LYS D 621 32.34 54.50 73.44
CA LYS D 621 31.82 53.86 74.64
C LYS D 621 32.24 52.40 74.70
N LEU D 622 32.20 51.72 73.57
CA LEU D 622 32.54 50.30 73.53
C LEU D 622 34.04 50.09 73.67
N SER D 623 34.84 50.98 73.09
CA SER D 623 36.30 50.87 73.22
C SER D 623 36.74 51.12 74.65
N SER D 624 36.07 52.04 75.34
CA SER D 624 36.32 52.23 76.76
C SER D 624 35.80 51.06 77.59
N ASN D 625 34.92 50.24 77.03
CA ASN D 625 34.34 49.12 77.77
C ASN D 625 35.04 47.81 77.45
N PHE D 626 35.41 47.61 76.18
CA PHE D 626 35.99 46.33 75.78
C PHE D 626 37.39 46.15 76.34
N VAL D 627 38.14 47.25 76.48
CA VAL D 627 39.47 47.17 77.05
C VAL D 627 39.41 46.80 78.52
N THR D 628 38.53 47.46 79.27
CA THR D 628 38.49 47.30 80.72
C THR D 628 37.99 45.92 81.14
N ILE D 629 37.11 45.31 80.33
CA ILE D 629 36.73 43.92 80.59
C ILE D 629 37.89 42.99 80.30
N ARG D 630 38.58 43.21 79.18
CA ARG D 630 39.82 42.51 78.89
C ARG D 630 40.89 42.83 79.93
N LYS D 631 40.94 44.07 80.41
CA LYS D 631 41.80 44.38 81.55
C LYS D 631 41.34 43.68 82.81
N GLN D 632 40.03 43.55 83.02
CA GLN D 632 39.55 42.79 84.16
C GLN D 632 39.85 41.30 83.98
N LEU D 633 39.72 40.80 82.76
CA LEU D 633 40.14 39.44 82.47
C LEU D 633 41.65 39.29 82.57
N LEU D 634 42.41 40.37 82.34
CA LEU D 634 43.85 40.34 82.59
C LEU D 634 44.13 40.22 84.08
N ILE D 635 43.37 40.95 84.90
CA ILE D 635 43.58 40.92 86.35
C ILE D 635 43.15 39.59 86.94
N ASN D 636 41.98 39.08 86.52
CA ASN D 636 41.50 37.80 87.04
C ASN D 636 42.33 36.63 86.52
N GLU D 637 43.11 36.83 85.46
CA GLU D 637 44.05 35.79 85.05
C GLU D 637 45.29 35.80 85.95
N LEU D 638 45.93 36.96 86.08
CA LEU D 638 47.24 37.04 86.73
C LEU D 638 47.14 36.84 88.24
N GLU D 639 46.04 37.27 88.85
CA GLU D 639 45.92 37.10 90.29
C GLU D 639 45.49 35.68 90.65
N SER D 640 44.77 35.00 89.75
CA SER D 640 44.42 33.60 89.93
C SER D 640 45.42 32.66 89.27
N THR D 641 46.46 33.21 88.63
CA THR D 641 47.64 32.59 88.02
C THR D 641 47.31 31.45 87.04
N GLU D 642 46.07 31.32 86.59
CA GLU D 642 45.68 30.31 85.62
C GLU D 642 44.72 30.93 84.63
N ARG D 643 44.26 30.10 83.69
CA ARG D 643 43.34 30.56 82.66
C ARG D 643 41.92 30.65 83.21
N PRO D 647 36.89 32.10 78.36
CA PRO D 647 37.92 32.79 77.57
C PRO D 647 37.34 33.79 76.57
N ILE D 648 37.76 35.04 76.67
CA ILE D 648 37.23 36.12 75.84
C ILE D 648 37.92 36.09 74.48
N THR D 649 37.18 36.47 73.45
CA THR D 649 37.70 36.50 72.09
C THR D 649 37.56 37.90 71.51
N ILE D 650 38.04 38.09 70.27
CA ILE D 650 37.62 39.26 69.51
C ILE D 650 36.23 39.09 68.94
N ARG D 651 35.76 37.84 68.86
CA ARG D 651 34.39 37.60 68.44
C ARG D 651 33.39 38.02 69.50
N GLN D 652 33.85 38.17 70.75
CA GLN D 652 33.00 38.77 71.78
C GLN D 652 32.67 40.21 71.44
N LEU D 653 33.63 40.96 70.89
CA LEU D 653 33.33 42.30 70.41
C LEU D 653 32.43 42.22 69.19
N GLU D 654 32.58 41.17 68.38
CA GLU D 654 31.68 40.97 67.26
C GLU D 654 30.27 40.60 67.73
N ALA D 655 30.16 40.03 68.93
CA ALA D 655 28.86 39.80 69.53
C ALA D 655 28.27 41.10 70.05
N ILE D 656 29.10 41.96 70.65
CA ILE D 656 28.65 43.23 71.20
C ILE D 656 28.12 44.14 70.11
N ILE D 657 28.85 44.22 69.00
CA ILE D 657 28.58 45.23 67.99
C ILE D 657 27.28 44.97 67.23
N ARG D 658 26.76 43.74 67.27
CA ARG D 658 25.60 43.38 66.47
C ARG D 658 24.28 43.53 67.20
N ILE D 659 24.30 43.67 68.52
CA ILE D 659 23.06 43.79 69.28
C ILE D 659 22.42 45.14 69.03
N THR D 660 23.24 46.14 68.67
CA THR D 660 22.75 47.48 68.39
C THR D 660 21.81 47.51 67.19
N GLU D 661 22.19 46.86 66.10
CA GLU D 661 21.34 46.85 64.92
C GLU D 661 20.09 46.01 65.09
N SER D 662 20.14 44.99 65.95
CA SER D 662 18.94 44.24 66.28
C SER D 662 17.95 45.13 67.03
N LEU D 663 18.45 45.94 67.96
CA LEU D 663 17.60 46.91 68.62
C LEU D 663 17.27 48.06 67.70
N ALA D 664 18.13 48.35 66.71
CA ALA D 664 17.81 49.40 65.74
C ALA D 664 16.74 48.92 64.78
N LYS D 665 16.76 47.63 64.44
CA LYS D 665 15.72 47.07 63.59
C LYS D 665 14.38 47.02 64.31
N LEU D 666 14.41 46.91 65.64
CA LEU D 666 13.23 47.24 66.43
C LEU D 666 12.86 48.71 66.27
N GLU D 667 13.84 49.60 66.42
CA GLU D 667 13.59 51.03 66.36
C GLU D 667 13.40 51.55 64.95
N LEU D 668 13.72 50.75 63.92
CA LEU D 668 13.47 50.97 62.50
C LEU D 668 14.29 52.12 61.89
N SER D 669 15.03 52.88 62.69
CA SER D 669 15.83 53.98 62.15
C SER D 669 17.20 53.46 61.71
N PRO D 670 17.80 54.08 60.69
CA PRO D 670 19.14 53.65 60.25
C PRO D 670 20.28 54.14 61.12
N ILE D 671 20.00 54.97 62.12
CA ILE D 671 21.04 55.54 62.97
C ILE D 671 20.94 54.94 64.36
N ALA D 672 21.93 55.24 65.20
CA ALA D 672 21.96 54.77 66.58
C ALA D 672 22.27 55.92 67.52
N GLN D 673 21.99 55.69 68.80
CA GLN D 673 22.15 56.67 69.86
C GLN D 673 22.97 56.06 71.00
N GLU D 674 23.23 56.85 72.02
CA GLU D 674 24.02 56.39 73.15
C GLU D 674 23.26 55.42 74.04
N ARG D 675 22.08 55.83 74.52
CA ARG D 675 21.22 54.92 75.30
C ARG D 675 20.66 53.81 74.42
N HIS D 676 20.68 54.02 73.10
CA HIS D 676 20.32 52.95 72.17
C HIS D 676 21.32 51.81 72.22
N VAL D 677 22.55 52.09 72.64
CA VAL D 677 23.59 51.08 72.76
C VAL D 677 23.67 50.59 74.20
N ASP D 678 23.55 51.51 75.15
CA ASP D 678 23.86 51.21 76.55
C ASP D 678 22.90 50.22 77.19
N GLU D 679 21.70 50.07 76.61
CA GLU D 679 20.77 49.03 77.06
C GLU D 679 21.35 47.65 76.82
N ALA D 680 22.08 47.47 75.72
CA ALA D 680 22.61 46.17 75.38
C ALA D 680 23.74 45.73 76.31
N ILE D 681 24.55 46.69 76.78
CA ILE D 681 25.65 46.40 77.70
C ILE D 681 25.12 45.80 78.99
N ARG D 682 24.00 46.34 79.49
CA ARG D 682 23.31 45.75 80.62
C ARG D 682 22.85 44.34 80.32
N LEU D 683 22.36 44.11 79.11
CA LEU D 683 21.93 42.77 78.73
C LEU D 683 23.13 41.89 78.42
N PHE D 684 24.20 42.49 77.88
CA PHE D 684 25.40 41.71 77.58
C PHE D 684 26.16 41.36 78.86
N GLN D 685 26.04 42.20 79.89
CA GLN D 685 26.68 41.88 81.17
C GLN D 685 25.99 40.68 81.81
N ALA D 686 24.68 40.54 81.57
CA ALA D 686 23.98 39.32 81.97
C ALA D 686 24.49 38.10 81.19
N SER D 687 25.02 38.31 79.98
CA SER D 687 25.64 37.22 79.26
C SER D 687 27.06 36.95 79.72
N THR D 688 27.67 37.85 80.50
CA THR D 688 29.04 37.61 80.95
C THR D 688 29.12 37.31 82.44
N MET D 689 28.04 37.56 83.18
CA MET D 689 27.98 37.09 84.57
C MET D 689 27.90 35.58 84.63
N ASP D 690 27.31 34.95 83.62
CA ASP D 690 27.34 33.50 83.51
C ASP D 690 28.73 33.00 83.12
N ALA D 691 29.55 33.87 82.54
CA ALA D 691 30.83 33.46 81.98
C ALA D 691 31.90 33.29 83.03
N ALA D 692 32.13 34.31 83.86
CA ALA D 692 33.27 34.30 84.78
C ALA D 692 33.02 33.35 85.94
N SER D 693 31.98 33.61 86.73
CA SER D 693 31.67 32.78 87.88
C SER D 693 31.08 31.43 87.46
N VAL E 103 5.00 -58.65 10.00
CA VAL E 103 6.06 -59.14 10.86
C VAL E 103 5.92 -58.50 12.23
N ASP E 104 6.25 -57.21 12.30
CA ASP E 104 6.18 -56.49 13.58
C ASP E 104 4.75 -56.19 13.96
N ASP E 105 3.85 -56.09 12.97
CA ASP E 105 2.43 -56.09 13.25
C ASP E 105 2.00 -57.41 13.85
N VAL E 106 2.63 -58.51 13.44
CA VAL E 106 2.29 -59.82 13.98
C VAL E 106 2.98 -60.06 15.31
N THR E 107 4.25 -59.64 15.43
CA THR E 107 5.08 -60.05 16.56
C THR E 107 4.61 -59.40 17.86
N GLY E 108 4.36 -58.09 17.84
CA GLY E 108 3.79 -57.44 19.00
C GLY E 108 2.37 -57.90 19.28
N GLU E 109 1.66 -58.31 18.24
CA GLU E 109 0.38 -58.96 18.44
C GLU E 109 0.56 -60.39 18.94
N LYS E 110 1.64 -61.06 18.51
CA LYS E 110 2.00 -62.32 19.12
C LYS E 110 2.46 -62.13 20.56
N VAL E 111 3.16 -61.01 20.82
CA VAL E 111 3.41 -60.58 22.19
C VAL E 111 2.09 -60.31 22.92
N ARG E 112 1.13 -59.71 22.21
CA ARG E 112 -0.18 -59.41 22.81
C ARG E 112 -0.94 -60.68 23.15
N GLU E 113 -0.93 -61.66 22.26
CA GLU E 113 -1.73 -62.86 22.48
C GLU E 113 -1.10 -63.79 23.49
N ALA E 114 0.23 -63.92 23.47
CA ALA E 114 0.90 -64.77 24.45
C ALA E 114 0.77 -64.19 25.86
N PHE E 115 0.79 -62.87 25.98
CA PHE E 115 0.50 -62.24 27.26
C PHE E 115 -0.98 -62.37 27.61
N GLU E 116 -1.84 -62.34 26.59
CA GLU E 116 -3.25 -62.64 26.82
C GLU E 116 -3.42 -64.10 27.21
N GLN E 117 -2.59 -64.98 26.64
CA GLN E 117 -2.57 -66.38 27.07
C GLN E 117 -2.07 -66.51 28.50
N PHE E 118 -1.13 -65.65 28.90
CA PHE E 118 -0.40 -65.85 30.15
C PHE E 118 -1.29 -65.64 31.37
N LEU E 119 -1.83 -64.43 31.52
CA LEU E 119 -2.66 -64.12 32.68
C LEU E 119 -3.97 -64.88 32.70
N GLU E 120 -4.49 -65.27 31.53
CA GLU E 120 -5.72 -66.05 31.51
C GLU E 120 -5.48 -67.51 31.92
N ASP E 121 -4.23 -67.93 32.03
CA ASP E 121 -3.90 -69.23 32.59
C ASP E 121 -3.93 -69.20 34.11
N PHE E 122 -3.38 -70.26 34.71
CA PHE E 122 -3.16 -70.30 36.15
C PHE E 122 -2.23 -69.18 36.59
N SER E 123 -2.39 -68.75 37.84
CA SER E 123 -1.58 -67.68 38.36
C SER E 123 -0.47 -68.15 39.29
N VAL E 124 -0.79 -68.87 40.36
CA VAL E 124 0.16 -69.24 41.39
C VAL E 124 0.15 -70.75 41.51
N GLN E 125 1.33 -71.35 41.59
CA GLN E 125 1.48 -72.80 41.71
C GLN E 125 1.03 -73.34 43.06
N SER E 126 0.94 -72.49 44.09
CA SER E 126 0.81 -72.91 45.48
C SER E 126 -0.50 -73.65 45.76
N THR E 127 -0.45 -74.49 46.78
CA THR E 127 -1.52 -75.42 47.14
C THR E 127 -2.61 -74.75 47.97
N ASP E 128 -3.47 -75.58 48.57
CA ASP E 128 -4.50 -75.07 49.48
C ASP E 128 -3.88 -74.46 50.72
N THR E 129 -2.71 -74.95 51.15
CA THR E 129 -1.89 -74.24 52.12
C THR E 129 -1.33 -73.02 51.39
N GLY E 130 -2.02 -71.90 51.53
CA GLY E 130 -1.73 -70.70 50.76
C GLY E 130 -2.82 -70.48 49.75
N GLU E 131 -2.51 -69.68 48.74
CA GLU E 131 -3.47 -69.38 47.68
C GLU E 131 -3.35 -70.46 46.61
N VAL E 132 -4.50 -70.81 45.99
CA VAL E 132 -4.50 -71.93 45.07
C VAL E 132 -4.31 -71.46 43.63
N GLU E 133 -5.23 -70.67 43.12
CA GLU E 133 -5.27 -70.32 41.70
C GLU E 133 -5.84 -68.93 41.52
N LYS E 134 -5.75 -68.44 40.28
CA LYS E 134 -6.61 -67.39 39.74
C LYS E 134 -6.42 -66.05 40.44
N VAL E 135 -5.17 -65.74 40.79
CA VAL E 135 -4.86 -64.49 41.48
C VAL E 135 -5.07 -63.30 40.56
N TYR E 136 -4.56 -63.39 39.33
CA TYR E 136 -4.81 -62.33 38.36
C TYR E 136 -6.26 -62.32 37.90
N ARG E 137 -6.93 -63.46 37.99
CA ARG E 137 -8.37 -63.47 37.76
C ARG E 137 -9.12 -62.86 38.93
N ALA E 138 -8.59 -63.01 40.15
CA ALA E 138 -9.20 -62.33 41.28
C ALA E 138 -8.83 -60.86 41.33
N GLN E 139 -7.76 -60.48 40.61
CA GLN E 139 -7.31 -59.08 40.55
C GLN E 139 -8.37 -58.16 39.98
N ILE E 140 -9.00 -58.55 38.88
CA ILE E 140 -10.06 -57.73 38.29
C ILE E 140 -11.33 -57.86 39.12
N GLU E 141 -11.61 -59.06 39.62
CA GLU E 141 -12.84 -59.29 40.38
C GLU E 141 -12.81 -58.57 41.72
N PHE E 142 -11.64 -58.41 42.32
CA PHE E 142 -11.53 -57.54 43.48
C PHE E 142 -11.52 -56.08 43.08
N MET E 143 -10.95 -55.77 41.90
CA MET E 143 -11.07 -54.42 41.37
C MET E 143 -12.51 -54.11 40.99
N LYS E 144 -13.28 -55.12 40.57
CA LYS E 144 -14.70 -54.95 40.30
C LYS E 144 -15.46 -54.52 41.55
N ILE E 145 -14.98 -54.91 42.73
CA ILE E 145 -15.59 -54.47 43.97
C ILE E 145 -15.34 -52.98 44.20
N TYR E 146 -14.14 -52.49 43.89
CA TYR E 146 -13.78 -51.14 44.27
C TYR E 146 -13.74 -50.15 43.11
N ASP E 147 -13.44 -50.62 41.90
CA ASP E 147 -13.48 -49.82 40.65
C ASP E 147 -12.52 -48.64 40.71
N LEU E 148 -11.24 -48.96 40.86
CA LEU E 148 -10.17 -47.97 40.81
C LEU E 148 -9.39 -48.02 39.51
N ASN E 149 -9.61 -49.06 38.69
CA ASN E 149 -9.22 -49.11 37.28
C ASN E 149 -7.70 -49.04 37.08
N THR E 150 -7.01 -49.96 37.74
CA THR E 150 -5.60 -50.20 37.52
C THR E 150 -5.30 -51.65 37.91
N ILE E 151 -4.06 -52.06 37.71
CA ILE E 151 -3.65 -53.42 37.99
C ILE E 151 -2.31 -53.42 38.72
N TYR E 152 -2.12 -54.42 39.58
CA TYR E 152 -0.83 -54.70 40.21
C TYR E 152 -0.39 -56.09 39.78
N ILE E 153 0.46 -56.19 38.76
CA ILE E 153 0.91 -57.48 38.27
C ILE E 153 2.39 -57.65 38.53
N ASP E 154 2.80 -58.89 38.74
CA ASP E 154 4.18 -59.20 39.10
C ASP E 154 5.04 -59.37 37.86
N TYR E 155 6.31 -59.02 38.01
CA TYR E 155 7.32 -59.34 37.01
C TYR E 155 7.89 -60.74 37.21
N GLN E 156 7.83 -61.24 38.44
CA GLN E 156 8.49 -62.51 38.74
C GLN E 156 7.73 -63.69 38.16
N HIS E 157 6.39 -63.63 38.18
CA HIS E 157 5.59 -64.70 37.60
C HIS E 157 5.71 -64.72 36.08
N LEU E 158 5.94 -63.55 35.48
CA LEU E 158 6.21 -63.49 34.05
C LEU E 158 7.56 -64.10 33.71
N SER E 159 8.49 -64.12 34.67
CA SER E 159 9.78 -64.75 34.44
C SER E 159 9.73 -66.27 34.56
N MET E 160 8.56 -66.84 34.85
CA MET E 160 8.49 -68.27 35.13
C MET E 160 8.17 -69.07 33.87
N ARG E 161 7.20 -68.62 33.08
CA ARG E 161 6.53 -69.51 32.13
C ARG E 161 7.32 -69.67 30.84
N GLU E 162 7.66 -68.56 30.18
CA GLU E 162 8.28 -68.63 28.86
C GLU E 162 9.80 -68.78 28.95
N ASN E 163 10.33 -69.06 30.15
CA ASN E 163 11.75 -69.24 30.43
C ASN E 163 12.57 -68.02 30.03
N GLY E 164 12.01 -66.84 30.27
CA GLY E 164 12.67 -65.59 29.99
C GLY E 164 12.69 -65.18 28.53
N ALA E 165 12.11 -65.99 27.63
CA ALA E 165 12.05 -65.60 26.23
C ALA E 165 11.12 -64.41 26.03
N LEU E 166 9.99 -64.42 26.72
CA LEU E 166 9.09 -63.27 26.69
C LEU E 166 9.52 -62.19 27.66
N ALA E 167 10.20 -62.55 28.76
CA ALA E 167 10.74 -61.55 29.67
C ALA E 167 11.83 -60.73 29.00
N MET E 168 12.63 -61.35 28.12
CA MET E 168 13.58 -60.65 27.28
C MET E 168 12.97 -60.19 25.98
N ALA E 169 11.65 -60.07 25.91
CA ALA E 169 11.02 -59.49 24.74
C ALA E 169 10.45 -58.13 25.12
N ILE E 170 9.96 -58.01 26.34
CA ILE E 170 9.35 -56.77 26.78
C ILE E 170 10.39 -55.80 27.29
N SER E 171 11.43 -56.31 27.97
CA SER E 171 12.29 -55.47 28.80
C SER E 171 13.21 -54.56 27.99
N GLU E 172 13.15 -54.62 26.67
CA GLU E 172 14.10 -53.88 25.84
C GLU E 172 13.42 -52.69 25.18
N GLN E 173 12.31 -52.92 24.49
CA GLN E 173 11.55 -51.85 23.86
C GLN E 173 10.13 -51.82 24.41
N TYR E 174 9.98 -51.15 25.56
CA TYR E 174 8.64 -50.99 26.11
C TYR E 174 7.88 -49.88 25.39
N TYR E 175 8.61 -48.87 24.90
CA TYR E 175 8.00 -47.79 24.15
C TYR E 175 7.34 -48.27 22.88
N ARG E 176 7.88 -49.32 22.27
CA ARG E 176 7.21 -50.02 21.18
C ARG E 176 5.92 -50.68 21.64
N PHE E 177 5.83 -51.06 22.91
CA PHE E 177 4.79 -51.97 23.38
C PHE E 177 3.75 -51.28 24.26
N LEU E 178 3.44 -50.00 24.00
CA LEU E 178 2.34 -49.38 24.73
C LEU E 178 0.97 -49.90 24.35
N PRO E 179 0.50 -49.83 23.09
CA PRO E 179 -0.92 -50.14 22.86
C PRO E 179 -1.24 -51.61 22.90
N PHE E 180 -0.26 -52.48 22.63
CA PHE E 180 -0.54 -53.91 22.54
C PHE E 180 -0.79 -54.49 23.93
N LEU E 181 -0.08 -54.00 24.94
CA LEU E 181 -0.30 -54.48 26.30
C LEU E 181 -1.63 -53.99 26.84
N GLN E 182 -2.08 -52.83 26.36
CA GLN E 182 -3.32 -52.27 26.86
C GLN E 182 -4.54 -52.85 26.16
N LYS E 183 -4.45 -53.07 24.85
CA LYS E 183 -5.63 -53.39 24.06
C LYS E 183 -6.11 -54.81 24.30
N GLY E 184 -5.18 -55.75 24.44
CA GLY E 184 -5.56 -57.12 24.70
C GLY E 184 -6.16 -57.31 26.07
N LEU E 185 -5.61 -56.59 27.07
CA LEU E 185 -6.17 -56.61 28.42
C LEU E 185 -7.58 -56.03 28.44
N ARG E 186 -7.85 -55.06 27.56
CA ARG E 186 -9.20 -54.53 27.42
C ARG E 186 -10.17 -55.60 26.95
N ARG E 187 -9.73 -56.51 26.08
CA ARG E 187 -10.63 -57.58 25.66
C ARG E 187 -10.73 -58.65 26.74
N VAL E 188 -9.73 -58.76 27.61
CA VAL E 188 -9.82 -59.67 28.76
C VAL E 188 -10.89 -59.19 29.73
N VAL E 189 -10.98 -57.86 29.89
CA VAL E 189 -11.96 -57.28 30.81
C VAL E 189 -13.37 -57.52 30.32
N ARG E 190 -13.65 -57.18 29.05
CA ARG E 190 -15.00 -57.34 28.52
C ARG E 190 -15.41 -58.80 28.37
N LYS E 191 -14.45 -59.72 28.40
CA LYS E 191 -14.79 -61.12 28.51
C LYS E 191 -15.35 -61.45 29.89
N TYR E 192 -14.89 -60.73 30.92
CA TYR E 192 -15.19 -61.08 32.30
C TYR E 192 -16.00 -60.01 33.03
N ALA E 193 -16.08 -58.80 32.51
CA ALA E 193 -16.52 -57.67 33.31
C ALA E 193 -17.05 -56.59 32.37
N PRO E 194 -17.85 -55.64 32.89
CA PRO E 194 -18.15 -54.47 32.07
C PRO E 194 -16.95 -53.53 31.94
N GLU E 260 -15.71 -45.33 29.57
CA GLU E 260 -15.76 -45.29 31.03
C GLU E 260 -14.54 -45.97 31.61
N ARG E 261 -14.17 -47.10 31.02
CA ARG E 261 -13.01 -47.87 31.43
C ARG E 261 -11.74 -47.22 30.89
N VAL E 262 -10.84 -46.84 31.79
CA VAL E 262 -9.51 -46.35 31.43
C VAL E 262 -8.51 -47.09 32.30
N PHE E 263 -7.32 -47.37 31.76
CA PHE E 263 -6.40 -48.33 32.34
C PHE E 263 -5.05 -47.70 32.63
N GLN E 264 -4.36 -48.22 33.65
CA GLN E 264 -2.95 -47.97 33.89
C GLN E 264 -2.28 -49.27 34.27
N ILE E 265 -1.09 -49.51 33.71
CA ILE E 265 -0.39 -50.78 33.87
C ILE E 265 0.80 -50.52 34.79
N SER E 266 0.87 -51.24 35.91
CA SER E 266 1.91 -51.05 36.90
C SER E 266 2.73 -52.34 37.02
N PHE E 267 4.03 -52.18 37.22
CA PHE E 267 4.93 -53.31 37.46
C PHE E 267 5.54 -53.20 38.85
N PHE E 268 6.06 -54.31 39.34
CA PHE E 268 6.90 -54.29 40.53
C PHE E 268 7.87 -55.46 40.45
N ASN E 269 8.69 -55.60 41.49
CA ASN E 269 9.68 -56.66 41.66
C ASN E 269 10.68 -56.68 40.49
N LEU E 270 11.42 -55.60 40.37
CA LEU E 270 12.54 -55.62 39.45
C LEU E 270 13.75 -56.20 40.13
N PRO E 271 14.40 -57.18 39.50
CA PRO E 271 15.54 -57.84 40.15
C PRO E 271 16.78 -56.96 40.24
N THR E 272 16.88 -55.98 39.34
CA THR E 272 18.10 -55.21 39.15
C THR E 272 17.80 -53.73 39.30
N VAL E 273 18.55 -53.06 40.17
CA VAL E 273 18.39 -51.63 40.45
C VAL E 273 19.72 -50.95 40.22
N HIS E 274 19.71 -49.87 39.43
CA HIS E 274 20.92 -49.11 39.15
C HIS E 274 20.77 -47.66 39.56
N ARG E 275 21.75 -46.85 39.16
CA ARG E 275 21.84 -45.48 39.61
C ARG E 275 21.78 -44.54 38.40
N ILE E 276 21.98 -43.25 38.65
CA ILE E 276 22.00 -42.28 37.56
C ILE E 276 23.23 -42.46 36.70
N ARG E 277 24.32 -42.96 37.28
CA ARG E 277 25.56 -43.06 36.54
C ARG E 277 25.50 -44.25 35.60
N ASP E 278 24.64 -45.22 35.88
CA ASP E 278 24.47 -46.39 35.05
C ASP E 278 23.37 -46.20 34.01
N ILE E 279 23.14 -44.97 33.57
CA ILE E 279 22.12 -44.70 32.57
C ILE E 279 22.79 -44.17 31.32
N ARG E 280 22.50 -44.80 30.18
CA ARG E 280 22.97 -44.33 28.88
C ARG E 280 21.79 -44.16 27.93
N SER E 281 22.06 -43.63 26.74
CA SER E 281 21.04 -43.47 25.71
C SER E 281 20.65 -44.78 25.07
N GLU E 282 21.46 -45.82 25.23
CA GLU E 282 21.08 -47.16 24.78
C GLU E 282 20.09 -47.79 25.74
N LYS E 283 19.89 -47.22 26.91
CA LYS E 283 18.97 -47.75 27.90
C LYS E 283 17.56 -47.20 27.73
N ILE E 284 17.32 -46.39 26.70
CA ILE E 284 16.00 -45.82 26.49
C ILE E 284 15.07 -46.90 25.95
N GLY E 285 13.81 -46.85 26.38
CA GLY E 285 12.83 -47.86 25.99
C GLY E 285 12.87 -49.09 26.87
N SER E 286 13.99 -49.32 27.53
CA SER E 286 14.19 -50.48 28.38
C SER E 286 13.74 -50.14 29.79
N LEU E 287 13.83 -51.12 30.68
CA LEU E 287 13.42 -50.95 32.06
C LEU E 287 14.62 -51.00 33.00
N LEU E 288 14.80 -49.94 33.77
CA LEU E 288 15.85 -49.87 34.76
C LEU E 288 15.35 -49.12 35.98
N SER E 289 15.61 -49.69 37.16
CA SER E 289 15.15 -49.14 38.43
C SER E 289 16.21 -48.22 39.02
N ILE E 290 15.80 -47.01 39.41
CA ILE E 290 16.69 -46.02 39.99
C ILE E 290 16.08 -45.55 41.31
N SER E 291 16.90 -45.50 42.36
CA SER E 291 16.52 -44.94 43.65
C SER E 291 17.23 -43.61 43.84
N GLY E 292 16.78 -42.82 44.81
CA GLY E 292 17.44 -41.56 45.10
C GLY E 292 16.87 -40.75 46.24
N THR E 293 16.89 -39.42 46.09
CA THR E 293 16.49 -38.49 47.14
C THR E 293 15.51 -37.49 46.57
N VAL E 294 14.27 -37.53 47.05
CA VAL E 294 13.20 -36.71 46.50
C VAL E 294 13.31 -35.29 47.04
N THR E 295 13.25 -34.31 46.14
CA THR E 295 13.39 -32.91 46.53
C THR E 295 12.48 -32.06 45.64
N ARG E 296 11.81 -31.08 46.23
CA ARG E 296 11.05 -30.03 45.53
C ARG E 296 9.91 -30.63 44.70
N THR E 297 8.92 -31.12 45.43
CA THR E 297 7.66 -31.51 44.81
C THR E 297 6.93 -30.28 44.25
N SER E 298 6.01 -30.53 43.33
CA SER E 298 5.23 -29.47 42.70
C SER E 298 3.75 -29.86 42.71
N GLU E 299 2.91 -28.94 42.24
CA GLU E 299 1.46 -29.02 42.39
C GLU E 299 0.86 -30.09 41.47
N VAL E 300 -0.47 -30.15 41.47
CA VAL E 300 -1.23 -31.06 40.63
C VAL E 300 -1.73 -30.27 39.43
N ARG E 301 -1.44 -30.76 38.23
CA ARG E 301 -1.80 -30.10 36.98
C ARG E 301 -2.28 -31.13 35.97
N PRO E 302 -3.23 -30.79 35.12
CA PRO E 302 -3.84 -31.78 34.23
C PRO E 302 -2.98 -32.07 33.00
N GLU E 303 -3.49 -32.99 32.19
CA GLU E 303 -2.89 -33.33 30.90
C GLU E 303 -4.01 -33.82 29.99
N LEU E 304 -3.98 -33.36 28.74
CA LEU E 304 -5.16 -33.45 27.88
C LEU E 304 -5.30 -34.80 27.18
N TYR E 305 -4.36 -35.11 26.28
CA TYR E 305 -4.21 -36.33 25.49
C TYR E 305 -5.43 -36.74 24.68
N LYS E 306 -6.47 -35.90 24.61
CA LYS E 306 -7.71 -36.18 23.88
C LYS E 306 -8.16 -34.85 23.27
N ALA E 307 -7.74 -34.61 22.03
CA ALA E 307 -8.10 -33.38 21.36
C ALA E 307 -9.42 -33.54 20.61
N SER E 308 -10.29 -32.54 20.77
CA SER E 308 -11.49 -32.41 19.95
C SER E 308 -11.35 -31.09 19.21
N PHE E 309 -10.64 -31.13 18.08
CA PHE E 309 -10.18 -29.92 17.41
C PHE E 309 -10.38 -30.09 15.91
N THR E 310 -11.34 -29.35 15.36
CA THR E 310 -11.53 -29.34 13.92
C THR E 310 -12.10 -27.98 13.52
N CYS E 311 -12.00 -27.70 12.22
CA CYS E 311 -12.22 -26.37 11.68
C CYS E 311 -13.69 -25.96 11.70
N ASP E 312 -13.95 -24.79 11.12
CA ASP E 312 -15.30 -24.23 11.09
C ASP E 312 -16.20 -24.99 10.12
N MET E 313 -15.61 -25.80 9.24
CA MET E 313 -16.37 -26.76 8.47
C MET E 313 -17.08 -27.75 9.39
N CYS E 314 -18.20 -28.29 8.89
CA CYS E 314 -19.31 -28.92 9.62
C CYS E 314 -18.82 -29.93 10.66
N ARG E 315 -17.96 -30.87 10.29
CA ARG E 315 -17.52 -31.92 11.21
C ARG E 315 -16.47 -31.35 12.16
N ALA E 316 -16.92 -30.57 13.13
CA ALA E 316 -16.04 -30.08 14.21
C ALA E 316 -16.13 -30.98 15.44
N ILE E 317 -15.96 -32.28 15.23
CA ILE E 317 -16.20 -33.27 16.30
C ILE E 317 -15.09 -34.30 16.36
N VAL E 318 -13.88 -33.93 15.96
CA VAL E 318 -12.80 -34.88 15.75
C VAL E 318 -12.12 -35.18 17.09
N ASP E 319 -12.63 -36.18 17.81
CA ASP E 319 -11.93 -36.73 18.96
C ASP E 319 -10.73 -37.55 18.48
N ASN E 320 -9.54 -37.07 18.78
CA ASN E 320 -8.44 -37.36 17.87
C ASN E 320 -7.09 -37.27 18.58
N VAL E 321 -6.05 -37.08 17.78
CA VAL E 321 -4.61 -37.18 18.07
C VAL E 321 -4.11 -36.12 19.05
N GLU E 322 -2.80 -36.15 19.29
CA GLU E 322 -1.98 -35.46 20.28
C GLU E 322 -2.17 -36.11 21.64
N GLN E 323 -2.42 -37.41 21.62
CA GLN E 323 -2.27 -38.22 22.83
C GLN E 323 -0.79 -38.34 23.20
N SER E 324 0.09 -38.27 22.20
CA SER E 324 1.52 -38.34 22.43
C SER E 324 2.06 -36.98 22.89
N PHE E 325 3.38 -36.91 23.03
CA PHE E 325 4.05 -35.71 23.54
C PHE E 325 4.30 -34.73 22.39
N LYS E 326 3.21 -34.21 21.86
CA LYS E 326 3.23 -33.19 20.81
C LYS E 326 1.90 -32.47 20.82
N TYR E 327 1.94 -31.14 20.62
CA TYR E 327 0.72 -30.34 20.55
C TYR E 327 0.22 -30.27 19.10
N THR E 328 -0.03 -31.45 18.54
CA THR E 328 -0.46 -31.58 17.15
C THR E 328 -1.90 -32.09 17.13
N GLU E 329 -2.85 -31.17 17.12
CA GLU E 329 -4.25 -31.54 17.23
C GLU E 329 -4.83 -32.09 15.92
N PRO E 330 -4.79 -31.35 14.80
CA PRO E 330 -5.61 -31.76 13.66
C PRO E 330 -4.96 -32.82 12.79
N THR E 331 -5.73 -33.87 12.49
CA THR E 331 -5.34 -34.87 11.50
C THR E 331 -5.56 -34.29 10.12
N PHE E 332 -4.81 -34.81 9.15
CA PHE E 332 -4.82 -34.28 7.79
C PHE E 332 -6.16 -34.63 7.13
N CYS E 333 -6.52 -35.90 7.02
CA CYS E 333 -7.63 -36.32 6.20
C CYS E 333 -8.88 -36.52 7.04
N PRO E 334 -9.71 -35.49 7.15
CA PRO E 334 -11.09 -35.71 7.62
C PRO E 334 -12.01 -35.90 6.43
N ASN E 335 -13.30 -36.06 6.65
CA ASN E 335 -14.20 -35.98 5.50
C ASN E 335 -15.18 -34.85 5.78
N PRO E 336 -14.70 -33.74 6.34
CA PRO E 336 -15.48 -32.51 6.35
C PRO E 336 -15.22 -31.70 5.09
N SER E 337 -15.72 -30.47 5.06
CA SER E 337 -15.28 -29.53 4.04
C SER E 337 -13.88 -29.02 4.34
N CYS E 338 -13.40 -29.22 5.56
CA CYS E 338 -12.09 -28.77 6.00
C CYS E 338 -11.00 -29.58 5.31
N GLU E 339 -9.87 -28.92 5.08
CA GLU E 339 -8.73 -29.55 4.42
C GLU E 339 -7.70 -29.96 5.46
N ASN E 340 -6.55 -30.44 4.99
CA ASN E 340 -5.47 -30.81 5.91
C ASN E 340 -4.83 -29.57 6.53
N ARG E 341 -4.77 -28.47 5.78
CA ARG E 341 -4.23 -27.23 6.32
C ARG E 341 -5.19 -26.60 7.30
N ALA E 342 -6.47 -26.94 7.21
CA ALA E 342 -7.48 -26.45 8.14
C ALA E 342 -7.28 -27.06 9.52
N PHE E 343 -7.04 -26.20 10.49
CA PHE E 343 -6.87 -26.63 11.87
C PHE E 343 -7.53 -25.59 12.76
N TRP E 344 -8.02 -26.03 13.92
CA TRP E 344 -8.70 -25.12 14.83
C TRP E 344 -8.49 -25.61 16.25
N THR E 345 -9.07 -24.86 17.20
CA THR E 345 -8.79 -25.09 18.61
C THR E 345 -9.50 -26.33 19.12
N LEU E 346 -9.02 -26.83 20.27
CA LEU E 346 -9.60 -28.01 20.88
C LEU E 346 -10.85 -27.65 21.68
N ASN E 347 -11.85 -28.51 21.63
CA ASN E 347 -13.02 -28.34 22.47
C ASN E 347 -12.67 -28.64 23.91
N VAL E 348 -12.82 -27.65 24.77
CA VAL E 348 -12.29 -27.71 26.12
C VAL E 348 -13.30 -28.33 27.09
N THR E 349 -14.33 -28.97 26.57
CA THR E 349 -15.36 -29.54 27.43
C THR E 349 -15.63 -31.02 27.21
N ARG E 350 -15.20 -31.62 26.11
CA ARG E 350 -15.51 -33.00 25.80
C ARG E 350 -14.21 -33.75 25.55
N SER E 351 -13.62 -34.25 26.64
CA SER E 351 -12.40 -35.06 26.59
C SER E 351 -12.29 -35.82 27.90
N ARG E 352 -11.27 -36.67 27.98
CA ARG E 352 -10.93 -37.39 29.19
C ARG E 352 -9.49 -37.04 29.54
N PHE E 353 -9.29 -36.49 30.73
CA PHE E 353 -7.96 -36.01 31.13
C PHE E 353 -7.35 -36.93 32.18
N LEU E 354 -6.14 -36.56 32.60
CA LEU E 354 -5.57 -37.06 33.84
C LEU E 354 -4.63 -35.99 34.39
N ASP E 355 -4.37 -36.09 35.68
CA ASP E 355 -3.55 -35.13 36.39
C ASP E 355 -2.19 -35.73 36.69
N TRP E 356 -1.25 -34.89 37.11
CA TRP E 356 0.11 -35.32 37.40
C TRP E 356 0.83 -34.23 38.18
N GLN E 357 1.92 -34.64 38.84
CA GLN E 357 2.83 -33.74 39.52
C GLN E 357 4.24 -33.97 38.98
N LYS E 358 5.17 -33.13 39.42
CA LYS E 358 6.51 -33.12 38.84
C LYS E 358 7.54 -32.89 39.95
N VAL E 359 8.18 -33.97 40.38
CA VAL E 359 9.22 -33.88 41.41
C VAL E 359 10.57 -34.05 40.74
N ARG E 360 11.63 -33.53 41.37
CA ARG E 360 12.97 -33.63 40.79
C ARG E 360 13.87 -34.34 41.81
N ILE E 361 14.19 -35.59 41.51
CA ILE E 361 14.89 -36.42 42.47
C ILE E 361 16.38 -36.12 42.43
N GLN E 362 17.01 -36.20 43.60
CA GLN E 362 18.45 -36.03 43.76
C GLN E 362 19.06 -37.40 44.00
N GLU E 363 20.34 -37.55 43.69
CA GLU E 363 20.99 -38.84 43.86
C GLU E 363 21.42 -39.05 45.31
N ASN E 364 21.42 -40.32 45.72
CA ASN E 364 21.88 -40.76 47.04
C ASN E 364 23.31 -40.29 47.32
N ALA E 365 23.59 -40.08 48.61
CA ALA E 365 24.92 -39.72 49.07
C ALA E 365 25.79 -40.93 49.39
N ASN E 366 25.24 -42.14 49.36
CA ASN E 366 25.98 -43.35 49.65
C ASN E 366 26.58 -43.97 48.40
N GLU E 367 26.56 -43.26 47.28
CA GLU E 367 26.98 -43.83 46.00
C GLU E 367 27.84 -42.84 45.23
N ILE E 368 27.88 -41.60 45.70
CA ILE E 368 28.63 -40.53 45.03
C ILE E 368 30.12 -40.82 45.09
N PRO E 369 30.84 -40.64 43.98
CA PRO E 369 32.28 -40.88 44.01
C PRO E 369 33.03 -39.67 44.50
N THR E 370 34.36 -39.76 44.46
CA THR E 370 35.19 -38.63 44.86
C THR E 370 35.13 -37.51 43.82
N GLY E 371 35.27 -36.28 44.29
CA GLY E 371 35.26 -35.11 43.44
C GLY E 371 33.93 -34.78 42.77
N SER E 372 32.87 -35.51 43.09
CA SER E 372 31.61 -35.41 42.37
C SER E 372 30.49 -34.99 43.31
N MET E 373 29.67 -34.04 42.86
CA MET E 373 28.50 -33.65 43.60
C MET E 373 27.36 -34.60 43.25
N PRO E 374 26.34 -34.70 44.11
CA PRO E 374 25.15 -35.46 43.74
C PRO E 374 24.40 -34.79 42.61
N ARG E 375 23.63 -35.60 41.88
CA ARG E 375 23.07 -35.18 40.61
C ARG E 375 21.56 -35.16 40.71
N THR E 376 20.92 -34.41 39.82
CA THR E 376 19.48 -34.25 39.82
C THR E 376 18.88 -34.79 38.52
N LEU E 377 17.58 -35.11 38.59
CA LEU E 377 16.85 -35.63 37.45
C LEU E 377 15.36 -35.41 37.69
N ASP E 378 14.66 -35.00 36.64
CA ASP E 378 13.23 -34.75 36.70
C ASP E 378 12.45 -36.02 36.37
N VAL E 379 11.30 -36.14 37.02
CA VAL E 379 10.45 -37.31 36.85
C VAL E 379 9.01 -36.89 37.11
N ILE E 380 8.09 -37.40 36.30
CA ILE E 380 6.68 -37.06 36.37
C ILE E 380 5.90 -38.31 36.73
N LEU E 381 5.02 -38.20 37.72
CA LEU E 381 4.12 -39.29 38.11
C LEU E 381 2.71 -38.92 37.69
N ARG E 382 2.16 -39.70 36.77
CA ARG E 382 0.90 -39.38 36.14
C ARG E 382 -0.21 -40.26 36.69
N GLY E 383 -1.39 -39.66 36.87
CA GLY E 383 -2.57 -40.41 37.25
C GLY E 383 -2.59 -40.91 38.68
N ASP E 384 -2.45 -42.22 38.86
CA ASP E 384 -2.64 -42.81 40.18
C ASP E 384 -1.46 -42.49 41.10
N SER E 385 -0.27 -42.35 40.54
CA SER E 385 0.94 -42.22 41.33
C SER E 385 1.20 -40.79 41.77
N VAL E 386 0.23 -39.90 41.66
CA VAL E 386 0.36 -38.58 42.25
C VAL E 386 0.20 -38.73 43.76
N GLU E 387 0.88 -37.84 44.52
CA GLU E 387 0.80 -37.68 45.97
C GLU E 387 1.43 -38.85 46.73
N ARG E 388 1.87 -39.89 46.02
CA ARG E 388 2.66 -40.94 46.64
C ARG E 388 4.05 -40.45 47.00
N ALA E 389 4.52 -39.38 46.37
CA ALA E 389 5.84 -38.84 46.60
C ALA E 389 5.92 -38.18 47.98
N LYS E 390 7.15 -38.01 48.45
CA LYS E 390 7.41 -37.42 49.75
C LYS E 390 8.82 -36.84 49.68
N PRO E 391 8.96 -35.52 49.83
CA PRO E 391 10.31 -34.93 49.89
C PRO E 391 11.07 -35.39 51.12
N GLY E 392 12.24 -35.98 50.91
CA GLY E 392 13.00 -36.54 52.01
C GLY E 392 12.69 -38.02 52.19
N ASP E 393 12.80 -38.79 51.12
CA ASP E 393 12.40 -40.18 51.15
C ASP E 393 13.22 -40.95 50.12
N ARG E 394 13.36 -42.25 50.38
CA ARG E 394 13.98 -43.18 49.46
C ARG E 394 12.93 -44.08 48.83
N CYS E 395 12.97 -44.17 47.51
CA CYS E 395 11.91 -44.84 46.76
C CYS E 395 12.50 -45.66 45.63
N LYS E 396 11.69 -46.59 45.13
CA LYS E 396 12.04 -47.40 43.98
C LYS E 396 11.04 -47.12 42.87
N PHE E 397 11.50 -47.22 41.62
CA PHE E 397 10.69 -46.71 40.52
C PHE E 397 10.29 -47.76 39.49
N THR E 398 9.40 -47.36 38.59
CA THR E 398 9.13 -48.10 37.38
C THR E 398 10.37 -48.05 36.51
N GLY E 399 10.62 -49.12 35.76
CA GLY E 399 11.84 -49.19 34.99
C GLY E 399 11.88 -48.27 33.79
N VAL E 400 10.71 -47.78 33.36
CA VAL E 400 10.60 -47.13 32.06
C VAL E 400 11.25 -45.75 32.08
N GLU E 401 11.49 -45.21 30.89
CA GLU E 401 12.30 -44.00 30.73
C GLU E 401 11.91 -43.31 29.44
N ILE E 402 11.88 -41.98 29.46
CA ILE E 402 11.57 -41.17 28.28
C ILE E 402 12.63 -40.08 28.11
N VAL E 403 12.45 -39.28 27.05
CA VAL E 403 13.38 -38.23 26.67
C VAL E 403 12.58 -36.98 26.33
N VAL E 404 12.91 -35.87 26.99
CA VAL E 404 12.23 -34.59 26.77
C VAL E 404 13.10 -33.71 25.88
N PRO E 405 12.52 -33.03 24.88
CA PRO E 405 13.29 -32.04 24.11
C PRO E 405 13.73 -30.86 24.96
N ASP E 406 14.98 -30.46 24.77
CA ASP E 406 15.60 -29.37 25.50
C ASP E 406 15.69 -28.15 24.57
N VAL E 407 16.06 -27.00 25.13
CA VAL E 407 16.20 -25.76 24.38
C VAL E 407 17.59 -25.15 24.57
N THR E 408 18.02 -24.99 25.82
CA THR E 408 19.15 -24.14 26.18
C THR E 408 20.50 -24.71 25.78
N GLN E 409 20.58 -25.93 25.27
CA GLN E 409 21.87 -26.52 24.91
C GLN E 409 22.28 -26.02 23.52
N LEU E 410 22.66 -24.75 23.49
CA LEU E 410 23.07 -24.09 22.27
C LEU E 410 24.42 -23.42 22.50
N GLY E 411 25.33 -23.59 21.55
CA GLY E 411 26.70 -23.18 21.75
C GLY E 411 27.35 -24.08 22.79
N LEU E 412 27.01 -25.35 22.74
CA LEU E 412 27.35 -26.33 23.76
C LEU E 412 28.85 -26.62 23.90
N PRO E 413 29.63 -26.85 22.83
CA PRO E 413 29.48 -26.96 21.37
C PRO E 413 29.26 -28.39 20.88
N GLY E 414 28.96 -28.52 19.60
CA GLY E 414 28.81 -29.83 18.99
C GLY E 414 28.22 -29.70 17.61
N VAL E 415 28.35 -30.78 16.85
CA VAL E 415 27.76 -30.87 15.51
C VAL E 415 26.26 -31.02 15.72
N LYS E 416 25.51 -30.01 15.30
CA LYS E 416 24.10 -29.93 15.63
C LYS E 416 23.28 -30.63 14.56
N PRO E 417 22.40 -31.55 14.91
CA PRO E 417 21.54 -32.20 13.91
C PRO E 417 20.46 -31.25 13.42
N SER E 418 20.00 -31.50 12.20
CA SER E 418 19.00 -30.64 11.56
C SER E 418 18.03 -31.50 10.77
N SER E 419 16.95 -30.87 10.31
CA SER E 419 15.85 -31.57 9.65
C SER E 419 15.56 -30.93 8.30
N THR E 420 16.61 -30.73 7.51
CA THR E 420 16.44 -30.19 6.16
C THR E 420 15.90 -31.26 5.22
N LEU E 421 14.62 -31.13 4.86
CA LEU E 421 13.94 -32.16 4.09
C LEU E 421 14.43 -32.21 2.64
N ASP E 422 14.02 -33.27 1.95
CA ASP E 422 14.47 -33.50 0.58
C ASP E 422 13.76 -32.55 -0.38
N THR E 423 14.51 -32.08 -1.37
CA THR E 423 13.98 -31.25 -2.43
C THR E 423 14.16 -31.89 -3.80
N ARG E 424 14.71 -33.10 -3.87
CA ARG E 424 14.95 -33.78 -5.12
C ARG E 424 13.79 -34.66 -5.56
N GLY E 425 12.59 -34.37 -5.09
CA GLY E 425 11.39 -35.14 -5.38
C GLY E 425 10.59 -34.45 -6.47
N ILE E 426 9.57 -33.69 -6.07
CA ILE E 426 8.68 -32.98 -6.97
C ILE E 426 9.46 -31.91 -7.73
N SER E 427 9.29 -31.88 -9.05
CA SER E 427 9.89 -30.87 -9.90
C SER E 427 9.24 -29.51 -9.64
N LYS E 428 10.06 -28.45 -9.71
CA LYS E 428 9.56 -27.09 -9.53
C LYS E 428 9.62 -26.36 -10.87
N THR E 429 9.36 -25.05 -10.84
CA THR E 429 9.42 -24.21 -12.03
C THR E 429 10.83 -24.04 -12.55
N SER E 442 9.87 -21.51 1.83
CA SER E 442 11.25 -21.52 1.38
C SER E 442 12.07 -22.54 2.15
N LEU E 443 12.55 -22.14 3.33
CA LEU E 443 13.34 -23.03 4.18
C LEU E 443 12.73 -23.00 5.59
N GLY E 444 11.75 -23.89 5.79
CA GLY E 444 11.12 -24.01 7.08
C GLY E 444 11.68 -25.17 7.87
N VAL E 445 13.00 -25.35 7.79
CA VAL E 445 13.63 -26.50 8.39
C VAL E 445 13.88 -26.25 9.87
N ARG E 446 14.19 -27.33 10.61
CA ARG E 446 14.34 -27.26 12.05
C ARG E 446 15.54 -28.09 12.49
N ASP E 447 15.83 -28.00 13.77
CA ASP E 447 16.85 -28.77 14.45
C ASP E 447 16.25 -29.52 15.64
N LEU E 448 17.11 -30.20 16.39
CA LEU E 448 16.67 -30.90 17.58
C LEU E 448 17.84 -31.03 18.54
N THR E 449 17.56 -30.85 19.83
CA THR E 449 18.53 -31.07 20.89
C THR E 449 17.76 -31.37 22.17
N TYR E 450 17.84 -32.58 22.64
CA TYR E 450 16.90 -33.08 23.64
C TYR E 450 17.63 -33.21 24.96
N LYS E 451 16.97 -33.81 25.94
CA LYS E 451 17.62 -34.17 27.19
C LYS E 451 16.99 -35.42 27.78
N ILE E 452 17.79 -36.16 28.55
CA ILE E 452 17.32 -37.36 29.21
C ILE E 452 16.38 -36.97 30.34
N SER E 453 15.18 -37.52 30.30
CA SER E 453 14.21 -37.37 31.36
C SER E 453 13.89 -38.74 31.93
N PHE E 454 12.90 -38.80 32.81
CA PHE E 454 12.50 -40.08 33.36
C PHE E 454 11.00 -40.07 33.59
N LEU E 455 10.39 -41.24 33.46
CA LEU E 455 8.95 -41.41 33.66
C LEU E 455 8.75 -42.66 34.49
N ALA E 456 7.68 -42.68 35.28
CA ALA E 456 7.40 -43.84 36.12
C ALA E 456 5.90 -43.94 36.35
N CYS E 457 5.47 -45.16 36.70
CA CYS E 457 4.09 -45.41 37.10
C CYS E 457 3.96 -46.07 38.45
N HIS E 458 4.92 -46.90 38.88
CA HIS E 458 4.90 -47.48 40.21
C HIS E 458 6.05 -46.91 41.01
N VAL E 459 5.72 -46.34 42.17
CA VAL E 459 6.70 -45.91 43.15
C VAL E 459 6.35 -46.57 44.45
N ILE E 460 7.20 -47.48 44.91
CA ILE E 460 7.15 -47.95 46.29
C ILE E 460 8.14 -47.09 47.06
N SER E 461 7.96 -46.99 48.37
CA SER E 461 8.70 -46.05 49.18
C SER E 461 9.54 -46.75 50.25
N ILE E 462 10.09 -47.90 49.91
CA ILE E 462 10.90 -48.66 50.87
C ILE E 462 12.26 -48.00 51.00
N GLY E 463 12.63 -47.62 52.21
CA GLY E 463 13.89 -46.95 52.47
C GLY E 463 13.69 -45.57 53.06
N SER E 510 2.67 -58.93 64.34
CA SER E 510 1.98 -60.16 63.96
C SER E 510 2.69 -61.38 64.52
N ASP E 511 4.00 -61.46 64.27
CA ASP E 511 4.79 -62.55 64.82
C ASP E 511 5.75 -62.04 65.89
N GLU E 512 6.27 -60.82 65.70
CA GLU E 512 7.08 -60.16 66.70
C GLU E 512 6.26 -59.53 67.81
N ILE E 513 4.92 -59.60 67.70
CA ILE E 513 4.06 -58.99 68.70
C ILE E 513 4.14 -59.74 70.02
N ASN E 514 4.40 -61.05 70.01
CA ASN E 514 4.63 -61.77 71.24
C ASN E 514 5.99 -61.41 71.84
N GLU E 515 6.94 -61.03 70.99
CA GLU E 515 8.22 -60.55 71.48
C GLU E 515 8.09 -59.19 72.15
N LEU E 516 7.23 -58.32 71.60
CA LEU E 516 6.98 -57.03 72.24
C LEU E 516 6.27 -57.19 73.56
N LYS E 517 5.49 -58.27 73.71
CA LYS E 517 4.92 -58.60 75.01
C LYS E 517 6.01 -58.95 76.01
N GLU E 518 7.06 -59.64 75.56
CA GLU E 518 8.20 -59.91 76.43
C GLU E 518 8.97 -58.65 76.77
N MET E 519 8.93 -57.64 75.91
CA MET E 519 9.64 -56.39 76.12
C MET E 519 8.91 -55.43 77.05
N VAL E 520 7.69 -55.74 77.45
CA VAL E 520 6.93 -54.87 78.34
C VAL E 520 6.59 -55.53 79.66
N LYS E 521 6.56 -56.85 79.75
CA LYS E 521 6.28 -57.51 81.01
C LYS E 521 7.45 -57.44 81.99
N ASP E 522 8.64 -57.09 81.52
CA ASP E 522 9.81 -57.05 82.39
C ASP E 522 9.84 -55.74 83.17
N GLU E 523 10.83 -55.62 84.06
CA GLU E 523 10.95 -54.45 84.91
C GLU E 523 12.30 -53.74 84.76
N HIS E 524 13.38 -54.49 84.54
CA HIS E 524 14.72 -53.93 84.41
C HIS E 524 14.95 -53.21 83.11
N ILE E 525 13.97 -53.23 82.20
CA ILE E 525 14.12 -52.71 80.84
C ILE E 525 14.41 -51.22 80.83
N TYR E 526 14.03 -50.49 81.90
CA TYR E 526 14.48 -49.11 82.02
C TYR E 526 15.99 -49.03 82.15
N ASP E 527 16.57 -49.83 83.06
CA ASP E 527 18.01 -49.90 83.17
C ASP E 527 18.65 -50.55 81.94
N LYS E 528 17.93 -51.46 81.29
CA LYS E 528 18.46 -52.09 80.08
C LYS E 528 18.52 -51.10 78.93
N LEU E 529 17.54 -50.21 78.82
CA LEU E 529 17.54 -49.26 77.71
C LEU E 529 18.59 -48.17 77.86
N VAL E 530 19.13 -47.98 79.06
CA VAL E 530 20.17 -46.97 79.24
C VAL E 530 21.46 -47.42 78.57
N ARG E 531 21.91 -48.63 78.88
CA ARG E 531 23.16 -49.15 78.37
C ARG E 531 23.09 -49.59 76.90
N SER E 532 21.90 -49.61 76.31
CA SER E 532 21.70 -50.18 74.99
C SER E 532 21.54 -49.09 73.94
N ILE E 533 22.30 -48.00 74.08
CA ILE E 533 22.14 -46.89 73.17
C ILE E 533 23.40 -46.68 72.34
N ALA E 534 24.51 -46.35 72.99
CA ALA E 534 25.74 -46.03 72.30
C ALA E 534 26.85 -46.93 72.83
N PRO E 535 26.99 -48.15 72.32
CA PRO E 535 28.09 -49.02 72.78
C PRO E 535 29.46 -48.52 72.35
N ALA E 536 29.53 -47.70 71.31
CA ALA E 536 30.79 -47.09 70.93
C ALA E 536 31.25 -46.06 71.96
N VAL E 537 30.31 -45.43 72.65
CA VAL E 537 30.68 -44.42 73.64
C VAL E 537 30.78 -45.09 75.01
N PHE E 538 31.84 -44.76 75.74
CA PHE E 538 32.08 -45.28 77.08
C PHE E 538 32.13 -44.13 78.06
N GLY E 539 31.17 -44.09 78.98
CA GLY E 539 31.15 -43.05 79.99
C GLY E 539 29.82 -42.86 80.66
N HIS E 540 29.44 -41.59 80.86
CA HIS E 540 28.23 -41.22 81.58
C HIS E 540 26.98 -41.57 80.77
N GLU E 541 25.82 -41.41 81.41
CA GLU E 541 24.59 -41.99 80.90
C GLU E 541 23.42 -41.02 80.82
N ALA E 542 23.48 -39.88 81.52
CA ALA E 542 22.33 -38.98 81.56
C ALA E 542 22.10 -38.29 80.22
N VAL E 543 23.16 -38.11 79.44
CA VAL E 543 22.97 -37.59 78.09
C VAL E 543 22.28 -38.65 77.23
N LYS E 544 22.49 -39.93 77.52
CA LYS E 544 21.80 -40.97 76.79
C LYS E 544 20.35 -41.07 77.24
N LYS E 545 20.05 -40.56 78.44
CA LYS E 545 18.69 -40.57 78.92
C LYS E 545 17.84 -39.56 78.14
N GLY E 546 18.31 -38.32 78.05
CA GLY E 546 17.48 -37.25 77.47
C GLY E 546 17.31 -37.39 75.96
N ILE E 547 18.35 -37.90 75.29
CA ILE E 547 18.24 -38.21 73.87
C ILE E 547 17.20 -39.31 73.65
N LEU E 548 17.21 -40.33 74.51
CA LEU E 548 16.17 -41.34 74.50
C LEU E 548 14.82 -40.74 74.84
N LEU E 549 14.77 -39.80 75.77
CA LEU E 549 13.53 -39.09 76.03
C LEU E 549 13.18 -38.14 74.90
N GLN E 550 14.17 -37.70 74.12
CA GLN E 550 13.85 -36.88 72.95
C GLN E 550 13.27 -37.75 71.85
N MET E 551 13.59 -39.03 71.83
CA MET E 551 13.00 -39.96 70.88
C MET E 551 11.54 -40.28 71.18
N LEU E 552 11.07 -39.99 72.39
CA LEU E 552 9.70 -40.30 72.80
C LEU E 552 8.93 -39.01 72.88
N GLY E 553 7.83 -38.94 72.13
CA GLY E 553 7.03 -37.73 72.07
C GLY E 553 6.26 -37.47 73.35
N GLY E 554 5.78 -36.24 73.47
CA GLY E 554 4.99 -35.83 74.61
C GLY E 554 3.52 -36.19 74.44
N VAL E 555 2.63 -35.29 74.82
CA VAL E 555 1.20 -35.57 74.66
C VAL E 555 0.60 -34.67 73.59
N HIS E 556 1.07 -33.42 73.51
CA HIS E 556 0.62 -32.33 72.63
C HIS E 556 -0.90 -32.23 72.50
N LYS E 557 -1.61 -32.45 73.60
CA LYS E 557 -3.07 -32.48 73.58
C LYS E 557 -3.64 -31.07 73.45
N SER E 558 -4.95 -31.01 73.26
CA SER E 558 -5.64 -29.74 73.10
C SER E 558 -5.87 -29.08 74.45
N THR E 559 -6.26 -27.82 74.40
CA THR E 559 -6.56 -26.99 75.56
C THR E 559 -7.82 -26.18 75.27
N VAL E 560 -7.99 -25.11 76.04
CA VAL E 560 -9.02 -24.12 75.73
C VAL E 560 -8.62 -23.33 74.49
N GLU E 561 -9.55 -22.51 74.01
CA GLU E 561 -9.50 -21.84 72.71
C GLU E 561 -8.34 -20.84 72.63
N GLY E 562 -7.73 -20.45 73.75
CA GLY E 562 -6.69 -19.44 73.70
C GLY E 562 -5.39 -19.92 73.07
N ILE E 563 -4.65 -20.76 73.77
CA ILE E 563 -3.33 -21.21 73.34
C ILE E 563 -3.26 -22.72 73.53
N LYS E 564 -2.83 -23.44 72.50
CA LYS E 564 -2.59 -24.87 72.65
C LYS E 564 -1.17 -25.11 73.17
N LEU E 565 -1.00 -26.23 73.86
CA LEU E 565 0.27 -26.59 74.47
C LEU E 565 1.13 -27.32 73.47
N ARG E 566 2.42 -26.98 73.44
CA ARG E 566 3.37 -27.77 72.67
C ARG E 566 3.69 -29.06 73.41
N GLY E 567 4.11 -30.08 72.66
CA GLY E 567 4.38 -31.38 73.22
C GLY E 567 5.78 -31.93 72.98
N ASP E 568 6.82 -31.12 73.09
CA ASP E 568 8.15 -31.52 72.65
C ASP E 568 9.19 -31.16 73.70
N ILE E 569 10.37 -31.78 73.59
CA ILE E 569 11.46 -31.61 74.53
C ILE E 569 12.73 -31.21 73.76
N ASN E 570 13.54 -30.36 74.37
CA ASN E 570 14.71 -29.77 73.72
C ASN E 570 15.91 -29.87 74.66
N ILE E 571 16.92 -30.61 74.22
CA ILE E 571 18.15 -30.78 75.00
C ILE E 571 19.28 -30.10 74.24
N CYS E 572 20.01 -29.23 74.92
CA CYS E 572 21.04 -28.40 74.29
C CYS E 572 22.33 -28.52 75.10
N VAL E 573 23.37 -29.05 74.46
CA VAL E 573 24.60 -29.40 75.17
C VAL E 573 25.76 -28.56 74.64
N VAL E 574 26.48 -27.91 75.55
CA VAL E 574 27.76 -27.29 75.24
C VAL E 574 28.82 -28.07 76.00
N GLY E 575 29.89 -28.46 75.31
CA GLY E 575 30.94 -29.23 75.96
C GLY E 575 32.30 -28.83 75.47
N ASP E 576 33.31 -29.45 76.08
CA ASP E 576 34.71 -29.24 75.72
C ASP E 576 34.96 -29.76 74.30
N PRO E 577 35.71 -29.02 73.49
CA PRO E 577 36.35 -29.62 72.32
C PRO E 577 37.24 -30.78 72.72
N SER E 578 37.35 -31.74 71.78
CA SER E 578 38.00 -33.04 71.97
C SER E 578 37.37 -33.80 73.14
N THR E 579 36.10 -34.16 72.96
CA THR E 579 35.33 -34.93 73.93
C THR E 579 34.48 -36.01 73.27
N SER E 580 34.54 -36.14 71.93
CA SER E 580 33.76 -37.09 71.13
C SER E 580 32.26 -36.91 71.32
N LYS E 581 31.85 -35.64 71.38
CA LYS E 581 30.43 -35.30 71.37
C LYS E 581 29.78 -35.60 70.03
N SER E 582 30.58 -35.68 68.96
CA SER E 582 30.05 -35.93 67.62
C SER E 582 29.60 -37.38 67.46
N GLN E 583 30.09 -38.28 68.30
CA GLN E 583 29.60 -39.65 68.33
C GLN E 583 28.14 -39.70 68.73
N PHE E 584 27.72 -38.79 69.60
CA PHE E 584 26.31 -38.62 69.88
C PHE E 584 25.58 -38.07 68.66
N LEU E 585 26.21 -37.11 67.99
CA LEU E 585 25.61 -36.45 66.83
C LEU E 585 25.43 -37.42 65.67
N LYS E 586 26.42 -38.27 65.42
CA LYS E 586 26.33 -39.20 64.30
C LYS E 586 25.34 -40.32 64.63
N TYR E 587 25.21 -40.69 65.89
CA TYR E 587 24.32 -41.78 66.26
C TYR E 587 22.86 -41.39 66.11
N VAL E 588 22.54 -40.13 66.42
CA VAL E 588 21.15 -39.68 66.33
C VAL E 588 20.69 -39.66 64.88
N VAL E 589 21.48 -39.06 64.00
CA VAL E 589 21.16 -39.11 62.58
C VAL E 589 21.38 -40.52 62.02
N GLY E 590 22.18 -41.34 62.67
CA GLY E 590 22.40 -42.69 62.19
C GLY E 590 21.28 -43.66 62.44
N PHE E 591 20.43 -43.42 63.44
CA PHE E 591 19.42 -44.39 63.83
C PHE E 591 17.99 -43.89 63.64
N ALA E 592 17.67 -42.71 64.16
CA ALA E 592 16.29 -42.32 64.32
C ALA E 592 15.67 -41.86 62.99
N PRO E 593 14.39 -42.13 62.79
CA PRO E 593 13.68 -41.60 61.61
C PRO E 593 13.48 -40.09 61.73
N ARG E 594 13.34 -39.46 60.56
CA ARG E 594 13.22 -38.01 60.40
C ARG E 594 14.36 -37.27 61.08
N SER E 595 15.58 -37.67 60.75
CA SER E 595 16.78 -37.15 61.38
C SER E 595 17.57 -36.33 60.36
N VAL E 596 18.00 -35.14 60.78
CA VAL E 596 18.80 -34.25 59.95
C VAL E 596 20.01 -33.81 60.75
N TYR E 597 21.19 -34.13 60.24
CA TYR E 597 22.42 -33.61 60.82
C TYR E 597 22.97 -32.50 59.93
N THR E 598 23.45 -31.44 60.58
CA THR E 598 24.24 -30.40 59.93
C THR E 598 25.07 -29.67 60.97
N SER E 599 26.33 -29.42 60.64
CA SER E 599 27.16 -28.47 61.37
C SER E 599 27.20 -27.19 60.55
N GLY E 600 26.04 -26.53 60.50
CA GLY E 600 25.85 -25.48 59.52
C GLY E 600 26.54 -24.19 59.84
N LYS E 601 27.63 -23.92 59.13
CA LYS E 601 28.28 -22.61 59.16
C LYS E 601 28.39 -22.09 57.73
N ALA E 602 28.69 -22.99 56.80
CA ALA E 602 28.69 -22.63 55.39
C ALA E 602 27.26 -22.56 54.86
N SER E 603 26.31 -23.18 55.56
CA SER E 603 24.91 -23.08 55.19
C SER E 603 24.39 -21.68 55.48
N SER E 604 23.42 -21.25 54.68
CA SER E 604 22.81 -19.96 54.90
C SER E 604 21.81 -20.03 56.05
N ALA E 605 21.29 -18.87 56.42
CA ALA E 605 20.15 -18.84 57.31
C ALA E 605 18.90 -19.34 56.59
N ALA E 606 18.83 -19.13 55.28
CA ALA E 606 17.66 -19.51 54.51
C ALA E 606 17.75 -20.96 54.06
N GLY E 607 18.80 -21.66 54.46
CA GLY E 607 18.94 -23.06 54.15
C GLY E 607 17.95 -23.88 54.95
N LEU E 608 17.79 -23.52 56.22
CA LEU E 608 16.76 -24.11 57.07
C LEU E 608 15.41 -23.43 56.88
N THR E 609 15.36 -22.44 56.00
CA THR E 609 14.12 -21.74 55.71
C THR E 609 13.78 -22.15 54.28
N ALA E 610 12.73 -21.56 53.70
CA ALA E 610 12.30 -21.98 52.38
C ALA E 610 12.93 -21.11 51.31
N ALA E 611 12.99 -21.67 50.10
CA ALA E 611 13.56 -20.94 48.98
C ALA E 611 12.42 -20.72 48.01
N VAL E 612 12.22 -19.49 47.56
CA VAL E 612 11.14 -19.21 46.63
C VAL E 612 11.59 -19.50 45.21
N VAL E 613 11.68 -20.77 44.86
CA VAL E 613 12.09 -21.14 43.52
C VAL E 613 11.00 -20.61 42.62
N ARG E 614 11.38 -19.95 41.53
CA ARG E 614 10.37 -19.39 40.64
C ARG E 614 10.73 -19.63 39.19
N ASP E 615 9.70 -19.78 38.38
CA ASP E 615 9.86 -19.97 36.95
C ASP E 615 10.42 -21.34 36.57
N GLU E 616 9.98 -22.40 37.27
CA GLU E 616 10.10 -23.74 36.70
C GLU E 616 9.09 -23.92 35.58
N GLU E 617 8.03 -23.11 35.59
CA GLU E 617 7.03 -23.05 34.54
C GLU E 617 6.53 -21.62 34.46
N GLY E 618 5.33 -21.43 33.93
CA GLY E 618 4.74 -20.11 33.87
C GLY E 618 4.12 -19.69 35.19
N GLY E 619 4.96 -19.33 36.17
CA GLY E 619 4.47 -18.97 37.49
C GLY E 619 4.48 -20.14 38.46
N ASP E 620 5.65 -20.74 38.67
CA ASP E 620 5.75 -21.97 39.45
C ASP E 620 5.60 -21.71 40.94
N TYR E 621 6.23 -20.64 41.45
CA TYR E 621 6.33 -20.24 42.86
C TYR E 621 6.66 -21.38 43.83
N THR E 622 7.44 -22.36 43.38
CA THR E 622 7.53 -23.64 44.08
C THR E 622 8.41 -23.55 45.31
N ILE E 623 7.81 -23.79 46.47
CA ILE E 623 8.46 -23.72 47.77
C ILE E 623 9.22 -25.02 48.01
N GLU E 624 10.48 -24.91 48.42
CA GLU E 624 11.26 -26.09 48.73
C GLU E 624 10.90 -26.65 50.10
N ALA E 625 11.60 -27.71 50.50
CA ALA E 625 11.40 -28.27 51.84
C ALA E 625 12.03 -27.39 52.91
N GLY E 626 13.29 -27.03 52.74
CA GLY E 626 14.00 -26.31 53.78
C GLY E 626 14.52 -27.24 54.87
N ALA E 627 15.76 -26.98 55.28
CA ALA E 627 16.52 -27.92 56.09
C ALA E 627 15.99 -28.09 57.51
N LEU E 628 15.15 -27.19 57.99
CA LEU E 628 14.61 -27.33 59.34
C LEU E 628 13.34 -28.14 59.40
N MET E 629 12.37 -27.88 58.51
CA MET E 629 11.02 -28.40 58.67
C MET E 629 10.93 -29.90 58.43
N LEU E 630 11.80 -30.46 57.58
CA LEU E 630 11.59 -31.82 57.09
C LEU E 630 11.97 -32.89 58.11
N ALA E 631 12.36 -32.52 59.32
CA ALA E 631 12.47 -33.47 60.43
C ALA E 631 11.21 -33.49 61.28
N ASP E 632 10.06 -33.64 60.64
CA ASP E 632 8.77 -33.53 61.32
C ASP E 632 8.55 -34.75 62.21
N ASN E 633 8.26 -34.46 63.48
CA ASN E 633 8.30 -35.44 64.57
C ASN E 633 9.63 -36.18 64.60
N GLY E 634 10.70 -35.42 64.44
CA GLY E 634 12.04 -35.98 64.42
C GLY E 634 13.06 -35.00 64.96
N ILE E 635 14.29 -35.46 65.14
CA ILE E 635 15.34 -34.66 65.76
C ILE E 635 16.16 -34.04 64.65
N CYS E 636 16.18 -32.71 64.60
CA CYS E 636 17.08 -31.98 63.72
C CYS E 636 18.18 -31.35 64.57
N CYS E 637 19.39 -31.90 64.46
CA CYS E 637 20.49 -31.47 65.29
C CYS E 637 21.41 -30.53 64.51
N ILE E 638 21.70 -29.38 65.10
CA ILE E 638 22.50 -28.34 64.49
C ILE E 638 23.62 -27.99 65.46
N ASP E 639 24.83 -27.87 64.92
CA ASP E 639 26.00 -27.65 65.75
C ASP E 639 26.44 -26.19 65.67
N GLU E 640 27.23 -25.78 66.68
CA GLU E 640 28.07 -24.58 66.65
C GLU E 640 27.24 -23.31 66.48
N PHE E 641 26.45 -23.03 67.52
CA PHE E 641 25.64 -21.81 67.56
C PHE E 641 26.48 -20.55 67.50
N ASP E 642 27.68 -20.60 68.10
CA ASP E 642 28.54 -19.42 68.13
C ASP E 642 29.09 -19.10 66.75
N LYS E 643 29.19 -20.09 65.89
CA LYS E 643 29.67 -19.87 64.53
C LYS E 643 28.61 -19.29 63.61
N MET E 644 27.37 -19.18 64.08
CA MET E 644 26.28 -18.62 63.30
C MET E 644 25.91 -17.24 63.83
N ASP E 645 25.22 -16.47 62.99
CA ASP E 645 24.92 -15.08 63.30
C ASP E 645 23.52 -14.94 63.88
N ILE E 646 23.09 -13.68 64.04
CA ILE E 646 21.93 -13.35 64.85
C ILE E 646 20.61 -13.60 64.15
N SER E 647 20.59 -13.51 62.81
CA SER E 647 19.33 -13.62 62.08
C SER E 647 18.79 -15.04 62.12
N ASP E 648 19.67 -16.04 62.11
CA ASP E 648 19.24 -17.41 62.34
C ASP E 648 18.69 -17.57 63.74
N GLN E 649 19.33 -16.91 64.71
CA GLN E 649 18.95 -17.05 66.12
C GLN E 649 17.55 -16.50 66.38
N VAL E 650 17.15 -15.46 65.65
CA VAL E 650 15.76 -15.02 65.71
C VAL E 650 14.86 -16.02 65.00
N ALA E 651 15.31 -16.50 63.84
CA ALA E 651 14.54 -17.49 63.09
C ALA E 651 14.45 -18.82 63.83
N ILE E 652 15.49 -19.18 64.58
CA ILE E 652 15.36 -20.29 65.52
C ILE E 652 14.36 -19.94 66.60
N HIS E 653 14.43 -18.72 67.13
CA HIS E 653 13.52 -18.32 68.20
C HIS E 653 12.09 -18.20 67.70
N GLU E 654 11.91 -17.89 66.41
CA GLU E 654 10.60 -18.02 65.81
C GLU E 654 10.14 -19.47 65.81
N ALA E 655 11.03 -20.39 65.43
CA ALA E 655 10.70 -21.80 65.48
C ALA E 655 10.54 -22.32 66.90
N MET E 656 11.22 -21.72 67.88
CA MET E 656 11.12 -22.18 69.25
C MET E 656 9.98 -21.54 70.02
N GLU E 657 9.37 -20.47 69.49
CA GLU E 657 8.26 -19.83 70.16
C GLU E 657 6.99 -19.84 69.32
N GLN E 658 7.07 -19.36 68.07
CA GLN E 658 5.88 -19.36 67.21
C GLN E 658 5.58 -20.73 66.64
N GLN E 659 6.60 -21.57 66.51
CA GLN E 659 6.57 -22.90 65.89
C GLN E 659 6.12 -22.85 64.43
N THR E 660 6.27 -21.70 63.78
CA THR E 660 5.84 -21.47 62.41
C THR E 660 6.97 -20.78 61.67
N ILE E 661 6.82 -20.63 60.35
CA ILE E 661 7.78 -19.92 59.52
C ILE E 661 7.03 -18.92 58.66
N SER E 662 7.38 -17.65 58.79
CA SER E 662 6.77 -16.58 58.00
C SER E 662 7.68 -16.23 56.83
N ILE E 663 7.06 -15.98 55.67
CA ILE E 663 7.79 -15.77 54.42
C ILE E 663 7.20 -14.58 53.70
N ALA E 664 8.04 -13.58 53.41
CA ALA E 664 7.74 -12.54 52.41
C ALA E 664 9.04 -12.30 51.65
N LYS E 665 9.23 -13.05 50.56
CA LYS E 665 10.50 -13.06 49.85
C LYS E 665 10.28 -12.62 48.41
N ALA E 666 10.30 -11.30 48.19
CA ALA E 666 10.31 -10.65 46.89
C ALA E 666 9.11 -11.06 46.05
N GLY E 667 7.93 -10.72 46.56
CA GLY E 667 6.72 -11.17 45.93
C GLY E 667 5.81 -11.95 46.84
N ILE E 668 5.72 -13.27 46.58
CA ILE E 668 4.70 -14.14 47.17
C ILE E 668 4.94 -14.25 48.67
N HIS E 669 4.00 -13.75 49.45
CA HIS E 669 4.01 -13.95 50.88
C HIS E 669 3.47 -15.34 51.19
N ALA E 670 4.04 -15.97 52.23
CA ALA E 670 3.62 -17.31 52.59
C ALA E 670 3.89 -17.53 54.07
N THR E 671 3.24 -18.57 54.62
CA THR E 671 3.50 -19.03 55.96
C THR E 671 3.80 -20.51 55.93
N LEU E 672 4.69 -20.95 56.82
CA LEU E 672 4.99 -22.36 56.97
C LEU E 672 4.89 -22.71 58.46
N ASN E 673 5.31 -23.92 58.79
CA ASN E 673 5.17 -24.42 60.16
C ASN E 673 6.49 -25.02 60.60
N ALA E 674 6.54 -25.41 61.88
CA ALA E 674 7.73 -26.04 62.43
C ALA E 674 7.32 -26.88 63.62
N ARG E 675 7.32 -28.20 63.45
CA ARG E 675 7.09 -29.15 64.55
C ARG E 675 8.25 -30.12 64.52
N THR E 676 9.38 -29.71 65.10
CA THR E 676 10.61 -30.48 65.15
C THR E 676 11.21 -30.37 66.55
N SER E 677 12.12 -31.28 66.86
CA SER E 677 12.91 -31.21 68.07
C SER E 677 14.35 -30.93 67.70
N ILE E 678 14.99 -30.04 68.45
CA ILE E 678 16.31 -29.52 68.10
C ILE E 678 17.29 -29.93 69.18
N LEU E 679 18.41 -30.53 68.76
CA LEU E 679 19.52 -30.84 69.64
C LEU E 679 20.68 -29.92 69.26
N ALA E 680 21.39 -29.42 70.26
CA ALA E 680 22.39 -28.39 70.06
C ALA E 680 23.78 -28.89 70.44
N ALA E 681 24.79 -28.30 69.83
CA ALA E 681 26.18 -28.60 70.12
C ALA E 681 27.01 -27.34 69.88
N ALA E 682 27.25 -26.57 70.93
CA ALA E 682 28.08 -25.39 70.83
C ALA E 682 29.34 -25.58 71.70
N ASN E 683 30.16 -24.53 71.78
CA ASN E 683 31.46 -24.62 72.44
C ASN E 683 31.61 -23.44 73.38
N PRO E 684 32.45 -23.56 74.43
CA PRO E 684 32.72 -22.40 75.28
C PRO E 684 33.55 -21.33 74.57
N VAL E 685 33.60 -20.13 75.14
CA VAL E 685 34.33 -19.03 74.53
C VAL E 685 35.83 -19.29 74.55
N GLY E 686 36.36 -19.56 75.74
CA GLY E 686 37.74 -20.02 75.83
C GLY E 686 37.92 -21.48 75.56
N GLY E 687 36.84 -22.21 75.26
CA GLY E 687 36.89 -23.62 74.99
C GLY E 687 36.70 -24.50 76.21
N ARG E 688 37.05 -24.03 77.39
CA ARG E 688 36.95 -24.83 78.60
C ARG E 688 36.08 -24.06 79.60
N TYR E 689 35.73 -24.70 80.70
CA TYR E 689 34.85 -24.11 81.69
C TYR E 689 35.68 -23.42 82.77
N ASN E 690 35.33 -22.18 83.08
CA ASN E 690 35.87 -21.50 84.26
C ASN E 690 34.87 -21.76 85.38
N ARG E 691 35.31 -22.50 86.41
CA ARG E 691 34.40 -22.95 87.44
C ARG E 691 34.01 -21.83 88.38
N LYS E 692 34.86 -20.81 88.51
CA LYS E 692 34.45 -19.64 89.28
C LYS E 692 33.47 -18.77 88.50
N LEU E 693 33.42 -18.91 87.18
CA LEU E 693 32.42 -18.18 86.40
C LEU E 693 31.14 -19.00 86.31
N SER E 694 30.06 -18.32 85.94
CA SER E 694 28.77 -18.97 85.80
C SER E 694 28.64 -19.59 84.42
N LEU E 695 27.58 -20.39 84.28
CA LEU E 695 27.23 -20.92 82.96
C LEU E 695 26.73 -19.83 82.04
N ARG E 696 26.09 -18.80 82.61
CA ARG E 696 25.52 -17.72 81.80
C ARG E 696 26.58 -16.86 81.14
N GLY E 697 27.78 -16.82 81.69
CA GLY E 697 28.89 -16.15 81.06
C GLY E 697 29.63 -16.98 80.04
N ASN E 698 28.99 -17.98 79.45
CA ASN E 698 29.67 -18.94 78.59
C ASN E 698 28.94 -19.24 77.30
N LEU E 699 27.66 -18.86 77.17
CA LEU E 699 26.93 -19.20 75.95
C LEU E 699 27.26 -18.25 74.80
N ASN E 700 27.46 -16.96 75.13
CA ASN E 700 27.65 -15.87 74.17
C ASN E 700 26.47 -15.76 73.20
N MET E 701 25.26 -15.74 73.75
CA MET E 701 24.04 -15.56 72.97
C MET E 701 23.02 -14.82 73.82
N THR E 702 21.84 -14.57 73.24
CA THR E 702 20.87 -13.77 73.96
C THR E 702 20.07 -14.63 74.95
N ALA E 703 19.25 -13.94 75.74
CA ALA E 703 18.57 -14.57 76.87
C ALA E 703 17.42 -15.51 76.49
N PRO E 704 16.43 -15.14 75.65
CA PRO E 704 15.26 -16.02 75.52
C PRO E 704 15.54 -17.32 74.78
N ILE E 705 16.48 -17.35 73.83
CA ILE E 705 16.92 -18.61 73.26
C ILE E 705 17.67 -19.45 74.29
N MET E 706 18.31 -18.81 75.27
CA MET E 706 18.82 -19.56 76.41
C MET E 706 17.69 -19.97 77.34
N SER E 707 16.74 -19.07 77.59
CA SER E 707 15.63 -19.35 78.49
C SER E 707 14.67 -20.38 77.92
N ARG E 708 14.61 -20.52 76.60
CA ARG E 708 13.77 -21.54 76.00
C ARG E 708 14.34 -22.94 76.21
N PHE E 709 15.66 -23.05 76.38
CA PHE E 709 16.33 -24.35 76.40
C PHE E 709 16.08 -25.05 77.73
N ASP E 710 15.90 -26.37 77.67
CA ASP E 710 15.45 -27.10 78.84
C ASP E 710 16.61 -27.70 79.62
N LEU E 711 17.39 -28.57 78.98
CA LEU E 711 18.45 -29.29 79.66
C LEU E 711 19.79 -28.92 79.05
N PHE E 712 20.85 -29.00 79.87
CA PHE E 712 22.10 -28.36 79.53
C PHE E 712 23.28 -29.31 79.42
N PHE E 713 23.49 -30.20 80.40
CA PHE E 713 24.44 -31.32 80.33
C PHE E 713 25.88 -30.85 80.08
N VAL E 714 26.44 -30.23 81.12
CA VAL E 714 27.86 -29.92 81.10
C VAL E 714 28.66 -31.20 81.35
N ILE E 715 29.64 -31.47 80.49
CA ILE E 715 30.54 -32.61 80.64
C ILE E 715 31.98 -32.13 80.65
N LEU E 716 32.70 -32.45 81.71
CA LEU E 716 34.15 -32.27 81.76
C LEU E 716 34.73 -33.48 82.48
N ASP E 717 35.91 -33.91 82.02
CA ASP E 717 36.47 -35.19 82.45
C ASP E 717 37.74 -34.98 83.26
N ASP E 718 38.08 -36.01 84.02
CA ASP E 718 39.28 -36.06 84.86
C ASP E 718 40.14 -37.25 84.45
N CYS E 719 41.17 -37.51 85.25
CA CYS E 719 41.95 -38.74 85.16
C CYS E 719 41.67 -39.58 86.40
N ASN E 720 41.42 -40.87 86.19
CA ASN E 720 41.32 -41.80 87.29
C ASN E 720 41.81 -43.15 86.79
N GLU E 721 42.77 -43.72 87.51
CA GLU E 721 43.66 -44.74 86.96
C GLU E 721 42.93 -46.04 86.64
N LYS E 722 41.82 -46.32 87.32
CA LYS E 722 40.98 -47.45 86.90
C LYS E 722 40.25 -47.11 85.61
N ILE E 723 39.64 -45.93 85.57
CA ILE E 723 38.84 -45.51 84.41
C ILE E 723 39.75 -45.20 83.23
N ASP E 724 40.94 -44.66 83.50
CA ASP E 724 41.91 -44.37 82.43
C ASP E 724 42.36 -45.65 81.73
N THR E 725 42.44 -46.76 82.47
CA THR E 725 42.60 -48.06 81.82
C THR E 725 41.32 -48.52 81.16
N GLU E 726 40.16 -48.23 81.77
CA GLU E 726 38.89 -48.62 81.19
C GLU E 726 38.60 -47.84 79.92
N LEU E 727 39.06 -46.59 79.85
CA LEU E 727 39.02 -45.87 78.58
C LEU E 727 40.00 -46.49 77.59
N ALA E 728 41.15 -46.96 78.08
CA ALA E 728 42.13 -47.58 77.20
C ALA E 728 41.64 -48.94 76.72
N SER E 729 40.99 -49.69 77.60
CA SER E 729 40.51 -51.01 77.22
C SER E 729 39.33 -50.93 76.26
N HIS E 730 38.47 -49.93 76.42
CA HIS E 730 37.25 -49.88 75.63
C HIS E 730 37.51 -49.47 74.20
N ILE E 731 38.41 -48.51 73.99
CA ILE E 731 38.63 -47.94 72.66
C ILE E 731 39.43 -48.91 71.80
N VAL E 732 40.44 -49.55 72.39
CA VAL E 732 41.28 -50.48 71.63
C VAL E 732 40.49 -51.75 71.28
N ASP E 733 39.58 -52.18 72.16
CA ASP E 733 38.76 -53.35 71.85
C ASP E 733 37.72 -53.05 70.77
N LEU E 734 37.42 -51.78 70.51
CA LEU E 734 36.64 -51.46 69.32
C LEU E 734 37.48 -51.66 68.06
N HIS E 735 38.73 -51.23 68.10
CA HIS E 735 39.68 -51.47 67.03
C HIS E 735 40.10 -52.93 66.95
N MET E 736 39.95 -53.69 68.03
CA MET E 736 39.90 -55.14 67.92
C MET E 736 38.65 -55.50 67.15
N LYS E 737 38.81 -55.85 65.88
CA LYS E 737 37.66 -56.29 65.12
C LYS E 737 37.20 -57.66 65.55
N ARG E 738 38.09 -58.45 66.15
CA ARG E 738 37.69 -59.58 66.96
C ARG E 738 37.10 -59.06 68.26
N ASP E 739 35.99 -59.68 68.69
CA ASP E 739 35.28 -59.37 69.93
C ASP E 739 34.76 -57.93 69.96
N GLU E 740 34.42 -57.38 68.79
CA GLU E 740 33.74 -56.10 68.71
C GLU E 740 32.23 -56.26 68.72
N ALA E 741 31.74 -57.46 69.00
CA ALA E 741 30.31 -57.72 69.01
C ALA E 741 29.75 -57.64 70.42
N ILE E 742 30.22 -56.66 71.20
CA ILE E 742 29.74 -56.34 72.55
C ILE E 742 28.23 -56.14 72.52
N GLU E 743 27.56 -56.61 73.57
CA GLU E 743 26.13 -56.85 73.45
C GLU E 743 25.33 -55.87 74.28
N PRO E 744 24.54 -55.00 73.64
CA PRO E 744 23.41 -54.39 74.34
C PRO E 744 22.33 -55.43 74.59
N PRO E 745 21.48 -55.24 75.59
CA PRO E 745 20.42 -56.22 75.84
C PRO E 745 19.35 -56.29 74.76
N PHE E 746 19.20 -55.24 73.95
CA PHE E 746 18.29 -55.27 72.81
C PHE E 746 19.06 -55.09 71.51
N SER E 747 18.48 -55.58 70.42
CA SER E 747 19.00 -55.23 69.11
C SER E 747 18.49 -53.85 68.72
N ALA E 748 19.01 -53.34 67.60
CA ALA E 748 18.69 -51.97 67.21
C ALA E 748 17.28 -51.87 66.65
N GLU E 749 16.80 -52.93 66.00
CA GLU E 749 15.55 -52.79 65.27
C GLU E 749 14.35 -53.23 66.09
N GLN E 750 14.52 -54.13 67.06
CA GLN E 750 13.45 -54.33 68.02
C GLN E 750 13.35 -53.16 68.98
N LEU E 751 14.44 -52.42 69.18
CA LEU E 751 14.37 -51.13 69.86
C LEU E 751 13.60 -50.13 69.01
N ARG E 752 13.89 -50.10 67.70
CA ARG E 752 13.16 -49.24 66.79
C ARG E 752 11.70 -49.67 66.68
N ARG E 753 11.45 -50.97 66.77
CA ARG E 753 10.08 -51.46 66.91
C ARG E 753 9.47 -51.01 68.24
N TYR E 754 10.30 -50.93 69.29
CA TYR E 754 9.78 -50.56 70.60
C TYR E 754 9.40 -49.10 70.66
N ILE E 755 10.01 -48.26 69.82
CA ILE E 755 9.61 -46.85 69.74
C ILE E 755 8.21 -46.73 69.17
N LYS E 756 7.88 -47.58 68.19
CA LYS E 756 6.61 -47.47 67.49
C LYS E 756 5.45 -47.94 68.36
N TYR E 757 5.64 -49.00 69.14
CA TYR E 757 4.60 -49.44 70.06
C TYR E 757 4.40 -48.43 71.18
N ALA E 758 5.46 -47.72 71.56
CA ALA E 758 5.38 -46.80 72.69
C ALA E 758 4.62 -45.53 72.36
N ARG E 759 4.49 -45.19 71.08
CA ARG E 759 3.90 -43.93 70.69
C ARG E 759 2.39 -43.89 70.90
N THR E 760 1.74 -45.06 71.03
CA THR E 760 0.30 -45.15 71.17
C THR E 760 -0.17 -45.26 72.61
N PHE E 761 0.49 -44.60 73.56
CA PHE E 761 0.11 -44.80 74.95
C PHE E 761 -0.78 -43.67 75.46
N LYS E 762 -0.39 -42.41 75.18
CA LYS E 762 -1.09 -41.17 75.49
C LYS E 762 -1.43 -41.07 76.98
N PRO E 763 -0.47 -40.74 77.84
CA PRO E 763 -0.71 -40.78 79.28
C PRO E 763 -1.53 -39.61 79.80
N ILE E 764 -2.53 -39.96 80.60
CA ILE E 764 -3.34 -38.98 81.33
C ILE E 764 -2.97 -39.12 82.80
N LEU E 765 -2.37 -38.07 83.37
CA LEU E 765 -2.02 -38.10 84.78
C LEU E 765 -3.28 -38.01 85.63
N THR E 766 -3.48 -39.01 86.48
CA THR E 766 -4.70 -39.15 87.27
C THR E 766 -4.28 -39.47 88.71
N LYS E 767 -3.32 -38.71 89.21
CA LYS E 767 -2.73 -38.98 90.51
C LYS E 767 -2.90 -37.76 91.42
N GLU E 768 -3.24 -38.03 92.68
CA GLU E 768 -3.37 -36.99 93.69
C GLU E 768 -2.05 -36.30 93.99
N ALA E 769 -0.92 -36.95 93.70
CA ALA E 769 0.40 -36.35 93.92
C ALA E 769 0.74 -35.20 92.96
N ARG E 770 -0.18 -34.73 92.11
CA ARG E 770 0.02 -33.46 91.43
C ARG E 770 0.07 -32.30 92.43
N SER E 771 -0.62 -32.46 93.57
CA SER E 771 -0.51 -31.49 94.65
C SER E 771 0.75 -31.72 95.46
N TYR E 772 1.13 -33.00 95.64
CA TYR E 772 2.42 -33.31 96.27
C TYR E 772 3.59 -32.88 95.40
N LEU E 773 3.37 -32.75 94.10
CA LEU E 773 4.38 -32.22 93.20
C LEU E 773 4.67 -30.76 93.48
N VAL E 774 3.71 -30.03 94.02
CA VAL E 774 3.86 -28.58 94.19
C VAL E 774 4.86 -28.27 95.29
N GLU E 775 4.67 -28.85 96.47
CA GLU E 775 5.65 -28.68 97.53
C GLU E 775 6.96 -29.40 97.22
N LYS E 776 6.92 -30.44 96.39
CA LYS E 776 8.16 -30.97 95.83
C LYS E 776 8.82 -29.94 94.93
N TYR E 777 8.03 -29.21 94.14
CA TYR E 777 8.59 -28.13 93.35
C TYR E 777 8.95 -26.93 94.22
N LYS E 778 8.27 -26.76 95.35
CA LYS E 778 8.57 -25.65 96.23
C LYS E 778 9.91 -25.84 96.92
N GLU E 779 10.21 -27.06 97.35
CA GLU E 779 11.51 -27.33 97.96
C GLU E 779 12.63 -27.39 96.94
N LEU E 780 12.30 -27.41 95.65
CA LEU E 780 13.31 -27.09 94.63
C LEU E 780 13.65 -25.62 94.64
N ARG E 781 12.77 -24.79 95.20
CA ARG E 781 12.95 -23.35 95.17
C ARG E 781 13.33 -22.79 96.54
N LYS E 782 12.97 -23.48 97.62
CA LYS E 782 13.32 -23.03 98.96
C LYS E 782 14.81 -23.10 99.23
N ASP E 783 15.48 -24.10 98.71
CA ASP E 783 16.93 -24.11 98.72
C ASP E 783 17.53 -23.21 97.63
N ASP E 784 16.82 -23.03 96.52
CA ASP E 784 17.18 -21.99 95.56
C ASP E 784 16.81 -20.59 96.02
N ALA E 785 16.03 -20.47 97.10
CA ALA E 785 15.84 -19.17 97.72
C ALA E 785 17.12 -18.74 98.46
N GLN E 786 17.99 -19.68 98.76
CA GLN E 786 19.28 -19.40 99.35
C GLN E 786 20.37 -19.56 98.30
N GLY E 787 21.36 -18.69 98.36
CA GLY E 787 22.52 -18.82 97.49
C GLY E 787 22.27 -18.49 96.03
N PHE E 788 22.04 -17.22 95.73
CA PHE E 788 21.94 -16.75 94.35
C PHE E 788 23.30 -16.41 93.75
N SER E 789 24.39 -16.94 94.32
CA SER E 789 25.72 -16.54 93.87
C SER E 789 26.14 -17.30 92.62
N ARG E 790 26.19 -18.63 92.69
CA ARG E 790 26.74 -19.45 91.62
C ARG E 790 25.62 -19.93 90.72
N SER E 791 25.48 -19.24 89.57
CA SER E 791 24.50 -19.55 88.53
C SER E 791 23.07 -19.58 89.08
N SER E 792 22.60 -18.43 89.54
CA SER E 792 21.22 -18.33 90.01
C SER E 792 20.26 -18.41 88.84
N TYR E 793 19.04 -18.86 89.11
CA TYR E 793 18.03 -18.94 88.08
C TYR E 793 16.70 -18.42 88.61
N ARG E 794 16.03 -17.68 87.75
CA ARG E 794 14.70 -17.15 88.03
C ARG E 794 13.66 -18.25 87.88
N ILE E 795 13.56 -19.15 88.87
CA ILE E 795 13.04 -20.51 88.77
C ILE E 795 11.67 -20.54 88.12
N THR E 796 11.59 -21.21 86.97
CA THR E 796 10.60 -20.85 85.98
C THR E 796 9.42 -21.80 86.04
N VAL E 797 8.24 -21.28 85.71
CA VAL E 797 7.09 -22.11 85.36
C VAL E 797 7.45 -23.11 84.28
N ARG E 798 8.24 -22.70 83.28
CA ARG E 798 8.74 -23.60 82.26
C ARG E 798 9.61 -24.70 82.83
N GLN E 799 10.42 -24.41 83.86
CA GLN E 799 11.15 -25.46 84.54
C GLN E 799 10.21 -26.44 85.23
N LEU E 800 9.17 -25.91 85.87
CA LEU E 800 8.09 -26.75 86.35
C LEU E 800 7.34 -27.40 85.20
N GLU E 801 7.17 -26.69 84.09
CA GLU E 801 6.53 -27.29 82.93
C GLU E 801 7.43 -28.33 82.28
N SER E 802 8.75 -28.14 82.36
CA SER E 802 9.65 -29.18 81.87
C SER E 802 9.58 -30.42 82.73
N MET E 803 9.29 -30.27 84.02
CA MET E 803 9.11 -31.42 84.90
C MET E 803 7.91 -32.25 84.46
N ILE E 804 6.90 -31.61 83.89
CA ILE E 804 5.74 -32.31 83.36
C ILE E 804 6.16 -33.17 82.17
N ARG E 805 6.75 -32.54 81.16
CA ARG E 805 7.05 -33.23 79.90
C ARG E 805 8.14 -34.28 80.07
N LEU E 806 9.02 -34.12 81.05
CA LEU E 806 10.02 -35.15 81.29
C LEU E 806 9.41 -36.36 81.97
N SER E 807 8.45 -36.14 82.87
CA SER E 807 7.80 -37.26 83.54
C SER E 807 6.84 -37.98 82.61
N GLU E 808 6.47 -37.33 81.51
CA GLU E 808 5.67 -37.98 80.47
C GLU E 808 6.40 -39.16 79.86
N ALA E 809 7.55 -38.89 79.22
CA ALA E 809 8.19 -39.89 78.36
C ALA E 809 8.86 -40.99 79.18
N ILE E 810 9.08 -40.75 80.47
CA ILE E 810 9.56 -41.81 81.35
C ILE E 810 8.50 -42.91 81.47
N ALA E 811 7.26 -42.53 81.75
CA ALA E 811 6.19 -43.52 81.85
C ALA E 811 5.82 -44.07 80.48
N ARG E 812 6.13 -43.33 79.41
CA ARG E 812 5.98 -43.86 78.06
C ARG E 812 6.96 -45.00 77.81
N ALA E 813 8.14 -44.93 78.41
CA ALA E 813 9.06 -46.05 78.37
C ALA E 813 8.61 -47.17 79.30
N ASN E 814 7.74 -46.86 80.26
CA ASN E 814 7.31 -47.82 81.27
C ASN E 814 6.02 -48.52 80.89
N CYS E 815 5.37 -48.09 79.79
CA CYS E 815 4.03 -48.55 79.37
C CYS E 815 3.02 -48.37 80.50
N VAL E 816 3.05 -47.18 81.10
CA VAL E 816 2.25 -46.86 82.27
C VAL E 816 1.53 -45.54 82.04
N ASP E 817 0.21 -45.57 82.10
CA ASP E 817 -0.61 -44.36 82.19
C ASP E 817 -0.92 -44.09 83.66
N GLU E 818 -1.48 -42.91 83.94
CA GLU E 818 -1.83 -42.46 85.30
C GLU E 818 -0.58 -42.41 86.19
N ILE E 819 0.26 -41.41 85.86
CA ILE E 819 1.67 -41.38 86.25
C ILE E 819 1.84 -41.36 87.77
N THR E 820 2.68 -42.29 88.25
CA THR E 820 2.99 -42.45 89.67
C THR E 820 3.94 -41.34 90.14
N PRO E 821 3.90 -40.99 91.44
CA PRO E 821 4.87 -40.02 91.97
C PRO E 821 6.30 -40.53 92.02
N SER E 822 6.50 -41.85 91.94
CA SER E 822 7.86 -42.37 91.77
C SER E 822 8.43 -41.94 90.42
N PHE E 823 7.58 -41.87 89.40
CA PHE E 823 8.04 -41.37 88.11
C PHE E 823 8.31 -39.87 88.17
N ILE E 824 7.58 -39.17 89.06
CA ILE E 824 7.86 -37.77 89.30
C ILE E 824 9.20 -37.60 89.99
N ALA E 825 9.44 -38.38 91.06
CA ALA E 825 10.62 -38.19 91.90
C ALA E 825 11.91 -38.51 91.16
N GLU E 826 11.86 -39.45 90.21
CA GLU E 826 13.03 -39.71 89.38
C GLU E 826 13.28 -38.55 88.44
N ALA E 827 12.22 -38.03 87.82
CA ALA E 827 12.36 -36.82 87.02
C ALA E 827 12.68 -35.62 87.87
N TYR E 828 12.26 -35.64 89.14
CA TYR E 828 12.56 -34.53 90.04
C TYR E 828 14.04 -34.45 90.34
N ASP E 829 14.66 -35.58 90.68
CA ASP E 829 16.09 -35.56 90.97
C ASP E 829 16.90 -35.41 89.68
N LEU E 830 16.30 -35.74 88.53
CA LEU E 830 17.01 -35.64 87.27
C LEU E 830 17.36 -34.18 86.94
N LEU E 831 16.40 -33.28 87.09
CA LEU E 831 16.73 -31.87 86.91
C LEU E 831 17.45 -31.29 88.10
N ARG E 832 17.40 -31.98 89.25
CA ARG E 832 18.19 -31.54 90.40
C ARG E 832 19.68 -31.68 90.11
N GLN E 833 20.15 -32.89 89.79
CA GLN E 833 21.57 -33.02 89.45
C GLN E 833 21.91 -32.47 88.08
N SER E 834 20.91 -32.12 87.27
CA SER E 834 21.19 -31.37 86.06
C SER E 834 21.73 -29.98 86.37
N ILE E 835 21.23 -29.36 87.42
CA ILE E 835 21.67 -28.03 87.82
C ILE E 835 22.82 -28.13 88.82
N ILE E 836 22.99 -29.28 89.48
CA ILE E 836 24.22 -29.53 90.24
C ILE E 836 25.40 -29.63 89.28
N ARG E 837 25.17 -30.07 88.04
CA ARG E 837 26.15 -29.92 86.97
C ARG E 837 26.36 -28.45 86.58
N VAL E 838 25.47 -27.55 86.97
CA VAL E 838 25.58 -26.14 86.62
C VAL E 838 26.05 -25.29 87.80
N ASP E 839 25.62 -25.64 89.01
CA ASP E 839 25.80 -24.76 90.16
C ASP E 839 27.24 -24.72 90.64
N VAL E 840 28.04 -25.70 90.22
CA VAL E 840 29.49 -25.83 90.51
C VAL E 840 29.76 -25.94 92.02
N ALA F 4 21.23 11.19 -12.84
CA ALA F 4 21.46 10.50 -11.58
C ALA F 4 22.86 9.89 -11.54
N LEU F 5 23.49 9.93 -10.36
CA LEU F 5 24.80 9.38 -10.05
C LEU F 5 25.87 9.91 -11.01
N PRO F 6 26.32 11.15 -10.83
CA PRO F 6 27.32 11.73 -11.74
C PRO F 6 28.71 11.17 -11.52
N SER F 7 29.71 11.74 -12.19
CA SER F 7 31.08 11.30 -12.05
C SER F 7 32.01 12.47 -11.85
N ILE F 8 33.16 12.19 -11.23
CA ILE F 8 34.16 13.21 -10.94
C ILE F 8 35.52 12.71 -11.43
N GLN F 9 36.23 13.56 -12.17
CA GLN F 9 37.62 13.30 -12.48
C GLN F 9 38.51 13.93 -11.41
N LEU F 10 39.63 13.28 -11.16
CA LEU F 10 40.61 13.68 -10.15
C LEU F 10 42.00 13.41 -10.70
N PRO F 11 43.02 14.13 -10.21
CA PRO F 11 44.38 13.92 -10.76
C PRO F 11 45.02 12.59 -10.39
N VAL F 12 44.38 11.77 -9.57
CA VAL F 12 44.95 10.48 -9.20
C VAL F 12 44.71 9.49 -10.33
N ASP F 13 45.77 8.84 -10.79
CA ASP F 13 45.68 7.82 -11.83
C ASP F 13 45.92 6.45 -11.22
N TYR F 14 45.43 5.42 -11.91
CA TYR F 14 45.68 4.03 -11.56
C TYR F 14 46.49 3.30 -12.62
N ASN F 15 46.68 3.92 -13.79
CA ASN F 15 47.25 3.21 -14.92
C ASN F 15 48.78 3.27 -14.92
N ASN F 16 49.34 4.46 -15.07
CA ASN F 16 50.78 4.59 -15.13
C ASN F 16 51.44 4.40 -13.78
N LEU F 17 50.69 4.63 -12.70
CA LEU F 17 51.16 4.26 -11.37
C LEU F 17 51.39 2.77 -11.26
N PHE F 18 50.52 1.97 -11.87
CA PHE F 18 50.73 0.52 -11.88
C PHE F 18 51.91 0.16 -12.76
N ASN F 19 52.18 0.97 -13.78
CA ASN F 19 53.33 0.72 -14.63
C ASN F 19 54.63 1.05 -13.92
N GLU F 20 54.68 2.20 -13.26
CA GLU F 20 55.91 2.62 -12.59
C GLU F 20 56.17 1.78 -11.36
N ILE F 21 55.12 1.30 -10.69
CA ILE F 21 55.31 0.46 -9.50
C ILE F 21 55.82 -0.91 -9.88
N THR F 22 55.65 -1.31 -11.14
CA THR F 22 56.25 -2.56 -11.59
C THR F 22 57.76 -2.39 -11.74
N ASP F 23 58.19 -1.23 -12.23
CA ASP F 23 59.61 -0.98 -12.46
C ASP F 23 60.39 -0.86 -11.15
N PHE F 24 59.82 -0.15 -10.17
CA PHE F 24 60.50 -0.04 -8.88
C PHE F 24 60.54 -1.37 -8.14
N LEU F 25 59.52 -2.21 -8.37
CA LEU F 25 59.54 -3.55 -7.79
C LEU F 25 60.57 -4.45 -8.47
N VAL F 26 60.92 -4.14 -9.72
CA VAL F 26 61.97 -4.88 -10.40
C VAL F 26 63.31 -4.20 -10.25
N THR F 27 63.41 -2.95 -10.70
CA THR F 27 64.68 -2.25 -10.81
C THR F 27 65.01 -1.63 -9.46
N PHE F 28 65.72 -2.40 -8.63
CA PHE F 28 66.37 -1.85 -7.45
C PHE F 28 67.61 -2.67 -7.18
N LYS F 29 68.74 -1.98 -7.05
CA LYS F 29 70.04 -2.63 -6.95
C LYS F 29 70.82 -2.22 -5.70
N GLN F 30 70.48 -1.06 -5.11
CA GLN F 30 71.34 -0.42 -4.10
C GLN F 30 71.46 -1.24 -2.82
N ASP F 31 70.35 -1.51 -2.16
CA ASP F 31 70.39 -2.26 -0.92
C ASP F 31 69.45 -3.46 -0.99
N LYS F 59 73.19 -9.17 -3.63
CA LYS F 59 74.07 -9.09 -4.80
C LYS F 59 73.33 -8.49 -5.99
N GLY F 60 72.24 -9.13 -6.39
CA GLY F 60 71.44 -8.65 -7.49
C GLY F 60 70.34 -7.72 -7.03
N PRO F 61 69.11 -7.99 -7.44
CA PRO F 61 67.97 -7.19 -6.99
C PRO F 61 67.64 -7.53 -5.54
N LYS F 62 67.15 -6.52 -4.83
CA LYS F 62 66.87 -6.67 -3.40
C LYS F 62 65.66 -7.54 -3.15
N TYR F 63 64.48 -7.09 -3.59
CA TYR F 63 63.25 -7.73 -3.19
C TYR F 63 62.96 -9.00 -3.96
N MET F 64 63.59 -9.19 -5.13
CA MET F 64 63.44 -10.47 -5.81
C MET F 64 64.19 -11.57 -5.07
N ALA F 65 65.37 -11.26 -4.53
CA ALA F 65 66.04 -12.19 -3.64
C ALA F 65 65.21 -12.42 -2.39
N MET F 66 64.53 -11.36 -1.92
CA MET F 66 63.52 -11.55 -0.90
C MET F 66 62.34 -12.35 -1.42
N LEU F 67 61.91 -12.09 -2.66
CA LEU F 67 60.80 -12.85 -3.22
C LEU F 67 61.20 -14.28 -3.49
N GLN F 68 62.47 -14.50 -3.85
CA GLN F 68 62.97 -15.87 -3.96
C GLN F 68 63.01 -16.53 -2.59
N LYS F 69 63.31 -15.75 -1.55
CA LYS F 69 63.20 -16.23 -0.18
C LYS F 69 61.74 -16.47 0.20
N VAL F 70 60.82 -15.68 -0.35
CA VAL F 70 59.41 -16.01 -0.22
C VAL F 70 59.09 -17.26 -1.04
N ALA F 71 59.66 -17.35 -2.24
CA ALA F 71 59.55 -18.55 -3.05
C ALA F 71 60.30 -19.72 -2.45
N ASN F 72 61.25 -19.47 -1.56
CA ASN F 72 61.87 -20.51 -0.76
C ASN F 72 60.92 -21.07 0.29
N ARG F 73 59.77 -20.41 0.50
CA ARG F 73 58.67 -20.89 1.35
C ARG F 73 59.10 -20.98 2.80
N GLU F 74 59.78 -19.94 3.26
CA GLU F 74 60.34 -19.90 4.60
C GLU F 74 60.06 -18.59 5.31
N LEU F 75 59.17 -17.76 4.76
CA LEU F 75 58.89 -16.45 5.33
C LEU F 75 57.50 -16.03 4.89
N ASN F 76 56.80 -15.30 5.77
CA ASN F 76 55.41 -14.96 5.53
C ASN F 76 55.15 -13.47 5.36
N SER F 77 56.11 -12.60 5.65
CA SER F 77 55.87 -11.17 5.63
C SER F 77 56.56 -10.52 4.45
N VAL F 78 56.03 -9.37 4.04
CA VAL F 78 56.66 -8.51 3.05
C VAL F 78 56.67 -7.09 3.62
N ILE F 79 57.85 -6.51 3.76
CA ILE F 79 58.01 -5.22 4.41
C ILE F 79 58.41 -4.21 3.33
N ILE F 80 57.63 -3.15 3.21
CA ILE F 80 57.89 -2.11 2.24
C ILE F 80 58.10 -0.81 3.01
N ASP F 81 59.24 -0.17 2.79
CA ASP F 81 59.52 1.13 3.37
C ASP F 81 58.85 2.22 2.56
N LEU F 82 59.27 3.45 2.81
CA LEU F 82 58.94 4.59 1.97
C LEU F 82 60.20 5.29 1.51
N ASP F 83 61.32 4.92 2.09
CA ASP F 83 62.57 5.64 1.85
C ASP F 83 63.24 5.26 0.55
N ASP F 84 63.28 3.97 0.22
CA ASP F 84 63.79 3.54 -1.08
C ASP F 84 62.90 4.01 -2.20
N ILE F 85 61.61 4.16 -1.94
CA ILE F 85 60.71 4.85 -2.86
C ILE F 85 61.17 6.28 -3.07
N LEU F 86 61.41 7.00 -1.97
CA LEU F 86 61.85 8.38 -2.05
C LEU F 86 63.27 8.47 -2.58
N GLN F 87 64.10 7.45 -2.28
CA GLN F 87 65.42 7.36 -2.90
C GLN F 87 65.30 7.13 -4.39
N TYR F 88 64.37 6.28 -4.83
CA TYR F 88 64.11 6.12 -6.25
C TYR F 88 63.51 7.38 -6.84
N GLN F 89 62.66 8.06 -6.10
CA GLN F 89 62.03 9.27 -6.59
C GLN F 89 63.02 10.42 -6.67
N ASN F 90 64.04 10.42 -5.80
CA ASN F 90 65.19 11.29 -6.01
C ASN F 90 65.97 10.87 -7.23
N GLU F 91 66.04 9.57 -7.48
CA GLU F 91 66.95 9.04 -8.49
C GLU F 91 66.43 9.29 -9.89
N LYS F 92 65.12 9.19 -10.08
CA LYS F 92 64.55 9.28 -11.41
C LYS F 92 64.57 10.71 -11.94
N PHE F 93 64.30 11.70 -11.09
CA PHE F 93 64.31 13.09 -11.53
C PHE F 93 65.72 13.56 -11.89
N LEU F 94 66.73 13.11 -11.16
CA LEU F 94 68.09 13.53 -11.44
C LEU F 94 68.67 12.85 -12.66
N GLN F 95 68.10 11.74 -13.10
CA GLN F 95 68.68 11.04 -14.25
C GLN F 95 67.74 11.03 -15.43
N GLY F 96 66.44 10.94 -15.19
CA GLY F 96 65.47 10.94 -16.27
C GLY F 96 64.57 12.15 -16.15
N THR F 97 63.61 12.20 -17.06
CA THR F 97 62.76 13.38 -17.28
C THR F 97 61.84 13.55 -16.07
N GLN F 98 60.96 12.61 -15.76
CA GLN F 98 59.93 12.85 -14.75
C GLN F 98 59.41 11.52 -14.24
N ALA F 99 59.19 11.47 -12.93
CA ALA F 99 58.51 10.36 -12.29
C ALA F 99 57.19 10.85 -11.71
N ASP F 100 56.17 9.99 -11.77
CA ASP F 100 54.95 10.27 -11.04
C ASP F 100 55.22 10.18 -9.54
N ASP F 101 54.66 11.10 -8.77
CA ASP F 101 54.85 11.06 -7.33
C ASP F 101 54.10 9.88 -6.74
N LEU F 102 54.73 9.20 -5.80
CA LEU F 102 54.21 7.95 -5.30
C LEU F 102 54.20 7.87 -3.78
N VAL F 103 54.99 8.70 -3.11
CA VAL F 103 54.95 8.77 -1.66
C VAL F 103 53.64 9.37 -1.19
N SER F 104 53.35 10.60 -1.62
CA SER F 104 52.11 11.26 -1.23
C SER F 104 50.90 10.62 -1.89
N ALA F 105 51.12 9.89 -2.99
CA ALA F 105 50.04 9.11 -3.58
C ALA F 105 49.56 8.02 -2.64
N ILE F 106 50.49 7.23 -2.09
CA ILE F 106 50.12 6.20 -1.12
C ILE F 106 49.60 6.84 0.16
N GLN F 107 50.18 7.98 0.54
CA GLN F 107 49.89 8.64 1.80
C GLN F 107 48.43 9.07 1.91
N GLN F 108 47.76 9.38 0.80
CA GLN F 108 46.40 9.85 0.88
C GLN F 108 45.40 8.75 1.19
N ASN F 109 45.24 7.78 0.30
CA ASN F 109 44.12 6.85 0.39
C ASN F 109 44.52 5.55 1.06
N ALA F 110 45.63 4.94 0.62
CA ALA F 110 46.41 3.92 1.33
C ALA F 110 45.71 2.58 1.50
N ASN F 111 44.45 2.45 1.13
CA ASN F 111 43.76 1.18 1.23
C ASN F 111 43.69 0.46 -0.12
N HIS F 112 43.56 1.20 -1.21
CA HIS F 112 43.57 0.57 -2.52
C HIS F 112 44.97 0.14 -2.92
N PHE F 113 45.99 0.69 -2.25
CA PHE F 113 47.39 0.34 -2.51
C PHE F 113 47.79 -1.00 -1.94
N THR F 114 46.90 -1.71 -1.26
CA THR F 114 47.27 -3.04 -0.76
C THR F 114 47.29 -4.06 -1.87
N GLU F 115 46.14 -4.29 -2.51
CA GLU F 115 46.02 -5.39 -3.45
C GLU F 115 46.43 -5.00 -4.86
N LEU F 116 46.30 -3.71 -5.20
CA LEU F 116 46.74 -3.24 -6.50
C LEU F 116 48.26 -3.28 -6.59
N PHE F 117 48.94 -3.20 -5.46
CA PHE F 117 50.37 -3.41 -5.45
C PHE F 117 50.71 -4.90 -5.45
N CYS F 118 49.89 -5.70 -4.79
CA CYS F 118 50.30 -7.08 -4.52
C CYS F 118 50.04 -8.00 -5.71
N ARG F 119 49.09 -7.65 -6.57
CA ARG F 119 48.91 -8.44 -7.78
C ARG F 119 50.04 -8.23 -8.79
N ALA F 120 50.77 -7.12 -8.70
CA ALA F 120 51.94 -6.93 -9.54
C ALA F 120 53.11 -7.80 -9.09
N ILE F 121 53.10 -8.23 -7.83
CA ILE F 121 54.14 -9.11 -7.31
C ILE F 121 54.06 -10.47 -7.98
N ASP F 122 52.85 -10.98 -8.19
CA ASP F 122 52.67 -12.31 -8.73
C ASP F 122 52.96 -12.38 -10.23
N ASN F 123 53.31 -11.27 -10.88
CA ASN F 123 53.75 -11.32 -12.26
C ASN F 123 55.09 -12.04 -12.39
N ASN F 124 56.07 -11.65 -11.58
CA ASN F 124 57.42 -12.19 -11.63
C ASN F 124 57.70 -12.97 -10.36
N MET F 125 58.12 -14.22 -10.52
CA MET F 125 58.36 -15.10 -9.39
C MET F 125 59.27 -16.25 -9.78
N PRO F 126 60.39 -16.43 -9.09
CA PRO F 126 61.18 -17.65 -9.29
C PRO F 126 60.52 -18.84 -8.61
N LEU F 127 59.55 -19.43 -9.31
CA LEU F 127 58.61 -20.36 -8.69
C LEU F 127 59.22 -21.71 -8.26
N PRO F 128 59.89 -22.50 -9.14
CA PRO F 128 60.28 -23.85 -8.70
C PRO F 128 61.57 -23.92 -7.90
N THR F 129 62.01 -22.79 -7.33
CA THR F 129 63.35 -22.57 -6.79
C THR F 129 63.82 -23.59 -5.75
N LYS F 130 62.92 -24.37 -5.17
CA LYS F 130 63.32 -25.49 -4.33
C LYS F 130 62.27 -26.57 -4.43
N GLU F 131 62.74 -27.82 -4.53
CA GLU F 131 61.87 -28.98 -4.39
C GLU F 131 61.20 -28.94 -3.01
N ILE F 132 59.91 -29.31 -3.00
CA ILE F 132 59.10 -29.18 -1.81
C ILE F 132 59.54 -30.18 -0.76
N ASP F 133 59.49 -29.77 0.50
CA ASP F 133 59.83 -30.66 1.59
C ASP F 133 58.59 -31.45 2.00
N TYR F 134 58.82 -32.69 2.45
CA TYR F 134 57.68 -33.51 2.83
C TYR F 134 57.08 -33.03 4.15
N LYS F 135 57.89 -32.38 4.97
CA LYS F 135 57.49 -31.86 6.27
C LYS F 135 57.41 -30.34 6.28
N ASP F 136 57.21 -29.70 5.14
CA ASP F 136 57.26 -28.24 5.06
C ASP F 136 56.06 -27.57 5.72
N ASP F 137 54.87 -27.80 5.20
CA ASP F 137 53.66 -27.09 5.61
C ASP F 137 52.46 -27.85 5.04
N VAL F 138 51.43 -28.03 5.85
CA VAL F 138 50.15 -28.54 5.38
C VAL F 138 49.41 -27.50 4.54
N LEU F 139 49.73 -26.21 4.72
CA LEU F 139 49.21 -25.19 3.82
C LEU F 139 49.86 -25.28 2.45
N ASP F 140 51.11 -25.73 2.41
CA ASP F 140 51.89 -25.69 1.17
C ASP F 140 51.40 -26.73 0.19
N VAL F 141 50.97 -27.89 0.70
CA VAL F 141 50.55 -28.98 -0.18
C VAL F 141 49.20 -28.66 -0.83
N ILE F 142 48.42 -27.76 -0.22
CA ILE F 142 47.12 -27.42 -0.77
C ILE F 142 47.26 -26.42 -1.91
N LEU F 143 48.11 -25.41 -1.72
CA LEU F 143 48.31 -24.41 -2.77
C LEU F 143 49.05 -24.99 -3.96
N ASN F 144 49.88 -26.01 -3.73
CA ASN F 144 50.56 -26.67 -4.85
C ASN F 144 49.56 -27.42 -5.72
N GLN F 145 48.52 -27.97 -5.10
CA GLN F 145 47.42 -28.56 -5.86
C GLN F 145 46.69 -27.53 -6.71
N ARG F 146 46.28 -26.43 -6.07
CA ARG F 146 45.46 -25.42 -6.75
C ARG F 146 46.27 -24.68 -7.81
N ARG F 147 47.59 -24.67 -7.67
CA ARG F 147 48.43 -24.25 -8.79
C ARG F 147 48.36 -25.28 -9.91
N LEU F 148 48.46 -26.56 -9.57
CA LEU F 148 48.53 -27.60 -10.59
C LEU F 148 47.17 -27.90 -11.18
N ARG F 149 46.12 -27.89 -10.35
CA ARG F 149 44.77 -28.16 -10.83
C ARG F 149 44.29 -27.05 -11.75
N ASN F 150 44.81 -25.83 -11.55
CA ASN F 150 44.56 -24.74 -12.47
C ASN F 150 45.15 -25.03 -13.84
N GLU F 151 46.37 -25.56 -13.88
CA GLU F 151 47.07 -25.70 -15.15
C GLU F 151 46.59 -26.93 -15.90
N ARG F 152 46.27 -28.01 -15.19
CA ARG F 152 45.75 -29.20 -15.85
C ARG F 152 44.37 -28.94 -16.44
N MET F 153 43.55 -28.16 -15.75
CA MET F 153 42.28 -27.72 -16.32
C MET F 153 42.52 -26.77 -17.50
N LEU F 154 43.58 -25.97 -17.42
CA LEU F 154 43.96 -25.10 -18.52
C LEU F 154 44.48 -25.89 -19.71
N SER F 155 45.14 -27.02 -19.46
CA SER F 155 45.67 -27.84 -20.54
C SER F 155 44.59 -28.61 -21.29
N ASP F 156 43.42 -28.82 -20.68
CA ASP F 156 42.37 -29.59 -21.33
C ASP F 156 41.70 -28.77 -22.42
N ARG F 157 41.38 -27.51 -22.12
CA ARG F 157 40.51 -26.74 -22.99
C ARG F 157 41.22 -26.33 -24.27
N THR F 158 42.54 -26.11 -24.20
CA THR F 158 43.31 -25.78 -25.39
C THR F 158 43.48 -26.97 -26.33
N ASN F 159 43.19 -28.18 -25.88
CA ASN F 159 43.24 -29.35 -26.75
C ASN F 159 41.99 -29.47 -27.62
N GLU F 160 40.81 -29.23 -27.05
CA GLU F 160 39.55 -29.35 -27.78
C GLU F 160 39.39 -28.31 -28.87
N ILE F 161 39.88 -27.10 -28.64
CA ILE F 161 39.66 -26.00 -29.57
C ILE F 161 40.54 -26.14 -30.80
N ARG F 162 41.79 -26.56 -30.62
CA ARG F 162 42.67 -26.79 -31.76
C ARG F 162 42.24 -28.03 -32.54
N SER F 163 41.55 -28.96 -31.89
CA SER F 163 41.02 -30.14 -32.55
C SER F 163 39.75 -29.85 -33.35
N GLU F 164 39.20 -28.64 -33.25
CA GLU F 164 37.96 -28.27 -33.92
C GLU F 164 38.12 -26.93 -34.62
N ASN F 165 39.20 -26.78 -35.40
CA ASN F 165 39.54 -25.53 -36.07
C ASN F 165 38.50 -25.13 -37.11
N LEU F 166 38.05 -23.88 -37.04
CA LEU F 166 37.02 -23.29 -37.90
C LEU F 166 35.72 -24.09 -37.91
N MET F 177 49.18 -14.99 -33.03
CA MET F 177 48.56 -15.88 -34.01
C MET F 177 47.70 -16.93 -33.32
N ASN F 178 48.29 -17.67 -32.39
CA ASN F 178 47.54 -18.48 -31.44
C ASN F 178 47.20 -17.72 -30.17
N ASP F 179 47.47 -16.42 -30.16
CA ASP F 179 47.12 -15.56 -29.03
C ASP F 179 45.61 -15.50 -28.84
N ALA F 180 44.87 -15.34 -29.93
CA ALA F 180 43.41 -15.40 -29.85
C ALA F 180 42.96 -16.82 -29.53
N LEU F 181 43.65 -17.82 -30.08
CA LEU F 181 43.42 -19.21 -29.71
C LEU F 181 43.69 -19.43 -28.22
N ARG F 182 44.70 -18.74 -27.68
CA ARG F 182 44.88 -18.71 -26.24
C ARG F 182 43.75 -17.94 -25.57
N GLU F 183 43.29 -16.86 -26.21
CA GLU F 183 42.30 -15.98 -25.59
C GLU F 183 40.92 -16.62 -25.48
N VAL F 184 40.58 -17.54 -26.38
CA VAL F 184 39.31 -18.24 -26.29
C VAL F 184 39.27 -19.12 -25.05
N VAL F 185 40.42 -19.69 -24.69
CA VAL F 185 40.50 -20.56 -23.52
C VAL F 185 40.31 -19.76 -22.23
N GLU F 186 40.71 -18.48 -22.25
CA GLU F 186 40.73 -17.60 -21.10
C GLU F 186 39.36 -17.36 -20.48
N ASP F 187 38.29 -17.37 -21.28
CA ASP F 187 37.01 -16.90 -20.82
C ASP F 187 35.95 -17.99 -20.78
N GLU F 188 36.31 -19.22 -21.14
CA GLU F 188 35.34 -20.30 -21.26
C GLU F 188 35.49 -21.32 -20.14
N THR F 189 36.23 -20.97 -19.09
CA THR F 189 36.55 -21.92 -18.04
C THR F 189 36.55 -21.21 -16.70
N GLU F 190 35.78 -21.74 -15.74
CA GLU F 190 35.80 -21.25 -14.38
C GLU F 190 37.08 -21.71 -13.70
N LEU F 191 37.72 -20.80 -12.97
CA LEU F 191 39.02 -21.08 -12.36
C LEU F 191 38.99 -20.71 -10.89
N PHE F 192 40.06 -21.08 -10.21
CA PHE F 192 40.33 -20.53 -8.89
C PHE F 192 40.84 -19.11 -9.05
N PRO F 193 40.43 -18.17 -8.21
CA PRO F 193 40.96 -16.82 -8.30
C PRO F 193 42.37 -16.77 -7.77
N PRO F 194 43.19 -15.83 -8.25
CA PRO F 194 44.54 -15.67 -7.71
C PRO F 194 44.60 -15.02 -6.35
N ASN F 195 43.50 -14.46 -5.87
CA ASN F 195 43.40 -13.98 -4.50
C ASN F 195 43.30 -15.11 -3.50
N LEU F 196 42.91 -16.31 -3.95
CA LEU F 196 42.64 -17.42 -3.08
C LEU F 196 43.88 -18.19 -2.68
N THR F 197 44.96 -18.14 -3.46
CA THR F 197 46.19 -18.87 -3.18
C THR F 197 47.34 -17.88 -3.13
N ARG F 198 47.63 -17.37 -1.93
CA ARG F 198 48.64 -16.33 -1.75
C ARG F 198 49.82 -16.80 -0.91
N ARG F 199 49.56 -17.29 0.30
CA ARG F 199 50.45 -17.87 1.31
C ARG F 199 51.34 -16.81 1.98
N TYR F 200 51.39 -15.58 1.49
CA TYR F 200 52.24 -14.59 2.14
C TYR F 200 51.42 -13.38 2.57
N PHE F 201 52.08 -12.42 3.22
CA PHE F 201 51.43 -11.21 3.68
C PHE F 201 52.37 -10.04 3.49
N LEU F 202 51.78 -8.83 3.50
CA LEU F 202 52.52 -7.62 3.23
C LEU F 202 52.15 -6.58 4.26
N TYR F 203 53.15 -5.98 4.89
CA TYR F 203 52.97 -4.88 5.83
C TYR F 203 53.77 -3.69 5.32
N PHE F 204 53.20 -2.50 5.43
CA PHE F 204 53.90 -1.28 5.04
C PHE F 204 54.81 -0.81 6.17
N LYS F 205 55.60 0.22 5.90
CA LYS F 205 56.45 0.78 6.94
C LYS F 205 56.59 2.29 6.73
N PRO F 206 56.36 3.10 7.75
CA PRO F 206 56.46 4.55 7.60
C PRO F 206 57.90 5.00 7.48
N LEU F 207 58.08 6.16 6.85
CA LEU F 207 59.39 6.74 6.65
C LEU F 207 59.84 7.49 7.90
N SER F 208 61.13 7.39 8.20
CA SER F 208 61.71 8.21 9.24
C SER F 208 61.90 9.63 8.72
N GLN F 209 62.08 10.56 9.66
CA GLN F 209 62.42 11.93 9.31
C GLN F 209 63.84 12.07 8.81
N ASN F 210 64.67 11.03 8.96
CA ASN F 210 66.10 11.13 8.72
C ASN F 210 66.41 11.40 7.25
N CYS F 211 65.81 10.63 6.35
CA CYS F 211 65.98 10.94 4.93
C CYS F 211 65.12 12.14 4.55
N ALA F 212 64.01 12.36 5.25
CA ALA F 212 63.22 13.56 5.08
C ALA F 212 63.95 14.81 5.55
N ARG F 213 64.90 14.66 6.46
CA ARG F 213 65.78 15.76 6.86
C ARG F 213 66.68 16.20 5.71
N ARG F 214 67.10 15.26 4.87
CA ARG F 214 67.93 15.61 3.73
C ARG F 214 67.12 16.30 2.64
N TYR F 215 66.03 15.66 2.22
CA TYR F 215 65.11 16.24 1.24
C TYR F 215 63.72 16.25 1.89
N ARG F 216 63.21 17.45 2.14
CA ARG F 216 61.90 17.57 2.73
C ARG F 216 60.83 17.23 1.70
N LYS F 217 60.04 16.22 2.02
CA LYS F 217 58.89 15.79 1.24
C LYS F 217 57.74 15.55 2.21
N LYS F 218 56.72 14.84 1.75
CA LYS F 218 55.50 14.66 2.54
C LYS F 218 55.78 13.72 3.72
N ALA F 219 56.36 14.33 4.77
CA ALA F 219 56.77 13.56 5.94
C ALA F 219 55.73 13.64 7.04
N ILE F 220 54.47 13.86 6.66
CA ILE F 220 53.41 14.14 7.61
C ILE F 220 52.90 12.88 8.29
N SER F 221 53.18 11.72 7.70
CA SER F 221 52.72 10.44 8.26
C SER F 221 53.40 10.06 9.55
N SER F 222 54.58 10.59 9.85
CA SER F 222 55.37 10.15 10.99
C SER F 222 55.55 11.32 11.95
N LYS F 223 54.58 11.52 12.82
CA LYS F 223 54.68 12.46 13.93
C LYS F 223 54.05 11.81 15.15
N PRO F 224 54.61 12.05 16.33
CA PRO F 224 54.04 11.47 17.57
C PRO F 224 52.72 12.12 17.96
N LEU F 225 51.63 11.66 17.34
CA LEU F 225 50.36 12.34 17.50
C LEU F 225 49.53 11.71 18.60
N SER F 226 48.58 12.48 19.12
CA SER F 226 47.76 12.05 20.24
C SER F 226 46.37 11.62 19.76
N VAL F 227 45.68 10.86 20.61
CA VAL F 227 44.28 10.51 20.36
C VAL F 227 43.43 11.77 20.40
N ARG F 228 43.77 12.70 21.29
CA ARG F 228 43.16 14.02 21.26
C ARG F 228 43.51 14.78 19.98
N GLN F 229 44.69 14.52 19.43
CA GLN F 229 45.04 15.13 18.16
C GLN F 229 44.38 14.45 16.97
N ILE F 230 43.73 13.31 17.17
CA ILE F 230 43.02 12.66 16.08
C ILE F 230 41.71 13.41 15.89
N LYS F 231 41.72 14.36 14.98
CA LYS F 231 40.50 14.93 14.45
C LYS F 231 39.87 13.93 13.49
N GLY F 232 38.55 14.02 13.33
CA GLY F 232 37.85 13.16 12.40
C GLY F 232 37.96 13.56 10.93
N ASP F 233 39.10 14.15 10.54
CA ASP F 233 39.39 14.48 9.15
C ASP F 233 40.56 13.67 8.63
N PHE F 234 41.16 12.84 9.48
CA PHE F 234 42.35 12.09 9.12
C PHE F 234 42.03 10.67 8.70
N LEU F 235 40.81 10.44 8.23
CA LEU F 235 40.34 9.10 7.90
C LEU F 235 40.94 8.69 6.57
N GLY F 236 41.58 7.52 6.54
CA GLY F 236 42.13 7.01 5.31
C GLY F 236 43.59 7.32 5.15
N GLN F 237 44.10 8.21 6.01
CA GLN F 237 45.50 8.59 5.98
C GLN F 237 46.34 7.48 6.59
N LEU F 238 47.66 7.67 6.58
CA LEU F 238 48.58 6.77 7.27
C LEU F 238 49.21 7.60 8.39
N ILE F 239 49.12 7.08 9.62
CA ILE F 239 49.41 7.89 10.81
C ILE F 239 50.47 7.25 11.68
N THR F 240 50.76 7.90 12.81
CA THR F 240 51.71 7.42 13.80
C THR F 240 51.22 7.84 15.18
N VAL F 241 50.87 6.87 16.02
CA VAL F 241 50.42 7.18 17.37
C VAL F 241 51.29 6.45 18.38
N ARG F 242 51.13 6.80 19.66
CA ARG F 242 51.83 6.12 20.73
C ARG F 242 50.99 6.18 21.99
N GLY F 243 51.25 5.26 22.91
CA GLY F 243 50.47 5.21 24.13
C GLY F 243 50.85 3.99 24.96
N ILE F 244 49.85 3.43 25.61
CA ILE F 244 50.05 2.33 26.55
C ILE F 244 49.11 1.20 26.18
N ILE F 245 49.68 0.01 25.98
CA ILE F 245 48.88 -1.16 25.66
C ILE F 245 48.10 -1.59 26.89
N THR F 246 46.78 -1.64 26.75
CA THR F 246 45.91 -1.86 27.89
C THR F 246 44.76 -2.76 27.47
N ARG F 247 44.53 -3.82 28.28
CA ARG F 247 43.49 -4.82 28.08
C ARG F 247 43.64 -5.50 26.71
N VAL F 248 44.72 -6.26 26.60
CA VAL F 248 44.98 -7.07 25.42
C VAL F 248 44.05 -8.28 25.43
N SER F 249 43.45 -8.58 24.29
CA SER F 249 42.54 -9.70 24.15
C SER F 249 43.35 -10.96 23.83
N ASP F 250 42.65 -12.01 23.42
CA ASP F 250 43.31 -13.26 23.07
C ASP F 250 43.28 -13.45 21.55
N VAL F 251 44.21 -14.27 21.07
CA VAL F 251 44.34 -14.54 19.64
C VAL F 251 43.45 -15.73 19.30
N LYS F 252 42.53 -15.53 18.35
CA LYS F 252 41.61 -16.53 17.89
C LYS F 252 41.42 -16.33 16.40
N PRO F 253 41.17 -17.40 15.63
CA PRO F 253 41.15 -17.26 14.17
C PRO F 253 39.91 -16.54 13.67
N ALA F 254 40.11 -15.72 12.65
CA ALA F 254 39.03 -15.01 11.99
C ALA F 254 38.80 -15.64 10.62
N VAL F 255 37.60 -16.13 10.41
CA VAL F 255 37.20 -16.73 9.15
C VAL F 255 37.05 -15.62 8.11
N GLU F 256 37.59 -15.87 6.92
CA GLU F 256 37.53 -14.90 5.84
C GLU F 256 36.69 -15.38 4.67
N VAL F 257 37.00 -16.54 4.12
CA VAL F 257 36.23 -17.13 3.02
C VAL F 257 35.95 -18.58 3.35
N ILE F 258 34.79 -19.07 2.92
CA ILE F 258 34.31 -20.39 3.26
C ILE F 258 34.12 -21.19 1.98
N ALA F 259 34.61 -22.43 1.99
CA ALA F 259 34.47 -23.33 0.86
C ALA F 259 33.15 -24.08 1.00
N TYR F 260 32.59 -24.50 -0.13
CA TYR F 260 31.35 -25.26 -0.14
C TYR F 260 31.39 -26.34 -1.22
N THR F 261 31.34 -27.59 -0.75
CA THR F 261 31.36 -28.76 -1.61
C THR F 261 29.97 -29.02 -2.16
N CYS F 262 29.90 -29.26 -3.47
CA CYS F 262 28.60 -29.44 -4.11
C CYS F 262 28.03 -30.81 -3.82
N ASP F 263 28.83 -31.85 -4.02
CA ASP F 263 28.59 -33.29 -3.90
C ASP F 263 27.70 -33.81 -5.04
N GLN F 264 27.18 -32.94 -5.91
CA GLN F 264 26.51 -33.43 -7.10
C GLN F 264 27.18 -32.90 -8.36
N CYS F 265 27.31 -31.58 -8.49
CA CYS F 265 27.97 -31.03 -9.67
C CYS F 265 29.48 -31.06 -9.50
N GLY F 266 29.96 -31.19 -8.26
CA GLY F 266 31.37 -31.32 -8.02
C GLY F 266 32.16 -30.03 -8.13
N TYR F 267 31.52 -28.88 -7.98
CA TYR F 267 32.26 -27.64 -7.94
C TYR F 267 32.53 -27.23 -6.50
N GLU F 268 33.17 -26.08 -6.34
CA GLU F 268 33.41 -25.52 -5.01
C GLU F 268 32.95 -24.08 -5.02
N VAL F 269 32.02 -23.76 -4.13
CA VAL F 269 31.41 -22.44 -4.05
C VAL F 269 32.20 -21.65 -3.02
N PHE F 270 32.43 -20.38 -3.27
CA PHE F 270 33.19 -19.59 -2.34
C PHE F 270 32.45 -18.29 -1.98
N GLN F 271 32.40 -18.03 -0.68
CA GLN F 271 31.66 -16.88 -0.15
C GLN F 271 32.59 -16.02 0.69
N GLU F 272 32.78 -14.79 0.28
CA GLU F 272 33.61 -13.85 1.01
C GLU F 272 32.75 -13.00 1.94
N VAL F 273 33.19 -12.90 3.19
CA VAL F 273 32.45 -12.18 4.23
C VAL F 273 33.34 -11.06 4.75
N ASN F 274 32.85 -9.83 4.66
CA ASN F 274 33.51 -8.68 5.26
C ASN F 274 32.69 -8.04 6.37
N SER F 275 31.54 -8.62 6.70
CA SER F 275 30.68 -8.10 7.74
C SER F 275 31.06 -8.70 9.09
N ARG F 276 30.35 -8.29 10.14
CA ARG F 276 30.54 -8.90 11.45
C ARG F 276 29.96 -10.30 11.49
N THR F 277 28.70 -10.44 11.12
CA THR F 277 28.05 -11.73 11.01
C THR F 277 27.66 -11.97 9.56
N PHE F 278 27.13 -13.16 9.30
CA PHE F 278 26.78 -13.59 7.95
C PHE F 278 25.77 -14.73 8.06
N THR F 279 25.57 -15.43 6.95
CA THR F 279 24.67 -16.55 6.91
C THR F 279 25.26 -17.63 6.02
N PRO F 280 24.93 -18.90 6.27
CA PRO F 280 25.13 -19.93 5.25
C PRO F 280 24.18 -19.69 4.10
N LEU F 281 24.55 -20.24 2.95
CA LEU F 281 23.81 -19.96 1.73
C LEU F 281 23.00 -21.18 1.28
N SER F 282 22.44 -21.08 0.08
CA SER F 282 21.39 -21.98 -0.39
C SER F 282 21.97 -23.32 -0.83
N GLU F 283 21.15 -24.09 -1.54
CA GLU F 283 21.43 -25.51 -1.74
C GLU F 283 22.59 -25.72 -2.72
N CYS F 284 22.74 -24.82 -3.68
CA CYS F 284 23.83 -24.82 -4.65
C CYS F 284 23.74 -23.53 -5.46
N THR F 285 24.90 -23.10 -5.97
CA THR F 285 24.92 -22.00 -6.93
C THR F 285 25.91 -22.33 -8.07
N SER F 286 25.84 -23.54 -8.59
CA SER F 286 26.71 -23.92 -9.70
C SER F 286 26.10 -23.44 -11.00
N GLU F 287 26.88 -23.48 -12.07
CA GLU F 287 26.36 -23.26 -13.42
C GLU F 287 25.79 -24.54 -14.01
N GLU F 288 26.21 -25.70 -13.52
CA GLU F 288 25.80 -26.99 -14.04
C GLU F 288 24.64 -27.57 -13.26
N CYS F 289 24.63 -27.40 -11.94
CA CYS F 289 23.43 -27.64 -11.17
C CYS F 289 22.29 -26.74 -11.58
N SER F 290 22.59 -25.51 -12.01
CA SER F 290 21.63 -24.63 -12.65
C SER F 290 21.17 -25.22 -13.98
N GLN F 291 20.12 -24.59 -14.53
CA GLN F 291 19.34 -25.02 -15.73
C GLN F 291 19.02 -26.52 -15.72
N ASN F 292 18.77 -27.06 -14.53
CA ASN F 292 18.46 -28.47 -14.35
C ASN F 292 17.44 -28.60 -13.23
N GLN F 293 16.67 -29.70 -13.28
CA GLN F 293 15.55 -29.88 -12.36
C GLN F 293 16.04 -30.14 -10.95
N THR F 294 16.96 -31.09 -10.78
CA THR F 294 17.41 -31.50 -9.46
C THR F 294 18.71 -30.78 -9.14
N LYS F 295 18.61 -29.72 -8.34
CA LYS F 295 19.79 -29.08 -7.78
C LYS F 295 20.32 -29.90 -6.61
N GLY F 296 21.54 -29.59 -6.20
CA GLY F 296 22.19 -30.31 -5.13
C GLY F 296 21.78 -29.79 -3.75
N GLN F 297 22.58 -30.18 -2.77
CA GLN F 297 22.47 -29.68 -1.40
C GLN F 297 23.85 -29.72 -0.79
N LEU F 298 24.35 -28.57 -0.38
CA LEU F 298 25.75 -28.43 -0.03
C LEU F 298 25.97 -28.44 1.48
N PHE F 299 27.24 -28.27 1.83
CA PHE F 299 27.73 -28.13 3.19
C PHE F 299 29.14 -27.58 3.10
N MET F 300 29.56 -26.88 4.15
CA MET F 300 30.87 -26.24 4.12
C MET F 300 31.97 -27.23 4.46
N SER F 301 33.20 -26.74 4.47
CA SER F 301 34.37 -27.55 4.79
C SER F 301 35.36 -26.68 5.53
N THR F 302 36.17 -27.32 6.37
CA THR F 302 37.07 -26.62 7.27
C THR F 302 38.47 -26.46 6.69
N ARG F 303 39.06 -27.52 6.17
CA ARG F 303 40.45 -27.52 5.76
C ARG F 303 40.72 -26.72 4.51
N ALA F 304 39.68 -26.45 3.73
CA ALA F 304 39.84 -25.70 2.49
C ALA F 304 39.60 -24.22 2.66
N SER F 305 39.07 -23.78 3.80
CA SER F 305 38.79 -22.38 4.03
C SER F 305 40.08 -21.63 4.33
N LYS F 306 40.05 -20.30 4.23
CA LYS F 306 41.19 -19.47 4.59
C LYS F 306 40.84 -18.72 5.87
N PHE F 307 41.72 -18.77 6.85
CA PHE F 307 41.53 -18.06 8.10
C PHE F 307 42.58 -16.97 8.24
N SER F 308 42.56 -16.31 9.40
CA SER F 308 43.52 -15.25 9.66
C SER F 308 43.69 -15.10 11.16
N ALA F 309 44.92 -14.79 11.58
CA ALA F 309 45.19 -14.49 12.97
C ALA F 309 44.53 -13.17 13.35
N PHE F 310 43.77 -13.20 14.46
CA PHE F 310 43.06 -12.01 14.87
C PHE F 310 43.14 -11.84 16.38
N GLN F 311 43.40 -10.61 16.80
CA GLN F 311 43.48 -10.20 18.20
C GLN F 311 43.47 -8.68 18.20
N GLU F 312 42.89 -8.08 19.23
CA GLU F 312 42.88 -6.63 19.34
C GLU F 312 43.15 -6.20 20.78
N CYS F 313 43.31 -4.89 20.96
CA CYS F 313 43.59 -4.32 22.28
C CYS F 313 43.21 -2.84 22.25
N LYS F 314 43.47 -2.16 23.37
CA LYS F 314 43.17 -0.74 23.50
C LYS F 314 44.41 0.01 23.93
N ILE F 315 44.51 1.26 23.49
CA ILE F 315 45.65 2.11 23.78
C ILE F 315 45.18 3.31 24.59
N GLN F 316 45.74 3.46 25.78
CA GLN F 316 45.45 4.61 26.62
C GLN F 316 46.44 5.73 26.28
N GLU F 317 46.00 6.96 26.52
CA GLU F 317 46.80 8.14 26.23
C GLU F 317 48.07 8.17 27.08
N LEU F 318 49.10 8.85 26.55
CA LEU F 318 50.45 8.81 27.11
C LEU F 318 50.57 9.52 28.46
N SER F 319 49.55 10.29 28.85
CA SER F 319 49.45 10.99 30.14
C SER F 319 50.57 11.99 30.35
N GLN F 320 51.06 12.61 29.28
CA GLN F 320 52.04 13.68 29.37
C GLN F 320 51.63 14.90 28.57
N GLN F 321 50.88 14.74 27.50
CA GLN F 321 50.41 15.83 26.66
C GLN F 321 48.93 16.10 26.92
N VAL F 322 48.38 15.48 27.95
CA VAL F 322 46.97 15.65 28.31
C VAL F 322 46.79 17.05 28.87
N PRO F 323 45.73 17.77 28.50
CA PRO F 323 45.47 19.09 29.10
C PRO F 323 45.17 19.02 30.59
N VAL F 324 45.13 20.20 31.23
CA VAL F 324 45.40 20.29 32.66
C VAL F 324 44.26 19.73 33.49
N GLY F 325 43.09 19.56 32.90
CA GLY F 325 41.98 19.02 33.66
C GLY F 325 41.23 17.90 32.98
N HIS F 326 41.93 17.05 32.24
CA HIS F 326 41.25 16.06 31.43
C HIS F 326 41.57 14.65 31.92
N ILE F 327 40.76 13.70 31.46
CA ILE F 327 40.89 12.28 31.80
C ILE F 327 41.25 11.56 30.51
N PRO F 328 42.22 10.66 30.51
CA PRO F 328 42.67 10.02 29.26
C PRO F 328 41.64 9.05 28.69
N ARG F 329 41.55 9.06 27.36
CA ARG F 329 40.62 8.23 26.62
C ARG F 329 41.33 6.97 26.12
N SER F 330 40.64 6.20 25.28
CA SER F 330 41.20 4.98 24.72
C SER F 330 40.86 4.92 23.24
N LEU F 331 41.33 3.86 22.58
CA LEU F 331 41.15 3.71 21.15
C LEU F 331 41.29 2.25 20.78
N ASN F 332 40.46 1.78 19.86
CA ASN F 332 40.48 0.38 19.46
C ASN F 332 41.39 0.20 18.25
N ILE F 333 42.24 -0.83 18.32
CA ILE F 333 43.16 -1.18 17.24
C ILE F 333 43.04 -2.67 16.95
N HIS F 334 42.67 -3.01 15.73
CA HIS F 334 42.67 -4.39 15.27
C HIS F 334 44.05 -4.78 14.75
N VAL F 335 44.44 -6.02 15.02
CA VAL F 335 45.73 -6.57 14.60
C VAL F 335 45.45 -7.85 13.82
N ASN F 336 46.09 -8.00 12.67
CA ASN F 336 45.88 -9.18 11.82
C ASN F 336 47.19 -9.76 11.34
N GLY F 337 47.24 -11.09 11.27
CA GLY F 337 48.30 -11.79 10.55
C GLY F 337 49.58 -12.06 11.30
N THR F 338 50.70 -11.64 10.72
CA THR F 338 52.02 -11.99 11.23
C THR F 338 52.32 -11.26 12.53
N LEU F 339 51.92 -10.00 12.64
CA LEU F 339 52.30 -9.12 13.73
C LEU F 339 51.63 -9.47 15.06
N VAL F 340 50.78 -10.51 15.09
CA VAL F 340 50.12 -10.94 16.32
C VAL F 340 51.15 -11.55 17.29
N ARG F 341 50.74 -11.66 18.56
CA ARG F 341 51.56 -12.16 19.67
C ARG F 341 52.85 -11.38 19.83
N SER F 342 52.77 -10.06 19.66
CA SER F 342 53.96 -9.23 19.74
C SER F 342 53.77 -8.02 20.65
N LEU F 343 52.63 -7.93 21.32
CA LEU F 343 52.33 -6.74 22.12
C LEU F 343 51.90 -7.18 23.53
N SER F 344 52.82 -7.06 24.47
CA SER F 344 52.50 -7.28 25.88
C SER F 344 51.71 -6.10 26.42
N PRO F 345 50.85 -6.32 27.42
CA PRO F 345 50.12 -5.19 28.00
C PRO F 345 51.02 -4.32 28.85
N GLY F 346 50.61 -3.05 28.98
CA GLY F 346 51.30 -2.13 29.86
C GLY F 346 52.67 -1.70 29.38
N ASP F 347 52.76 -1.26 28.12
CA ASP F 347 54.06 -0.91 27.56
C ASP F 347 54.05 0.50 26.99
N ILE F 348 55.13 0.88 26.31
CA ILE F 348 55.22 2.12 25.55
C ILE F 348 55.67 1.76 24.14
N VAL F 349 54.81 2.05 23.16
CA VAL F 349 54.99 1.54 21.81
C VAL F 349 54.54 2.61 20.81
N ASP F 350 55.21 2.65 19.66
CA ASP F 350 54.82 3.49 18.53
C ASP F 350 54.03 2.60 17.58
N VAL F 351 52.76 2.93 17.39
CA VAL F 351 51.91 2.19 16.47
C VAL F 351 51.61 3.07 15.26
N THR F 352 51.88 2.54 14.07
CA THR F 352 51.59 3.24 12.83
C THR F 352 50.59 2.42 12.04
N GLY F 353 49.68 3.11 11.35
CA GLY F 353 48.67 2.39 10.60
C GLY F 353 47.78 3.33 9.84
N ILE F 354 46.68 2.77 9.36
CA ILE F 354 45.74 3.49 8.53
C ILE F 354 44.35 3.46 9.17
N PHE F 355 43.63 4.57 9.02
CA PHE F 355 42.55 4.92 9.93
C PHE F 355 41.20 4.73 9.23
N LEU F 356 40.49 3.68 9.61
CA LEU F 356 39.28 3.26 8.95
C LEU F 356 38.10 3.17 9.90
N PRO F 357 36.91 3.53 9.43
CA PRO F 357 35.71 3.40 10.26
C PRO F 357 35.17 1.98 10.29
N ALA F 358 34.26 1.71 11.22
CA ALA F 358 33.53 0.46 11.27
C ALA F 358 32.04 0.79 11.29
N PRO F 359 31.21 0.06 10.55
CA PRO F 359 29.77 0.36 10.56
C PRO F 359 29.14 -0.06 11.88
N TYR F 360 28.89 0.94 12.72
CA TYR F 360 28.30 0.74 14.04
C TYR F 360 27.81 2.09 14.55
N THR F 361 26.67 2.05 15.22
CA THR F 361 26.16 3.19 15.96
C THR F 361 25.75 2.69 17.34
N GLY F 362 25.42 3.63 18.22
CA GLY F 362 25.19 3.28 19.61
C GLY F 362 23.79 2.79 19.86
N PHE F 363 23.05 3.45 20.74
CA PHE F 363 21.68 3.05 21.00
C PHE F 363 20.78 3.39 19.82
N LYS F 364 19.64 2.70 19.78
CA LYS F 364 18.75 2.78 18.63
C LYS F 364 18.10 4.15 18.51
N ALA F 365 17.65 4.72 19.62
CA ALA F 365 16.99 6.01 19.57
C ALA F 365 17.95 7.19 19.45
N LEU F 366 19.22 7.01 19.79
CA LEU F 366 20.19 8.09 19.75
C LEU F 366 20.83 8.26 18.38
N LYS F 367 20.42 7.47 17.40
CA LYS F 367 21.03 7.53 16.08
C LYS F 367 20.54 8.74 15.30
N ALA F 368 21.47 9.63 14.98
CA ALA F 368 21.17 10.81 14.18
C ALA F 368 21.19 10.53 12.67
N GLY F 369 21.44 9.27 12.28
CA GLY F 369 21.27 8.85 10.91
C GLY F 369 22.50 8.31 10.21
N LEU F 370 23.66 8.96 10.34
CA LEU F 370 24.90 8.42 9.79
C LEU F 370 25.99 8.53 10.85
N LEU F 371 26.04 7.55 11.75
CA LEU F 371 27.02 7.55 12.82
C LEU F 371 28.09 6.53 12.53
N THR F 372 29.32 7.01 12.43
CA THR F 372 30.45 6.19 12.04
C THR F 372 31.37 5.98 13.23
N GLU F 373 31.57 4.72 13.60
CA GLU F 373 32.46 4.36 14.70
C GLU F 373 33.79 3.95 14.09
N THR F 374 34.89 4.53 14.58
CA THR F 374 36.16 4.31 13.92
C THR F 374 36.99 3.24 14.61
N TYR F 375 38.09 2.89 13.96
CA TYR F 375 39.17 2.11 14.55
C TYR F 375 40.46 2.40 13.80
N LEU F 376 41.50 1.66 14.13
CA LEU F 376 42.80 1.75 13.47
C LEU F 376 43.28 0.34 13.17
N GLU F 377 43.86 0.15 11.99
CA GLU F 377 44.52 -1.11 11.71
C GLU F 377 46.03 -0.99 11.87
N ALA F 378 46.59 -1.91 12.65
CA ALA F 378 48.01 -1.94 12.94
C ALA F 378 48.80 -2.32 11.69
N GLN F 379 49.94 -1.70 11.52
CA GLN F 379 50.80 -2.04 10.40
C GLN F 379 52.22 -2.36 10.83
N PHE F 380 52.76 -1.65 11.80
CA PHE F 380 54.14 -1.86 12.21
C PHE F 380 54.26 -1.56 13.69
N VAL F 381 55.12 -2.31 14.37
CA VAL F 381 55.38 -2.11 15.80
C VAL F 381 56.80 -1.62 15.98
N ARG F 382 56.95 -0.47 16.60
CA ARG F 382 58.24 -0.02 17.10
C ARG F 382 58.08 0.32 18.58
N GLN F 383 58.71 -0.48 19.44
CA GLN F 383 58.57 -0.32 20.88
C GLN F 383 59.68 0.55 21.42
N HIS F 384 59.30 1.52 22.24
CA HIS F 384 60.27 2.06 23.18
C HIS F 384 60.55 0.99 24.24
N LYS F 385 61.75 1.09 24.83
CA LYS F 385 62.24 0.17 25.86
C LYS F 385 62.27 -1.27 25.34
N LYS F 386 63.19 -1.49 24.39
CA LYS F 386 63.32 -2.76 23.70
C LYS F 386 63.56 -3.91 24.68
N LYS F 387 62.72 -4.93 24.57
CA LYS F 387 62.72 -6.01 25.56
C LYS F 387 63.94 -6.90 25.41
N PHE F 388 64.48 -7.33 26.54
CA PHE F 388 65.61 -8.26 26.55
C PHE F 388 65.16 -9.67 26.15
N ALA F 389 66.13 -10.57 26.06
CA ALA F 389 66.00 -11.97 25.67
C ALA F 389 65.34 -12.14 24.31
N SER F 390 65.50 -11.17 23.42
CA SER F 390 64.85 -11.19 22.12
C SER F 390 65.81 -10.86 20.99
N PHE F 391 67.06 -10.53 21.31
CA PHE F 391 68.07 -10.29 20.29
C PHE F 391 69.06 -11.44 20.29
N SER F 392 69.74 -11.60 19.16
CA SER F 392 70.89 -12.48 19.06
C SER F 392 72.03 -11.85 18.29
N LEU F 393 71.77 -10.74 17.60
CA LEU F 393 72.81 -10.02 16.89
C LEU F 393 73.81 -9.44 17.87
N THR F 394 75.06 -9.45 17.47
CA THR F 394 76.14 -9.05 18.35
C THR F 394 77.14 -8.12 17.67
N SER F 395 77.20 -8.11 16.34
CA SER F 395 78.28 -7.41 15.62
C SER F 395 78.15 -5.90 15.73
N ASP F 396 77.03 -5.35 15.26
CA ASP F 396 76.77 -3.92 15.44
C ASP F 396 76.50 -3.58 16.89
N VAL F 397 76.11 -4.57 17.69
CA VAL F 397 75.97 -4.36 19.13
C VAL F 397 77.35 -4.15 19.77
N GLU F 398 78.31 -5.05 19.49
CA GLU F 398 79.65 -4.89 20.05
C GLU F 398 80.45 -3.78 19.36
N GLU F 399 79.90 -3.17 18.32
CA GLU F 399 80.47 -1.92 17.81
C GLU F 399 80.43 -0.83 18.87
N ARG F 400 79.45 -0.86 19.75
CA ARG F 400 79.38 0.07 20.88
C ARG F 400 79.68 -0.58 22.21
N VAL F 401 79.44 -1.89 22.34
CA VAL F 401 79.65 -2.59 23.61
C VAL F 401 81.13 -2.69 23.93
N MET F 402 81.96 -3.02 22.93
CA MET F 402 83.40 -3.09 23.15
C MET F 402 84.01 -1.75 23.50
N GLU F 403 83.43 -0.65 23.03
CA GLU F 403 83.91 0.67 23.45
C GLU F 403 83.55 0.93 24.90
N LEU F 404 82.42 0.39 25.35
CA LEU F 404 82.11 0.42 26.78
C LEU F 404 83.06 -0.49 27.55
N ILE F 405 83.43 -1.63 26.96
CA ILE F 405 84.32 -2.57 27.64
C ILE F 405 85.74 -2.00 27.71
N THR F 406 86.25 -1.48 26.60
CA THR F 406 87.58 -0.90 26.56
C THR F 406 87.66 0.49 27.18
N SER F 407 86.58 0.99 27.76
CA SER F 407 86.63 2.28 28.44
C SER F 407 87.42 2.21 29.73
N GLY F 408 87.45 1.07 30.38
CA GLY F 408 88.22 0.90 31.60
C GLY F 408 87.49 1.42 32.83
N ASP F 409 87.58 0.65 33.93
CA ASP F 409 86.87 0.90 35.20
C ASP F 409 85.36 1.00 34.95
N VAL F 410 84.83 -0.10 34.44
CA VAL F 410 83.45 -0.11 33.96
C VAL F 410 82.49 -0.30 35.12
N TYR F 411 82.84 -1.18 36.06
CA TYR F 411 81.92 -1.57 37.12
C TYR F 411 81.66 -0.42 38.08
N ASN F 412 82.68 0.39 38.35
CA ASN F 412 82.47 1.59 39.14
C ASN F 412 81.76 2.67 38.32
N ARG F 413 81.91 2.64 37.00
CA ARG F 413 81.26 3.62 36.14
C ARG F 413 79.76 3.39 36.07
N LEU F 414 79.33 2.12 36.22
CA LEU F 414 77.93 1.76 36.02
C LEU F 414 77.03 2.35 37.09
N ALA F 415 77.33 2.07 38.37
CA ALA F 415 76.49 2.56 39.46
C ALA F 415 76.56 4.07 39.61
N LYS F 416 77.62 4.69 39.09
CA LYS F 416 77.63 6.14 38.94
C LYS F 416 76.59 6.59 37.91
N SER F 417 76.30 5.75 36.91
CA SER F 417 75.45 6.18 35.80
C SER F 417 73.97 5.97 36.08
N ILE F 418 73.59 4.97 36.87
CA ILE F 418 72.17 4.78 37.13
C ILE F 418 71.70 5.80 38.14
N ALA F 419 70.71 6.61 37.74
CA ALA F 419 70.10 7.75 38.43
C ALA F 419 71.14 8.65 39.10
N PRO F 420 72.01 9.33 38.36
CA PRO F 420 73.12 10.05 39.00
C PRO F 420 72.71 11.35 39.64
N GLU F 421 71.43 11.69 39.66
CA GLU F 421 70.98 13.02 40.01
C GLU F 421 70.90 13.27 41.51
N ILE F 422 71.39 12.37 42.35
CA ILE F 422 71.55 12.66 43.77
C ILE F 422 73.05 12.68 44.08
N TYR F 423 73.37 13.04 45.32
CA TYR F 423 74.73 13.10 45.80
C TYR F 423 74.98 11.93 46.75
N GLY F 424 76.15 11.31 46.61
CA GLY F 424 76.54 10.24 47.50
C GLY F 424 75.82 8.94 47.22
N ASN F 425 75.88 8.06 48.23
CA ASN F 425 75.22 6.74 48.26
C ASN F 425 75.69 5.85 47.12
N LEU F 426 77.01 5.85 46.91
CA LEU F 426 77.59 5.08 45.81
C LEU F 426 77.51 3.58 46.06
N ASP F 427 77.81 3.15 47.28
CA ASP F 427 77.63 1.76 47.65
C ASP F 427 76.15 1.39 47.65
N VAL F 428 75.28 2.35 47.95
CA VAL F 428 73.85 2.12 47.86
C VAL F 428 73.43 1.94 46.41
N LYS F 429 73.98 2.77 45.52
CA LYS F 429 73.74 2.60 44.09
C LYS F 429 74.39 1.34 43.56
N LYS F 430 75.48 0.89 44.20
CA LYS F 430 76.19 -0.28 43.72
C LYS F 430 75.39 -1.54 43.93
N ALA F 431 74.69 -1.64 45.07
CA ALA F 431 73.85 -2.81 45.32
C ALA F 431 72.64 -2.82 44.40
N LEU F 432 72.11 -1.64 44.09
CA LEU F 432 70.98 -1.55 43.18
C LEU F 432 71.36 -1.88 41.75
N LEU F 433 72.62 -1.60 41.37
CA LEU F 433 73.17 -2.12 40.13
C LEU F 433 73.13 -3.63 40.11
N LEU F 434 73.44 -4.25 41.24
CA LEU F 434 73.42 -5.71 41.32
C LEU F 434 72.00 -6.25 41.39
N LEU F 435 71.04 -5.44 41.87
CA LEU F 435 69.64 -5.81 41.78
C LEU F 435 69.17 -5.86 40.33
N LEU F 436 69.73 -4.98 39.50
CA LEU F 436 69.41 -4.98 38.08
C LEU F 436 69.91 -6.23 37.37
N VAL F 437 70.91 -6.90 37.93
CA VAL F 437 71.46 -8.07 37.28
C VAL F 437 70.52 -9.25 37.51
N GLY F 438 70.45 -9.72 38.76
CA GLY F 438 69.77 -10.97 39.08
C GLY F 438 70.23 -12.11 38.21
N GLY F 439 69.27 -12.72 37.52
CA GLY F 439 69.54 -13.48 36.30
C GLY F 439 70.30 -14.77 36.46
N VAL F 440 70.13 -15.47 37.58
CA VAL F 440 70.71 -16.79 37.78
C VAL F 440 69.59 -17.74 38.18
N ASP F 441 69.79 -19.03 37.93
CA ASP F 441 68.77 -20.03 38.20
C ASP F 441 69.40 -21.42 38.20
N LYS F 442 68.75 -22.33 38.93
CA LYS F 442 69.16 -23.74 38.94
C LYS F 442 68.01 -24.57 39.47
N ARG F 443 67.70 -25.67 38.78
CA ARG F 443 66.82 -26.71 39.29
C ARG F 443 67.64 -27.99 39.34
N VAL F 444 67.47 -28.77 40.40
CA VAL F 444 68.20 -30.03 40.51
C VAL F 444 67.58 -31.09 39.60
N GLY F 445 66.35 -30.86 39.13
CA GLY F 445 65.69 -31.82 38.27
C GLY F 445 64.96 -32.87 39.09
N ASP F 446 63.65 -33.01 38.83
CA ASP F 446 62.72 -33.72 39.71
C ASP F 446 62.89 -33.28 41.15
N GLY F 447 62.79 -31.97 41.37
CA GLY F 447 63.14 -31.37 42.63
C GLY F 447 62.59 -29.96 42.71
N MET F 448 63.43 -29.05 43.16
CA MET F 448 63.02 -27.67 43.32
C MET F 448 63.93 -26.74 42.52
N LYS F 449 63.41 -25.56 42.20
CA LYS F 449 64.25 -24.51 41.65
C LYS F 449 64.95 -23.78 42.78
N ILE F 450 65.83 -22.85 42.42
CA ILE F 450 66.28 -21.80 43.32
C ILE F 450 66.00 -20.48 42.62
N ARG F 451 65.47 -19.51 43.36
CA ARG F 451 65.17 -18.23 42.74
C ARG F 451 66.41 -17.34 42.78
N GLY F 452 66.79 -16.85 41.60
CA GLY F 452 67.89 -15.91 41.52
C GLY F 452 67.40 -14.49 41.56
N ASP F 453 66.78 -14.13 42.68
CA ASP F 453 66.15 -12.82 42.82
C ASP F 453 66.72 -12.16 44.07
N ILE F 454 66.84 -10.84 44.01
CA ILE F 454 67.41 -10.04 45.08
C ILE F 454 66.29 -9.18 45.67
N ASN F 455 66.24 -9.07 46.99
CA ASN F 455 65.18 -8.35 47.67
C ASN F 455 65.77 -7.38 48.67
N VAL F 456 66.04 -6.16 48.23
CA VAL F 456 66.72 -5.15 49.03
C VAL F 456 65.69 -4.22 49.62
N CYS F 457 65.71 -4.07 50.93
CA CYS F 457 64.83 -3.12 51.60
C CYS F 457 65.59 -1.86 51.96
N LEU F 458 64.82 -0.79 52.18
CA LEU F 458 65.38 0.52 52.48
C LEU F 458 64.71 1.07 53.72
N MET F 459 65.51 1.54 54.66
CA MET F 459 65.01 2.11 55.90
C MET F 459 65.66 3.47 56.11
N GLY F 460 64.88 4.43 56.61
CA GLY F 460 65.40 5.75 56.87
C GLY F 460 64.43 6.81 56.42
N ASP F 461 64.58 8.03 56.93
CA ASP F 461 63.63 9.11 56.69
C ASP F 461 64.25 10.44 57.08
N PRO F 462 63.81 11.56 56.49
CA PRO F 462 63.09 11.64 55.20
C PRO F 462 63.88 12.37 54.10
N GLY F 463 64.99 13.00 54.49
CA GLY F 463 65.68 13.92 53.61
C GLY F 463 66.72 13.27 52.72
N VAL F 464 66.58 11.97 52.50
CA VAL F 464 67.45 11.23 51.61
C VAL F 464 66.89 11.21 50.19
N ALA F 465 65.59 11.50 50.04
CA ALA F 465 64.84 11.51 48.77
C ALA F 465 64.96 10.17 48.07
N LYS F 466 64.51 9.13 48.78
CA LYS F 466 64.52 7.77 48.27
C LYS F 466 63.60 7.57 47.07
N SER F 467 62.52 8.34 46.99
CA SER F 467 61.56 8.15 45.91
C SER F 467 62.07 8.73 44.60
N GLN F 468 63.10 9.57 44.67
CA GLN F 468 63.82 9.98 43.46
C GLN F 468 64.46 8.78 42.78
N LEU F 469 64.90 7.81 43.56
CA LEU F 469 65.47 6.61 42.98
C LEU F 469 64.38 5.58 42.67
N LEU F 470 63.30 5.59 43.46
CA LEU F 470 62.25 4.59 43.29
C LEU F 470 61.51 4.77 41.96
N LYS F 471 61.30 6.02 41.55
CA LYS F 471 60.73 6.25 40.22
C LYS F 471 61.75 5.98 39.13
N ALA F 472 63.03 6.20 39.43
CA ALA F 472 64.08 6.07 38.41
C ALA F 472 64.33 4.61 38.06
N ILE F 473 64.20 3.72 39.04
CA ILE F 473 64.52 2.30 38.81
C ILE F 473 63.49 1.63 37.91
N CYS F 474 62.21 1.76 38.23
CA CYS F 474 61.16 1.21 37.37
C CYS F 474 61.01 1.94 36.04
N LYS F 475 61.65 3.09 35.88
CA LYS F 475 61.64 3.79 34.60
C LYS F 475 62.62 3.23 33.59
N ILE F 476 63.89 3.04 33.95
CA ILE F 476 64.87 2.51 33.02
C ILE F 476 64.62 1.03 32.76
N SER F 477 64.35 0.28 33.83
CA SER F 477 64.16 -1.17 33.73
C SER F 477 62.90 -1.49 32.94
N PRO F 478 63.01 -2.35 31.94
CA PRO F 478 61.80 -2.85 31.26
C PRO F 478 61.00 -3.72 32.21
N ARG F 479 59.68 -3.71 31.98
CA ARG F 479 58.67 -4.32 32.85
C ARG F 479 58.80 -3.77 34.27
N GLY F 480 58.53 -2.47 34.37
CA GLY F 480 58.61 -1.79 35.65
C GLY F 480 57.33 -1.09 36.02
N VAL F 481 56.68 -1.56 37.07
CA VAL F 481 55.40 -1.01 37.52
C VAL F 481 55.62 -0.34 38.87
N TYR F 482 55.25 0.93 38.96
CA TYR F 482 55.40 1.72 40.17
C TYR F 482 54.11 1.60 40.98
N THR F 483 54.23 1.13 42.22
CA THR F 483 53.08 0.85 43.06
C THR F 483 53.17 1.63 44.37
N THR F 484 52.02 1.81 45.01
CA THR F 484 51.92 2.49 46.28
C THR F 484 51.38 1.55 47.35
N GLY F 485 51.11 2.09 48.53
CA GLY F 485 50.60 1.31 49.64
C GLY F 485 49.12 0.97 49.56
N LYS F 486 48.27 1.98 49.65
CA LYS F 486 46.82 1.77 49.76
C LYS F 486 46.13 1.73 48.41
N GLY F 487 46.76 2.27 47.36
CA GLY F 487 46.10 2.37 46.06
C GLY F 487 45.85 1.02 45.40
N SER F 488 46.55 -0.02 45.87
CA SER F 488 46.18 -1.39 45.59
C SER F 488 45.84 -2.10 46.89
N SER F 489 44.71 -2.80 46.90
CA SER F 489 44.29 -3.57 48.06
C SER F 489 44.82 -4.99 47.93
N GLY F 490 44.30 -5.89 48.77
CA GLY F 490 44.71 -7.29 48.71
C GLY F 490 44.19 -8.02 47.49
N VAL F 491 43.14 -7.49 46.86
CA VAL F 491 42.60 -8.08 45.63
C VAL F 491 43.06 -7.32 44.40
N GLY F 492 43.61 -6.10 44.57
CA GLY F 492 43.95 -5.28 43.43
C GLY F 492 45.17 -5.74 42.65
N LEU F 493 46.31 -5.88 43.33
CA LEU F 493 47.56 -6.28 42.68
C LEU F 493 47.59 -7.74 42.25
N THR F 494 46.68 -8.55 42.77
CA THR F 494 46.48 -9.89 42.25
C THR F 494 45.37 -9.89 41.21
N ALA F 495 45.02 -11.08 40.73
CA ALA F 495 44.10 -11.21 39.62
C ALA F 495 42.66 -10.96 40.05
N ALA F 496 41.78 -10.86 39.05
CA ALA F 496 40.35 -10.69 39.26
C ALA F 496 39.61 -11.31 38.10
N VAL F 497 38.31 -11.55 38.31
CA VAL F 497 37.45 -12.22 37.33
C VAL F 497 36.35 -11.25 36.92
N MET F 498 36.29 -10.96 35.63
CA MET F 498 35.25 -10.13 35.06
C MET F 498 34.75 -10.74 33.77
N LYS F 499 33.60 -10.26 33.30
CA LYS F 499 33.04 -10.76 32.06
C LYS F 499 33.84 -10.26 30.87
N ASP F 500 34.17 -11.17 29.96
CA ASP F 500 35.01 -10.87 28.82
C ASP F 500 34.22 -10.05 27.81
N PRO F 501 34.80 -9.01 27.23
CA PRO F 501 34.26 -8.46 25.97
C PRO F 501 34.46 -9.40 24.79
N VAL F 502 34.19 -8.86 23.60
CA VAL F 502 33.75 -9.51 22.36
C VAL F 502 34.38 -10.88 22.10
N THR F 503 35.69 -11.00 22.31
CA THR F 503 36.34 -12.30 22.22
C THR F 503 36.10 -13.12 23.48
N MET F 506 35.03 -14.91 30.57
CA MET F 506 35.26 -14.99 32.01
C MET F 506 36.73 -15.25 32.32
N ILE F 507 37.61 -14.51 31.65
CA ILE F 507 39.04 -14.69 31.84
C ILE F 507 39.48 -14.03 33.13
N LEU F 508 40.71 -14.32 33.54
CA LEU F 508 41.25 -13.80 34.80
C LEU F 508 42.01 -12.51 34.50
N GLU F 509 41.41 -11.39 34.85
CA GLU F 509 42.08 -10.11 34.67
C GLU F 509 43.08 -9.89 35.79
N GLY F 510 44.35 -9.72 35.44
CA GLY F 510 45.40 -9.68 36.44
C GLY F 510 45.71 -8.29 36.94
N GLY F 511 46.48 -8.25 38.02
CA GLY F 511 46.92 -7.04 38.67
C GLY F 511 48.32 -6.63 38.27
N ALA F 512 48.92 -5.77 39.08
CA ALA F 512 50.21 -5.19 38.74
C ALA F 512 51.34 -6.21 38.88
N LEU F 513 51.33 -7.00 39.96
CA LEU F 513 52.31 -8.06 40.09
C LEU F 513 52.09 -9.16 39.06
N VAL F 514 50.83 -9.36 38.64
CA VAL F 514 50.57 -10.19 37.50
C VAL F 514 51.14 -9.57 36.24
N LEU F 515 51.08 -8.24 36.15
CA LEU F 515 51.66 -7.55 35.00
C LEU F 515 53.17 -7.54 35.08
N ALA F 516 53.74 -7.20 36.24
CA ALA F 516 55.18 -6.92 36.34
C ALA F 516 55.93 -8.19 36.73
N ASP F 517 55.66 -9.26 36.00
CA ASP F 517 56.47 -10.46 36.11
C ASP F 517 57.60 -10.41 35.10
N ASN F 518 58.71 -11.05 35.46
CA ASN F 518 60.03 -10.86 34.83
C ASN F 518 60.36 -9.36 34.78
N GLY F 519 60.19 -8.72 35.92
CA GLY F 519 60.46 -7.31 36.06
C GLY F 519 60.45 -6.95 37.52
N ILE F 520 60.67 -5.66 37.80
CA ILE F 520 60.89 -5.18 39.15
C ILE F 520 59.72 -4.30 39.55
N CYS F 521 59.11 -4.61 40.69
CA CYS F 521 57.99 -3.84 41.23
C CYS F 521 58.52 -2.82 42.23
N CYS F 522 58.20 -1.54 41.99
CA CYS F 522 58.55 -0.49 42.93
C CYS F 522 57.39 -0.25 43.91
N ILE F 523 57.70 -0.32 45.20
CA ILE F 523 56.68 -0.38 46.24
C ILE F 523 56.92 0.73 47.25
N ASP F 524 55.88 1.54 47.50
CA ASP F 524 55.92 2.57 48.53
C ASP F 524 55.08 2.16 49.74
N GLU F 525 55.64 2.41 50.93
CA GLU F 525 54.96 2.37 52.23
C GLU F 525 54.36 0.99 52.51
N PHE F 526 55.26 0.01 52.63
CA PHE F 526 54.86 -1.33 52.99
C PHE F 526 54.34 -1.42 54.41
N ASP F 527 54.71 -0.46 55.26
CA ASP F 527 54.22 -0.38 56.63
C ASP F 527 52.71 -0.21 56.72
N LYS F 528 52.09 0.42 55.72
CA LYS F 528 50.68 0.71 55.77
C LYS F 528 49.86 -0.18 54.85
N MET F 529 50.34 -1.38 54.54
CA MET F 529 49.56 -2.31 53.76
C MET F 529 48.46 -2.93 54.60
N ASP F 530 47.61 -3.72 53.96
CA ASP F 530 46.73 -4.59 54.71
C ASP F 530 47.53 -5.77 55.26
N GLU F 531 47.08 -6.29 56.39
CA GLU F 531 47.72 -7.48 56.96
C GLU F 531 47.55 -8.70 56.06
N SER F 532 46.43 -8.80 55.33
CA SER F 532 46.31 -9.85 54.32
C SER F 532 47.22 -9.57 53.14
N ASP F 533 47.49 -8.29 52.87
CA ASP F 533 48.39 -7.93 51.78
C ASP F 533 49.83 -8.27 52.14
N ARG F 534 50.16 -8.31 53.42
CA ARG F 534 51.46 -8.82 53.85
C ARG F 534 51.61 -10.30 53.53
N THR F 535 50.52 -11.07 53.62
CA THR F 535 50.58 -12.51 53.46
C THR F 535 50.95 -12.90 52.03
N ALA F 536 50.51 -12.12 51.06
CA ALA F 536 50.87 -12.38 49.67
C ALA F 536 52.35 -12.13 49.43
N ILE F 537 52.92 -11.16 50.13
CA ILE F 537 54.33 -10.81 49.95
C ILE F 537 55.23 -11.92 50.48
N HIS F 538 54.83 -12.55 51.59
CA HIS F 538 55.52 -13.74 52.06
C HIS F 538 55.37 -14.89 51.07
N GLU F 539 54.26 -14.92 50.33
CA GLU F 539 54.09 -15.95 49.32
C GLU F 539 54.89 -15.68 48.06
N VAL F 540 55.51 -14.52 47.93
CA VAL F 540 56.40 -14.30 46.78
C VAL F 540 57.83 -14.70 47.13
N MET F 541 58.19 -14.66 48.42
CA MET F 541 59.53 -15.04 48.85
C MET F 541 59.80 -16.53 48.61
N GLU F 542 58.76 -17.35 48.58
CA GLU F 542 58.83 -18.60 47.83
C GLU F 542 58.33 -18.30 46.43
N GLN F 543 59.13 -18.68 45.43
CA GLN F 543 58.95 -18.15 44.09
C GLN F 543 57.71 -18.75 43.42
N GLN F 544 57.07 -17.93 42.58
CA GLN F 544 56.00 -18.23 41.62
C GLN F 544 54.66 -18.54 42.28
N THR F 545 54.53 -18.37 43.59
CA THR F 545 53.37 -18.87 44.32
C THR F 545 52.41 -17.73 44.63
N ILE F 546 51.22 -17.78 44.05
CA ILE F 546 50.11 -16.92 44.44
C ILE F 546 48.87 -17.80 44.54
N SER F 547 48.46 -18.12 45.75
CA SER F 547 47.36 -19.05 45.99
C SER F 547 46.06 -18.26 46.14
N ILE F 548 44.98 -18.82 45.59
CA ILE F 548 43.66 -18.19 45.61
C ILE F 548 42.64 -19.24 46.02
N SER F 549 41.85 -18.93 47.04
CA SER F 549 40.75 -19.77 47.50
C SER F 549 39.46 -18.96 47.60
N LYS F 550 39.15 -18.20 46.55
CA LYS F 550 37.93 -17.39 46.54
C LYS F 550 36.72 -18.21 46.09
N ALA F 551 35.64 -17.49 45.76
CA ALA F 551 34.30 -18.05 45.60
C ALA F 551 34.18 -19.05 44.46
N GLY F 552 34.98 -18.92 43.41
CA GLY F 552 34.94 -19.93 42.36
C GLY F 552 36.30 -20.18 41.75
N ILE F 553 37.33 -19.57 42.33
CA ILE F 553 38.66 -19.55 41.75
C ILE F 553 39.60 -20.34 42.65
N ASN F 554 40.32 -21.30 42.08
CA ASN F 554 41.26 -22.10 42.84
C ASN F 554 42.66 -22.06 42.23
N THR F 555 42.96 -21.02 41.47
CA THR F 555 44.19 -20.96 40.69
C THR F 555 45.39 -20.66 41.57
N THR F 556 46.55 -21.16 41.12
CA THR F 556 47.85 -20.84 41.70
C THR F 556 48.71 -20.33 40.55
N LEU F 557 48.60 -19.03 40.28
CA LEU F 557 49.25 -18.49 39.10
C LEU F 557 50.72 -18.20 39.39
N ASN F 558 51.50 -18.09 38.32
CA ASN F 558 52.94 -17.93 38.40
C ASN F 558 53.34 -16.48 38.17
N ALA F 559 54.51 -16.11 38.69
CA ALA F 559 54.98 -14.73 38.64
C ALA F 559 56.48 -14.68 38.83
N ARG F 560 57.19 -14.14 37.84
CA ARG F 560 58.64 -14.06 37.84
C ARG F 560 59.11 -12.69 38.33
N THR F 561 58.39 -12.13 39.30
CA THR F 561 58.54 -10.74 39.70
C THR F 561 59.83 -10.52 40.47
N SER F 562 60.09 -9.25 40.79
CA SER F 562 61.19 -8.84 41.65
C SER F 562 60.70 -7.73 42.57
N ILE F 563 61.24 -7.70 43.78
CA ILE F 563 60.69 -6.90 44.87
C ILE F 563 61.73 -5.86 45.30
N LEU F 564 61.33 -4.60 45.29
CA LEU F 564 62.04 -3.55 46.01
C LEU F 564 61.07 -2.91 46.98
N ALA F 565 61.49 -2.79 48.23
CA ALA F 565 60.65 -2.20 49.27
C ALA F 565 61.42 -1.10 50.00
N ALA F 566 60.65 -0.17 50.58
CA ALA F 566 61.23 0.96 51.30
C ALA F 566 60.19 1.44 52.31
N ALA F 567 60.46 1.21 53.59
CA ALA F 567 59.58 1.66 54.66
C ALA F 567 60.27 2.72 55.50
N ASN F 568 59.47 3.47 56.21
CA ASN F 568 60.02 4.50 57.08
C ASN F 568 60.11 4.01 58.51
N PRO F 569 61.08 4.53 59.28
CA PRO F 569 61.17 4.18 60.70
C PRO F 569 60.05 4.75 61.56
N LEU F 570 60.18 4.54 62.86
CA LEU F 570 59.15 4.85 63.84
C LEU F 570 59.07 6.36 64.06
N TYR F 571 58.17 6.78 64.95
CA TYR F 571 58.08 8.18 65.36
C TYR F 571 59.39 8.61 66.01
N GLY F 572 59.78 9.85 65.76
CA GLY F 572 61.12 10.28 66.06
C GLY F 572 62.07 9.80 64.97
N ARG F 573 63.36 9.94 65.24
CA ARG F 573 64.36 9.54 64.26
C ARG F 573 65.64 9.13 64.98
N TYR F 574 66.00 7.84 64.81
CA TYR F 574 67.26 7.24 65.25
C TYR F 574 67.55 7.47 66.73
N ASN F 575 66.78 6.84 67.61
CA ASN F 575 67.12 6.86 69.02
C ASN F 575 68.01 5.66 69.30
N PRO F 576 69.25 5.84 69.75
CA PRO F 576 70.05 4.70 70.22
C PRO F 576 69.49 4.06 71.47
N ARG F 577 68.67 4.77 72.25
CA ARG F 577 67.91 4.14 73.32
C ARG F 577 66.92 3.13 72.75
N LEU F 578 66.34 3.43 71.60
CA LEU F 578 65.58 2.44 70.87
C LEU F 578 66.50 1.42 70.23
N SER F 579 66.01 0.20 70.10
CA SER F 579 66.74 -0.91 69.57
C SER F 579 66.37 -1.14 68.10
N PRO F 580 67.18 -1.93 67.37
CA PRO F 580 66.64 -2.62 66.19
C PRO F 580 65.44 -3.47 66.59
N LEU F 581 64.41 -3.41 65.72
CA LEU F 581 63.06 -3.98 65.82
C LEU F 581 62.19 -3.19 66.82
N ASP F 582 62.79 -2.29 67.59
CA ASP F 582 61.98 -1.39 68.41
C ASP F 582 61.43 -0.26 67.54
N ASN F 583 62.28 0.34 66.70
CA ASN F 583 61.83 1.34 65.74
C ASN F 583 61.40 0.74 64.41
N ILE F 584 61.12 -0.56 64.37
CA ILE F 584 60.68 -1.25 63.16
C ILE F 584 59.28 -1.80 63.44
N ASN F 585 58.36 -1.59 62.49
CA ASN F 585 56.97 -2.01 62.63
C ASN F 585 56.66 -3.35 61.96
N LEU F 586 57.67 -4.20 61.75
CA LEU F 586 57.50 -5.47 61.07
C LEU F 586 58.25 -6.58 61.81
N PRO F 587 57.75 -7.80 61.82
CA PRO F 587 58.46 -8.89 62.50
C PRO F 587 59.71 -9.31 61.74
N ALA F 588 60.67 -9.84 62.51
CA ALA F 588 61.99 -10.19 61.98
C ALA F 588 61.97 -11.40 61.07
N ALA F 589 60.90 -12.20 61.10
CA ALA F 589 60.74 -13.28 60.12
C ALA F 589 60.62 -12.73 58.72
N LEU F 590 59.95 -11.59 58.58
CA LEU F 590 59.99 -10.85 57.32
C LEU F 590 61.37 -10.27 57.06
N LEU F 591 62.07 -9.83 58.12
CA LEU F 591 63.43 -9.33 57.95
C LEU F 591 64.40 -10.45 57.64
N SER F 592 64.10 -11.67 58.07
CA SER F 592 64.89 -12.83 57.66
C SER F 592 64.73 -13.12 56.18
N ARG F 593 63.58 -12.78 55.60
CA ARG F 593 63.38 -12.98 54.17
C ARG F 593 64.12 -11.94 53.34
N PHE F 594 64.54 -10.84 53.95
CA PHE F 594 65.33 -9.82 53.26
C PHE F 594 66.80 -10.15 53.39
N ASP F 595 67.42 -10.45 52.25
CA ASP F 595 68.85 -10.72 52.24
C ASP F 595 69.69 -9.47 52.45
N ILE F 596 69.28 -8.35 51.87
CA ILE F 596 70.06 -7.12 51.90
C ILE F 596 69.19 -6.03 52.49
N LEU F 597 69.73 -5.30 53.45
CA LEU F 597 69.01 -4.21 54.09
C LEU F 597 69.95 -3.02 54.23
N PHE F 598 69.40 -1.83 54.00
CA PHE F 598 70.12 -0.57 54.14
C PHE F 598 69.47 0.28 55.22
N LEU F 599 70.25 1.26 55.68
CA LEU F 599 69.73 2.28 56.58
C LEU F 599 70.11 3.63 56.01
N MET F 600 69.19 4.57 56.06
CA MET F 600 69.42 5.91 55.53
C MET F 600 69.61 6.86 56.71
N LEU F 601 70.85 6.94 57.19
CA LEU F 601 71.18 7.86 58.25
C LEU F 601 71.12 9.30 57.76
N ASP F 602 70.93 10.22 58.70
CA ASP F 602 71.11 11.65 58.44
C ASP F 602 71.79 12.24 59.67
N ILE F 603 73.12 12.21 59.68
CA ILE F 603 73.92 12.90 60.67
C ILE F 603 74.28 14.25 60.09
N PRO F 604 73.88 15.36 60.70
CA PRO F 604 74.30 16.66 60.19
C PRO F 604 75.78 16.89 60.47
N SER F 605 76.59 16.72 59.44
CA SER F 605 78.03 16.83 59.54
C SER F 605 78.46 18.06 58.75
N ARG F 606 79.44 18.77 59.31
CA ARG F 606 79.82 20.07 58.75
C ARG F 606 80.50 19.93 57.39
N ASP F 607 81.36 18.93 57.23
CA ASP F 607 82.18 18.84 56.03
C ASP F 607 81.42 18.21 54.87
N ASP F 608 80.37 17.43 55.16
CA ASP F 608 79.65 16.74 54.10
C ASP F 608 78.71 17.67 53.34
N ASP F 609 78.48 18.89 53.84
CA ASP F 609 77.44 19.73 53.30
C ASP F 609 77.90 20.49 52.06
N GLU F 610 79.15 20.96 52.07
CA GLU F 610 79.62 21.93 51.07
C GLU F 610 79.68 21.32 49.69
N LYS F 611 80.07 20.05 49.60
CA LYS F 611 80.00 19.36 48.32
C LYS F 611 78.55 19.12 47.92
N LEU F 612 77.70 18.76 48.89
CA LEU F 612 76.29 18.54 48.60
C LEU F 612 75.58 19.86 48.30
N ALA F 613 76.04 20.95 48.91
CA ALA F 613 75.48 22.25 48.58
C ALA F 613 75.86 22.67 47.16
N GLU F 614 77.12 22.46 46.79
CA GLU F 614 77.55 22.68 45.41
C GLU F 614 76.90 21.70 44.45
N HIS F 615 76.49 20.54 44.96
CA HIS F 615 75.79 19.56 44.14
C HIS F 615 74.41 20.07 43.71
N VAL F 616 73.59 20.46 44.69
CA VAL F 616 72.18 20.73 44.42
C VAL F 616 72.02 22.07 43.72
N THR F 617 72.91 23.02 44.01
CA THR F 617 72.85 24.31 43.33
C THR F 617 73.28 24.19 41.87
N TYR F 618 74.10 23.19 41.56
CA TYR F 618 74.52 23.01 40.18
C TYR F 618 73.42 22.37 39.35
N VAL F 619 72.43 21.76 40.03
CA VAL F 619 71.30 21.14 39.35
C VAL F 619 70.45 22.20 38.66
N HIS F 620 70.28 23.34 39.30
CA HIS F 620 69.40 24.36 38.73
C HIS F 620 70.19 25.33 37.87
N MET F 621 71.52 25.24 37.89
CA MET F 621 72.33 26.07 37.01
C MET F 621 72.29 25.54 35.58
N HIS F 622 72.11 24.25 35.43
CA HIS F 622 72.22 23.56 34.14
C HIS F 622 71.12 22.51 34.10
N ASN F 623 71.28 21.52 33.23
CA ASN F 623 70.48 20.31 33.32
C ASN F 623 71.35 19.05 33.33
N LYS F 624 72.61 19.17 33.75
CA LYS F 624 73.50 18.02 33.86
C LYS F 624 74.48 18.23 35.01
N GLN F 625 74.60 17.21 35.84
CA GLN F 625 75.45 17.30 37.03
C GLN F 625 76.97 17.16 36.81
N PRO F 626 77.50 16.08 36.21
CA PRO F 626 78.95 15.86 36.32
C PRO F 626 79.76 16.83 35.47
N ASP F 627 80.99 17.05 35.89
CA ASP F 627 81.82 18.11 35.35
C ASP F 627 83.26 17.62 35.23
N LEU F 628 83.71 17.40 34.00
CA LEU F 628 85.10 17.18 33.60
C LEU F 628 85.73 15.91 34.16
N ASP F 629 84.98 15.05 34.85
CA ASP F 629 85.56 13.84 35.40
C ASP F 629 84.80 12.59 34.97
N PHE F 630 83.61 12.75 34.42
CA PHE F 630 82.73 11.62 34.18
C PHE F 630 81.71 11.93 33.09
N THR F 631 81.43 10.96 32.24
CA THR F 631 80.32 11.07 31.31
C THR F 631 79.30 9.97 31.57
N PRO F 632 78.02 10.32 31.59
CA PRO F 632 77.01 9.33 32.00
C PRO F 632 76.67 8.38 30.88
N VAL F 633 76.14 7.22 31.25
CA VAL F 633 75.72 6.24 30.27
C VAL F 633 74.24 6.41 29.98
N GLU F 634 73.90 6.58 28.71
CA GLU F 634 72.50 6.63 28.32
C GLU F 634 71.86 5.26 28.54
N PRO F 635 70.58 5.22 28.94
CA PRO F 635 70.00 3.95 29.40
C PRO F 635 69.75 2.94 28.31
N SER F 636 69.50 3.37 27.07
CA SER F 636 69.23 2.44 25.98
C SER F 636 70.48 1.63 25.65
N LYS F 637 71.63 2.30 25.56
CA LYS F 637 72.88 1.57 25.39
C LYS F 637 73.25 0.81 26.65
N MET F 638 72.78 1.28 27.81
CA MET F 638 73.11 0.63 29.07
C MET F 638 72.43 -0.71 29.19
N ARG F 639 71.13 -0.78 28.88
CA ARG F 639 70.37 -2.01 29.06
C ARG F 639 70.79 -3.09 28.07
N GLU F 640 71.28 -2.69 26.90
CA GLU F 640 71.76 -3.67 25.93
C GLU F 640 73.01 -4.37 26.43
N TYR F 641 73.89 -3.64 27.11
CA TYR F 641 75.03 -4.25 27.75
C TYR F 641 74.60 -5.11 28.92
N ILE F 642 73.50 -4.73 29.58
CA ILE F 642 72.94 -5.55 30.64
C ILE F 642 72.38 -6.85 30.08
N ALA F 643 71.57 -6.74 29.02
CA ALA F 643 70.88 -7.89 28.46
C ALA F 643 71.85 -8.88 27.83
N TYR F 644 72.93 -8.39 27.24
CA TYR F 644 73.99 -9.28 26.76
C TYR F 644 74.70 -9.96 27.91
N ALA F 645 74.85 -9.28 29.03
CA ALA F 645 75.42 -9.89 30.23
C ALA F 645 74.46 -10.89 30.87
N LYS F 646 73.17 -10.84 30.53
CA LYS F 646 72.18 -11.76 31.07
C LYS F 646 72.26 -13.14 30.43
N THR F 647 73.11 -13.32 29.43
CA THR F 647 73.19 -14.57 28.70
C THR F 647 74.57 -15.21 28.87
N LYS F 648 75.09 -15.23 30.09
CA LYS F 648 76.43 -15.73 30.33
C LYS F 648 76.44 -17.02 31.14
N ARG F 649 75.75 -17.04 32.28
CA ARG F 649 75.70 -18.13 33.27
C ARG F 649 77.10 -18.56 33.70
N PRO F 650 77.78 -17.78 34.54
CA PRO F 650 79.08 -18.21 35.05
C PRO F 650 78.95 -19.40 35.99
N VAL F 651 80.00 -20.21 36.01
CA VAL F 651 80.05 -21.44 36.80
C VAL F 651 81.18 -21.28 37.81
N MET F 652 80.96 -21.76 39.03
CA MET F 652 81.90 -21.59 40.12
C MET F 652 83.10 -22.53 39.95
N SER F 653 84.03 -22.50 40.90
CA SER F 653 85.20 -23.36 40.86
C SER F 653 85.34 -24.01 42.24
N GLU F 654 86.45 -24.72 42.45
CA GLU F 654 86.67 -25.44 43.70
C GLU F 654 87.44 -24.64 44.72
N ALA F 655 88.33 -23.74 44.28
CA ALA F 655 89.04 -22.90 45.23
C ALA F 655 88.12 -21.86 45.85
N VAL F 656 87.13 -21.39 45.09
CA VAL F 656 86.16 -20.46 45.65
C VAL F 656 85.17 -21.18 46.55
N ASN F 657 85.03 -22.50 46.40
CA ASN F 657 84.25 -23.29 47.35
C ASN F 657 84.92 -23.28 48.71
N ASP F 658 86.25 -23.36 48.72
CA ASP F 658 86.99 -23.45 49.98
C ASP F 658 86.97 -22.12 50.72
N TYR F 659 86.92 -21.01 49.99
CA TYR F 659 87.03 -19.70 50.62
C TYR F 659 85.74 -19.30 51.34
N VAL F 660 84.61 -19.82 50.89
CA VAL F 660 83.32 -19.35 51.40
C VAL F 660 82.95 -20.09 52.68
N VAL F 661 83.35 -21.36 52.81
CA VAL F 661 82.88 -22.23 53.89
C VAL F 661 83.35 -21.73 55.24
N GLN F 662 84.66 -21.51 55.38
CA GLN F 662 85.19 -21.00 56.64
C GLN F 662 84.78 -19.55 56.88
N ALA F 663 84.51 -18.82 55.80
CA ALA F 663 83.98 -17.47 55.93
C ALA F 663 82.55 -17.48 56.46
N TYR F 664 81.81 -18.55 56.19
CA TYR F 664 80.49 -18.66 56.80
C TYR F 664 80.58 -19.06 58.26
N ILE F 665 81.65 -19.78 58.62
CA ILE F 665 81.90 -20.10 60.02
C ILE F 665 82.32 -18.84 60.77
N ARG F 666 82.95 -17.89 60.07
CA ARG F 666 83.16 -16.56 60.62
C ARG F 666 81.84 -15.90 60.98
N LEU F 667 80.88 -15.96 60.06
CA LEU F 667 79.58 -15.32 60.29
C LEU F 667 78.76 -16.06 61.33
N ARG F 668 78.78 -17.40 61.28
CA ARG F 668 77.94 -18.19 62.18
C ARG F 668 78.40 -18.08 63.63
N GLN F 669 79.69 -17.88 63.85
CA GLN F 669 80.22 -17.89 65.21
C GLN F 669 79.94 -16.56 65.92
N ASP F 670 80.25 -15.44 65.27
CA ASP F 670 80.15 -14.16 65.96
C ASP F 670 78.73 -13.60 66.00
N SER F 671 77.81 -14.15 65.19
CA SER F 671 76.43 -13.72 65.28
C SER F 671 75.75 -14.33 66.49
N LYS F 672 76.16 -15.52 66.89
CA LYS F 672 75.53 -16.25 67.98
C LYS F 672 76.29 -16.13 69.29
N ARG F 673 77.00 -15.03 69.51
CA ARG F 673 77.64 -14.75 70.78
C ARG F 673 76.99 -13.58 71.51
N GLU F 674 76.06 -12.88 70.85
CA GLU F 674 75.37 -11.75 71.46
C GLU F 674 74.01 -12.17 72.01
N MET F 675 73.12 -12.67 71.14
CA MET F 675 71.79 -13.19 71.48
C MET F 675 70.92 -12.14 72.18
N ASP F 676 71.07 -10.88 71.81
CA ASP F 676 70.44 -9.79 72.53
C ASP F 676 69.63 -8.90 71.60
N SER F 677 68.94 -7.94 72.21
CA SER F 677 68.23 -6.88 71.51
C SER F 677 69.06 -5.61 71.42
N LYS F 678 70.37 -5.74 71.27
CA LYS F 678 71.31 -4.63 71.19
C LYS F 678 71.30 -4.12 69.74
N PHE F 679 72.25 -3.23 69.40
CA PHE F 679 72.40 -2.69 68.05
C PHE F 679 72.64 -3.78 67.01
N SER F 680 73.31 -4.85 67.38
CA SER F 680 73.44 -6.00 66.51
C SER F 680 72.10 -6.74 66.42
N PHE F 681 71.84 -7.31 65.26
CA PHE F 681 70.61 -8.04 65.01
C PHE F 681 70.73 -9.44 65.60
N GLY F 682 69.61 -10.15 65.69
CA GLY F 682 69.57 -11.36 66.48
C GLY F 682 70.27 -12.54 65.82
N GLN F 683 69.72 -13.02 64.71
CA GLN F 683 70.04 -14.35 64.21
C GLN F 683 70.66 -14.24 62.82
N ALA F 684 71.44 -15.25 62.44
CA ALA F 684 72.02 -15.33 61.09
C ALA F 684 71.50 -16.57 60.38
N THR F 685 70.77 -16.32 59.30
CA THR F 685 70.07 -17.39 58.60
C THR F 685 71.02 -18.16 57.70
N PRO F 686 70.68 -19.38 57.29
CA PRO F 686 71.39 -20.01 56.17
C PRO F 686 71.03 -19.37 54.84
N ARG F 687 69.93 -18.60 54.81
CA ARG F 687 69.58 -17.86 53.61
C ARG F 687 70.55 -16.73 53.32
N THR F 688 71.28 -16.27 54.34
CA THR F 688 72.39 -15.34 54.12
C THR F 688 73.46 -15.95 53.23
N LEU F 689 73.77 -17.23 53.43
CA LEU F 689 74.74 -17.89 52.57
C LEU F 689 74.13 -18.16 51.19
N LEU F 690 72.82 -18.40 51.16
CA LEU F 690 72.11 -18.58 49.89
C LEU F 690 72.16 -17.33 49.04
N GLY F 691 72.12 -16.15 49.67
CA GLY F 691 72.25 -14.94 48.90
C GLY F 691 73.67 -14.67 48.44
N ILE F 692 74.64 -14.81 49.33
CA ILE F 692 76.00 -14.37 49.03
C ILE F 692 76.69 -15.30 48.03
N ILE F 693 76.26 -16.56 47.94
CA ILE F 693 76.70 -17.41 46.85
C ILE F 693 76.08 -16.94 45.54
N ARG F 694 74.78 -16.64 45.58
CA ARG F 694 74.08 -16.09 44.43
C ARG F 694 74.62 -14.73 44.02
N LEU F 695 75.05 -13.92 45.00
CA LEU F 695 75.57 -12.59 44.69
C LEU F 695 76.88 -12.64 43.93
N SER F 696 77.85 -13.42 44.43
CA SER F 696 79.15 -13.51 43.75
C SER F 696 79.01 -14.21 42.42
N GLN F 697 78.02 -15.08 42.29
CA GLN F 697 77.61 -15.57 40.98
C GLN F 697 77.11 -14.45 40.08
N ALA F 698 76.28 -13.57 40.59
CA ALA F 698 75.81 -12.43 39.80
C ALA F 698 76.91 -11.40 39.62
N LEU F 699 77.82 -11.30 40.59
CA LEU F 699 78.99 -10.43 40.45
C LEU F 699 79.90 -10.90 39.32
N ALA F 700 79.96 -12.21 39.08
CA ALA F 700 80.74 -12.72 37.98
C ALA F 700 80.12 -12.38 36.62
N LYS F 701 78.83 -12.08 36.59
CA LYS F 701 78.16 -11.81 35.32
C LYS F 701 78.59 -10.49 34.70
N LEU F 702 79.01 -9.54 35.51
CA LEU F 702 79.48 -8.26 34.99
C LEU F 702 80.92 -8.31 34.54
N ARG F 703 81.60 -9.44 34.76
CA ARG F 703 82.88 -9.67 34.11
C ARG F 703 82.68 -10.35 32.75
N LEU F 704 81.53 -10.99 32.56
CA LEU F 704 81.08 -11.57 31.28
C LEU F 704 82.03 -12.66 30.79
N ALA F 705 82.56 -13.45 31.74
CA ALA F 705 83.70 -14.28 31.39
C ALA F 705 83.68 -15.70 31.96
N ASP F 706 82.72 -15.98 32.86
CA ASP F 706 82.63 -17.27 33.60
C ASP F 706 83.92 -17.53 34.36
N MET F 707 84.32 -16.56 35.17
CA MET F 707 85.62 -16.50 35.85
C MET F 707 85.41 -16.25 37.35
N VAL F 708 84.60 -17.12 37.97
CA VAL F 708 84.33 -17.00 39.40
C VAL F 708 85.63 -17.18 40.18
N ASP F 709 86.11 -16.10 40.79
CA ASP F 709 87.45 -16.04 41.35
C ASP F 709 87.46 -15.62 42.81
N ILE F 710 88.66 -15.35 43.34
CA ILE F 710 88.79 -14.87 44.71
C ILE F 710 88.36 -13.41 44.87
N ASP F 711 88.68 -12.54 43.91
CA ASP F 711 88.25 -11.14 44.02
C ASP F 711 86.77 -11.02 43.68
N ASP F 712 86.22 -12.02 43.00
CA ASP F 712 84.79 -12.13 42.82
C ASP F 712 84.07 -12.23 44.16
N VAL F 713 84.61 -13.06 45.06
CA VAL F 713 83.97 -13.25 46.35
C VAL F 713 84.39 -12.14 47.31
N GLU F 714 85.60 -11.58 47.11
CA GLU F 714 86.12 -10.53 47.97
C GLU F 714 85.26 -9.27 47.93
N GLU F 715 84.62 -9.00 46.80
CA GLU F 715 83.72 -7.86 46.72
C GLU F 715 82.41 -8.16 47.45
N ALA F 716 82.01 -9.44 47.48
CA ALA F 716 80.71 -9.81 48.03
C ALA F 716 80.67 -9.65 49.53
N LEU F 717 81.78 -9.90 50.22
CA LEU F 717 81.78 -9.80 51.67
C LEU F 717 81.78 -8.35 52.13
N ARG F 718 82.27 -7.44 51.29
CA ARG F 718 82.36 -6.04 51.69
C ARG F 718 80.98 -5.39 51.74
N LEU F 719 80.10 -5.77 50.82
CA LEU F 719 78.77 -5.17 50.78
C LEU F 719 77.84 -5.77 51.83
N VAL F 720 78.27 -6.81 52.55
CA VAL F 720 77.45 -7.33 53.62
C VAL F 720 77.69 -6.55 54.91
N ARG F 721 78.96 -6.37 55.29
CA ARG F 721 79.29 -5.79 56.58
C ARG F 721 79.05 -4.29 56.63
N VAL F 722 78.98 -3.62 55.47
CA VAL F 722 78.71 -2.19 55.45
C VAL F 722 77.22 -1.91 55.39
N SER F 723 76.44 -2.78 54.72
CA SER F 723 74.99 -2.67 54.67
C SER F 723 74.37 -2.74 56.06
N LYS F 724 74.82 -3.71 56.83
CA LYS F 724 74.42 -3.81 58.23
C LYS F 724 75.30 -2.88 59.06
N GLU F 725 74.77 -2.44 60.19
CA GLU F 725 75.52 -1.80 61.28
C GLU F 725 76.20 -0.50 60.85
N SER F 726 75.53 0.25 59.98
CA SER F 726 75.99 1.59 59.62
C SER F 726 75.48 2.64 60.60
N LEU F 727 74.87 2.21 61.70
CA LEU F 727 74.32 3.08 62.73
C LEU F 727 75.35 3.48 63.79
N TYR F 728 76.63 3.39 63.48
CA TYR F 728 77.66 3.62 64.48
C TYR F 728 77.83 5.10 64.79
N GLN F 729 77.69 5.96 63.78
CA GLN F 729 77.84 7.39 64.00
C GLN F 729 76.52 8.00 64.48
N PRO G 201 -26.84 -41.12 -1.47
CA PRO G 201 -27.15 -42.51 -1.17
C PRO G 201 -25.99 -43.47 -1.41
N ASN G 202 -25.42 -44.01 -0.33
CA ASN G 202 -24.20 -44.82 -0.40
C ASN G 202 -24.48 -46.31 -0.54
N VAL G 203 -25.74 -46.75 -0.42
CA VAL G 203 -26.05 -48.16 -0.55
C VAL G 203 -25.99 -48.58 -2.03
N SER G 204 -25.98 -47.60 -2.94
CA SER G 204 -25.86 -47.83 -4.38
C SER G 204 -24.54 -48.51 -4.78
N ARG G 205 -23.55 -48.52 -3.89
CA ARG G 205 -22.42 -49.44 -4.03
C ARG G 205 -22.87 -50.88 -4.20
N THR G 206 -23.82 -51.33 -3.38
CA THR G 206 -24.40 -52.66 -3.57
C THR G 206 -25.20 -52.73 -4.86
N ILE G 207 -25.76 -51.60 -5.29
CA ILE G 207 -26.49 -51.56 -6.54
C ILE G 207 -25.51 -51.41 -7.70
N ALA G 208 -24.30 -50.91 -7.43
CA ALA G 208 -23.26 -50.86 -8.46
C ALA G 208 -22.83 -52.27 -8.86
N ARG G 209 -22.95 -53.22 -7.94
CA ARG G 209 -22.86 -54.63 -8.29
C ARG G 209 -24.00 -55.08 -9.19
N GLU G 210 -25.19 -54.49 -9.02
CA GLU G 210 -26.38 -55.03 -9.67
C GLU G 210 -26.42 -54.65 -11.14
N LEU G 211 -25.68 -53.62 -11.54
CA LEU G 211 -25.69 -53.20 -12.94
C LEU G 211 -24.76 -54.05 -13.80
N LYS G 212 -23.87 -54.82 -13.19
CA LYS G 212 -23.17 -55.85 -13.94
C LYS G 212 -23.80 -57.22 -13.74
N SER G 213 -24.72 -57.33 -12.78
CA SER G 213 -25.65 -58.45 -12.69
C SER G 213 -26.71 -58.41 -13.78
N PHE G 214 -26.82 -57.32 -14.51
CA PHE G 214 -27.64 -57.23 -15.70
C PHE G 214 -26.80 -57.31 -16.97
N LEU G 215 -25.55 -56.87 -16.91
CA LEU G 215 -24.76 -56.60 -18.11
C LEU G 215 -24.37 -57.87 -18.85
N LEU G 216 -23.54 -58.70 -18.21
CA LEU G 216 -22.79 -59.71 -18.91
C LEU G 216 -23.50 -61.05 -18.99
N GLU G 217 -24.78 -61.12 -18.63
CA GLU G 217 -25.52 -62.36 -18.73
C GLU G 217 -26.94 -62.15 -19.26
N TYR G 218 -27.13 -61.16 -20.11
CA TYR G 218 -28.41 -60.96 -20.79
C TYR G 218 -28.57 -62.05 -21.84
N THR G 219 -29.20 -63.15 -21.45
CA THR G 219 -29.32 -64.34 -22.28
C THR G 219 -30.69 -64.36 -22.97
N ASP G 220 -30.70 -64.04 -24.25
CA ASP G 220 -31.94 -64.06 -25.02
C ASP G 220 -31.58 -64.35 -26.48
N GLU G 221 -32.36 -65.24 -27.10
CA GLU G 221 -32.11 -65.77 -28.45
C GLU G 221 -30.72 -66.41 -28.53
N THR G 222 -30.61 -67.52 -27.80
CA THR G 222 -29.41 -68.35 -27.64
C THR G 222 -28.28 -67.53 -27.04
N GLY G 223 -28.46 -67.14 -25.79
CA GLY G 223 -27.43 -66.40 -25.08
C GLY G 223 -27.38 -64.97 -25.57
N ARG G 224 -26.22 -64.62 -26.15
CA ARG G 224 -25.99 -63.37 -26.88
C ARG G 224 -26.24 -62.15 -25.99
N SER G 225 -25.42 -62.04 -24.95
CA SER G 225 -25.27 -60.74 -24.32
C SER G 225 -24.49 -59.88 -25.29
N VAL G 226 -25.21 -59.11 -26.11
CA VAL G 226 -24.60 -58.32 -27.18
C VAL G 226 -23.81 -57.17 -26.58
N TYR G 227 -24.16 -56.78 -25.36
CA TYR G 227 -23.46 -55.74 -24.62
C TYR G 227 -22.00 -56.12 -24.38
N GLY G 228 -21.77 -57.32 -23.85
CA GLY G 228 -20.41 -57.83 -23.74
C GLY G 228 -19.78 -58.11 -25.10
N ALA G 229 -20.61 -58.46 -26.08
CA ALA G 229 -20.11 -58.62 -27.43
C ALA G 229 -19.74 -57.27 -28.05
N ARG G 230 -20.36 -56.20 -27.56
CA ARG G 230 -20.05 -54.88 -28.07
C ARG G 230 -18.69 -54.39 -27.58
N ILE G 231 -18.38 -54.66 -26.31
CA ILE G 231 -17.31 -53.96 -25.61
C ILE G 231 -15.94 -54.33 -26.18
N ARG G 232 -15.77 -55.59 -26.54
CA ARG G 232 -14.48 -56.05 -27.09
C ARG G 232 -14.21 -55.43 -28.45
N THR G 233 -15.26 -55.01 -29.16
CA THR G 233 -15.06 -54.30 -30.41
C THR G 233 -14.86 -52.81 -30.16
N LEU G 234 -15.32 -52.31 -29.01
CA LEU G 234 -15.19 -50.90 -28.70
C LEU G 234 -13.74 -50.53 -28.44
N GLY G 235 -13.06 -51.30 -27.58
CA GLY G 235 -11.65 -51.04 -27.32
C GLY G 235 -10.77 -51.42 -28.50
N GLU G 236 -11.29 -52.25 -29.40
CA GLU G 236 -10.62 -52.46 -30.69
C GLU G 236 -10.59 -51.17 -31.50
N MET G 237 -11.68 -50.42 -31.47
CA MET G 237 -11.73 -49.14 -32.17
C MET G 237 -11.13 -48.02 -31.35
N ASN G 238 -10.89 -48.27 -30.05
CA ASN G 238 -10.61 -47.24 -29.04
C ASN G 238 -11.70 -46.18 -29.04
N SER G 239 -12.95 -46.63 -29.12
CA SER G 239 -14.07 -45.77 -29.46
C SER G 239 -14.49 -44.86 -28.32
N GLU G 240 -14.15 -45.22 -27.07
CA GLU G 240 -14.50 -44.57 -25.80
C GLU G 240 -15.95 -44.09 -25.72
N SER G 241 -16.86 -44.88 -26.29
CA SER G 241 -18.29 -44.60 -26.27
C SER G 241 -19.03 -45.92 -26.32
N LEU G 242 -20.13 -46.01 -25.59
CA LEU G 242 -20.83 -47.27 -25.41
C LEU G 242 -22.33 -47.04 -25.62
N GLU G 243 -22.98 -48.04 -26.21
CA GLU G 243 -24.41 -47.99 -26.47
C GLU G 243 -25.16 -48.80 -25.42
N VAL G 244 -26.26 -48.23 -24.94
CA VAL G 244 -27.18 -48.94 -24.05
C VAL G 244 -28.58 -48.85 -24.64
N ASN G 245 -29.19 -49.99 -24.91
CA ASN G 245 -30.62 -50.01 -25.16
C ASN G 245 -31.38 -49.75 -23.87
N TYR G 246 -32.20 -48.70 -23.90
CA TYR G 246 -33.10 -48.39 -22.80
C TYR G 246 -34.23 -49.41 -22.66
N ARG G 247 -34.49 -50.19 -23.71
CA ARG G 247 -35.54 -51.20 -23.67
C ARG G 247 -35.21 -52.34 -22.71
N HIS G 248 -33.97 -52.80 -22.71
CA HIS G 248 -33.62 -54.07 -22.08
C HIS G 248 -33.66 -54.00 -20.57
N LEU G 249 -33.39 -52.82 -20.00
CA LEU G 249 -33.31 -52.69 -18.56
C LEU G 249 -34.70 -52.78 -17.91
N ALA G 250 -35.75 -52.44 -18.66
CA ALA G 250 -37.10 -52.49 -18.13
C ALA G 250 -37.58 -53.91 -17.91
N GLU G 251 -37.06 -54.88 -18.67
CA GLU G 251 -37.53 -56.24 -18.55
C GLU G 251 -37.01 -56.90 -17.27
N SER G 252 -35.74 -56.74 -16.95
CA SER G 252 -35.18 -57.41 -15.79
C SER G 252 -35.50 -56.66 -14.50
N LYS G 253 -34.99 -55.43 -14.38
CA LYS G 253 -35.17 -54.63 -13.17
C LYS G 253 -35.49 -53.21 -13.60
N ALA G 254 -36.79 -52.90 -13.68
CA ALA G 254 -37.23 -51.61 -14.17
C ALA G 254 -37.17 -50.51 -13.11
N ILE G 255 -36.76 -50.85 -11.89
CA ILE G 255 -36.65 -49.83 -10.84
C ILE G 255 -35.51 -48.87 -11.14
N LEU G 256 -34.49 -49.33 -11.85
CA LEU G 256 -33.42 -48.45 -12.27
C LEU G 256 -33.85 -47.54 -13.41
N ALA G 257 -34.88 -47.94 -14.17
CA ALA G 257 -35.39 -47.08 -15.22
C ALA G 257 -36.10 -45.88 -14.62
N LEU G 258 -36.79 -46.09 -13.50
CA LEU G 258 -37.23 -44.97 -12.69
C LEU G 258 -36.06 -44.17 -12.14
N PHE G 259 -34.96 -44.85 -11.79
CA PHE G 259 -33.77 -44.19 -11.30
C PHE G 259 -32.95 -43.53 -12.40
N LEU G 260 -33.38 -43.71 -13.66
CA LEU G 260 -32.80 -42.99 -14.79
C LEU G 260 -33.54 -41.70 -15.10
N ALA G 261 -34.84 -41.78 -15.36
CA ALA G 261 -35.59 -40.61 -15.81
C ALA G 261 -35.74 -39.56 -14.73
N LYS G 262 -35.85 -39.96 -13.46
CA LYS G 262 -35.92 -38.97 -12.40
C LYS G 262 -34.55 -38.36 -12.14
N CYS G 263 -33.54 -39.21 -11.96
CA CYS G 263 -32.20 -38.75 -11.61
C CYS G 263 -31.21 -39.32 -12.60
N PRO G 264 -31.02 -38.68 -13.76
CA PRO G 264 -30.03 -39.18 -14.71
C PRO G 264 -28.61 -38.76 -14.41
N GLU G 265 -28.42 -37.76 -13.54
CA GLU G 265 -27.10 -37.16 -13.38
C GLU G 265 -26.15 -38.08 -12.64
N GLU G 266 -26.48 -38.43 -11.40
CA GLU G 266 -25.58 -39.27 -10.61
C GLU G 266 -25.74 -40.74 -11.00
N MET G 267 -26.79 -41.07 -11.76
CA MET G 267 -26.96 -42.43 -12.26
C MET G 267 -25.84 -42.82 -13.21
N LEU G 268 -25.43 -41.88 -14.06
CA LEU G 268 -24.42 -42.20 -15.06
C LEU G 268 -23.03 -42.18 -14.47
N LYS G 269 -22.81 -41.34 -13.45
CA LYS G 269 -21.49 -41.23 -12.85
C LYS G 269 -21.14 -42.45 -12.02
N ILE G 270 -22.14 -43.22 -11.60
CA ILE G 270 -21.89 -44.53 -11.01
C ILE G 270 -21.71 -45.51 -12.14
N PHE G 271 -22.39 -45.23 -13.27
CA PHE G 271 -22.52 -46.23 -14.32
C PHE G 271 -21.24 -46.38 -15.12
N ASP G 272 -20.52 -45.28 -15.35
CA ASP G 272 -19.38 -45.33 -16.25
C ASP G 272 -18.17 -46.02 -15.62
N LEU G 273 -17.93 -45.81 -14.33
CA LEU G 273 -16.71 -46.31 -13.70
C LEU G 273 -16.79 -47.81 -13.49
N VAL G 274 -17.98 -48.33 -13.22
CA VAL G 274 -18.15 -49.77 -13.11
C VAL G 274 -18.08 -50.41 -14.49
N ALA G 275 -18.47 -49.67 -15.53
CA ALA G 275 -18.28 -50.15 -16.89
C ALA G 275 -16.80 -50.17 -17.27
N MET G 276 -16.00 -49.30 -16.66
CA MET G 276 -14.58 -49.27 -16.94
C MET G 276 -13.89 -50.53 -16.44
N GLU G 277 -14.16 -50.92 -15.20
CA GLU G 277 -13.53 -52.11 -14.64
C GLU G 277 -14.05 -53.39 -15.28
N ALA G 278 -15.28 -53.38 -15.81
CA ALA G 278 -15.77 -54.54 -16.55
C ALA G 278 -15.12 -54.63 -17.91
N THR G 279 -14.55 -53.51 -18.38
CA THR G 279 -13.82 -53.53 -19.64
C THR G 279 -12.35 -53.83 -19.41
N GLU G 280 -11.78 -53.30 -18.32
CA GLU G 280 -10.35 -53.44 -18.10
C GLU G 280 -9.99 -54.84 -17.61
N LEU G 281 -10.97 -55.60 -17.12
CA LEU G 281 -10.75 -57.02 -16.94
C LEU G 281 -10.66 -57.76 -18.26
N HIS G 282 -11.19 -57.20 -19.34
CA HIS G 282 -11.11 -57.83 -20.65
C HIS G 282 -9.91 -57.35 -21.45
N TYR G 283 -9.63 -56.04 -21.46
CA TYR G 283 -8.44 -55.53 -22.09
C TYR G 283 -7.45 -55.09 -21.02
N PRO G 284 -6.23 -55.63 -21.03
CA PRO G 284 -5.35 -55.46 -19.87
C PRO G 284 -4.70 -54.10 -19.77
N ASP G 285 -4.52 -53.39 -20.88
CA ASP G 285 -3.80 -52.13 -20.88
C ASP G 285 -4.58 -51.03 -21.58
N TYR G 286 -5.90 -51.16 -21.61
CA TYR G 286 -6.72 -50.14 -22.27
C TYR G 286 -6.80 -48.86 -21.47
N ALA G 287 -6.65 -48.94 -20.15
CA ALA G 287 -6.61 -47.76 -19.30
C ALA G 287 -5.40 -46.88 -19.54
N ARG G 288 -4.38 -47.39 -20.23
CA ARG G 288 -3.23 -46.57 -20.60
C ARG G 288 -3.54 -45.69 -21.80
N ILE G 289 -4.71 -45.88 -22.42
CA ILE G 289 -5.02 -45.15 -23.65
C ILE G 289 -6.01 -44.02 -23.36
N HIS G 290 -7.22 -44.38 -22.92
CA HIS G 290 -8.27 -43.41 -22.66
C HIS G 290 -8.75 -43.45 -21.21
N SER G 291 -9.00 -44.66 -20.68
CA SER G 291 -9.40 -44.95 -19.31
C SER G 291 -10.74 -44.33 -18.91
N GLU G 292 -11.53 -43.85 -19.85
CA GLU G 292 -12.85 -43.31 -19.50
C GLU G 292 -13.77 -43.43 -20.69
N ILE G 293 -14.93 -44.05 -20.47
CA ILE G 293 -15.94 -44.26 -21.50
C ILE G 293 -17.24 -43.66 -21.01
N HIS G 294 -17.80 -42.74 -21.78
CA HIS G 294 -19.13 -42.21 -21.53
C HIS G 294 -20.12 -42.81 -22.53
N VAL G 295 -21.33 -43.04 -22.05
CA VAL G 295 -22.23 -44.01 -22.69
C VAL G 295 -23.39 -43.30 -23.36
N ARG G 296 -24.13 -44.08 -24.15
CA ARG G 296 -25.26 -43.60 -24.94
C ARG G 296 -26.50 -44.41 -24.62
N ILE G 297 -27.66 -43.75 -24.75
CA ILE G 297 -28.94 -44.36 -24.44
C ILE G 297 -29.79 -44.32 -25.70
N SER G 298 -30.43 -45.45 -26.03
CA SER G 298 -30.95 -45.68 -27.37
C SER G 298 -32.43 -45.28 -27.52
N ASP G 299 -33.32 -45.92 -26.77
CA ASP G 299 -34.75 -45.95 -27.11
C ASP G 299 -35.60 -45.51 -25.91
N PHE G 300 -35.83 -44.21 -25.80
CA PHE G 300 -36.61 -43.66 -24.72
C PHE G 300 -38.04 -43.49 -25.22
N PRO G 301 -39.00 -44.27 -24.75
CA PRO G 301 -40.25 -44.49 -25.49
C PRO G 301 -41.32 -43.43 -25.22
N THR G 302 -40.90 -42.16 -25.21
CA THR G 302 -41.83 -41.03 -25.20
C THR G 302 -41.08 -39.82 -25.78
N ILE G 303 -41.66 -39.21 -26.81
CA ILE G 303 -40.99 -38.17 -27.57
C ILE G 303 -41.78 -36.89 -27.43
N TYR G 304 -41.19 -35.90 -26.78
CA TYR G 304 -41.71 -34.54 -26.82
C TYR G 304 -40.87 -33.75 -27.82
N SER G 305 -41.50 -33.32 -28.90
CA SER G 305 -40.78 -32.60 -29.96
C SER G 305 -40.25 -31.26 -29.47
N LEU G 306 -41.14 -30.32 -29.21
CA LEU G 306 -40.77 -28.99 -28.72
C LEU G 306 -41.88 -28.51 -27.79
N ARG G 307 -41.73 -27.26 -27.32
CA ARG G 307 -42.74 -26.36 -26.76
C ARG G 307 -43.49 -26.93 -25.56
N GLU G 308 -43.07 -28.06 -25.01
CA GLU G 308 -43.77 -28.67 -23.88
C GLU G 308 -42.87 -28.76 -22.66
N LEU G 309 -41.84 -27.93 -22.59
CA LEU G 309 -40.92 -27.97 -21.46
C LEU G 309 -41.55 -27.32 -20.24
N ARG G 310 -41.49 -28.01 -19.10
CA ARG G 310 -41.99 -27.43 -17.86
C ARG G 310 -40.91 -27.49 -16.79
N GLU G 311 -41.26 -27.03 -15.59
CA GLU G 311 -40.37 -27.18 -14.45
C GLU G 311 -40.24 -28.63 -14.03
N SER G 312 -41.18 -29.49 -14.41
CA SER G 312 -41.09 -30.92 -14.18
C SER G 312 -40.20 -31.63 -15.17
N ASN G 313 -39.53 -30.89 -16.06
CA ASN G 313 -38.66 -31.48 -17.06
C ASN G 313 -37.19 -31.24 -16.78
N LEU G 314 -36.86 -30.35 -15.86
CA LEU G 314 -35.46 -30.08 -15.55
C LEU G 314 -34.89 -31.23 -14.73
N SER G 315 -33.58 -31.46 -14.93
CA SER G 315 -32.82 -32.56 -14.33
C SER G 315 -33.44 -33.91 -14.69
N SER G 316 -33.89 -34.03 -15.94
CA SER G 316 -34.43 -35.28 -16.43
C SER G 316 -34.05 -35.50 -17.88
N LEU G 317 -34.19 -36.74 -18.35
CA LEU G 317 -33.83 -37.09 -19.71
C LEU G 317 -35.05 -36.87 -20.59
N VAL G 318 -34.88 -36.09 -21.64
CA VAL G 318 -35.95 -35.80 -22.58
C VAL G 318 -35.53 -36.28 -23.95
N ARG G 319 -36.40 -37.03 -24.63
CA ARG G 319 -36.17 -37.45 -26.00
C ARG G 319 -36.69 -36.39 -26.94
N VAL G 320 -35.78 -35.77 -27.68
CA VAL G 320 -36.04 -34.53 -28.42
C VAL G 320 -35.71 -34.75 -29.88
N THR G 321 -36.62 -34.33 -30.76
CA THR G 321 -36.35 -34.22 -32.18
C THR G 321 -36.23 -32.75 -32.57
N GLY G 322 -35.81 -32.52 -33.81
CA GLY G 322 -35.69 -31.15 -34.27
C GLY G 322 -34.90 -31.07 -35.56
N VAL G 323 -34.58 -29.85 -35.94
CA VAL G 323 -33.91 -29.52 -37.19
C VAL G 323 -32.61 -28.80 -36.86
N VAL G 324 -31.52 -29.20 -37.52
CA VAL G 324 -30.21 -28.62 -37.27
C VAL G 324 -30.17 -27.19 -37.79
N THR G 325 -30.06 -26.24 -36.87
CA THR G 325 -29.90 -24.84 -37.21
C THR G 325 -28.39 -24.56 -37.23
N ARG G 326 -27.98 -23.29 -37.25
CA ARG G 326 -26.57 -22.93 -37.32
C ARG G 326 -25.83 -23.32 -36.04
N ARG G 327 -24.51 -23.32 -36.13
CA ARG G 327 -23.67 -23.67 -34.99
C ARG G 327 -22.40 -22.83 -35.05
N THR G 328 -21.46 -23.16 -34.16
CA THR G 328 -20.18 -22.47 -34.04
C THR G 328 -19.05 -23.45 -34.37
N GLY G 329 -17.83 -22.99 -34.16
CA GLY G 329 -16.67 -23.85 -34.29
C GLY G 329 -16.47 -24.73 -33.08
N VAL G 330 -15.28 -25.33 -32.96
CA VAL G 330 -15.00 -26.27 -31.88
C VAL G 330 -13.95 -25.63 -31.00
N PHE G 331 -14.22 -25.57 -29.72
CA PHE G 331 -13.36 -24.88 -28.77
C PHE G 331 -12.83 -25.86 -27.73
N PRO G 332 -11.67 -25.58 -27.15
CA PRO G 332 -11.18 -26.42 -26.06
C PRO G 332 -11.76 -26.01 -24.71
N GLN G 333 -11.96 -27.02 -23.86
CA GLN G 333 -12.39 -26.83 -22.49
C GLN G 333 -11.60 -27.79 -21.62
N LEU G 334 -11.23 -27.33 -20.43
CA LEU G 334 -10.44 -28.11 -19.48
C LEU G 334 -11.13 -29.40 -19.07
N LYS G 335 -10.33 -30.44 -18.88
CA LYS G 335 -10.74 -31.72 -18.33
C LYS G 335 -9.95 -32.06 -17.08
N TYR G 336 -8.63 -31.94 -17.12
CA TYR G 336 -7.78 -32.05 -15.94
C TYR G 336 -7.06 -30.74 -15.71
N VAL G 337 -7.16 -30.21 -14.50
CA VAL G 337 -6.70 -28.87 -14.18
C VAL G 337 -5.54 -28.97 -13.21
N LYS G 338 -4.43 -28.33 -13.57
CA LYS G 338 -3.27 -28.22 -12.69
C LYS G 338 -3.00 -26.75 -12.43
N PHE G 339 -2.61 -26.44 -11.20
CA PHE G 339 -2.18 -25.10 -10.88
C PHE G 339 -0.68 -25.10 -10.59
N ASN G 340 -0.13 -23.92 -10.39
CA ASN G 340 1.25 -23.80 -9.96
C ASN G 340 1.39 -22.62 -9.01
N CYS G 341 1.80 -22.91 -7.78
CA CYS G 341 1.93 -21.86 -6.78
C CYS G 341 3.21 -21.08 -7.01
N LEU G 342 3.05 -19.85 -7.48
CA LEU G 342 4.18 -18.98 -7.79
C LEU G 342 4.97 -18.61 -6.54
N LYS G 343 4.32 -18.63 -5.38
CA LYS G 343 5.04 -18.44 -4.13
C LYS G 343 5.90 -19.66 -3.82
N CYS G 344 5.27 -20.82 -3.62
CA CYS G 344 6.00 -22.01 -3.16
C CYS G 344 6.40 -22.90 -4.33
N GLY G 345 7.08 -22.33 -5.33
CA GLY G 345 7.76 -23.13 -6.33
C GLY G 345 6.90 -23.86 -7.35
N SER G 346 6.83 -25.18 -7.22
CA SER G 346 6.35 -26.06 -8.28
C SER G 346 4.82 -26.12 -8.28
N ILE G 347 4.30 -27.11 -9.02
CA ILE G 347 2.89 -27.18 -9.35
C ILE G 347 2.05 -27.61 -8.16
N LEU G 348 0.74 -27.45 -8.28
CA LEU G 348 -0.21 -28.00 -7.31
C LEU G 348 -0.51 -29.47 -7.58
N GLY G 349 -1.12 -29.77 -8.71
CA GLY G 349 -1.52 -31.12 -9.01
C GLY G 349 -2.79 -31.19 -9.84
N PRO G 350 -3.10 -32.37 -10.35
CA PRO G 350 -4.29 -32.51 -11.21
C PRO G 350 -5.57 -32.49 -10.40
N PHE G 351 -6.62 -31.94 -11.03
CA PHE G 351 -7.95 -31.89 -10.45
C PHE G 351 -8.98 -32.12 -11.55
N PHE G 352 -10.21 -32.40 -11.14
CA PHE G 352 -11.27 -32.84 -12.03
C PHE G 352 -12.08 -31.65 -12.52
N GLN G 353 -12.53 -31.72 -13.78
CA GLN G 353 -13.37 -30.66 -14.33
C GLN G 353 -14.81 -30.85 -13.89
N ASP G 354 -15.23 -30.07 -12.90
CA ASP G 354 -16.62 -30.04 -12.50
C ASP G 354 -17.47 -29.43 -13.61
N SER G 355 -18.73 -29.83 -13.66
CA SER G 355 -19.64 -29.39 -14.73
C SER G 355 -20.05 -27.95 -14.44
N ASN G 356 -19.77 -27.07 -15.38
CA ASN G 356 -20.14 -25.65 -15.44
C ASN G 356 -19.64 -24.84 -14.24
N GLU G 357 -18.55 -25.24 -13.59
CA GLU G 357 -18.01 -24.48 -12.48
C GLU G 357 -16.49 -24.62 -12.49
N GLU G 358 -15.82 -23.60 -11.95
CA GLU G 358 -14.37 -23.61 -11.89
C GLU G 358 -13.88 -24.35 -10.66
N ILE G 359 -12.57 -24.56 -10.59
CA ILE G 359 -12.00 -25.31 -9.47
C ILE G 359 -11.66 -24.36 -8.32
N ARG G 360 -10.69 -23.46 -8.54
CA ARG G 360 -10.24 -22.44 -7.59
C ARG G 360 -9.79 -23.05 -6.26
N ILE G 361 -8.70 -23.82 -6.32
CA ILE G 361 -8.06 -24.38 -5.13
C ILE G 361 -7.44 -23.24 -4.35
N SER G 362 -7.70 -23.19 -3.04
CA SER G 362 -7.39 -21.99 -2.26
C SER G 362 -5.92 -21.91 -1.86
N PHE G 363 -5.47 -22.81 -1.00
CA PHE G 363 -4.12 -22.73 -0.45
C PHE G 363 -3.73 -24.07 0.17
N CYS G 364 -2.67 -24.67 -0.34
CA CYS G 364 -2.10 -25.92 0.18
C CYS G 364 -0.69 -26.04 -0.37
N THR G 365 0.09 -26.93 0.27
CA THR G 365 1.50 -27.23 -0.03
C THR G 365 2.40 -25.99 0.02
N ASN G 366 1.95 -24.97 0.73
CA ASN G 366 2.67 -23.74 1.03
C ASN G 366 2.39 -23.33 2.46
N CYS G 367 2.33 -24.36 3.33
CA CYS G 367 1.75 -24.29 4.68
C CYS G 367 0.30 -23.81 4.65
N LYS G 368 -0.42 -24.17 3.56
CA LYS G 368 -1.84 -23.89 3.35
C LYS G 368 -2.16 -22.41 3.45
N SER G 369 -1.24 -21.57 3.01
CA SER G 369 -1.38 -20.12 3.06
C SER G 369 -0.94 -19.54 1.73
N LYS G 370 -1.01 -18.21 1.65
CA LYS G 370 -0.65 -17.43 0.46
C LYS G 370 -1.47 -17.89 -0.75
N GLY G 371 -2.78 -17.59 -0.69
CA GLY G 371 -3.77 -18.18 -1.55
C GLY G 371 -3.69 -17.87 -3.04
N PRO G 372 -2.71 -17.07 -3.49
CA PRO G 372 -2.57 -16.84 -4.94
C PRO G 372 -2.25 -18.09 -5.75
N PHE G 373 -2.89 -18.22 -6.92
CA PHE G 373 -2.69 -19.36 -7.80
C PHE G 373 -2.95 -18.92 -9.23
N ARG G 374 -2.65 -19.82 -10.18
CA ARG G 374 -2.98 -19.61 -11.58
C ARG G 374 -2.93 -20.97 -12.29
N VAL G 375 -3.74 -21.12 -13.34
CA VAL G 375 -3.64 -22.30 -14.19
C VAL G 375 -2.40 -22.20 -15.06
N ASN G 376 -1.61 -23.27 -15.06
CA ASN G 376 -0.47 -23.33 -15.96
C ASN G 376 -0.91 -23.70 -17.37
N GLY G 377 -0.11 -23.31 -18.35
CA GLY G 377 -0.43 -23.62 -19.73
C GLY G 377 -0.28 -25.07 -20.10
N GLU G 378 0.87 -25.67 -19.83
CA GLU G 378 1.13 -27.07 -20.15
C GLU G 378 0.47 -27.96 -19.11
N LYS G 379 0.55 -29.27 -19.38
CA LYS G 379 0.12 -30.34 -18.49
C LYS G 379 -1.36 -30.28 -18.14
N THR G 380 -2.17 -29.62 -18.95
CA THR G 380 -3.60 -29.54 -18.72
C THR G 380 -4.31 -30.21 -19.88
N VAL G 381 -4.84 -31.40 -19.64
CA VAL G 381 -5.51 -32.13 -20.71
C VAL G 381 -6.92 -31.55 -20.87
N TYR G 382 -7.25 -31.19 -22.10
CA TYR G 382 -8.50 -30.49 -22.37
C TYR G 382 -9.57 -31.42 -22.92
N ARG G 383 -10.66 -30.81 -23.37
CA ARG G 383 -11.79 -31.50 -23.95
C ARG G 383 -12.47 -30.55 -24.92
N ASN G 384 -12.75 -31.02 -26.12
CA ASN G 384 -13.33 -30.19 -27.16
C ASN G 384 -14.81 -29.87 -26.88
N TYR G 385 -15.17 -28.62 -27.16
CA TYR G 385 -16.44 -28.03 -26.76
C TYR G 385 -17.10 -27.38 -27.97
N GLN G 386 -18.43 -27.46 -28.01
CA GLN G 386 -19.18 -26.90 -29.13
C GLN G 386 -20.65 -26.74 -28.72
N ARG G 387 -21.24 -25.62 -29.12
CA ARG G 387 -22.65 -25.33 -28.86
C ARG G 387 -23.37 -25.21 -30.19
N VAL G 388 -24.61 -25.70 -30.24
CA VAL G 388 -25.37 -25.80 -31.49
C VAL G 388 -26.76 -25.25 -31.24
N THR G 389 -27.22 -24.36 -32.12
CA THR G 389 -28.60 -23.90 -32.11
C THR G 389 -29.50 -24.92 -32.80
N LEU G 390 -30.74 -25.00 -32.32
CA LEU G 390 -31.73 -25.89 -32.88
C LEU G 390 -33.08 -25.19 -32.87
N GLN G 391 -33.86 -25.40 -33.92
CA GLN G 391 -35.19 -24.80 -34.02
C GLN G 391 -36.23 -25.87 -34.31
N GLU G 392 -37.49 -25.46 -34.22
CA GLU G 392 -38.62 -26.34 -34.36
C GLU G 392 -38.78 -26.77 -35.82
N ALA G 393 -39.34 -27.96 -36.02
CA ALA G 393 -39.48 -28.50 -37.36
C ALA G 393 -40.56 -27.76 -38.13
N PRO G 394 -40.22 -27.12 -39.25
CA PRO G 394 -41.21 -26.29 -39.97
C PRO G 394 -42.27 -27.07 -40.71
N GLY G 395 -42.12 -28.37 -40.87
CA GLY G 395 -43.10 -29.14 -41.63
C GLY G 395 -44.35 -29.48 -40.86
N THR G 396 -44.17 -29.89 -39.60
CA THR G 396 -45.26 -30.40 -38.79
C THR G 396 -45.73 -29.41 -37.73
N VAL G 397 -45.78 -28.14 -38.09
CA VAL G 397 -46.21 -27.09 -37.16
C VAL G 397 -47.71 -27.22 -36.96
N PRO G 398 -48.22 -27.12 -35.73
CA PRO G 398 -49.67 -26.97 -35.55
C PRO G 398 -50.12 -25.65 -36.12
N PRO G 399 -51.33 -25.58 -36.69
CA PRO G 399 -51.64 -24.53 -37.67
C PRO G 399 -51.73 -23.13 -37.07
N GLY G 400 -50.85 -22.25 -37.54
CA GLY G 400 -50.81 -20.87 -37.14
C GLY G 400 -49.66 -20.52 -36.22
N ARG G 401 -49.09 -21.50 -35.51
CA ARG G 401 -48.07 -21.24 -34.50
C ARG G 401 -46.72 -21.03 -35.17
N LEU G 402 -45.71 -20.73 -34.35
CA LEU G 402 -44.41 -20.29 -34.83
C LEU G 402 -43.29 -21.12 -34.23
N PRO G 403 -42.21 -21.32 -34.98
CA PRO G 403 -41.07 -22.08 -34.43
C PRO G 403 -40.24 -21.25 -33.47
N ARG G 404 -39.62 -21.95 -32.51
CA ARG G 404 -38.79 -21.33 -31.49
C ARG G 404 -37.49 -22.10 -31.38
N HIS G 405 -36.58 -21.58 -30.55
CA HIS G 405 -35.21 -22.05 -30.52
C HIS G 405 -34.86 -22.65 -29.17
N ARG G 406 -33.74 -23.36 -29.12
CA ARG G 406 -33.22 -23.91 -27.88
C ARG G 406 -31.74 -24.19 -28.09
N GLU G 407 -30.95 -24.07 -27.02
CA GLU G 407 -29.51 -24.31 -27.11
C GLU G 407 -29.16 -25.76 -26.80
N VAL G 408 -28.23 -26.30 -27.60
CA VAL G 408 -27.73 -27.66 -27.43
C VAL G 408 -26.21 -27.58 -27.35
N ILE G 409 -25.62 -28.24 -26.36
CA ILE G 409 -24.19 -28.23 -26.13
C ILE G 409 -23.62 -29.60 -26.47
N LEU G 410 -22.60 -29.61 -27.33
CA LEU G 410 -21.89 -30.83 -27.68
C LEU G 410 -20.76 -31.12 -26.71
N LEU G 411 -20.35 -32.38 -26.68
CA LEU G 411 -19.25 -32.86 -25.86
C LEU G 411 -18.36 -33.73 -26.74
N ALA G 412 -17.46 -34.48 -26.09
CA ALA G 412 -16.19 -34.91 -26.67
C ALA G 412 -16.36 -35.80 -27.91
N ASP G 413 -16.99 -36.96 -27.75
CA ASP G 413 -17.23 -37.82 -28.90
C ASP G 413 -18.37 -37.33 -29.77
N LEU G 414 -19.12 -36.34 -29.31
CA LEU G 414 -20.25 -35.82 -30.04
C LEU G 414 -19.88 -34.68 -30.97
N VAL G 415 -18.58 -34.41 -31.16
CA VAL G 415 -18.16 -33.27 -31.97
C VAL G 415 -18.38 -33.57 -33.45
N ASP G 416 -19.12 -32.68 -34.12
CA ASP G 416 -19.28 -32.63 -35.58
C ASP G 416 -19.91 -33.90 -36.14
N VAL G 417 -21.12 -34.20 -35.68
CA VAL G 417 -21.92 -35.28 -36.23
C VAL G 417 -22.88 -34.77 -37.31
N SER G 418 -23.39 -33.56 -37.13
CA SER G 418 -24.39 -33.02 -38.05
C SER G 418 -23.73 -32.24 -39.18
N LYS G 419 -24.57 -31.52 -39.92
CA LYS G 419 -24.24 -30.74 -41.09
C LYS G 419 -25.45 -29.81 -41.18
N PRO G 420 -25.26 -28.51 -41.40
CA PRO G 420 -26.37 -27.57 -41.27
C PRO G 420 -27.42 -27.74 -42.37
N GLY G 421 -28.69 -27.75 -41.92
CA GLY G 421 -29.81 -27.99 -42.80
C GLY G 421 -30.38 -29.39 -42.73
N GLU G 422 -30.18 -30.10 -41.63
CA GLU G 422 -30.66 -31.46 -41.46
C GLU G 422 -31.54 -31.58 -40.23
N GLU G 423 -32.07 -32.77 -40.03
CA GLU G 423 -32.72 -33.09 -38.77
C GLU G 423 -31.72 -33.79 -37.85
N VAL G 424 -32.18 -34.05 -36.62
CA VAL G 424 -31.37 -34.76 -35.65
C VAL G 424 -32.31 -35.39 -34.62
N GLU G 425 -31.88 -36.48 -33.99
CA GLU G 425 -32.65 -37.10 -32.92
C GLU G 425 -31.73 -37.20 -31.71
N VAL G 426 -31.98 -36.39 -30.69
CA VAL G 426 -31.07 -36.28 -29.57
C VAL G 426 -31.74 -36.77 -28.30
N THR G 427 -30.91 -37.26 -27.38
CA THR G 427 -31.35 -37.66 -26.05
C THR G 427 -30.82 -36.59 -25.10
N GLY G 428 -31.70 -35.66 -24.72
CA GLY G 428 -31.28 -34.48 -24.01
C GLY G 428 -31.65 -34.52 -22.55
N ILE G 429 -30.74 -34.00 -21.73
CA ILE G 429 -31.08 -33.67 -20.36
C ILE G 429 -31.32 -32.17 -20.29
N TYR G 430 -32.27 -31.75 -19.46
CA TYR G 430 -32.80 -30.40 -19.51
C TYR G 430 -32.34 -29.64 -18.28
N LYS G 431 -31.58 -28.58 -18.52
CA LYS G 431 -31.01 -27.77 -17.46
C LYS G 431 -31.24 -26.29 -17.78
N ASN G 432 -30.55 -25.45 -17.02
CA ASN G 432 -30.44 -24.03 -17.33
C ASN G 432 -29.04 -23.59 -16.94
N ASN G 433 -28.64 -22.40 -17.38
CA ASN G 433 -27.42 -21.82 -16.86
C ASN G 433 -27.58 -21.47 -15.38
N TYR G 434 -26.45 -21.30 -14.69
CA TYR G 434 -26.50 -21.10 -13.24
C TYR G 434 -27.04 -19.72 -12.89
N ASP G 435 -26.29 -18.68 -13.26
CA ASP G 435 -26.68 -17.29 -13.12
C ASP G 435 -25.62 -16.45 -13.84
N GLY G 436 -26.07 -15.33 -14.39
CA GLY G 436 -25.11 -14.30 -14.73
C GLY G 436 -25.46 -12.95 -14.16
N ASN G 437 -24.72 -12.55 -13.12
CA ASN G 437 -24.63 -11.18 -12.62
C ASN G 437 -25.98 -10.60 -12.21
N LEU G 438 -26.55 -11.14 -11.13
CA LEU G 438 -27.76 -10.55 -10.55
C LEU G 438 -27.50 -9.12 -10.08
N ASN G 439 -28.30 -8.19 -10.59
CA ASN G 439 -28.20 -6.79 -10.22
C ASN G 439 -29.60 -6.21 -10.06
N ALA G 440 -29.67 -4.90 -10.05
CA ALA G 440 -30.96 -4.22 -10.02
C ALA G 440 -31.64 -4.33 -11.38
N LYS G 441 -32.70 -5.11 -11.42
CA LYS G 441 -33.47 -5.38 -12.63
C LYS G 441 -34.93 -5.47 -12.22
N ASN G 442 -35.73 -6.07 -13.09
CA ASN G 442 -37.08 -6.45 -12.71
C ASN G 442 -37.04 -7.51 -11.61
N GLY G 443 -38.10 -7.56 -10.81
CA GLY G 443 -38.17 -8.57 -9.76
C GLY G 443 -38.39 -9.97 -10.31
N PHE G 444 -38.80 -10.07 -11.57
CA PHE G 444 -39.07 -11.34 -12.19
C PHE G 444 -37.76 -12.03 -12.58
N PRO G 445 -37.48 -13.22 -12.06
CA PRO G 445 -36.24 -13.91 -12.42
C PRO G 445 -36.32 -14.49 -13.82
N VAL G 446 -35.34 -14.15 -14.66
CA VAL G 446 -35.32 -14.58 -16.04
C VAL G 446 -34.13 -15.51 -16.24
N PHE G 447 -34.39 -16.81 -16.28
CA PHE G 447 -33.35 -17.82 -16.44
C PHE G 447 -33.56 -18.58 -17.74
N ALA G 448 -32.60 -18.47 -18.66
CA ALA G 448 -32.68 -19.21 -19.90
C ALA G 448 -32.24 -20.65 -19.68
N THR G 449 -32.93 -21.57 -20.36
CA THR G 449 -32.76 -22.99 -20.15
C THR G 449 -31.94 -23.59 -21.29
N ILE G 450 -31.07 -24.53 -20.92
CA ILE G 450 -30.11 -25.13 -21.85
C ILE G 450 -30.31 -26.63 -21.81
N ILE G 451 -30.36 -27.26 -22.98
CA ILE G 451 -30.42 -28.72 -23.07
C ILE G 451 -29.02 -29.22 -23.41
N GLU G 452 -28.49 -30.10 -22.58
CA GLU G 452 -27.33 -30.89 -22.96
C GLU G 452 -27.82 -32.24 -23.45
N ALA G 453 -27.24 -32.74 -24.53
CA ALA G 453 -27.71 -34.00 -25.09
C ALA G 453 -26.65 -35.08 -24.99
N ASN G 454 -27.11 -36.33 -24.90
CA ASN G 454 -26.20 -37.47 -24.90
C ASN G 454 -26.09 -38.16 -26.25
N SER G 455 -27.17 -38.64 -26.85
CA SER G 455 -27.05 -39.48 -28.02
C SER G 455 -27.62 -38.75 -29.23
N ILE G 456 -26.73 -38.26 -30.08
CA ILE G 456 -27.09 -37.58 -31.32
C ILE G 456 -27.29 -38.63 -32.40
N LYS G 457 -28.48 -38.65 -32.99
CA LYS G 457 -28.83 -39.62 -34.02
C LYS G 457 -29.53 -38.92 -35.17
N ARG G 458 -29.39 -39.52 -36.36
CA ARG G 458 -30.10 -39.04 -37.52
C ARG G 458 -31.54 -39.54 -37.46
N ARG G 459 -32.47 -38.70 -37.93
CA ARG G 459 -33.87 -39.09 -38.01
C ARG G 459 -34.06 -40.16 -39.08
N GLU G 460 -34.94 -41.11 -38.80
CA GLU G 460 -35.29 -42.18 -39.72
C GLU G 460 -35.95 -41.68 -41.00
N VAL G 473 -19.44 -41.16 -47.78
CA VAL G 473 -20.22 -42.18 -47.08
C VAL G 473 -20.40 -43.37 -48.02
N PHE G 474 -20.19 -43.12 -49.31
CA PHE G 474 -20.33 -44.14 -50.34
C PHE G 474 -18.99 -44.30 -51.04
N SER G 475 -18.59 -45.56 -51.23
CA SER G 475 -17.34 -45.87 -51.91
C SER G 475 -17.47 -47.26 -52.50
N TRP G 476 -16.35 -47.83 -52.95
CA TRP G 476 -16.31 -49.15 -53.55
C TRP G 476 -15.78 -50.16 -52.56
N THR G 477 -16.00 -51.43 -52.87
CA THR G 477 -15.51 -52.55 -52.08
C THR G 477 -14.96 -53.60 -53.07
N GLU G 478 -14.32 -54.66 -52.54
CA GLU G 478 -13.79 -55.74 -53.36
C GLU G 478 -14.87 -56.47 -54.14
N GLU G 479 -15.97 -56.82 -53.47
CA GLU G 479 -17.11 -57.39 -54.17
C GLU G 479 -17.80 -56.37 -55.05
N GLU G 480 -17.61 -55.08 -54.78
CA GLU G 480 -18.19 -54.01 -55.58
C GLU G 480 -17.30 -53.58 -56.73
N GLU G 481 -16.02 -53.97 -56.73
CA GLU G 481 -15.16 -53.69 -57.87
C GLU G 481 -15.03 -54.89 -58.81
N ARG G 482 -15.47 -56.07 -58.40
CA ARG G 482 -15.47 -57.22 -59.30
C ARG G 482 -16.83 -57.44 -59.95
N GLU G 483 -17.91 -57.11 -59.25
CA GLU G 483 -19.24 -57.02 -59.86
C GLU G 483 -19.32 -55.82 -60.79
N PHE G 484 -18.49 -54.81 -60.52
CA PHE G 484 -18.26 -53.68 -61.42
C PHE G 484 -17.93 -54.13 -62.82
N ARG G 485 -17.02 -55.11 -62.95
CA ARG G 485 -16.56 -55.55 -64.25
C ARG G 485 -17.59 -56.39 -64.99
N LYS G 486 -18.62 -56.86 -64.30
CA LYS G 486 -19.67 -57.64 -64.98
C LYS G 486 -20.54 -56.75 -65.85
N ILE G 487 -20.70 -55.47 -65.47
CA ILE G 487 -21.45 -54.56 -66.31
C ILE G 487 -20.56 -53.97 -67.40
N SER G 488 -19.33 -53.57 -67.06
CA SER G 488 -18.47 -52.79 -67.95
C SER G 488 -17.95 -53.59 -69.14
N ARG G 489 -18.13 -54.92 -69.15
CA ARG G 489 -17.76 -55.74 -70.29
C ARG G 489 -18.78 -55.68 -71.42
N ASP G 490 -19.96 -55.15 -71.17
CA ASP G 490 -21.07 -55.32 -72.10
C ASP G 490 -21.04 -54.24 -73.19
N ARG G 491 -21.98 -54.38 -74.13
CA ARG G 491 -22.11 -53.42 -75.23
C ARG G 491 -23.28 -52.46 -75.05
N GLY G 492 -24.45 -52.97 -74.67
CA GLY G 492 -25.65 -52.16 -74.58
C GLY G 492 -25.79 -51.37 -73.30
N ILE G 493 -24.67 -50.97 -72.72
CA ILE G 493 -24.69 -50.16 -71.50
C ILE G 493 -24.98 -48.71 -71.82
N ILE G 494 -24.98 -48.34 -73.11
CA ILE G 494 -25.11 -46.94 -73.49
C ILE G 494 -26.52 -46.44 -73.22
N ASP G 495 -27.53 -47.09 -73.81
CA ASP G 495 -28.91 -46.75 -73.56
C ASP G 495 -29.34 -47.08 -72.13
N LYS G 496 -28.72 -48.10 -71.52
CA LYS G 496 -29.13 -48.53 -70.19
C LYS G 496 -28.77 -47.49 -69.14
N ILE G 497 -27.68 -46.75 -69.37
CA ILE G 497 -27.39 -45.57 -68.55
C ILE G 497 -28.49 -44.53 -68.71
N ILE G 498 -28.89 -44.26 -69.96
CA ILE G 498 -29.98 -43.32 -70.23
C ILE G 498 -31.30 -43.90 -69.73
N SER G 499 -31.47 -45.22 -69.81
CA SER G 499 -32.67 -45.86 -69.28
C SER G 499 -32.75 -45.80 -67.76
N SER G 500 -31.64 -45.54 -67.07
CA SER G 500 -31.62 -45.39 -65.64
C SER G 500 -31.48 -43.94 -65.19
N MET G 501 -31.53 -42.98 -66.11
CA MET G 501 -31.26 -41.59 -65.75
C MET G 501 -32.45 -40.94 -65.07
N ALA G 502 -33.54 -40.76 -65.80
CA ALA G 502 -34.70 -40.04 -65.29
C ALA G 502 -35.95 -40.59 -65.94
N PRO G 503 -36.57 -41.62 -65.35
CA PRO G 503 -37.82 -42.15 -65.92
C PRO G 503 -39.02 -41.24 -65.73
N SER G 504 -38.87 -40.11 -65.02
CA SER G 504 -39.95 -39.14 -64.92
C SER G 504 -40.20 -38.46 -66.26
N ILE G 505 -39.18 -37.79 -66.79
CA ILE G 505 -39.29 -37.18 -68.11
C ILE G 505 -39.21 -38.29 -69.15
N TYR G 506 -40.24 -38.40 -69.99
CA TYR G 506 -40.43 -39.61 -70.77
C TYR G 506 -39.51 -39.65 -71.99
N GLY G 507 -39.68 -38.72 -72.91
CA GLY G 507 -38.98 -38.81 -74.19
C GLY G 507 -37.57 -38.26 -74.14
N HIS G 508 -37.19 -37.57 -75.22
CA HIS G 508 -36.05 -36.65 -75.28
C HIS G 508 -34.72 -37.40 -75.08
N ARG G 509 -34.47 -38.35 -75.98
CA ARG G 509 -33.34 -39.27 -75.85
C ARG G 509 -32.00 -38.58 -76.01
N ASP G 510 -31.91 -37.56 -76.86
CA ASP G 510 -30.61 -36.94 -77.13
C ASP G 510 -30.16 -36.09 -75.95
N ILE G 511 -31.05 -35.27 -75.41
CA ILE G 511 -30.64 -34.33 -74.37
C ILE G 511 -30.42 -35.05 -73.05
N LYS G 512 -31.09 -36.20 -72.85
CA LYS G 512 -30.79 -37.02 -71.69
C LYS G 512 -29.43 -37.69 -71.84
N THR G 513 -29.04 -37.99 -73.07
CA THR G 513 -27.72 -38.57 -73.32
C THR G 513 -26.62 -37.55 -73.11
N ALA G 514 -26.89 -36.29 -73.48
CA ALA G 514 -25.88 -35.24 -73.34
C ALA G 514 -25.59 -34.89 -71.89
N VAL G 515 -26.62 -34.94 -71.03
CA VAL G 515 -26.40 -34.78 -69.61
C VAL G 515 -25.62 -35.96 -69.05
N ALA G 516 -25.92 -37.16 -69.55
CA ALA G 516 -25.19 -38.36 -69.14
C ALA G 516 -23.73 -38.29 -69.54
N CYS G 517 -23.44 -37.62 -70.66
CA CYS G 517 -22.05 -37.48 -71.09
C CYS G 517 -21.33 -36.37 -70.33
N SER G 518 -22.04 -35.31 -69.95
CA SER G 518 -21.41 -34.11 -69.45
C SER G 518 -20.81 -34.31 -68.06
N LEU G 519 -21.61 -34.79 -67.12
CA LEU G 519 -21.13 -35.11 -65.78
C LEU G 519 -20.16 -36.28 -65.77
N PHE G 520 -20.15 -37.11 -66.81
CA PHE G 520 -19.34 -38.31 -66.84
C PHE G 520 -17.85 -38.00 -66.95
N GLY G 521 -17.49 -36.81 -67.41
CA GLY G 521 -16.15 -36.29 -67.24
C GLY G 521 -15.30 -36.39 -68.49
N GLY G 522 -14.22 -35.61 -68.47
CA GLY G 522 -13.24 -35.62 -69.54
C GLY G 522 -11.85 -35.59 -68.94
N VAL G 523 -10.86 -35.61 -69.82
CA VAL G 523 -9.45 -35.55 -69.44
C VAL G 523 -8.85 -34.29 -70.05
N PRO G 524 -8.17 -33.44 -69.27
CA PRO G 524 -7.59 -32.22 -69.85
C PRO G 524 -6.38 -32.48 -70.72
N LYS G 525 -5.53 -33.45 -70.35
CA LYS G 525 -4.26 -33.84 -70.99
C LYS G 525 -3.41 -32.61 -71.34
N ASN G 526 -2.94 -31.98 -70.26
CA ASN G 526 -2.04 -30.84 -70.35
C ASN G 526 -0.77 -31.20 -71.11
N VAL G 527 -0.51 -30.46 -72.20
CA VAL G 527 0.73 -30.59 -72.95
C VAL G 527 1.84 -30.03 -72.09
N ASN G 528 2.99 -30.73 -72.08
CA ASN G 528 4.08 -30.41 -71.17
C ASN G 528 4.67 -29.03 -71.49
N GLY G 529 4.35 -28.05 -70.65
CA GLY G 529 4.89 -26.72 -70.79
C GLY G 529 4.04 -25.80 -71.64
N LYS G 530 3.36 -26.35 -72.65
CA LYS G 530 2.67 -25.49 -73.60
C LYS G 530 1.33 -25.02 -73.09
N HIS G 531 0.37 -25.95 -72.91
CA HIS G 531 -1.01 -25.59 -72.66
C HIS G 531 -1.81 -26.84 -72.31
N SER G 532 -2.88 -26.63 -71.55
CA SER G 532 -3.94 -27.62 -71.41
C SER G 532 -5.16 -27.07 -72.11
N ILE G 533 -5.88 -27.92 -72.83
CA ILE G 533 -6.98 -27.40 -73.63
C ILE G 533 -8.20 -27.23 -72.75
N ARG G 534 -8.76 -28.36 -72.29
CA ARG G 534 -9.94 -28.40 -71.43
C ARG G 534 -10.20 -29.82 -70.98
N GLY G 535 -10.69 -30.00 -69.76
CA GLY G 535 -11.15 -31.29 -69.31
C GLY G 535 -12.59 -31.21 -68.86
N ASP G 536 -13.31 -30.24 -69.44
CA ASP G 536 -14.64 -29.88 -68.97
C ASP G 536 -15.61 -29.84 -70.14
N ILE G 537 -16.88 -30.03 -69.84
CA ILE G 537 -17.95 -30.03 -70.84
C ILE G 537 -18.81 -28.80 -70.58
N ASN G 538 -18.97 -27.97 -71.60
CA ASN G 538 -19.76 -26.75 -71.49
C ASN G 538 -21.10 -26.95 -72.17
N VAL G 539 -22.17 -26.84 -71.40
CA VAL G 539 -23.50 -27.25 -71.83
C VAL G 539 -24.38 -26.01 -71.91
N LEU G 540 -25.09 -25.86 -73.02
CA LEU G 540 -26.17 -24.90 -73.15
C LEU G 540 -27.47 -25.66 -73.34
N LEU G 541 -28.52 -25.26 -72.63
CA LEU G 541 -29.84 -25.85 -72.77
C LEU G 541 -30.85 -24.71 -72.83
N LEU G 542 -31.30 -24.39 -74.04
CA LEU G 542 -32.39 -23.43 -74.22
C LEU G 542 -33.68 -24.09 -73.74
N GLY G 543 -34.16 -23.67 -72.58
CA GLY G 543 -35.38 -24.22 -72.00
C GLY G 543 -36.62 -23.65 -72.66
N ASP G 544 -37.75 -23.83 -71.98
CA ASP G 544 -39.05 -23.32 -72.38
C ASP G 544 -39.99 -23.49 -71.19
N PRO G 545 -40.77 -22.47 -70.83
CA PRO G 545 -41.86 -22.69 -69.87
C PRO G 545 -42.89 -23.67 -70.44
N GLY G 546 -43.20 -24.68 -69.64
CA GLY G 546 -44.03 -25.79 -70.10
C GLY G 546 -43.20 -27.04 -70.22
N THR G 547 -42.14 -27.13 -69.41
CA THR G 547 -41.20 -28.23 -69.47
C THR G 547 -40.78 -28.53 -68.03
N ALA G 548 -40.37 -29.78 -67.79
CA ALA G 548 -39.82 -30.20 -66.50
C ALA G 548 -38.31 -30.08 -66.45
N LYS G 549 -37.74 -29.04 -67.08
CA LYS G 549 -36.30 -28.90 -67.22
C LYS G 549 -35.60 -28.70 -65.88
N SER G 550 -36.32 -28.22 -64.86
CA SER G 550 -35.74 -28.10 -63.53
C SER G 550 -35.53 -29.45 -62.87
N GLN G 551 -36.32 -30.45 -63.26
CA GLN G 551 -36.20 -31.79 -62.68
C GLN G 551 -34.91 -32.49 -63.11
N ILE G 552 -34.41 -32.16 -64.31
CA ILE G 552 -33.15 -32.72 -64.78
C ILE G 552 -32.01 -32.28 -63.90
N LEU G 553 -31.86 -30.95 -63.72
CA LEU G 553 -30.80 -30.44 -62.86
C LEU G 553 -31.07 -30.74 -61.39
N LYS G 554 -32.33 -30.99 -61.02
CA LYS G 554 -32.61 -31.51 -59.69
C LYS G 554 -32.07 -32.91 -59.52
N TYR G 555 -32.14 -33.74 -60.57
CA TYR G 555 -31.60 -35.08 -60.48
C TYR G 555 -30.08 -35.07 -60.44
N VAL G 556 -29.46 -34.03 -61.03
CA VAL G 556 -28.02 -33.92 -61.05
C VAL G 556 -27.45 -33.70 -59.66
N GLU G 557 -28.03 -32.77 -58.90
CA GLU G 557 -27.48 -32.43 -57.58
C GLU G 557 -27.67 -33.57 -56.59
N LYS G 558 -28.73 -34.36 -56.75
CA LYS G 558 -28.90 -35.54 -55.94
C LYS G 558 -27.87 -36.62 -56.29
N THR G 559 -27.54 -36.77 -57.57
CA THR G 559 -26.76 -37.91 -58.00
C THR G 559 -25.26 -37.65 -57.89
N ALA G 560 -24.82 -36.45 -58.26
CA ALA G 560 -23.40 -36.17 -58.46
C ALA G 560 -22.66 -36.05 -57.13
N HIS G 561 -21.33 -36.10 -57.22
CA HIS G 561 -20.47 -36.00 -56.06
C HIS G 561 -20.45 -34.57 -55.53
N ARG G 562 -19.93 -33.64 -56.32
CA ARG G 562 -19.90 -32.23 -55.97
C ARG G 562 -20.75 -31.47 -56.97
N ALA G 563 -21.99 -31.20 -56.60
CA ALA G 563 -22.90 -30.47 -57.47
C ALA G 563 -23.57 -29.36 -56.66
N VAL G 564 -23.32 -28.12 -57.06
CA VAL G 564 -23.81 -26.94 -56.36
C VAL G 564 -24.74 -26.18 -57.29
N PHE G 565 -26.01 -26.08 -56.92
CA PHE G 565 -26.95 -25.25 -57.66
C PHE G 565 -26.80 -23.81 -57.22
N ALA G 566 -26.12 -23.01 -58.03
CA ALA G 566 -26.05 -21.57 -57.83
C ALA G 566 -27.20 -20.95 -58.61
N THR G 567 -28.16 -20.39 -57.89
CA THR G 567 -29.39 -19.92 -58.51
C THR G 567 -29.14 -18.65 -59.32
N GLY G 568 -30.17 -18.25 -60.07
CA GLY G 568 -30.08 -17.12 -60.96
C GLY G 568 -29.96 -15.78 -60.28
N GLN G 569 -30.85 -15.49 -59.32
CA GLN G 569 -30.92 -14.17 -58.73
C GLN G 569 -31.37 -14.22 -57.26
N GLY G 570 -30.37 -14.22 -56.38
CA GLY G 570 -30.57 -13.87 -54.98
C GLY G 570 -31.29 -14.87 -54.11
N ALA G 571 -31.60 -16.06 -54.60
CA ALA G 571 -32.33 -17.03 -53.78
C ALA G 571 -31.38 -17.84 -52.89
N SER G 572 -30.10 -17.91 -53.28
CA SER G 572 -29.10 -18.62 -52.50
C SER G 572 -28.18 -17.61 -51.85
N ALA G 573 -27.36 -18.10 -50.91
CA ALA G 573 -26.38 -17.25 -50.26
C ALA G 573 -25.25 -16.90 -51.20
N VAL G 574 -24.97 -17.76 -52.19
CA VAL G 574 -23.91 -17.50 -53.14
C VAL G 574 -24.35 -16.44 -54.13
N GLY G 575 -23.37 -15.78 -54.75
CA GLY G 575 -23.66 -14.79 -55.76
C GLY G 575 -22.65 -14.79 -56.89
N LEU G 576 -21.87 -15.86 -56.97
CA LEU G 576 -20.92 -16.20 -58.03
C LEU G 576 -19.72 -15.25 -58.15
N THR G 577 -19.63 -14.23 -57.30
CA THR G 577 -18.53 -13.27 -57.33
C THR G 577 -17.88 -13.23 -55.96
N ALA G 578 -16.58 -13.47 -55.91
CA ALA G 578 -15.86 -13.47 -54.65
C ALA G 578 -15.69 -12.05 -54.14
N SER G 579 -15.85 -11.87 -52.84
CA SER G 579 -15.69 -10.56 -52.22
C SER G 579 -15.33 -10.75 -50.75
N VAL G 580 -14.57 -9.80 -50.24
CA VAL G 580 -14.20 -9.79 -48.82
C VAL G 580 -15.39 -9.28 -48.03
N ARG G 581 -15.94 -10.13 -47.18
CA ARG G 581 -17.10 -9.78 -46.36
C ARG G 581 -16.81 -10.13 -44.91
N LYS G 582 -17.45 -9.40 -44.01
CA LYS G 582 -17.47 -9.87 -42.64
C LYS G 582 -18.69 -10.75 -42.43
N ASP G 583 -18.71 -11.44 -41.29
CA ASP G 583 -19.75 -12.38 -40.94
C ASP G 583 -20.55 -11.77 -39.79
N PRO G 584 -21.87 -11.64 -39.90
CA PRO G 584 -22.66 -11.12 -38.76
C PRO G 584 -22.71 -12.04 -37.55
N ILE G 585 -22.45 -13.32 -37.78
CA ILE G 585 -22.26 -14.28 -36.70
C ILE G 585 -20.91 -13.97 -36.02
N THR G 586 -19.86 -13.76 -36.83
CA THR G 586 -18.54 -13.36 -36.38
C THR G 586 -18.24 -12.09 -37.19
N LYS G 587 -17.58 -11.11 -36.58
CA LYS G 587 -17.33 -9.83 -37.25
C LYS G 587 -16.04 -9.66 -38.05
N GLU G 588 -15.18 -10.67 -38.17
CA GLU G 588 -13.93 -10.43 -38.88
C GLU G 588 -14.12 -10.58 -40.39
N TRP G 589 -13.21 -9.99 -41.16
CA TRP G 589 -13.23 -10.15 -42.60
C TRP G 589 -12.86 -11.56 -42.99
N THR G 590 -13.73 -12.20 -43.77
CA THR G 590 -13.50 -13.54 -44.29
C THR G 590 -13.61 -13.50 -45.80
N LEU G 591 -12.67 -14.14 -46.49
CA LEU G 591 -12.80 -14.26 -47.93
C LEU G 591 -13.86 -15.29 -48.27
N GLU G 592 -14.76 -14.91 -49.16
CA GLU G 592 -15.88 -15.76 -49.55
C GLU G 592 -15.83 -15.92 -51.06
N GLY G 593 -15.26 -17.02 -51.52
CA GLY G 593 -15.22 -17.29 -52.94
C GLY G 593 -16.60 -17.63 -53.49
N GLY G 594 -16.73 -17.52 -54.81
CA GLY G 594 -17.97 -17.83 -55.47
C GLY G 594 -18.26 -19.31 -55.51
N ALA G 595 -19.44 -19.64 -56.07
CA ALA G 595 -19.79 -21.04 -56.25
C ALA G 595 -18.91 -21.69 -57.30
N LEU G 596 -18.46 -20.91 -58.29
CA LEU G 596 -17.51 -21.43 -59.25
C LEU G 596 -16.13 -21.59 -58.64
N VAL G 597 -15.82 -20.80 -57.61
CA VAL G 597 -14.66 -21.10 -56.79
C VAL G 597 -14.91 -22.36 -55.99
N LEU G 598 -16.15 -22.55 -55.54
CA LEU G 598 -16.51 -23.71 -54.74
C LEU G 598 -16.51 -25.00 -55.54
N ALA G 599 -17.00 -24.97 -56.78
CA ALA G 599 -17.28 -26.19 -57.53
C ALA G 599 -16.12 -26.64 -58.39
N ASP G 600 -14.89 -26.37 -57.97
CA ASP G 600 -13.72 -26.89 -58.66
C ASP G 600 -13.70 -28.41 -58.54
N LYS G 601 -13.45 -29.08 -59.68
CA LYS G 601 -13.69 -30.52 -59.87
C LYS G 601 -15.12 -30.90 -59.47
N GLY G 602 -16.06 -30.05 -59.87
CA GLY G 602 -17.47 -30.30 -59.64
C GLY G 602 -18.26 -29.62 -60.72
N VAL G 603 -19.58 -29.78 -60.68
CA VAL G 603 -20.46 -29.28 -61.72
C VAL G 603 -21.42 -28.29 -61.08
N CYS G 604 -21.45 -27.07 -61.61
CA CYS G 604 -22.34 -26.06 -61.09
C CYS G 604 -23.56 -25.92 -62.01
N LEU G 605 -24.68 -25.49 -61.43
CA LEU G 605 -25.94 -25.41 -62.13
C LEU G 605 -26.50 -24.00 -62.01
N ILE G 606 -26.37 -23.22 -63.07
CA ILE G 606 -26.75 -21.81 -63.08
C ILE G 606 -27.75 -21.61 -64.21
N ASP G 607 -28.82 -20.86 -63.94
CA ASP G 607 -29.87 -20.63 -64.92
C ASP G 607 -30.34 -19.18 -64.86
N GLU G 608 -31.25 -18.85 -65.79
CA GLU G 608 -31.73 -17.48 -66.05
C GLU G 608 -30.57 -16.53 -66.32
N PHE G 609 -29.89 -16.80 -67.44
CA PHE G 609 -28.71 -16.02 -67.79
C PHE G 609 -29.08 -14.61 -68.23
N ASP G 610 -30.29 -14.44 -68.76
CA ASP G 610 -30.80 -13.14 -69.15
C ASP G 610 -30.98 -12.20 -67.97
N LYS G 611 -31.21 -12.73 -66.77
CA LYS G 611 -31.40 -11.89 -65.60
C LYS G 611 -30.12 -11.87 -64.77
N MET G 612 -28.97 -11.87 -65.43
CA MET G 612 -27.69 -11.80 -64.77
C MET G 612 -26.94 -10.56 -65.23
N ASN G 613 -26.27 -9.93 -64.26
CA ASN G 613 -25.70 -8.62 -64.46
C ASN G 613 -24.40 -8.70 -65.27
N ASP G 614 -23.84 -7.53 -65.54
CA ASP G 614 -22.52 -7.48 -66.18
C ASP G 614 -21.44 -7.91 -65.20
N GLN G 615 -21.69 -7.75 -63.90
CA GLN G 615 -20.84 -8.33 -62.88
C GLN G 615 -20.76 -9.84 -63.00
N ASP G 616 -21.90 -10.49 -63.18
CA ASP G 616 -21.92 -11.93 -63.42
C ASP G 616 -21.35 -12.27 -64.79
N ARG G 617 -21.56 -11.41 -65.77
CA ARG G 617 -21.23 -11.75 -67.14
C ARG G 617 -19.73 -11.70 -67.39
N THR G 618 -19.02 -10.79 -66.73
CA THR G 618 -17.57 -10.82 -66.77
C THR G 618 -17.00 -12.03 -66.04
N SER G 619 -17.70 -12.49 -64.99
CA SER G 619 -17.24 -13.64 -64.23
C SER G 619 -17.32 -14.92 -65.04
N ILE G 620 -18.44 -15.13 -65.73
CA ILE G 620 -18.61 -16.32 -66.55
C ILE G 620 -17.67 -16.27 -67.75
N HIS G 621 -17.41 -15.06 -68.26
CA HIS G 621 -16.46 -14.89 -69.36
C HIS G 621 -15.05 -15.27 -68.94
N GLU G 622 -14.61 -14.85 -67.76
CA GLU G 622 -13.27 -15.18 -67.32
C GLU G 622 -13.16 -16.64 -66.91
N ALA G 623 -14.25 -17.22 -66.38
CA ALA G 623 -14.21 -18.58 -65.87
C ALA G 623 -14.03 -19.62 -66.96
N MET G 624 -14.77 -19.50 -68.06
CA MET G 624 -14.54 -20.38 -69.20
C MET G 624 -13.34 -19.98 -70.03
N GLU G 625 -12.68 -18.87 -69.71
CA GLU G 625 -11.55 -18.45 -70.50
C GLU G 625 -10.28 -19.21 -70.09
N GLN G 626 -9.82 -19.01 -68.85
CA GLN G 626 -8.54 -19.54 -68.43
C GLN G 626 -8.64 -20.28 -67.11
N GLN G 627 -9.86 -20.58 -66.65
CA GLN G 627 -10.14 -21.50 -65.54
C GLN G 627 -9.59 -20.99 -64.22
N SER G 628 -9.40 -19.67 -64.11
CA SER G 628 -8.75 -19.09 -62.95
C SER G 628 -9.29 -17.68 -62.73
N ILE G 629 -9.68 -17.40 -61.49
CA ILE G 629 -10.29 -16.13 -61.13
C ILE G 629 -9.30 -15.30 -60.34
N SER G 630 -9.00 -14.10 -60.82
CA SER G 630 -8.13 -13.16 -60.14
C SER G 630 -8.96 -12.10 -59.43
N ILE G 631 -8.40 -11.55 -58.35
CA ILE G 631 -9.06 -10.52 -57.56
C ILE G 631 -8.07 -9.41 -57.25
N SER G 632 -8.61 -8.21 -57.01
CA SER G 632 -7.81 -7.06 -56.62
C SER G 632 -8.42 -6.29 -55.45
N LYS G 633 -8.84 -6.97 -54.39
CA LYS G 633 -9.44 -6.27 -53.26
C LYS G 633 -8.38 -5.65 -52.37
N ALA G 634 -8.83 -5.21 -51.18
CA ALA G 634 -8.29 -4.11 -50.35
C ALA G 634 -6.76 -4.13 -50.26
N GLY G 635 -6.14 -5.19 -49.76
CA GLY G 635 -4.70 -5.26 -49.79
C GLY G 635 -4.25 -6.60 -50.33
N ILE G 636 -5.10 -7.21 -51.14
CA ILE G 636 -4.98 -8.61 -51.51
C ILE G 636 -5.12 -8.77 -53.01
N VAL G 637 -4.16 -9.47 -53.62
CA VAL G 637 -4.18 -9.79 -55.04
C VAL G 637 -3.79 -11.25 -55.27
N THR G 638 -4.78 -12.11 -55.45
CA THR G 638 -4.56 -13.52 -55.67
C THR G 638 -5.31 -13.97 -56.92
N THR G 639 -5.01 -15.21 -57.33
CA THR G 639 -5.60 -15.84 -58.52
C THR G 639 -6.07 -17.23 -58.08
N LEU G 640 -7.37 -17.38 -57.85
CA LEU G 640 -7.89 -18.68 -57.50
C LEU G 640 -8.39 -19.40 -58.74
N GLN G 641 -8.25 -20.74 -58.73
CA GLN G 641 -8.55 -21.57 -59.88
C GLN G 641 -10.00 -22.01 -59.86
N ALA G 642 -10.47 -22.52 -61.00
CA ALA G 642 -11.84 -22.98 -61.14
C ALA G 642 -11.93 -23.95 -62.31
N ARG G 643 -12.27 -25.21 -62.05
CA ARG G 643 -12.35 -26.23 -63.08
C ARG G 643 -13.76 -26.79 -63.15
N CYS G 644 -14.74 -25.90 -63.20
CA CYS G 644 -16.14 -26.29 -63.17
C CYS G 644 -16.58 -26.81 -64.54
N SER G 645 -17.80 -27.35 -64.57
CA SER G 645 -18.46 -27.71 -65.82
C SER G 645 -19.85 -27.09 -65.75
N ILE G 646 -20.21 -26.32 -66.78
CA ILE G 646 -21.38 -25.47 -66.75
C ILE G 646 -22.50 -26.12 -67.55
N ILE G 647 -23.66 -26.29 -66.92
CA ILE G 647 -24.87 -26.78 -67.57
C ILE G 647 -25.94 -25.71 -67.40
N ALA G 648 -26.60 -25.36 -68.51
CA ALA G 648 -27.48 -24.20 -68.57
C ALA G 648 -28.94 -24.62 -68.52
N ALA G 649 -29.80 -23.62 -68.29
CA ALA G 649 -31.25 -23.77 -68.42
C ALA G 649 -31.81 -22.39 -68.75
N ALA G 650 -32.04 -22.15 -70.04
CA ALA G 650 -32.37 -20.81 -70.52
C ALA G 650 -33.88 -20.62 -70.62
N ASN G 651 -34.28 -19.52 -71.26
CA ASN G 651 -35.66 -19.10 -71.42
C ASN G 651 -35.75 -18.34 -72.73
N PRO G 652 -36.61 -18.75 -73.68
CA PRO G 652 -36.65 -18.06 -74.98
C PRO G 652 -37.24 -16.66 -74.86
N ASN G 653 -36.84 -15.79 -75.77
CA ASN G 653 -37.30 -14.41 -75.77
C ASN G 653 -38.63 -14.34 -76.51
N GLY G 654 -39.67 -13.90 -75.81
CA GLY G 654 -40.99 -13.85 -76.40
C GLY G 654 -41.59 -15.22 -76.58
N GLY G 655 -41.65 -15.69 -77.82
CA GLY G 655 -42.29 -16.94 -78.15
C GLY G 655 -41.57 -18.15 -77.60
N ARG G 656 -42.28 -19.27 -77.59
CA ARG G 656 -41.71 -20.55 -77.17
C ARG G 656 -40.63 -21.03 -78.13
N TYR G 657 -40.76 -20.67 -79.42
CA TYR G 657 -39.71 -20.87 -80.41
C TYR G 657 -39.97 -19.77 -81.44
N ASN G 658 -39.03 -18.83 -81.55
CA ASN G 658 -39.33 -17.50 -82.04
C ASN G 658 -39.75 -17.50 -83.51
N SER G 659 -38.85 -17.88 -84.41
CA SER G 659 -39.15 -17.86 -85.82
C SER G 659 -38.27 -18.89 -86.52
N THR G 660 -38.18 -18.76 -87.83
CA THR G 660 -37.18 -19.46 -88.62
C THR G 660 -35.77 -18.93 -88.36
N LEU G 661 -35.66 -17.74 -87.75
CA LEU G 661 -34.39 -17.12 -87.39
C LEU G 661 -33.61 -18.02 -86.45
N PRO G 662 -32.25 -18.01 -86.55
CA PRO G 662 -31.44 -18.98 -85.78
C PRO G 662 -31.42 -18.70 -84.29
N LEU G 663 -30.71 -19.57 -83.57
CA LEU G 663 -30.72 -19.55 -82.12
C LEU G 663 -30.00 -18.33 -81.56
N ALA G 664 -28.92 -17.91 -82.21
CA ALA G 664 -28.23 -16.69 -81.81
C ALA G 664 -29.09 -15.46 -82.05
N GLN G 665 -29.99 -15.52 -83.02
CA GLN G 665 -31.00 -14.49 -83.20
C GLN G 665 -32.17 -14.69 -82.24
N ASN G 666 -32.47 -15.95 -81.92
CA ASN G 666 -33.54 -16.24 -80.96
C ASN G 666 -33.15 -15.82 -79.55
N VAL G 667 -31.91 -16.08 -79.16
CA VAL G 667 -31.50 -15.77 -77.79
C VAL G 667 -31.14 -14.30 -77.69
N SER G 668 -31.16 -13.78 -76.46
CA SER G 668 -30.76 -12.41 -76.17
C SER G 668 -29.36 -12.31 -75.58
N LEU G 669 -28.61 -13.41 -75.58
CA LEU G 669 -27.25 -13.39 -75.04
C LEU G 669 -26.27 -13.03 -76.15
N THR G 670 -24.98 -13.15 -75.87
CA THR G 670 -23.94 -12.68 -76.76
C THR G 670 -23.19 -13.85 -77.39
N GLU G 671 -22.35 -13.51 -78.35
CA GLU G 671 -21.58 -14.44 -79.17
C GLU G 671 -20.44 -15.18 -78.45
N PRO G 672 -19.58 -14.56 -77.61
CA PRO G 672 -18.48 -15.36 -77.02
C PRO G 672 -18.93 -16.42 -76.02
N ILE G 673 -19.99 -16.19 -75.25
CA ILE G 673 -20.52 -17.24 -74.39
C ILE G 673 -21.17 -18.35 -75.21
N LEU G 674 -21.72 -18.03 -76.37
CA LEU G 674 -22.18 -19.03 -77.32
C LEU G 674 -21.04 -19.85 -77.89
N SER G 675 -19.89 -19.21 -78.14
CA SER G 675 -18.74 -19.93 -78.65
C SER G 675 -18.16 -20.88 -77.61
N ARG G 676 -18.08 -20.44 -76.35
CA ARG G 676 -17.53 -21.28 -75.30
C ARG G 676 -18.48 -22.40 -74.90
N PHE G 677 -19.77 -22.26 -75.17
CA PHE G 677 -20.68 -23.38 -75.01
C PHE G 677 -20.51 -24.34 -76.17
N ASP G 678 -20.49 -25.63 -75.85
CA ASP G 678 -20.23 -26.65 -76.86
C ASP G 678 -21.52 -27.31 -77.34
N ILE G 679 -22.25 -27.93 -76.42
CA ILE G 679 -23.50 -28.60 -76.77
C ILE G 679 -24.65 -27.64 -76.49
N LEU G 680 -25.66 -27.67 -77.36
CA LEU G 680 -26.78 -26.74 -77.32
C LEU G 680 -28.07 -27.55 -77.38
N CYS G 681 -28.70 -27.77 -76.23
CA CYS G 681 -29.91 -28.55 -76.15
C CYS G 681 -31.13 -27.67 -76.36
N VAL G 682 -32.00 -28.08 -77.28
CA VAL G 682 -33.20 -27.35 -77.63
C VAL G 682 -34.41 -28.21 -77.29
N VAL G 683 -35.35 -27.65 -76.55
CA VAL G 683 -36.60 -28.32 -76.24
C VAL G 683 -37.66 -27.80 -77.19
N ARG G 684 -38.73 -28.59 -77.34
CA ARG G 684 -39.81 -28.28 -78.27
C ARG G 684 -41.15 -28.31 -77.54
N ASP G 685 -42.03 -27.39 -77.91
CA ASP G 685 -43.39 -27.35 -77.39
C ASP G 685 -44.33 -27.36 -78.59
N LEU G 686 -44.94 -28.51 -78.85
CA LEU G 686 -45.87 -28.64 -79.96
C LEU G 686 -46.93 -29.65 -79.57
N VAL G 687 -48.15 -29.42 -80.07
CA VAL G 687 -49.25 -30.33 -79.82
C VAL G 687 -49.05 -31.54 -80.72
N ASP G 688 -48.45 -32.59 -80.14
CA ASP G 688 -48.29 -33.85 -80.84
C ASP G 688 -49.27 -34.83 -80.21
N GLU G 689 -50.03 -35.50 -81.07
CA GLU G 689 -51.17 -36.29 -80.62
C GLU G 689 -50.75 -37.49 -79.80
N GLU G 690 -49.66 -38.15 -80.21
CA GLU G 690 -49.18 -39.30 -79.44
C GLU G 690 -48.52 -38.87 -78.13
N ALA G 691 -47.86 -37.71 -78.11
CA ALA G 691 -47.14 -37.29 -76.91
C ALA G 691 -48.10 -36.81 -75.83
N ASP G 692 -49.23 -36.21 -76.22
CA ASP G 692 -50.15 -35.65 -75.25
C ASP G 692 -50.91 -36.74 -74.51
N GLU G 693 -51.24 -37.83 -75.22
CA GLU G 693 -51.91 -38.96 -74.58
C GLU G 693 -50.99 -39.64 -73.57
N ARG G 694 -49.70 -39.73 -73.91
CA ARG G 694 -48.71 -40.24 -72.97
C ARG G 694 -48.53 -39.34 -71.77
N LEU G 695 -48.47 -38.03 -71.97
CA LEU G 695 -48.11 -37.11 -70.89
C LEU G 695 -49.28 -36.90 -69.94
N ALA G 696 -50.48 -36.69 -70.48
CA ALA G 696 -51.63 -36.38 -69.64
C ALA G 696 -52.05 -37.57 -68.80
N THR G 697 -52.00 -38.77 -69.36
CA THR G 697 -52.25 -39.97 -68.57
C THR G 697 -51.14 -40.22 -67.57
N PHE G 698 -49.92 -39.75 -67.85
CA PHE G 698 -48.87 -39.78 -66.86
C PHE G 698 -49.14 -38.79 -65.74
N VAL G 699 -49.83 -37.70 -66.04
CA VAL G 699 -50.13 -36.69 -65.02
C VAL G 699 -51.19 -37.22 -64.05
N VAL G 700 -52.25 -37.82 -64.60
CA VAL G 700 -53.33 -38.36 -63.78
C VAL G 700 -52.82 -39.50 -62.91
N ASP G 701 -51.99 -40.38 -63.48
CA ASP G 701 -51.36 -41.46 -62.73
C ASP G 701 -50.47 -40.92 -61.61
N SER G 702 -49.83 -39.78 -61.83
CA SER G 702 -49.06 -39.13 -60.78
C SER G 702 -49.95 -38.53 -59.70
N HIS G 703 -51.24 -38.30 -59.99
CA HIS G 703 -52.07 -37.58 -59.05
C HIS G 703 -53.21 -38.41 -58.49
N VAL G 704 -53.47 -39.60 -59.04
CA VAL G 704 -54.30 -40.57 -58.34
C VAL G 704 -53.56 -41.07 -57.10
N ARG G 705 -52.22 -41.06 -57.15
CA ARG G 705 -51.39 -41.39 -56.00
C ARG G 705 -51.53 -40.28 -54.96
N SER G 706 -52.45 -40.47 -54.03
CA SER G 706 -52.82 -39.41 -53.11
C SER G 706 -53.14 -39.95 -51.72
N SER G 756 -34.93 -53.43 -65.40
CA SER G 756 -34.09 -52.98 -66.53
C SER G 756 -33.21 -51.72 -66.28
N PRO G 757 -33.70 -50.65 -65.62
CA PRO G 757 -32.77 -49.60 -65.21
C PRO G 757 -31.93 -50.03 -64.02
N ILE G 758 -30.75 -49.42 -63.93
CA ILE G 758 -29.84 -49.63 -62.82
C ILE G 758 -30.45 -48.96 -61.60
N PRO G 759 -30.51 -49.63 -60.45
CA PRO G 759 -30.86 -48.93 -59.21
C PRO G 759 -29.81 -47.88 -58.87
N GLN G 760 -30.28 -46.76 -58.35
CA GLN G 760 -29.50 -45.52 -58.37
C GLN G 760 -28.29 -45.54 -57.45
N GLU G 761 -28.23 -46.48 -56.51
CA GLU G 761 -27.04 -46.59 -55.68
C GLU G 761 -25.86 -47.15 -56.46
N LEU G 762 -26.14 -48.01 -57.45
CA LEU G 762 -25.04 -48.63 -58.19
C LEU G 762 -24.44 -47.68 -59.23
N LEU G 763 -25.29 -46.91 -59.90
CA LEU G 763 -24.78 -46.00 -60.91
C LEU G 763 -24.04 -44.81 -60.31
N MET G 764 -24.44 -44.38 -59.12
CA MET G 764 -23.61 -43.39 -58.44
C MET G 764 -22.35 -44.03 -57.88
N LYS G 765 -22.36 -45.33 -57.59
CA LYS G 765 -21.13 -46.02 -57.26
C LYS G 765 -20.27 -46.21 -58.50
N TYR G 766 -20.91 -46.29 -59.66
CA TYR G 766 -20.18 -46.48 -60.92
C TYR G 766 -19.35 -45.26 -61.26
N ILE G 767 -19.98 -44.08 -61.30
CA ILE G 767 -19.30 -42.87 -61.77
C ILE G 767 -18.34 -42.33 -60.72
N HIS G 768 -18.59 -42.62 -59.44
CA HIS G 768 -17.64 -42.22 -58.41
C HIS G 768 -16.36 -43.03 -58.54
N TYR G 769 -16.49 -44.30 -58.89
CA TYR G 769 -15.32 -45.16 -59.05
C TYR G 769 -14.63 -44.92 -60.38
N ALA G 770 -15.39 -44.62 -61.43
CA ALA G 770 -14.82 -44.55 -62.76
C ALA G 770 -14.06 -43.25 -62.98
N ARG G 771 -14.68 -42.11 -62.64
CA ARG G 771 -14.14 -40.79 -62.97
C ARG G 771 -12.82 -40.49 -62.29
N THR G 772 -12.51 -41.17 -61.19
CA THR G 772 -11.22 -40.98 -60.55
C THR G 772 -10.13 -41.75 -61.27
N LYS G 773 -10.51 -42.80 -62.02
CA LYS G 773 -9.54 -43.81 -62.42
C LYS G 773 -9.25 -43.85 -63.91
N ILE G 774 -10.26 -44.05 -64.75
CA ILE G 774 -10.00 -44.49 -66.13
C ILE G 774 -9.52 -43.33 -66.98
N TYR G 775 -8.33 -43.46 -67.53
CA TYR G 775 -7.65 -42.38 -68.25
C TYR G 775 -7.36 -42.86 -69.67
N PRO G 776 -8.32 -42.82 -70.57
CA PRO G 776 -8.15 -43.47 -71.87
C PRO G 776 -7.23 -42.74 -72.82
N LYS G 777 -6.65 -43.51 -73.73
CA LYS G 777 -5.77 -43.02 -74.77
C LYS G 777 -6.17 -43.67 -76.09
N LEU G 778 -5.53 -43.26 -77.17
CA LEU G 778 -5.88 -43.76 -78.49
C LEU G 778 -4.70 -43.61 -79.45
N HIS G 779 -4.72 -44.41 -80.51
CA HIS G 779 -3.63 -44.48 -81.48
C HIS G 779 -3.89 -43.54 -82.65
N GLN G 780 -2.86 -43.38 -83.50
CA GLN G 780 -2.88 -42.42 -84.58
C GLN G 780 -3.27 -43.05 -85.91
N MET G 781 -3.80 -44.28 -85.89
CA MET G 781 -3.87 -45.09 -87.10
C MET G 781 -5.23 -45.09 -87.78
N ASP G 782 -6.30 -44.69 -87.10
CA ASP G 782 -7.63 -44.69 -87.69
C ASP G 782 -8.20 -43.30 -87.91
N MET G 783 -7.55 -42.25 -87.43
CA MET G 783 -8.18 -40.95 -87.38
C MET G 783 -7.99 -40.12 -88.64
N ASP G 784 -7.33 -40.67 -89.66
CA ASP G 784 -7.20 -39.96 -90.93
C ASP G 784 -8.51 -39.86 -91.68
N LYS G 785 -9.43 -40.80 -91.46
CA LYS G 785 -10.78 -40.66 -91.97
C LYS G 785 -11.49 -39.46 -91.34
N VAL G 786 -11.28 -39.25 -90.04
CA VAL G 786 -11.99 -38.22 -89.29
C VAL G 786 -11.60 -36.82 -89.77
N SER G 787 -10.32 -36.64 -90.13
CA SER G 787 -9.89 -35.37 -90.70
C SER G 787 -10.51 -35.15 -92.07
N ARG G 788 -10.76 -36.22 -92.81
CA ARG G 788 -11.47 -36.10 -94.08
C ARG G 788 -12.94 -35.77 -93.86
N VAL G 789 -13.52 -36.27 -92.77
CA VAL G 789 -14.91 -35.96 -92.44
C VAL G 789 -15.06 -34.47 -92.13
N TYR G 790 -14.06 -33.90 -91.45
CA TYR G 790 -14.06 -32.46 -91.21
C TYR G 790 -13.89 -31.69 -92.52
N ALA G 791 -13.13 -32.25 -93.46
CA ALA G 791 -13.03 -31.64 -94.77
C ALA G 791 -14.34 -31.79 -95.54
N ASP G 792 -15.08 -32.87 -95.27
CA ASP G 792 -16.38 -33.04 -95.90
C ASP G 792 -17.39 -32.02 -95.41
N LEU G 793 -17.38 -31.71 -94.11
CA LEU G 793 -18.38 -30.80 -93.56
C LEU G 793 -18.03 -29.34 -93.83
N ARG G 794 -16.74 -29.03 -93.95
CA ARG G 794 -16.36 -27.62 -94.01
C ARG G 794 -16.65 -26.99 -95.36
N ARG G 795 -16.17 -27.60 -96.45
CA ARG G 795 -16.19 -26.95 -97.76
C ARG G 795 -17.59 -26.79 -98.34
N GLU G 796 -18.54 -27.63 -97.93
CA GLU G 796 -19.89 -27.55 -98.48
C GLU G 796 -20.79 -26.64 -97.68
N SER G 797 -20.58 -26.54 -96.37
CA SER G 797 -21.40 -25.72 -95.49
C SER G 797 -20.95 -24.27 -95.45
N ILE G 798 -20.07 -23.86 -96.36
CA ILE G 798 -19.69 -22.45 -96.47
C ILE G 798 -20.88 -21.58 -96.88
N SER G 799 -21.68 -22.04 -97.84
CA SER G 799 -22.81 -21.25 -98.31
C SER G 799 -23.97 -21.25 -97.32
N THR G 800 -23.98 -22.17 -96.36
CA THR G 800 -25.12 -22.28 -95.46
C THR G 800 -25.11 -21.19 -94.39
N GLY G 801 -23.92 -20.75 -94.00
CA GLY G 801 -23.81 -19.72 -92.98
C GLY G 801 -22.42 -19.11 -93.00
N SER G 802 -22.31 -17.86 -92.53
CA SER G 802 -21.02 -17.16 -92.43
C SER G 802 -20.04 -17.59 -91.29
N PHE G 803 -20.56 -17.77 -90.08
CA PHE G 803 -19.76 -18.10 -88.88
C PHE G 803 -19.67 -19.50 -88.24
N PRO G 804 -20.63 -20.40 -88.52
CA PRO G 804 -20.58 -21.63 -87.71
C PRO G 804 -19.36 -22.56 -87.77
N ILE G 805 -18.82 -22.87 -88.94
CA ILE G 805 -17.69 -23.78 -89.01
C ILE G 805 -16.47 -23.18 -88.31
N THR G 806 -15.86 -23.96 -87.42
CA THR G 806 -14.71 -23.55 -86.62
C THR G 806 -13.84 -24.77 -86.33
N VAL G 807 -12.51 -24.58 -86.39
CA VAL G 807 -11.58 -25.63 -86.01
C VAL G 807 -11.61 -25.96 -84.53
N ARG G 808 -12.11 -25.05 -83.69
CA ARG G 808 -12.30 -25.37 -82.27
C ARG G 808 -13.46 -26.34 -82.10
N HIS G 809 -14.41 -26.32 -83.04
CA HIS G 809 -15.53 -27.25 -83.00
C HIS G 809 -15.11 -28.66 -83.40
N LEU G 810 -13.95 -28.80 -84.02
CA LEU G 810 -13.38 -30.13 -84.26
C LEU G 810 -12.97 -30.79 -82.95
N GLU G 811 -12.53 -29.98 -81.99
CA GLU G 811 -12.11 -30.51 -80.69
C GLU G 811 -13.28 -31.08 -79.90
N SER G 812 -14.50 -30.63 -80.22
CA SER G 812 -15.71 -31.08 -79.53
C SER G 812 -15.91 -32.58 -79.66
N ILE G 813 -15.52 -33.16 -80.79
CA ILE G 813 -15.62 -34.60 -80.97
C ILE G 813 -14.69 -35.33 -80.02
N LEU G 814 -13.45 -34.85 -79.91
CA LEU G 814 -12.40 -35.55 -79.18
C LEU G 814 -12.65 -35.58 -77.69
N ARG G 815 -13.11 -34.47 -77.11
CA ARG G 815 -13.32 -34.45 -75.66
C ARG G 815 -14.60 -35.19 -75.30
N ILE G 816 -15.51 -35.37 -76.26
CA ILE G 816 -16.68 -36.18 -76.02
C ILE G 816 -16.35 -37.66 -76.20
N ALA G 817 -15.56 -37.99 -77.22
CA ALA G 817 -15.30 -39.40 -77.53
C ALA G 817 -14.43 -40.07 -76.48
N GLU G 818 -13.67 -39.29 -75.71
CA GLU G 818 -12.85 -39.88 -74.65
C GLU G 818 -13.69 -40.35 -73.48
N SER G 819 -14.90 -39.82 -73.31
CA SER G 819 -15.77 -40.28 -72.22
C SER G 819 -16.46 -41.58 -72.61
N PHE G 820 -16.45 -41.93 -73.90
CA PHE G 820 -17.21 -43.08 -74.35
C PHE G 820 -16.42 -44.37 -74.14
N ALA G 821 -15.10 -44.31 -74.25
CA ALA G 821 -14.30 -45.45 -73.80
C ALA G 821 -14.29 -45.53 -72.27
N LYS G 822 -14.53 -44.41 -71.60
CA LYS G 822 -14.73 -44.43 -70.16
C LYS G 822 -16.04 -45.09 -69.75
N MET G 823 -17.03 -45.14 -70.66
CA MET G 823 -18.28 -45.81 -70.35
C MET G 823 -18.09 -47.31 -70.17
N ARG G 824 -17.27 -47.93 -71.00
CA ARG G 824 -16.95 -49.34 -70.86
C ARG G 824 -15.79 -49.59 -69.92
N LEU G 825 -15.11 -48.53 -69.48
CA LEU G 825 -13.77 -48.57 -68.89
C LEU G 825 -12.84 -49.46 -69.72
N SER G 826 -12.81 -49.19 -71.02
CA SER G 826 -12.04 -50.00 -71.95
C SER G 826 -10.71 -49.34 -72.33
N GLU G 827 -10.57 -48.03 -72.10
CA GLU G 827 -9.35 -47.23 -72.24
C GLU G 827 -8.95 -47.05 -73.73
N PHE G 828 -9.63 -47.73 -74.64
CA PHE G 828 -9.40 -47.65 -76.06
C PHE G 828 -10.67 -47.26 -76.78
N VAL G 829 -10.53 -46.46 -77.82
CA VAL G 829 -11.66 -45.92 -78.55
C VAL G 829 -12.16 -46.99 -79.52
N SER G 830 -13.35 -47.52 -79.25
CA SER G 830 -14.01 -48.44 -80.16
C SER G 830 -14.57 -47.68 -81.36
N SER G 831 -15.00 -48.43 -82.38
CA SER G 831 -15.62 -47.83 -83.55
C SER G 831 -16.94 -47.16 -83.22
N TYR G 832 -17.71 -47.72 -82.29
CA TYR G 832 -18.94 -47.07 -81.84
C TYR G 832 -18.64 -45.78 -81.09
N ASP G 833 -17.50 -45.72 -80.41
CA ASP G 833 -17.15 -44.53 -79.61
C ASP G 833 -16.95 -43.32 -80.51
N LEU G 834 -16.42 -43.54 -81.71
CA LEU G 834 -16.33 -42.46 -82.68
C LEU G 834 -17.71 -42.13 -83.26
N ASP G 835 -18.54 -43.16 -83.45
CA ASP G 835 -19.79 -42.97 -84.18
C ASP G 835 -20.84 -42.32 -83.30
N ARG G 836 -20.82 -42.61 -82.00
CA ARG G 836 -21.70 -41.90 -81.07
C ARG G 836 -21.26 -40.45 -80.93
N ALA G 837 -19.96 -40.18 -81.07
CA ALA G 837 -19.45 -38.83 -80.91
C ALA G 837 -19.89 -37.93 -82.06
N ILE G 838 -20.09 -38.51 -83.24
CA ILE G 838 -20.47 -37.70 -84.39
C ILE G 838 -21.96 -37.38 -84.36
N LYS G 839 -22.79 -38.40 -84.16
CA LYS G 839 -24.23 -38.25 -84.42
C LYS G 839 -24.95 -37.48 -83.33
N VAL G 840 -24.26 -37.14 -82.24
CA VAL G 840 -24.88 -36.28 -81.23
C VAL G 840 -24.46 -34.82 -81.44
N VAL G 841 -23.24 -34.61 -81.95
CA VAL G 841 -22.74 -33.24 -82.12
C VAL G 841 -23.36 -32.59 -83.35
N VAL G 842 -23.47 -33.33 -84.46
CA VAL G 842 -23.79 -32.75 -85.75
C VAL G 842 -25.25 -32.28 -85.79
N ASP G 843 -26.17 -33.15 -85.41
CA ASP G 843 -27.60 -32.84 -85.51
C ASP G 843 -28.05 -31.73 -84.56
N SER G 844 -27.38 -31.59 -83.40
CA SER G 844 -27.64 -30.42 -82.57
C SER G 844 -27.11 -29.16 -83.21
N PHE G 845 -25.94 -29.24 -83.87
CA PHE G 845 -25.42 -28.13 -84.66
C PHE G 845 -26.30 -27.85 -85.87
N VAL G 846 -27.02 -28.86 -86.36
CA VAL G 846 -27.96 -28.66 -87.44
C VAL G 846 -29.14 -27.83 -86.99
N ASP G 847 -29.76 -28.22 -85.87
CA ASP G 847 -31.06 -27.70 -85.45
C ASP G 847 -31.03 -26.24 -85.02
N ALA G 848 -29.86 -25.67 -84.72
CA ALA G 848 -29.79 -24.28 -84.32
C ALA G 848 -29.85 -23.31 -85.49
N GLN G 849 -29.85 -23.82 -86.73
CA GLN G 849 -29.84 -22.96 -87.91
C GLN G 849 -31.27 -22.67 -88.36
N LYS G 850 -31.39 -22.11 -89.57
CA LYS G 850 -32.65 -21.70 -90.16
C LYS G 850 -33.38 -22.94 -90.68
N VAL G 851 -34.62 -22.78 -91.16
CA VAL G 851 -35.36 -23.86 -91.80
C VAL G 851 -34.66 -24.34 -93.07
N SER G 852 -33.85 -23.48 -93.71
CA SER G 852 -33.05 -23.86 -94.86
C SER G 852 -31.83 -24.75 -94.50
N VAL G 853 -31.74 -25.23 -93.26
CA VAL G 853 -30.84 -26.33 -92.93
C VAL G 853 -31.37 -27.67 -93.43
N ARG G 854 -32.61 -27.68 -93.94
CA ARG G 854 -33.16 -28.81 -94.66
C ARG G 854 -32.30 -29.19 -95.86
N ARG G 855 -31.69 -28.21 -96.52
CA ARG G 855 -30.67 -28.49 -97.52
C ARG G 855 -29.45 -29.16 -96.88
N GLN G 856 -28.99 -28.61 -95.75
CA GLN G 856 -27.89 -29.18 -95.00
C GLN G 856 -28.26 -30.52 -94.35
N LEU G 857 -29.55 -30.75 -94.08
CA LEU G 857 -30.01 -32.07 -93.67
C LEU G 857 -29.77 -33.13 -94.73
N ARG G 858 -29.85 -32.78 -96.00
CA ARG G 858 -29.77 -33.77 -97.07
C ARG G 858 -28.35 -34.11 -97.48
N ARG G 859 -27.35 -33.74 -96.68
CA ARG G 859 -26.00 -34.23 -96.87
C ARG G 859 -25.42 -34.91 -95.64
N SER G 860 -26.21 -35.08 -94.58
CA SER G 860 -25.79 -35.79 -93.38
C SER G 860 -26.26 -37.24 -93.37
N PHE G 861 -26.49 -37.82 -94.55
CA PHE G 861 -27.09 -39.15 -94.63
C PHE G 861 -26.04 -40.25 -94.55
N ALA G 862 -24.92 -40.07 -95.25
CA ALA G 862 -23.79 -40.97 -95.05
C ALA G 862 -23.16 -40.76 -93.67
N ILE G 863 -23.34 -39.58 -93.09
CA ILE G 863 -23.02 -39.37 -91.68
C ILE G 863 -23.94 -40.24 -90.82
N TYR G 864 -25.21 -40.31 -91.17
CA TYR G 864 -26.14 -41.21 -90.51
C TYR G 864 -25.91 -42.64 -90.98
N ALA H 16 25.93 20.17 -9.60
CA ALA H 16 27.19 20.30 -10.32
C ALA H 16 27.32 19.19 -11.36
N PRO H 17 27.80 19.55 -12.56
CA PRO H 17 27.97 18.54 -13.60
C PRO H 17 29.20 17.68 -13.34
N ASP H 18 29.19 16.49 -13.94
CA ASP H 18 30.34 15.61 -13.84
C ASP H 18 31.38 15.95 -14.91
N ALA H 19 32.42 15.13 -14.96
CA ALA H 19 33.46 15.29 -15.97
C ALA H 19 32.98 14.96 -17.37
N VAL H 20 32.00 14.07 -17.50
CA VAL H 20 31.50 13.67 -18.82
C VAL H 20 30.79 14.82 -19.49
N PHE H 21 29.97 15.55 -18.74
CA PHE H 21 29.10 16.57 -19.32
C PHE H 21 29.92 17.75 -19.86
N GLY H 22 30.96 18.15 -19.15
CA GLY H 22 31.78 19.25 -19.62
C GLY H 22 32.69 18.88 -20.78
N ASP H 23 33.01 17.59 -20.92
CA ASP H 23 33.89 17.17 -22.00
C ASP H 23 33.16 17.19 -23.33
N ARG H 24 31.89 16.80 -23.34
CA ARG H 24 31.08 16.97 -24.55
C ARG H 24 30.91 18.45 -24.89
N VAL H 25 30.88 19.30 -23.86
CA VAL H 25 30.81 20.74 -24.08
C VAL H 25 32.10 21.24 -24.72
N ARG H 26 33.24 20.98 -24.07
CA ARG H 26 34.50 21.59 -24.48
C ARG H 26 34.98 21.04 -25.83
N ARG H 27 34.67 19.78 -26.12
CA ARG H 27 34.95 19.24 -27.43
C ARG H 27 34.11 19.91 -28.51
N PHE H 28 32.82 20.10 -28.23
CA PHE H 28 31.99 20.80 -29.22
C PHE H 28 32.26 22.29 -29.22
N GLN H 29 32.64 22.86 -28.07
CA GLN H 29 33.09 24.25 -28.03
C GLN H 29 34.36 24.43 -28.86
N GLU H 30 35.21 23.41 -28.87
CA GLU H 30 36.35 23.39 -29.78
C GLU H 30 35.89 23.39 -31.23
N PHE H 31 34.83 22.64 -31.54
CA PHE H 31 34.28 22.69 -32.89
C PHE H 31 33.54 24.00 -33.13
N LEU H 32 32.88 24.53 -32.11
CA LEU H 32 32.15 25.77 -32.29
C LEU H 32 33.10 26.95 -32.43
N ASP H 33 34.30 26.82 -31.89
CA ASP H 33 35.35 27.78 -32.16
C ASP H 33 36.10 27.46 -33.44
N THR H 34 35.92 26.27 -34.01
CA THR H 34 36.69 25.89 -35.19
C THR H 34 36.18 26.62 -36.42
N PHE H 35 34.87 26.69 -36.60
CA PHE H 35 34.29 27.26 -37.80
C PHE H 35 33.48 28.51 -37.45
N THR H 36 33.86 29.63 -38.05
CA THR H 36 33.31 30.93 -37.72
C THR H 36 32.07 31.27 -38.53
N SER H 37 31.64 30.36 -39.41
CA SER H 37 30.46 30.61 -40.22
C SER H 37 29.19 30.67 -39.39
N TYR H 38 29.12 29.85 -38.34
CA TYR H 38 27.93 29.86 -37.49
C TYR H 38 27.99 31.02 -36.51
N ARG H 39 29.16 31.62 -36.32
CA ARG H 39 29.29 32.77 -35.43
C ARG H 39 28.55 33.97 -35.99
N ASP H 40 28.71 34.23 -37.28
CA ASP H 40 28.03 35.36 -37.90
C ASP H 40 26.55 35.09 -38.07
N SER H 41 26.15 33.82 -38.04
CA SER H 41 24.74 33.47 -38.14
C SER H 41 23.97 33.94 -36.91
N VAL H 42 24.44 33.58 -35.72
CA VAL H 42 23.74 33.93 -34.50
C VAL H 42 23.88 35.43 -34.24
N ARG H 43 24.98 36.02 -34.72
CA ARG H 43 25.16 37.46 -34.68
C ARG H 43 24.06 38.18 -35.43
N SER H 44 23.75 37.70 -36.64
CA SER H 44 22.68 38.32 -37.43
C SER H 44 21.31 38.06 -36.80
N ILE H 45 21.17 36.93 -36.09
CA ILE H 45 19.94 36.65 -35.35
C ILE H 45 19.72 37.68 -34.26
N GLN H 46 20.78 38.02 -33.53
CA GLN H 46 20.62 38.90 -32.39
C GLN H 46 20.46 40.35 -32.83
N VAL H 47 21.20 40.76 -33.86
CA VAL H 47 21.19 42.15 -34.30
C VAL H 47 19.85 42.49 -34.93
N TYR H 48 19.27 41.57 -35.72
CA TYR H 48 18.00 41.83 -36.36
C TYR H 48 16.87 41.92 -35.35
N ASN H 49 16.81 40.96 -34.42
CA ASN H 49 15.76 40.97 -33.41
C ASN H 49 15.94 42.13 -32.43
N SER H 50 17.16 42.60 -32.25
CA SER H 50 17.37 43.86 -31.54
C SER H 50 16.82 45.02 -32.34
N ASN H 51 17.10 45.03 -33.64
CA ASN H 51 16.56 46.07 -34.51
C ASN H 51 15.08 45.88 -34.76
N ASN H 52 14.58 44.65 -34.61
CA ASN H 52 13.15 44.42 -34.72
C ASN H 52 12.41 45.05 -33.54
N ALA H 53 12.99 44.95 -32.34
CA ALA H 53 12.39 45.60 -31.19
C ALA H 53 12.72 47.08 -31.15
N ALA H 54 13.75 47.52 -31.88
CA ALA H 54 14.14 48.93 -31.86
C ALA H 54 13.15 49.79 -32.63
N ASN H 55 12.68 49.30 -33.78
CA ASN H 55 11.74 50.08 -34.58
C ASN H 55 10.34 50.01 -33.99
N TYR H 56 10.02 48.92 -33.29
CA TYR H 56 8.71 48.80 -32.66
C TYR H 56 8.56 49.64 -31.40
N ASN H 57 9.65 50.15 -30.85
CA ASN H 57 9.61 50.85 -29.57
C ASN H 57 10.20 52.25 -29.60
N ASP H 58 10.46 52.80 -30.79
CA ASP H 58 10.96 54.17 -30.91
C ASP H 58 10.01 55.07 -31.69
N ASP H 59 9.46 54.59 -32.81
CA ASP H 59 8.53 55.40 -33.57
C ASP H 59 7.15 55.41 -32.92
N GLN H 60 6.70 54.25 -32.44
CA GLN H 60 5.39 54.12 -31.82
C GLN H 60 5.49 54.53 -30.36
N ASP H 61 5.32 55.83 -30.13
CA ASP H 61 5.34 56.38 -28.78
C ASP H 61 4.55 57.67 -28.69
N ILE H 91 9.83 37.89 -33.24
CA ILE H 91 9.21 37.15 -34.34
C ILE H 91 10.03 35.91 -34.66
N LEU H 92 11.32 36.11 -34.93
CA LEU H 92 12.17 35.00 -35.33
C LEU H 92 12.49 34.12 -34.13
N PRO H 93 12.52 32.81 -34.31
CA PRO H 93 12.87 31.91 -33.21
C PRO H 93 14.39 31.81 -33.04
N HIS H 94 14.80 30.90 -32.17
CA HIS H 94 16.20 30.67 -31.83
C HIS H 94 16.58 29.26 -32.27
N ARG H 95 17.00 29.13 -33.52
CA ARG H 95 17.58 27.89 -34.00
C ARG H 95 18.45 28.18 -35.21
N ILE H 96 19.55 27.43 -35.32
CA ILE H 96 20.58 27.67 -36.32
C ILE H 96 20.87 26.35 -37.01
N ILE H 97 20.92 26.36 -38.34
CA ILE H 97 21.11 25.15 -39.11
C ILE H 97 22.57 24.71 -39.00
N ILE H 98 22.78 23.48 -38.55
CA ILE H 98 24.09 22.84 -38.57
C ILE H 98 24.02 21.63 -39.49
N SER H 99 24.92 21.57 -40.46
CA SER H 99 24.99 20.45 -41.39
C SER H 99 25.54 19.22 -40.71
N LEU H 100 25.31 18.06 -41.32
CA LEU H 100 26.00 16.83 -40.97
C LEU H 100 27.28 16.64 -41.76
N ASP H 101 27.86 17.73 -42.25
CA ASP H 101 29.11 17.61 -42.99
C ASP H 101 30.30 17.51 -42.05
N ASP H 102 30.52 18.57 -41.26
CA ASP H 102 31.84 18.83 -40.69
C ASP H 102 32.19 17.90 -39.54
N LEU H 103 31.20 17.23 -38.96
CA LEU H 103 31.45 16.36 -37.83
C LEU H 103 32.25 15.13 -38.22
N ARG H 104 32.15 14.68 -39.47
CA ARG H 104 32.95 13.54 -39.89
C ARG H 104 34.40 13.92 -40.07
N GLU H 105 34.68 15.14 -40.55
CA GLU H 105 36.05 15.61 -40.71
C GLU H 105 36.60 16.25 -39.46
N PHE H 106 35.86 16.22 -38.35
CA PHE H 106 36.38 16.76 -37.10
C PHE H 106 36.49 15.67 -36.04
N ASP H 107 35.40 14.97 -35.73
CA ASP H 107 35.40 13.94 -34.69
C ASP H 107 34.52 12.78 -35.13
N ARG H 108 35.15 11.70 -35.56
CA ARG H 108 34.40 10.51 -35.95
C ARG H 108 33.77 9.81 -34.76
N SER H 109 34.31 10.02 -33.55
CA SER H 109 33.66 9.52 -32.36
C SER H 109 32.37 10.26 -32.07
N PHE H 110 32.42 11.58 -32.09
CA PHE H 110 31.25 12.41 -31.83
C PHE H 110 30.25 12.32 -32.97
N TRP H 111 30.74 12.01 -34.18
CA TRP H 111 29.92 11.59 -35.30
C TRP H 111 29.07 10.39 -34.94
N SER H 112 29.75 9.32 -34.52
CA SER H 112 29.14 8.03 -34.23
C SER H 112 28.17 8.07 -33.06
N GLY H 113 28.48 8.85 -32.02
CA GLY H 113 27.67 8.85 -30.82
C GLY H 113 26.30 9.46 -31.03
N ILE H 114 26.24 10.47 -31.89
CA ILE H 114 24.96 11.08 -32.25
C ILE H 114 24.10 10.11 -33.02
N LEU H 115 24.71 9.41 -33.97
CA LEU H 115 23.97 8.56 -34.90
C LEU H 115 23.46 7.27 -34.26
N VAL H 116 23.81 7.00 -33.00
CA VAL H 116 23.30 5.84 -32.28
C VAL H 116 22.51 6.24 -31.05
N GLU H 117 23.17 6.92 -30.11
CA GLU H 117 22.51 7.36 -28.88
C GLU H 117 22.55 8.89 -28.84
N PRO H 118 21.54 9.54 -29.41
CA PRO H 118 21.52 11.00 -29.43
C PRO H 118 21.19 11.63 -28.09
N ALA H 119 20.69 10.86 -27.14
CA ALA H 119 20.23 11.35 -25.84
C ALA H 119 21.35 11.69 -24.87
N TYR H 120 22.59 11.78 -25.35
CA TYR H 120 23.71 12.15 -24.51
C TYR H 120 24.48 13.32 -25.09
N PHE H 121 24.33 13.59 -26.40
CA PHE H 121 25.16 14.60 -27.03
C PHE H 121 24.36 15.83 -27.41
N ILE H 122 23.05 15.66 -27.55
CA ILE H 122 22.19 16.80 -27.88
C ILE H 122 22.06 17.82 -26.75
N PRO H 123 21.81 17.43 -25.48
CA PRO H 123 21.73 18.47 -24.41
C PRO H 123 23.02 19.25 -24.18
N PRO H 124 24.23 18.65 -24.12
CA PRO H 124 25.38 19.51 -23.78
C PRO H 124 25.79 20.44 -24.90
N ALA H 125 25.56 20.04 -26.15
CA ALA H 125 25.91 20.91 -27.27
C ALA H 125 25.01 22.14 -27.30
N GLU H 126 23.75 21.98 -26.91
CA GLU H 126 22.84 23.12 -26.85
C GLU H 126 23.19 24.03 -25.68
N LYS H 127 23.52 23.42 -24.53
CA LYS H 127 24.01 24.18 -23.38
C LYS H 127 25.26 24.95 -23.72
N ALA H 128 26.17 24.34 -24.50
CA ALA H 128 27.33 25.06 -24.99
C ALA H 128 26.93 26.11 -26.01
N LEU H 129 25.85 25.87 -26.75
CA LEU H 129 25.44 26.86 -27.73
C LEU H 129 24.76 28.04 -27.05
N THR H 130 23.96 27.77 -26.02
CA THR H 130 23.42 28.86 -25.23
C THR H 130 24.49 29.63 -24.48
N ASP H 131 25.62 28.97 -24.19
CA ASP H 131 26.77 29.70 -23.68
C ASP H 131 27.28 30.69 -24.72
N LEU H 132 27.34 30.28 -25.99
CA LEU H 132 27.84 31.16 -27.03
C LEU H 132 26.90 32.33 -27.26
N ALA H 133 25.59 32.10 -27.14
CA ALA H 133 24.62 33.17 -27.25
C ALA H 133 24.75 34.17 -26.11
N ASP H 134 25.07 33.68 -24.92
CA ASP H 134 25.18 34.59 -23.78
C ASP H 134 26.54 35.28 -23.75
N SER H 135 27.58 34.58 -24.22
CA SER H 135 28.90 35.17 -24.21
C SER H 135 29.09 36.24 -25.28
N MET H 136 28.51 36.04 -26.46
CA MET H 136 28.73 37.00 -27.53
C MET H 136 27.91 38.27 -27.30
N ASP H 137 26.77 38.15 -26.63
CA ASP H 137 26.06 39.31 -26.14
C ASP H 137 25.49 38.99 -24.77
N HIS H 151 15.36 30.31 -22.57
CA HIS H 151 15.44 30.32 -24.02
C HIS H 151 16.20 29.11 -24.54
N PRO H 152 15.53 28.28 -25.34
CA PRO H 152 16.11 26.99 -25.74
C PRO H 152 17.33 27.06 -26.65
N TRP H 153 17.26 27.86 -27.72
CA TRP H 153 18.28 27.94 -28.76
C TRP H 153 18.56 26.57 -29.38
N LYS H 154 17.53 26.06 -30.06
CA LYS H 154 17.56 24.72 -30.63
C LYS H 154 18.41 24.68 -31.90
N LEU H 155 18.39 23.55 -32.59
CA LEU H 155 19.21 23.33 -33.77
C LEU H 155 18.41 22.65 -34.88
N SER H 156 19.11 22.22 -35.93
CA SER H 156 18.45 21.63 -37.09
C SER H 156 18.83 20.17 -37.30
N PHE H 157 20.14 19.92 -37.32
CA PHE H 157 20.75 18.69 -37.85
C PHE H 157 20.28 18.42 -39.28
N LYS H 158 20.63 19.37 -40.15
CA LYS H 158 20.50 19.19 -41.58
C LYS H 158 21.61 18.24 -42.03
N GLY H 159 21.37 17.48 -43.09
CA GLY H 159 22.44 16.67 -43.63
C GLY H 159 21.90 15.38 -44.20
N SER H 160 22.50 14.95 -45.30
CA SER H 160 22.12 13.73 -45.99
C SER H 160 23.04 12.61 -45.52
N PHE H 161 22.44 11.47 -45.19
CA PHE H 161 23.17 10.31 -44.72
C PHE H 161 22.45 9.07 -45.23
N GLY H 162 23.24 8.11 -45.72
CA GLY H 162 22.64 6.87 -46.21
C GLY H 162 22.44 5.85 -45.10
N ALA H 163 22.63 6.27 -43.86
CA ALA H 163 22.50 5.35 -42.74
C ALA H 163 21.05 5.02 -42.45
N HIS H 164 20.24 6.05 -42.17
CA HIS H 164 18.90 5.84 -41.64
C HIS H 164 17.90 6.71 -42.37
N ALA H 165 17.94 6.65 -43.70
CA ALA H 165 16.95 7.33 -44.53
C ALA H 165 15.90 6.36 -45.05
N LEU H 166 15.53 5.39 -44.23
CA LEU H 166 14.68 4.28 -44.65
C LEU H 166 13.22 4.69 -44.69
N SER H 167 12.42 3.83 -45.27
CA SER H 167 10.98 3.98 -45.33
C SER H 167 10.38 3.83 -43.93
N PRO H 168 9.30 4.54 -43.63
CA PRO H 168 8.59 4.32 -42.37
C PRO H 168 7.84 3.00 -42.36
N ARG H 169 7.62 2.44 -43.55
CA ARG H 169 6.95 1.14 -43.69
C ARG H 169 7.77 0.02 -43.07
N THR H 170 9.09 0.15 -43.08
CA THR H 170 9.99 -0.87 -42.56
C THR H 170 10.79 -0.40 -41.35
N LEU H 171 10.25 0.54 -40.60
CA LEU H 171 11.00 1.24 -39.55
C LEU H 171 10.89 0.57 -38.19
N THR H 172 9.75 -0.06 -37.89
CA THR H 172 9.39 -0.48 -36.54
C THR H 172 10.31 -1.57 -36.02
N ALA H 173 10.51 -1.58 -34.69
CA ALA H 173 11.22 -2.57 -33.88
C ALA H 173 12.73 -2.60 -34.13
N GLN H 174 13.23 -1.79 -35.05
CA GLN H 174 14.65 -1.66 -35.29
C GLN H 174 15.02 -0.20 -35.16
N HIS H 175 16.26 0.07 -34.74
CA HIS H 175 16.86 1.40 -34.67
C HIS H 175 16.08 2.31 -33.72
N LEU H 176 15.49 1.70 -32.69
CA LEU H 176 14.80 2.47 -31.68
C LEU H 176 15.82 3.25 -30.86
N ASN H 177 15.39 4.39 -30.33
CA ASN H 177 16.22 5.34 -29.58
C ASN H 177 17.39 5.83 -30.44
N LYS H 178 17.13 6.04 -31.73
CA LYS H 178 18.10 6.62 -32.64
C LYS H 178 17.48 7.80 -33.37
N LEU H 179 18.26 8.45 -34.24
CA LEU H 179 17.80 9.58 -35.02
C LEU H 179 17.57 9.11 -36.44
N VAL H 180 16.33 9.26 -36.93
CA VAL H 180 15.92 8.71 -38.22
C VAL H 180 15.32 9.84 -39.06
N SER H 181 15.66 9.87 -40.34
CA SER H 181 15.09 10.81 -41.30
C SER H 181 14.00 10.11 -42.11
N VAL H 182 12.77 10.61 -41.99
CA VAL H 182 11.59 9.99 -42.60
C VAL H 182 10.92 11.02 -43.50
N GLU H 183 10.51 10.60 -44.69
CA GLU H 183 9.72 11.42 -45.59
C GLU H 183 8.40 10.72 -45.89
N GLY H 184 7.43 11.48 -46.37
CA GLY H 184 6.15 10.89 -46.71
C GLY H 184 5.05 11.93 -46.81
N ILE H 185 3.83 11.45 -46.62
CA ILE H 185 2.62 12.21 -46.89
C ILE H 185 2.04 12.76 -45.59
N VAL H 186 1.71 14.05 -45.60
CA VAL H 186 1.05 14.70 -44.48
C VAL H 186 -0.44 14.49 -44.63
N THR H 187 -1.07 13.89 -43.62
CA THR H 187 -2.49 13.60 -43.65
C THR H 187 -3.10 13.77 -42.27
N LYS H 188 -4.42 14.07 -42.28
CA LYS H 188 -5.30 14.28 -41.12
C LYS H 188 -4.65 15.12 -40.01
N THR H 189 -4.35 16.37 -40.34
CA THR H 189 -3.75 17.32 -39.41
C THR H 189 -4.71 17.67 -38.28
N SER H 190 -4.25 17.53 -37.05
CA SER H 190 -5.07 17.78 -35.87
C SER H 190 -5.12 19.28 -35.57
N LEU H 191 -5.75 19.62 -34.46
CA LEU H 191 -6.02 20.99 -34.08
C LEU H 191 -4.87 21.56 -33.25
N VAL H 192 -4.71 22.87 -33.31
CA VAL H 192 -3.62 23.56 -32.64
C VAL H 192 -4.05 23.91 -31.23
N ARG H 193 -3.37 23.35 -30.23
CA ARG H 193 -3.68 23.68 -28.86
C ARG H 193 -2.46 24.25 -28.15
N PRO H 194 -2.65 25.24 -27.28
CA PRO H 194 -1.55 25.68 -26.41
C PRO H 194 -1.43 24.82 -25.17
N LYS H 195 -0.25 24.88 -24.56
CA LYS H 195 0.07 24.03 -23.42
C LYS H 195 0.41 24.89 -22.21
N LEU H 196 -0.09 24.47 -21.05
CA LEU H 196 0.11 25.19 -19.80
C LEU H 196 1.45 24.80 -19.21
N ILE H 197 2.20 25.79 -18.74
CA ILE H 197 3.54 25.57 -18.20
C ILE H 197 3.67 26.13 -16.81
N ARG H 198 3.44 27.43 -16.68
CA ARG H 198 3.75 28.18 -15.47
C ARG H 198 2.51 28.89 -14.97
N SER H 199 2.06 28.50 -13.78
CA SER H 199 0.87 29.09 -13.19
C SER H 199 1.22 30.27 -12.29
N VAL H 200 0.35 31.27 -12.29
CA VAL H 200 0.53 32.49 -11.50
C VAL H 200 -0.66 32.60 -10.56
N HIS H 201 -0.39 32.86 -9.28
CA HIS H 201 -1.44 32.95 -8.28
C HIS H 201 -1.25 34.18 -7.41
N TYR H 202 -2.34 34.88 -7.16
CA TYR H 202 -2.35 36.02 -6.26
C TYR H 202 -3.06 35.64 -4.98
N ALA H 203 -2.42 35.92 -3.85
CA ALA H 203 -3.05 35.81 -2.55
C ALA H 203 -3.56 37.18 -2.15
N ALA H 204 -4.78 37.22 -1.61
CA ALA H 204 -5.45 38.49 -1.36
C ALA H 204 -4.79 39.28 -0.24
N LYS H 205 -4.78 38.71 0.97
CA LYS H 205 -4.41 39.44 2.18
C LYS H 205 -2.92 39.74 2.27
N THR H 206 -2.08 38.77 1.93
CA THR H 206 -0.64 39.03 1.93
C THR H 206 -0.24 39.94 0.77
N GLY H 207 -1.02 39.92 -0.32
CA GLY H 207 -0.79 40.82 -1.42
C GLY H 207 0.43 40.51 -2.27
N ARG H 208 0.89 39.27 -2.28
CA ARG H 208 2.04 38.89 -3.10
C ARG H 208 1.64 37.85 -4.14
N PHE H 209 2.52 37.63 -5.11
CA PHE H 209 2.31 36.60 -6.11
C PHE H 209 3.04 35.33 -5.67
N HIS H 210 3.08 34.34 -6.56
CA HIS H 210 3.82 33.12 -6.29
C HIS H 210 4.42 32.57 -7.58
N TYR H 211 4.85 31.32 -7.50
CA TYR H 211 5.56 30.67 -8.59
C TYR H 211 5.33 29.17 -8.56
N ARG H 212 5.02 28.62 -9.74
CA ARG H 212 4.70 27.21 -9.88
C ARG H 212 4.87 26.81 -11.34
N ASP H 213 5.59 25.72 -11.58
CA ASP H 213 5.82 25.19 -12.91
C ASP H 213 5.25 23.79 -13.03
N TYR H 214 5.13 23.32 -14.27
CA TYR H 214 4.72 21.96 -14.55
C TYR H 214 5.45 21.46 -15.78
N THR H 215 5.86 20.20 -15.74
CA THR H 215 6.63 19.59 -16.82
C THR H 215 5.99 18.29 -17.26
N ASP H 216 6.35 17.85 -18.46
CA ASP H 216 5.93 16.55 -18.97
C ASP H 216 7.14 15.84 -19.58
N ALA H 217 6.95 14.56 -19.86
CA ALA H 217 8.07 13.71 -20.26
C ALA H 217 8.46 13.91 -21.71
N THR H 218 7.68 14.69 -22.46
CA THR H 218 7.90 14.79 -23.91
C THR H 218 9.14 15.63 -24.21
N THR H 219 9.34 16.72 -23.47
CA THR H 219 10.33 17.71 -23.87
C THR H 219 11.74 17.28 -23.48
N THR H 220 11.88 16.61 -22.34
CA THR H 220 13.16 16.55 -21.65
C THR H 220 14.15 15.60 -22.31
N LEU H 221 13.64 14.61 -23.05
CA LEU H 221 14.34 13.58 -23.81
C LEU H 221 15.08 12.58 -22.92
N THR H 222 15.09 12.74 -21.60
CA THR H 222 15.72 11.81 -20.67
C THR H 222 14.67 11.36 -19.68
N THR H 223 14.68 10.07 -19.34
CA THR H 223 13.70 9.55 -18.40
C THR H 223 14.03 10.00 -16.98
N ARG H 224 13.36 11.06 -16.53
CA ARG H 224 13.57 11.62 -15.22
C ARG H 224 12.43 11.15 -14.33
N ILE H 225 12.65 11.17 -13.01
CA ILE H 225 11.64 10.74 -12.04
C ILE H 225 10.43 11.66 -12.12
N PRO H 226 9.25 11.14 -12.45
CA PRO H 226 8.08 12.00 -12.56
C PRO H 226 7.56 12.44 -11.20
N THR H 227 7.35 13.74 -11.06
CA THR H 227 6.84 14.34 -9.83
C THR H 227 5.62 15.17 -10.17
N PRO H 228 4.42 14.58 -10.17
CA PRO H 228 3.21 15.36 -10.43
C PRO H 228 2.89 16.27 -9.25
N ALA H 229 2.26 17.39 -9.58
CA ALA H 229 1.89 18.38 -8.57
C ALA H 229 0.46 18.82 -8.83
N ILE H 230 -0.36 18.83 -7.78
CA ILE H 230 -1.74 19.23 -7.93
C ILE H 230 -1.79 20.75 -8.08
N TYR H 231 -2.73 21.24 -8.89
CA TYR H 231 -2.93 22.66 -9.12
C TYR H 231 -3.32 23.35 -7.82
N PRO H 232 -2.59 24.38 -7.42
CA PRO H 232 -2.62 24.79 -6.01
C PRO H 232 -3.86 25.59 -5.63
N THR H 233 -4.26 25.39 -4.37
CA THR H 233 -5.36 26.07 -3.71
C THR H 233 -5.07 26.04 -2.21
N GLU H 234 -5.25 27.18 -1.53
CA GLU H 234 -5.14 27.33 -0.08
C GLU H 234 -3.76 26.95 0.43
N ASP H 235 -2.73 27.75 0.10
CA ASP H 235 -1.36 27.28 0.20
C ASP H 235 -0.78 27.19 1.62
N THR H 236 -0.67 28.31 2.34
CA THR H 236 0.10 28.30 3.57
C THR H 236 -0.80 28.36 4.80
N GLU H 237 -1.53 29.46 4.94
CA GLU H 237 -2.30 29.71 6.15
C GLU H 237 -3.79 29.58 5.91
N GLY H 238 -4.26 29.86 4.71
CA GLY H 238 -5.67 29.88 4.42
C GLY H 238 -6.14 31.04 3.59
N ASN H 239 -5.24 31.85 3.05
CA ASN H 239 -5.64 32.86 2.09
C ASN H 239 -6.00 32.20 0.77
N LYS H 240 -7.04 32.74 0.12
CA LYS H 240 -7.48 32.20 -1.14
C LYS H 240 -6.46 32.51 -2.24
N LEU H 241 -6.02 31.47 -2.93
CA LEU H 241 -5.12 31.62 -4.06
C LEU H 241 -5.97 32.03 -5.26
N THR H 242 -6.17 33.33 -5.41
CA THR H 242 -6.86 33.84 -6.57
C THR H 242 -5.97 33.68 -7.79
N THR H 243 -6.53 33.10 -8.85
CA THR H 243 -5.77 32.82 -10.05
C THR H 243 -5.63 34.09 -10.88
N GLU H 244 -4.56 34.16 -11.66
CA GLU H 244 -4.37 35.21 -12.63
C GLU H 244 -4.03 34.59 -13.97
N TYR H 245 -3.87 35.45 -14.98
CA TYR H 245 -3.50 35.01 -16.31
C TYR H 245 -2.54 36.02 -16.90
N GLY H 246 -2.31 35.89 -18.20
CA GLY H 246 -1.44 36.81 -18.93
C GLY H 246 0.03 36.63 -18.67
N TYR H 247 0.45 36.85 -17.42
CA TYR H 247 1.82 36.59 -17.03
C TYR H 247 2.13 35.10 -16.94
N SER H 248 1.11 34.28 -16.79
CA SER H 248 1.25 32.84 -16.93
C SER H 248 1.63 32.50 -18.36
N THR H 249 2.72 31.74 -18.52
CA THR H 249 3.27 31.50 -19.84
C THR H 249 2.67 30.26 -20.49
N PHE H 250 2.67 30.25 -21.82
CA PHE H 250 2.05 29.19 -22.59
C PHE H 250 2.84 28.97 -23.87
N ILE H 251 2.78 27.74 -24.38
CA ILE H 251 3.48 27.33 -25.59
C ILE H 251 2.57 26.40 -26.38
N ASP H 252 2.47 26.62 -27.69
CA ASP H 252 1.58 25.84 -28.54
C ASP H 252 2.11 24.42 -28.75
N HIS H 253 1.25 23.58 -29.31
CA HIS H 253 1.44 22.15 -29.33
C HIS H 253 0.61 21.56 -30.45
N GLN H 254 1.12 20.51 -31.09
CA GLN H 254 0.45 19.92 -32.23
C GLN H 254 0.96 18.50 -32.42
N ARG H 255 0.08 17.60 -32.83
CA ARG H 255 0.46 16.25 -33.21
C ARG H 255 -0.16 15.90 -34.56
N ILE H 256 0.61 15.21 -35.40
CA ILE H 256 0.20 14.85 -36.76
C ILE H 256 0.67 13.44 -37.08
N THR H 257 0.06 12.86 -38.10
CA THR H 257 0.40 11.54 -38.61
C THR H 257 0.96 11.67 -40.02
N VAL H 258 1.90 10.78 -40.36
CA VAL H 258 2.57 10.82 -41.65
C VAL H 258 2.44 9.46 -42.33
N GLN H 259 1.76 9.43 -43.46
CA GLN H 259 1.70 8.26 -44.32
C GLN H 259 2.93 8.26 -45.24
N GLU H 260 3.34 7.08 -45.66
CA GLU H 260 4.51 6.93 -46.50
C GLU H 260 4.20 7.38 -47.94
N MET H 261 5.25 7.38 -48.76
CA MET H 261 5.15 7.85 -50.13
C MET H 261 4.38 6.85 -50.99
N PRO H 262 3.39 7.31 -51.77
CA PRO H 262 2.71 6.39 -52.69
C PRO H 262 3.55 5.99 -53.88
N GLU H 263 4.46 6.86 -54.33
CA GLU H 263 5.36 6.53 -55.41
C GLU H 263 6.41 5.51 -54.99
N MET H 264 6.78 5.50 -53.72
CA MET H 264 7.67 4.49 -53.18
C MET H 264 6.93 3.23 -52.78
N ALA H 265 5.61 3.31 -52.60
CA ALA H 265 4.80 2.21 -52.11
C ALA H 265 4.74 1.08 -53.12
N PRO H 266 4.46 -0.16 -52.67
CA PRO H 266 4.19 -1.24 -53.62
C PRO H 266 2.83 -1.09 -54.29
N ALA H 267 2.46 -2.07 -55.11
CA ALA H 267 1.30 -1.98 -55.99
C ALA H 267 -0.01 -1.82 -55.23
N GLY H 268 -0.39 -2.81 -54.43
CA GLY H 268 -1.44 -2.55 -53.46
C GLY H 268 -1.34 -3.37 -52.20
N GLN H 269 -1.16 -2.69 -51.07
CA GLN H 269 -1.18 -3.27 -49.74
C GLN H 269 -1.64 -2.19 -48.77
N LEU H 270 -1.94 -2.61 -47.54
CA LEU H 270 -2.41 -1.65 -46.55
C LEU H 270 -1.27 -0.78 -46.06
N PRO H 271 -1.40 0.54 -46.19
CA PRO H 271 -0.37 1.44 -45.67
C PRO H 271 -0.41 1.52 -44.16
N ARG H 272 0.78 1.68 -43.58
CA ARG H 272 0.93 1.79 -42.14
C ARG H 272 1.77 3.03 -41.84
N SER H 273 1.50 3.66 -40.71
CA SER H 273 2.03 4.98 -40.43
C SER H 273 2.39 5.12 -38.96
N ILE H 274 3.07 6.23 -38.66
CA ILE H 274 3.41 6.61 -37.29
C ILE H 274 2.99 8.05 -37.05
N ASP H 275 3.40 8.60 -35.91
CA ASP H 275 2.95 9.92 -35.49
C ASP H 275 4.14 10.81 -35.13
N VAL H 276 3.94 12.12 -35.26
CA VAL H 276 4.95 13.12 -34.96
C VAL H 276 4.28 14.25 -34.18
N ILE H 277 4.86 14.60 -33.04
CA ILE H 277 4.42 15.74 -32.24
C ILE H 277 5.41 16.88 -32.47
N LEU H 278 4.89 18.07 -32.70
CA LEU H 278 5.69 19.22 -33.04
C LEU H 278 6.02 20.05 -31.79
N ASP H 279 6.65 21.20 -32.01
CA ASP H 279 7.06 22.07 -30.92
C ASP H 279 6.68 23.50 -31.28
N ASP H 280 7.19 24.46 -30.50
CA ASP H 280 6.60 25.79 -30.38
C ASP H 280 6.66 26.56 -31.69
N ASP H 281 7.87 26.79 -32.20
CA ASP H 281 8.05 27.49 -33.47
C ASP H 281 7.77 26.59 -34.68
N LEU H 282 7.37 25.35 -34.44
CA LEU H 282 7.19 24.38 -35.51
C LEU H 282 5.74 23.93 -35.65
N VAL H 283 4.81 24.57 -34.94
CA VAL H 283 3.39 24.26 -35.11
C VAL H 283 2.92 24.79 -36.46
N ASP H 284 2.23 23.92 -37.22
CA ASP H 284 1.47 24.29 -38.42
C ASP H 284 2.36 24.88 -39.52
N LYS H 285 3.22 24.02 -40.06
CA LYS H 285 3.93 24.34 -41.29
C LYS H 285 3.40 23.57 -42.49
N THR H 286 2.55 22.57 -42.25
CA THR H 286 2.10 21.65 -43.30
C THR H 286 0.58 21.64 -43.35
N LYS H 287 0.03 21.72 -44.56
CA LYS H 287 -1.35 21.33 -44.76
C LYS H 287 -1.41 19.83 -45.04
N PRO H 288 -2.53 19.18 -44.75
CA PRO H 288 -2.63 17.74 -45.05
C PRO H 288 -2.70 17.48 -46.55
N GLY H 289 -1.72 16.74 -47.06
CA GLY H 289 -1.70 16.43 -48.48
C GLY H 289 -0.44 16.83 -49.21
N ASP H 290 0.69 16.92 -48.51
CA ASP H 290 1.94 17.29 -49.16
C ASP H 290 2.99 16.20 -49.01
N ARG H 291 4.19 16.49 -49.49
CA ARG H 291 5.34 15.60 -49.36
C ARG H 291 6.41 16.35 -48.58
N VAL H 292 6.74 15.85 -47.39
CA VAL H 292 7.56 16.56 -46.42
C VAL H 292 8.59 15.59 -45.88
N ASN H 293 9.86 16.01 -45.83
CA ASN H 293 10.88 15.27 -45.10
C ASN H 293 10.85 15.69 -43.64
N VAL H 294 10.98 14.71 -42.74
CA VAL H 294 10.98 14.92 -41.31
C VAL H 294 12.24 14.28 -40.74
N VAL H 295 13.00 15.05 -39.97
CA VAL H 295 14.22 14.57 -39.33
C VAL H 295 14.07 14.74 -37.83
N GLY H 296 14.12 13.62 -37.10
CA GLY H 296 14.01 13.66 -35.67
C GLY H 296 14.48 12.36 -35.05
N VAL H 297 14.10 12.16 -33.79
CA VAL H 297 14.60 11.05 -32.98
C VAL H 297 13.44 10.14 -32.62
N PHE H 298 13.60 8.84 -32.91
CA PHE H 298 12.55 7.85 -32.69
C PHE H 298 12.57 7.42 -31.22
N LYS H 299 11.59 7.92 -30.48
CA LYS H 299 11.51 7.67 -29.05
C LYS H 299 10.25 6.88 -28.68
N SER H 300 10.43 5.89 -27.81
CA SER H 300 9.31 5.08 -27.31
C SER H 300 9.14 5.39 -25.82
N LEU H 301 7.97 5.89 -25.46
CA LEU H 301 7.64 6.15 -24.07
C LEU H 301 6.52 5.23 -23.60
N GLY H 302 6.18 5.36 -22.33
CA GLY H 302 5.06 4.66 -21.75
C GLY H 302 5.48 3.35 -21.11
N ALA H 303 4.74 2.95 -20.08
CA ALA H 303 4.92 1.66 -19.43
C ALA H 303 4.27 0.59 -20.28
N GLY H 304 5.08 -0.26 -20.88
CA GLY H 304 4.58 -1.24 -21.83
C GLY H 304 3.86 -2.42 -21.20
N GLY H 305 2.71 -2.15 -20.58
CA GLY H 305 1.82 -3.19 -20.11
C GLY H 305 2.32 -4.04 -18.96
N MET H 306 3.46 -3.70 -18.36
CA MET H 306 4.01 -4.49 -17.28
C MET H 306 3.59 -3.99 -15.90
N ASN H 307 2.63 -3.07 -15.84
CA ASN H 307 2.20 -2.54 -14.55
C ASN H 307 1.37 -3.57 -13.78
N GLN H 308 0.20 -3.91 -14.31
CA GLN H 308 -0.65 -4.90 -13.68
C GLN H 308 -0.47 -6.25 -14.37
N LEU H 314 -2.86 -6.26 -25.80
CA LEU H 314 -2.07 -6.63 -24.63
C LEU H 314 -0.66 -6.07 -24.72
N ILE H 315 -0.43 -5.19 -25.68
CA ILE H 315 0.91 -4.71 -26.01
C ILE H 315 0.97 -3.21 -25.76
N GLY H 316 1.93 -2.78 -24.96
CA GLY H 316 2.22 -1.38 -24.77
C GLY H 316 3.28 -0.89 -25.74
N PHE H 317 4.11 0.03 -25.25
CA PHE H 317 5.25 0.61 -25.96
C PHE H 317 4.85 1.25 -27.29
N LYS H 318 3.83 2.09 -27.24
CA LYS H 318 3.53 2.91 -28.41
C LYS H 318 4.62 3.95 -28.59
N THR H 319 4.90 4.27 -29.85
CA THR H 319 6.07 5.05 -30.22
C THR H 319 5.68 6.36 -30.88
N LEU H 320 6.67 7.24 -31.01
CA LEU H 320 6.53 8.56 -31.60
C LEU H 320 7.93 9.08 -31.94
N ILE H 321 8.00 10.28 -32.52
CA ILE H 321 9.28 10.88 -32.90
C ILE H 321 9.27 12.35 -32.50
N LEU H 322 10.26 12.76 -31.70
CA LEU H 322 10.35 14.11 -31.19
C LEU H 322 11.69 14.72 -31.52
N GLY H 323 11.85 16.00 -31.18
CA GLY H 323 13.09 16.72 -31.47
C GLY H 323 13.29 16.91 -32.96
N ASN H 324 12.37 17.58 -33.61
CA ASN H 324 12.13 17.38 -35.02
C ASN H 324 12.47 18.63 -35.82
N THR H 325 12.82 18.44 -37.09
CA THR H 325 12.80 19.52 -38.06
C THR H 325 12.01 19.11 -39.29
N VAL H 326 11.31 20.07 -39.88
CA VAL H 326 10.29 19.84 -40.89
C VAL H 326 10.77 20.45 -42.19
N TYR H 327 10.75 19.66 -43.27
CA TYR H 327 11.16 20.18 -44.55
C TYR H 327 10.20 19.76 -45.63
N PRO H 328 9.34 20.65 -46.09
CA PRO H 328 8.48 20.34 -47.25
C PRO H 328 9.31 20.30 -48.52
N LEU H 329 9.04 19.29 -49.34
CA LEU H 329 9.78 19.06 -50.57
C LEU H 329 8.81 19.08 -51.75
N HIS H 330 9.35 19.41 -52.92
CA HIS H 330 8.54 19.51 -54.12
C HIS H 330 8.07 18.14 -54.59
N ALA H 331 6.82 18.09 -55.02
CA ALA H 331 6.25 16.90 -55.64
C ALA H 331 6.33 17.03 -57.15
N ARG H 332 5.72 16.08 -57.85
CA ARG H 332 5.47 16.24 -59.27
C ARG H 332 4.33 17.18 -59.52
N SER H 333 3.27 17.10 -58.74
CA SER H 333 2.08 17.92 -58.94
C SER H 333 1.47 18.46 -57.66
N THR H 334 2.25 18.76 -56.63
CA THR H 334 1.70 19.25 -55.37
C THR H 334 2.70 20.18 -54.70
N GLY H 335 2.25 21.37 -54.33
CA GLY H 335 3.03 22.19 -53.43
C GLY H 335 4.03 23.10 -54.13
N VAL H 336 4.82 23.80 -53.32
CA VAL H 336 5.64 24.90 -53.79
C VAL H 336 6.97 24.38 -54.35
N ALA H 337 7.41 24.97 -55.46
CA ALA H 337 8.73 24.73 -56.01
C ALA H 337 9.53 26.02 -56.15
N ALA H 338 9.10 27.06 -55.45
CA ALA H 338 9.70 28.39 -55.60
C ALA H 338 10.86 28.63 -54.65
N ARG H 339 11.44 27.57 -54.08
CA ARG H 339 12.59 27.71 -53.19
C ARG H 339 13.91 27.85 -53.93
N GLN H 340 13.88 28.10 -55.23
CA GLN H 340 15.10 28.15 -56.02
C GLN H 340 15.80 29.47 -55.79
N MET H 341 17.07 29.40 -55.43
CA MET H 341 17.82 30.59 -55.06
C MET H 341 18.19 31.42 -56.28
N LEU H 342 18.62 32.65 -56.02
CA LEU H 342 19.13 33.55 -57.05
C LEU H 342 20.39 34.20 -56.48
N THR H 343 21.53 33.96 -57.12
CA THR H 343 22.74 34.62 -56.69
C THR H 343 22.88 35.97 -57.39
N ASP H 344 23.86 36.75 -56.94
CA ASP H 344 24.22 37.96 -57.67
C ASP H 344 24.86 37.61 -59.00
N PHE H 345 25.56 36.48 -59.04
CA PHE H 345 26.06 35.93 -60.30
C PHE H 345 24.90 35.52 -61.20
N ASP H 346 23.79 35.06 -60.62
CA ASP H 346 22.63 34.68 -61.41
C ASP H 346 21.95 35.89 -62.03
N ILE H 347 21.63 36.90 -61.21
CA ILE H 347 20.86 38.03 -61.69
C ILE H 347 21.67 38.91 -62.64
N ARG H 348 23.00 38.91 -62.50
CA ARG H 348 23.86 39.64 -63.43
C ARG H 348 23.78 39.04 -64.82
N ASN H 349 23.56 37.73 -64.91
CA ASN H 349 23.33 37.10 -66.20
C ASN H 349 21.96 37.50 -66.75
N ILE H 350 20.98 37.62 -65.87
CA ILE H 350 19.64 38.05 -66.28
C ILE H 350 19.66 39.51 -66.72
N ASN H 351 20.36 40.36 -65.98
CA ASN H 351 20.52 41.75 -66.38
C ASN H 351 21.34 41.88 -67.65
N LYS H 352 22.25 40.95 -67.91
CA LYS H 352 22.94 40.96 -69.19
C LYS H 352 22.01 40.46 -70.29
N LEU H 353 21.13 39.51 -69.96
CA LEU H 353 20.17 38.97 -70.90
C LEU H 353 19.08 39.97 -71.30
N SER H 354 18.54 40.70 -70.33
CA SER H 354 17.37 41.54 -70.59
C SER H 354 17.71 42.80 -71.37
N LYS H 355 18.99 43.08 -71.61
CA LYS H 355 19.42 44.25 -72.36
C LYS H 355 19.40 44.01 -73.86
N LYS H 356 18.67 43.02 -74.33
CA LYS H 356 18.68 42.70 -75.75
C LYS H 356 17.33 43.05 -76.37
N LYS H 357 17.17 42.70 -77.64
CA LYS H 357 16.07 43.20 -78.45
C LYS H 357 15.26 42.08 -79.10
N ASP H 358 15.70 40.83 -78.98
CA ASP H 358 15.06 39.75 -79.71
C ASP H 358 14.95 38.49 -78.86
N ILE H 359 15.09 38.62 -77.54
CA ILE H 359 15.08 37.46 -76.66
C ILE H 359 13.72 36.80 -76.56
N PHE H 360 12.65 37.49 -76.96
CA PHE H 360 11.34 36.86 -77.00
C PHE H 360 11.29 35.76 -78.04
N ASP H 361 11.95 35.95 -79.18
CA ASP H 361 12.09 34.90 -80.17
C ASP H 361 12.88 33.71 -79.66
N ILE H 362 13.96 33.95 -78.94
CA ILE H 362 14.80 32.86 -78.45
C ILE H 362 14.07 32.06 -77.40
N LEU H 363 13.34 32.75 -76.52
CA LEU H 363 12.50 32.05 -75.56
C LEU H 363 11.32 31.35 -76.22
N SER H 364 10.87 31.85 -77.38
CA SER H 364 9.80 31.16 -78.10
C SER H 364 10.31 29.87 -78.71
N GLN H 365 11.49 29.91 -79.33
CA GLN H 365 12.07 28.74 -79.97
C GLN H 365 12.63 27.74 -78.97
N SER H 366 12.87 28.18 -77.74
CA SER H 366 13.41 27.32 -76.70
C SER H 366 12.44 26.26 -76.23
N LEU H 367 11.15 26.57 -76.21
CA LEU H 367 10.18 25.70 -75.55
C LEU H 367 9.68 24.57 -76.44
N ALA H 368 10.26 24.39 -77.62
CA ALA H 368 9.99 23.24 -78.48
C ALA H 368 11.30 22.45 -78.59
N PRO H 369 11.65 21.65 -77.59
CA PRO H 369 12.94 20.99 -77.62
C PRO H 369 12.95 19.79 -78.57
N SER H 370 11.77 19.24 -78.84
CA SER H 370 11.64 18.03 -79.64
C SER H 370 10.43 18.10 -80.55
N ILE H 371 9.86 19.28 -80.73
CA ILE H 371 8.64 19.45 -81.49
C ILE H 371 8.92 20.43 -82.62
N TYR H 372 8.57 20.04 -83.84
CA TYR H 372 8.75 20.95 -84.96
C TYR H 372 7.56 21.90 -85.08
N GLY H 373 7.87 23.16 -85.37
CA GLY H 373 6.86 24.15 -85.71
C GLY H 373 6.17 24.76 -84.50
N HIS H 374 4.94 25.22 -84.76
CA HIS H 374 4.01 25.79 -83.77
C HIS H 374 4.62 27.02 -83.09
N ASP H 375 5.01 27.99 -83.93
CA ASP H 375 5.75 29.14 -83.42
C ASP H 375 4.86 30.04 -82.56
N HIS H 376 3.68 30.37 -83.05
CA HIS H 376 2.86 31.36 -82.36
C HIS H 376 2.14 30.74 -81.18
N ILE H 377 2.04 29.41 -81.16
CA ILE H 377 1.47 28.72 -80.01
C ILE H 377 2.39 28.86 -78.80
N LYS H 378 3.69 28.70 -79.01
CA LYS H 378 4.65 28.74 -77.92
C LYS H 378 4.76 30.11 -77.30
N LYS H 379 4.48 31.15 -78.08
CA LYS H 379 4.61 32.53 -77.61
C LYS H 379 3.62 32.81 -76.48
N ALA H 380 2.41 32.26 -76.58
CA ALA H 380 1.41 32.48 -75.55
C ALA H 380 1.74 31.71 -74.27
N ILE H 381 2.47 30.60 -74.41
CA ILE H 381 2.77 29.76 -73.26
C ILE H 381 3.77 30.45 -72.35
N LEU H 382 4.61 31.33 -72.93
CA LEU H 382 5.35 32.28 -72.11
C LEU H 382 4.41 33.18 -71.34
N LEU H 383 3.37 33.67 -72.02
CA LEU H 383 2.57 34.76 -71.48
C LEU H 383 1.59 34.30 -70.42
N MET H 384 1.18 33.03 -70.45
CA MET H 384 0.29 32.55 -69.39
C MET H 384 1.04 32.42 -68.08
N LEU H 385 2.31 32.00 -68.15
CA LEU H 385 3.11 31.92 -66.94
C LEU H 385 3.51 33.31 -66.44
N MET H 386 3.45 34.31 -67.32
CA MET H 386 3.55 35.69 -66.85
C MET H 386 2.31 36.09 -66.06
N GLY H 387 1.14 35.65 -66.51
CA GLY H 387 -0.08 35.75 -65.75
C GLY H 387 -0.80 37.10 -65.80
N GLY H 388 -0.21 38.11 -66.42
CA GLY H 388 -0.84 39.42 -66.47
C GLY H 388 -0.78 40.14 -65.14
N VAL H 389 -1.40 41.32 -65.09
CA VAL H 389 -1.40 42.13 -63.88
C VAL H 389 -2.78 42.00 -63.23
N GLU H 390 -2.80 42.14 -61.92
CA GLU H 390 -4.04 42.11 -61.14
C GLU H 390 -4.20 43.45 -60.43
N LYS H 391 -5.32 44.13 -60.70
CA LYS H 391 -5.68 45.35 -60.00
C LYS H 391 -7.09 45.18 -59.47
N ASN H 392 -7.21 44.86 -58.19
CA ASN H 392 -8.50 44.83 -57.51
C ASN H 392 -8.94 46.26 -57.29
N LEU H 393 -10.20 46.54 -57.60
CA LEU H 393 -10.72 47.89 -57.46
C LEU H 393 -10.93 48.26 -56.00
N GLU H 394 -10.92 49.56 -55.75
CA GLU H 394 -11.31 50.09 -54.45
C GLU H 394 -12.81 49.84 -54.29
N ASN H 395 -13.15 49.13 -53.20
CA ASN H 395 -14.48 48.67 -52.75
C ASN H 395 -15.43 48.29 -53.90
N GLY H 396 -14.88 47.54 -54.84
CA GLY H 396 -15.65 47.05 -55.98
C GLY H 396 -15.42 45.57 -56.11
N SER H 397 -14.94 45.15 -57.28
CA SER H 397 -14.54 43.78 -57.50
C SER H 397 -13.16 43.74 -58.13
N HIS H 398 -12.56 42.56 -58.08
CA HIS H 398 -11.31 42.33 -58.79
C HIS H 398 -11.55 42.31 -60.29
N LEU H 399 -10.49 42.57 -61.04
CA LEU H 399 -10.50 42.38 -62.49
C LEU H 399 -9.47 41.32 -62.84
N ARG H 400 -9.96 40.26 -63.49
CA ARG H 400 -9.22 39.04 -63.73
C ARG H 400 -8.04 39.28 -64.68
N GLY H 401 -6.90 38.68 -64.34
CA GLY H 401 -5.69 38.97 -65.07
C GLY H 401 -5.06 37.83 -65.83
N ASP H 402 -5.39 36.59 -65.48
CA ASP H 402 -4.76 35.45 -66.11
C ASP H 402 -5.44 35.13 -67.44
N ILE H 403 -4.87 34.17 -68.19
CA ILE H 403 -5.24 33.91 -69.57
C ILE H 403 -5.44 32.40 -69.71
N ASN H 404 -6.55 32.01 -70.37
CA ASN H 404 -6.91 30.61 -70.51
C ASN H 404 -7.12 30.26 -71.98
N ILE H 405 -6.47 29.17 -72.42
CA ILE H 405 -6.34 28.83 -73.83
C ILE H 405 -6.79 27.38 -74.02
N LEU H 406 -7.61 27.14 -75.06
CA LEU H 406 -7.85 25.80 -75.55
C LEU H 406 -7.29 25.67 -76.96
N MET H 407 -6.71 24.51 -77.25
CA MET H 407 -6.23 24.17 -78.57
C MET H 407 -7.05 23.01 -79.13
N VAL H 408 -7.03 22.86 -80.45
CA VAL H 408 -7.69 21.74 -81.10
C VAL H 408 -6.89 21.39 -82.34
N GLY H 409 -6.91 20.11 -82.71
CA GLY H 409 -6.21 19.66 -83.89
C GLY H 409 -6.38 18.17 -84.07
N ASP H 410 -5.86 17.68 -85.18
CA ASP H 410 -5.92 16.26 -85.48
C ASP H 410 -4.91 15.51 -84.61
N PRO H 411 -5.20 14.24 -84.30
CA PRO H 411 -4.31 13.48 -83.40
C PRO H 411 -2.94 13.21 -84.01
N SER H 412 -2.03 12.80 -83.12
CA SER H 412 -0.60 12.54 -83.43
C SER H 412 0.07 13.78 -84.00
N THR H 413 -0.35 14.95 -83.53
CA THR H 413 0.23 16.21 -83.99
C THR H 413 0.71 17.03 -82.79
N ALA H 414 1.46 16.40 -81.90
CA ALA H 414 2.09 17.00 -80.72
C ALA H 414 1.08 17.59 -79.74
N LYS H 415 -0.15 17.08 -79.76
CA LYS H 415 -1.12 17.52 -78.76
C LYS H 415 -0.82 16.96 -77.38
N SER H 416 -0.49 15.67 -77.28
CA SER H 416 -0.08 15.08 -76.03
C SER H 416 1.41 15.25 -75.77
N GLN H 417 2.15 15.75 -76.77
CA GLN H 417 3.57 16.06 -76.62
C GLN H 417 3.74 17.48 -76.06
N LEU H 418 2.64 18.15 -75.74
CA LEU H 418 2.75 19.50 -75.20
C LEU H 418 2.51 19.51 -73.69
N LEU H 419 1.73 18.56 -73.20
CA LEU H 419 1.02 18.72 -71.93
C LEU H 419 1.92 18.62 -70.71
N ARG H 420 2.75 17.58 -70.61
CA ARG H 420 3.62 17.46 -69.45
C ARG H 420 4.73 18.48 -69.50
N PHE H 421 5.08 18.96 -70.70
CA PHE H 421 6.01 20.08 -70.81
C PHE H 421 5.43 21.33 -70.18
N VAL H 422 4.11 21.51 -70.30
CA VAL H 422 3.46 22.59 -69.57
C VAL H 422 3.47 22.29 -68.08
N LEU H 423 3.32 21.02 -67.71
CA LEU H 423 3.30 20.66 -66.30
C LEU H 423 4.65 20.81 -65.63
N ASN H 424 5.70 20.20 -66.18
CA ASN H 424 6.96 20.08 -65.48
C ASN H 424 7.74 21.39 -65.42
N THR H 425 7.67 22.19 -66.49
CA THR H 425 8.37 23.46 -66.51
C THR H 425 7.73 24.47 -65.56
N ALA H 426 6.41 24.44 -65.42
CA ALA H 426 5.73 25.42 -64.60
C ALA H 426 5.77 25.00 -63.13
N SER H 427 5.09 25.78 -62.29
CA SER H 427 5.08 25.57 -60.86
C SER H 427 3.64 25.52 -60.35
N LEU H 428 3.38 24.56 -59.47
CA LEU H 428 2.07 24.28 -58.86
C LEU H 428 1.02 23.98 -59.94
N ALA H 429 1.25 22.87 -60.65
CA ALA H 429 0.34 22.40 -61.67
C ALA H 429 -0.33 21.10 -61.23
N ILE H 430 -1.57 20.91 -61.67
CA ILE H 430 -2.31 19.68 -61.39
C ILE H 430 -2.89 19.16 -62.69
N ALA H 431 -2.52 17.94 -63.05
CA ALA H 431 -3.04 17.27 -64.24
C ALA H 431 -4.41 16.70 -63.93
N THR H 432 -5.42 17.16 -64.65
CA THR H 432 -6.80 16.73 -64.46
C THR H 432 -7.25 16.03 -65.72
N THR H 433 -7.57 14.74 -65.60
CA THR H 433 -7.82 13.88 -66.75
C THR H 433 -9.22 13.28 -66.67
N GLY H 434 -9.88 13.25 -67.83
CA GLY H 434 -11.14 12.52 -67.95
C GLY H 434 -12.26 13.22 -67.21
N ARG H 435 -12.91 12.47 -66.33
CA ARG H 435 -13.94 13.06 -65.48
C ARG H 435 -13.29 13.88 -64.38
N GLY H 436 -14.08 14.79 -63.81
CA GLY H 436 -13.65 15.58 -62.68
C GLY H 436 -14.69 15.56 -61.59
N SER H 437 -15.33 14.41 -61.42
CA SER H 437 -16.57 14.31 -60.68
C SER H 437 -16.33 14.36 -59.17
N SER H 438 -17.14 15.18 -58.50
CA SER H 438 -17.37 15.16 -57.05
C SER H 438 -16.09 15.44 -56.25
N GLY H 439 -15.54 16.63 -56.44
CA GLY H 439 -14.46 17.04 -55.56
C GLY H 439 -13.25 17.64 -56.25
N VAL H 440 -13.27 17.70 -57.59
CA VAL H 440 -12.19 18.40 -58.28
C VAL H 440 -12.38 19.90 -58.14
N GLY H 441 -13.51 20.42 -58.60
CA GLY H 441 -13.86 21.79 -58.31
C GLY H 441 -14.43 22.01 -56.93
N LEU H 442 -14.66 20.94 -56.17
CA LEU H 442 -15.32 21.05 -54.89
C LEU H 442 -14.44 20.53 -53.76
N THR H 443 -14.99 20.49 -52.54
CA THR H 443 -14.36 19.87 -51.40
C THR H 443 -15.20 18.77 -50.79
N ALA H 444 -16.52 18.80 -51.03
CA ALA H 444 -17.53 17.79 -50.72
C ALA H 444 -17.83 17.65 -49.24
N ALA H 445 -17.05 18.30 -48.37
CA ALA H 445 -17.30 18.47 -46.94
C ALA H 445 -17.52 17.16 -46.18
N VAL H 446 -17.02 16.03 -46.67
CA VAL H 446 -17.28 14.76 -46.02
C VAL H 446 -16.29 14.59 -44.87
N THR H 447 -16.69 15.01 -43.69
CA THR H 447 -15.93 14.75 -42.47
C THR H 447 -16.86 14.11 -41.45
N THR H 448 -16.40 13.02 -40.84
CA THR H 448 -17.12 12.31 -39.79
C THR H 448 -16.17 12.25 -38.59
N ASP H 449 -15.68 13.44 -38.23
CA ASP H 449 -14.58 13.60 -37.30
C ASP H 449 -14.95 13.10 -35.90
N ARG H 450 -14.14 12.19 -35.38
CA ARG H 450 -14.49 11.48 -34.16
C ARG H 450 -14.30 12.33 -32.91
N GLU H 451 -13.59 13.46 -33.03
CA GLU H 451 -13.39 14.31 -31.87
C GLU H 451 -14.66 15.09 -31.52
N THR H 452 -15.41 15.54 -32.53
CA THR H 452 -16.66 16.27 -32.33
C THR H 452 -17.46 16.25 -33.61
N GLY H 453 -18.78 16.31 -33.45
CA GLY H 453 -19.66 16.37 -34.61
C GLY H 453 -19.57 17.72 -35.28
N GLU H 454 -18.91 17.77 -36.42
CA GLU H 454 -18.66 19.02 -37.12
C GLU H 454 -18.37 18.71 -38.57
N ARG H 455 -18.29 19.75 -39.39
CA ARG H 455 -18.07 19.60 -40.82
C ARG H 455 -16.87 20.46 -41.22
N ARG H 456 -15.88 19.82 -41.84
CA ARG H 456 -14.72 20.50 -42.37
C ARG H 456 -14.57 20.14 -43.84
N LEU H 457 -13.48 20.62 -44.44
CA LEU H 457 -13.30 20.52 -45.89
C LEU H 457 -12.02 19.78 -46.20
N GLU H 458 -12.01 19.14 -47.38
CA GLU H 458 -10.80 18.55 -47.95
C GLU H 458 -10.57 19.24 -49.29
N ALA H 459 -9.51 20.02 -49.38
CA ALA H 459 -9.29 20.92 -50.51
C ALA H 459 -9.10 20.17 -51.82
N GLY H 460 -10.03 20.41 -52.74
CA GLY H 460 -9.99 19.78 -54.04
C GLY H 460 -8.93 20.38 -54.92
N ALA H 461 -8.73 19.80 -56.11
CA ALA H 461 -7.65 20.19 -56.99
C ALA H 461 -7.78 21.60 -57.53
N MET H 462 -8.97 22.00 -57.95
CA MET H 462 -9.23 23.38 -58.34
C MET H 462 -9.04 24.35 -57.18
N VAL H 463 -9.37 23.90 -55.97
CA VAL H 463 -9.04 24.69 -54.79
C VAL H 463 -7.54 24.69 -54.57
N LEU H 464 -6.90 23.55 -54.77
CA LEU H 464 -5.49 23.39 -54.44
C LEU H 464 -4.57 24.09 -55.43
N ALA H 465 -5.02 24.31 -56.67
CA ALA H 465 -4.15 24.81 -57.73
C ALA H 465 -4.13 26.34 -57.79
N ASP H 466 -4.39 27.00 -56.66
CA ASP H 466 -4.44 28.46 -56.62
C ASP H 466 -3.07 29.04 -56.93
N ARG H 467 -3.08 30.18 -57.64
CA ARG H 467 -1.88 30.82 -58.23
C ARG H 467 -1.11 29.87 -59.15
N GLY H 468 -1.82 28.98 -59.84
CA GLY H 468 -1.15 27.96 -60.63
C GLY H 468 -1.83 27.64 -61.94
N VAL H 469 -1.59 26.42 -62.43
CA VAL H 469 -2.06 25.98 -63.74
C VAL H 469 -2.86 24.70 -63.55
N VAL H 470 -4.00 24.60 -64.21
CA VAL H 470 -4.79 23.38 -64.24
C VAL H 470 -4.70 22.78 -65.62
N CYS H 471 -4.23 21.54 -65.71
CA CYS H 471 -4.06 20.82 -66.97
C CYS H 471 -5.30 19.94 -67.18
N ILE H 472 -6.11 20.32 -68.15
CA ILE H 472 -7.31 19.56 -68.47
C ILE H 472 -7.06 18.73 -69.72
N ASP H 473 -7.18 17.41 -69.57
CA ASP H 473 -7.01 16.49 -70.67
C ASP H 473 -8.37 15.93 -71.09
N GLU H 474 -8.57 15.85 -72.41
CA GLU H 474 -9.75 15.31 -73.06
C GLU H 474 -11.02 16.06 -72.61
N PHE H 475 -11.03 17.34 -72.96
CA PHE H 475 -12.03 18.27 -72.47
C PHE H 475 -13.45 17.97 -72.96
N ASP H 476 -13.57 17.38 -74.15
CA ASP H 476 -14.88 17.10 -74.71
C ASP H 476 -15.62 15.98 -73.98
N LYS H 477 -14.90 15.08 -73.32
CA LYS H 477 -15.54 13.98 -72.62
C LYS H 477 -16.11 14.38 -71.27
N MET H 478 -15.92 15.62 -70.85
CA MET H 478 -16.47 16.08 -69.59
C MET H 478 -17.98 16.24 -69.70
N THR H 479 -18.70 15.79 -68.68
CA THR H 479 -20.14 15.97 -68.63
C THR H 479 -20.48 17.42 -68.32
N ASP H 480 -21.76 17.75 -68.50
CA ASP H 480 -22.25 19.10 -68.27
C ASP H 480 -22.32 19.47 -66.79
N VAL H 481 -22.13 18.51 -65.90
CA VAL H 481 -22.30 18.74 -64.47
C VAL H 481 -21.20 19.66 -63.94
N ASP H 482 -19.95 19.29 -64.17
CA ASP H 482 -18.84 20.10 -63.68
C ASP H 482 -18.65 21.37 -64.51
N ARG H 483 -19.17 21.39 -65.74
CA ARG H 483 -19.12 22.57 -66.60
C ARG H 483 -19.91 23.74 -66.02
N VAL H 484 -20.88 23.45 -65.15
CA VAL H 484 -21.55 24.49 -64.38
C VAL H 484 -20.54 25.22 -63.50
N ALA H 485 -19.62 24.47 -62.89
CA ALA H 485 -18.64 25.07 -62.01
C ALA H 485 -17.58 25.84 -62.78
N ILE H 486 -17.35 25.50 -64.04
CA ILE H 486 -16.27 26.12 -64.81
C ILE H 486 -16.62 27.56 -65.13
N HIS H 487 -17.89 27.86 -65.38
CA HIS H 487 -18.34 29.23 -65.49
C HIS H 487 -18.11 29.99 -64.19
N GLU H 488 -18.33 29.33 -63.06
CA GLU H 488 -18.07 29.94 -61.76
C GLU H 488 -16.58 30.13 -61.52
N VAL H 489 -15.76 29.14 -61.90
CA VAL H 489 -14.33 29.23 -61.63
C VAL H 489 -13.66 30.27 -62.53
N MET H 490 -13.85 30.15 -63.84
CA MET H 490 -13.11 30.95 -64.80
C MET H 490 -13.51 32.41 -64.83
N GLU H 491 -14.64 32.77 -64.26
CA GLU H 491 -15.06 34.15 -64.44
C GLU H 491 -15.08 34.93 -63.14
N GLN H 492 -15.55 34.33 -62.05
CA GLN H 492 -15.67 35.06 -60.80
C GLN H 492 -14.50 34.78 -59.88
N GLN H 493 -13.66 33.80 -60.25
CA GLN H 493 -12.44 33.41 -59.55
C GLN H 493 -12.69 32.92 -58.13
N THR H 494 -13.93 32.50 -57.84
CA THR H 494 -14.33 32.06 -56.52
C THR H 494 -15.11 30.77 -56.64
N VAL H 495 -15.19 30.03 -55.54
CA VAL H 495 -16.02 28.84 -55.44
C VAL H 495 -16.82 28.96 -54.15
N THR H 496 -18.14 28.90 -54.26
CA THR H 496 -19.02 28.90 -53.11
C THR H 496 -19.71 27.56 -53.03
N ILE H 497 -19.54 26.87 -51.91
CA ILE H 497 -20.14 25.56 -51.70
C ILE H 497 -21.15 25.71 -50.58
N ALA H 498 -22.41 25.39 -50.88
CA ALA H 498 -23.51 25.58 -49.94
C ALA H 498 -24.25 24.25 -49.79
N LYS H 499 -23.79 23.42 -48.88
CA LYS H 499 -24.50 22.21 -48.53
C LYS H 499 -25.16 22.47 -47.16
N ALA H 500 -25.91 21.48 -46.65
CA ALA H 500 -26.75 21.68 -45.47
C ALA H 500 -25.95 21.88 -44.20
N GLY H 501 -24.69 21.46 -44.16
CA GLY H 501 -23.88 21.70 -42.98
C GLY H 501 -23.48 23.16 -42.85
N ILE H 502 -22.61 23.62 -43.75
CA ILE H 502 -22.15 25.00 -43.75
C ILE H 502 -22.06 25.50 -45.18
N HIS H 503 -22.70 26.63 -45.47
CA HIS H 503 -22.48 27.28 -46.74
C HIS H 503 -21.15 28.02 -46.68
N THR H 504 -20.34 27.89 -47.74
CA THR H 504 -18.98 28.40 -47.73
C THR H 504 -18.74 29.27 -48.95
N THR H 505 -17.54 29.84 -48.99
CA THR H 505 -17.07 30.72 -50.08
C THR H 505 -15.55 30.74 -49.99
N LEU H 506 -14.89 30.47 -51.11
CA LEU H 506 -13.43 30.45 -51.12
C LEU H 506 -12.91 31.07 -52.41
N ASN H 507 -11.58 31.09 -52.55
CA ASN H 507 -10.91 31.80 -53.64
C ASN H 507 -10.01 30.84 -54.40
N ALA H 508 -10.11 30.90 -55.73
CA ALA H 508 -9.24 30.12 -56.61
C ALA H 508 -9.17 30.84 -57.94
N ARG H 509 -7.96 31.26 -58.32
CA ARG H 509 -7.71 32.08 -59.52
C ARG H 509 -6.72 31.36 -60.42
N CYS H 510 -7.02 30.09 -60.68
CA CYS H 510 -6.17 29.20 -61.46
C CYS H 510 -6.15 29.63 -62.93
N SER H 511 -5.08 29.24 -63.63
CA SER H 511 -5.00 29.38 -65.07
C SER H 511 -5.30 28.02 -65.69
N VAL H 512 -5.99 28.03 -66.83
CA VAL H 512 -6.64 26.83 -67.37
C VAL H 512 -6.18 26.60 -68.80
N ILE H 513 -5.69 25.40 -69.07
CA ILE H 513 -5.50 24.92 -70.44
C ILE H 513 -6.24 23.61 -70.59
N ALA H 514 -7.11 23.53 -71.60
CA ALA H 514 -7.86 22.32 -71.90
C ALA H 514 -7.58 21.90 -73.33
N ALA H 515 -8.00 20.67 -73.66
CA ALA H 515 -7.74 20.12 -74.98
C ALA H 515 -8.91 19.23 -75.35
N ALA H 516 -9.63 19.61 -76.40
CA ALA H 516 -10.73 18.83 -76.91
C ALA H 516 -10.44 18.37 -78.33
N ASN H 517 -11.13 17.32 -78.75
CA ASN H 517 -11.02 16.80 -80.09
C ASN H 517 -12.10 17.38 -80.99
N PRO H 518 -11.97 17.23 -82.30
CA PRO H 518 -13.15 17.38 -83.16
C PRO H 518 -14.17 16.29 -82.90
N VAL H 519 -15.39 16.53 -83.39
CA VAL H 519 -16.50 15.64 -83.12
C VAL H 519 -16.33 14.32 -83.87
N PHE H 520 -16.04 14.42 -85.16
CA PHE H 520 -16.02 13.26 -86.03
C PHE H 520 -14.91 13.42 -87.06
N GLY H 521 -14.07 12.39 -87.19
CA GLY H 521 -12.97 12.38 -88.13
C GLY H 521 -11.92 13.45 -87.86
N GLN H 522 -11.12 13.71 -88.89
CA GLN H 522 -10.15 14.79 -88.87
C GLN H 522 -10.70 16.06 -89.51
N TYR H 523 -12.02 16.16 -89.66
CA TYR H 523 -12.65 17.21 -90.47
C TYR H 523 -12.52 18.55 -89.76
N ASP H 524 -11.34 19.15 -89.94
CA ASP H 524 -10.96 20.38 -89.27
C ASP H 524 -11.15 21.60 -90.17
N VAL H 525 -11.21 21.39 -91.49
CA VAL H 525 -11.33 22.49 -92.44
C VAL H 525 -12.40 22.22 -93.50
N ASN H 526 -12.92 21.00 -93.59
CA ASN H 526 -13.71 20.61 -94.76
C ASN H 526 -15.12 21.17 -94.70
N ARG H 527 -15.87 20.84 -93.63
CA ARG H 527 -17.30 21.14 -93.62
C ARG H 527 -17.56 22.62 -93.37
N ASP H 528 -17.21 23.12 -92.19
CA ASP H 528 -17.40 24.50 -91.79
C ASP H 528 -16.59 24.76 -90.53
N PRO H 529 -16.10 25.98 -90.35
CA PRO H 529 -15.39 26.31 -89.10
C PRO H 529 -16.29 26.32 -87.88
N HIS H 530 -17.58 26.54 -88.05
CA HIS H 530 -18.50 26.53 -86.93
C HIS H 530 -18.95 25.11 -86.64
N GLN H 531 -19.05 24.79 -85.34
CA GLN H 531 -19.55 23.50 -84.84
C GLN H 531 -18.71 22.31 -85.31
N ASN H 532 -17.39 22.47 -85.23
CA ASN H 532 -16.49 21.33 -85.24
C ASN H 532 -16.34 20.74 -83.85
N ILE H 533 -16.92 21.39 -82.84
CA ILE H 533 -16.74 21.05 -81.44
C ILE H 533 -18.10 20.75 -80.84
N ALA H 534 -19.08 21.59 -81.18
CA ALA H 534 -20.44 21.60 -80.62
C ALA H 534 -20.41 21.71 -79.09
N LEU H 535 -19.84 22.83 -78.66
CA LEU H 535 -19.68 23.18 -77.26
C LEU H 535 -20.73 24.22 -76.91
N PRO H 536 -21.04 24.39 -75.61
CA PRO H 536 -21.95 25.49 -75.21
C PRO H 536 -21.38 26.85 -75.52
N ASP H 537 -22.28 27.84 -75.61
CA ASP H 537 -21.95 29.10 -76.26
C ASP H 537 -21.06 29.98 -75.39
N SER H 538 -21.29 29.97 -74.06
CA SER H 538 -20.49 30.81 -73.19
C SER H 538 -19.06 30.30 -73.07
N LEU H 539 -18.85 29.01 -73.31
CA LEU H 539 -17.51 28.45 -73.25
C LEU H 539 -16.63 28.95 -74.39
N LEU H 540 -17.23 29.39 -75.50
CA LEU H 540 -16.49 30.17 -76.48
C LEU H 540 -15.99 31.46 -75.87
N SER H 541 -16.83 32.15 -75.11
CA SER H 541 -16.45 33.40 -74.46
C SER H 541 -15.52 33.19 -73.28
N ARG H 542 -15.52 32.00 -72.68
CA ARG H 542 -14.61 31.75 -71.56
C ARG H 542 -13.17 31.67 -72.02
N PHE H 543 -12.92 31.02 -73.16
CA PHE H 543 -11.57 30.78 -73.60
C PHE H 543 -11.05 31.93 -74.44
N ASP H 544 -9.75 32.21 -74.30
CA ASP H 544 -9.21 33.43 -74.88
C ASP H 544 -8.76 33.21 -76.32
N LEU H 545 -7.85 32.27 -76.56
CA LEU H 545 -7.42 31.95 -77.90
C LEU H 545 -7.73 30.49 -78.19
N LEU H 546 -8.17 30.23 -79.43
CA LEU H 546 -8.59 28.89 -79.85
C LEU H 546 -7.72 28.48 -81.03
N PHE H 547 -6.72 27.65 -80.76
CA PHE H 547 -5.73 27.28 -81.77
C PHE H 547 -6.18 26.06 -82.55
N VAL H 548 -6.07 26.14 -83.87
CA VAL H 548 -6.47 25.08 -84.77
C VAL H 548 -5.20 24.57 -85.44
N VAL H 549 -4.89 23.29 -85.26
CA VAL H 549 -3.71 22.67 -85.83
C VAL H 549 -4.14 21.81 -87.00
N THR H 550 -3.55 22.04 -88.16
CA THR H 550 -3.94 21.39 -89.40
C THR H 550 -3.14 20.10 -89.60
N ASP H 551 -3.40 19.44 -90.72
CA ASP H 551 -2.79 18.18 -91.11
C ASP H 551 -2.16 18.33 -92.49
N ASP H 552 -1.35 19.39 -92.63
CA ASP H 552 -0.80 19.77 -93.92
C ASP H 552 0.21 18.73 -94.40
N ILE H 553 -0.05 18.18 -95.58
CA ILE H 553 0.79 17.15 -96.17
C ILE H 553 1.66 17.79 -97.25
N ASN H 554 2.97 17.66 -97.08
CA ASN H 554 3.94 18.25 -98.01
C ASN H 554 5.14 17.32 -98.10
N GLU H 555 6.21 17.82 -98.70
CA GLU H 555 7.49 17.14 -98.79
C GLU H 555 8.60 17.95 -98.15
N ILE H 556 8.60 19.26 -98.36
CA ILE H 556 9.52 20.14 -97.66
C ILE H 556 9.20 20.16 -96.16
N ARG H 557 7.91 20.20 -95.83
CA ARG H 557 7.49 20.06 -94.44
C ARG H 557 7.79 18.68 -93.90
N ASP H 558 7.62 17.64 -94.73
CA ASP H 558 7.99 16.28 -94.33
C ASP H 558 9.50 16.15 -94.14
N ARG H 559 10.27 16.87 -94.94
CA ARG H 559 11.73 16.90 -94.78
C ARG H 559 12.11 17.47 -93.43
N SER H 560 11.47 18.56 -93.03
CA SER H 560 11.72 19.14 -91.72
C SER H 560 11.28 18.22 -90.59
N ILE H 561 10.28 17.38 -90.85
CA ILE H 561 9.93 16.33 -89.89
C ILE H 561 11.00 15.25 -89.87
N SER H 562 11.63 14.99 -91.03
CA SER H 562 12.46 13.81 -91.22
C SER H 562 13.73 13.87 -90.38
N GLU H 563 14.60 14.84 -90.64
CA GLU H 563 15.87 14.91 -89.91
C GLU H 563 15.68 15.35 -88.46
N HIS H 564 14.51 15.87 -88.11
CA HIS H 564 14.27 16.27 -86.73
C HIS H 564 14.15 15.05 -85.82
N VAL H 565 13.34 14.07 -86.22
CA VAL H 565 13.14 12.89 -85.39
C VAL H 565 14.35 11.97 -85.47
N LEU H 566 15.09 12.02 -86.58
CA LEU H 566 16.27 11.17 -86.71
C LEU H 566 17.39 11.64 -85.79
N ARG H 567 17.65 12.94 -85.73
CA ARG H 567 18.65 13.43 -84.79
C ARG H 567 18.15 13.42 -83.36
N THR H 568 16.84 13.22 -83.15
CA THR H 568 16.27 13.20 -81.81
C THR H 568 16.74 11.99 -81.03
N HIS H 569 16.74 10.81 -81.64
CA HIS H 569 17.08 9.61 -80.91
C HIS H 569 18.56 9.38 -80.78
N ARG H 570 19.43 10.32 -81.14
CA ARG H 570 20.86 10.12 -80.98
C ARG H 570 21.49 11.32 -80.27
N VAL H 651 19.80 29.74 -71.62
CA VAL H 651 19.53 28.97 -72.82
C VAL H 651 18.73 27.73 -72.41
N THR H 652 18.98 27.27 -71.19
CA THR H 652 18.54 25.95 -70.77
C THR H 652 17.23 26.00 -69.99
N ILE H 653 16.69 24.81 -69.74
CA ILE H 653 15.49 24.70 -68.88
C ILE H 653 15.73 25.13 -67.44
N PRO H 654 16.76 24.67 -66.71
CA PRO H 654 16.89 25.13 -65.31
C PRO H 654 17.28 26.59 -65.18
N PHE H 655 17.91 27.18 -66.20
CA PHE H 655 18.10 28.62 -66.18
C PHE H 655 16.80 29.37 -66.38
N LEU H 656 15.85 28.75 -67.08
CA LEU H 656 14.62 29.44 -67.48
C LEU H 656 13.74 29.77 -66.27
N ARG H 657 13.46 28.79 -65.41
CA ARG H 657 12.53 29.02 -64.32
C ARG H 657 13.09 29.96 -63.25
N LYS H 658 14.41 30.13 -63.19
CA LYS H 658 14.97 31.25 -62.44
C LYS H 658 14.55 32.58 -63.04
N TYR H 659 14.62 32.70 -64.36
CA TYR H 659 14.25 33.95 -65.03
C TYR H 659 12.75 34.19 -64.94
N VAL H 660 11.97 33.12 -64.79
CA VAL H 660 10.52 33.27 -64.72
C VAL H 660 10.08 33.80 -63.37
N GLN H 661 10.46 33.11 -62.28
CA GLN H 661 9.91 33.44 -60.98
C GLN H 661 10.48 34.74 -60.42
N TYR H 662 11.61 35.21 -60.97
CA TYR H 662 12.11 36.52 -60.59
C TYR H 662 11.20 37.64 -61.08
N ALA H 663 10.55 37.43 -62.23
CA ALA H 663 9.78 38.51 -62.82
C ALA H 663 8.43 38.72 -62.16
N LYS H 664 8.05 37.85 -61.21
CA LYS H 664 6.72 37.95 -60.65
C LYS H 664 6.61 39.07 -59.62
N GLU H 665 7.64 39.23 -58.79
CA GLU H 665 7.48 40.07 -57.60
C GLU H 665 7.94 41.50 -57.80
N ARG H 666 8.67 41.76 -58.88
CA ARG H 666 9.15 43.10 -59.22
C ARG H 666 8.88 43.66 -60.65
N VAL H 667 8.32 42.89 -61.59
CA VAL H 667 8.12 43.39 -62.96
C VAL H 667 6.74 43.88 -63.42
N ILE H 668 5.74 44.02 -62.54
CA ILE H 668 4.44 44.46 -63.02
C ILE H 668 4.54 45.86 -63.61
N PRO H 669 3.94 46.07 -64.79
CA PRO H 669 3.99 47.39 -65.43
C PRO H 669 2.70 48.17 -65.31
N GLN H 670 2.70 49.38 -65.84
CA GLN H 670 1.56 50.27 -65.80
C GLN H 670 1.35 50.90 -67.18
N LEU H 671 0.08 50.98 -67.57
CA LEU H 671 -0.31 51.42 -68.90
C LEU H 671 -0.02 52.89 -69.10
N THR H 672 0.38 53.23 -70.32
CA THR H 672 0.77 54.59 -70.70
C THR H 672 -0.18 55.10 -71.78
N GLN H 673 0.01 56.36 -72.17
CA GLN H 673 -0.88 57.02 -73.12
C GLN H 673 -0.80 56.39 -74.51
N GLU H 674 0.40 55.93 -74.90
CA GLU H 674 0.60 55.32 -76.21
C GLU H 674 -0.14 54.00 -76.37
N ALA H 675 -0.51 53.35 -75.27
CA ALA H 675 -1.24 52.10 -75.32
C ALA H 675 -2.69 52.27 -75.72
N ILE H 676 -3.25 53.47 -75.60
CA ILE H 676 -4.66 53.67 -75.94
C ILE H 676 -4.84 53.76 -77.44
N ASN H 677 -4.03 54.60 -78.10
CA ASN H 677 -4.33 55.11 -79.43
C ASN H 677 -4.32 54.04 -80.51
N VAL H 678 -3.55 52.97 -80.34
CA VAL H 678 -3.54 51.92 -81.32
C VAL H 678 -4.76 51.02 -81.16
N ILE H 679 -5.02 50.56 -79.94
CA ILE H 679 -6.04 49.55 -79.74
C ILE H 679 -7.45 50.11 -79.84
N VAL H 680 -7.62 51.42 -79.71
CA VAL H 680 -8.92 52.02 -79.96
C VAL H 680 -9.27 51.95 -81.44
N LYS H 681 -8.30 52.31 -82.29
CA LYS H 681 -8.46 52.15 -83.73
C LYS H 681 -8.57 50.68 -84.10
N ASN H 682 -7.86 49.81 -83.39
CA ASN H 682 -7.79 48.41 -83.79
C ASN H 682 -9.05 47.66 -83.38
N TYR H 683 -9.62 47.95 -82.22
CA TYR H 683 -10.74 47.15 -81.74
C TYR H 683 -12.02 47.47 -82.50
N THR H 684 -12.12 48.68 -83.06
CA THR H 684 -13.24 48.99 -83.93
C THR H 684 -13.21 48.15 -85.20
N ASP H 685 -12.00 47.90 -85.73
CA ASP H 685 -11.85 46.99 -86.85
C ASP H 685 -12.23 45.58 -86.46
N LEU H 686 -12.02 45.23 -85.20
CA LEU H 686 -12.38 43.90 -84.71
C LEU H 686 -13.89 43.72 -84.62
N ARG H 687 -14.64 44.82 -84.53
CA ARG H 687 -16.08 44.69 -84.45
C ARG H 687 -16.72 44.87 -85.82
N ASN H 688 -16.10 45.66 -86.67
CA ASN H 688 -16.75 46.05 -87.92
C ASN H 688 -16.54 45.02 -89.03
N ASP H 689 -15.43 44.27 -89.01
CA ASP H 689 -15.07 43.44 -90.16
C ASP H 689 -14.81 41.98 -89.81
N ASP H 690 -14.45 41.68 -88.57
CA ASP H 690 -14.33 40.29 -88.15
C ASP H 690 -15.70 39.62 -88.07
N ASN H 691 -16.74 40.38 -87.73
CA ASN H 691 -18.11 39.87 -87.75
C ASN H 691 -18.59 39.54 -89.15
N THR H 692 -17.98 40.12 -90.18
CA THR H 692 -18.22 39.70 -91.56
C THR H 692 -17.50 38.43 -91.92
N LYS H 693 -16.63 37.91 -91.05
CA LYS H 693 -15.92 36.66 -91.28
C LYS H 693 -16.29 35.59 -90.25
N LYS H 694 -16.10 35.88 -88.96
CA LYS H 694 -16.39 34.92 -87.91
C LYS H 694 -17.14 35.57 -86.75
N SER H 695 -17.21 34.87 -85.63
CA SER H 695 -17.96 35.31 -84.45
C SER H 695 -17.38 34.62 -83.23
N PRO H 696 -17.60 35.15 -82.01
CA PRO H 696 -18.21 36.40 -81.54
C PRO H 696 -17.21 37.49 -81.19
N ILE H 697 -17.69 38.72 -80.99
CA ILE H 697 -16.87 39.83 -80.52
C ILE H 697 -17.58 40.45 -79.33
N THR H 698 -17.02 40.25 -78.14
CA THR H 698 -17.53 40.87 -76.93
C THR H 698 -16.50 41.88 -76.42
N ALA H 699 -16.90 42.66 -75.42
CA ALA H 699 -15.95 43.55 -74.76
C ALA H 699 -14.97 42.77 -73.90
N ARG H 700 -15.32 41.54 -73.53
CA ARG H 700 -14.41 40.63 -72.84
C ARG H 700 -13.17 40.35 -73.68
N THR H 701 -13.30 40.37 -75.01
CA THR H 701 -12.15 40.22 -75.89
C THR H 701 -11.17 41.37 -75.72
N LEU H 702 -11.68 42.58 -75.49
CA LEU H 702 -10.80 43.73 -75.26
C LEU H 702 -10.06 43.60 -73.94
N GLU H 703 -10.65 42.90 -72.97
CA GLU H 703 -9.99 42.66 -71.71
C GLU H 703 -8.76 41.77 -71.89
N THR H 704 -8.85 40.81 -72.81
CA THR H 704 -7.69 40.01 -73.16
C THR H 704 -6.64 40.83 -73.89
N LEU H 705 -7.07 41.86 -74.63
CA LEU H 705 -6.11 42.72 -75.33
C LEU H 705 -5.25 43.50 -74.34
N ILE H 706 -5.79 43.75 -73.15
CA ILE H 706 -5.00 44.37 -72.10
C ILE H 706 -3.97 43.39 -71.57
N ARG H 707 -4.36 42.12 -71.42
CA ARG H 707 -3.50 41.11 -70.79
C ARG H 707 -2.30 40.77 -71.67
N LEU H 708 -2.50 40.76 -72.98
CA LEU H 708 -1.42 40.40 -73.90
C LEU H 708 -0.33 41.46 -73.93
N ALA H 709 -0.69 42.73 -73.94
CA ALA H 709 0.31 43.79 -73.84
C ALA H 709 0.90 43.83 -72.45
N THR H 710 0.15 43.37 -71.44
CA THR H 710 0.65 43.33 -70.08
C THR H 710 1.76 42.31 -69.93
N ALA H 711 1.50 41.06 -70.37
CA ALA H 711 2.46 39.99 -70.17
C ALA H 711 3.69 40.17 -71.04
N HIS H 712 3.54 40.86 -72.17
CA HIS H 712 4.69 41.15 -73.02
C HIS H 712 5.65 42.14 -72.39
N ALA H 713 5.13 43.08 -71.59
CA ALA H 713 6.02 43.99 -70.89
C ALA H 713 6.73 43.30 -69.74
N LYS H 714 6.15 42.23 -69.21
CA LYS H 714 6.81 41.45 -68.17
C LYS H 714 8.06 40.76 -68.71
N VAL H 715 8.03 40.37 -69.97
CA VAL H 715 9.16 39.64 -70.55
C VAL H 715 10.35 40.57 -70.73
N ARG H 716 10.10 41.79 -71.18
CA ARG H 716 11.15 42.78 -71.33
C ARG H 716 11.50 43.46 -70.02
N LEU H 717 10.74 43.19 -68.95
CA LEU H 717 10.95 43.74 -67.60
C LEU H 717 10.93 45.27 -67.60
N SER H 718 10.15 45.86 -68.49
CA SER H 718 9.97 47.30 -68.51
C SER H 718 8.97 47.69 -67.44
N LYS H 719 8.95 48.96 -67.09
CA LYS H 719 7.99 49.46 -66.10
C LYS H 719 6.84 50.20 -66.76
N THR H 720 7.10 50.91 -67.84
CA THR H 720 6.07 51.50 -68.66
C THR H 720 5.54 50.45 -69.64
N VAL H 721 4.58 50.85 -70.46
CA VAL H 721 4.06 50.00 -71.53
C VAL H 721 4.29 50.70 -72.85
N ASN H 722 4.96 50.03 -73.77
CA ASN H 722 5.31 50.58 -75.07
C ASN H 722 4.27 50.18 -76.10
N LYS H 723 4.19 50.97 -77.18
CA LYS H 723 3.34 50.67 -78.32
C LYS H 723 3.72 49.36 -78.99
N VAL H 724 4.99 48.97 -78.92
CA VAL H 724 5.46 47.74 -79.55
C VAL H 724 4.83 46.52 -78.89
N ASP H 725 4.53 46.62 -77.59
CA ASP H 725 3.84 45.55 -76.89
C ASP H 725 2.45 45.32 -77.47
N ALA H 726 1.79 46.40 -77.89
CA ALA H 726 0.51 46.25 -78.59
C ALA H 726 0.72 45.73 -80.01
N LYS H 727 1.83 46.10 -80.65
CA LYS H 727 2.13 45.59 -81.99
C LYS H 727 2.35 44.09 -81.97
N VAL H 728 2.93 43.58 -80.89
CA VAL H 728 2.98 42.15 -80.68
C VAL H 728 1.58 41.61 -80.42
N ALA H 729 0.83 42.29 -79.54
CA ALA H 729 -0.47 41.79 -79.11
C ALA H 729 -1.51 41.83 -80.23
N ALA H 730 -1.37 42.76 -81.16
CA ALA H 730 -2.31 42.84 -82.28
C ALA H 730 -2.13 41.67 -83.24
N ASN H 731 -0.87 41.24 -83.41
CA ASN H 731 -0.59 40.17 -84.35
C ASN H 731 -1.05 38.83 -83.80
N LEU H 732 -1.16 38.71 -82.47
CA LEU H 732 -1.49 37.44 -81.85
C LEU H 732 -2.94 37.05 -82.08
N LEU H 733 -3.80 38.03 -82.32
CA LEU H 733 -5.18 37.70 -82.59
C LEU H 733 -5.38 37.24 -84.03
N ARG H 734 -4.54 37.72 -84.95
CA ARG H 734 -4.74 37.43 -86.37
C ARG H 734 -4.45 35.98 -86.68
N PHE H 735 -3.36 35.44 -86.13
CA PHE H 735 -3.04 34.04 -86.37
C PHE H 735 -3.95 33.12 -85.57
N ALA H 736 -4.43 33.57 -84.41
CA ALA H 736 -5.29 32.74 -83.59
C ALA H 736 -6.67 32.57 -84.22
N LEU H 737 -7.11 33.56 -85.00
CA LEU H 737 -8.45 33.51 -85.55
C LEU H 737 -8.44 33.36 -87.07
N LEU H 738 -7.77 34.28 -87.76
CA LEU H 738 -7.80 34.31 -89.22
C LEU H 738 -6.62 33.55 -89.79
N LEU I 177 -46.65 45.19 9.19
CA LEU I 177 -47.35 44.47 8.14
C LEU I 177 -46.83 43.04 8.00
N ARG I 178 -47.75 42.11 7.76
CA ARG I 178 -47.36 40.74 7.49
C ARG I 178 -46.97 40.59 6.02
N ILE I 179 -46.04 39.67 5.76
CA ILE I 179 -45.43 39.56 4.44
C ILE I 179 -44.91 38.14 4.28
N ILE I 180 -44.94 37.65 3.04
CA ILE I 180 -44.28 36.40 2.65
C ILE I 180 -42.96 36.79 2.02
N TRP I 181 -41.94 35.94 2.19
CA TRP I 181 -40.55 36.33 1.93
C TRP I 181 -40.30 36.63 0.46
N GLY I 182 -40.70 35.74 -0.45
CA GLY I 182 -40.43 36.01 -1.84
C GLY I 182 -41.29 37.07 -2.49
N THR I 183 -42.41 37.41 -1.87
CA THR I 183 -43.42 38.23 -2.53
C THR I 183 -43.49 39.62 -1.94
N ASN I 184 -44.37 40.46 -2.49
CA ASN I 184 -44.88 41.65 -1.81
C ASN I 184 -46.41 41.59 -1.88
N VAL I 185 -46.99 40.75 -1.03
CA VAL I 185 -48.43 40.60 -0.86
C VAL I 185 -48.68 40.26 0.59
N SER I 186 -49.96 40.13 0.92
CA SER I 186 -50.37 39.57 2.21
C SER I 186 -51.64 38.79 1.99
N ILE I 187 -52.03 37.99 2.99
CA ILE I 187 -53.23 37.19 2.87
C ILE I 187 -54.48 38.05 2.90
N GLN I 188 -54.59 38.95 3.88
CA GLN I 188 -55.87 39.61 4.14
C GLN I 188 -56.15 40.72 3.14
N GLU I 189 -55.10 41.42 2.69
CA GLU I 189 -55.28 42.47 1.70
C GLU I 189 -55.65 41.89 0.35
N CYS I 190 -55.15 40.69 0.05
CA CYS I 190 -55.56 40.01 -1.16
C CYS I 190 -56.97 39.47 -1.04
N THR I 191 -57.31 38.92 0.13
CA THR I 191 -58.57 38.21 0.28
C THR I 191 -59.77 39.15 0.28
N THR I 192 -59.70 40.20 1.09
CA THR I 192 -60.82 41.14 1.20
C THR I 192 -61.01 41.93 -0.08
N ASN I 193 -59.94 42.17 -0.81
CA ASN I 193 -60.08 42.83 -2.09
C ASN I 193 -60.64 41.89 -3.14
N PHE I 194 -60.41 40.58 -2.98
CA PHE I 194 -60.95 39.60 -3.90
C PHE I 194 -62.44 39.42 -3.68
N ARG I 195 -62.88 39.52 -2.42
CA ARG I 195 -64.31 39.46 -2.12
C ARG I 195 -65.04 40.64 -2.72
N ASN I 196 -64.36 41.79 -2.79
CA ASN I 196 -64.90 43.01 -3.40
C ASN I 196 -65.26 42.80 -4.86
N PHE I 197 -64.40 42.16 -5.64
CA PHE I 197 -64.69 41.93 -7.04
C PHE I 197 -65.80 40.90 -7.22
N LEU I 198 -65.91 39.94 -6.30
CA LEU I 198 -66.88 38.87 -6.42
C LEU I 198 -68.30 39.29 -6.07
N MET I 199 -68.51 40.55 -5.71
CA MET I 199 -69.85 41.09 -5.57
C MET I 199 -70.10 42.28 -6.46
N SER I 200 -69.26 42.52 -7.47
CA SER I 200 -69.37 43.75 -8.25
C SER I 200 -68.94 43.48 -9.68
N PHE I 201 -69.91 43.47 -10.60
CA PHE I 201 -69.62 43.54 -12.04
C PHE I 201 -70.87 44.05 -12.74
N LYS I 202 -70.72 45.07 -13.58
CA LYS I 202 -71.81 45.67 -14.34
C LYS I 202 -71.39 45.94 -15.77
N TYR I 203 -70.85 44.90 -16.43
CA TYR I 203 -70.38 44.95 -17.81
C TYR I 203 -69.27 45.98 -18.00
N LYS I 204 -68.38 46.07 -17.01
CA LYS I 204 -67.28 47.05 -17.05
C LYS I 204 -66.35 46.79 -18.23
N PHE I 205 -66.21 45.54 -18.65
CA PHE I 205 -65.43 45.22 -19.84
C PHE I 205 -66.08 45.79 -21.08
N ARG I 206 -67.40 45.94 -21.09
CA ARG I 206 -68.07 46.56 -22.22
C ARG I 206 -67.87 48.07 -22.23
N LYS I 207 -67.54 48.66 -21.08
CA LYS I 207 -67.30 50.10 -21.02
C LYS I 207 -66.04 50.50 -21.77
N ILE I 208 -65.07 49.61 -21.90
CA ILE I 208 -63.95 49.88 -22.79
C ILE I 208 -64.36 49.62 -24.24
N LEU I 209 -65.22 48.63 -24.45
CA LEU I 209 -65.79 48.32 -25.76
C LEU I 209 -66.81 49.36 -26.22
N ASP I 210 -67.32 50.19 -25.29
CA ASP I 210 -68.24 51.30 -25.52
C ASP I 210 -69.61 50.87 -26.04
N GLU I 211 -70.02 49.62 -25.74
CA GLU I 211 -71.39 49.11 -25.81
C GLU I 211 -71.91 48.92 -27.25
N ARG I 212 -71.15 49.40 -28.23
CA ARG I 212 -71.53 49.59 -29.65
C ARG I 212 -73.00 49.90 -29.90
N ASP I 221 -79.99 42.64 -18.60
CA ASP I 221 -78.97 41.59 -18.58
C ASP I 221 -77.75 41.98 -17.74
N GLU I 222 -77.83 43.14 -17.09
CA GLU I 222 -76.67 43.79 -16.50
C GLU I 222 -76.26 43.22 -15.14
N GLU I 223 -76.88 42.14 -14.68
CA GLU I 223 -76.45 41.46 -13.47
C GLU I 223 -75.07 40.86 -13.68
N LEU I 224 -74.29 40.78 -12.60
CA LEU I 224 -72.93 40.28 -12.66
C LEU I 224 -72.90 38.80 -13.00
N TYR I 225 -71.78 38.37 -13.56
CA TYR I 225 -71.65 37.00 -14.08
C TYR I 225 -71.64 35.99 -12.94
N TYR I 226 -70.77 36.21 -11.98
CA TYR I 226 -70.32 35.18 -11.05
C TYR I 226 -71.35 34.81 -10.01
N ILE I 227 -72.42 35.59 -9.86
CA ILE I 227 -73.58 35.09 -9.12
C ILE I 227 -74.19 33.91 -9.85
N LYS I 228 -74.53 34.11 -11.13
CA LYS I 228 -75.10 33.03 -11.93
C LYS I 228 -74.06 31.95 -12.20
N GLN I 229 -72.80 32.35 -12.39
CA GLN I 229 -71.76 31.39 -12.73
C GLN I 229 -71.39 30.51 -11.54
N LEU I 230 -71.57 31.00 -10.32
CA LEU I 230 -71.41 30.09 -9.19
C LEU I 230 -72.65 29.24 -9.01
N ASN I 231 -73.80 29.68 -9.51
CA ASN I 231 -75.01 28.87 -9.41
C ASN I 231 -74.96 27.66 -10.32
N GLU I 232 -74.43 27.82 -11.53
CA GLU I 232 -74.26 26.66 -12.40
C GLU I 232 -73.14 25.76 -11.91
N MET I 233 -72.23 26.31 -11.11
CA MET I 233 -71.37 25.47 -10.27
C MET I 233 -72.18 24.81 -9.16
N ARG I 234 -73.20 25.48 -8.65
CA ARG I 234 -73.88 25.02 -7.44
C ARG I 234 -74.89 23.91 -7.72
N GLU I 235 -75.93 24.22 -8.50
CA GLU I 235 -77.02 23.25 -8.67
C GLU I 235 -76.59 22.08 -9.54
N LEU I 236 -75.59 22.26 -10.40
CA LEU I 236 -75.13 21.16 -11.22
C LEU I 236 -74.11 20.27 -10.51
N GLY I 237 -73.46 20.77 -9.46
CA GLY I 237 -72.40 20.04 -8.81
C GLY I 237 -71.10 19.98 -9.58
N THR I 238 -70.94 20.82 -10.60
CA THR I 238 -69.73 20.79 -11.42
C THR I 238 -68.69 21.77 -10.89
N SER I 239 -67.44 21.31 -10.86
CA SER I 239 -66.35 22.07 -10.26
C SER I 239 -65.67 22.93 -11.33
N ASN I 240 -64.47 23.44 -11.00
CA ASN I 240 -63.55 24.09 -11.92
C ASN I 240 -64.10 25.35 -12.59
N LEU I 241 -64.33 26.39 -11.80
CA LEU I 241 -64.62 27.70 -12.37
C LEU I 241 -63.36 28.23 -13.07
N ASN I 242 -63.58 29.12 -14.03
CA ASN I 242 -62.50 29.71 -14.81
C ASN I 242 -62.89 31.12 -15.24
N LEU I 243 -61.90 31.92 -15.62
CA LEU I 243 -62.14 33.32 -15.97
C LEU I 243 -60.99 33.85 -16.82
N ASP I 244 -61.24 35.02 -17.40
CA ASP I 244 -60.28 35.70 -18.25
C ASP I 244 -59.36 36.58 -17.39
N ALA I 245 -58.61 37.44 -18.04
CA ALA I 245 -57.73 38.41 -17.38
C ALA I 245 -58.33 39.81 -17.34
N ARG I 246 -59.13 40.16 -18.33
CA ARG I 246 -59.52 41.57 -18.50
C ARG I 246 -60.59 41.99 -17.52
N ASN I 247 -61.20 41.04 -16.82
CA ASN I 247 -62.19 41.40 -15.81
C ASN I 247 -61.55 42.07 -14.60
N LEU I 248 -60.26 41.80 -14.36
CA LEU I 248 -59.54 42.56 -13.34
C LEU I 248 -59.03 43.90 -13.86
N LEU I 249 -59.14 44.15 -15.16
CA LEU I 249 -58.61 45.40 -15.70
C LEU I 249 -59.64 46.52 -15.62
N ALA I 250 -60.85 46.27 -16.10
CA ALA I 250 -61.85 47.33 -16.21
C ALA I 250 -62.38 47.72 -14.84
N TYR I 251 -62.43 46.79 -13.91
CA TYR I 251 -62.78 47.12 -12.53
C TYR I 251 -61.64 47.93 -11.93
N LYS I 252 -61.98 49.12 -11.44
CA LYS I 252 -60.98 50.08 -10.98
C LYS I 252 -60.24 49.57 -9.75
N GLN I 253 -60.97 48.96 -8.83
CA GLN I 253 -60.39 48.25 -7.71
C GLN I 253 -59.79 46.96 -8.25
N THR I 254 -58.88 46.37 -7.48
CA THR I 254 -58.09 45.16 -7.77
C THR I 254 -57.19 45.35 -8.99
N GLU I 255 -56.86 46.57 -9.38
CA GLU I 255 -55.96 46.79 -10.50
C GLU I 255 -54.55 46.41 -10.05
N ASP I 256 -54.26 46.71 -8.79
CA ASP I 256 -53.03 46.28 -8.14
C ASP I 256 -52.97 44.76 -8.01
N LEU I 257 -54.13 44.11 -7.90
CA LEU I 257 -54.20 42.66 -7.73
C LEU I 257 -53.81 41.92 -9.01
N TYR I 258 -53.98 42.57 -10.16
CA TYR I 258 -53.83 41.88 -11.44
C TYR I 258 -52.38 41.52 -11.71
N HIS I 259 -51.46 42.45 -11.47
CA HIS I 259 -50.06 42.18 -11.73
C HIS I 259 -49.43 41.28 -10.69
N GLN I 260 -50.10 41.10 -9.55
CA GLN I 260 -49.64 40.12 -8.57
C GLN I 260 -49.73 38.71 -9.11
N LEU I 261 -50.79 38.40 -9.85
CA LEU I 261 -50.94 37.09 -10.46
C LEU I 261 -49.89 36.86 -11.53
N LEU I 262 -49.48 37.92 -12.23
CA LEU I 262 -48.47 37.80 -13.26
C LEU I 262 -47.10 37.42 -12.71
N ASN I 263 -46.78 37.83 -11.48
CA ASN I 263 -45.43 37.65 -10.97
C ASN I 263 -45.32 36.55 -9.94
N TYR I 264 -46.42 36.14 -9.30
CA TYR I 264 -46.37 35.09 -8.29
C TYR I 264 -47.60 34.20 -8.44
N PRO I 265 -47.67 33.37 -9.47
CA PRO I 265 -48.93 32.68 -9.76
C PRO I 265 -49.24 31.54 -8.80
N GLN I 266 -48.21 30.95 -8.16
CA GLN I 266 -48.43 29.75 -7.36
C GLN I 266 -49.21 30.08 -6.08
N GLU I 267 -49.00 31.28 -5.53
CA GLU I 267 -49.60 31.57 -4.23
C GLU I 267 -50.90 32.33 -4.36
N VAL I 268 -51.04 33.14 -5.41
CA VAL I 268 -52.21 33.99 -5.55
C VAL I 268 -53.47 33.17 -5.80
N ILE I 269 -53.35 32.10 -6.59
CA ILE I 269 -54.48 31.26 -6.94
C ILE I 269 -55.02 30.54 -5.72
N SER I 270 -54.11 30.08 -4.85
CA SER I 270 -54.51 29.26 -3.69
C SER I 270 -55.27 30.09 -2.67
N ILE I 271 -54.94 31.36 -2.52
CA ILE I 271 -55.62 32.21 -1.55
C ILE I 271 -57.02 32.51 -2.02
N MET I 272 -57.19 32.66 -3.34
CA MET I 272 -58.52 32.83 -3.92
C MET I 272 -59.40 31.62 -3.66
N ASP I 273 -58.82 30.42 -3.69
CA ASP I 273 -59.60 29.20 -3.57
C ASP I 273 -60.16 29.02 -2.17
N GLN I 274 -59.48 29.61 -1.19
CA GLN I 274 -59.98 29.55 0.19
C GLN I 274 -61.25 30.38 0.33
N THR I 275 -61.23 31.62 -0.12
CA THR I 275 -62.37 32.50 0.04
C THR I 275 -63.47 32.25 -0.98
N ILE I 276 -63.16 31.64 -2.12
CA ILE I 276 -64.21 31.13 -2.99
C ILE I 276 -64.95 30.01 -2.31
N LYS I 277 -64.21 29.10 -1.66
CA LYS I 277 -64.82 28.06 -0.83
C LYS I 277 -65.59 28.67 0.34
N ASP I 278 -65.11 29.78 0.86
CA ASP I 278 -65.88 30.54 1.84
C ASP I 278 -67.06 31.25 1.19
N CYS I 279 -66.92 31.66 -0.07
CA CYS I 279 -68.04 32.30 -0.76
C CYS I 279 -69.15 31.30 -1.05
N MET I 280 -68.79 30.01 -1.18
CA MET I 280 -69.79 28.95 -1.25
C MET I 280 -70.61 28.90 0.03
N VAL I 281 -69.95 29.09 1.17
CA VAL I 281 -70.62 29.03 2.46
C VAL I 281 -71.44 30.30 2.67
N SER I 282 -71.00 31.41 2.08
CA SER I 282 -71.76 32.66 2.16
C SER I 282 -73.10 32.57 1.43
N LEU I 283 -73.22 31.70 0.44
CA LEU I 283 -74.49 31.53 -0.24
C LEU I 283 -75.38 30.53 0.49
N ILE I 284 -74.78 29.52 1.13
CA ILE I 284 -75.56 28.41 1.69
C ILE I 284 -76.29 28.79 2.97
N VAL I 285 -75.98 29.96 3.55
CA VAL I 285 -76.64 30.40 4.78
C VAL I 285 -77.94 31.11 4.45
N ASP I 286 -78.29 31.16 3.16
CA ASP I 286 -79.53 31.80 2.74
C ASP I 286 -80.72 30.85 2.82
N ASN I 287 -80.56 29.62 2.35
CA ASN I 287 -81.66 28.66 2.33
C ASN I 287 -81.56 27.58 3.40
N ASN I 288 -80.34 27.21 3.81
CA ASN I 288 -80.06 26.44 5.03
C ASN I 288 -80.55 24.99 5.03
N LEU I 289 -81.09 24.50 3.91
CA LEU I 289 -81.28 23.06 3.68
C LEU I 289 -80.76 22.78 2.27
N ASP I 290 -79.46 22.57 2.15
CA ASP I 290 -78.79 22.62 0.86
C ASP I 290 -77.69 21.56 0.78
N TYR I 291 -77.96 20.49 0.04
CA TYR I 291 -76.96 19.69 -0.65
C TYR I 291 -76.01 18.94 0.28
N ASP I 292 -76.46 18.64 1.51
CA ASP I 292 -75.69 17.92 2.53
C ASP I 292 -74.39 18.67 2.83
N LEU I 293 -74.58 19.81 3.51
CA LEU I 293 -73.68 20.96 3.64
C LEU I 293 -72.21 20.62 3.88
N ASP I 294 -71.92 19.51 4.55
CA ASP I 294 -70.53 19.18 4.86
C ASP I 294 -69.76 18.69 3.63
N GLU I 295 -70.37 17.80 2.85
CA GLU I 295 -69.60 17.10 1.82
C GLU I 295 -69.37 17.97 0.60
N ILE I 296 -70.37 18.78 0.23
CA ILE I 296 -70.17 19.74 -0.85
C ILE I 296 -69.17 20.82 -0.46
N GLU I 297 -69.07 21.12 0.83
CA GLU I 297 -67.95 21.90 1.33
C GLU I 297 -66.64 21.14 1.21
N THR I 298 -66.66 19.83 1.45
CA THR I 298 -65.44 19.03 1.55
C THR I 298 -64.74 18.89 0.20
N LYS I 299 -65.49 19.04 -0.90
CA LYS I 299 -64.94 18.82 -2.24
C LYS I 299 -63.95 19.92 -2.62
N PHE I 300 -62.83 19.51 -3.22
CA PHE I 300 -61.79 20.44 -3.63
C PHE I 300 -62.27 21.32 -4.76
N TYR I 301 -61.99 22.61 -4.66
CA TYR I 301 -62.33 23.59 -5.68
C TYR I 301 -61.06 24.24 -6.18
N LYS I 302 -60.98 24.48 -7.49
CA LYS I 302 -59.85 25.22 -8.02
C LYS I 302 -60.27 25.99 -9.27
N VAL I 303 -59.44 26.97 -9.61
CA VAL I 303 -59.71 27.93 -10.67
C VAL I 303 -58.66 27.76 -11.75
N ARG I 304 -59.08 27.86 -13.01
CA ARG I 304 -58.17 27.79 -14.14
C ARG I 304 -58.18 29.13 -14.87
N PRO I 305 -57.39 30.11 -14.43
CA PRO I 305 -57.34 31.40 -15.11
C PRO I 305 -56.61 31.30 -16.44
N TYR I 306 -57.07 32.10 -17.39
CA TYR I 306 -56.57 32.02 -18.76
C TYR I 306 -56.82 33.36 -19.44
N ASN I 307 -56.55 33.39 -20.75
CA ASN I 307 -56.64 34.59 -21.60
C ASN I 307 -55.75 35.71 -21.04
N VAL I 308 -54.62 35.34 -20.46
CA VAL I 308 -53.82 36.27 -19.66
C VAL I 308 -52.78 36.88 -20.60
N GLY I 309 -53.23 37.82 -21.42
CA GLY I 309 -52.33 38.57 -22.27
C GLY I 309 -51.65 37.82 -23.40
N SER I 310 -51.18 38.56 -24.40
CA SER I 310 -50.32 37.97 -25.43
C SER I 310 -49.40 39.08 -25.91
N CYS I 311 -48.21 39.15 -25.30
CA CYS I 311 -47.30 40.24 -25.60
C CYS I 311 -46.29 39.85 -26.69
N LYS I 312 -45.46 38.85 -26.41
CA LYS I 312 -44.34 38.51 -27.29
C LYS I 312 -44.18 37.00 -27.34
N GLY I 313 -43.27 36.54 -28.20
CA GLY I 313 -43.13 35.14 -28.49
C GLY I 313 -42.21 34.41 -27.52
N MET I 314 -41.96 33.15 -27.85
CA MET I 314 -41.15 32.29 -27.00
C MET I 314 -39.67 32.64 -27.08
N ARG I 315 -39.19 33.00 -28.26
CA ARG I 315 -37.77 33.29 -28.48
C ARG I 315 -37.32 34.53 -27.70
N GLU I 316 -38.23 35.48 -27.49
CA GLU I 316 -37.89 36.74 -26.84
C GLU I 316 -37.58 36.57 -25.35
N LEU I 317 -38.07 35.51 -24.72
CA LEU I 317 -38.10 35.39 -23.26
C LEU I 317 -36.73 35.34 -22.61
N ASN I 318 -36.41 36.37 -21.83
CA ASN I 318 -35.17 36.46 -21.09
C ASN I 318 -35.16 35.46 -19.93
N PRO I 319 -33.99 35.13 -19.40
CA PRO I 319 -33.93 34.29 -18.18
C PRO I 319 -34.48 34.98 -16.93
N ASN I 320 -34.80 36.27 -16.98
CA ASN I 320 -35.43 36.90 -15.84
C ASN I 320 -36.85 36.40 -15.66
N ASP I 321 -37.56 36.16 -16.77
CA ASP I 321 -38.97 35.82 -16.72
C ASP I 321 -39.14 34.32 -16.49
N ILE I 322 -38.91 33.94 -15.24
CA ILE I 322 -38.95 32.52 -14.89
C ILE I 322 -40.38 32.05 -14.71
N ASP I 323 -41.10 32.63 -13.76
CA ASP I 323 -42.43 32.11 -13.42
C ASP I 323 -43.47 33.17 -13.73
N LYS I 324 -43.94 33.17 -14.97
CA LYS I 324 -44.99 34.07 -15.40
C LYS I 324 -46.02 33.25 -16.17
N LEU I 325 -47.14 33.88 -16.50
CA LEU I 325 -48.18 33.24 -17.28
C LEU I 325 -47.97 33.55 -18.75
N ILE I 326 -48.01 32.52 -19.59
CA ILE I 326 -47.61 32.64 -20.98
C ILE I 326 -48.67 32.02 -21.87
N ASN I 327 -49.13 32.80 -22.84
CA ASN I 327 -50.06 32.32 -23.86
C ASN I 327 -49.32 32.00 -25.14
N LEU I 328 -49.40 30.74 -25.57
CA LEU I 328 -48.82 30.31 -26.83
C LEU I 328 -49.81 29.45 -27.59
N LYS I 329 -49.53 29.26 -28.87
CA LYS I 329 -50.44 28.58 -29.79
C LYS I 329 -49.65 27.50 -30.52
N GLY I 330 -50.25 26.91 -31.55
CA GLY I 330 -49.56 25.96 -32.39
C GLY I 330 -50.25 24.60 -32.46
N LEU I 331 -49.46 23.62 -32.90
CA LEU I 331 -49.96 22.29 -33.22
C LEU I 331 -49.33 21.25 -32.30
N VAL I 332 -49.89 20.03 -32.33
CA VAL I 332 -49.54 18.97 -31.38
C VAL I 332 -48.98 17.79 -32.15
N LEU I 333 -47.80 17.32 -31.73
CA LEU I 333 -47.11 16.23 -32.45
C LEU I 333 -47.59 14.84 -32.03
N ARG I 334 -47.37 14.47 -30.77
CA ARG I 334 -47.56 13.10 -30.34
C ARG I 334 -48.11 13.06 -28.93
N SER I 335 -48.27 11.84 -28.42
CA SER I 335 -48.78 11.64 -27.06
C SER I 335 -48.02 10.48 -26.40
N THR I 336 -47.33 10.79 -25.32
CA THR I 336 -46.68 9.78 -24.50
C THR I 336 -47.73 8.96 -23.76
N PRO I 337 -47.38 7.76 -23.27
CA PRO I 337 -48.30 7.05 -22.36
C PRO I 337 -48.39 7.69 -20.99
N VAL I 338 -49.19 7.10 -20.11
CA VAL I 338 -49.45 7.68 -18.79
C VAL I 338 -48.22 7.49 -17.91
N ILE I 339 -47.78 8.58 -17.28
CA ILE I 339 -46.69 8.49 -16.31
C ILE I 339 -47.29 8.56 -14.91
N PRO I 340 -47.11 7.54 -14.09
CA PRO I 340 -47.62 7.57 -12.72
C PRO I 340 -46.61 8.27 -11.82
N ASP I 341 -47.09 8.68 -10.64
CA ASP I 341 -46.21 9.35 -9.69
C ASP I 341 -46.80 9.16 -8.30
N MET I 342 -45.99 8.66 -7.38
CA MET I 342 -46.44 8.37 -6.03
C MET I 342 -46.81 9.64 -5.27
N LYS I 343 -47.99 9.63 -4.68
CA LYS I 343 -48.38 10.68 -3.75
C LYS I 343 -48.39 10.22 -2.30
N VAL I 344 -48.80 9.00 -2.04
CA VAL I 344 -48.69 8.40 -0.71
C VAL I 344 -47.89 7.12 -0.85
N ALA I 345 -46.85 6.96 -0.04
CA ALA I 345 -45.99 5.80 -0.07
C ALA I 345 -46.58 4.69 0.80
N PHE I 346 -45.79 3.65 1.03
CA PHE I 346 -46.30 2.49 1.77
C PHE I 346 -45.13 1.77 2.39
N PHE I 347 -45.23 1.45 3.68
CA PHE I 347 -44.15 0.81 4.41
C PHE I 347 -44.68 -0.25 5.34
N LYS I 348 -43.86 -1.29 5.56
CA LYS I 348 -44.15 -2.32 6.55
C LYS I 348 -42.84 -2.73 7.21
N CYS I 349 -42.92 -3.76 8.04
CA CYS I 349 -41.77 -4.49 8.55
C CYS I 349 -42.14 -5.96 8.54
N ASN I 350 -41.36 -6.76 9.27
CA ASN I 350 -41.50 -8.20 9.20
C ASN I 350 -42.13 -8.82 10.44
N VAL I 351 -41.99 -8.21 11.61
CA VAL I 351 -42.41 -8.83 12.86
C VAL I 351 -43.72 -8.19 13.30
N CYS I 352 -44.83 -8.90 13.06
CA CYS I 352 -46.24 -8.58 13.31
C CYS I 352 -46.78 -7.53 12.35
N ASP I 353 -45.93 -6.94 11.49
CA ASP I 353 -46.32 -6.31 10.22
C ASP I 353 -47.19 -5.08 10.41
N HIS I 354 -46.72 -4.13 11.20
CA HIS I 354 -47.29 -2.79 11.25
C HIS I 354 -47.08 -2.14 9.89
N THR I 355 -48.08 -1.41 9.44
CA THR I 355 -48.18 -0.99 8.04
C THR I 355 -48.42 0.51 7.92
N MET I 356 -47.63 1.30 8.65
CA MET I 356 -47.72 2.75 8.54
C MET I 356 -47.26 3.23 7.17
N ALA I 357 -47.61 4.47 6.85
CA ALA I 357 -47.28 5.03 5.56
C ALA I 357 -46.92 6.50 5.73
N VAL I 358 -46.47 7.10 4.63
CA VAL I 358 -46.09 8.51 4.59
C VAL I 358 -46.33 8.99 3.16
N GLU I 359 -46.44 10.29 2.98
CA GLU I 359 -46.79 10.88 1.70
C GLU I 359 -45.58 11.49 1.04
N ILE I 360 -45.75 11.90 -0.22
CA ILE I 360 -44.70 12.64 -0.90
C ILE I 360 -44.58 14.03 -0.27
N ASP I 361 -43.34 14.49 -0.13
CA ASP I 361 -43.09 15.87 0.24
C ASP I 361 -42.88 16.69 -1.02
N ARG I 362 -42.32 17.88 -0.88
CA ARG I 362 -42.06 18.70 -2.06
C ARG I 362 -40.91 18.13 -2.88
N GLY I 363 -40.02 17.37 -2.25
CA GLY I 363 -38.95 16.76 -3.02
C GLY I 363 -38.75 15.26 -2.89
N VAL I 364 -39.05 14.67 -1.73
CA VAL I 364 -38.62 13.30 -1.42
C VAL I 364 -39.67 12.57 -0.62
N ILE I 365 -39.35 11.31 -0.32
CA ILE I 365 -40.02 10.51 0.69
C ILE I 365 -38.95 9.95 1.63
N GLN I 366 -39.09 10.25 2.91
CA GLN I 366 -38.13 9.81 3.91
C GLN I 366 -38.71 8.63 4.67
N GLU I 367 -37.84 7.91 5.36
CA GLU I 367 -38.32 6.72 6.04
C GLU I 367 -37.52 6.45 7.31
N PRO I 368 -38.19 5.97 8.36
CA PRO I 368 -37.50 5.76 9.64
C PRO I 368 -36.71 4.47 9.67
N ALA I 369 -36.09 4.21 10.83
CA ALA I 369 -35.32 2.98 11.00
C ALA I 369 -36.19 1.85 11.56
N ARG I 370 -36.88 2.10 12.67
CA ARG I 370 -37.61 1.07 13.39
C ARG I 370 -39.06 1.47 13.56
N CYS I 371 -39.97 0.50 13.38
CA CYS I 371 -41.38 0.79 13.12
C CYS I 371 -42.37 0.00 13.96
N GLU I 372 -42.14 -1.32 14.09
CA GLU I 372 -43.01 -2.21 14.86
C GLU I 372 -42.79 -1.85 16.29
N ARG I 373 -43.85 -1.90 17.10
CA ARG I 373 -43.84 -1.45 18.48
C ARG I 373 -43.48 0.05 18.56
N ILE I 374 -44.05 0.89 17.68
CA ILE I 374 -43.76 2.34 17.59
C ILE I 374 -42.25 2.51 17.30
N ASP I 375 -41.54 3.52 17.80
CA ASP I 375 -40.10 3.56 17.59
C ASP I 375 -39.46 2.83 18.78
N CYS I 376 -39.60 1.52 18.87
CA CYS I 376 -39.06 0.79 20.00
C CYS I 376 -38.79 -0.69 19.78
N ASN I 377 -37.92 -1.20 20.65
CA ASN I 377 -37.47 -2.59 20.71
C ASN I 377 -36.76 -3.05 19.43
N GLU I 378 -36.32 -2.08 18.59
CA GLU I 378 -35.58 -2.19 17.33
C GLU I 378 -35.97 -3.40 16.47
N PRO I 379 -37.23 -3.51 16.07
CA PRO I 379 -37.79 -4.84 15.78
C PRO I 379 -37.25 -5.54 14.53
N ASN I 380 -37.34 -4.91 13.37
CA ASN I 380 -37.18 -5.66 12.13
C ASN I 380 -36.69 -4.73 11.02
N SER I 381 -36.56 -5.30 9.83
CA SER I 381 -36.18 -4.57 8.64
C SER I 381 -37.41 -3.89 8.05
N MET I 382 -37.24 -2.65 7.60
CA MET I 382 -38.35 -1.90 7.04
C MET I 382 -38.70 -2.45 5.66
N SER I 383 -40.01 -2.61 5.42
CA SER I 383 -40.49 -3.13 4.15
C SER I 383 -41.07 -1.97 3.34
N LEU I 384 -41.17 -2.20 2.03
CA LEU I 384 -41.80 -1.25 1.12
C LEU I 384 -42.52 -2.04 0.05
N ILE I 385 -43.81 -1.81 -0.11
CA ILE I 385 -44.61 -2.48 -1.14
C ILE I 385 -45.19 -1.39 -2.04
N HIS I 386 -44.76 -1.41 -3.30
CA HIS I 386 -45.11 -0.35 -4.25
C HIS I 386 -46.29 -0.71 -5.14
N ASN I 387 -47.22 -1.52 -4.64
CA ASN I 387 -48.49 -1.74 -5.34
C ASN I 387 -49.68 -1.52 -4.41
N ARG I 388 -49.43 -1.35 -3.12
CA ARG I 388 -50.44 -0.90 -2.17
C ARG I 388 -50.46 0.60 -2.01
N CYS I 389 -49.52 1.32 -2.60
CA CYS I 389 -49.37 2.75 -2.40
C CYS I 389 -50.15 3.54 -3.44
N SER I 390 -50.39 4.81 -3.11
CA SER I 390 -51.18 5.69 -3.96
C SER I 390 -50.31 6.28 -5.06
N PHE I 391 -50.98 6.89 -6.05
CA PHE I 391 -50.27 7.39 -7.22
C PHE I 391 -50.94 8.66 -7.73
N ALA I 392 -50.44 9.14 -8.87
CA ALA I 392 -51.03 10.25 -9.60
C ALA I 392 -50.88 9.93 -11.09
N ASP I 393 -51.20 10.91 -11.94
CA ASP I 393 -51.16 10.75 -13.38
C ASP I 393 -50.49 11.96 -14.03
N LYS I 394 -49.59 11.70 -14.97
CA LYS I 394 -48.89 12.77 -15.69
C LYS I 394 -48.69 12.30 -17.12
N GLN I 395 -48.76 13.24 -18.07
CA GLN I 395 -48.58 12.95 -19.48
C GLN I 395 -47.69 14.01 -20.11
N VAL I 396 -46.78 13.58 -20.99
CA VAL I 396 -45.87 14.47 -21.70
C VAL I 396 -46.40 14.63 -23.12
N ILE I 397 -46.47 15.86 -23.59
CA ILE I 397 -46.91 16.18 -24.94
C ILE I 397 -45.96 17.22 -25.53
N LYS I 398 -45.40 16.90 -26.69
CA LYS I 398 -44.46 17.77 -27.40
C LYS I 398 -45.20 18.58 -28.45
N LEU I 399 -44.92 19.88 -28.50
CA LEU I 399 -45.71 20.84 -29.25
C LEU I 399 -44.84 21.62 -30.22
N GLN I 400 -45.43 22.02 -31.33
CA GLN I 400 -44.80 22.99 -32.22
C GLN I 400 -45.73 24.18 -32.35
N GLU I 401 -45.15 25.38 -32.33
CA GLU I 401 -45.88 26.63 -32.24
C GLU I 401 -45.78 27.40 -33.55
N THR I 402 -46.68 28.37 -33.70
CA THR I 402 -46.64 29.30 -34.83
C THR I 402 -46.60 30.70 -34.22
N PRO I 403 -45.41 31.21 -33.90
CA PRO I 403 -45.31 32.52 -33.26
C PRO I 403 -45.46 33.67 -34.25
N ASP I 404 -46.71 34.08 -34.51
CA ASP I 404 -47.04 35.22 -35.35
C ASP I 404 -46.32 36.50 -34.92
N PHE I 405 -46.02 37.37 -35.89
CA PHE I 405 -44.94 38.35 -35.82
C PHE I 405 -43.63 37.66 -35.44
N VAL I 406 -43.15 36.87 -36.39
CA VAL I 406 -41.88 36.15 -36.27
C VAL I 406 -40.72 37.13 -36.15
N PRO I 407 -39.61 36.74 -35.52
CA PRO I 407 -38.40 37.55 -35.62
C PRO I 407 -37.63 37.22 -36.89
N ASP I 408 -36.53 37.94 -37.08
CA ASP I 408 -35.74 37.80 -38.29
C ASP I 408 -34.94 36.50 -38.25
N GLY I 409 -34.88 35.81 -39.38
CA GLY I 409 -34.07 34.61 -39.52
C GLY I 409 -34.57 33.43 -38.71
N GLN I 410 -35.83 33.45 -38.31
CA GLN I 410 -36.32 32.50 -37.33
C GLN I 410 -36.74 31.19 -37.98
N THR I 411 -36.22 30.11 -37.44
CA THR I 411 -36.56 28.74 -37.75
C THR I 411 -37.76 28.31 -36.91
N PRO I 412 -38.55 27.33 -37.35
CA PRO I 412 -39.56 26.75 -36.46
C PRO I 412 -38.91 25.95 -35.34
N HIS I 413 -39.65 25.81 -34.25
CA HIS I 413 -39.11 25.31 -33.00
C HIS I 413 -40.17 24.45 -32.32
N SER I 414 -39.70 23.45 -31.56
CA SER I 414 -40.61 22.58 -30.84
C SER I 414 -40.36 22.64 -29.34
N ILE I 415 -41.43 22.65 -28.55
CA ILE I 415 -41.39 22.67 -27.09
C ILE I 415 -42.27 21.51 -26.63
N SER I 416 -42.29 21.24 -25.32
CA SER I 416 -43.09 20.18 -24.73
C SER I 416 -43.75 20.68 -23.46
N LEU I 417 -44.63 19.87 -22.88
CA LEU I 417 -45.43 20.26 -21.72
C LEU I 417 -45.87 19.03 -20.94
N CYS I 418 -46.44 19.30 -19.75
CA CYS I 418 -46.55 18.30 -18.67
C CYS I 418 -47.93 18.31 -18.00
N VAL I 419 -49.00 18.12 -18.79
CA VAL I 419 -50.38 18.08 -18.29
C VAL I 419 -50.60 17.06 -17.18
N TYR I 420 -51.65 17.25 -16.39
CA TYR I 420 -51.86 16.47 -15.18
C TYR I 420 -53.23 15.81 -15.22
N ASP I 421 -53.66 15.32 -14.04
CA ASP I 421 -54.72 14.34 -13.81
C ASP I 421 -56.00 14.55 -14.61
N GLU I 422 -56.60 15.73 -14.46
CA GLU I 422 -57.86 15.98 -15.12
C GLU I 422 -57.67 16.28 -16.60
N LEU I 423 -56.48 16.72 -16.98
CA LEU I 423 -56.18 17.00 -18.37
C LEU I 423 -55.58 15.81 -19.11
N VAL I 424 -55.72 14.60 -18.57
CA VAL I 424 -55.27 13.42 -19.28
C VAL I 424 -56.26 13.10 -20.40
N ASP I 425 -55.71 12.96 -21.61
CA ASP I 425 -56.47 12.88 -22.87
C ASP I 425 -57.42 14.05 -23.01
N SER I 426 -56.92 15.24 -22.71
CA SER I 426 -57.62 16.48 -23.02
C SER I 426 -57.11 17.08 -24.31
N CYS I 427 -56.24 16.37 -25.03
CA CYS I 427 -55.62 16.89 -26.23
C CYS I 427 -55.49 15.78 -27.25
N ARG I 428 -55.62 16.15 -28.53
CA ARG I 428 -55.30 15.25 -29.62
C ARG I 428 -54.08 15.81 -30.37
N ALA I 429 -53.57 15.06 -31.33
CA ALA I 429 -52.34 15.43 -32.04
C ALA I 429 -52.73 16.10 -33.35
N GLY I 430 -52.37 17.37 -33.49
CA GLY I 430 -52.58 18.08 -34.73
C GLY I 430 -53.56 19.23 -34.61
N ASP I 431 -54.16 19.36 -33.44
CA ASP I 431 -55.11 20.43 -33.21
C ASP I 431 -54.38 21.77 -33.07
N ARG I 432 -55.09 22.84 -33.42
CA ARG I 432 -54.60 24.20 -33.24
C ARG I 432 -55.10 24.69 -31.89
N ILE I 433 -54.25 24.56 -30.87
CA ILE I 433 -54.64 24.85 -29.50
C ILE I 433 -53.83 26.01 -28.97
N GLU I 434 -54.51 26.97 -28.36
CA GLU I 434 -53.85 28.02 -27.60
C GLU I 434 -53.59 27.48 -26.20
N VAL I 435 -52.43 27.80 -25.65
CA VAL I 435 -51.93 27.17 -24.43
C VAL I 435 -51.56 28.23 -23.41
N THR I 436 -52.15 28.13 -22.23
CA THR I 436 -51.82 28.99 -21.10
C THR I 436 -51.02 28.19 -20.08
N GLY I 437 -49.87 28.73 -19.69
CA GLY I 437 -49.00 27.97 -18.83
C GLY I 437 -47.93 28.82 -18.19
N THR I 438 -47.09 28.13 -17.41
CA THR I 438 -46.02 28.74 -16.64
C THR I 438 -44.68 28.16 -17.08
N PHE I 439 -43.70 29.03 -17.26
CA PHE I 439 -42.37 28.63 -17.69
C PHE I 439 -41.61 28.03 -16.51
N ARG I 440 -40.81 26.99 -16.78
CA ARG I 440 -39.98 26.34 -15.77
C ARG I 440 -38.61 26.03 -16.37
N SER I 441 -37.69 25.58 -15.50
CA SER I 441 -36.35 25.17 -15.91
C SER I 441 -35.78 24.26 -14.82
N ILE I 442 -35.47 23.02 -15.17
CA ILE I 442 -35.08 21.99 -14.21
C ILE I 442 -33.86 21.24 -14.73
N PRO I 443 -32.87 20.95 -13.88
CA PRO I 443 -31.68 20.20 -14.32
C PRO I 443 -31.98 18.77 -14.70
N ILE I 444 -31.02 18.18 -15.41
CA ILE I 444 -31.12 16.81 -15.89
C ILE I 444 -29.89 16.02 -15.42
N ARG I 445 -30.09 14.72 -15.27
CA ARG I 445 -29.01 13.83 -14.93
C ARG I 445 -28.12 13.59 -16.14
N ALA I 446 -26.97 13.00 -15.88
CA ALA I 446 -26.07 12.53 -16.92
C ALA I 446 -26.00 11.01 -16.85
N ASN I 447 -26.06 10.37 -18.04
CA ASN I 447 -25.73 8.97 -18.37
C ASN I 447 -26.30 7.92 -17.39
N SER I 448 -27.41 8.26 -16.70
CA SER I 448 -28.17 7.37 -15.81
C SER I 448 -27.34 6.73 -14.71
N ARG I 449 -26.23 7.34 -14.33
CA ARG I 449 -25.34 6.66 -13.40
C ARG I 449 -25.11 7.41 -12.11
N GLN I 450 -24.78 8.69 -12.19
CA GLN I 450 -24.26 9.42 -11.05
C GLN I 450 -25.23 10.52 -10.65
N ARG I 451 -24.84 11.31 -9.65
CA ARG I 451 -25.65 12.41 -9.15
C ARG I 451 -25.15 13.76 -9.67
N VAL I 452 -24.20 13.75 -10.59
CA VAL I 452 -23.68 14.99 -11.14
C VAL I 452 -24.68 15.58 -12.13
N LEU I 453 -25.38 16.63 -11.69
CA LEU I 453 -26.37 17.27 -12.55
C LEU I 453 -25.66 18.19 -13.52
N LYS I 454 -26.05 18.12 -14.79
CA LYS I 454 -25.55 19.03 -15.80
C LYS I 454 -26.08 20.43 -15.53
N SER I 455 -25.26 21.43 -15.85
CA SER I 455 -25.69 22.82 -15.80
C SER I 455 -26.59 23.11 -17.00
N LEU I 456 -27.05 24.37 -17.10
CA LEU I 456 -27.85 24.90 -18.21
C LEU I 456 -29.16 24.11 -18.34
N TYR I 457 -30.05 24.37 -17.38
CA TYR I 457 -31.28 23.60 -17.19
C TYR I 457 -32.15 23.54 -18.43
N LYS I 458 -32.84 22.42 -18.63
CA LYS I 458 -33.76 22.26 -19.74
C LYS I 458 -35.11 22.84 -19.36
N THR I 459 -35.66 23.63 -20.28
CA THR I 459 -36.85 24.43 -20.03
C THR I 459 -38.07 23.80 -20.68
N TYR I 460 -39.23 23.99 -20.07
CA TYR I 460 -40.45 23.33 -20.52
C TYR I 460 -41.65 24.17 -20.13
N VAL I 461 -42.84 23.61 -20.39
CA VAL I 461 -44.12 24.28 -20.19
C VAL I 461 -44.89 23.49 -19.14
N ASP I 462 -45.59 24.23 -18.27
CA ASP I 462 -46.24 23.70 -17.07
C ASP I 462 -47.68 24.20 -17.03
N VAL I 463 -48.46 23.80 -18.06
CA VAL I 463 -49.72 24.38 -18.50
C VAL I 463 -50.77 24.61 -17.42
N VAL I 464 -51.67 25.56 -17.68
CA VAL I 464 -52.70 25.96 -16.73
C VAL I 464 -54.09 25.64 -17.25
N HIS I 465 -54.48 26.28 -18.35
CA HIS I 465 -55.79 26.09 -18.96
C HIS I 465 -55.61 25.92 -20.44
N VAL I 466 -56.50 25.15 -21.07
CA VAL I 466 -56.32 24.69 -22.43
C VAL I 466 -57.39 25.35 -23.29
N LYS I 467 -57.02 25.74 -24.51
CA LYS I 467 -58.01 26.16 -25.49
C LYS I 467 -58.26 25.03 -26.49
N LYS I 468 -58.42 23.82 -25.97
CA LYS I 468 -58.82 22.66 -26.77
C LYS I 468 -60.17 22.87 -27.43
N VAL I 469 -61.02 23.69 -26.80
CA VAL I 469 -62.33 24.03 -27.35
C VAL I 469 -62.15 24.85 -28.61
N SER I 470 -63.18 24.88 -29.45
CA SER I 470 -63.10 25.53 -30.76
C SER I 470 -63.10 27.03 -30.60
N ASP I 471 -62.35 27.71 -31.46
CA ASP I 471 -62.39 29.16 -31.50
C ASP I 471 -63.73 29.62 -32.08
N LYS I 472 -64.15 30.83 -31.68
CA LYS I 472 -65.33 31.43 -32.28
C LYS I 472 -65.03 31.89 -33.71
N ARG I 473 -63.77 32.18 -33.99
CA ARG I 473 -63.40 32.71 -35.31
C ARG I 473 -63.42 31.62 -36.38
N LEU I 474 -62.61 30.58 -36.23
CA LEU I 474 -62.48 29.57 -37.26
C LEU I 474 -63.59 28.52 -37.10
N ASP I 475 -63.51 27.44 -37.87
CA ASP I 475 -64.60 26.51 -38.01
C ASP I 475 -64.65 25.56 -36.80
N VAL I 476 -65.74 24.82 -36.69
CA VAL I 476 -65.97 23.87 -35.60
C VAL I 476 -65.88 22.46 -36.18
N ASP I 477 -65.24 21.57 -35.44
CA ASP I 477 -65.06 20.19 -35.87
C ASP I 477 -66.38 19.44 -35.85
N THR I 478 -66.43 18.31 -36.56
CA THR I 478 -67.62 17.48 -36.65
C THR I 478 -67.86 16.75 -35.34
N SER I 479 -69.04 16.15 -35.20
CA SER I 479 -69.39 15.42 -34.00
C SER I 479 -69.35 13.93 -34.28
N THR I 480 -69.23 13.57 -35.55
CA THR I 480 -69.11 12.17 -35.92
C THR I 480 -67.74 11.61 -35.60
N ILE I 481 -66.76 12.46 -35.29
CA ILE I 481 -65.42 12.00 -34.96
C ILE I 481 -65.20 12.03 -33.46
N GLU I 482 -65.66 13.09 -32.79
CA GLU I 482 -65.54 13.26 -31.35
C GLU I 482 -66.40 12.27 -30.57
N GLN I 483 -67.36 11.60 -31.22
CA GLN I 483 -68.43 10.84 -30.57
C GLN I 483 -67.94 9.67 -29.72
N GLU I 484 -66.68 9.25 -29.87
CA GLU I 484 -66.09 8.37 -28.88
C GLU I 484 -65.92 9.09 -27.54
N LEU I 485 -65.37 10.31 -27.56
CA LEU I 485 -65.23 11.07 -26.34
C LEU I 485 -66.49 11.85 -25.99
N MET I 486 -67.48 11.91 -26.87
CA MET I 486 -68.80 12.31 -26.39
C MET I 486 -69.47 11.16 -25.65
N GLN I 487 -69.20 9.94 -26.08
CA GLN I 487 -69.60 8.77 -25.30
C GLN I 487 -68.81 8.71 -23.99
N ASN I 488 -67.56 9.17 -24.02
CA ASN I 488 -66.78 9.35 -22.80
C ASN I 488 -67.06 10.75 -22.28
N LYS I 489 -66.25 11.22 -21.31
CA LYS I 489 -66.16 12.61 -20.83
C LYS I 489 -67.44 13.08 -20.12
N VAL I 490 -68.41 12.18 -19.93
CA VAL I 490 -69.60 12.43 -19.12
C VAL I 490 -69.26 11.92 -17.73
N ASP I 491 -68.38 10.92 -17.69
CA ASP I 491 -67.92 10.36 -16.41
C ASP I 491 -67.09 11.36 -15.62
N HIS I 492 -66.31 12.21 -16.29
CA HIS I 492 -65.51 13.21 -15.62
C HIS I 492 -65.82 14.59 -16.17
N ASN I 493 -65.97 15.55 -15.27
CA ASN I 493 -66.28 16.93 -15.66
C ASN I 493 -65.04 17.58 -16.27
N GLU I 494 -65.18 18.06 -17.50
CA GLU I 494 -64.04 18.46 -18.31
C GLU I 494 -64.39 19.76 -19.04
N VAL I 495 -63.62 20.07 -20.08
CA VAL I 495 -63.91 21.18 -20.97
C VAL I 495 -65.06 20.79 -21.90
N GLU I 496 -65.56 21.76 -22.67
CA GLU I 496 -66.77 21.52 -23.44
C GLU I 496 -66.48 21.10 -24.88
N GLU I 497 -65.38 21.61 -25.47
CA GLU I 497 -64.82 21.29 -26.79
C GLU I 497 -65.72 21.76 -27.96
N VAL I 498 -66.91 22.27 -27.66
CA VAL I 498 -67.90 22.62 -28.66
C VAL I 498 -68.25 24.10 -28.48
N ARG I 499 -68.26 24.84 -29.59
CA ARG I 499 -68.70 26.22 -29.57
C ARG I 499 -70.17 26.32 -29.15
N GLN I 500 -70.39 26.91 -27.99
CA GLN I 500 -71.72 26.90 -27.38
C GLN I 500 -72.60 27.91 -28.08
N ILE I 501 -73.81 27.49 -28.43
CA ILE I 501 -74.77 28.35 -29.11
C ILE I 501 -75.65 29.03 -28.07
N THR I 502 -75.69 30.36 -28.11
CA THR I 502 -76.52 31.09 -27.17
C THR I 502 -77.97 31.12 -27.66
N ASP I 503 -78.81 31.88 -26.96
CA ASP I 503 -80.25 31.82 -27.16
C ASP I 503 -80.78 32.87 -28.12
N GLN I 504 -80.34 34.12 -28.00
CA GLN I 504 -80.97 35.22 -28.73
C GLN I 504 -80.67 35.13 -30.22
N ASP I 505 -79.47 34.67 -30.57
CA ASP I 505 -79.06 34.56 -31.96
C ASP I 505 -79.69 33.35 -32.66
N LEU I 506 -80.40 32.48 -31.95
CA LEU I 506 -81.01 31.32 -32.58
C LEU I 506 -82.13 31.74 -33.53
N ALA I 507 -82.98 32.68 -33.10
CA ALA I 507 -83.96 33.25 -34.01
C ALA I 507 -83.29 34.06 -35.10
N LYS I 508 -82.13 34.64 -34.79
CA LYS I 508 -81.38 35.38 -35.78
C LYS I 508 -80.78 34.46 -36.84
N ILE I 509 -80.40 33.24 -36.43
CA ILE I 509 -80.10 32.19 -37.40
C ILE I 509 -81.34 31.87 -38.21
N ARG I 510 -82.49 31.75 -37.56
CA ARG I 510 -83.73 31.53 -38.28
C ARG I 510 -84.19 32.77 -39.04
N GLU I 511 -83.69 33.95 -38.70
CA GLU I 511 -83.91 35.15 -39.50
C GLU I 511 -83.13 35.10 -40.80
N VAL I 512 -81.84 34.76 -40.72
CA VAL I 512 -81.02 34.65 -41.92
C VAL I 512 -81.46 33.46 -42.77
N ALA I 513 -82.01 32.42 -42.13
CA ALA I 513 -82.51 31.26 -42.86
C ALA I 513 -83.75 31.59 -43.69
N ALA I 514 -84.50 32.63 -43.34
CA ALA I 514 -85.67 33.01 -44.12
C ALA I 514 -85.33 33.93 -45.28
N ARG I 515 -84.04 34.20 -45.53
CA ARG I 515 -83.66 35.08 -46.63
C ARG I 515 -83.85 34.39 -47.96
N GLU I 516 -84.44 35.12 -48.91
CA GLU I 516 -84.63 34.56 -50.24
C GLU I 516 -83.33 34.48 -51.02
N ASP I 517 -82.49 35.51 -50.92
CA ASP I 517 -81.25 35.59 -51.69
C ASP I 517 -80.07 34.92 -51.00
N LEU I 518 -80.34 33.97 -50.11
CA LEU I 518 -79.30 33.25 -49.37
C LEU I 518 -78.36 32.49 -50.31
N TYR I 519 -78.90 31.96 -51.41
CA TYR I 519 -78.12 31.18 -52.34
C TYR I 519 -77.13 32.03 -53.13
N SER I 520 -77.34 33.35 -53.17
CA SER I 520 -76.41 34.26 -53.81
C SER I 520 -75.66 35.14 -52.83
N LEU I 521 -76.27 35.47 -51.69
CA LEU I 521 -75.60 36.32 -50.70
C LEU I 521 -74.41 35.63 -50.07
N LEU I 522 -74.54 34.33 -49.82
CA LEU I 522 -73.57 33.63 -48.99
C LEU I 522 -72.25 33.41 -49.72
N ALA I 523 -72.30 33.04 -50.99
CA ALA I 523 -71.08 32.80 -51.75
C ALA I 523 -70.29 34.09 -52.00
N ARG I 524 -70.99 35.20 -52.24
CA ARG I 524 -70.35 36.49 -52.38
C ARG I 524 -69.65 36.92 -51.11
N SER I 525 -70.22 36.55 -49.96
CA SER I 525 -69.71 36.98 -48.67
C SER I 525 -68.52 36.16 -48.19
N ILE I 526 -68.11 35.13 -48.93
CA ILE I 526 -67.03 34.27 -48.47
C ILE I 526 -65.69 34.97 -48.61
N ALA I 527 -65.29 35.29 -49.84
CA ALA I 527 -63.99 35.88 -50.12
C ALA I 527 -64.20 37.19 -50.86
N PRO I 528 -64.17 38.32 -50.17
CA PRO I 528 -64.41 39.62 -50.81
C PRO I 528 -63.23 40.17 -51.58
N SER I 529 -62.16 39.39 -51.79
CA SER I 529 -60.99 39.86 -52.51
C SER I 529 -61.05 39.58 -54.01
N ILE I 530 -61.77 38.54 -54.42
CA ILE I 530 -61.87 38.13 -55.82
C ILE I 530 -63.35 38.04 -56.16
N TYR I 531 -63.73 38.54 -57.33
CA TYR I 531 -65.11 38.89 -57.67
C TYR I 531 -65.55 37.99 -58.83
N GLU I 532 -65.69 36.70 -58.57
CA GLU I 532 -65.73 35.74 -59.66
C GLU I 532 -66.07 34.39 -59.04
N LEU I 533 -66.15 33.36 -59.88
CA LEU I 533 -66.18 31.94 -59.50
C LEU I 533 -67.31 31.64 -58.50
N GLU I 534 -68.44 32.31 -58.72
CA GLU I 534 -69.59 32.23 -57.84
C GLU I 534 -70.17 30.82 -57.76
N ASP I 535 -70.03 30.03 -58.83
CA ASP I 535 -70.33 28.62 -58.72
C ASP I 535 -69.24 27.88 -57.99
N VAL I 536 -67.98 28.28 -58.19
CA VAL I 536 -66.85 27.57 -57.61
C VAL I 536 -66.75 27.86 -56.12
N LYS I 537 -67.03 29.11 -55.73
CA LYS I 537 -67.08 29.45 -54.31
C LYS I 537 -68.24 28.75 -53.62
N LYS I 538 -69.31 28.50 -54.38
CA LYS I 538 -70.45 27.78 -53.85
C LYS I 538 -70.11 26.33 -53.58
N GLY I 539 -69.26 25.74 -54.42
CA GLY I 539 -68.76 24.41 -54.13
C GLY I 539 -67.87 24.38 -52.90
N ILE I 540 -67.11 25.44 -52.69
CA ILE I 540 -66.37 25.61 -51.44
C ILE I 540 -67.33 25.72 -50.27
N LEU I 541 -68.43 26.44 -50.47
CA LEU I 541 -69.48 26.47 -49.46
C LEU I 541 -70.15 25.11 -49.31
N LEU I 542 -70.45 24.45 -50.43
CA LEU I 542 -71.03 23.12 -50.34
C LEU I 542 -70.02 22.06 -49.93
N GLN I 543 -68.72 22.37 -49.98
CA GLN I 543 -67.72 21.49 -49.38
C GLN I 543 -67.90 21.40 -47.87
N LEU I 544 -68.40 22.46 -47.26
CA LEU I 544 -68.53 22.51 -45.82
C LEU I 544 -69.86 21.96 -45.33
N PHE I 545 -70.87 21.90 -46.20
CA PHE I 545 -72.14 21.26 -45.92
C PHE I 545 -72.16 19.83 -46.45
N GLY I 546 -70.98 19.22 -46.55
CA GLY I 546 -70.82 18.00 -47.31
C GLY I 546 -71.48 16.74 -46.77
N GLY I 547 -72.54 16.30 -47.46
CA GLY I 547 -73.04 14.95 -47.38
C GLY I 547 -73.62 14.46 -46.07
N THR I 548 -74.12 13.23 -46.09
CA THR I 548 -74.67 12.56 -44.93
C THR I 548 -73.84 11.32 -44.64
N ASN I 549 -73.30 11.25 -43.42
CA ASN I 549 -72.45 10.12 -43.02
C ASN I 549 -73.35 8.93 -42.74
N LYS I 550 -73.57 8.12 -43.77
CA LYS I 550 -74.44 6.96 -43.67
C LYS I 550 -73.61 5.70 -43.47
N THR I 551 -73.74 5.09 -42.30
CA THR I 551 -73.16 3.79 -42.03
C THR I 551 -74.30 2.79 -41.86
N PHE I 552 -74.10 1.59 -42.36
CA PHE I 552 -75.15 0.60 -42.32
C PHE I 552 -75.15 -0.09 -40.96
N THR I 553 -76.04 -1.06 -40.78
CA THR I 553 -76.02 -1.88 -39.57
C THR I 553 -74.75 -2.71 -39.52
N LYS I 554 -74.38 -3.32 -40.64
CA LYS I 554 -73.06 -3.86 -40.86
C LYS I 554 -72.54 -3.29 -42.17
N GLY I 555 -71.33 -2.74 -42.15
CA GLY I 555 -70.79 -2.12 -43.33
C GLY I 555 -71.38 -0.75 -43.60
N GLY I 556 -71.43 -0.36 -44.88
CA GLY I 556 -71.82 0.98 -45.23
C GLY I 556 -70.66 1.95 -45.22
N ARG I 557 -70.65 2.84 -44.21
CA ARG I 557 -69.60 3.84 -43.99
C ARG I 557 -69.43 4.73 -45.23
N TYR I 558 -70.49 5.49 -45.48
CA TYR I 558 -70.52 6.39 -46.63
C TYR I 558 -70.40 7.82 -46.11
N ARG I 559 -69.24 8.43 -46.32
CA ARG I 559 -68.92 9.69 -45.69
C ARG I 559 -69.59 10.85 -46.42
N GLY I 560 -69.26 12.07 -46.00
CA GLY I 560 -69.81 13.25 -46.64
C GLY I 560 -68.76 14.04 -47.41
N ASP I 561 -67.66 13.39 -47.77
CA ASP I 561 -66.59 14.08 -48.48
C ASP I 561 -67.00 14.39 -49.91
N ILE I 562 -66.56 15.55 -50.41
CA ILE I 562 -66.51 15.85 -51.83
C ILE I 562 -65.11 16.36 -52.15
N ASN I 563 -64.61 16.01 -53.33
CA ASN I 563 -63.22 16.30 -53.65
C ASN I 563 -63.10 16.93 -55.02
N ILE I 564 -62.46 18.09 -55.07
CA ILE I 564 -62.50 18.97 -56.22
C ILE I 564 -61.06 19.30 -56.60
N LEU I 565 -60.73 19.16 -57.88
CA LEU I 565 -59.57 19.84 -58.43
C LEU I 565 -60.04 21.03 -59.25
N LEU I 566 -59.28 22.10 -59.16
CA LEU I 566 -59.46 23.28 -59.99
C LEU I 566 -58.15 23.55 -60.69
N CYS I 567 -58.23 24.04 -61.92
CA CYS I 567 -57.02 24.33 -62.66
C CYS I 567 -57.22 25.49 -63.62
N GLY I 568 -56.18 25.88 -64.33
CA GLY I 568 -56.25 26.91 -65.32
C GLY I 568 -55.02 27.76 -65.32
N ASP I 569 -55.18 28.97 -65.83
CA ASP I 569 -54.04 29.86 -66.05
C ASP I 569 -53.57 30.44 -64.71
N PRO I 570 -52.29 30.84 -64.63
CA PRO I 570 -51.84 31.60 -63.45
C PRO I 570 -52.35 33.03 -63.47
N SER I 571 -51.90 33.83 -62.49
CA SER I 571 -52.43 35.16 -62.18
C SER I 571 -53.94 35.11 -61.96
N THR I 572 -54.36 34.10 -61.19
CA THR I 572 -55.76 33.89 -60.87
C THR I 572 -55.96 34.00 -59.37
N SER I 573 -54.85 34.09 -58.62
CA SER I 573 -54.80 34.04 -57.15
C SER I 573 -55.51 32.79 -56.63
N LYS I 574 -55.22 31.66 -57.28
CA LYS I 574 -55.75 30.38 -56.83
C LYS I 574 -55.18 30.01 -55.47
N SER I 575 -53.91 30.33 -55.22
CA SER I 575 -53.32 30.09 -53.91
C SER I 575 -53.93 30.98 -52.84
N GLN I 576 -54.31 32.21 -53.20
CA GLN I 576 -54.92 33.13 -52.25
C GLN I 576 -56.30 32.64 -51.84
N ILE I 577 -56.96 31.88 -52.72
CA ILE I 577 -58.15 31.15 -52.33
C ILE I 577 -57.82 30.14 -51.24
N LEU I 578 -56.77 29.35 -51.47
CA LEU I 578 -56.50 28.18 -50.64
C LEU I 578 -55.97 28.56 -49.27
N GLN I 579 -55.20 29.65 -49.19
CA GLN I 579 -54.74 30.16 -47.90
C GLN I 579 -55.92 30.58 -47.03
N TYR I 580 -56.92 31.21 -47.65
CA TYR I 580 -58.15 31.56 -46.94
C TYR I 580 -58.91 30.31 -46.53
N VAL I 581 -58.89 29.28 -47.38
CA VAL I 581 -59.46 27.99 -46.98
C VAL I 581 -58.65 27.37 -45.86
N HIS I 582 -57.32 27.55 -45.88
CA HIS I 582 -56.46 26.96 -44.87
C HIS I 582 -56.68 27.58 -43.50
N LYS I 583 -57.06 28.86 -43.46
CA LYS I 583 -57.27 29.51 -42.17
C LYS I 583 -58.55 29.02 -41.50
N ILE I 584 -59.56 28.65 -42.29
CA ILE I 584 -60.85 28.27 -41.72
C ILE I 584 -60.79 26.90 -41.07
N THR I 585 -60.04 25.98 -41.67
CA THR I 585 -60.11 24.57 -41.29
C THR I 585 -59.48 24.35 -39.92
N PRO I 586 -60.19 23.69 -39.00
CA PRO I 586 -59.62 23.48 -37.66
C PRO I 586 -58.48 22.47 -37.63
N ARG I 587 -58.33 21.63 -38.64
CA ARG I 587 -57.19 20.73 -38.74
C ARG I 587 -56.63 20.77 -40.17
N GLY I 588 -56.39 21.97 -40.67
CA GLY I 588 -55.94 22.14 -42.04
C GLY I 588 -54.48 21.78 -42.23
N VAL I 589 -54.20 21.10 -43.35
CA VAL I 589 -52.85 20.73 -43.75
C VAL I 589 -52.60 21.27 -45.15
N TYR I 590 -51.63 22.16 -45.28
CA TYR I 590 -51.29 22.80 -46.54
C TYR I 590 -49.97 22.25 -47.04
N THR I 591 -50.02 21.40 -48.05
CA THR I 591 -48.83 20.81 -48.63
C THR I 591 -48.50 21.48 -49.96
N SER I 592 -47.51 20.93 -50.67
CA SER I 592 -47.13 21.40 -51.99
C SER I 592 -46.60 20.21 -52.78
N GLY I 593 -45.92 20.51 -53.87
CA GLY I 593 -45.36 19.48 -54.72
C GLY I 593 -43.87 19.29 -54.54
N LYS I 594 -43.43 18.05 -54.81
CA LYS I 594 -42.01 17.65 -54.91
C LYS I 594 -41.24 17.81 -53.60
N GLY I 595 -41.91 18.04 -52.50
CA GLY I 595 -41.24 18.06 -51.20
C GLY I 595 -41.72 16.86 -50.42
N SER I 596 -42.34 15.94 -51.14
CA SER I 596 -43.04 14.82 -50.56
C SER I 596 -42.37 13.51 -50.92
N SER I 597 -42.84 12.44 -50.29
CA SER I 597 -42.45 11.09 -50.65
C SER I 597 -43.57 10.15 -50.24
N ALA I 598 -43.44 8.89 -50.63
CA ALA I 598 -44.38 7.86 -50.22
C ALA I 598 -44.33 7.64 -48.71
N VAL I 599 -43.12 7.64 -48.14
CA VAL I 599 -42.99 7.61 -46.69
C VAL I 599 -43.40 8.97 -46.12
N GLY I 600 -43.30 10.03 -46.90
CA GLY I 600 -43.58 11.37 -46.42
C GLY I 600 -45.02 11.73 -46.10
N LEU I 601 -45.93 10.77 -46.06
CA LEU I 601 -47.29 11.02 -45.61
C LEU I 601 -47.77 10.10 -44.50
N THR I 602 -47.03 9.03 -44.18
CA THR I 602 -47.44 8.13 -43.11
C THR I 602 -46.22 7.40 -42.58
N ALA I 603 -46.34 6.91 -41.33
CA ALA I 603 -45.35 6.08 -40.65
C ALA I 603 -43.98 6.79 -40.57
N TYR I 604 -43.97 7.84 -39.76
CA TYR I 604 -42.79 8.70 -39.61
C TYR I 604 -41.86 8.20 -38.53
N ILE I 605 -41.78 6.89 -38.35
CA ILE I 605 -41.01 6.19 -37.32
C ILE I 605 -39.56 6.65 -37.26
N THR I 606 -39.12 7.05 -36.07
CA THR I 606 -37.82 7.69 -35.89
C THR I 606 -37.40 7.52 -34.44
N ARG I 607 -36.27 8.13 -34.09
CA ARG I 607 -35.62 7.94 -32.79
C ARG I 607 -36.08 9.03 -31.85
N ASP I 608 -36.32 8.67 -30.59
CA ASP I 608 -36.68 9.65 -29.58
C ASP I 608 -35.43 10.25 -28.96
N VAL I 609 -35.57 11.42 -28.34
CA VAL I 609 -34.41 12.15 -27.86
C VAL I 609 -34.23 11.97 -26.36
N ASP I 610 -35.19 12.45 -25.56
CA ASP I 610 -35.02 12.46 -24.11
C ASP I 610 -35.25 11.10 -23.47
N THR I 611 -36.20 10.32 -23.95
CA THR I 611 -36.35 8.95 -23.49
C THR I 611 -35.51 7.98 -24.30
N LYS I 612 -35.03 8.42 -25.47
CA LYS I 612 -34.04 7.73 -26.30
C LYS I 612 -34.55 6.35 -26.73
N GLN I 613 -35.67 6.38 -27.44
CA GLN I 613 -36.32 5.17 -27.93
C GLN I 613 -36.59 5.34 -29.41
N LEU I 614 -37.29 4.38 -29.99
CA LEU I 614 -37.74 4.44 -31.38
C LEU I 614 -39.25 4.61 -31.36
N VAL I 615 -39.71 5.82 -31.64
CA VAL I 615 -41.12 6.19 -31.49
C VAL I 615 -41.72 6.40 -32.87
N LEU I 616 -42.89 5.80 -33.10
CA LEU I 616 -43.62 5.93 -34.35
C LEU I 616 -44.48 7.18 -34.31
N GLU I 617 -44.44 7.94 -35.39
CA GLU I 617 -45.21 9.18 -35.48
C GLU I 617 -46.35 9.04 -36.47
N SER I 618 -47.40 9.82 -36.26
CA SER I 618 -48.51 9.90 -37.19
C SER I 618 -48.08 10.69 -38.42
N GLY I 619 -48.68 10.36 -39.56
CA GLY I 619 -48.26 10.98 -40.80
C GLY I 619 -49.07 12.21 -41.19
N ALA I 620 -48.94 12.62 -42.46
CA ALA I 620 -49.58 13.82 -42.95
C ALA I 620 -51.09 13.68 -43.09
N LEU I 621 -51.58 12.58 -43.64
CA LEU I 621 -53.01 12.35 -43.74
C LEU I 621 -53.66 12.06 -42.41
N VAL I 622 -52.90 11.50 -41.46
CA VAL I 622 -53.41 11.37 -40.11
C VAL I 622 -53.48 12.75 -39.45
N LEU I 623 -52.57 13.65 -39.84
CA LEU I 623 -52.75 15.05 -39.48
C LEU I 623 -53.85 15.72 -40.28
N SER I 624 -54.26 15.12 -41.40
CA SER I 624 -55.39 15.60 -42.16
C SER I 624 -56.69 14.90 -41.76
N ASP I 625 -56.65 14.05 -40.74
CA ASP I 625 -57.79 13.22 -40.37
C ASP I 625 -58.87 14.13 -39.78
N GLY I 626 -59.84 14.50 -40.62
CA GLY I 626 -60.85 15.45 -40.24
C GLY I 626 -60.46 16.83 -40.71
N GLY I 627 -61.10 17.32 -41.77
CA GLY I 627 -60.77 18.63 -42.28
C GLY I 627 -60.42 18.65 -43.75
N VAL I 628 -59.50 19.53 -44.13
CA VAL I 628 -59.16 19.78 -45.54
C VAL I 628 -57.65 19.66 -45.69
N CYS I 629 -57.22 18.84 -46.64
CA CYS I 629 -55.83 18.87 -47.07
C CYS I 629 -55.70 19.71 -48.34
N CYS I 630 -54.51 20.28 -48.53
CA CYS I 630 -54.28 21.21 -49.62
C CYS I 630 -52.98 20.87 -50.33
N ILE I 631 -53.05 20.69 -51.64
CA ILE I 631 -51.93 20.24 -52.46
C ILE I 631 -51.77 21.20 -53.63
N ASP I 632 -50.54 21.64 -53.88
CA ASP I 632 -50.25 22.51 -55.00
C ASP I 632 -49.33 21.83 -56.00
N GLU I 633 -49.50 22.21 -57.28
CA GLU I 633 -48.79 21.66 -58.44
C GLU I 633 -48.92 20.14 -58.52
N PHE I 634 -50.17 19.72 -58.69
CA PHE I 634 -50.54 18.31 -58.66
C PHE I 634 -50.01 17.53 -59.86
N ASP I 635 -49.69 18.20 -60.97
CA ASP I 635 -49.21 17.49 -62.15
C ASP I 635 -47.81 16.94 -61.96
N LYS I 636 -47.04 17.49 -61.02
CA LYS I 636 -45.65 17.10 -60.85
C LYS I 636 -45.48 16.17 -59.65
N MET I 637 -46.41 15.22 -59.47
CA MET I 637 -46.16 14.15 -58.54
C MET I 637 -45.52 12.97 -59.25
N SER I 638 -45.06 11.99 -58.47
CA SER I 638 -44.42 10.80 -59.01
C SER I 638 -45.49 9.80 -59.40
N ASP I 639 -45.10 8.54 -59.58
CA ASP I 639 -46.09 7.47 -59.64
C ASP I 639 -46.51 7.03 -58.25
N SER I 640 -45.57 6.85 -57.31
CA SER I 640 -45.88 6.33 -55.99
C SER I 640 -46.62 7.36 -55.15
N THR I 641 -46.08 8.56 -55.06
CA THR I 641 -46.92 9.69 -54.70
C THR I 641 -47.93 9.85 -55.83
N ARG I 642 -49.20 10.10 -55.45
CA ARG I 642 -50.48 10.04 -56.18
C ARG I 642 -50.98 8.59 -56.30
N SER I 643 -50.15 7.59 -55.99
CA SER I 643 -50.73 6.25 -55.92
C SER I 643 -51.39 6.01 -54.58
N VAL I 644 -51.01 6.78 -53.57
CA VAL I 644 -51.56 6.68 -52.23
C VAL I 644 -53.00 7.19 -52.29
N LEU I 645 -53.24 8.13 -53.20
CA LEU I 645 -54.54 8.78 -53.32
C LEU I 645 -55.64 7.83 -53.78
N HIS I 646 -55.27 6.74 -54.46
CA HIS I 646 -56.24 5.73 -54.88
C HIS I 646 -56.98 5.11 -53.70
N GLU I 647 -56.27 4.83 -52.61
CA GLU I 647 -56.87 4.17 -51.45
C GLU I 647 -57.82 5.11 -50.71
N VAL I 648 -57.46 6.39 -50.64
CA VAL I 648 -58.25 7.34 -49.87
C VAL I 648 -59.51 7.74 -50.63
N MET I 649 -59.36 7.99 -51.94
CA MET I 649 -60.50 8.39 -52.76
C MET I 649 -61.50 7.27 -52.93
N GLU I 650 -61.08 6.02 -52.77
CA GLU I 650 -61.99 4.91 -52.93
C GLU I 650 -62.44 4.36 -51.58
N GLN I 651 -61.50 3.95 -50.75
CA GLN I 651 -61.84 3.24 -49.53
C GLN I 651 -61.92 4.13 -48.30
N GLN I 652 -61.27 5.30 -48.34
CA GLN I 652 -61.06 6.18 -47.19
C GLN I 652 -60.40 5.39 -46.04
N THR I 653 -59.29 4.73 -46.36
CA THR I 653 -58.47 4.02 -45.39
C THR I 653 -57.00 4.28 -45.71
N ILE I 654 -56.12 3.86 -44.80
CA ILE I 654 -54.69 3.81 -45.03
C ILE I 654 -54.18 2.48 -44.47
N SER I 655 -53.42 1.74 -45.27
CA SER I 655 -52.95 0.41 -44.90
C SER I 655 -51.46 0.48 -44.55
N ILE I 656 -51.15 0.46 -43.26
CA ILE I 656 -49.77 0.38 -42.81
C ILE I 656 -49.48 -1.06 -42.42
N ALA I 657 -48.41 -1.63 -43.00
CA ALA I 657 -48.11 -3.03 -42.74
C ALA I 657 -46.62 -3.31 -42.60
N LYS I 658 -45.78 -2.30 -42.40
CA LYS I 658 -44.36 -2.55 -42.23
C LYS I 658 -44.02 -2.69 -40.75
N ALA I 659 -42.71 -2.62 -40.44
CA ALA I 659 -42.11 -3.16 -39.21
C ALA I 659 -42.67 -2.55 -37.93
N GLY I 660 -43.15 -1.31 -37.97
CA GLY I 660 -43.75 -0.75 -36.78
C GLY I 660 -45.10 -1.35 -36.47
N ILE I 661 -46.07 -1.09 -37.34
CA ILE I 661 -47.46 -1.47 -37.13
C ILE I 661 -47.97 -2.18 -38.37
N ILE I 662 -48.59 -3.33 -38.19
CA ILE I 662 -49.33 -3.96 -39.28
C ILE I 662 -50.81 -3.91 -38.90
N THR I 663 -51.47 -2.83 -39.27
CA THR I 663 -52.89 -2.58 -38.96
C THR I 663 -53.35 -1.42 -39.83
N THR I 664 -54.48 -1.58 -40.51
CA THR I 664 -55.02 -0.50 -41.32
C THR I 664 -55.71 0.54 -40.44
N LEU I 665 -55.90 1.72 -41.01
CA LEU I 665 -56.57 2.81 -40.31
C LEU I 665 -57.17 3.77 -41.32
N ASN I 666 -58.21 4.48 -40.89
CA ASN I 666 -58.82 5.51 -41.73
C ASN I 666 -58.32 6.89 -41.35
N ALA I 667 -58.34 7.79 -42.34
CA ALA I 667 -58.01 9.20 -42.11
C ALA I 667 -58.80 10.04 -43.10
N ARG I 668 -59.97 10.49 -42.66
CA ARG I 668 -60.88 11.20 -43.56
C ARG I 668 -60.51 12.67 -43.65
N SER I 669 -60.71 13.25 -44.83
CA SER I 669 -60.41 14.65 -45.05
C SER I 669 -61.30 15.16 -46.16
N SER I 670 -61.11 16.42 -46.52
CA SER I 670 -61.69 16.98 -47.73
C SER I 670 -60.53 17.30 -48.66
N ILE I 671 -60.30 16.43 -49.62
CA ILE I 671 -59.15 16.58 -50.50
C ILE I 671 -59.47 17.63 -51.55
N LEU I 672 -58.59 18.61 -51.69
CA LEU I 672 -58.72 19.62 -52.72
C LEU I 672 -57.33 20.03 -53.15
N ALA I 673 -57.13 20.14 -54.46
CA ALA I 673 -55.81 20.39 -55.01
C ALA I 673 -55.93 21.23 -56.27
N SER I 674 -54.78 21.59 -56.83
CA SER I 674 -54.73 22.44 -58.00
C SER I 674 -53.42 22.22 -58.73
N ALA I 675 -53.44 22.49 -60.04
CA ALA I 675 -52.26 22.41 -60.87
C ALA I 675 -52.44 23.34 -62.06
N ASN I 676 -51.39 23.44 -62.87
CA ASN I 676 -51.38 24.30 -64.04
C ASN I 676 -51.10 23.49 -65.29
N PRO I 677 -51.70 23.82 -66.43
CA PRO I 677 -51.52 22.99 -67.64
C PRO I 677 -50.15 23.13 -68.28
N ILE I 678 -49.95 22.42 -69.40
CA ILE I 678 -48.66 22.43 -70.07
C ILE I 678 -48.39 23.78 -70.70
N GLY I 679 -49.26 24.21 -71.60
CA GLY I 679 -49.26 25.57 -72.09
C GLY I 679 -49.68 26.49 -70.97
N SER I 680 -49.02 27.65 -70.88
CA SER I 680 -49.38 28.63 -69.86
C SER I 680 -50.76 29.20 -70.13
N ARG I 681 -51.16 29.24 -71.39
CA ARG I 681 -52.53 29.48 -71.78
C ARG I 681 -53.05 28.22 -72.45
N TYR I 682 -54.22 27.75 -72.02
CA TYR I 682 -54.89 26.69 -72.75
C TYR I 682 -55.36 27.23 -74.11
N ASN I 683 -54.80 26.67 -75.16
CA ASN I 683 -55.28 27.13 -76.44
C ASN I 683 -56.58 26.42 -76.82
N PRO I 684 -57.45 27.07 -77.58
CA PRO I 684 -58.60 26.38 -78.15
C PRO I 684 -58.17 25.47 -79.31
N ASN I 685 -59.19 24.84 -79.91
CA ASN I 685 -59.03 23.85 -80.99
C ASN I 685 -58.10 22.72 -80.55
N LEU I 686 -58.29 22.26 -79.31
CA LEU I 686 -57.45 21.27 -78.69
C LEU I 686 -58.28 20.67 -77.56
N PRO I 687 -58.18 19.36 -77.34
CA PRO I 687 -59.02 18.73 -76.31
C PRO I 687 -58.60 19.13 -74.91
N VAL I 688 -59.61 19.35 -74.07
CA VAL I 688 -59.35 19.69 -72.67
C VAL I 688 -58.70 18.52 -71.96
N THR I 689 -59.08 17.29 -72.34
CA THR I 689 -58.48 16.09 -71.77
C THR I 689 -57.02 15.94 -72.17
N GLU I 690 -56.61 16.56 -73.28
CA GLU I 690 -55.22 16.47 -73.69
C GLU I 690 -54.31 17.31 -72.81
N ASN I 691 -54.71 18.54 -72.51
CA ASN I 691 -53.74 19.52 -72.01
C ASN I 691 -53.58 19.47 -70.49
N ILE I 692 -53.87 18.34 -69.85
CA ILE I 692 -53.62 18.11 -68.43
C ILE I 692 -53.00 16.73 -68.27
N ASP I 693 -51.85 16.66 -67.59
CA ASP I 693 -51.05 15.44 -67.51
C ASP I 693 -51.56 14.53 -66.38
N LEU I 694 -52.79 14.09 -66.55
CA LEU I 694 -53.38 13.07 -65.70
C LEU I 694 -53.84 11.89 -66.55
N PRO I 695 -53.83 10.69 -65.99
CA PRO I 695 -54.61 9.62 -66.56
C PRO I 695 -56.09 9.93 -66.45
N PRO I 696 -56.80 9.98 -67.58
CA PRO I 696 -58.20 10.45 -67.58
C PRO I 696 -59.20 9.57 -66.82
N PRO I 697 -58.99 8.27 -66.59
CA PRO I 697 -59.87 7.64 -65.57
C PRO I 697 -59.60 8.12 -64.17
N LEU I 698 -58.34 8.43 -63.84
CA LEU I 698 -58.07 9.03 -62.54
C LEU I 698 -58.51 10.49 -62.51
N LEU I 699 -58.41 11.18 -63.65
CA LEU I 699 -58.92 12.55 -63.74
C LEU I 699 -60.43 12.59 -63.56
N SER I 700 -61.15 11.66 -64.18
CA SER I 700 -62.59 11.57 -64.02
C SER I 700 -63.01 10.96 -62.70
N ARG I 701 -62.07 10.47 -61.89
CA ARG I 701 -62.42 9.92 -60.58
C ARG I 701 -62.89 11.02 -59.62
N PHE I 702 -62.42 12.25 -59.80
CA PHE I 702 -62.80 13.35 -58.93
C PHE I 702 -64.29 13.69 -59.04
N ASP I 703 -64.81 14.34 -58.01
CA ASP I 703 -66.21 14.71 -57.95
C ASP I 703 -66.53 15.78 -58.99
N LEU I 704 -65.87 16.93 -58.91
CA LEU I 704 -66.09 18.00 -59.88
C LEU I 704 -64.75 18.67 -60.19
N VAL I 705 -64.52 18.94 -61.48
CA VAL I 705 -63.28 19.53 -61.97
C VAL I 705 -63.63 20.87 -62.58
N TYR I 706 -62.85 21.90 -62.22
CA TYR I 706 -63.06 23.22 -62.79
C TYR I 706 -61.92 23.61 -63.71
N LEU I 707 -62.23 24.53 -64.62
CA LEU I 707 -61.23 25.17 -65.50
C LEU I 707 -61.51 26.66 -65.48
N VAL I 708 -60.51 27.44 -65.08
CA VAL I 708 -60.61 28.89 -65.07
C VAL I 708 -59.67 29.44 -66.12
N LEU I 709 -60.22 30.13 -67.11
CA LEU I 709 -59.46 30.66 -68.23
C LEU I 709 -59.64 32.17 -68.32
N ASP I 710 -58.81 32.80 -69.14
CA ASP I 710 -58.87 34.24 -69.35
C ASP I 710 -59.75 34.53 -70.56
N LYS I 711 -60.45 35.67 -70.50
CA LYS I 711 -61.33 36.12 -71.56
C LYS I 711 -60.82 37.45 -72.07
N VAL I 712 -61.07 37.73 -73.35
CA VAL I 712 -60.53 38.92 -74.01
C VAL I 712 -61.47 40.11 -73.95
N ASP I 713 -62.47 40.09 -73.07
CA ASP I 713 -63.47 41.15 -73.03
C ASP I 713 -62.91 42.41 -72.36
N GLU I 714 -63.80 43.37 -72.13
CA GLU I 714 -63.43 44.69 -71.66
C GLU I 714 -64.28 45.19 -70.49
N LYS I 715 -65.53 44.72 -70.35
CA LYS I 715 -66.47 45.33 -69.43
C LYS I 715 -66.09 45.08 -67.96
N ASN I 716 -65.63 43.87 -67.64
CA ASN I 716 -65.24 43.59 -66.27
C ASN I 716 -63.88 44.17 -65.94
N ASP I 717 -63.11 44.57 -66.97
CA ASP I 717 -61.77 45.09 -66.74
C ASP I 717 -61.80 46.54 -66.25
N ARG I 718 -62.86 47.28 -66.56
CA ARG I 718 -63.06 48.56 -65.88
C ARG I 718 -63.51 48.32 -64.44
N GLU I 719 -64.28 47.26 -64.23
CA GLU I 719 -64.68 46.85 -62.88
C GLU I 719 -63.50 46.27 -62.11
N LEU I 720 -62.46 45.84 -62.83
CA LEU I 720 -61.26 45.27 -62.23
C LEU I 720 -60.53 46.28 -61.36
N ALA I 721 -60.00 47.34 -61.98
CA ALA I 721 -59.06 48.21 -61.29
C ALA I 721 -59.77 49.12 -60.30
N LYS I 722 -61.06 49.37 -60.49
CA LYS I 722 -61.80 50.13 -59.48
C LYS I 722 -61.98 49.32 -58.21
N HIS I 723 -62.18 48.01 -58.34
CA HIS I 723 -62.27 47.15 -57.17
C HIS I 723 -60.92 47.01 -56.48
N LEU I 724 -59.86 46.77 -57.25
CA LEU I 724 -58.61 46.34 -56.67
C LEU I 724 -57.83 47.51 -56.10
N THR I 725 -58.01 48.70 -56.66
CA THR I 725 -57.44 49.89 -56.03
C THR I 725 -58.13 50.20 -54.72
N ASN I 726 -59.44 49.97 -54.66
CA ASN I 726 -60.23 50.30 -53.48
C ASN I 726 -59.82 49.44 -52.29
N LEU I 727 -59.33 48.23 -52.54
CA LEU I 727 -58.75 47.44 -51.46
C LEU I 727 -57.41 48.01 -51.02
N TYR I 728 -56.68 48.65 -51.94
CA TYR I 728 -55.38 49.19 -51.59
C TYR I 728 -55.47 50.64 -51.14
N LEU I 729 -56.32 51.45 -51.76
CA LEU I 729 -56.47 52.85 -51.41
C LEU I 729 -57.16 52.99 -50.06
N GLU I 730 -56.90 54.14 -49.42
CA GLU I 730 -57.44 54.61 -48.12
C GLU I 730 -57.27 53.61 -46.97
N ASP I 731 -56.36 52.64 -47.13
CA ASP I 731 -55.75 51.72 -46.16
C ASP I 731 -56.65 51.23 -45.03
N LYS I 732 -57.91 50.93 -45.35
CA LYS I 732 -58.89 50.54 -44.34
C LYS I 732 -59.80 49.49 -44.95
N PRO I 733 -60.07 48.39 -44.24
CA PRO I 733 -61.03 47.39 -44.75
C PRO I 733 -62.47 47.88 -44.68
N GLU I 734 -63.06 48.16 -45.85
CA GLU I 734 -64.45 48.57 -45.92
C GLU I 734 -65.13 47.82 -47.07
N ASP I 739 -71.89 47.84 -51.25
CA ASP I 739 -73.29 47.81 -50.87
C ASP I 739 -73.75 46.40 -50.53
N ASP I 740 -72.96 45.70 -49.72
CA ASP I 740 -73.30 44.35 -49.33
C ASP I 740 -73.17 44.21 -47.83
N VAL I 741 -74.03 43.37 -47.26
CA VAL I 741 -73.94 42.96 -45.86
C VAL I 741 -73.02 41.76 -45.80
N LEU I 742 -71.95 41.86 -45.02
CA LEU I 742 -70.94 40.82 -44.96
C LEU I 742 -70.82 40.32 -43.54
N PRO I 743 -71.62 39.34 -43.12
CA PRO I 743 -71.49 38.80 -41.76
C PRO I 743 -70.23 37.95 -41.64
N VAL I 744 -69.35 38.38 -40.76
CA VAL I 744 -68.04 37.74 -40.63
C VAL I 744 -68.22 36.45 -39.83
N GLU I 745 -69.06 36.50 -38.80
CA GLU I 745 -69.12 35.41 -37.83
C GLU I 745 -70.49 34.75 -37.75
N PHE I 746 -71.48 35.24 -38.51
CA PHE I 746 -72.75 34.52 -38.58
C PHE I 746 -72.61 33.21 -39.30
N LEU I 747 -71.94 33.20 -40.46
CA LEU I 747 -71.70 31.99 -41.21
C LEU I 747 -70.87 30.97 -40.45
N THR I 748 -69.98 31.44 -39.57
CA THR I 748 -69.15 30.54 -38.78
C THR I 748 -70.00 29.70 -37.85
N MET I 749 -71.00 30.30 -37.22
CA MET I 749 -71.90 29.51 -36.40
C MET I 749 -73.06 28.93 -37.21
N TYR I 750 -73.37 29.52 -38.37
CA TYR I 750 -74.43 28.99 -39.21
C TYR I 750 -74.06 27.62 -39.75
N ILE I 751 -72.80 27.44 -40.15
CA ILE I 751 -72.35 26.15 -40.64
C ILE I 751 -72.30 25.14 -39.50
N SER I 752 -71.83 25.58 -38.33
CA SER I 752 -71.66 24.65 -37.21
C SER I 752 -72.99 24.18 -36.66
N TYR I 753 -73.98 25.07 -36.59
CA TYR I 753 -75.31 24.64 -36.16
C TYR I 753 -75.97 23.72 -37.17
N ALA I 754 -75.75 23.98 -38.45
CA ALA I 754 -76.34 23.17 -39.50
C ALA I 754 -75.70 21.81 -39.65
N LYS I 755 -74.58 21.57 -38.97
CA LYS I 755 -73.82 20.34 -39.15
C LYS I 755 -74.45 19.14 -38.45
N GLU I 756 -74.93 19.31 -37.23
CA GLU I 756 -75.41 18.16 -36.46
C GLU I 756 -76.92 18.04 -36.50
N HIS I 757 -77.60 19.18 -36.55
CA HIS I 757 -79.06 19.22 -36.48
C HIS I 757 -79.73 18.90 -37.81
N ILE I 758 -78.95 18.60 -38.85
CA ILE I 758 -79.48 18.34 -40.17
C ILE I 758 -78.97 16.99 -40.66
N HIS I 759 -79.91 16.10 -40.98
CA HIS I 759 -79.62 14.86 -41.67
C HIS I 759 -80.57 14.80 -42.85
N PRO I 760 -80.17 15.31 -44.00
CA PRO I 760 -81.09 15.41 -45.14
C PRO I 760 -81.40 14.05 -45.75
N ILE I 761 -82.69 13.82 -45.97
CA ILE I 761 -83.17 12.54 -46.46
C ILE I 761 -83.60 12.74 -47.91
N ILE I 762 -83.39 11.72 -48.73
CA ILE I 762 -83.35 11.83 -50.19
C ILE I 762 -84.47 11.03 -50.85
N THR I 763 -85.66 11.07 -50.25
CA THR I 763 -86.79 10.20 -50.58
C THR I 763 -87.32 10.28 -52.01
N GLU I 764 -88.36 9.45 -52.26
CA GLU I 764 -88.80 8.96 -53.57
C GLU I 764 -88.84 9.98 -54.71
N ALA I 765 -89.34 11.19 -54.43
CA ALA I 765 -89.66 12.19 -55.43
C ALA I 765 -88.45 12.64 -56.24
N ALA I 766 -87.27 12.67 -55.64
CA ALA I 766 -86.06 12.97 -56.38
C ALA I 766 -85.59 11.83 -57.26
N LYS I 767 -85.94 10.58 -56.92
CA LYS I 767 -85.37 9.44 -57.63
C LYS I 767 -85.92 9.30 -59.04
N THR I 768 -87.10 9.85 -59.31
CA THR I 768 -87.65 9.80 -60.66
C THR I 768 -86.83 10.67 -61.61
N GLU I 769 -86.55 11.90 -61.19
CA GLU I 769 -85.78 12.82 -62.02
C GLU I 769 -84.30 12.43 -62.09
N LEU I 770 -83.77 11.89 -61.00
CA LEU I 770 -82.33 11.66 -60.89
C LEU I 770 -81.89 10.54 -61.81
N VAL I 771 -82.64 9.43 -61.81
CA VAL I 771 -82.35 8.33 -62.73
C VAL I 771 -82.62 8.78 -64.17
N ARG I 772 -83.64 9.62 -64.35
CA ARG I 772 -83.91 10.20 -65.67
C ARG I 772 -82.76 11.09 -66.13
N ALA I 773 -82.11 11.79 -65.19
CA ALA I 773 -81.01 12.68 -65.56
C ALA I 773 -79.73 11.91 -65.84
N TYR I 774 -79.52 10.77 -65.19
CA TYR I 774 -78.21 10.12 -65.25
C TYR I 774 -78.02 9.36 -66.57
N VAL I 775 -79.10 8.84 -67.14
CA VAL I 775 -78.97 8.05 -68.37
C VAL I 775 -78.65 8.94 -69.55
N GLY I 776 -79.23 10.15 -69.59
CA GLY I 776 -78.85 11.11 -70.62
C GLY I 776 -77.43 11.61 -70.46
N MET I 777 -76.93 11.63 -69.22
CA MET I 777 -75.51 11.86 -69.02
C MET I 777 -74.68 10.69 -69.51
N ARG I 778 -75.18 9.46 -69.31
CA ARG I 778 -74.52 8.28 -69.83
C ARG I 778 -74.62 8.19 -71.35
N LYS I 779 -75.60 8.87 -71.95
CA LYS I 779 -75.85 8.77 -73.39
C LYS I 779 -74.71 9.35 -74.22
N MET I 780 -73.97 10.32 -73.67
CA MET I 780 -72.79 10.83 -74.35
C MET I 780 -71.69 9.78 -74.37
N GLY I 781 -71.19 9.49 -75.56
CA GLY I 781 -70.18 8.44 -75.75
C GLY I 781 -69.26 8.77 -76.89
N ASP I 782 -68.97 7.76 -77.72
CA ASP I 782 -68.05 7.82 -78.85
C ASP I 782 -66.66 8.30 -78.46
N ILE I 791 -63.69 13.34 -72.22
CA ILE I 791 -63.94 12.90 -70.85
C ILE I 791 -65.22 12.07 -70.87
N THR I 792 -65.35 11.17 -69.91
CA THR I 792 -66.47 10.24 -69.85
C THR I 792 -67.31 10.48 -68.61
N ALA I 793 -68.37 9.71 -68.46
CA ALA I 793 -69.24 9.74 -67.29
C ALA I 793 -69.38 8.31 -66.77
N THR I 794 -68.99 8.11 -65.52
CA THR I 794 -68.92 6.78 -64.93
C THR I 794 -69.84 6.69 -63.73
N THR I 795 -69.73 5.57 -63.00
CA THR I 795 -70.57 5.34 -61.83
C THR I 795 -70.18 6.25 -60.66
N ARG I 796 -69.01 6.88 -60.71
CA ARG I 796 -68.69 7.95 -59.78
C ARG I 796 -69.66 9.11 -59.95
N GLN I 797 -70.07 9.39 -61.18
CA GLN I 797 -70.96 10.52 -61.44
C GLN I 797 -72.37 10.26 -60.91
N LEU I 798 -72.76 9.00 -60.77
CA LEU I 798 -74.02 8.70 -60.11
C LEU I 798 -73.94 8.99 -58.62
N GLU I 799 -72.82 8.62 -57.99
CA GLU I 799 -72.63 8.91 -56.58
C GLU I 799 -72.33 10.40 -56.37
N SER I 800 -71.85 11.07 -57.42
CA SER I 800 -71.47 12.47 -57.33
C SER I 800 -72.65 13.38 -57.03
N MET I 801 -73.79 13.11 -57.68
CA MET I 801 -74.92 14.02 -57.60
C MET I 801 -75.64 13.93 -56.27
N ILE I 802 -75.73 12.72 -55.69
CA ILE I 802 -76.52 12.55 -54.48
C ILE I 802 -75.78 13.11 -53.27
N ARG I 803 -74.45 13.21 -53.37
CA ARG I 803 -73.69 13.79 -52.27
C ARG I 803 -73.63 15.30 -52.40
N LEU I 804 -73.97 15.81 -53.58
CA LEU I 804 -73.99 17.26 -53.77
C LEU I 804 -75.40 17.82 -53.60
N ALA I 805 -76.42 16.98 -53.83
CA ALA I 805 -77.80 17.48 -53.78
C ALA I 805 -78.26 17.68 -52.34
N GLU I 806 -78.06 16.68 -51.49
CA GLU I 806 -78.47 16.81 -50.09
C GLU I 806 -77.54 17.74 -49.31
N ALA I 807 -76.33 17.97 -49.83
CA ALA I 807 -75.49 19.03 -49.27
C ALA I 807 -76.12 20.40 -49.47
N HIS I 808 -76.72 20.62 -50.65
CA HIS I 808 -77.52 21.81 -50.85
C HIS I 808 -78.78 21.80 -49.99
N ALA I 809 -79.32 20.61 -49.72
CA ALA I 809 -80.42 20.51 -48.77
C ALA I 809 -79.96 20.70 -47.34
N LYS I 810 -78.68 20.46 -47.05
CA LYS I 810 -78.15 20.83 -45.74
C LYS I 810 -78.09 22.35 -45.61
N MET I 811 -77.88 23.05 -46.71
CA MET I 811 -78.14 24.48 -46.69
C MET I 811 -79.64 24.70 -46.62
N LYS I 812 -80.03 25.78 -45.94
CA LYS I 812 -81.41 26.25 -45.76
C LYS I 812 -82.28 25.27 -45.00
N LEU I 813 -81.67 24.44 -44.14
CA LEU I 813 -82.33 23.72 -43.04
C LEU I 813 -83.41 22.75 -43.54
N LYS I 814 -83.01 21.87 -44.44
CA LYS I 814 -83.94 20.90 -45.01
C LYS I 814 -83.49 19.49 -44.66
N ASN I 815 -84.24 18.83 -43.80
CA ASN I 815 -83.97 17.44 -43.46
C ASN I 815 -84.52 16.47 -44.49
N VAL I 816 -85.23 16.97 -45.50
CA VAL I 816 -85.74 16.17 -46.60
C VAL I 816 -85.22 16.77 -47.90
N VAL I 817 -85.38 16.03 -48.98
CA VAL I 817 -85.01 16.50 -50.30
C VAL I 817 -86.27 17.02 -50.97
N GLU I 818 -86.08 17.83 -52.00
CA GLU I 818 -87.15 18.29 -52.87
C GLU I 818 -86.74 18.02 -54.31
N LEU I 819 -87.73 17.79 -55.17
CA LEU I 819 -87.49 17.52 -56.59
C LEU I 819 -86.81 18.71 -57.26
N GLU I 820 -87.13 19.92 -56.83
CA GLU I 820 -86.33 21.07 -57.18
C GLU I 820 -85.27 21.26 -56.10
N ASP I 821 -84.19 21.94 -56.47
CA ASP I 821 -82.78 22.02 -56.01
C ASP I 821 -81.92 20.94 -56.64
N VAL I 822 -82.49 20.04 -57.43
CA VAL I 822 -81.69 19.03 -58.11
C VAL I 822 -81.15 19.57 -59.41
N GLN I 823 -81.80 20.57 -59.97
CA GLN I 823 -81.47 21.05 -61.31
C GLN I 823 -80.18 21.86 -61.30
N GLU I 824 -79.97 22.66 -60.27
CA GLU I 824 -78.72 23.40 -60.21
C GLU I 824 -77.56 22.54 -59.77
N ALA I 825 -77.83 21.42 -59.10
CA ALA I 825 -76.80 20.42 -58.86
C ALA I 825 -76.28 19.84 -60.16
N VAL I 826 -77.16 19.62 -61.13
CA VAL I 826 -76.73 19.31 -62.49
C VAL I 826 -76.00 20.49 -63.09
N ARG I 827 -76.53 21.70 -62.90
CA ARG I 827 -75.99 22.89 -63.55
C ARG I 827 -74.60 23.24 -63.06
N LEU I 828 -74.26 22.92 -61.81
CA LEU I 828 -72.89 23.07 -61.35
C LEU I 828 -71.94 22.17 -62.11
N ILE I 829 -72.38 20.96 -62.45
CA ILE I 829 -71.61 20.15 -63.37
C ILE I 829 -71.68 20.73 -64.77
N ARG I 830 -72.85 21.23 -65.18
CA ARG I 830 -73.00 21.88 -66.47
C ARG I 830 -72.27 23.20 -66.55
N SER I 831 -71.99 23.84 -65.40
CA SER I 831 -71.18 25.05 -65.40
C SER I 831 -69.77 24.75 -65.89
N ALA I 832 -69.25 23.57 -65.57
CA ALA I 832 -68.03 23.11 -66.21
C ALA I 832 -68.29 22.81 -67.68
N ILE I 833 -69.42 22.17 -67.99
CA ILE I 833 -69.67 21.61 -69.32
C ILE I 833 -69.89 22.71 -70.35
N LYS I 834 -70.59 23.79 -69.97
CA LYS I 834 -70.77 24.89 -70.91
C LYS I 834 -69.51 25.71 -71.07
N ASP I 835 -68.53 25.54 -70.19
CA ASP I 835 -67.19 26.08 -70.40
C ASP I 835 -66.34 25.19 -71.30
N TYR I 836 -66.88 24.06 -71.74
CA TYR I 836 -66.11 23.07 -72.49
C TYR I 836 -66.51 23.02 -73.96
N ALA I 837 -66.93 24.13 -74.54
CA ALA I 837 -67.34 24.16 -75.94
C ALA I 837 -66.16 24.32 -76.87
N THR I 838 -65.41 25.41 -76.73
CA THR I 838 -64.26 25.80 -77.56
C THR I 838 -64.52 25.76 -79.06
N SER J 2 31.49 0.82 6.47
CA SER J 2 30.83 0.53 5.21
C SER J 2 31.67 -0.38 4.33
N PHE J 3 31.08 -1.49 3.90
CA PHE J 3 31.72 -2.41 2.99
C PHE J 3 30.99 -2.39 1.64
N ASP J 4 31.39 -3.25 0.75
CA ASP J 4 30.69 -3.50 -0.50
C ASP J 4 29.94 -4.83 -0.39
N ARG J 5 29.35 -5.24 -1.50
CA ARG J 5 28.56 -6.45 -1.54
C ARG J 5 29.46 -7.68 -1.47
N PRO J 6 28.98 -8.76 -0.87
CA PRO J 6 29.68 -10.05 -0.97
C PRO J 6 29.48 -10.63 -2.36
N GLU J 7 30.32 -11.62 -2.69
CA GLU J 7 30.28 -12.25 -3.99
C GLU J 7 30.31 -13.76 -3.84
N ILE J 8 29.77 -14.44 -4.86
CA ILE J 8 29.71 -15.88 -4.90
C ILE J 8 30.31 -16.36 -6.22
N TYR J 9 31.31 -17.22 -6.14
CA TYR J 9 31.87 -17.86 -7.32
C TYR J 9 32.24 -19.29 -6.91
N SER J 10 32.41 -20.16 -7.91
CA SER J 10 32.77 -21.54 -7.67
C SER J 10 33.36 -22.11 -8.96
N ALA J 11 33.78 -23.38 -8.89
CA ALA J 11 34.23 -24.13 -10.04
C ALA J 11 34.07 -25.62 -9.73
N PRO J 12 33.54 -26.41 -10.67
CA PRO J 12 33.46 -27.85 -10.45
C PRO J 12 34.83 -28.47 -10.61
N VAL J 13 35.19 -29.36 -9.67
CA VAL J 13 36.48 -30.03 -9.67
C VAL J 13 36.30 -31.54 -9.73
N LEU J 14 35.63 -32.11 -8.75
CA LEU J 14 35.41 -33.54 -8.70
C LEU J 14 34.26 -33.91 -9.61
N GLN J 15 34.56 -34.75 -10.60
CA GLN J 15 33.56 -35.32 -11.49
C GLN J 15 32.93 -36.55 -10.84
N GLY J 16 31.99 -36.31 -9.94
CA GLY J 16 31.33 -37.40 -9.25
C GLY J 16 29.84 -37.16 -9.18
N GLU J 17 29.10 -38.24 -8.88
CA GLU J 17 27.63 -38.27 -8.85
C GLU J 17 27.04 -37.81 -10.19
N SER J 18 27.29 -38.58 -11.24
CA SER J 18 26.77 -38.23 -12.56
C SER J 18 26.23 -39.45 -13.31
N PRO J 19 25.01 -39.89 -13.03
CA PRO J 19 24.40 -40.92 -13.88
C PRO J 19 23.86 -40.31 -15.16
N ASN J 20 23.88 -41.12 -16.22
CA ASN J 20 23.37 -40.72 -17.52
C ASN J 20 21.84 -40.74 -17.49
N ASP J 21 21.27 -39.66 -16.96
CA ASP J 21 19.84 -39.63 -16.73
C ASP J 21 19.12 -38.99 -17.92
N ASP J 22 19.90 -38.49 -18.90
CA ASP J 22 19.43 -37.90 -20.14
C ASP J 22 18.49 -36.72 -19.89
N ASP J 23 19.04 -35.65 -19.31
CA ASP J 23 18.27 -34.56 -18.74
C ASP J 23 18.89 -33.22 -19.06
N ASN J 24 18.56 -32.23 -18.20
CA ASN J 24 18.77 -30.79 -18.40
C ASN J 24 20.13 -30.46 -19.02
N THR J 25 21.23 -30.84 -18.36
CA THR J 25 22.54 -30.53 -18.92
C THR J 25 22.96 -31.54 -19.97
N GLU J 26 22.38 -32.75 -19.91
CA GLU J 26 22.82 -33.83 -20.80
C GLU J 26 22.40 -33.57 -22.23
N ILE J 27 21.20 -33.05 -22.43
CA ILE J 27 20.66 -32.87 -23.77
C ILE J 27 21.39 -31.74 -24.49
N ILE J 28 21.84 -30.73 -23.72
CA ILE J 28 22.51 -29.56 -24.28
C ILE J 28 23.83 -29.95 -24.94
N LYS J 29 24.56 -30.88 -24.32
CA LYS J 29 25.85 -31.29 -24.85
C LYS J 29 25.70 -32.09 -26.13
N SER J 30 24.53 -32.69 -26.34
CA SER J 30 24.32 -33.56 -27.50
C SER J 30 24.30 -32.77 -28.81
N PHE J 31 23.88 -31.50 -28.75
CA PHE J 31 23.73 -30.75 -29.98
C PHE J 31 25.02 -30.04 -30.37
N LYS J 32 25.94 -29.91 -29.42
CA LYS J 32 27.30 -29.55 -29.79
C LYS J 32 27.94 -30.66 -30.61
N ASN J 33 27.57 -31.91 -30.34
CA ASN J 33 27.95 -33.04 -31.18
C ASN J 33 27.19 -33.07 -32.50
N PHE J 34 26.21 -32.21 -32.69
CA PHE J 34 25.48 -32.15 -33.95
C PHE J 34 26.01 -31.13 -34.92
N ILE J 35 26.04 -29.86 -34.53
CA ILE J 35 26.28 -28.78 -35.49
C ILE J 35 27.72 -28.78 -35.96
N LEU J 36 28.66 -28.88 -35.02
CA LEU J 36 30.05 -28.99 -35.41
C LEU J 36 30.35 -30.37 -35.97
N GLU J 37 29.66 -31.39 -35.46
CA GLU J 37 30.01 -32.77 -35.78
C GLU J 37 28.86 -33.54 -36.43
N PHE J 38 28.18 -32.94 -37.39
CA PHE J 38 27.54 -33.69 -38.46
C PHE J 38 28.28 -33.41 -39.76
N ARG J 39 28.39 -34.43 -40.60
CA ARG J 39 28.86 -34.27 -41.97
C ARG J 39 28.15 -35.29 -42.85
N LEU J 40 27.40 -34.81 -43.83
CA LEU J 40 26.83 -35.70 -44.83
C LEU J 40 27.88 -36.02 -45.90
N ASP J 41 27.40 -36.57 -47.01
CA ASP J 41 28.27 -37.09 -48.07
C ASP J 41 29.07 -35.97 -48.72
N SER J 42 30.38 -35.98 -48.48
CA SER J 42 31.40 -35.04 -48.94
C SER J 42 31.16 -33.62 -48.45
N GLN J 43 30.28 -33.40 -47.47
CA GLN J 43 29.93 -32.05 -47.08
C GLN J 43 29.36 -32.06 -45.68
N PHE J 44 29.79 -31.08 -44.89
CA PHE J 44 29.11 -30.70 -43.67
C PHE J 44 28.52 -29.31 -43.88
N ILE J 45 27.25 -29.13 -43.50
CA ILE J 45 26.48 -28.01 -43.99
C ILE J 45 26.17 -26.97 -42.92
N TYR J 46 25.76 -27.38 -41.72
CA TYR J 46 25.27 -26.43 -40.73
C TYR J 46 26.41 -25.68 -40.08
N ARG J 47 27.57 -26.33 -39.98
CA ARG J 47 28.77 -25.63 -39.56
C ARG J 47 29.19 -24.63 -40.63
N ASP J 48 29.01 -24.97 -41.90
CA ASP J 48 29.34 -24.02 -42.96
C ASP J 48 28.20 -23.05 -43.21
N GLN J 49 26.99 -23.38 -42.75
CA GLN J 49 25.90 -22.42 -42.83
C GLN J 49 26.15 -21.23 -41.92
N LEU J 50 26.53 -21.49 -40.68
CA LEU J 50 26.57 -20.42 -39.68
C LEU J 50 27.83 -19.58 -39.85
N ARG J 51 28.88 -20.15 -40.45
CA ARG J 51 30.10 -19.39 -40.66
C ARG J 51 29.91 -18.29 -41.71
N ASN J 52 28.89 -18.42 -42.56
CA ASN J 52 28.53 -17.32 -43.43
C ASN J 52 27.63 -16.34 -42.70
N ASN J 53 26.70 -16.87 -41.89
CA ASN J 53 25.61 -16.12 -41.28
C ASN J 53 26.07 -15.03 -40.32
N ILE J 54 27.28 -15.13 -39.79
CA ILE J 54 27.76 -14.07 -38.91
C ILE J 54 28.18 -12.85 -39.74
N LEU J 55 28.88 -13.09 -40.85
CA LEU J 55 29.25 -11.99 -41.73
C LEU J 55 28.02 -11.44 -42.45
N VAL J 56 27.03 -12.30 -42.71
CA VAL J 56 25.71 -11.88 -43.14
C VAL J 56 25.00 -11.05 -42.08
N LYS J 57 25.27 -11.33 -40.80
CA LYS J 57 24.45 -10.92 -39.65
C LYS J 57 23.00 -11.39 -39.88
N ASN J 58 22.90 -12.70 -40.06
CA ASN J 58 21.64 -13.41 -40.07
C ASN J 58 21.11 -13.65 -38.67
N TYR J 59 21.98 -14.13 -37.78
CA TYR J 59 21.69 -14.43 -36.38
C TYR J 59 20.56 -15.47 -36.26
N SER J 60 20.50 -16.38 -37.23
CA SER J 60 19.41 -17.33 -37.35
C SER J 60 19.90 -18.57 -38.08
N LEU J 61 19.04 -19.58 -38.15
CA LEU J 61 19.46 -20.89 -38.62
C LEU J 61 18.28 -21.65 -39.17
N THR J 62 18.55 -22.50 -40.16
CA THR J 62 17.53 -23.29 -40.83
C THR J 62 17.67 -24.76 -40.45
N VAL J 63 16.55 -25.41 -40.20
CA VAL J 63 16.52 -26.78 -39.72
C VAL J 63 15.66 -27.62 -40.64
N ASN J 64 16.24 -28.68 -41.19
CA ASN J 64 15.46 -29.79 -41.71
C ASN J 64 15.17 -30.73 -40.54
N MET J 65 13.93 -30.70 -40.06
CA MET J 65 13.54 -31.57 -38.96
C MET J 65 13.45 -33.02 -39.40
N GLU J 66 13.14 -33.26 -40.67
CA GLU J 66 13.15 -34.61 -41.20
C GLU J 66 14.55 -35.16 -41.33
N HIS J 67 15.56 -34.29 -41.37
CA HIS J 67 16.94 -34.75 -41.35
C HIS J 67 17.36 -35.18 -39.96
N LEU J 68 16.69 -34.68 -38.92
CA LEU J 68 17.16 -34.90 -37.55
C LEU J 68 16.91 -36.33 -37.09
N ILE J 69 15.86 -36.97 -37.63
CA ILE J 69 15.59 -38.36 -37.26
C ILE J 69 16.66 -39.29 -37.83
N GLY J 70 17.32 -38.88 -38.92
CA GLY J 70 18.41 -39.70 -39.45
C GLY J 70 19.67 -39.60 -38.61
N TYR J 71 19.82 -38.50 -37.87
CA TYR J 71 20.99 -38.35 -37.01
C TYR J 71 20.81 -39.10 -35.71
N ASN J 72 19.81 -38.74 -34.93
CA ASN J 72 19.51 -39.38 -33.66
C ASN J 72 18.03 -39.75 -33.63
N GLU J 73 17.67 -40.57 -32.64
CA GLU J 73 16.35 -41.16 -32.59
C GLU J 73 15.54 -40.64 -31.42
N ASP J 74 16.18 -40.51 -30.25
CA ASP J 74 15.45 -40.16 -29.04
C ASP J 74 15.09 -38.68 -29.00
N ILE J 75 15.95 -37.82 -29.55
CA ILE J 75 15.72 -36.37 -29.57
C ILE J 75 14.44 -35.99 -30.29
N TYR J 76 14.15 -36.65 -31.41
CA TYR J 76 13.02 -36.28 -32.26
C TYR J 76 11.70 -36.55 -31.56
N LYS J 77 11.57 -37.71 -30.92
CA LYS J 77 10.35 -37.98 -30.17
C LYS J 77 10.29 -37.22 -28.86
N LYS J 78 11.45 -36.87 -28.28
CA LYS J 78 11.43 -36.11 -27.04
C LYS J 78 11.01 -34.67 -27.29
N LEU J 79 11.48 -34.10 -28.40
CA LEU J 79 11.03 -32.79 -28.80
C LEU J 79 9.58 -32.82 -29.24
N SER J 80 9.14 -33.96 -29.77
CA SER J 80 7.76 -34.13 -30.23
C SER J 80 6.74 -34.03 -29.10
N ASP J 81 7.07 -34.53 -27.90
CA ASP J 81 6.11 -34.52 -26.81
C ASP J 81 6.01 -33.14 -26.18
N GLU J 82 7.12 -32.64 -25.65
CA GLU J 82 7.15 -31.34 -24.97
C GLU J 82 8.17 -30.45 -25.64
N PRO J 83 7.80 -29.79 -26.74
CA PRO J 83 8.75 -28.93 -27.44
C PRO J 83 9.09 -27.65 -26.69
N SER J 84 8.11 -27.02 -26.05
CA SER J 84 8.22 -25.71 -25.42
C SER J 84 9.29 -25.63 -24.34
N ASP J 85 9.66 -26.76 -23.73
CA ASP J 85 10.76 -26.77 -22.79
C ASP J 85 12.10 -26.94 -23.47
N ILE J 86 12.18 -27.69 -24.56
CA ILE J 86 13.45 -28.00 -25.19
C ILE J 86 13.84 -26.97 -26.24
N ILE J 87 12.87 -26.18 -26.72
CA ILE J 87 13.18 -25.08 -27.65
C ILE J 87 14.16 -24.05 -27.07
N PRO J 88 13.95 -23.47 -25.87
CA PRO J 88 14.93 -22.45 -25.42
C PRO J 88 16.29 -23.01 -25.08
N LEU J 89 16.38 -24.31 -24.76
CA LEU J 89 17.68 -24.89 -24.44
C LEU J 89 18.49 -25.10 -25.71
N PHE J 90 17.83 -25.18 -26.86
CA PHE J 90 18.53 -25.27 -28.14
C PHE J 90 19.35 -24.02 -28.42
N GLU J 91 18.79 -22.86 -28.07
CA GLU J 91 19.41 -21.59 -28.42
C GLU J 91 20.73 -21.41 -27.68
N THR J 92 20.81 -21.94 -26.46
CA THR J 92 22.06 -21.96 -25.73
C THR J 92 23.10 -22.83 -26.44
N ALA J 93 22.67 -23.97 -26.97
CA ALA J 93 23.60 -24.82 -27.72
C ALA J 93 23.98 -24.18 -29.05
N ILE J 94 23.10 -23.32 -29.57
CA ILE J 94 23.44 -22.58 -30.78
C ILE J 94 24.53 -21.56 -30.51
N THR J 95 24.33 -20.72 -29.49
CA THR J 95 25.20 -19.56 -29.32
C THR J 95 26.58 -19.92 -28.79
N GLN J 96 26.70 -20.99 -28.00
CA GLN J 96 28.00 -21.35 -27.45
C GLN J 96 28.95 -21.82 -28.55
N VAL J 97 28.40 -22.47 -29.57
CA VAL J 97 29.16 -22.68 -30.79
C VAL J 97 29.45 -21.35 -31.47
N ALA J 98 28.45 -20.47 -31.52
CA ALA J 98 28.57 -19.22 -32.26
C ALA J 98 29.50 -18.25 -31.57
N LYS J 99 29.62 -18.33 -30.24
CA LYS J 99 30.55 -17.47 -29.53
C LYS J 99 31.99 -17.80 -29.89
N ARG J 100 32.27 -19.09 -30.13
CA ARG J 100 33.60 -19.51 -30.50
C ARG J 100 33.96 -19.01 -31.89
N ILE J 101 33.02 -19.11 -32.82
CA ILE J 101 33.25 -18.76 -34.22
C ILE J 101 33.46 -17.27 -34.37
N SER J 102 32.76 -16.46 -33.56
CA SER J 102 32.94 -15.02 -33.59
C SER J 102 34.35 -14.64 -33.15
N ILE J 103 34.94 -15.40 -32.25
CA ILE J 103 36.33 -15.19 -31.90
C ILE J 103 37.23 -15.68 -33.02
N LEU J 104 36.89 -16.83 -33.60
CA LEU J 104 37.67 -17.38 -34.71
C LEU J 104 37.60 -16.51 -35.95
N SER J 105 36.49 -15.79 -36.12
CA SER J 105 36.36 -14.86 -37.23
C SER J 105 37.26 -13.64 -37.07
N ARG J 106 37.12 -12.94 -35.94
CA ARG J 106 37.72 -11.61 -35.81
C ARG J 106 39.21 -11.69 -35.55
N ALA J 107 39.62 -12.60 -34.66
CA ALA J 107 40.99 -12.57 -34.16
C ALA J 107 41.98 -13.09 -35.19
N GLN J 108 41.53 -13.96 -36.11
CA GLN J 108 42.45 -14.52 -37.09
C GLN J 108 42.80 -13.51 -38.16
N SER J 109 41.80 -13.05 -38.93
CA SER J 109 42.02 -12.11 -40.01
C SER J 109 40.82 -11.15 -40.06
N ALA J 110 41.08 -9.88 -39.77
CA ALA J 110 40.05 -8.86 -39.81
C ALA J 110 39.80 -8.39 -41.24
N ASN J 130 31.89 -9.18 -28.57
CA ASN J 130 31.35 -7.98 -27.95
C ASN J 130 29.83 -8.13 -27.80
N SER J 131 29.08 -7.51 -28.70
CA SER J 131 27.64 -7.54 -28.68
C SER J 131 27.17 -8.79 -29.42
N LEU J 132 26.40 -9.63 -28.74
CA LEU J 132 26.00 -10.90 -29.32
C LEU J 132 24.67 -11.33 -28.72
N PRO J 133 23.56 -11.16 -29.43
CA PRO J 133 22.25 -11.51 -28.86
C PRO J 133 21.93 -12.99 -28.97
N THR J 134 20.71 -13.35 -28.58
CA THR J 134 20.24 -14.73 -28.66
C THR J 134 19.66 -14.98 -30.05
N PHE J 135 20.00 -16.13 -30.63
CA PHE J 135 19.62 -16.41 -32.01
C PHE J 135 18.21 -16.99 -32.05
N GLN J 136 17.84 -17.54 -33.20
CA GLN J 136 16.50 -18.04 -33.43
C GLN J 136 16.58 -19.16 -34.46
N LEU J 137 15.87 -20.26 -34.19
CA LEU J 137 15.88 -21.40 -35.09
C LEU J 137 14.65 -21.35 -36.00
N ILE J 138 14.80 -21.89 -37.20
CA ILE J 138 13.73 -21.99 -38.18
C ILE J 138 13.74 -23.42 -38.68
N LEU J 139 12.60 -24.11 -38.58
CA LEU J 139 12.50 -25.48 -39.03
C LEU J 139 11.41 -25.62 -40.09
N ASN J 140 11.57 -26.63 -40.94
CA ASN J 140 10.58 -26.87 -41.99
C ASN J 140 10.55 -28.35 -42.35
N SER J 141 9.40 -28.78 -42.91
CA SER J 141 9.15 -30.16 -43.25
C SER J 141 8.03 -30.23 -44.27
N ASN J 142 7.87 -31.41 -44.85
CA ASN J 142 6.78 -31.67 -45.79
C ASN J 142 6.20 -33.06 -45.57
N ALA J 143 6.05 -33.46 -44.31
CA ALA J 143 5.64 -34.84 -44.03
C ALA J 143 4.12 -35.00 -44.15
N ASN J 144 3.36 -34.29 -43.30
CA ASN J 144 1.92 -34.50 -43.22
C ASN J 144 1.23 -33.14 -43.25
N GLN J 145 0.70 -32.77 -44.42
CA GLN J 145 -0.03 -31.51 -44.54
C GLN J 145 -1.39 -31.72 -43.89
N ILE J 146 -1.46 -31.49 -42.59
CA ILE J 146 -2.66 -31.76 -41.79
C ILE J 146 -3.72 -30.70 -42.12
N PRO J 147 -4.94 -31.11 -42.45
CA PRO J 147 -5.97 -30.12 -42.76
C PRO J 147 -6.45 -29.40 -41.50
N LEU J 148 -6.97 -28.19 -41.72
CA LEU J 148 -7.36 -27.32 -40.63
C LEU J 148 -8.70 -27.74 -40.00
N ARG J 149 -9.43 -28.64 -40.64
CA ARG J 149 -10.78 -28.99 -40.19
C ARG J 149 -10.76 -29.81 -38.91
N ASP J 150 -9.71 -30.59 -38.69
CA ASP J 150 -9.65 -31.51 -37.55
C ASP J 150 -8.44 -31.16 -36.70
N LEU J 151 -8.67 -30.38 -35.64
CA LEU J 151 -7.64 -30.02 -34.66
C LEU J 151 -8.23 -30.30 -33.28
N ASP J 152 -8.11 -31.52 -32.82
CA ASP J 152 -8.72 -31.94 -31.57
C ASP J 152 -7.93 -31.39 -30.37
N SER J 153 -8.50 -31.61 -29.20
CA SER J 153 -7.85 -31.28 -27.93
C SER J 153 -6.67 -32.19 -27.63
N GLU J 154 -6.53 -33.31 -28.34
CA GLU J 154 -5.32 -34.12 -28.22
C GLU J 154 -4.15 -33.50 -28.96
N HIS J 155 -4.39 -32.48 -29.77
CA HIS J 155 -3.35 -31.78 -30.48
C HIS J 155 -2.90 -30.51 -29.77
N VAL J 156 -3.35 -30.32 -28.54
CA VAL J 156 -2.99 -29.14 -27.76
C VAL J 156 -1.52 -29.21 -27.39
N SER J 157 -0.78 -28.13 -27.71
CA SER J 157 0.62 -27.91 -27.35
C SER J 157 1.51 -29.01 -27.89
N LYS J 158 1.28 -29.36 -29.14
CA LYS J 158 2.08 -30.37 -29.82
C LYS J 158 2.54 -29.80 -31.15
N ILE J 159 3.57 -30.41 -31.71
CA ILE J 159 4.15 -29.96 -32.97
C ILE J 159 3.22 -30.39 -34.08
N VAL J 160 2.40 -29.46 -34.56
CA VAL J 160 1.44 -29.72 -35.63
C VAL J 160 1.71 -28.74 -36.75
N ARG J 161 1.83 -29.23 -37.97
CA ARG J 161 1.97 -28.40 -39.14
C ARG J 161 0.67 -28.40 -39.94
N LEU J 162 0.54 -27.40 -40.81
CA LEU J 162 -0.64 -27.24 -41.65
C LEU J 162 -0.28 -26.35 -42.83
N SER J 163 -1.30 -25.97 -43.61
CA SER J 163 -1.11 -25.12 -44.77
C SER J 163 -2.45 -24.48 -45.11
N GLY J 164 -2.42 -23.22 -45.52
CA GLY J 164 -3.64 -22.52 -45.84
C GLY J 164 -3.39 -21.24 -46.59
N ILE J 165 -4.27 -20.27 -46.40
CA ILE J 165 -4.24 -18.99 -47.11
C ILE J 165 -4.24 -17.86 -46.09
N ILE J 166 -3.27 -16.97 -46.19
CA ILE J 166 -3.11 -15.86 -45.26
C ILE J 166 -4.04 -14.73 -45.68
N ILE J 167 -4.84 -14.24 -44.74
CA ILE J 167 -5.78 -13.17 -45.06
C ILE J 167 -5.07 -11.84 -45.14
N SER J 168 -4.53 -11.37 -44.03
CA SER J 168 -4.07 -10.00 -43.91
C SER J 168 -3.23 -9.88 -42.65
N THR J 169 -2.23 -9.01 -42.68
CA THR J 169 -1.33 -8.84 -41.57
C THR J 169 -1.89 -7.82 -40.58
N SER J 170 -1.06 -7.37 -39.66
CA SER J 170 -1.43 -6.34 -38.71
C SER J 170 -0.37 -5.25 -38.77
N VAL J 171 -0.45 -4.32 -37.84
CA VAL J 171 0.51 -3.24 -37.73
C VAL J 171 1.47 -3.60 -36.62
N LEU J 172 2.77 -3.38 -36.87
CA LEU J 172 3.81 -3.92 -36.01
C LEU J 172 3.91 -3.15 -34.71
N SER J 173 3.78 -3.87 -33.60
CA SER J 173 4.02 -3.35 -32.28
C SER J 173 5.40 -3.80 -31.82
N SER J 174 5.71 -3.59 -30.54
CA SER J 174 7.05 -3.92 -30.06
C SER J 174 6.98 -4.37 -28.60
N ARG J 175 7.58 -5.52 -28.31
CA ARG J 175 7.83 -5.93 -26.94
C ARG J 175 9.27 -5.56 -26.55
N ALA J 176 9.58 -5.73 -25.27
CA ALA J 176 10.89 -5.40 -24.74
C ALA J 176 11.55 -6.63 -24.16
N THR J 177 12.87 -6.68 -24.25
CA THR J 177 13.66 -7.78 -23.71
C THR J 177 14.55 -7.37 -22.56
N TYR J 178 15.39 -6.37 -22.78
CA TYR J 178 16.36 -5.92 -21.78
C TYR J 178 15.99 -4.50 -21.39
N LEU J 179 16.11 -4.19 -20.10
CA LEU J 179 15.65 -2.94 -19.53
C LEU J 179 16.28 -2.69 -18.17
N SER J 180 16.55 -1.42 -17.86
CA SER J 180 17.08 -1.00 -16.58
C SER J 180 16.02 -0.18 -15.85
N ILE J 181 15.82 -0.45 -14.57
CA ILE J 181 14.71 0.15 -13.83
C ILE J 181 15.30 0.96 -12.67
N MET J 182 14.44 1.58 -11.85
CA MET J 182 14.85 2.42 -10.74
C MET J 182 13.75 2.42 -9.70
N CYS J 183 14.14 2.36 -8.41
CA CYS J 183 13.18 2.46 -7.33
C CYS J 183 12.97 3.93 -7.03
N ARG J 184 11.71 4.39 -7.12
CA ARG J 184 11.47 5.83 -7.08
C ARG J 184 11.68 6.43 -5.70
N ASN J 185 11.85 5.61 -4.66
CA ASN J 185 12.26 6.07 -3.34
C ASN J 185 13.66 5.61 -2.98
N CYS J 186 13.94 4.31 -3.14
CA CYS J 186 15.16 3.74 -2.58
C CYS J 186 16.38 4.06 -3.43
N ARG J 187 16.15 4.44 -4.70
CA ARG J 187 17.17 4.55 -5.75
C ARG J 187 17.92 3.22 -5.88
N HIS J 188 17.17 2.23 -6.34
CA HIS J 188 17.64 0.87 -6.48
C HIS J 188 17.45 0.40 -7.92
N THR J 189 18.56 -0.01 -8.55
CA THR J 189 18.55 -0.36 -9.96
C THR J 189 18.98 -1.80 -10.16
N THR J 190 18.23 -2.50 -11.02
CA THR J 190 18.59 -3.83 -11.49
C THR J 190 18.38 -3.85 -12.99
N SER J 191 18.40 -5.05 -13.58
CA SER J 191 18.15 -5.21 -15.00
C SER J 191 17.49 -6.56 -15.22
N ILE J 192 16.62 -6.62 -16.23
CA ILE J 192 15.81 -7.81 -16.49
C ILE J 192 15.93 -8.19 -17.95
N THR J 193 16.36 -9.43 -18.20
CA THR J 193 16.34 -10.03 -19.53
C THR J 193 15.22 -11.06 -19.58
N ILE J 194 14.62 -11.22 -20.75
CA ILE J 194 13.67 -12.31 -21.00
C ILE J 194 14.00 -12.97 -22.32
N ASN J 195 13.61 -14.23 -22.45
CA ASN J 195 13.81 -14.99 -23.68
C ASN J 195 12.51 -15.48 -24.30
N ASN J 196 11.65 -16.15 -23.53
CA ASN J 196 10.39 -16.68 -24.04
C ASN J 196 9.31 -15.63 -23.73
N PHE J 197 9.24 -14.63 -24.61
CA PHE J 197 8.33 -13.51 -24.39
C PHE J 197 6.91 -13.84 -24.83
N ASN J 198 6.69 -15.03 -25.34
CA ASN J 198 5.40 -15.41 -25.90
C ASN J 198 4.50 -16.09 -24.88
N ASN J 203 2.01 -10.82 -20.18
CA ASN J 203 1.32 -11.94 -19.56
C ASN J 203 2.30 -12.85 -18.84
N THR J 204 3.47 -13.05 -19.44
CA THR J 204 4.44 -13.99 -18.89
C THR J 204 5.15 -13.39 -17.68
N VAL J 205 5.59 -12.14 -17.77
CA VAL J 205 6.33 -11.53 -16.68
C VAL J 205 5.90 -10.06 -16.57
N SER J 206 6.08 -9.48 -15.39
CA SER J 206 5.81 -8.07 -15.18
C SER J 206 6.75 -7.54 -14.11
N LEU J 207 6.59 -6.27 -13.80
CA LEU J 207 7.47 -5.63 -12.83
C LEU J 207 7.10 -6.06 -11.42
N PRO J 208 8.08 -6.29 -10.55
CA PRO J 208 7.76 -6.74 -9.20
C PRO J 208 7.24 -5.60 -8.33
N ARG J 209 6.84 -5.96 -7.12
CA ARG J 209 6.16 -5.04 -6.22
C ARG J 209 6.89 -4.84 -4.89
N SER J 210 8.21 -4.92 -4.88
CA SER J 210 9.00 -4.57 -3.70
C SER J 210 10.27 -3.90 -4.18
N CYS J 211 10.76 -2.94 -3.39
CA CYS J 211 11.91 -2.12 -3.77
C CYS J 211 13.21 -2.93 -3.83
N LEU J 212 13.24 -4.08 -3.13
CA LEU J 212 14.19 -5.18 -3.29
C LEU J 212 15.57 -4.85 -2.72
N SER J 213 15.78 -3.60 -2.32
CA SER J 213 16.97 -3.23 -1.58
C SER J 213 16.96 -3.80 -0.16
N THR J 214 15.79 -4.18 0.34
CA THR J 214 15.71 -4.82 1.65
C THR J 214 16.35 -6.21 1.64
N ILE J 215 16.27 -6.93 0.54
CA ILE J 215 16.92 -8.24 0.43
C ILE J 215 18.33 -7.95 -0.05
N GLU J 216 19.24 -7.83 0.91
CA GLU J 216 20.64 -7.52 0.64
C GLU J 216 21.50 -8.19 1.70
N SER J 217 22.60 -8.80 1.24
CA SER J 217 23.54 -9.50 2.12
C SER J 217 24.65 -8.57 2.64
N GLU J 218 24.37 -7.27 2.75
CA GLU J 218 25.34 -6.32 3.28
C GLU J 218 24.70 -5.58 4.45
N SER J 219 25.49 -5.32 5.47
CA SER J 219 24.98 -4.77 6.72
C SER J 219 24.63 -3.29 6.59
N SER J 220 25.58 -2.47 6.13
CA SER J 220 25.42 -1.02 6.13
C SER J 220 24.38 -0.54 5.13
N MET J 221 24.17 -1.29 4.03
CA MET J 221 23.10 -0.93 3.11
C MET J 221 21.73 -1.36 3.63
N ALA J 222 21.65 -2.54 4.25
CA ALA J 222 20.37 -2.98 4.80
C ALA J 222 20.03 -2.26 6.09
N ASN J 223 21.00 -1.60 6.73
CA ASN J 223 20.72 -0.83 7.93
C ASN J 223 19.99 0.46 7.57
N GLU J 224 20.35 1.08 6.43
CA GLU J 224 19.67 2.28 6.00
C GLU J 224 18.42 1.97 5.19
N LYS J 234 11.61 2.89 6.14
CA LYS J 234 11.40 3.40 4.79
C LYS J 234 10.57 2.44 3.97
N ASN J 235 10.07 2.93 2.84
CA ASN J 235 9.21 2.11 1.98
C ASN J 235 9.22 2.69 0.58
N CYS J 236 9.82 1.97 -0.36
CA CYS J 236 9.55 2.26 -1.78
C CYS J 236 8.11 1.95 -2.16
N GLY J 237 7.44 1.08 -1.39
CA GLY J 237 6.10 0.61 -1.67
C GLY J 237 5.05 1.70 -1.77
N PRO J 238 4.05 1.53 -2.67
CA PRO J 238 3.73 0.45 -3.62
C PRO J 238 4.67 0.35 -4.82
N ASP J 239 4.29 -0.45 -5.84
CA ASP J 239 5.12 -0.89 -6.98
C ASP J 239 5.86 0.28 -7.63
N PRO J 240 7.15 0.36 -7.39
CA PRO J 240 7.87 1.65 -7.58
C PRO J 240 8.56 1.77 -8.91
N TYR J 241 8.51 0.69 -9.69
CA TYR J 241 9.44 0.56 -10.77
C TYR J 241 8.98 1.34 -12.01
N ILE J 242 9.86 2.23 -12.45
CA ILE J 242 9.63 3.02 -13.65
C ILE J 242 10.77 2.72 -14.62
N ILE J 243 10.40 2.31 -15.83
CA ILE J 243 11.40 1.82 -16.77
C ILE J 243 12.16 2.98 -17.39
N ILE J 244 13.45 3.03 -17.15
CA ILE J 244 14.35 3.92 -17.85
C ILE J 244 14.43 3.44 -19.29
N HIS J 245 13.84 4.19 -20.21
CA HIS J 245 13.69 3.73 -21.58
C HIS J 245 14.90 4.03 -22.45
N GLU J 246 15.87 4.79 -21.96
CA GLU J 246 16.95 5.27 -22.81
C GLU J 246 17.98 4.20 -23.12
N SER J 247 17.96 3.07 -22.41
CA SER J 247 18.94 2.02 -22.62
C SER J 247 18.27 0.66 -22.58
N SER J 248 17.18 0.51 -23.32
CA SER J 248 16.43 -0.74 -23.32
C SER J 248 16.50 -1.39 -24.70
N LYS J 249 16.01 -2.62 -24.80
CA LYS J 249 16.12 -3.40 -26.03
C LYS J 249 14.75 -3.95 -26.40
N PHE J 250 14.49 -4.01 -27.70
CA PHE J 250 13.13 -4.20 -28.20
C PHE J 250 13.12 -5.17 -29.38
N ILE J 251 11.93 -5.73 -29.62
CA ILE J 251 11.69 -6.76 -30.63
C ILE J 251 10.39 -6.44 -31.38
N ASP J 252 9.96 -7.35 -32.26
CA ASP J 252 8.78 -7.13 -33.08
C ASP J 252 7.71 -8.17 -32.75
N GLN J 253 6.47 -7.84 -33.10
CA GLN J 253 5.33 -8.74 -32.93
C GLN J 253 4.37 -8.47 -34.08
N GLN J 254 3.83 -9.53 -34.67
CA GLN J 254 3.28 -9.45 -36.03
C GLN J 254 1.77 -9.60 -36.11
N PHE J 255 1.22 -10.70 -35.60
CA PHE J 255 -0.22 -11.03 -35.63
C PHE J 255 -0.78 -11.13 -37.05
N LEU J 256 -0.39 -12.19 -37.76
CA LEU J 256 -1.03 -12.47 -39.04
C LEU J 256 -2.41 -13.08 -38.80
N LYS J 257 -3.07 -13.47 -39.89
CA LYS J 257 -4.33 -14.18 -39.82
C LYS J 257 -4.46 -15.07 -41.05
N LEU J 258 -4.85 -16.32 -40.82
CA LEU J 258 -4.88 -17.31 -41.89
C LEU J 258 -6.28 -17.86 -42.05
N GLN J 259 -6.62 -18.21 -43.29
CA GLN J 259 -7.90 -18.82 -43.61
C GLN J 259 -7.66 -20.14 -44.31
N GLU J 260 -8.54 -21.11 -44.04
CA GLU J 260 -8.49 -22.40 -44.70
C GLU J 260 -8.76 -22.24 -46.20
N ILE J 261 -8.27 -23.22 -46.95
CA ILE J 261 -8.39 -23.16 -48.41
C ILE J 261 -9.81 -23.55 -48.81
N PRO J 262 -10.52 -22.70 -49.56
CA PRO J 262 -11.95 -22.94 -49.80
C PRO J 262 -12.25 -23.94 -50.89
N GLU J 263 -11.27 -24.69 -51.37
CA GLU J 263 -11.51 -25.60 -52.49
C GLU J 263 -12.31 -26.81 -52.06
N LEU J 264 -12.09 -27.28 -50.82
CA LEU J 264 -12.78 -28.46 -50.33
C LEU J 264 -13.56 -28.31 -48.99
N VAL J 265 -14.82 -28.78 -48.96
CA VAL J 265 -15.72 -28.80 -47.78
C VAL J 265 -16.10 -27.54 -46.94
N PRO J 266 -16.37 -26.36 -47.56
CA PRO J 266 -16.84 -25.29 -46.69
C PRO J 266 -18.26 -25.03 -47.16
N VAL J 267 -18.78 -26.04 -47.82
CA VAL J 267 -20.05 -25.98 -48.57
C VAL J 267 -21.22 -25.61 -47.66
N GLY J 268 -21.45 -26.40 -46.63
CA GLY J 268 -22.59 -26.14 -45.76
C GLY J 268 -22.35 -25.01 -44.79
N GLU J 269 -21.10 -24.81 -44.40
CA GLU J 269 -20.76 -23.87 -43.34
C GLU J 269 -20.31 -22.53 -43.92
N MET J 270 -19.82 -21.68 -43.02
CA MET J 270 -18.98 -20.55 -43.34
C MET J 270 -17.53 -20.96 -43.09
N PRO J 271 -16.55 -20.37 -43.78
CA PRO J 271 -15.16 -20.77 -43.54
C PRO J 271 -14.66 -20.33 -42.17
N ARG J 272 -13.78 -21.14 -41.60
CA ARG J 272 -13.18 -20.87 -40.31
C ARG J 272 -11.82 -20.20 -40.50
N ASN J 273 -11.25 -19.76 -39.39
CA ASN J 273 -9.96 -19.08 -39.40
C ASN J 273 -9.33 -19.16 -38.01
N LEU J 274 -8.05 -18.81 -37.95
CA LEU J 274 -7.33 -18.78 -36.68
C LEU J 274 -6.54 -17.49 -36.51
N THR J 275 -5.67 -17.44 -35.50
CA THR J 275 -4.96 -16.22 -35.16
C THR J 275 -3.48 -16.53 -35.02
N MET J 276 -2.64 -15.70 -35.65
CA MET J 276 -1.23 -15.97 -35.82
C MET J 276 -0.39 -15.03 -34.94
N THR J 277 0.89 -15.36 -34.77
CA THR J 277 1.90 -14.54 -34.08
C THR J 277 3.28 -15.07 -34.42
N CYS J 278 4.15 -14.19 -34.93
CA CYS J 278 5.49 -14.58 -35.32
C CYS J 278 6.54 -13.79 -34.54
N ASP J 279 7.74 -14.37 -34.47
CA ASP J 279 8.86 -13.83 -33.73
C ASP J 279 9.74 -12.98 -34.65
N ARG J 280 10.98 -12.71 -34.21
CA ARG J 280 11.85 -11.63 -34.66
C ARG J 280 12.13 -11.58 -36.16
N TYR J 281 12.82 -12.58 -36.69
CA TYR J 281 13.12 -12.59 -38.11
C TYR J 281 11.98 -13.11 -38.95
N LEU J 282 10.92 -13.62 -38.33
CA LEU J 282 9.78 -14.10 -39.08
C LEU J 282 8.83 -12.98 -39.48
N THR J 283 8.97 -11.81 -38.88
CA THR J 283 8.15 -10.68 -39.28
C THR J 283 8.61 -10.13 -40.62
N ASN J 284 7.69 -9.41 -41.27
CA ASN J 284 7.89 -8.73 -42.56
C ASN J 284 8.34 -9.72 -43.64
N LYS J 285 7.82 -10.93 -43.60
CA LYS J 285 8.25 -11.98 -44.51
C LYS J 285 7.30 -12.20 -45.67
N VAL J 286 6.03 -12.46 -45.38
CA VAL J 286 5.12 -13.02 -46.37
C VAL J 286 4.07 -11.98 -46.74
N ILE J 287 3.92 -11.75 -48.04
CA ILE J 287 2.78 -11.02 -48.58
C ILE J 287 1.53 -11.89 -48.44
N PRO J 288 0.43 -11.39 -47.88
CA PRO J 288 -0.72 -12.25 -47.56
C PRO J 288 -1.41 -12.78 -48.81
N GLY J 289 -1.91 -14.01 -48.72
CA GLY J 289 -2.67 -14.59 -49.80
C GLY J 289 -2.07 -15.84 -50.40
N THR J 290 -0.76 -16.00 -50.25
CA THR J 290 -0.08 -17.09 -50.92
C THR J 290 -0.32 -18.41 -50.20
N ARG J 291 0.07 -19.49 -50.87
CA ARG J 291 -0.08 -20.82 -50.32
C ARG J 291 1.21 -21.26 -49.66
N VAL J 292 1.23 -21.26 -48.34
CA VAL J 292 2.43 -21.54 -47.56
C VAL J 292 2.10 -22.61 -46.53
N THR J 293 3.17 -23.20 -45.99
CA THR J 293 3.05 -24.25 -44.98
C THR J 293 3.74 -23.76 -43.72
N ILE J 294 3.12 -24.01 -42.58
CA ILE J 294 3.61 -23.54 -41.28
C ILE J 294 3.57 -24.71 -40.31
N VAL J 295 4.71 -25.01 -39.70
CA VAL J 295 4.75 -25.90 -38.55
C VAL J 295 4.46 -25.05 -37.33
N GLY J 296 3.61 -25.54 -36.42
CA GLY J 296 3.19 -24.70 -35.34
C GLY J 296 3.00 -25.45 -34.04
N ILE J 297 2.65 -24.68 -33.01
CA ILE J 297 2.33 -25.20 -31.69
C ILE J 297 0.94 -24.72 -31.34
N TYR J 298 0.03 -25.66 -31.14
CA TYR J 298 -1.38 -25.34 -30.92
C TYR J 298 -1.57 -24.92 -29.47
N SER J 299 -1.44 -23.63 -29.20
CA SER J 299 -1.44 -23.09 -27.84
C SER J 299 -2.77 -22.38 -27.55
N ILE J 300 -2.97 -22.06 -26.27
CA ILE J 300 -4.24 -21.62 -25.72
C ILE J 300 -3.99 -20.36 -24.89
N TYR J 301 -4.85 -19.35 -25.04
CA TYR J 301 -4.88 -18.23 -24.11
C TYR J 301 -6.28 -18.14 -23.50
N ASN J 302 -6.48 -17.16 -22.62
CA ASN J 302 -7.63 -17.14 -21.72
C ASN J 302 -8.62 -16.03 -22.00
N SER J 303 -8.16 -14.87 -22.47
CA SER J 303 -8.92 -13.63 -22.39
C SER J 303 -10.14 -13.66 -23.30
N LYS J 304 -11.04 -12.70 -23.07
CA LYS J 304 -12.34 -12.68 -23.72
C LYS J 304 -12.25 -12.09 -25.13
N GLY J 320 -18.52 -18.58 -18.42
CA GLY J 320 -18.42 -19.24 -17.13
C GLY J 320 -18.25 -20.74 -17.27
N VAL J 321 -17.96 -21.20 -18.48
CA VAL J 321 -17.82 -22.62 -18.76
C VAL J 321 -16.33 -22.83 -19.00
N ALA J 322 -15.55 -21.78 -18.71
CA ALA J 322 -14.10 -21.72 -18.88
C ALA J 322 -13.71 -22.07 -20.31
N ILE J 323 -14.28 -21.31 -21.23
CA ILE J 323 -14.11 -21.51 -22.66
C ILE J 323 -12.95 -20.63 -23.10
N ARG J 324 -12.00 -21.23 -23.79
CA ARG J 324 -10.75 -20.55 -24.11
C ARG J 324 -10.50 -20.66 -25.60
N THR J 325 -10.15 -19.55 -26.23
CA THR J 325 -9.87 -19.48 -27.67
C THR J 325 -8.51 -20.08 -28.08
N PRO J 326 -8.46 -20.72 -29.25
CA PRO J 326 -7.29 -21.35 -29.89
C PRO J 326 -6.29 -20.36 -30.52
N TYR J 327 -5.01 -20.74 -30.58
CA TYR J 327 -3.97 -19.89 -31.17
C TYR J 327 -2.79 -20.75 -31.64
N ILE J 328 -1.93 -20.22 -32.51
CA ILE J 328 -0.78 -20.99 -32.97
C ILE J 328 0.50 -20.23 -32.68
N LYS J 329 1.37 -20.82 -31.86
CA LYS J 329 2.76 -20.43 -31.77
C LYS J 329 3.48 -20.92 -33.01
N ILE J 330 4.15 -19.99 -33.70
CA ILE J 330 4.57 -20.23 -35.07
C ILE J 330 6.07 -20.42 -35.15
N LEU J 331 6.48 -21.55 -35.74
CA LEU J 331 7.88 -21.82 -35.94
C LEU J 331 8.11 -22.31 -37.36
N GLY J 332 8.78 -21.48 -38.15
CA GLY J 332 9.23 -21.93 -39.46
C GLY J 332 8.19 -22.00 -40.57
N ILE J 333 7.71 -20.84 -41.00
CA ILE J 333 6.99 -20.78 -42.27
C ILE J 333 7.99 -20.88 -43.42
N GLN J 334 7.62 -21.67 -44.43
CA GLN J 334 8.36 -21.68 -45.70
C GLN J 334 7.40 -21.29 -46.81
N SER J 335 7.94 -20.60 -47.81
CA SER J 335 7.11 -19.95 -48.82
C SER J 335 6.87 -20.90 -49.99
N ASP J 336 6.02 -20.46 -50.92
CA ASP J 336 5.80 -21.20 -52.16
C ASP J 336 6.87 -20.84 -53.17
N VAL J 337 7.18 -21.80 -54.04
CA VAL J 337 8.17 -21.58 -55.09
C VAL J 337 7.48 -21.50 -56.44
N VAL J 346 14.97 -10.86 -58.91
CA VAL J 346 16.35 -11.32 -59.02
C VAL J 346 17.03 -10.64 -60.20
N THR J 347 18.06 -9.84 -59.91
CA THR J 347 18.80 -9.14 -60.94
C THR J 347 20.09 -9.85 -61.29
N MET J 348 20.98 -10.02 -60.31
CA MET J 348 22.28 -10.61 -60.57
C MET J 348 22.20 -12.13 -60.50
N PHE J 349 23.19 -12.77 -61.10
CA PHE J 349 23.20 -14.22 -61.28
C PHE J 349 24.65 -14.66 -61.53
N THR J 350 24.83 -15.91 -61.91
CA THR J 350 26.13 -16.54 -61.94
C THR J 350 26.87 -16.18 -63.22
N GLU J 351 28.06 -16.78 -63.41
CA GLU J 351 28.93 -16.52 -64.55
C GLU J 351 28.73 -17.54 -65.67
N GLU J 352 28.44 -18.79 -65.31
CA GLU J 352 28.16 -19.80 -66.32
C GLU J 352 26.85 -19.54 -67.04
N GLU J 353 25.90 -18.86 -66.37
CA GLU J 353 24.68 -18.48 -67.05
C GLU J 353 24.92 -17.31 -67.99
N GLU J 354 25.93 -16.48 -67.70
CA GLU J 354 26.36 -15.48 -68.66
C GLU J 354 26.95 -16.14 -69.90
N GLU J 355 27.74 -17.20 -69.70
CA GLU J 355 28.49 -17.80 -70.79
C GLU J 355 27.56 -18.53 -71.75
N GLU J 356 26.57 -19.23 -71.22
CA GLU J 356 25.62 -19.93 -72.07
C GLU J 356 24.69 -18.96 -72.78
N PHE J 357 24.55 -17.73 -72.26
CA PHE J 357 23.90 -16.69 -73.05
C PHE J 357 24.77 -16.28 -74.22
N LEU J 358 26.07 -16.08 -73.97
CA LEU J 358 27.02 -15.67 -74.98
C LEU J 358 27.19 -16.70 -76.08
N GLN J 359 27.10 -17.98 -75.75
CA GLN J 359 27.06 -19.04 -76.74
C GLN J 359 25.83 -18.95 -77.62
N LEU J 360 24.68 -18.66 -77.01
CA LEU J 360 23.45 -18.50 -77.78
C LEU J 360 23.43 -17.16 -78.51
N SER J 361 24.25 -16.21 -78.05
CA SER J 361 24.26 -14.87 -78.62
C SER J 361 24.81 -14.82 -80.04
N ARG J 362 25.91 -15.51 -80.31
CA ARG J 362 26.61 -15.37 -81.58
C ARG J 362 26.08 -16.31 -82.66
N ASN J 363 24.96 -16.98 -82.42
CA ASN J 363 24.38 -17.82 -83.44
C ASN J 363 23.74 -16.95 -84.52
N PRO J 364 24.09 -17.17 -85.79
CA PRO J 364 23.44 -16.40 -86.87
C PRO J 364 22.04 -16.88 -87.21
N LYS J 365 21.57 -17.97 -86.63
CA LYS J 365 20.21 -18.47 -86.84
C LYS J 365 19.31 -18.12 -85.67
N LEU J 366 19.66 -17.05 -84.96
CA LEU J 366 19.05 -16.79 -83.66
C LEU J 366 17.65 -16.21 -83.80
N TYR J 367 17.42 -15.37 -84.81
CA TYR J 367 16.07 -14.88 -85.06
C TYR J 367 15.15 -16.00 -85.52
N GLU J 368 15.68 -16.94 -86.30
CA GLU J 368 14.85 -18.02 -86.83
C GLU J 368 14.44 -18.99 -85.73
N ILE J 369 15.40 -19.36 -84.88
CA ILE J 369 15.16 -20.38 -83.86
C ILE J 369 14.21 -19.87 -82.78
N LEU J 370 14.18 -18.56 -82.52
CA LEU J 370 13.21 -18.01 -81.58
C LEU J 370 11.85 -17.80 -82.23
N THR J 371 11.82 -17.56 -83.54
CA THR J 371 10.57 -17.56 -84.28
C THR J 371 10.15 -18.95 -84.71
N ASN J 372 10.81 -19.98 -84.20
CA ASN J 372 10.25 -21.31 -84.18
C ASN J 372 9.97 -21.78 -82.76
N SER J 373 10.04 -20.88 -81.78
CA SER J 373 9.98 -21.25 -80.37
C SER J 373 8.62 -21.00 -79.73
N ILE J 374 7.80 -20.11 -80.29
CA ILE J 374 6.59 -19.70 -79.58
C ILE J 374 5.52 -20.78 -79.64
N ALA J 375 5.01 -21.10 -80.84
CA ALA J 375 3.85 -21.97 -80.98
C ALA J 375 4.17 -23.13 -81.90
N PRO J 376 4.76 -24.21 -81.38
CA PRO J 376 4.65 -25.50 -82.05
C PRO J 376 3.28 -26.13 -81.89
N SER J 377 2.51 -25.68 -80.90
CA SER J 377 1.13 -26.11 -80.72
C SER J 377 0.17 -25.46 -81.69
N ILE J 378 0.55 -24.36 -82.33
CA ILE J 378 -0.35 -23.68 -83.26
C ILE J 378 0.34 -23.59 -84.61
N PHE J 379 -0.29 -24.16 -85.63
CA PHE J 379 0.27 -24.21 -86.96
C PHE J 379 -0.11 -22.95 -87.74
N GLY J 380 0.82 -22.46 -88.53
CA GLY J 380 0.60 -21.25 -89.29
C GLY J 380 0.84 -20.00 -88.47
N ASN J 381 0.32 -18.88 -89.00
CA ASN J 381 0.42 -17.55 -88.42
C ASN J 381 1.88 -17.15 -88.21
N GLU J 382 2.67 -17.38 -89.26
CA GLU J 382 4.12 -17.20 -89.18
C GLU J 382 4.53 -15.73 -89.08
N ASP J 383 3.72 -14.80 -89.58
CA ASP J 383 4.03 -13.40 -89.40
C ASP J 383 3.67 -12.96 -87.99
N ILE J 384 2.56 -13.49 -87.47
CA ILE J 384 2.20 -13.29 -86.07
C ILE J 384 3.24 -13.95 -85.17
N LYS J 385 3.79 -15.06 -85.63
CA LYS J 385 4.88 -15.74 -84.92
C LYS J 385 6.12 -14.85 -84.82
N LYS J 386 6.31 -13.94 -85.78
CA LYS J 386 7.43 -13.02 -85.73
C LYS J 386 7.18 -11.84 -84.81
N ALA J 387 6.02 -11.20 -84.93
CA ALA J 387 5.78 -9.90 -84.31
C ALA J 387 5.67 -9.96 -82.80
N ILE J 388 5.38 -11.13 -82.23
CA ILE J 388 5.31 -11.29 -80.79
C ILE J 388 6.68 -11.06 -80.14
N VAL J 389 7.75 -11.44 -80.82
CA VAL J 389 9.08 -11.46 -80.22
C VAL J 389 9.58 -10.04 -79.98
N CYS J 390 9.50 -9.18 -80.98
CA CYS J 390 10.02 -7.81 -80.90
C CYS J 390 9.27 -6.96 -79.88
N LEU J 391 7.98 -7.22 -79.67
CA LEU J 391 7.24 -6.57 -78.60
C LEU J 391 7.74 -6.99 -77.23
N LEU J 392 8.13 -8.25 -77.06
CA LEU J 392 8.58 -8.74 -75.77
C LEU J 392 10.00 -8.32 -75.43
N MET J 393 10.65 -7.54 -76.29
CA MET J 393 12.00 -7.07 -76.00
C MET J 393 12.01 -5.68 -75.37
N GLY J 394 11.17 -4.78 -75.86
CA GLY J 394 11.17 -3.43 -75.35
C GLY J 394 12.21 -2.58 -76.05
N GLY J 395 11.80 -1.46 -76.61
CA GLY J 395 12.70 -0.61 -77.36
C GLY J 395 13.52 0.31 -76.48
N SER J 396 14.07 1.33 -77.11
CA SER J 396 14.89 2.32 -76.42
C SER J 396 14.02 3.22 -75.54
N LYS J 397 14.68 4.00 -74.70
CA LYS J 397 14.02 4.88 -73.74
C LYS J 397 14.93 6.07 -73.50
N LYS J 398 14.54 7.23 -74.00
CA LYS J 398 15.39 8.42 -73.99
C LYS J 398 14.85 9.41 -72.97
N ILE J 399 15.70 9.76 -72.00
CA ILE J 399 15.33 10.53 -70.82
C ILE J 399 16.06 11.87 -70.96
N LEU J 400 15.98 12.42 -72.18
CA LEU J 400 16.75 13.58 -72.63
C LEU J 400 16.70 14.77 -71.68
N PRO J 401 17.67 15.69 -71.80
CA PRO J 401 17.52 17.00 -71.14
C PRO J 401 16.31 17.78 -71.64
N ASP J 402 15.87 17.50 -72.86
CA ASP J 402 14.54 17.89 -73.31
C ASP J 402 13.49 17.36 -72.35
N GLY J 403 12.45 18.19 -72.11
CA GLY J 403 11.65 18.04 -70.90
C GLY J 403 10.82 16.77 -70.82
N MET J 404 10.62 16.10 -71.96
CA MET J 404 9.85 14.87 -71.99
C MET J 404 10.76 13.68 -72.27
N ARG J 405 10.26 12.49 -71.93
CA ARG J 405 10.82 11.24 -72.41
C ARG J 405 9.88 10.61 -73.43
N LEU J 406 10.41 9.69 -74.22
CA LEU J 406 9.55 8.98 -75.15
C LEU J 406 9.11 7.65 -74.55
N ARG J 407 8.51 6.81 -75.39
CA ARG J 407 7.97 5.53 -74.96
C ARG J 407 8.72 4.42 -75.69
N GLY J 408 8.83 3.27 -75.04
CA GLY J 408 9.58 2.17 -75.62
C GLY J 408 8.69 1.10 -76.21
N ASP J 409 7.64 0.71 -75.49
CA ASP J 409 6.84 -0.44 -75.85
C ASP J 409 5.93 -0.14 -77.03
N ILE J 410 5.55 -1.20 -77.72
CA ILE J 410 4.73 -1.12 -78.93
C ILE J 410 3.42 -1.84 -78.66
N ASN J 411 2.43 -1.59 -79.51
CA ASN J 411 1.12 -2.22 -79.33
C ASN J 411 0.63 -2.79 -80.65
N VAL J 412 0.12 -4.02 -80.61
CA VAL J 412 -0.29 -4.74 -81.80
C VAL J 412 -1.73 -5.19 -81.60
N LEU J 413 -2.57 -5.01 -82.63
CA LEU J 413 -3.94 -5.48 -82.60
C LEU J 413 -4.08 -6.83 -83.28
N LEU J 414 -5.00 -7.63 -82.76
CA LEU J 414 -5.27 -8.97 -83.27
C LEU J 414 -6.74 -9.09 -83.62
N LEU J 415 -7.24 -8.12 -84.37
CA LEU J 415 -8.59 -8.20 -84.91
C LEU J 415 -8.70 -9.35 -85.90
N GLY J 416 -9.78 -10.11 -85.78
CA GLY J 416 -9.98 -11.21 -86.70
C GLY J 416 -10.99 -12.20 -86.15
N ASP J 417 -11.21 -13.23 -86.95
CA ASP J 417 -12.26 -14.22 -86.80
C ASP J 417 -12.03 -15.09 -85.57
N PRO J 418 -13.11 -15.58 -84.95
CA PRO J 418 -12.96 -16.57 -83.88
C PRO J 418 -12.53 -17.91 -84.44
N GLY J 419 -11.94 -18.73 -83.58
CA GLY J 419 -11.29 -19.95 -84.02
C GLY J 419 -9.82 -19.79 -84.28
N THR J 420 -9.28 -18.58 -84.10
CA THR J 420 -7.88 -18.29 -84.33
C THR J 420 -6.98 -18.97 -83.29
N ALA J 421 -7.56 -19.33 -82.13
CA ALA J 421 -6.84 -19.73 -80.91
C ALA J 421 -5.86 -18.65 -80.48
N LYS J 422 -6.24 -17.39 -80.72
CA LYS J 422 -5.52 -16.27 -80.13
C LYS J 422 -5.74 -16.22 -78.63
N SER J 423 -6.84 -16.79 -78.16
CA SER J 423 -7.03 -17.01 -76.72
C SER J 423 -5.96 -17.93 -76.17
N GLN J 424 -5.65 -19.00 -76.89
CA GLN J 424 -4.53 -19.86 -76.55
C GLN J 424 -3.21 -19.11 -76.67
N LEU J 425 -3.12 -18.20 -77.64
CA LEU J 425 -1.90 -17.43 -77.85
C LEU J 425 -1.63 -16.50 -76.68
N LEU J 426 -2.66 -15.79 -76.21
CA LEU J 426 -2.47 -14.83 -75.14
C LEU J 426 -2.17 -15.49 -73.80
N LYS J 427 -2.63 -16.73 -73.62
CA LYS J 427 -2.20 -17.50 -72.46
C LYS J 427 -0.70 -17.77 -72.51
N PHE J 428 -0.16 -18.02 -73.70
CA PHE J 428 1.26 -18.32 -73.81
C PHE J 428 2.10 -17.07 -73.66
N VAL J 429 1.51 -15.90 -73.92
CA VAL J 429 2.22 -14.64 -73.74
C VAL J 429 2.53 -14.41 -72.26
N GLU J 430 1.58 -14.73 -71.38
CA GLU J 430 1.83 -14.62 -69.95
C GLU J 430 2.88 -15.63 -69.50
N LYS J 431 2.90 -16.81 -70.12
CA LYS J 431 3.89 -17.81 -69.81
C LYS J 431 5.30 -17.37 -70.20
N VAL J 432 5.41 -16.53 -71.23
CA VAL J 432 6.71 -15.99 -71.61
C VAL J 432 7.12 -14.85 -70.69
N SER J 433 6.19 -13.93 -70.45
CA SER J 433 6.50 -12.71 -69.70
C SER J 433 6.77 -13.03 -68.24
N PRO J 434 7.74 -12.35 -67.62
CA PRO J 434 7.97 -12.55 -66.18
C PRO J 434 6.81 -12.05 -65.33
N ILE J 435 6.31 -10.84 -65.60
CA ILE J 435 5.10 -10.36 -64.96
C ILE J 435 4.16 -9.83 -66.04
N ALA J 436 2.90 -10.22 -65.95
CA ALA J 436 1.89 -9.89 -66.95
C ALA J 436 0.52 -10.10 -66.33
N VAL J 437 -0.46 -9.33 -66.80
CA VAL J 437 -1.83 -9.44 -66.32
C VAL J 437 -2.73 -9.73 -67.50
N TYR J 438 -3.49 -10.82 -67.40
CA TYR J 438 -4.47 -11.19 -68.42
C TYR J 438 -5.81 -10.63 -67.99
N THR J 439 -6.46 -9.88 -68.88
CA THR J 439 -7.79 -9.33 -68.64
C THR J 439 -8.69 -9.65 -69.81
N SER J 440 -9.90 -10.14 -69.52
CA SER J 440 -10.95 -10.29 -70.52
C SER J 440 -11.96 -9.16 -70.34
N GLY J 441 -11.90 -8.18 -71.22
CA GLY J 441 -12.65 -6.97 -71.01
C GLY J 441 -11.99 -6.11 -69.95
N LYS J 442 -12.72 -5.07 -69.53
CA LYS J 442 -12.26 -4.28 -68.40
C LYS J 442 -12.58 -4.98 -67.08
N GLY J 443 -13.53 -5.90 -67.10
CA GLY J 443 -14.03 -6.47 -65.87
C GLY J 443 -13.57 -7.87 -65.59
N SER J 444 -12.90 -8.06 -64.46
CA SER J 444 -12.77 -9.37 -63.87
C SER J 444 -13.95 -9.60 -62.94
N SER J 445 -13.98 -10.75 -62.27
CA SER J 445 -15.06 -11.12 -61.34
C SER J 445 -15.05 -10.15 -60.17
N ALA J 446 -13.88 -9.72 -59.68
CA ALA J 446 -13.83 -8.74 -58.62
C ALA J 446 -12.70 -7.75 -58.79
N ALA J 447 -11.93 -7.83 -59.87
CA ALA J 447 -10.76 -7.00 -60.08
C ALA J 447 -11.04 -5.97 -61.15
N GLY J 448 -10.90 -4.70 -60.80
CA GLY J 448 -10.95 -3.64 -61.77
C GLY J 448 -9.66 -3.58 -62.58
N LEU J 449 -9.67 -2.72 -63.60
CA LEU J 449 -8.55 -2.63 -64.51
C LEU J 449 -7.81 -1.31 -64.42
N THR J 450 -8.51 -0.20 -64.23
CA THR J 450 -7.88 1.10 -64.19
C THR J 450 -7.55 1.46 -62.74
N ALA J 451 -6.92 2.61 -62.57
CA ALA J 451 -6.39 3.03 -61.28
C ALA J 451 -7.53 3.42 -60.35
N SER J 452 -7.95 2.46 -59.54
CA SER J 452 -8.99 2.69 -58.54
C SER J 452 -8.37 3.11 -57.21
N VAL J 453 -9.00 4.09 -56.57
CA VAL J 453 -8.61 4.56 -55.25
C VAL J 453 -9.75 4.29 -54.30
N GLN J 454 -9.54 3.40 -53.34
CA GLN J 454 -10.54 3.06 -52.35
C GLN J 454 -10.09 3.58 -51.00
N ARG J 455 -11.01 4.20 -50.28
CA ARG J 455 -10.73 4.64 -48.92
C ARG J 455 -10.74 3.42 -48.00
N ASP J 456 -9.78 3.37 -47.09
CA ASP J 456 -9.72 2.30 -46.10
C ASP J 456 -10.91 2.45 -45.15
N PRO J 457 -11.75 1.42 -44.99
CA PRO J 457 -12.87 1.54 -44.04
C PRO J 457 -12.43 1.70 -42.59
N MET J 458 -11.34 1.05 -42.19
CA MET J 458 -10.70 1.42 -40.93
C MET J 458 -9.87 2.67 -41.17
N THR J 459 -9.88 3.57 -40.17
CA THR J 459 -9.01 4.75 -40.02
C THR J 459 -9.33 5.85 -41.05
N ARG J 460 -10.18 5.55 -42.03
CA ARG J 460 -10.56 6.42 -43.14
C ARG J 460 -9.34 6.99 -43.86
N GLU J 461 -8.60 6.07 -44.48
CA GLU J 461 -7.32 6.39 -45.09
C GLU J 461 -7.39 6.15 -46.59
N PHE J 462 -6.81 7.08 -47.35
CA PHE J 462 -6.72 6.98 -48.79
C PHE J 462 -5.51 6.15 -49.18
N TYR J 463 -5.74 5.16 -50.04
CA TYR J 463 -4.64 4.36 -50.57
C TYR J 463 -5.00 3.90 -51.97
N LEU J 464 -4.00 3.36 -52.67
CA LEU J 464 -4.21 2.86 -54.01
C LEU J 464 -4.83 1.48 -53.94
N GLU J 465 -6.06 1.35 -54.43
CA GLU J 465 -6.77 0.08 -54.35
C GLU J 465 -6.21 -0.96 -55.31
N GLY J 466 -6.10 -0.60 -56.59
CA GLY J 466 -5.58 -1.54 -57.57
C GLY J 466 -6.03 -1.27 -58.98
N GLY J 467 -6.04 -2.32 -59.81
CA GLY J 467 -6.35 -2.18 -61.21
C GLY J 467 -5.54 -3.12 -62.06
N ALA J 468 -4.98 -2.64 -63.16
CA ALA J 468 -4.05 -3.44 -63.95
C ALA J 468 -2.74 -2.74 -64.25
N MET J 469 -2.78 -1.45 -64.58
CA MET J 469 -1.59 -0.77 -65.08
C MET J 469 -0.59 -0.50 -63.97
N VAL J 470 -1.06 -0.35 -62.75
CA VAL J 470 -0.15 -0.24 -61.61
C VAL J 470 0.53 -1.57 -61.37
N LEU J 471 -0.17 -2.68 -61.59
CA LEU J 471 0.38 -3.99 -61.31
C LEU J 471 1.48 -4.38 -62.29
N ALA J 472 1.22 -4.23 -63.59
CA ALA J 472 2.09 -4.76 -64.63
C ALA J 472 3.10 -3.74 -65.12
N ASP J 473 3.53 -2.84 -64.23
CA ASP J 473 4.49 -1.79 -64.54
C ASP J 473 5.80 -2.40 -65.01
N GLY J 474 6.17 -2.11 -66.26
CA GLY J 474 7.32 -2.74 -66.88
C GLY J 474 6.99 -4.13 -67.36
N GLY J 475 5.77 -4.32 -67.85
CA GLY J 475 5.34 -5.64 -68.27
C GLY J 475 4.27 -5.66 -69.34
N VAL J 476 3.49 -6.73 -69.36
CA VAL J 476 2.62 -7.06 -70.48
C VAL J 476 1.17 -6.96 -70.03
N VAL J 477 0.35 -6.27 -70.82
CA VAL J 477 -1.08 -6.16 -70.56
C VAL J 477 -1.83 -6.89 -71.66
N CYS J 478 -2.68 -7.84 -71.26
CA CYS J 478 -3.54 -8.56 -72.18
C CYS J 478 -4.98 -8.14 -71.97
N ILE J 479 -5.58 -7.55 -73.00
CA ILE J 479 -6.97 -7.09 -72.95
C ILE J 479 -7.74 -7.74 -74.09
N ASP J 480 -8.80 -8.46 -73.73
CA ASP J 480 -9.73 -8.98 -74.71
C ASP J 480 -10.91 -8.03 -74.87
N GLU J 481 -11.53 -8.10 -76.05
CA GLU J 481 -12.81 -7.45 -76.36
C GLU J 481 -12.75 -5.93 -76.13
N PHE J 482 -11.84 -5.30 -76.86
CA PHE J 482 -11.65 -3.85 -76.74
C PHE J 482 -12.85 -3.07 -77.25
N ASP J 483 -13.65 -3.65 -78.15
CA ASP J 483 -14.78 -2.94 -78.72
C ASP J 483 -16.10 -3.38 -78.09
N LYS J 484 -16.10 -4.53 -77.41
CA LYS J 484 -17.24 -5.01 -76.63
C LYS J 484 -17.17 -4.47 -75.20
N MET J 485 -16.58 -3.31 -75.03
CA MET J 485 -16.04 -2.87 -73.75
C MET J 485 -16.80 -1.66 -73.23
N ARG J 486 -16.98 -1.62 -71.91
CA ARG J 486 -17.50 -0.42 -71.27
C ARG J 486 -16.51 0.72 -71.43
N ASP J 487 -17.02 1.95 -71.34
CA ASP J 487 -16.25 3.11 -71.79
C ASP J 487 -16.28 4.27 -70.81
N GLU J 488 -16.21 3.99 -69.51
CA GLU J 488 -16.17 5.04 -68.51
C GLU J 488 -14.75 5.47 -68.15
N ASP J 489 -13.78 4.58 -68.33
CA ASP J 489 -12.39 4.80 -67.98
C ASP J 489 -11.44 4.44 -69.11
N ARG J 490 -11.96 4.34 -70.33
CA ARG J 490 -11.21 4.06 -71.54
C ARG J 490 -10.17 5.11 -71.83
N VAL J 491 -10.46 6.35 -71.41
CA VAL J 491 -9.56 7.48 -71.64
C VAL J 491 -8.24 7.27 -70.92
N ALA J 492 -8.27 6.63 -69.75
CA ALA J 492 -7.04 6.26 -69.06
C ALA J 492 -6.21 5.28 -69.86
N ILE J 493 -6.86 4.39 -70.61
CA ILE J 493 -6.12 3.53 -71.52
C ILE J 493 -5.60 4.34 -72.70
N HIS J 494 -6.35 5.37 -73.11
CA HIS J 494 -5.93 6.23 -74.20
C HIS J 494 -4.81 7.19 -73.83
N GLU J 495 -4.34 7.21 -72.59
CA GLU J 495 -3.20 8.03 -72.22
C GLU J 495 -1.97 7.22 -71.86
N ALA J 496 -2.17 6.05 -71.25
CA ALA J 496 -1.08 5.20 -70.76
C ALA J 496 -0.16 4.73 -71.87
N MET J 497 -0.65 4.58 -73.10
CA MET J 497 0.14 4.10 -74.20
C MET J 497 0.93 5.21 -74.89
N GLU J 498 1.02 6.39 -74.30
CA GLU J 498 1.76 7.49 -74.89
C GLU J 498 2.78 8.09 -73.93
N GLN J 499 2.48 8.11 -72.63
CA GLN J 499 3.37 8.72 -71.66
C GLN J 499 3.81 7.74 -70.57
N GLN J 500 3.19 6.56 -70.51
CA GLN J 500 3.40 5.52 -69.51
C GLN J 500 3.17 6.02 -68.09
N THR J 501 2.36 7.05 -67.92
CA THR J 501 2.18 7.73 -66.63
C THR J 501 0.72 8.10 -66.46
N ILE J 502 -0.04 7.22 -65.81
CA ILE J 502 -1.44 7.52 -65.51
C ILE J 502 -1.50 8.40 -64.27
N SER J 503 -2.05 9.60 -64.43
CA SER J 503 -2.21 10.54 -63.35
C SER J 503 -3.58 10.36 -62.71
N ILE J 504 -3.65 10.57 -61.41
CA ILE J 504 -4.89 10.42 -60.65
C ILE J 504 -5.10 11.69 -59.83
N ALA J 505 -6.23 12.34 -60.04
CA ALA J 505 -6.53 13.61 -59.40
C ALA J 505 -7.88 13.53 -58.70
N LYS J 506 -8.07 12.48 -57.91
CA LYS J 506 -9.31 12.29 -57.18
C LYS J 506 -9.34 13.19 -55.94
N ALA J 507 -10.30 12.92 -55.04
CA ALA J 507 -10.62 13.86 -53.97
C ALA J 507 -9.52 13.96 -52.92
N GLY J 508 -8.69 12.94 -52.79
CA GLY J 508 -7.66 12.97 -51.77
C GLY J 508 -6.33 13.54 -52.23
N ILE J 509 -5.78 12.96 -53.29
CA ILE J 509 -4.40 13.21 -53.67
C ILE J 509 -4.33 13.73 -55.10
N THR J 510 -3.16 14.23 -55.47
CA THR J 510 -2.90 14.81 -56.79
C THR J 510 -1.61 14.23 -57.36
N THR J 511 -1.49 12.90 -57.33
CA THR J 511 -0.22 12.27 -57.62
C THR J 511 -0.11 11.88 -59.10
N VAL J 512 1.14 11.73 -59.54
CA VAL J 512 1.47 11.23 -60.87
C VAL J 512 2.41 10.05 -60.69
N LEU J 513 1.99 8.88 -61.13
CA LEU J 513 2.77 7.66 -61.00
C LEU J 513 3.34 7.24 -62.34
N ASN J 514 4.18 6.21 -62.30
CA ASN J 514 4.74 5.60 -63.50
C ASN J 514 4.09 4.26 -63.75
N SER J 515 3.87 3.94 -65.03
CA SER J 515 3.31 2.66 -65.42
C SER J 515 3.85 2.31 -66.80
N ARG J 516 4.93 1.55 -66.84
CA ARG J 516 5.68 1.29 -68.07
C ARG J 516 5.27 -0.03 -68.72
N THR J 517 3.98 -0.32 -68.68
CA THR J 517 3.42 -1.56 -69.18
C THR J 517 3.48 -1.63 -70.70
N SER J 518 3.02 -2.76 -71.24
CA SER J 518 2.91 -2.94 -72.69
C SER J 518 1.58 -3.62 -72.97
N VAL J 519 0.74 -2.96 -73.76
CA VAL J 519 -0.62 -3.44 -73.97
C VAL J 519 -0.69 -4.21 -75.28
N LEU J 520 -1.33 -5.37 -75.24
CA LEU J 520 -1.61 -6.15 -76.45
C LEU J 520 -3.12 -6.08 -76.64
N ALA J 521 -3.53 -5.45 -77.74
CA ALA J 521 -4.95 -5.41 -78.05
C ALA J 521 -5.33 -6.56 -78.97
N ALA J 522 -6.60 -6.97 -78.87
CA ALA J 522 -7.12 -8.03 -79.73
C ALA J 522 -8.60 -7.74 -79.93
N ALA J 523 -8.93 -7.09 -81.03
CA ALA J 523 -10.28 -6.66 -81.31
C ALA J 523 -11.06 -7.80 -81.96
N ASN J 524 -12.34 -7.55 -82.24
CA ASN J 524 -13.22 -8.50 -82.86
C ASN J 524 -14.00 -7.78 -83.93
N PRO J 525 -13.87 -8.17 -85.20
CA PRO J 525 -14.62 -7.51 -86.26
C PRO J 525 -16.10 -7.90 -86.22
N ILE J 526 -16.91 -7.03 -86.79
CA ILE J 526 -18.34 -7.30 -86.95
C ILE J 526 -18.52 -8.08 -88.25
N TYR J 527 -19.36 -9.12 -88.19
CA TYR J 527 -19.78 -9.98 -89.29
C TYR J 527 -18.62 -10.73 -89.94
N GLY J 528 -17.50 -10.91 -89.24
CA GLY J 528 -16.41 -11.75 -89.73
C GLY J 528 -15.67 -11.22 -90.93
N ARG J 529 -15.81 -11.93 -92.06
CA ARG J 529 -15.12 -11.55 -93.29
C ARG J 529 -15.82 -10.41 -94.03
N TYR J 530 -16.99 -9.97 -93.55
CA TYR J 530 -17.67 -8.83 -94.16
C TYR J 530 -16.98 -7.52 -93.83
N ASP J 531 -16.14 -7.49 -92.79
CA ASP J 531 -15.41 -6.27 -92.44
C ASP J 531 -14.37 -5.96 -93.49
N ASP J 532 -13.88 -6.98 -94.20
CA ASP J 532 -13.02 -6.78 -95.35
C ASP J 532 -13.80 -6.63 -96.65
N LEU J 533 -15.13 -6.78 -96.61
CA LEU J 533 -15.97 -6.48 -97.77
C LEU J 533 -16.42 -5.04 -97.79
N LYS J 534 -16.32 -4.34 -96.67
CA LYS J 534 -16.54 -2.91 -96.58
C LYS J 534 -15.20 -2.19 -96.76
N SER J 535 -15.15 -0.92 -96.37
CA SER J 535 -13.87 -0.23 -96.23
C SER J 535 -13.07 -0.88 -95.10
N PRO J 536 -11.73 -0.83 -95.16
CA PRO J 536 -10.93 -1.56 -94.16
C PRO J 536 -10.98 -1.02 -92.73
N GLY J 537 -11.77 0.02 -92.46
CA GLY J 537 -12.08 0.39 -91.09
C GLY J 537 -13.28 -0.40 -90.61
N ASP J 538 -14.32 0.30 -90.16
CA ASP J 538 -15.69 -0.22 -90.00
C ASP J 538 -15.78 -1.31 -88.93
N ASN J 539 -14.94 -1.21 -87.92
CA ASN J 539 -15.05 -2.10 -86.77
C ASN J 539 -15.42 -1.34 -85.50
N ILE J 540 -14.62 -0.36 -85.08
CA ILE J 540 -14.99 0.45 -83.93
C ILE J 540 -16.11 1.40 -84.32
N ASP J 541 -17.23 1.30 -83.61
CA ASP J 541 -18.42 2.08 -83.94
C ASP J 541 -18.19 3.55 -83.67
N PHE J 542 -17.28 3.87 -82.73
CA PHE J 542 -17.02 5.27 -82.42
C PHE J 542 -16.27 5.96 -83.54
N GLN J 543 -15.03 5.55 -83.77
CA GLN J 543 -14.19 6.05 -84.87
C GLN J 543 -12.94 5.19 -84.95
N THR J 544 -12.13 5.47 -85.97
CA THR J 544 -10.89 4.76 -86.21
C THR J 544 -9.67 5.61 -85.86
N THR J 545 -9.87 6.74 -85.17
CA THR J 545 -8.72 7.49 -84.69
C THR J 545 -8.06 6.79 -83.51
N ILE J 546 -8.81 5.90 -82.84
CA ILE J 546 -8.22 4.99 -81.87
C ILE J 546 -7.13 4.16 -82.56
N LEU J 547 -7.43 3.68 -83.77
CA LEU J 547 -6.49 2.86 -84.53
C LEU J 547 -5.26 3.64 -84.96
N SER J 548 -5.39 4.95 -85.13
CA SER J 548 -4.25 5.80 -85.48
C SER J 548 -3.24 5.93 -84.35
N ARG J 549 -3.66 5.71 -83.11
CA ARG J 549 -2.74 5.76 -81.97
C ARG J 549 -1.99 4.44 -81.75
N PHE J 550 -2.18 3.45 -82.61
CA PHE J 550 -1.47 2.19 -82.48
C PHE J 550 -0.37 2.07 -83.52
N ASP J 551 0.29 0.91 -83.55
CA ASP J 551 1.43 0.68 -84.41
C ASP J 551 1.19 -0.40 -85.45
N MET J 552 0.85 -1.62 -85.03
CA MET J 552 0.81 -2.77 -85.93
C MET J 552 -0.61 -3.34 -85.91
N ILE J 553 -1.17 -3.52 -87.11
CA ILE J 553 -2.54 -3.99 -87.23
C ILE J 553 -2.58 -5.20 -88.15
N PHE J 554 -3.05 -6.31 -87.62
CA PHE J 554 -3.07 -7.57 -88.34
C PHE J 554 -4.50 -8.09 -88.48
N ILE J 555 -4.78 -8.67 -89.65
CA ILE J 555 -6.12 -9.15 -90.00
C ILE J 555 -6.05 -10.67 -90.09
N VAL J 556 -6.93 -11.35 -89.36
CA VAL J 556 -7.02 -12.80 -89.41
C VAL J 556 -8.09 -13.20 -90.41
N LYS J 557 -7.69 -13.96 -91.42
CA LYS J 557 -8.57 -14.41 -92.48
C LYS J 557 -8.88 -15.89 -92.31
N ASP J 558 -9.73 -16.41 -93.18
CA ASP J 558 -10.05 -17.83 -93.19
C ASP J 558 -10.41 -18.25 -94.62
N ASP J 559 -9.42 -18.73 -95.36
CA ASP J 559 -9.62 -19.12 -96.75
C ASP J 559 -9.56 -20.64 -96.83
N HIS J 560 -10.61 -21.24 -97.38
CA HIS J 560 -10.70 -22.69 -97.45
C HIS J 560 -9.71 -23.24 -98.47
N ASN J 561 -8.87 -24.15 -98.01
CA ASN J 561 -7.98 -24.92 -98.86
C ASN J 561 -7.94 -26.33 -98.32
N GLU J 562 -8.36 -27.29 -99.15
CA GLU J 562 -8.69 -28.63 -98.67
C GLU J 562 -7.46 -29.39 -98.21
N GLU J 563 -6.34 -29.22 -98.92
CA GLU J 563 -5.10 -29.81 -98.47
C GLU J 563 -4.57 -29.09 -97.23
N ARG J 564 -4.77 -27.78 -97.17
CA ARG J 564 -4.44 -27.03 -95.95
C ARG J 564 -5.39 -27.38 -94.83
N ASP J 565 -6.64 -27.71 -95.18
CA ASP J 565 -7.64 -28.12 -94.19
C ASP J 565 -7.23 -29.41 -93.49
N ILE J 566 -6.65 -30.35 -94.24
CA ILE J 566 -6.16 -31.56 -93.62
C ILE J 566 -4.88 -31.28 -92.83
N SER J 567 -4.02 -30.40 -93.35
CA SER J 567 -2.75 -30.12 -92.69
C SER J 567 -2.98 -29.33 -91.41
N ILE J 568 -3.98 -28.45 -91.38
CA ILE J 568 -4.31 -27.75 -90.15
C ILE J 568 -5.03 -28.69 -89.19
N ALA J 569 -5.64 -29.76 -89.71
CA ALA J 569 -6.27 -30.73 -88.83
C ALA J 569 -5.24 -31.69 -88.25
N ASN J 570 -4.58 -32.46 -89.13
CA ASN J 570 -3.80 -33.60 -88.69
C ASN J 570 -2.50 -33.19 -87.99
N HIS J 571 -2.15 -31.91 -88.06
CA HIS J 571 -1.15 -31.35 -87.15
C HIS J 571 -1.60 -31.44 -85.70
N VAL J 572 -2.90 -31.26 -85.45
CA VAL J 572 -3.35 -30.97 -84.11
C VAL J 572 -3.90 -32.23 -83.43
N ILE J 573 -4.32 -33.22 -84.22
CA ILE J 573 -4.68 -34.53 -83.68
C ILE J 573 -3.47 -35.20 -83.04
N ASN J 574 -2.30 -35.02 -83.66
CA ASN J 574 -1.06 -35.56 -83.09
C ASN J 574 -0.66 -34.82 -81.82
N ILE J 575 -1.09 -33.57 -81.67
CA ILE J 575 -0.85 -32.82 -80.43
C ILE J 575 -1.64 -33.43 -79.29
N HIS J 576 -2.90 -33.79 -79.56
CA HIS J 576 -3.82 -34.23 -78.51
C HIS J 576 -3.37 -35.51 -77.83
N THR J 577 -3.36 -36.60 -78.58
CA THR J 577 -3.30 -37.93 -78.00
C THR J 577 -1.93 -38.54 -78.22
N GLY J 578 -1.42 -39.21 -77.20
CA GLY J 578 -0.10 -39.84 -77.26
C GLY J 578 1.06 -38.88 -77.34
N ASN J 579 0.83 -37.58 -77.06
CA ASN J 579 1.78 -36.45 -77.01
C ASN J 579 2.93 -36.54 -78.02
N ALA J 580 2.58 -36.91 -79.26
CA ALA J 580 3.59 -37.28 -80.25
C ALA J 580 4.41 -36.08 -80.69
N ASN J 581 3.75 -34.96 -80.97
CA ASN J 581 4.47 -33.73 -81.26
C ASN J 581 5.19 -33.18 -80.04
N ALA J 582 4.66 -33.41 -78.83
CA ALA J 582 5.42 -33.10 -77.62
C ALA J 582 6.64 -33.99 -77.48
N MET J 583 6.55 -35.24 -77.93
CA MET J 583 7.73 -36.08 -78.02
C MET J 583 8.62 -35.62 -79.16
N GLN J 584 8.03 -35.15 -80.26
CA GLN J 584 8.81 -34.57 -81.35
C GLN J 584 9.48 -33.28 -80.92
N ASN J 585 8.89 -32.57 -79.95
CA ASN J 585 9.58 -31.43 -79.37
C ASN J 585 10.85 -31.84 -78.65
N GLN J 586 10.87 -33.03 -78.03
CA GLN J 586 11.99 -33.42 -77.20
C GLN J 586 13.23 -33.74 -78.02
N GLN J 587 13.04 -34.17 -79.28
CA GLN J 587 14.20 -34.24 -80.17
C GLN J 587 14.52 -32.88 -80.77
N GLU J 588 13.54 -31.98 -80.86
CA GLU J 588 13.87 -30.59 -81.20
C GLU J 588 14.52 -29.90 -80.01
N GLU J 589 14.13 -30.28 -78.78
CA GLU J 589 14.83 -29.83 -77.58
C GLU J 589 16.30 -30.22 -77.59
N ASN J 590 16.63 -31.35 -78.22
CA ASN J 590 18.02 -31.74 -78.41
C ASN J 590 18.76 -30.79 -79.34
N GLY J 591 18.05 -30.09 -80.22
CA GLY J 591 18.69 -29.22 -81.19
C GLY J 591 18.34 -27.75 -81.07
N SER J 592 17.24 -27.41 -80.39
CA SER J 592 16.72 -26.06 -80.47
C SER J 592 15.87 -25.75 -79.24
N GLU J 593 16.09 -24.54 -78.70
CA GLU J 593 15.17 -23.88 -77.76
C GLU J 593 14.95 -24.68 -76.49
N ILE J 594 16.01 -24.77 -75.67
CA ILE J 594 16.13 -25.85 -74.68
C ILE J 594 15.14 -25.68 -73.53
N SER J 595 14.63 -24.46 -73.31
CA SER J 595 13.60 -24.27 -72.30
C SER J 595 12.82 -23.00 -72.55
N ILE J 596 11.61 -22.97 -71.98
CA ILE J 596 10.83 -21.75 -71.93
C ILE J 596 11.40 -20.80 -70.88
N GLU J 597 11.60 -21.31 -69.66
CA GLU J 597 12.01 -20.47 -68.55
C GLU J 597 13.46 -20.02 -68.66
N LYS J 598 14.30 -20.78 -69.38
CA LYS J 598 15.62 -20.29 -69.74
C LYS J 598 15.53 -19.07 -70.66
N MET J 599 14.66 -19.15 -71.66
CA MET J 599 14.41 -18.02 -72.55
C MET J 599 13.77 -16.87 -71.79
N LYS J 600 12.97 -17.20 -70.76
CA LYS J 600 12.40 -16.18 -69.89
C LYS J 600 13.49 -15.41 -69.16
N ARG J 601 14.44 -16.13 -68.57
CA ARG J 601 15.58 -15.48 -67.94
C ARG J 601 16.47 -14.79 -68.98
N TYR J 602 16.50 -15.33 -70.19
CA TYR J 602 17.35 -14.77 -71.24
C TYR J 602 16.86 -13.39 -71.68
N ILE J 603 15.55 -13.19 -71.75
CA ILE J 603 15.00 -11.91 -72.17
C ILE J 603 15.25 -10.85 -71.11
N THR J 604 15.16 -11.24 -69.84
CA THR J 604 15.39 -10.31 -68.74
C THR J 604 16.84 -9.83 -68.71
N TYR J 605 17.78 -10.72 -69.02
CA TYR J 605 19.16 -10.28 -69.19
C TYR J 605 19.32 -9.43 -70.43
N CYS J 606 18.59 -9.75 -71.49
CA CYS J 606 18.65 -8.93 -72.69
C CYS J 606 18.05 -7.55 -72.48
N ARG J 607 17.02 -7.44 -71.64
CA ARG J 607 16.29 -6.18 -71.56
C ARG J 607 17.08 -5.11 -70.82
N LEU J 608 17.38 -5.35 -69.55
CA LEU J 608 17.89 -4.31 -68.69
C LEU J 608 19.38 -4.02 -68.88
N LYS J 609 20.12 -4.87 -69.58
CA LYS J 609 21.55 -4.67 -69.72
C LYS J 609 21.90 -3.74 -70.87
N CYS J 610 21.49 -4.07 -72.08
CA CYS J 610 22.03 -3.41 -73.26
C CYS J 610 21.38 -2.04 -73.47
N ALA J 611 22.14 -1.14 -74.08
CA ALA J 611 21.70 0.19 -74.43
C ALA J 611 21.89 0.39 -75.93
N PRO J 612 20.93 -0.04 -76.76
CA PRO J 612 21.14 0.01 -78.21
C PRO J 612 20.99 1.39 -78.81
N ARG J 613 21.45 1.52 -80.05
CA ARG J 613 21.43 2.78 -80.78
C ARG J 613 21.61 2.46 -82.25
N LEU J 614 20.94 3.24 -83.10
CA LEU J 614 20.94 3.01 -84.53
C LEU J 614 22.17 3.66 -85.16
N SER J 615 22.31 3.49 -86.48
CA SER J 615 23.42 4.04 -87.23
C SER J 615 22.90 5.14 -88.15
N PRO J 616 23.68 6.21 -88.36
CA PRO J 616 23.18 7.35 -89.15
C PRO J 616 22.98 7.04 -90.62
N GLN J 617 23.71 6.06 -91.18
CA GLN J 617 23.47 5.68 -92.56
C GLN J 617 22.23 4.81 -92.70
N ALA J 618 21.69 4.30 -91.59
CA ALA J 618 20.41 3.61 -91.65
C ALA J 618 19.25 4.60 -91.58
N ALA J 619 19.53 5.83 -91.14
CA ALA J 619 18.48 6.84 -91.04
C ALA J 619 18.05 7.32 -92.42
N GLU J 620 19.00 7.48 -93.34
CA GLU J 620 18.69 7.95 -94.69
C GLU J 620 17.92 6.91 -95.50
N LYS J 621 18.00 5.64 -95.10
CA LYS J 621 17.14 4.63 -95.70
C LYS J 621 15.68 4.85 -95.32
N LEU J 622 15.44 5.20 -94.06
CA LEU J 622 14.08 5.40 -93.59
C LEU J 622 13.48 6.68 -94.13
N SER J 623 14.29 7.74 -94.23
CA SER J 623 13.81 9.01 -94.78
C SER J 623 13.47 8.87 -96.26
N SER J 624 14.24 8.07 -96.99
CA SER J 624 13.89 7.76 -98.36
C SER J 624 12.67 6.85 -98.45
N ASN J 625 12.31 6.19 -97.36
CA ASN J 625 11.18 5.26 -97.36
C ASN J 625 9.92 5.90 -96.80
N PHE J 626 10.06 6.72 -95.75
CA PHE J 626 8.89 7.29 -95.09
C PHE J 626 8.21 8.33 -95.97
N VAL J 627 9.00 9.07 -96.77
CA VAL J 627 8.42 10.06 -97.66
C VAL J 627 7.61 9.38 -98.76
N THR J 628 8.18 8.34 -99.37
CA THR J 628 7.57 7.71 -100.54
C THR J 628 6.28 6.97 -100.19
N ILE J 629 6.20 6.42 -98.97
CA ILE J 629 4.94 5.84 -98.52
C ILE J 629 3.90 6.93 -98.28
N ARG J 630 4.31 8.03 -97.64
CA ARG J 630 3.47 9.20 -97.52
C ARG J 630 3.17 9.82 -98.89
N LYS J 631 4.14 9.78 -99.81
CA LYS J 631 3.85 10.14 -101.20
C LYS J 631 2.89 9.16 -101.86
N GLN J 632 3.02 7.86 -101.54
CA GLN J 632 2.05 6.91 -102.07
C GLN J 632 0.68 7.11 -101.43
N LEU J 633 0.66 7.43 -100.13
CA LEU J 633 -0.59 7.81 -99.49
C LEU J 633 -1.11 9.13 -100.02
N LEU J 634 -0.23 10.01 -100.49
CA LEU J 634 -0.68 11.22 -101.17
C LEU J 634 -1.34 10.88 -102.49
N ILE J 635 -0.77 9.93 -103.24
CA ILE J 635 -1.32 9.55 -104.53
C ILE J 635 -2.63 8.79 -104.38
N ASN J 636 -2.69 7.85 -103.43
CA ASN J 636 -3.91 7.10 -103.21
C ASN J 636 -5.01 7.94 -102.58
N GLU J 637 -4.66 9.09 -102.00
CA GLU J 637 -5.69 10.01 -101.57
C GLU J 637 -6.27 10.79 -102.74
N LEU J 638 -5.41 11.43 -103.53
CA LEU J 638 -5.86 12.38 -104.54
C LEU J 638 -6.52 11.68 -105.73
N GLU J 639 -6.06 10.47 -106.06
CA GLU J 639 -6.66 9.77 -107.19
C GLU J 639 -7.97 9.11 -106.80
N SER J 640 -8.12 8.74 -105.53
CA SER J 640 -9.39 8.22 -105.01
C SER J 640 -10.26 9.30 -104.40
N THR J 641 -9.79 10.56 -104.41
CA THR J 641 -10.45 11.82 -104.03
C THR J 641 -11.09 11.80 -102.63
N GLU J 642 -10.77 10.83 -101.79
CA GLU J 642 -11.28 10.76 -100.43
C GLU J 642 -10.15 10.34 -99.50
N ARG J 643 -10.50 10.21 -98.23
CA ARG J 643 -9.53 9.82 -97.22
C ARG J 643 -9.28 8.32 -97.26
N PRO J 647 -5.18 5.77 -92.01
CA PRO J 647 -4.54 7.09 -91.93
C PRO J 647 -3.16 7.04 -91.28
N ILE J 648 -2.15 7.50 -92.00
CA ILE J 648 -0.76 7.44 -91.53
C ILE J 648 -0.50 8.61 -90.59
N THR J 649 0.36 8.38 -89.61
CA THR J 649 0.72 9.39 -88.62
C THR J 649 2.22 9.63 -88.63
N ILE J 650 2.69 10.56 -87.81
CA ILE J 650 4.11 10.59 -87.48
C ILE J 650 4.46 9.53 -86.46
N ARG J 651 3.46 9.01 -85.74
CA ARG J 651 3.70 7.90 -84.82
C ARG J 651 3.96 6.61 -85.57
N GLN J 652 3.60 6.56 -86.86
CA GLN J 652 4.00 5.43 -87.69
C GLN J 652 5.51 5.39 -87.87
N LEU J 653 6.14 6.56 -88.01
CA LEU J 653 7.60 6.62 -88.02
C LEU J 653 8.15 6.26 -86.64
N GLU J 654 7.42 6.60 -85.59
CA GLU J 654 7.80 6.21 -84.24
C GLU J 654 7.64 4.71 -84.05
N ALA J 655 6.75 4.08 -84.82
CA ALA J 655 6.67 2.63 -84.80
C ALA J 655 7.81 2.00 -85.58
N ILE J 656 8.20 2.62 -86.70
CA ILE J 656 9.29 2.10 -87.53
C ILE J 656 10.60 2.13 -86.77
N ILE J 657 10.87 3.24 -86.09
CA ILE J 657 12.20 3.48 -85.53
C ILE J 657 12.51 2.57 -84.36
N ARG J 658 11.50 1.97 -83.73
CA ARG J 658 11.70 1.19 -82.52
C ARG J 658 11.92 -0.29 -82.77
N ILE J 659 11.60 -0.78 -83.97
CA ILE J 659 11.75 -2.20 -84.24
C ILE J 659 13.23 -2.56 -84.35
N THR J 660 14.06 -1.58 -84.71
CA THR J 660 15.50 -1.78 -84.85
C THR J 660 16.15 -2.17 -83.52
N GLU J 661 15.81 -1.46 -82.44
CA GLU J 661 16.40 -1.76 -81.14
C GLU J 661 15.86 -3.05 -80.55
N SER J 662 14.63 -3.43 -80.90
CA SER J 662 14.12 -4.74 -80.50
C SER J 662 14.93 -5.85 -81.16
N LEU J 663 15.24 -5.69 -82.44
CA LEU J 663 16.11 -6.63 -83.11
C LEU J 663 17.55 -6.47 -82.66
N ALA J 664 17.94 -5.27 -82.22
CA ALA J 664 19.28 -5.09 -81.68
C ALA J 664 19.42 -5.72 -80.31
N LYS J 665 18.35 -5.68 -79.52
CA LYS J 665 18.35 -6.35 -78.23
C LYS J 665 18.39 -7.87 -78.40
N LEU J 666 17.85 -8.38 -79.50
CA LEU J 666 18.16 -9.74 -79.91
C LEU J 666 19.64 -9.88 -80.22
N GLU J 667 20.18 -8.96 -81.04
CA GLU J 667 21.57 -9.03 -81.47
C GLU J 667 22.55 -8.60 -80.39
N LEU J 668 22.09 -7.97 -79.31
CA LEU J 668 22.81 -7.62 -78.09
C LEU J 668 23.86 -6.53 -78.29
N SER J 669 24.12 -6.08 -79.52
CA SER J 669 25.11 -5.05 -79.75
C SER J 669 24.47 -3.66 -79.62
N PRO J 670 25.24 -2.66 -79.19
CA PRO J 670 24.66 -1.30 -79.08
C PRO J 670 24.57 -0.56 -80.41
N ILE J 671 25.06 -1.12 -81.50
CA ILE J 671 25.06 -0.46 -82.79
C ILE J 671 24.06 -1.17 -83.72
N ALA J 672 23.83 -0.55 -84.89
CA ALA J 672 22.94 -1.11 -85.89
C ALA J 672 23.61 -1.09 -87.26
N GLN J 673 23.04 -1.88 -88.17
CA GLN J 673 23.56 -2.06 -89.52
C GLN J 673 22.43 -1.81 -90.51
N GLU J 674 22.76 -1.91 -91.80
CA GLU J 674 21.78 -1.67 -92.85
C GLU J 674 20.78 -2.82 -92.98
N ARG J 675 21.28 -4.04 -93.16
CA ARG J 675 20.40 -5.21 -93.18
C ARG J 675 19.79 -5.49 -91.81
N HIS J 676 20.41 -4.93 -90.77
CA HIS J 676 19.83 -4.99 -89.43
C HIS J 676 18.53 -4.20 -89.35
N VAL J 677 18.36 -3.22 -90.23
CA VAL J 677 17.15 -2.40 -90.28
C VAL J 677 16.21 -2.94 -91.34
N ASP J 678 16.77 -3.35 -92.49
CA ASP J 678 15.96 -3.64 -93.68
C ASP J 678 15.07 -4.86 -93.51
N GLU J 679 15.40 -5.75 -92.56
CA GLU J 679 14.53 -6.87 -92.24
C GLU J 679 13.20 -6.38 -91.68
N ALA J 680 13.23 -5.30 -90.90
CA ALA J 680 12.02 -4.80 -90.26
C ALA J 680 11.07 -4.17 -91.27
N ILE J 681 11.59 -3.53 -92.32
CA ILE J 681 10.76 -2.91 -93.35
C ILE J 681 9.91 -3.97 -94.06
N ARG J 682 10.51 -5.13 -94.32
CA ARG J 682 9.76 -6.27 -94.84
C ARG J 682 8.67 -6.71 -93.87
N LEU J 683 8.98 -6.69 -92.57
CA LEU J 683 7.98 -7.06 -91.58
C LEU J 683 6.99 -5.92 -91.37
N PHE J 684 7.46 -4.68 -91.48
CA PHE J 684 6.56 -3.54 -91.33
C PHE J 684 5.66 -3.38 -92.53
N GLN J 685 6.12 -3.81 -93.71
CA GLN J 685 5.25 -3.77 -94.89
C GLN J 685 4.10 -4.75 -94.74
N ALA J 686 4.34 -5.88 -94.05
CA ALA J 686 3.27 -6.78 -93.67
C ALA J 686 2.30 -6.12 -92.70
N SER J 687 2.76 -5.15 -91.92
CA SER J 687 1.86 -4.39 -91.08
C SER J 687 1.12 -3.30 -91.84
N THR J 688 1.55 -2.97 -93.06
CA THR J 688 0.87 -1.92 -93.80
C THR J 688 0.07 -2.47 -94.98
N MET J 689 0.31 -3.73 -95.37
CA MET J 689 -0.56 -4.36 -96.35
C MET J 689 -1.95 -4.60 -95.78
N ASP J 690 -2.05 -4.80 -94.48
CA ASP J 690 -3.35 -4.87 -93.82
C ASP J 690 -4.00 -3.49 -93.74
N ALA J 691 -3.21 -2.43 -93.87
CA ALA J 691 -3.70 -1.08 -93.64
C ALA J 691 -4.46 -0.53 -94.83
N ALA J 692 -3.84 -0.55 -96.02
CA ALA J 692 -4.43 0.12 -97.18
C ALA J 692 -5.63 -0.65 -97.72
N SER J 693 -5.40 -1.88 -98.15
CA SER J 693 -6.46 -2.70 -98.72
C SER J 693 -7.42 -3.19 -97.64
N VAL K 103 -58.17 -4.89 12.90
CA VAL K 103 -59.15 -4.31 12.00
C VAL K 103 -58.99 -4.91 10.62
N ASP K 104 -57.91 -4.51 9.94
CA ASP K 104 -57.66 -5.01 8.59
C ASP K 104 -57.18 -6.45 8.61
N ASP K 105 -56.54 -6.86 9.71
CA ASP K 105 -56.29 -8.28 9.96
C ASP K 105 -57.60 -9.03 10.10
N VAL K 106 -58.63 -8.39 10.67
CA VAL K 106 -59.91 -9.04 10.84
C VAL K 106 -60.73 -8.96 9.56
N THR K 107 -60.70 -7.81 8.87
CA THR K 107 -61.63 -7.54 7.79
C THR K 107 -61.35 -8.41 6.58
N GLY K 108 -60.09 -8.51 6.17
CA GLY K 108 -59.75 -9.42 5.09
C GLY K 108 -59.93 -10.88 5.50
N GLU K 109 -59.78 -11.16 6.80
CA GLU K 109 -60.14 -12.47 7.31
C GLU K 109 -61.66 -12.63 7.38
N LYS K 110 -62.38 -11.54 7.65
CA LYS K 110 -63.83 -11.56 7.51
C LYS K 110 -64.23 -11.70 6.05
N VAL K 111 -63.46 -11.06 5.15
CA VAL K 111 -63.58 -11.34 3.73
C VAL K 111 -63.25 -12.80 3.43
N ARG K 112 -62.24 -13.34 4.12
CA ARG K 112 -61.86 -14.74 3.91
C ARG K 112 -62.96 -15.69 4.37
N GLU K 113 -63.57 -15.43 5.53
CA GLU K 113 -64.54 -16.36 6.07
C GLU K 113 -65.89 -16.26 5.36
N ALA K 114 -66.30 -15.06 4.98
CA ALA K 114 -67.56 -14.92 4.25
C ALA K 114 -67.46 -15.53 2.87
N PHE K 115 -66.30 -15.43 2.24
CA PHE K 115 -66.07 -16.14 0.99
C PHE K 115 -65.96 -17.64 1.23
N GLU K 116 -65.40 -18.03 2.37
CA GLU K 116 -65.42 -19.43 2.77
C GLU K 116 -66.84 -19.88 3.06
N GLN K 117 -67.65 -18.98 3.62
CA GLN K 117 -69.07 -19.26 3.79
C GLN K 117 -69.79 -19.38 2.46
N PHE K 118 -69.35 -18.59 1.46
CA PHE K 118 -70.11 -18.45 0.22
C PHE K 118 -70.12 -19.72 -0.61
N LEU K 119 -68.94 -20.16 -1.04
CA LEU K 119 -68.83 -21.34 -1.88
C LEU K 119 -69.23 -22.63 -1.16
N GLU K 120 -69.07 -22.68 0.16
CA GLU K 120 -69.50 -23.86 0.90
C GLU K 120 -71.02 -23.94 1.04
N ASP K 121 -71.73 -22.87 0.69
CA ASP K 121 -73.19 -22.93 0.63
C ASP K 121 -73.66 -23.55 -0.67
N PHE K 122 -74.95 -23.38 -0.97
CA PHE K 122 -75.50 -23.76 -2.25
C PHE K 122 -74.84 -22.97 -3.38
N SER K 123 -74.83 -23.57 -4.56
CA SER K 123 -74.21 -22.94 -5.70
C SER K 123 -75.20 -22.34 -6.69
N VAL K 124 -76.14 -23.12 -7.21
CA VAL K 124 -77.04 -22.68 -8.28
C VAL K 124 -78.46 -22.89 -7.77
N GLN K 125 -79.32 -21.89 -8.00
CA GLN K 125 -80.71 -21.94 -7.57
C GLN K 125 -81.55 -22.94 -8.37
N SER K 126 -81.08 -23.34 -9.55
CA SER K 126 -81.91 -24.04 -10.54
C SER K 126 -82.36 -25.42 -10.05
N THR K 127 -83.48 -25.86 -10.63
CA THR K 127 -84.19 -27.07 -10.21
C THR K 127 -83.59 -28.33 -10.82
N ASP K 128 -84.35 -29.43 -10.74
CA ASP K 128 -83.95 -30.68 -11.37
C ASP K 128 -83.93 -30.55 -12.88
N THR K 129 -84.80 -29.70 -13.44
CA THR K 129 -84.66 -29.27 -14.83
C THR K 129 -83.44 -28.35 -14.87
N GLY K 130 -82.30 -28.93 -15.20
CA GLY K 130 -81.02 -28.25 -15.10
C GLY K 130 -80.23 -28.83 -13.96
N GLU K 131 -79.23 -28.08 -13.51
CA GLU K 131 -78.38 -28.49 -12.40
C GLU K 131 -79.06 -28.08 -11.10
N VAL K 132 -78.89 -28.90 -10.06
CA VAL K 132 -79.62 -28.66 -8.82
C VAL K 132 -78.76 -27.86 -7.84
N GLU K 133 -77.64 -28.44 -7.40
CA GLU K 133 -76.86 -27.88 -6.31
C GLU K 133 -75.39 -28.20 -6.52
N LYS K 134 -74.55 -27.58 -5.68
CA LYS K 134 -73.21 -28.05 -5.34
C LYS K 134 -72.26 -28.03 -6.54
N VAL K 135 -72.39 -26.99 -7.37
CA VAL K 135 -71.55 -26.87 -8.56
C VAL K 135 -70.11 -26.58 -8.16
N TYR K 136 -69.91 -25.65 -7.24
CA TYR K 136 -68.56 -25.38 -6.75
C TYR K 136 -68.06 -26.53 -5.89
N ARG K 137 -68.97 -27.29 -5.28
CA ARG K 137 -68.57 -28.51 -4.60
C ARG K 137 -68.22 -29.60 -5.60
N ALA K 138 -68.87 -29.62 -6.76
CA ALA K 138 -68.49 -30.56 -7.80
C ALA K 138 -67.24 -30.09 -8.54
N GLN K 139 -66.90 -28.80 -8.43
CA GLN K 139 -65.72 -28.23 -9.08
C GLN K 139 -64.44 -28.89 -8.61
N ILE K 140 -64.29 -29.07 -7.30
CA ILE K 140 -63.10 -29.73 -6.76
C ILE K 140 -63.18 -31.23 -7.01
N GLU K 141 -64.38 -31.80 -6.87
CA GLU K 141 -64.55 -33.24 -7.02
C GLU K 141 -64.34 -33.69 -8.47
N PHE K 142 -64.67 -32.82 -9.42
CA PHE K 142 -64.29 -33.10 -10.80
C PHE K 142 -62.81 -32.79 -11.03
N MET K 143 -62.28 -31.79 -10.34
CA MET K 143 -60.84 -31.57 -10.38
C MET K 143 -60.09 -32.70 -9.70
N LYS K 144 -60.70 -33.32 -8.68
CA LYS K 144 -60.11 -34.50 -8.05
C LYS K 144 -59.95 -35.65 -9.05
N ILE K 145 -60.82 -35.72 -10.05
CA ILE K 145 -60.68 -36.73 -11.10
C ILE K 145 -59.45 -36.44 -11.95
N TYR K 146 -59.18 -35.18 -12.28
CA TYR K 146 -58.16 -34.87 -13.26
C TYR K 146 -56.88 -34.30 -12.67
N ASP K 147 -56.97 -33.58 -11.55
CA ASP K 147 -55.84 -33.05 -10.78
C ASP K 147 -55.00 -32.08 -11.61
N LEU K 148 -55.64 -31.00 -12.02
CA LEU K 148 -54.97 -29.92 -12.72
C LEU K 148 -54.77 -28.69 -11.86
N ASN K 149 -55.40 -28.66 -10.67
CA ASN K 149 -55.07 -27.76 -9.56
C ASN K 149 -55.30 -26.29 -9.92
N THR K 150 -56.52 -26.00 -10.35
CA THR K 150 -57.01 -24.64 -10.53
C THR K 150 -58.52 -24.66 -10.40
N ILE K 151 -59.13 -23.48 -10.48
CA ILE K 151 -60.57 -23.35 -10.32
C ILE K 151 -61.12 -22.42 -11.38
N TYR K 152 -62.35 -22.67 -11.80
CA TYR K 152 -63.12 -21.76 -12.65
C TYR K 152 -64.36 -21.33 -11.87
N ILE K 153 -64.31 -20.15 -11.25
CA ILE K 153 -65.44 -19.67 -10.46
C ILE K 153 -66.03 -18.43 -11.11
N ASP K 154 -67.33 -18.26 -10.94
CA ASP K 154 -68.06 -17.17 -11.58
C ASP K 154 -68.00 -15.91 -10.73
N TYR K 155 -68.03 -14.78 -11.42
CA TYR K 155 -68.24 -13.49 -10.78
C TYR K 155 -69.71 -13.18 -10.58
N GLN K 156 -70.58 -13.76 -11.42
CA GLN K 156 -71.98 -13.39 -11.40
C GLN K 156 -72.69 -13.98 -10.17
N HIS K 157 -72.33 -15.20 -9.78
CA HIS K 157 -72.93 -15.80 -8.59
C HIS K 157 -72.47 -15.10 -7.32
N LEU K 158 -71.26 -14.54 -7.34
CA LEU K 158 -70.80 -13.72 -6.23
C LEU K 158 -71.56 -12.42 -6.14
N SER K 159 -72.12 -11.94 -7.26
CA SER K 159 -72.92 -10.73 -7.25
C SER K 159 -74.34 -10.96 -6.74
N MET K 160 -74.68 -12.20 -6.37
CA MET K 160 -76.06 -12.51 -6.02
C MET K 160 -76.30 -12.38 -4.52
N ARG K 161 -75.41 -12.92 -3.70
CA ARG K 161 -75.75 -13.23 -2.32
C ARG K 161 -75.65 -12.02 -1.40
N GLU K 162 -74.50 -11.35 -1.39
CA GLU K 162 -74.27 -10.26 -0.44
C GLU K 162 -74.80 -8.92 -0.96
N ASN K 163 -75.57 -8.94 -2.06
CA ASN K 163 -76.18 -7.77 -2.69
C ASN K 163 -75.12 -6.74 -3.10
N GLY K 164 -73.99 -7.25 -3.58
CA GLY K 164 -72.91 -6.41 -4.05
C GLY K 164 -72.06 -5.79 -2.96
N ALA K 165 -72.36 -6.03 -1.70
CA ALA K 165 -71.53 -5.50 -0.61
C ALA K 165 -70.17 -6.16 -0.61
N LEU K 166 -70.11 -7.47 -0.83
CA LEU K 166 -68.86 -8.16 -0.96
C LEU K 166 -68.28 -8.05 -2.36
N ALA K 167 -69.14 -7.89 -3.38
CA ALA K 167 -68.65 -7.67 -4.72
C ALA K 167 -67.93 -6.33 -4.84
N MET K 168 -68.41 -5.32 -4.11
CA MET K 168 -67.71 -4.05 -3.98
C MET K 168 -66.71 -4.05 -2.84
N ALA K 169 -66.28 -5.21 -2.39
CA ALA K 169 -65.21 -5.28 -1.41
C ALA K 169 -63.95 -5.82 -2.08
N ILE K 170 -64.13 -6.74 -3.00
CA ILE K 170 -63.00 -7.36 -3.67
C ILE K 170 -62.53 -6.51 -4.85
N SER K 171 -63.45 -5.87 -5.56
CA SER K 171 -63.17 -5.34 -6.89
C SER K 171 -62.29 -4.09 -6.86
N GLU K 172 -61.89 -3.63 -5.67
CA GLU K 172 -61.17 -2.37 -5.57
C GLU K 172 -59.70 -2.61 -5.25
N GLN K 173 -59.43 -3.38 -4.21
CA GLN K 173 -58.06 -3.73 -3.84
C GLN K 173 -57.88 -5.24 -3.85
N TYR K 174 -57.60 -5.78 -5.04
CA TYR K 174 -57.33 -7.19 -5.14
C TYR K 174 -55.90 -7.50 -4.72
N TYR K 175 -54.98 -6.54 -4.93
CA TYR K 175 -53.60 -6.71 -4.52
C TYR K 175 -53.47 -6.86 -3.00
N ARG K 176 -54.36 -6.22 -2.25
CA ARG K 176 -54.48 -6.47 -0.82
C ARG K 176 -54.92 -7.90 -0.53
N PHE K 177 -55.68 -8.51 -1.44
CA PHE K 177 -56.41 -9.73 -1.14
C PHE K 177 -55.83 -10.98 -1.82
N LEU K 178 -54.51 -11.04 -2.00
CA LEU K 178 -53.90 -12.26 -2.52
C LEU K 178 -53.94 -13.42 -1.53
N PRO K 179 -53.35 -13.34 -0.32
CA PRO K 179 -53.22 -14.57 0.47
C PRO K 179 -54.52 -15.02 1.12
N PHE K 180 -55.45 -14.11 1.37
CA PHE K 180 -56.67 -14.47 2.09
C PHE K 180 -57.60 -15.29 1.23
N LEU K 181 -57.64 -14.99 -0.07
CA LEU K 181 -58.47 -15.77 -0.98
C LEU K 181 -57.89 -17.15 -1.19
N GLN K 182 -56.57 -17.27 -1.08
CA GLN K 182 -55.92 -18.55 -1.33
C GLN K 182 -55.95 -19.44 -0.10
N LYS K 183 -55.74 -18.86 1.08
CA LYS K 183 -55.48 -19.66 2.27
C LYS K 183 -56.75 -20.33 2.77
N GLY K 184 -57.88 -19.61 2.72
CA GLY K 184 -59.13 -20.19 3.17
C GLY K 184 -59.61 -21.30 2.26
N LEU K 185 -59.40 -21.13 0.95
CA LEU K 185 -59.74 -22.18 -0.01
C LEU K 185 -58.88 -23.42 0.20
N ARG K 186 -57.64 -23.22 0.67
CA ARG K 186 -56.80 -24.35 1.01
C ARG K 186 -57.39 -25.16 2.17
N ARG K 187 -58.03 -24.49 3.12
CA ARG K 187 -58.67 -25.25 4.19
C ARG K 187 -59.98 -25.87 3.73
N VAL K 188 -60.61 -25.31 2.70
CA VAL K 188 -61.79 -25.93 2.11
C VAL K 188 -61.42 -27.24 1.42
N VAL K 189 -60.24 -27.27 0.79
CA VAL K 189 -59.77 -28.47 0.10
C VAL K 189 -59.50 -29.59 1.09
N ARG K 190 -58.71 -29.32 2.14
CA ARG K 190 -58.36 -30.35 3.10
C ARG K 190 -59.54 -30.81 3.92
N LYS K 191 -60.63 -30.02 3.95
CA LYS K 191 -61.87 -30.50 4.52
C LYS K 191 -62.48 -31.59 3.65
N TYR K 192 -62.27 -31.52 2.34
CA TYR K 192 -62.98 -32.37 1.39
C TYR K 192 -62.06 -33.30 0.61
N ALA K 193 -60.75 -33.04 0.61
CA ALA K 193 -59.88 -33.67 -0.38
C ALA K 193 -58.46 -33.67 0.17
N PRO K 194 -57.57 -34.53 -0.38
CA PRO K 194 -56.16 -34.36 -0.04
C PRO K 194 -55.53 -33.13 -0.69
N GLU K 260 -47.55 -30.30 -2.29
CA GLU K 260 -47.98 -30.91 -3.54
C GLU K 260 -49.09 -30.09 -4.19
N ARG K 261 -50.01 -29.62 -3.35
CA ARG K 261 -51.13 -28.79 -3.79
C ARG K 261 -50.65 -27.37 -4.00
N VAL K 262 -50.81 -26.86 -5.22
CA VAL K 262 -50.56 -25.46 -5.54
C VAL K 262 -51.76 -24.95 -6.33
N PHE K 263 -52.11 -23.69 -6.14
CA PHE K 263 -53.40 -23.15 -6.57
C PHE K 263 -53.24 -21.98 -7.52
N GLN K 264 -54.21 -21.80 -8.40
CA GLN K 264 -54.38 -20.58 -9.18
C GLN K 264 -55.87 -20.24 -9.21
N ILE K 265 -56.19 -18.95 -9.03
CA ILE K 265 -57.56 -18.50 -8.91
C ILE K 265 -57.91 -17.75 -10.20
N SER K 266 -58.95 -18.20 -10.89
CA SER K 266 -59.36 -17.61 -12.16
C SER K 266 -60.76 -17.03 -12.02
N PHE K 267 -60.99 -15.90 -12.68
CA PHE K 267 -62.30 -15.29 -12.74
C PHE K 267 -62.81 -15.27 -14.17
N PHE K 268 -64.12 -15.09 -14.33
CA PHE K 268 -64.68 -14.79 -15.63
C PHE K 268 -65.95 -13.98 -15.42
N ASN K 269 -66.61 -13.65 -16.53
CA ASN K 269 -67.88 -12.91 -16.59
C ASN K 269 -67.74 -11.54 -15.91
N LEU K 270 -66.88 -10.73 -16.48
CA LEU K 270 -66.86 -9.34 -16.05
C LEU K 270 -67.91 -8.55 -16.81
N PRO K 271 -68.75 -7.80 -16.10
CA PRO K 271 -69.84 -7.07 -16.77
C PRO K 271 -69.35 -5.89 -17.60
N THR K 272 -68.19 -5.35 -17.24
CA THR K 272 -67.71 -4.09 -17.79
C THR K 272 -66.33 -4.29 -18.41
N VAL K 273 -66.18 -3.88 -19.67
CA VAL K 273 -64.93 -4.01 -20.41
C VAL K 273 -64.54 -2.64 -20.93
N HIS K 274 -63.30 -2.23 -20.67
CA HIS K 274 -62.79 -0.94 -21.12
C HIS K 274 -61.57 -1.12 -22.00
N ARG K 275 -60.93 0.01 -22.30
CA ARG K 275 -59.83 0.05 -23.25
C ARG K 275 -58.57 0.57 -22.57
N ILE K 276 -57.52 0.77 -23.35
CA ILE K 276 -56.27 1.30 -22.81
C ILE K 276 -56.44 2.76 -22.41
N ARG K 277 -57.35 3.47 -23.07
CA ARG K 277 -57.50 4.88 -22.80
C ARG K 277 -58.26 5.10 -21.49
N ASP K 278 -59.03 4.10 -21.08
CA ASP K 278 -59.80 4.17 -19.85
C ASP K 278 -59.02 3.59 -18.67
N ILE K 279 -57.69 3.67 -18.70
CA ILE K 279 -56.88 3.15 -17.61
C ILE K 279 -56.13 4.31 -16.96
N ARG K 280 -56.26 4.44 -15.64
CA ARG K 280 -55.52 5.43 -14.87
C ARG K 280 -54.78 4.73 -13.73
N SER K 281 -53.97 5.51 -13.01
CA SER K 281 -53.23 5.00 -11.86
C SER K 281 -54.14 4.77 -10.67
N GLU K 282 -55.33 5.35 -10.66
CA GLU K 282 -56.31 5.05 -9.62
C GLU K 282 -56.98 3.71 -9.86
N LYS K 283 -56.79 3.12 -11.03
CA LYS K 283 -57.38 1.84 -11.36
C LYS K 283 -56.50 0.66 -10.97
N ILE K 284 -55.36 0.93 -10.33
CA ILE K 284 -54.45 -0.14 -9.93
C ILE K 284 -55.04 -0.87 -8.73
N GLY K 285 -54.84 -2.19 -8.70
CA GLY K 285 -55.40 -3.02 -7.66
C GLY K 285 -56.83 -3.46 -7.93
N SER K 286 -57.52 -2.71 -8.79
CA SER K 286 -58.91 -2.98 -9.12
C SER K 286 -58.96 -3.91 -10.32
N LEU K 287 -60.17 -4.27 -10.73
CA LEU K 287 -60.37 -5.18 -11.84
C LEU K 287 -61.01 -4.45 -13.01
N LEU K 288 -60.33 -4.50 -14.15
CA LEU K 288 -60.85 -3.92 -15.38
C LEU K 288 -60.44 -4.78 -16.56
N SER K 289 -61.41 -5.07 -17.43
CA SER K 289 -61.22 -5.94 -18.59
C SER K 289 -60.82 -5.11 -19.80
N ILE K 290 -59.75 -5.54 -20.48
CA ILE K 290 -59.25 -4.86 -21.67
C ILE K 290 -59.10 -5.89 -22.78
N SER K 291 -59.59 -5.54 -23.97
CA SER K 291 -59.42 -6.35 -25.17
C SER K 291 -58.44 -5.66 -26.10
N GLY K 292 -57.92 -6.38 -27.09
CA GLY K 292 -57.02 -5.77 -28.05
C GLY K 292 -56.51 -6.67 -29.15
N THR K 293 -55.26 -6.46 -29.56
CA THR K 293 -54.66 -7.15 -30.70
C THR K 293 -53.32 -7.74 -30.27
N VAL K 294 -53.23 -9.06 -30.26
CA VAL K 294 -52.04 -9.75 -29.76
C VAL K 294 -50.95 -9.72 -30.82
N THR K 295 -49.75 -9.33 -30.42
CA THR K 295 -48.62 -9.23 -31.34
C THR K 295 -47.35 -9.63 -30.61
N ARG K 296 -46.48 -10.38 -31.29
CA ARG K 296 -45.11 -10.70 -30.85
C ARG K 296 -45.12 -11.48 -29.52
N THR K 297 -45.58 -12.71 -29.64
CA THR K 297 -45.43 -13.65 -28.53
C THR K 297 -43.96 -13.98 -28.30
N SER K 298 -43.66 -14.48 -27.11
CA SER K 298 -42.30 -14.85 -26.72
C SER K 298 -42.31 -16.25 -26.10
N GLU K 299 -41.12 -16.75 -25.77
CA GLU K 299 -40.90 -18.13 -25.39
C GLU K 299 -41.44 -18.43 -23.99
N VAL K 300 -41.18 -19.64 -23.52
CA VAL K 300 -41.55 -20.09 -22.18
C VAL K 300 -40.31 -20.00 -21.30
N ARG K 301 -40.44 -19.30 -20.18
CA ARG K 301 -39.33 -19.08 -19.24
C ARG K 301 -39.85 -19.22 -17.82
N PRO K 302 -39.02 -19.72 -16.90
CA PRO K 302 -39.49 -20.02 -15.55
C PRO K 302 -39.56 -18.78 -14.67
N GLU K 303 -40.01 -19.00 -13.43
CA GLU K 303 -40.04 -17.98 -12.40
C GLU K 303 -39.92 -18.68 -11.05
N LEU K 304 -39.10 -18.12 -10.17
CA LEU K 304 -38.62 -18.88 -9.01
C LEU K 304 -39.59 -18.86 -7.83
N TYR K 305 -39.79 -17.67 -7.26
CA TYR K 305 -40.69 -17.32 -6.14
C TYR K 305 -40.51 -18.17 -4.87
N LYS K 306 -39.47 -19.00 -4.80
CA LYS K 306 -39.20 -19.88 -3.66
C LYS K 306 -37.68 -19.92 -3.51
N ALA K 307 -37.14 -19.03 -2.68
CA ALA K 307 -35.71 -18.98 -2.48
C ALA K 307 -35.31 -19.90 -1.33
N SER K 308 -34.23 -20.66 -1.57
CA SER K 308 -33.57 -21.44 -0.53
C SER K 308 -32.15 -20.89 -0.45
N PHE K 309 -31.99 -19.79 0.29
CA PHE K 309 -30.77 -19.00 0.24
C PHE K 309 -30.38 -18.61 1.66
N THR K 310 -29.30 -19.19 2.17
CA THR K 310 -28.76 -18.80 3.46
C THR K 310 -27.26 -19.02 3.45
N CYS K 311 -26.59 -18.41 4.42
CA CYS K 311 -25.14 -18.27 4.42
C CYS K 311 -24.43 -19.58 4.73
N ASP K 312 -23.11 -19.49 4.87
CA ASP K 312 -22.28 -20.66 5.12
C ASP K 312 -22.44 -21.17 6.55
N MET K 313 -23.03 -20.36 7.42
CA MET K 313 -23.47 -20.84 8.72
C MET K 313 -24.51 -21.93 8.55
N CYS K 314 -24.58 -22.81 9.55
CA CYS K 314 -25.14 -24.19 9.55
C CYS K 314 -26.51 -24.23 8.90
N ARG K 315 -27.46 -23.39 9.29
CA ARG K 315 -28.82 -23.45 8.77
C ARG K 315 -28.87 -22.81 7.38
N ALA K 316 -28.37 -23.54 6.39
CA ALA K 316 -28.47 -23.12 4.99
C ALA K 316 -29.68 -23.76 4.32
N ILE K 317 -30.85 -23.65 4.95
CA ILE K 317 -32.04 -24.38 4.50
C ILE K 317 -33.27 -23.48 4.49
N VAL K 318 -33.08 -22.18 4.29
CA VAL K 318 -34.14 -21.20 4.47
C VAL K 318 -35.01 -21.14 3.23
N ASP K 319 -36.05 -21.98 3.18
CA ASP K 319 -37.09 -21.85 2.17
C ASP K 319 -37.96 -20.65 2.51
N ASN K 320 -37.89 -19.62 1.67
CA ASN K 320 -38.13 -18.28 2.21
C ASN K 320 -38.59 -17.32 1.11
N VAL K 321 -38.41 -16.03 1.37
CA VAL K 321 -38.93 -14.85 0.70
C VAL K 321 -38.40 -14.68 -0.73
N GLU K 322 -38.82 -13.57 -1.36
CA GLU K 322 -38.70 -13.16 -2.76
C GLU K 322 -39.70 -13.93 -3.60
N GLN K 323 -40.83 -14.28 -2.98
CA GLN K 323 -42.00 -14.68 -3.75
C GLN K 323 -42.58 -13.49 -4.51
N SER K 324 -42.39 -12.29 -3.97
CA SER K 324 -42.86 -11.07 -4.62
C SER K 324 -41.90 -10.63 -5.72
N PHE K 325 -42.20 -9.47 -6.31
CA PHE K 325 -41.43 -8.94 -7.44
C PHE K 325 -40.21 -8.17 -6.93
N LYS K 326 -39.30 -8.92 -6.31
CA LYS K 326 -38.03 -8.40 -5.82
C LYS K 326 -37.05 -9.54 -5.67
N TYR K 327 -35.80 -9.30 -6.03
CA TYR K 327 -34.74 -10.31 -5.89
C TYR K 327 -34.09 -10.20 -4.51
N THR K 328 -34.92 -10.31 -3.48
CA THR K 328 -34.48 -10.18 -2.09
C THR K 328 -34.61 -11.52 -1.40
N GLU K 329 -33.53 -12.31 -1.44
CA GLU K 329 -33.59 -13.66 -0.92
C GLU K 329 -33.51 -13.71 0.61
N PRO K 330 -32.49 -13.17 1.27
CA PRO K 330 -32.29 -13.51 2.68
C PRO K 330 -33.13 -12.68 3.62
N THR K 331 -33.80 -13.35 4.55
CA THR K 331 -34.49 -12.71 5.66
C THR K 331 -33.45 -12.31 6.69
N PHE K 332 -33.77 -11.29 7.48
CA PHE K 332 -32.84 -10.70 8.45
C PHE K 332 -32.64 -11.71 9.58
N CYS K 333 -33.68 -12.11 10.30
CA CYS K 333 -33.53 -12.84 11.53
C CYS K 333 -33.69 -14.33 11.31
N PRO K 334 -32.59 -15.05 11.08
CA PRO K 334 -32.62 -16.50 11.22
C PRO K 334 -32.19 -16.89 12.62
N ASN K 335 -32.10 -18.18 12.92
CA ASN K 335 -31.44 -18.54 14.17
C ASN K 335 -30.27 -19.44 13.81
N PRO K 336 -29.56 -19.11 12.74
CA PRO K 336 -28.25 -19.72 12.50
C PRO K 336 -27.16 -18.90 13.17
N SER K 337 -25.90 -19.24 12.89
CA SER K 337 -24.81 -18.34 13.25
C SER K 337 -24.76 -17.13 12.33
N CYS K 338 -25.46 -17.20 11.20
CA CYS K 338 -25.51 -16.13 10.21
C CYS K 338 -26.28 -14.94 10.77
N GLU K 339 -25.87 -13.75 10.33
CA GLU K 339 -26.49 -12.52 10.77
C GLU K 339 -27.45 -12.01 9.69
N ASN K 340 -28.01 -10.83 9.90
CA ASN K 340 -28.90 -10.23 8.90
C ASN K 340 -28.12 -9.78 7.68
N ARG K 341 -26.89 -9.33 7.87
CA ARG K 341 -26.06 -8.93 6.74
C ARG K 341 -25.58 -10.14 5.96
N ALA K 342 -25.56 -11.30 6.60
CA ALA K 342 -25.17 -12.54 5.94
C ALA K 342 -26.23 -12.96 4.93
N PHE K 343 -25.82 -13.05 3.67
CA PHE K 343 -26.71 -13.48 2.61
C PHE K 343 -25.89 -14.34 1.65
N TRP K 344 -26.56 -15.29 1.00
CA TRP K 344 -25.87 -16.18 0.07
C TRP K 344 -26.84 -16.60 -1.02
N THR K 345 -26.33 -17.42 -1.94
CA THR K 345 -27.07 -17.75 -3.14
C THR K 345 -28.20 -18.72 -2.87
N LEU K 346 -29.14 -18.78 -3.81
CA LEU K 346 -30.29 -19.67 -3.67
C LEU K 346 -29.93 -21.08 -4.10
N ASN K 347 -30.47 -22.06 -3.38
CA ASN K 347 -30.31 -23.44 -3.78
C ASN K 347 -31.15 -23.71 -5.02
N VAL K 348 -30.48 -24.11 -6.10
CA VAL K 348 -31.12 -24.16 -7.41
C VAL K 348 -31.76 -25.52 -7.67
N THR K 349 -31.93 -26.33 -6.63
CA THR K 349 -32.49 -27.66 -6.80
C THR K 349 -33.71 -27.95 -5.95
N ARG K 350 -34.00 -27.18 -4.89
CA ARG K 350 -35.08 -27.48 -3.97
C ARG K 350 -35.99 -26.26 -3.91
N SER K 351 -36.95 -26.19 -4.84
CA SER K 351 -37.95 -25.13 -4.87
C SER K 351 -39.12 -25.62 -5.73
N ARG K 352 -40.16 -24.79 -5.80
CA ARG K 352 -41.30 -25.03 -6.68
C ARG K 352 -41.42 -23.82 -7.60
N PHE K 353 -41.36 -24.05 -8.90
CA PHE K 353 -41.37 -22.96 -9.87
C PHE K 353 -42.69 -22.90 -10.60
N LEU K 354 -42.78 -21.91 -11.50
CA LEU K 354 -43.78 -21.93 -12.57
C LEU K 354 -43.21 -21.20 -13.76
N ASP K 355 -43.78 -21.48 -14.92
CA ASP K 355 -43.32 -20.91 -16.18
C ASP K 355 -44.31 -19.85 -16.65
N TRP K 356 -43.89 -19.07 -17.64
CA TRP K 356 -44.70 -17.99 -18.18
C TRP K 356 -44.14 -17.54 -19.51
N GLN K 357 -44.97 -16.85 -20.28
CA GLN K 357 -44.58 -16.19 -21.51
C GLN K 357 -44.96 -14.71 -21.43
N LYS K 358 -44.54 -13.96 -22.44
CA LYS K 358 -44.67 -12.49 -22.39
C LYS K 358 -45.07 -11.98 -23.78
N VAL K 359 -46.35 -11.66 -23.94
CA VAL K 359 -46.85 -11.11 -25.19
C VAL K 359 -47.10 -9.62 -25.00
N ARG K 360 -47.08 -8.86 -26.09
CA ARG K 360 -47.30 -7.41 -26.01
C ARG K 360 -48.50 -7.06 -26.89
N ILE K 361 -49.61 -6.77 -26.25
CA ILE K 361 -50.86 -6.58 -26.98
C ILE K 361 -50.92 -5.18 -27.56
N GLN K 362 -51.53 -5.07 -28.73
CA GLN K 362 -51.76 -3.79 -29.41
C GLN K 362 -53.24 -3.48 -29.28
N GLU K 363 -53.58 -2.20 -29.37
CA GLU K 363 -54.96 -1.78 -29.23
C GLU K 363 -55.73 -1.99 -30.53
N ASN K 364 -57.04 -2.26 -30.39
CA ASN K 364 -57.98 -2.39 -31.50
C ASN K 364 -57.96 -1.17 -32.40
N ALA K 365 -58.28 -1.40 -33.67
CA ALA K 365 -58.41 -0.32 -34.65
C ALA K 365 -59.82 0.22 -34.74
N ASN K 366 -60.79 -0.39 -34.05
CA ASN K 366 -62.17 0.08 -34.07
C ASN K 366 -62.47 1.05 -32.95
N GLU K 367 -61.44 1.55 -32.26
CA GLU K 367 -61.64 2.38 -31.08
C GLU K 367 -60.69 3.57 -31.10
N ILE K 368 -59.72 3.54 -32.00
CA ILE K 368 -58.70 4.58 -32.09
C ILE K 368 -59.33 5.90 -32.53
N PRO K 369 -58.98 7.00 -31.88
CA PRO K 369 -59.54 8.30 -32.28
C PRO K 369 -58.76 8.90 -33.44
N THR K 370 -59.15 10.11 -33.80
CA THR K 370 -58.44 10.83 -34.86
C THR K 370 -57.07 11.28 -34.39
N GLY K 371 -56.12 11.33 -35.33
CA GLY K 371 -54.77 11.77 -35.04
C GLY K 371 -53.95 10.86 -34.17
N SER K 372 -54.46 9.69 -33.81
CA SER K 372 -53.84 8.83 -32.80
C SER K 372 -53.49 7.48 -33.41
N MET K 373 -52.29 7.01 -33.12
CA MET K 373 -51.90 5.68 -33.52
C MET K 373 -52.38 4.67 -32.48
N PRO K 374 -52.52 3.40 -32.84
CA PRO K 374 -52.82 2.38 -31.83
C PRO K 374 -51.66 2.21 -30.88
N ARG K 375 -51.99 1.72 -29.68
CA ARG K 375 -51.04 1.74 -28.57
C ARG K 375 -50.69 0.32 -28.16
N THR K 376 -49.56 0.16 -27.48
CA THR K 376 -49.08 -1.14 -27.07
C THR K 376 -49.01 -1.23 -25.54
N LEU K 377 -49.01 -2.47 -25.05
CA LEU K 377 -48.95 -2.74 -23.63
C LEU K 377 -48.47 -4.16 -23.43
N ASP K 378 -47.58 -4.35 -22.45
CA ASP K 378 -47.04 -5.65 -22.14
C ASP K 378 -47.91 -6.36 -21.10
N VAL K 379 -47.96 -7.69 -21.22
CA VAL K 379 -48.78 -8.51 -20.34
C VAL K 379 -48.13 -9.89 -20.25
N ILE K 380 -48.12 -10.45 -19.06
CA ILE K 380 -47.50 -11.74 -18.78
C ILE K 380 -48.58 -12.71 -18.34
N LEU K 381 -48.59 -13.90 -18.95
CA LEU K 381 -49.51 -14.97 -18.56
C LEU K 381 -48.70 -16.06 -17.87
N ARG K 382 -48.98 -16.28 -16.60
CA ARG K 382 -48.19 -17.16 -15.75
C ARG K 382 -48.91 -18.47 -15.52
N GLY K 383 -48.15 -19.56 -15.52
CA GLY K 383 -48.68 -20.85 -15.16
C GLY K 383 -49.59 -21.48 -16.19
N ASP K 384 -50.89 -21.56 -15.87
CA ASP K 384 -51.83 -22.30 -16.70
C ASP K 384 -52.11 -21.56 -18.01
N SER K 385 -52.08 -20.23 -17.98
CA SER K 385 -52.50 -19.43 -19.11
C SER K 385 -51.40 -19.22 -20.15
N VAL K 386 -50.31 -19.99 -20.07
CA VAL K 386 -49.34 -19.98 -21.14
C VAL K 386 -49.93 -20.73 -22.33
N GLU K 387 -49.53 -20.32 -23.54
CA GLU K 387 -49.84 -20.96 -24.83
C GLU K 387 -51.31 -20.79 -25.23
N ARG K 388 -52.13 -20.21 -24.35
CA ARG K 388 -53.48 -19.84 -24.74
C ARG K 388 -53.48 -18.65 -25.70
N ALA K 389 -52.40 -17.89 -25.73
CA ALA K 389 -52.30 -16.71 -26.58
C ALA K 389 -52.16 -17.12 -28.05
N LYS K 390 -52.45 -16.16 -28.93
CA LYS K 390 -52.41 -16.38 -30.35
C LYS K 390 -52.18 -15.01 -31.00
N PRO K 391 -51.06 -14.82 -31.69
CA PRO K 391 -50.86 -13.56 -32.41
C PRO K 391 -51.86 -13.39 -33.54
N GLY K 392 -52.61 -12.30 -33.52
CA GLY K 392 -53.66 -12.09 -34.48
C GLY K 392 -55.00 -12.58 -33.97
N ASP K 393 -55.37 -12.13 -32.77
CA ASP K 393 -56.57 -12.64 -32.12
C ASP K 393 -57.12 -11.56 -31.20
N ARG K 394 -58.43 -11.65 -30.96
CA ARG K 394 -59.13 -10.80 -30.01
C ARG K 394 -59.49 -11.61 -28.77
N CYS K 395 -59.16 -11.05 -27.61
CA CYS K 395 -59.26 -11.79 -26.36
C CYS K 395 -59.77 -10.88 -25.26
N LYS K 396 -60.27 -11.51 -24.20
CA LYS K 396 -60.73 -10.80 -23.01
C LYS K 396 -59.86 -11.26 -21.83
N PHE K 397 -59.65 -10.36 -20.87
CA PHE K 397 -58.64 -10.61 -19.86
C PHE K 397 -59.16 -10.67 -18.44
N THR K 398 -58.29 -11.09 -17.52
CA THR K 398 -58.50 -10.93 -16.10
C THR K 398 -58.46 -9.45 -15.80
N GLY K 399 -59.26 -9.02 -14.81
CA GLY K 399 -59.36 -7.60 -14.52
C GLY K 399 -58.12 -7.01 -13.87
N VAL K 400 -57.25 -7.87 -13.31
CA VAL K 400 -56.20 -7.40 -12.42
C VAL K 400 -55.10 -6.68 -13.19
N GLU K 401 -54.28 -5.93 -12.46
CA GLU K 401 -53.32 -5.02 -13.06
C GLU K 401 -52.17 -4.81 -12.10
N ILE K 402 -50.95 -4.71 -12.64
CA ILE K 402 -49.76 -4.46 -11.84
C ILE K 402 -48.94 -3.33 -12.47
N VAL K 403 -47.83 -3.00 -11.81
CA VAL K 403 -46.96 -1.89 -12.21
C VAL K 403 -45.51 -2.37 -12.15
N VAL K 404 -44.79 -2.23 -13.25
CA VAL K 404 -43.39 -2.64 -13.35
C VAL K 404 -42.49 -1.41 -13.22
N PRO K 405 -41.42 -1.48 -12.44
CA PRO K 405 -40.44 -0.39 -12.42
C PRO K 405 -39.74 -0.22 -13.76
N ASP K 406 -39.60 1.04 -14.17
CA ASP K 406 -38.99 1.42 -15.43
C ASP K 406 -37.60 1.98 -15.14
N VAL K 407 -36.82 2.21 -16.19
CA VAL K 407 -35.46 2.76 -16.09
C VAL K 407 -35.29 4.00 -16.95
N THR K 408 -35.67 3.92 -18.22
CA THR K 408 -35.27 4.89 -19.23
C THR K 408 -35.98 6.23 -19.12
N GLN K 409 -36.94 6.38 -18.23
CA GLN K 409 -37.66 7.65 -18.11
C GLN K 409 -36.86 8.62 -17.26
N LEU K 410 -35.77 9.10 -17.85
CA LEU K 410 -34.85 10.02 -17.20
C LEU K 410 -34.64 11.21 -18.11
N GLY K 411 -34.70 12.41 -17.52
CA GLY K 411 -34.71 13.63 -18.31
C GLY K 411 -36.02 13.72 -19.06
N LEU K 412 -37.09 13.32 -18.40
CA LEU K 412 -38.41 13.13 -19.02
C LEU K 412 -39.07 14.41 -19.52
N PRO K 413 -39.12 15.53 -18.76
CA PRO K 413 -38.71 15.97 -17.42
C PRO K 413 -39.79 15.83 -16.37
N GLY K 414 -39.43 16.04 -15.11
CA GLY K 414 -40.38 16.02 -14.02
C GLY K 414 -39.67 16.04 -12.70
N VAL K 415 -40.44 16.37 -11.66
CA VAL K 415 -39.94 16.34 -10.29
C VAL K 415 -39.80 14.88 -9.90
N LYS K 416 -38.55 14.44 -9.71
CA LYS K 416 -38.26 13.03 -9.54
C LYS K 416 -38.35 12.65 -8.08
N PRO K 417 -39.10 11.60 -7.73
CA PRO K 417 -39.16 11.16 -6.33
C PRO K 417 -37.88 10.45 -5.93
N SER K 418 -37.60 10.49 -4.63
CA SER K 418 -36.37 9.92 -4.09
C SER K 418 -36.67 9.26 -2.75
N SER K 419 -35.69 8.51 -2.26
CA SER K 419 -35.84 7.70 -1.05
C SER K 419 -34.75 8.03 -0.04
N THR K 420 -34.55 9.32 0.21
CA THR K 420 -33.57 9.75 1.21
C THR K 420 -34.13 9.52 2.61
N LEU K 421 -33.59 8.52 3.30
CA LEU K 421 -34.12 8.10 4.58
C LEU K 421 -33.80 9.11 5.69
N ASP K 422 -34.44 8.91 6.84
CA ASP K 422 -34.30 9.84 7.95
C ASP K 422 -32.95 9.66 8.63
N THR K 423 -32.37 10.78 9.06
CA THR K 423 -31.14 10.79 9.81
C THR K 423 -31.31 11.43 11.18
N ARG K 424 -32.53 11.85 11.53
CA ARG K 424 -32.81 12.51 12.79
C ARG K 424 -33.18 11.54 13.90
N GLY K 425 -32.79 10.28 13.79
CA GLY K 425 -33.13 9.23 14.73
C GLY K 425 -31.94 8.98 15.66
N ILE K 426 -31.14 7.97 15.34
CA ILE K 426 -29.99 7.58 16.13
C ILE K 426 -28.95 8.69 16.11
N SER K 427 -28.43 9.05 17.28
CA SER K 427 -27.37 10.04 17.43
C SER K 427 -26.06 9.48 16.87
N LYS K 428 -25.27 10.34 16.26
CA LYS K 428 -23.96 9.95 15.72
C LYS K 428 -22.86 10.60 16.57
N THR K 429 -21.62 10.47 16.11
CA THR K 429 -20.48 11.06 16.78
C THR K 429 -20.48 12.58 16.69
N SER K 442 -22.67 6.27 3.66
CA SER K 442 -22.87 7.71 3.61
C SER K 442 -24.25 8.05 3.08
N LEU K 443 -24.37 8.07 1.75
CA LEU K 443 -25.64 8.37 1.11
C LEU K 443 -25.94 7.26 0.10
N GLY K 444 -26.59 6.21 0.59
CA GLY K 444 -26.98 5.10 -0.26
C GLY K 444 -28.43 5.19 -0.67
N VAL K 445 -28.88 6.41 -0.96
CA VAL K 445 -30.28 6.66 -1.23
C VAL K 445 -30.60 6.32 -2.68
N ARG K 446 -31.89 6.20 -2.99
CA ARG K 446 -32.34 5.78 -4.30
C ARG K 446 -33.53 6.62 -4.74
N ASP K 447 -33.93 6.39 -5.99
CA ASP K 447 -35.11 6.98 -6.59
C ASP K 447 -36.04 5.90 -7.12
N LEU K 448 -37.10 6.33 -7.79
CA LEU K 448 -38.04 5.38 -8.38
C LEU K 448 -38.75 6.06 -9.54
N THR K 449 -38.95 5.31 -10.63
CA THR K 449 -39.73 5.76 -11.78
C THR K 449 -40.22 4.52 -12.49
N TYR K 450 -41.53 4.30 -12.44
CA TYR K 450 -42.07 3.00 -12.80
C TYR K 450 -42.81 3.13 -14.13
N LYS K 451 -43.53 2.08 -14.52
CA LYS K 451 -44.42 2.16 -15.66
C LYS K 451 -45.60 1.23 -15.46
N ILE K 452 -46.72 1.59 -16.10
CA ILE K 452 -47.93 0.79 -16.03
C ILE K 452 -47.73 -0.49 -16.85
N SER K 453 -47.92 -1.61 -16.20
CA SER K 453 -47.91 -2.91 -16.85
C SER K 453 -49.28 -3.55 -16.69
N PHE K 454 -49.40 -4.81 -17.09
CA PHE K 454 -50.65 -5.52 -16.94
C PHE K 454 -50.36 -6.98 -16.65
N LEU K 455 -51.24 -7.59 -15.86
CA LEU K 455 -51.13 -8.99 -15.49
C LEU K 455 -52.49 -9.63 -15.64
N ALA K 456 -52.52 -10.92 -15.96
CA ALA K 456 -53.78 -11.62 -16.14
C ALA K 456 -53.61 -13.09 -15.79
N CYS K 457 -54.74 -13.73 -15.47
CA CYS K 457 -54.76 -15.17 -15.26
C CYS K 457 -55.79 -15.89 -16.11
N HIS K 458 -56.91 -15.26 -16.47
CA HIS K 458 -57.87 -15.85 -17.39
C HIS K 458 -57.88 -15.06 -18.68
N VAL K 459 -57.67 -15.76 -19.79
CA VAL K 459 -57.82 -15.22 -21.11
C VAL K 459 -58.78 -16.12 -21.86
N ILE K 460 -59.97 -15.61 -22.17
CA ILE K 460 -60.83 -16.24 -23.16
C ILE K 460 -60.53 -15.56 -24.49
N SER K 461 -60.83 -16.24 -25.58
CA SER K 461 -60.42 -15.79 -26.91
C SER K 461 -61.60 -15.51 -27.82
N ILE K 462 -62.68 -14.97 -27.27
CA ILE K 462 -63.87 -14.69 -28.04
C ILE K 462 -63.63 -13.43 -28.86
N GLY K 463 -63.77 -13.54 -30.18
CA GLY K 463 -63.54 -12.43 -31.08
C GLY K 463 -62.43 -12.71 -32.06
N SER K 510 -75.77 -28.49 -32.85
CA SER K 510 -76.59 -29.10 -31.81
C SER K 510 -78.07 -28.77 -32.04
N ASP K 511 -78.36 -27.49 -32.22
CA ASP K 511 -79.73 -27.07 -32.52
C ASP K 511 -79.83 -26.58 -33.96
N GLU K 512 -78.79 -25.91 -34.45
CA GLU K 512 -78.70 -25.50 -35.83
C GLU K 512 -78.29 -26.63 -36.76
N ILE K 513 -78.00 -27.81 -36.21
CA ILE K 513 -77.57 -28.94 -37.02
C ILE K 513 -78.70 -29.47 -37.89
N ASN K 514 -79.96 -29.34 -37.43
CA ASN K 514 -81.08 -29.68 -38.30
C ASN K 514 -81.27 -28.65 -39.40
N GLU K 515 -80.87 -27.41 -39.13
CA GLU K 515 -80.89 -26.38 -40.16
C GLU K 515 -79.84 -26.64 -41.22
N LEU K 516 -78.66 -27.13 -40.82
CA LEU K 516 -77.63 -27.48 -41.79
C LEU K 516 -78.05 -28.69 -42.63
N LYS K 517 -78.90 -29.55 -42.07
CA LYS K 517 -79.49 -30.61 -42.87
C LYS K 517 -80.40 -30.04 -43.96
N GLU K 518 -81.13 -28.97 -43.64
CA GLU K 518 -81.93 -28.30 -44.65
C GLU K 518 -81.07 -27.61 -45.70
N MET K 519 -79.86 -27.22 -45.34
CA MET K 519 -78.94 -26.53 -46.24
C MET K 519 -78.21 -27.47 -47.18
N VAL K 520 -78.33 -28.78 -47.00
CA VAL K 520 -77.65 -29.74 -47.85
C VAL K 520 -78.62 -30.64 -48.62
N LYS K 521 -79.84 -30.81 -48.16
CA LYS K 521 -80.80 -31.63 -48.90
C LYS K 521 -81.33 -30.95 -50.14
N ASP K 522 -81.13 -29.63 -50.28
CA ASP K 522 -81.65 -28.92 -51.42
C ASP K 522 -80.72 -29.07 -52.62
N GLU K 523 -81.13 -28.50 -53.76
CA GLU K 523 -80.37 -28.61 -54.99
C GLU K 523 -80.00 -27.26 -55.59
N HIS K 524 -80.87 -26.26 -55.46
CA HIS K 524 -80.63 -24.93 -56.02
C HIS K 524 -79.59 -24.14 -55.25
N ILE K 525 -79.08 -24.68 -54.14
CA ILE K 525 -78.19 -23.96 -53.23
C ILE K 525 -76.89 -23.54 -53.91
N TYR K 526 -76.48 -24.25 -54.98
CA TYR K 526 -75.38 -23.76 -55.77
C TYR K 526 -75.71 -22.42 -56.42
N ASP K 527 -76.87 -22.32 -57.07
CA ASP K 527 -77.30 -21.05 -57.62
C ASP K 527 -77.64 -20.05 -56.53
N LYS K 528 -78.09 -20.53 -55.36
CA LYS K 528 -78.39 -19.64 -54.26
C LYS K 528 -77.13 -19.02 -53.67
N LEU K 529 -76.05 -19.80 -53.61
CA LEU K 529 -74.82 -19.27 -53.03
C LEU K 529 -74.12 -18.28 -53.93
N VAL K 530 -74.46 -18.23 -55.22
CA VAL K 530 -73.84 -17.26 -56.11
C VAL K 530 -74.34 -15.85 -55.79
N ARG K 531 -75.65 -15.68 -55.72
CA ARG K 531 -76.25 -14.37 -55.49
C ARG K 531 -76.16 -13.91 -54.04
N SER K 532 -75.70 -14.76 -53.14
CA SER K 532 -75.74 -14.48 -51.71
C SER K 532 -74.36 -14.11 -51.19
N ILE K 533 -73.60 -13.37 -51.99
CA ILE K 533 -72.23 -13.05 -51.59
C ILE K 533 -72.07 -11.55 -51.37
N ALA K 534 -72.24 -10.77 -52.43
CA ALA K 534 -72.02 -9.33 -52.37
C ALA K 534 -73.27 -8.62 -52.84
N PRO K 535 -74.26 -8.40 -51.96
CA PRO K 535 -75.46 -7.66 -52.38
C PRO K 535 -75.18 -6.19 -52.66
N ALA K 536 -74.10 -5.64 -52.12
CA ALA K 536 -73.72 -4.27 -52.45
C ALA K 536 -73.23 -4.18 -53.88
N VAL K 537 -72.65 -5.25 -54.42
CA VAL K 537 -72.15 -5.21 -55.78
C VAL K 537 -73.23 -5.71 -56.73
N PHE K 538 -73.41 -4.99 -57.84
CA PHE K 538 -74.39 -5.36 -58.85
C PHE K 538 -73.67 -5.59 -60.17
N GLY K 539 -73.71 -6.83 -60.65
CA GLY K 539 -73.08 -7.14 -61.92
C GLY K 539 -72.82 -8.62 -62.14
N HIS K 540 -71.65 -8.92 -62.68
CA HIS K 540 -71.26 -10.28 -63.04
C HIS K 540 -71.00 -11.13 -61.80
N GLU K 541 -70.81 -12.42 -62.03
CA GLU K 541 -70.87 -13.41 -60.96
C GLU K 541 -69.68 -14.36 -60.89
N ALA K 542 -68.88 -14.47 -61.96
CA ALA K 542 -67.81 -15.45 -61.96
C ALA K 542 -66.68 -15.07 -61.02
N VAL K 543 -66.51 -13.77 -60.76
CA VAL K 543 -65.55 -13.37 -59.74
C VAL K 543 -66.06 -13.75 -58.36
N LYS K 544 -67.39 -13.80 -58.18
CA LYS K 544 -67.93 -14.24 -56.91
C LYS K 544 -67.84 -15.75 -56.78
N LYS K 545 -67.70 -16.45 -57.91
CA LYS K 545 -67.53 -17.89 -57.87
C LYS K 545 -66.16 -18.26 -57.31
N GLY K 546 -65.09 -17.68 -57.88
CA GLY K 546 -63.74 -18.10 -57.52
C GLY K 546 -63.34 -17.68 -56.12
N ILE K 547 -63.81 -16.52 -55.68
CA ILE K 547 -63.61 -16.09 -54.30
C ILE K 547 -64.30 -17.04 -53.35
N LEU K 548 -65.51 -17.47 -53.70
CA LEU K 548 -66.19 -18.52 -52.94
C LEU K 548 -65.43 -19.83 -53.02
N LEU K 549 -64.87 -20.15 -54.18
CA LEU K 549 -64.02 -21.33 -54.27
C LEU K 549 -62.69 -21.11 -53.56
N GLN K 550 -62.26 -19.85 -53.39
CA GLN K 550 -61.06 -19.61 -52.60
C GLN K 550 -61.35 -19.79 -51.12
N MET K 551 -62.60 -19.60 -50.71
CA MET K 551 -63.00 -19.86 -49.34
C MET K 551 -63.05 -21.33 -48.99
N LEU K 552 -63.06 -22.22 -49.98
CA LEU K 552 -63.17 -23.66 -49.76
C LEU K 552 -61.82 -24.28 -50.08
N GLY K 553 -61.25 -24.98 -49.10
CA GLY K 553 -59.94 -25.57 -49.26
C GLY K 553 -59.94 -26.76 -50.20
N GLY K 554 -58.74 -27.12 -50.64
CA GLY K 554 -58.55 -28.27 -51.50
C GLY K 554 -58.49 -29.57 -50.74
N VAL K 555 -57.57 -30.46 -51.13
CA VAL K 555 -57.44 -31.72 -50.41
C VAL K 555 -56.13 -31.77 -49.64
N HIS K 556 -55.06 -31.18 -50.22
CA HIS K 556 -53.67 -31.15 -49.75
C HIS K 556 -53.18 -32.48 -49.17
N LYS K 557 -53.58 -33.59 -49.79
CA LYS K 557 -53.25 -34.91 -49.28
C LYS K 557 -51.79 -35.25 -49.54
N SER K 558 -51.36 -36.36 -48.96
CA SER K 558 -49.99 -36.81 -49.10
C SER K 558 -49.78 -37.49 -50.45
N THR K 559 -48.51 -37.71 -50.78
CA THR K 559 -48.06 -38.37 -51.98
C THR K 559 -46.93 -39.32 -51.64
N VAL K 560 -46.16 -39.68 -52.67
CA VAL K 560 -44.92 -40.42 -52.46
C VAL K 560 -43.88 -39.50 -51.83
N GLU K 561 -42.76 -40.07 -51.45
CA GLU K 561 -41.71 -39.45 -50.60
C GLU K 561 -41.07 -38.27 -51.31
N GLY K 562 -41.22 -38.11 -52.63
CA GLY K 562 -40.51 -37.04 -53.32
C GLY K 562 -41.05 -35.66 -53.02
N ILE K 563 -42.23 -35.34 -53.54
CA ILE K 563 -42.81 -33.99 -53.43
C ILE K 563 -44.27 -34.15 -53.03
N LYS K 564 -44.69 -33.42 -51.99
CA LYS K 564 -46.10 -33.39 -51.65
C LYS K 564 -46.83 -32.33 -52.46
N LEU K 565 -48.12 -32.55 -52.67
CA LEU K 565 -48.95 -31.66 -53.47
C LEU K 565 -49.49 -30.54 -52.60
N ARG K 566 -49.48 -29.33 -53.15
CA ARG K 566 -50.17 -28.22 -52.48
C ARG K 566 -51.67 -28.33 -52.71
N GLY K 567 -52.45 -27.76 -51.81
CA GLY K 567 -53.89 -27.85 -51.87
C GLY K 567 -54.65 -26.54 -51.91
N ASP K 568 -54.19 -25.55 -52.67
CA ASP K 568 -54.72 -24.20 -52.56
C ASP K 568 -54.98 -23.63 -53.97
N ILE K 569 -55.78 -22.57 -54.01
CA ILE K 569 -56.19 -21.92 -55.24
C ILE K 569 -55.89 -20.43 -55.16
N ASN K 570 -55.49 -19.85 -56.29
CA ASN K 570 -55.00 -18.47 -56.35
C ASN K 570 -55.69 -17.74 -57.51
N ILE K 571 -56.47 -16.72 -57.17
CA ILE K 571 -57.16 -15.91 -58.17
C ILE K 571 -56.56 -14.52 -58.17
N CYS K 572 -56.17 -14.03 -59.35
CA CYS K 572 -55.44 -12.77 -59.47
C CYS K 572 -56.12 -11.92 -60.53
N VAL K 573 -56.64 -10.76 -60.13
CA VAL K 573 -57.48 -9.96 -61.00
C VAL K 573 -56.81 -8.61 -61.26
N VAL K 574 -56.69 -8.24 -62.53
CA VAL K 574 -56.32 -6.90 -62.94
C VAL K 574 -57.53 -6.30 -63.63
N GLY K 575 -57.92 -5.09 -63.24
CA GLY K 575 -59.07 -4.46 -63.84
C GLY K 575 -58.87 -2.98 -64.03
N ASP K 576 -59.88 -2.37 -64.63
CA ASP K 576 -59.90 -0.93 -64.87
C ASP K 576 -59.97 -0.18 -63.54
N PRO K 577 -59.19 0.89 -63.38
CA PRO K 577 -59.51 1.88 -62.34
C PRO K 577 -60.92 2.43 -62.52
N SER K 578 -61.51 2.81 -61.38
CA SER K 578 -62.90 3.21 -61.25
C SER K 578 -63.85 2.11 -61.74
N THR K 579 -63.82 0.98 -61.02
CA THR K 579 -64.65 -0.18 -61.31
C THR K 579 -65.23 -0.80 -60.03
N SER K 580 -64.92 -0.22 -58.86
CA SER K 580 -65.34 -0.70 -57.53
C SER K 580 -64.88 -2.14 -57.27
N LYS K 581 -63.64 -2.43 -57.68
CA LYS K 581 -63.01 -3.68 -57.34
C LYS K 581 -62.68 -3.77 -55.86
N SER K 582 -62.58 -2.63 -55.18
CA SER K 582 -62.26 -2.61 -53.75
C SER K 582 -63.41 -3.09 -52.89
N GLN K 583 -64.64 -3.05 -53.43
CA GLN K 583 -65.78 -3.65 -52.74
C GLN K 583 -65.62 -5.14 -52.59
N PHE K 584 -64.97 -5.78 -53.55
CA PHE K 584 -64.57 -7.17 -53.40
C PHE K 584 -63.50 -7.30 -52.33
N LEU K 585 -62.55 -6.37 -52.33
CA LEU K 585 -61.43 -6.40 -51.40
C LEU K 585 -61.88 -6.20 -49.96
N LYS K 586 -62.80 -5.28 -49.74
CA LYS K 586 -63.27 -5.01 -48.39
C LYS K 586 -64.16 -6.14 -47.89
N TYR K 587 -64.90 -6.79 -48.81
CA TYR K 587 -65.80 -7.85 -48.39
C TYR K 587 -65.06 -9.09 -47.93
N VAL K 588 -63.93 -9.39 -48.58
CA VAL K 588 -63.16 -10.58 -48.24
C VAL K 588 -62.56 -10.43 -46.84
N VAL K 589 -61.91 -9.30 -46.58
CA VAL K 589 -61.41 -9.04 -45.24
C VAL K 589 -62.56 -8.75 -44.27
N GLY K 590 -63.72 -8.35 -44.78
CA GLY K 590 -64.84 -8.09 -43.91
C GLY K 590 -65.56 -9.31 -43.37
N PHE K 591 -65.45 -10.45 -44.04
CA PHE K 591 -66.23 -11.62 -43.66
C PHE K 591 -65.38 -12.81 -43.22
N ALA K 592 -64.40 -13.19 -44.03
CA ALA K 592 -63.76 -14.49 -43.85
C ALA K 592 -62.77 -14.48 -42.70
N PRO K 593 -62.64 -15.60 -42.00
CA PRO K 593 -61.61 -15.72 -40.96
C PRO K 593 -60.22 -15.81 -41.59
N ARG K 594 -59.22 -15.43 -40.79
CA ARG K 594 -57.81 -15.35 -41.19
C ARG K 594 -57.62 -14.49 -42.44
N SER K 595 -58.18 -13.29 -42.39
CA SER K 595 -58.18 -12.39 -43.53
C SER K 595 -57.29 -11.19 -43.25
N VAL K 596 -56.44 -10.85 -44.22
CA VAL K 596 -55.54 -9.71 -44.11
C VAL K 596 -55.70 -8.88 -45.37
N TYR K 597 -56.09 -7.62 -45.20
CA TYR K 597 -56.10 -6.67 -46.30
C TYR K 597 -54.92 -5.72 -46.17
N THR K 598 -54.27 -5.45 -47.30
CA THR K 598 -53.30 -4.37 -47.42
C THR K 598 -53.16 -3.95 -48.87
N SER K 599 -53.13 -2.64 -49.10
CA SER K 599 -52.70 -2.09 -50.38
C SER K 599 -51.27 -1.61 -50.19
N GLY K 600 -50.37 -2.58 -50.02
CA GLY K 600 -49.05 -2.28 -49.53
C GLY K 600 -48.13 -1.65 -50.54
N LYS K 601 -47.90 -0.35 -50.39
CA LYS K 601 -46.87 0.35 -51.15
C LYS K 601 -45.95 1.07 -50.17
N ALA K 602 -46.55 1.63 -49.12
CA ALA K 602 -45.75 2.21 -48.05
C ALA K 602 -45.17 1.12 -47.15
N SER K 603 -45.75 -0.07 -47.20
CA SER K 603 -45.21 -1.19 -46.46
C SER K 603 -43.90 -1.66 -47.08
N SER K 604 -43.01 -2.18 -46.24
CA SER K 604 -41.75 -2.72 -46.74
C SER K 604 -41.97 -4.08 -47.36
N ALA K 605 -40.91 -4.60 -47.98
CA ALA K 605 -40.90 -6.00 -48.36
C ALA K 605 -40.83 -6.90 -47.15
N ALA K 606 -40.19 -6.42 -46.08
CA ALA K 606 -40.00 -7.22 -44.87
C ALA K 606 -41.19 -7.10 -43.95
N GLY K 607 -42.23 -6.36 -44.37
CA GLY K 607 -43.44 -6.24 -43.59
C GLY K 607 -44.21 -7.54 -43.63
N LEU K 608 -44.26 -8.16 -44.81
CA LEU K 608 -44.84 -9.48 -44.97
C LEU K 608 -43.84 -10.58 -44.63
N THR K 609 -42.63 -10.20 -44.24
CA THR K 609 -41.61 -11.14 -43.86
C THR K 609 -41.42 -10.93 -42.36
N ALA K 610 -40.46 -11.60 -41.75
CA ALA K 610 -40.30 -11.52 -40.32
C ALA K 610 -39.30 -10.42 -39.94
N ALA K 611 -39.43 -9.95 -38.71
CA ALA K 611 -38.53 -8.92 -38.22
C ALA K 611 -37.73 -9.56 -37.10
N VAL K 612 -36.42 -9.45 -37.13
CA VAL K 612 -35.60 -10.04 -36.08
C VAL K 612 -35.50 -9.10 -34.90
N VAL K 613 -36.58 -8.99 -34.12
CA VAL K 613 -36.57 -8.12 -32.97
C VAL K 613 -35.53 -8.71 -32.04
N ARG K 614 -34.65 -7.89 -31.49
CA ARG K 614 -33.63 -8.40 -30.62
C ARG K 614 -33.45 -7.53 -29.40
N ASP K 615 -33.07 -8.16 -28.31
CA ASP K 615 -32.82 -7.46 -27.05
C ASP K 615 -34.08 -6.94 -26.38
N GLU K 616 -35.17 -7.71 -26.41
CA GLU K 616 -36.23 -7.51 -25.43
C GLU K 616 -35.79 -8.00 -24.06
N GLU K 617 -34.80 -8.89 -24.05
CA GLU K 617 -34.18 -9.39 -22.84
C GLU K 617 -32.72 -9.67 -23.18
N GLY K 618 -32.09 -10.54 -22.39
CA GLY K 618 -30.72 -10.94 -22.67
C GLY K 618 -30.63 -11.99 -23.77
N GLY K 619 -30.81 -11.58 -25.02
CA GLY K 619 -30.82 -12.52 -26.13
C GLY K 619 -32.20 -13.00 -26.51
N ASP K 620 -33.09 -12.05 -26.84
CA ASP K 620 -34.50 -12.38 -27.05
C ASP K 620 -34.72 -13.11 -28.38
N TYR K 621 -34.05 -12.63 -29.46
CA TYR K 621 -34.18 -13.05 -30.86
C TYR K 621 -35.61 -13.23 -31.35
N THR K 622 -36.54 -12.44 -30.84
CA THR K 622 -37.96 -12.75 -30.95
C THR K 622 -38.50 -12.42 -32.34
N ILE K 623 -38.95 -13.45 -33.04
CA ILE K 623 -39.47 -13.36 -34.40
C ILE K 623 -40.90 -12.89 -34.35
N GLU K 624 -41.25 -11.89 -35.16
CA GLU K 624 -42.62 -11.41 -35.21
C GLU K 624 -43.49 -12.34 -36.05
N ALA K 625 -44.76 -11.94 -36.21
CA ALA K 625 -45.66 -12.71 -37.07
C ALA K 625 -45.37 -12.48 -38.54
N GLY K 626 -45.28 -11.22 -38.96
CA GLY K 626 -45.13 -10.92 -40.36
C GLY K 626 -46.45 -10.96 -41.10
N ALA K 627 -46.65 -9.97 -41.98
CA ALA K 627 -47.95 -9.68 -42.54
C ALA K 627 -48.45 -10.73 -43.53
N LEU K 628 -47.59 -11.61 -44.02
CA LEU K 628 -48.02 -12.65 -44.93
C LEU K 628 -48.49 -13.91 -44.25
N MET K 629 -47.73 -14.43 -43.27
CA MET K 629 -47.94 -15.76 -42.75
C MET K 629 -49.22 -15.89 -41.93
N LEU K 630 -49.64 -14.82 -41.26
CA LEU K 630 -50.68 -14.93 -40.24
C LEU K 630 -52.09 -15.10 -40.82
N ALA K 631 -52.24 -15.18 -42.14
CA ALA K 631 -53.50 -15.60 -42.74
C ALA K 631 -53.49 -17.09 -43.07
N ASP K 632 -53.15 -17.91 -42.07
CA ASP K 632 -52.97 -19.35 -42.26
C ASP K 632 -54.32 -20.01 -42.48
N ASN K 633 -54.42 -20.75 -43.59
CA ASN K 633 -55.68 -21.25 -44.15
C ASN K 633 -56.68 -20.10 -44.32
N GLY K 634 -56.19 -18.99 -44.83
CA GLY K 634 -57.00 -17.81 -45.03
C GLY K 634 -56.52 -17.00 -46.22
N ILE K 635 -57.30 -15.99 -46.61
CA ILE K 635 -57.01 -15.20 -47.80
C ILE K 635 -56.27 -13.96 -47.35
N CYS K 636 -55.05 -13.79 -47.85
CA CYS K 636 -54.30 -12.55 -47.67
C CYS K 636 -54.26 -11.83 -49.01
N CYS K 637 -55.01 -10.74 -49.10
CA CYS K 637 -55.15 -10.00 -50.35
C CYS K 637 -54.25 -8.77 -50.35
N ILE K 638 -53.46 -8.64 -51.42
CA ILE K 638 -52.49 -7.56 -51.56
C ILE K 638 -52.76 -6.88 -52.89
N ASP K 639 -52.76 -5.56 -52.89
CA ASP K 639 -53.10 -4.79 -54.08
C ASP K 639 -51.86 -4.22 -54.72
N GLU K 640 -52.00 -3.85 -56.00
CA GLU K 640 -51.08 -2.97 -56.72
C GLU K 640 -49.67 -3.54 -56.81
N PHE K 641 -49.57 -4.64 -57.56
CA PHE K 641 -48.28 -5.30 -57.80
C PHE K 641 -47.31 -4.38 -58.53
N ASP K 642 -47.83 -3.54 -59.41
CA ASP K 642 -46.97 -2.65 -60.19
C ASP K 642 -46.35 -1.57 -59.32
N LYS K 643 -46.99 -1.23 -58.21
CA LYS K 643 -46.46 -0.23 -57.30
C LYS K 643 -45.37 -0.78 -56.39
N MET K 644 -45.13 -2.09 -56.43
CA MET K 644 -44.10 -2.73 -55.62
C MET K 644 -42.94 -3.15 -56.50
N ASP K 645 -41.80 -3.39 -55.85
CA ASP K 645 -40.56 -3.65 -56.56
C ASP K 645 -40.28 -5.14 -56.65
N ILE K 646 -39.09 -5.48 -57.14
CA ILE K 646 -38.77 -6.83 -57.59
C ILE K 646 -38.47 -7.78 -56.44
N SER K 647 -37.95 -7.26 -55.33
CA SER K 647 -37.51 -8.13 -54.24
C SER K 647 -38.68 -8.78 -53.53
N ASP K 648 -39.81 -8.06 -53.42
CA ASP K 648 -41.03 -8.66 -52.94
C ASP K 648 -41.50 -9.74 -53.90
N GLN K 649 -41.38 -9.49 -55.21
CA GLN K 649 -41.87 -10.40 -56.22
C GLN K 649 -41.12 -11.73 -56.21
N VAL K 650 -39.85 -11.71 -55.86
CA VAL K 650 -39.14 -12.96 -55.63
C VAL K 650 -39.60 -13.60 -54.33
N ALA K 651 -39.78 -12.77 -53.29
CA ALA K 651 -40.25 -13.27 -52.01
C ALA K 651 -41.69 -13.77 -52.08
N ILE K 652 -42.50 -13.15 -52.93
CA ILE K 652 -43.80 -13.74 -53.25
C ILE K 652 -43.61 -15.05 -54.00
N HIS K 653 -42.67 -15.08 -54.95
CA HIS K 653 -42.45 -16.29 -55.73
C HIS K 653 -41.83 -17.40 -54.87
N GLU K 654 -41.08 -17.02 -53.83
CA GLU K 654 -40.69 -18.00 -52.83
C GLU K 654 -41.92 -18.55 -52.10
N ALA K 655 -42.83 -17.68 -51.70
CA ALA K 655 -44.07 -18.12 -51.09
C ALA K 655 -44.97 -18.88 -52.05
N MET K 656 -44.91 -18.59 -53.35
CA MET K 656 -45.75 -19.27 -54.30
C MET K 656 -45.15 -20.55 -54.85
N GLU K 657 -43.86 -20.80 -54.62
CA GLU K 657 -43.22 -22.02 -55.07
C GLU K 657 -42.66 -22.85 -53.92
N GLN K 658 -41.83 -22.24 -53.07
CA GLN K 658 -41.26 -22.99 -51.95
C GLN K 658 -42.26 -23.17 -50.82
N GLN K 659 -43.25 -22.26 -50.71
CA GLN K 659 -44.23 -22.17 -49.65
C GLN K 659 -43.60 -22.00 -48.26
N THR K 660 -42.38 -21.51 -48.20
CA THR K 660 -41.61 -21.33 -46.97
C THR K 660 -41.00 -19.94 -46.99
N ILE K 661 -40.40 -19.55 -45.87
CA ILE K 661 -39.70 -18.26 -45.75
C ILE K 661 -38.33 -18.53 -45.16
N SER K 662 -37.29 -18.14 -45.89
CA SER K 662 -35.91 -18.28 -45.43
C SER K 662 -35.42 -16.96 -44.86
N ILE K 663 -34.67 -17.04 -43.76
CA ILE K 663 -34.23 -15.86 -43.01
C ILE K 663 -32.76 -16.00 -42.67
N ALA K 664 -31.96 -15.03 -43.09
CA ALA K 664 -30.60 -14.81 -42.55
C ALA K 664 -30.44 -13.30 -42.40
N LYS K 665 -30.81 -12.77 -41.25
CA LYS K 665 -30.89 -11.33 -41.05
C LYS K 665 -29.96 -10.91 -39.92
N ALA K 666 -28.69 -10.68 -40.26
CA ALA K 666 -27.66 -10.10 -39.40
C ALA K 666 -27.48 -10.92 -38.12
N GLY K 667 -27.06 -12.16 -38.31
CA GLY K 667 -26.97 -13.06 -37.18
C GLY K 667 -27.79 -14.32 -37.35
N ILE K 668 -28.87 -14.43 -36.59
CA ILE K 668 -29.62 -15.67 -36.41
C ILE K 668 -30.28 -16.06 -37.73
N HIS K 669 -29.84 -17.17 -38.29
CA HIS K 669 -30.51 -17.75 -39.44
C HIS K 669 -31.76 -18.49 -38.99
N ALA K 670 -32.81 -18.44 -39.81
CA ALA K 670 -34.05 -19.09 -39.46
C ALA K 670 -34.81 -19.46 -40.73
N THR K 671 -35.78 -20.36 -40.57
CA THR K 671 -36.71 -20.70 -41.64
C THR K 671 -38.12 -20.54 -41.12
N LEU K 672 -39.02 -20.13 -42.00
CA LEU K 672 -40.44 -20.05 -41.69
C LEU K 672 -41.22 -20.75 -42.79
N ASN K 673 -42.54 -20.61 -42.74
CA ASN K 673 -43.41 -21.32 -43.66
C ASN K 673 -44.42 -20.35 -44.25
N ALA K 674 -45.20 -20.84 -45.21
CA ALA K 674 -46.24 -20.04 -45.83
C ALA K 674 -47.31 -20.96 -46.38
N ARG K 675 -48.46 -21.02 -45.71
CA ARG K 675 -49.63 -21.74 -46.20
C ARG K 675 -50.79 -20.77 -46.18
N THR K 676 -50.86 -19.92 -47.21
CA THR K 676 -51.88 -18.89 -47.36
C THR K 676 -52.38 -18.89 -48.80
N SER K 677 -53.52 -18.26 -49.00
CA SER K 677 -54.05 -18.02 -50.34
C SER K 677 -54.01 -16.52 -50.60
N ILE K 678 -53.59 -16.15 -51.81
CA ILE K 678 -53.31 -14.76 -52.15
C ILE K 678 -54.27 -14.32 -53.24
N LEU K 679 -54.95 -13.20 -53.01
CA LEU K 679 -55.79 -12.56 -54.01
C LEU K 679 -55.09 -11.27 -54.42
N ALA K 680 -55.13 -10.97 -55.72
CA ALA K 680 -54.36 -9.87 -56.28
C ALA K 680 -55.27 -8.80 -56.87
N ALA K 681 -54.75 -7.57 -56.91
CA ALA K 681 -55.46 -6.44 -57.50
C ALA K 681 -54.41 -5.48 -58.06
N ALA K 682 -54.13 -5.60 -59.35
CA ALA K 682 -53.20 -4.69 -60.01
C ALA K 682 -53.95 -3.90 -61.09
N ASN K 683 -53.23 -3.08 -61.85
CA ASN K 683 -53.82 -2.17 -62.80
C ASN K 683 -53.09 -2.30 -64.13
N PRO K 684 -53.74 -1.95 -65.25
CA PRO K 684 -53.03 -1.92 -66.53
C PRO K 684 -52.02 -0.79 -66.61
N VAL K 685 -51.12 -0.85 -67.59
CA VAL K 685 -50.07 0.16 -67.74
C VAL K 685 -50.67 1.50 -68.16
N GLY K 686 -51.44 1.49 -69.25
CA GLY K 686 -52.21 2.67 -69.60
C GLY K 686 -53.51 2.80 -68.85
N GLY K 687 -53.81 1.87 -67.95
CA GLY K 687 -55.03 1.88 -67.18
C GLY K 687 -56.19 1.14 -67.81
N ARG K 688 -56.24 1.05 -69.13
CA ARG K 688 -57.34 0.40 -69.83
C ARG K 688 -56.76 -0.71 -70.69
N TYR K 689 -57.63 -1.53 -71.27
CA TYR K 689 -57.20 -2.67 -72.07
C TYR K 689 -57.12 -2.26 -73.53
N ASN K 690 -56.01 -2.60 -74.17
CA ASN K 690 -55.91 -2.51 -75.63
C ASN K 690 -56.27 -3.89 -76.16
N ARG K 691 -57.38 -3.95 -76.89
CA ARG K 691 -57.93 -5.25 -77.29
C ARG K 691 -57.11 -5.87 -78.42
N LYS K 692 -56.43 -5.05 -79.22
CA LYS K 692 -55.51 -5.60 -80.20
C LYS K 692 -54.24 -6.12 -79.54
N LEU K 693 -53.90 -5.65 -78.34
CA LEU K 693 -52.77 -6.20 -77.63
C LEU K 693 -53.18 -7.41 -76.81
N SER K 694 -52.17 -8.19 -76.41
CA SER K 694 -52.41 -9.37 -75.61
C SER K 694 -52.50 -9.01 -74.13
N LEU K 695 -52.94 -9.99 -73.34
CA LEU K 695 -52.91 -9.83 -71.89
C LEU K 695 -51.49 -9.83 -71.37
N ARG K 696 -50.57 -10.54 -72.04
CA ARG K 696 -49.20 -10.64 -71.59
C ARG K 696 -48.44 -9.33 -71.71
N GLY K 697 -48.87 -8.45 -72.60
CA GLY K 697 -48.31 -7.12 -72.68
C GLY K 697 -48.91 -6.11 -71.73
N ASN K 698 -49.48 -6.57 -70.62
CA ASN K 698 -50.23 -5.70 -69.74
C ASN K 698 -49.92 -5.88 -68.26
N LEU K 699 -49.23 -6.96 -67.87
CA LEU K 699 -48.95 -7.19 -66.45
C LEU K 699 -47.78 -6.35 -65.95
N ASN K 700 -46.76 -6.16 -66.81
CA ASN K 700 -45.50 -5.50 -66.47
C ASN K 700 -44.81 -6.20 -65.30
N MET K 701 -44.67 -7.52 -65.38
CA MET K 701 -43.97 -8.31 -64.37
C MET K 701 -43.33 -9.51 -65.06
N THR K 702 -42.63 -10.33 -64.27
CA THR K 702 -41.91 -11.43 -64.88
C THR K 702 -42.83 -12.63 -65.12
N ALA K 703 -42.27 -13.63 -65.81
CA ALA K 703 -43.06 -14.74 -66.29
C ALA K 703 -43.52 -15.75 -65.23
N PRO K 704 -42.67 -16.28 -64.33
CA PRO K 704 -43.16 -17.39 -63.47
C PRO K 704 -44.16 -16.96 -62.43
N ILE K 705 -44.11 -15.73 -61.92
CA ILE K 705 -45.18 -15.22 -61.08
C ILE K 705 -46.45 -15.01 -61.87
N MET K 706 -46.36 -14.76 -63.17
CA MET K 706 -47.52 -14.81 -64.03
C MET K 706 -47.94 -16.25 -64.28
N SER K 707 -46.97 -17.13 -64.55
CA SER K 707 -47.26 -18.53 -64.84
C SER K 707 -47.80 -19.28 -63.64
N ARG K 708 -47.48 -18.83 -62.43
CA ARG K 708 -48.02 -19.45 -61.22
C ARG K 708 -49.50 -19.13 -61.05
N PHE K 709 -49.97 -18.01 -61.59
CA PHE K 709 -51.31 -17.53 -61.32
C PHE K 709 -52.34 -18.35 -62.09
N ASP K 710 -53.48 -18.61 -61.47
CA ASP K 710 -54.43 -19.57 -62.04
C ASP K 710 -55.51 -18.86 -62.85
N LEU K 711 -56.27 -17.98 -62.22
CA LEU K 711 -57.42 -17.34 -62.85
C LEU K 711 -57.19 -15.84 -62.93
N PHE K 712 -57.78 -15.21 -63.95
CA PHE K 712 -57.38 -13.86 -64.33
C PHE K 712 -58.48 -12.83 -64.24
N PHE K 713 -59.66 -13.11 -64.80
CA PHE K 713 -60.89 -12.32 -64.61
C PHE K 713 -60.73 -10.87 -65.06
N VAL K 714 -60.62 -10.70 -66.38
CA VAL K 714 -60.67 -9.36 -66.95
C VAL K 714 -62.11 -8.85 -66.94
N ILE K 715 -62.31 -7.65 -66.42
CA ILE K 715 -63.61 -6.99 -66.39
C ILE K 715 -63.51 -5.64 -67.06
N LEU K 716 -64.33 -5.41 -68.09
CA LEU K 716 -64.53 -4.10 -68.67
C LEU K 716 -65.99 -3.97 -69.01
N ASP K 717 -66.52 -2.75 -68.83
CA ASP K 717 -67.96 -2.52 -68.88
C ASP K 717 -68.34 -1.67 -70.08
N ASP K 718 -69.62 -1.75 -70.45
CA ASP K 718 -70.21 -0.98 -71.54
C ASP K 718 -71.38 -0.16 -71.01
N CYS K 719 -72.11 0.45 -71.94
CA CYS K 719 -73.39 1.08 -71.62
C CYS K 719 -74.50 0.26 -72.26
N ASN K 720 -75.56 0.00 -71.49
CA ASN K 720 -76.75 -0.63 -72.04
C ASN K 720 -77.93 -0.10 -71.24
N GLU K 721 -78.92 0.44 -71.96
CA GLU K 721 -79.88 1.37 -71.37
C GLU K 721 -80.79 0.71 -70.35
N LYS K 722 -81.01 -0.60 -70.44
CA LYS K 722 -81.70 -1.31 -69.37
C LYS K 722 -80.80 -1.42 -68.16
N ILE K 723 -79.56 -1.87 -68.37
CA ILE K 723 -78.61 -2.10 -67.29
C ILE K 723 -78.14 -0.77 -66.70
N ASP K 724 -78.03 0.27 -67.53
CA ASP K 724 -77.64 1.59 -67.05
C ASP K 724 -78.68 2.16 -66.09
N THR K 725 -79.96 1.84 -66.32
CA THR K 725 -80.97 2.13 -65.31
C THR K 725 -80.87 1.17 -64.13
N GLU K 726 -80.54 -0.10 -64.39
CA GLU K 726 -80.41 -1.07 -63.31
C GLU K 726 -79.20 -0.76 -62.44
N LEU K 727 -78.14 -0.19 -63.02
CA LEU K 727 -77.06 0.34 -62.21
C LEU K 727 -77.53 1.57 -61.43
N ALA K 728 -78.39 2.38 -62.05
CA ALA K 728 -78.90 3.56 -61.38
C ALA K 728 -79.88 3.18 -60.27
N SER K 729 -80.70 2.16 -60.51
CA SER K 729 -81.67 1.75 -59.50
C SER K 729 -81.00 1.06 -58.33
N HIS K 730 -79.93 0.31 -58.57
CA HIS K 730 -79.34 -0.50 -57.51
C HIS K 730 -78.55 0.36 -56.53
N ILE K 731 -77.81 1.34 -57.03
CA ILE K 731 -76.92 2.12 -56.18
C ILE K 731 -77.71 3.10 -55.33
N VAL K 732 -78.73 3.74 -55.92
CA VAL K 732 -79.53 4.71 -55.17
C VAL K 732 -80.37 4.02 -54.11
N ASP K 733 -80.85 2.79 -54.40
CA ASP K 733 -81.62 2.06 -53.40
C ASP K 733 -80.76 1.56 -52.25
N LEU K 734 -79.44 1.51 -52.43
CA LEU K 734 -78.57 1.29 -51.28
C LEU K 734 -78.53 2.54 -50.40
N HIS K 735 -78.45 3.71 -51.01
CA HIS K 735 -78.55 4.98 -50.30
C HIS K 735 -79.95 5.26 -49.80
N MET K 736 -80.96 4.61 -50.38
CA MET K 736 -82.23 4.49 -49.70
C MET K 736 -82.02 3.61 -48.48
N LYS K 737 -81.96 4.22 -47.31
CA LYS K 737 -81.83 3.44 -46.10
C LYS K 737 -83.14 2.71 -45.78
N ARG K 738 -84.26 3.22 -46.28
CA ARG K 738 -85.47 2.43 -46.39
C ARG K 738 -85.28 1.43 -47.52
N ASP K 739 -85.72 0.18 -47.28
CA ASP K 739 -85.67 -0.93 -48.23
C ASP K 739 -84.25 -1.28 -48.64
N GLU K 740 -83.28 -1.08 -47.75
CA GLU K 740 -81.92 -1.54 -47.96
C GLU K 740 -81.71 -2.94 -47.41
N ALA K 741 -82.80 -3.62 -47.02
CA ALA K 741 -82.69 -4.95 -46.45
C ALA K 741 -82.95 -6.02 -47.51
N ILE K 742 -82.43 -5.80 -48.72
CA ILE K 742 -82.47 -6.74 -49.84
C ILE K 742 -81.91 -8.10 -49.41
N GLU K 743 -82.53 -9.17 -49.88
CA GLU K 743 -82.38 -10.45 -49.21
C GLU K 743 -81.56 -11.42 -50.05
N PRO K 744 -80.38 -11.81 -49.59
CA PRO K 744 -79.78 -13.05 -50.06
C PRO K 744 -80.56 -14.23 -49.50
N PRO K 745 -80.51 -15.39 -50.16
CA PRO K 745 -81.24 -16.55 -49.64
C PRO K 745 -80.70 -17.10 -48.33
N PHE K 746 -79.44 -16.82 -48.00
CA PHE K 746 -78.87 -17.20 -46.71
C PHE K 746 -78.47 -15.98 -45.92
N SER K 747 -78.42 -16.12 -44.60
CA SER K 747 -77.79 -15.10 -43.79
C SER K 747 -76.28 -15.28 -43.82
N ALA K 748 -75.57 -14.32 -43.24
CA ALA K 748 -74.11 -14.32 -43.33
C ALA K 748 -73.50 -15.39 -42.43
N GLU K 749 -74.13 -15.66 -41.30
CA GLU K 749 -73.48 -16.52 -40.31
C GLU K 749 -73.87 -17.97 -40.44
N GLN K 750 -75.05 -18.27 -40.98
CA GLN K 750 -75.30 -19.66 -41.36
C GLN K 750 -74.52 -20.03 -42.62
N LEU K 751 -74.17 -19.03 -43.44
CA LEU K 751 -73.20 -19.25 -44.50
C LEU K 751 -71.83 -19.52 -43.91
N ARG K 752 -71.44 -18.73 -42.91
CA ARG K 752 -70.17 -18.97 -42.22
C ARG K 752 -70.18 -20.29 -41.48
N ARG K 753 -71.35 -20.68 -40.96
CA ARG K 753 -71.53 -22.03 -40.44
C ARG K 753 -71.40 -23.07 -41.55
N TYR K 754 -71.87 -22.73 -42.75
CA TYR K 754 -71.84 -23.68 -43.85
C TYR K 754 -70.43 -23.91 -44.37
N ILE K 755 -69.53 -22.95 -44.16
CA ILE K 755 -68.13 -23.15 -44.53
C ILE K 755 -67.50 -24.19 -43.62
N LYS K 756 -67.87 -24.18 -42.34
CA LYS K 756 -67.24 -25.07 -41.35
C LYS K 756 -67.68 -26.51 -41.53
N TYR K 757 -68.96 -26.74 -41.85
CA TYR K 757 -69.41 -28.10 -42.12
C TYR K 757 -68.81 -28.63 -43.41
N ALA K 758 -68.54 -27.74 -44.36
CA ALA K 758 -68.05 -28.17 -45.68
C ALA K 758 -66.60 -28.61 -45.65
N ARG K 759 -65.84 -28.20 -44.63
CA ARG K 759 -64.41 -28.47 -44.60
C ARG K 759 -64.10 -29.93 -44.29
N THR K 760 -65.05 -30.67 -43.74
CA THR K 760 -64.84 -32.07 -43.34
C THR K 760 -65.32 -33.08 -44.38
N PHE K 761 -65.18 -32.79 -45.67
CA PHE K 761 -65.73 -33.69 -46.67
C PHE K 761 -64.64 -34.60 -47.24
N LYS K 762 -63.50 -34.02 -47.63
CA LYS K 762 -62.29 -34.67 -48.16
C LYS K 762 -62.62 -35.56 -49.36
N PRO K 763 -62.82 -34.99 -50.54
CA PRO K 763 -63.27 -35.77 -51.69
C PRO K 763 -62.18 -36.63 -52.32
N ILE K 764 -62.53 -37.89 -52.54
CA ILE K 764 -61.70 -38.83 -53.29
C ILE K 764 -62.39 -39.08 -54.62
N LEU K 765 -61.75 -38.66 -55.71
CA LEU K 765 -62.33 -38.89 -57.03
C LEU K 765 -62.23 -40.37 -57.38
N THR K 766 -63.38 -40.98 -57.65
CA THR K 766 -63.47 -42.42 -57.88
C THR K 766 -64.35 -42.64 -59.12
N LYS K 767 -64.04 -41.89 -60.17
CA LYS K 767 -64.85 -41.89 -61.37
C LYS K 767 -63.99 -42.29 -62.57
N GLU K 768 -64.57 -43.13 -63.43
CA GLU K 768 -63.92 -43.55 -64.66
C GLU K 768 -63.70 -42.39 -65.63
N ALA K 769 -64.46 -41.30 -65.50
CA ALA K 769 -64.30 -40.13 -66.36
C ALA K 769 -63.02 -39.33 -66.10
N ARG K 770 -62.09 -39.80 -65.25
CA ARG K 770 -60.74 -39.22 -65.24
C ARG K 770 -60.04 -39.47 -66.56
N SER K 771 -60.39 -40.56 -67.25
CA SER K 771 -59.88 -40.79 -68.60
C SER K 771 -60.66 -39.98 -69.61
N TYR K 772 -61.97 -39.82 -69.40
CA TYR K 772 -62.77 -38.94 -70.23
C TYR K 772 -62.37 -37.48 -70.05
N LEU K 773 -61.78 -37.15 -68.91
CA LEU K 773 -61.23 -35.82 -68.67
C LEU K 773 -60.05 -35.53 -69.59
N VAL K 774 -59.33 -36.56 -70.03
CA VAL K 774 -58.10 -36.34 -70.78
C VAL K 774 -58.41 -35.83 -72.19
N GLU K 775 -59.29 -36.54 -72.91
CA GLU K 775 -59.72 -36.04 -74.21
C GLU K 775 -60.57 -34.79 -74.10
N LYS K 776 -61.24 -34.59 -72.95
CA LYS K 776 -61.84 -33.29 -72.68
C LYS K 776 -60.76 -32.22 -72.52
N TYR K 777 -59.65 -32.57 -71.87
CA TYR K 777 -58.52 -31.64 -71.81
C TYR K 777 -57.80 -31.55 -73.14
N LYS K 778 -57.87 -32.61 -73.95
CA LYS K 778 -57.20 -32.57 -75.25
C LYS K 778 -57.92 -31.64 -76.21
N GLU K 779 -59.25 -31.64 -76.20
CA GLU K 779 -60.00 -30.73 -77.04
C GLU K 779 -59.99 -29.31 -76.52
N LEU K 780 -59.49 -29.09 -75.29
CA LEU K 780 -59.12 -27.73 -74.87
C LEU K 780 -57.85 -27.29 -75.58
N ARG K 781 -57.06 -28.25 -76.08
CA ARG K 781 -55.78 -27.93 -76.69
C ARG K 781 -55.81 -28.08 -78.21
N LYS K 782 -56.70 -28.90 -78.75
CA LYS K 782 -56.81 -29.07 -80.18
C LYS K 782 -57.31 -27.82 -80.89
N ASP K 783 -58.23 -27.09 -80.27
CA ASP K 783 -58.59 -25.76 -80.75
C ASP K 783 -57.54 -24.71 -80.37
N ASP K 784 -56.84 -24.90 -79.26
CA ASP K 784 -55.66 -24.09 -78.95
C ASP K 784 -54.45 -24.49 -79.78
N ALA K 785 -54.51 -25.61 -80.50
CA ALA K 785 -53.47 -25.91 -81.49
C ALA K 785 -53.62 -25.00 -82.70
N GLN K 786 -54.79 -24.41 -82.88
CA GLN K 786 -55.04 -23.43 -83.93
C GLN K 786 -55.09 -22.03 -83.32
N GLY K 787 -54.55 -21.07 -84.04
CA GLY K 787 -54.65 -19.68 -83.63
C GLY K 787 -53.82 -19.30 -82.42
N PHE K 788 -52.50 -19.27 -82.58
CA PHE K 788 -51.60 -18.78 -81.55
C PHE K 788 -51.40 -17.26 -81.62
N SER K 789 -52.32 -16.55 -82.26
CA SER K 789 -52.13 -15.12 -82.47
C SER K 789 -52.52 -14.31 -81.24
N ARG K 790 -53.76 -14.41 -80.80
CA ARG K 790 -54.29 -13.57 -79.74
C ARG K 790 -54.17 -14.28 -78.40
N SER K 791 -53.13 -13.89 -77.65
CA SER K 791 -52.84 -14.41 -76.30
C SER K 791 -52.71 -15.93 -76.29
N SER K 792 -51.70 -16.45 -76.98
CA SER K 792 -51.44 -17.88 -76.97
C SER K 792 -50.91 -18.29 -75.61
N TYR K 793 -51.12 -19.56 -75.27
CA TYR K 793 -50.62 -20.09 -74.02
C TYR K 793 -49.99 -21.46 -74.24
N ARG K 794 -48.87 -21.66 -73.57
CA ARG K 794 -48.19 -22.94 -73.58
C ARG K 794 -48.88 -23.93 -72.68
N ILE K 795 -50.01 -24.50 -73.15
CA ILE K 795 -51.10 -25.06 -72.34
C ILE K 795 -50.59 -26.06 -71.32
N THR K 796 -50.81 -25.74 -70.05
CA THR K 796 -49.92 -26.23 -69.02
C THR K 796 -50.53 -27.42 -68.31
N VAL K 797 -49.66 -28.31 -67.83
CA VAL K 797 -50.03 -29.30 -66.83
C VAL K 797 -50.69 -28.64 -65.62
N ARG K 798 -50.16 -27.49 -65.20
CA ARG K 798 -50.77 -26.71 -64.12
C ARG K 798 -52.18 -26.24 -64.47
N GLN K 799 -52.44 -25.89 -65.73
CA GLN K 799 -53.80 -25.57 -66.15
C GLN K 799 -54.68 -26.80 -66.05
N LEU K 800 -54.17 -27.96 -66.46
CA LEU K 800 -54.85 -29.21 -66.18
C LEU K 800 -54.89 -29.51 -64.68
N GLU K 801 -53.83 -29.15 -63.96
CA GLU K 801 -53.84 -29.34 -62.52
C GLU K 801 -54.79 -28.36 -61.85
N SER K 802 -54.96 -27.17 -62.43
CA SER K 802 -55.95 -26.25 -61.90
C SER K 802 -57.37 -26.76 -62.13
N MET K 803 -57.57 -27.53 -63.19
CA MET K 803 -58.87 -28.15 -63.43
C MET K 803 -59.21 -29.15 -62.34
N ILE K 804 -58.19 -29.79 -61.77
CA ILE K 804 -58.40 -30.69 -60.65
C ILE K 804 -58.89 -29.94 -59.43
N ARG K 805 -58.11 -28.92 -59.00
CA ARG K 805 -58.40 -28.24 -57.76
C ARG K 805 -59.67 -27.40 -57.84
N LEU K 806 -60.06 -26.96 -59.04
CA LEU K 806 -61.32 -26.24 -59.18
C LEU K 806 -62.50 -27.17 -59.07
N SER K 807 -62.38 -28.39 -59.63
CA SER K 807 -63.46 -29.36 -59.54
C SER K 807 -63.59 -29.93 -58.14
N GLU K 808 -62.55 -29.77 -57.32
CA GLU K 808 -62.61 -30.16 -55.92
C GLU K 808 -63.65 -29.35 -55.16
N ALA K 809 -63.47 -28.03 -55.10
CA ALA K 809 -64.26 -27.20 -54.18
C ALA K 809 -65.69 -27.01 -54.67
N ILE K 810 -65.94 -27.31 -55.95
CA ILE K 810 -67.31 -27.31 -56.44
C ILE K 810 -68.11 -28.41 -55.78
N ALA K 811 -67.57 -29.63 -55.74
CA ALA K 811 -68.25 -30.73 -55.09
C ALA K 811 -68.22 -30.59 -53.57
N ARG K 812 -67.26 -29.81 -53.05
CA ARG K 812 -67.27 -29.47 -51.64
C ARG K 812 -68.45 -28.59 -51.30
N ALA K 813 -68.87 -27.73 -52.23
CA ALA K 813 -70.10 -26.98 -52.05
C ALA K 813 -71.33 -27.86 -52.26
N ASN K 814 -71.15 -29.01 -52.93
CA ASN K 814 -72.26 -29.89 -53.26
C ASN K 814 -72.47 -30.99 -52.24
N CYS K 815 -71.56 -31.11 -51.25
CA CYS K 815 -71.53 -32.20 -50.27
C CYS K 815 -71.50 -33.56 -50.98
N VAL K 816 -70.62 -33.66 -51.98
CA VAL K 816 -70.52 -34.83 -52.85
C VAL K 816 -69.07 -35.27 -52.91
N ASP K 817 -68.80 -36.51 -52.53
CA ASP K 817 -67.53 -37.16 -52.81
C ASP K 817 -67.71 -38.01 -54.07
N GLU K 818 -66.58 -38.52 -54.59
CA GLU K 818 -66.53 -39.33 -55.82
C GLU K 818 -67.07 -38.53 -57.01
N ILE K 819 -66.25 -37.55 -57.41
CA ILE K 819 -66.67 -36.41 -58.22
C ILE K 819 -67.21 -36.85 -59.58
N THR K 820 -68.40 -36.37 -59.91
CA THR K 820 -69.08 -36.65 -61.16
C THR K 820 -68.45 -35.87 -62.32
N PRO K 821 -68.56 -36.39 -63.56
CA PRO K 821 -68.07 -35.61 -64.71
C PRO K 821 -68.89 -34.38 -65.03
N SER K 822 -70.12 -34.28 -64.51
CA SER K 822 -70.85 -33.03 -64.60
C SER K 822 -70.16 -31.93 -63.81
N PHE K 823 -69.55 -32.29 -62.68
CA PHE K 823 -68.77 -31.33 -61.91
C PHE K 823 -67.49 -30.97 -62.65
N ILE K 824 -66.97 -31.90 -63.45
CA ILE K 824 -65.84 -31.61 -64.30
C ILE K 824 -66.22 -30.64 -65.40
N ALA K 825 -67.33 -30.92 -66.10
CA ALA K 825 -67.73 -30.16 -67.27
C ALA K 825 -68.08 -28.72 -66.93
N GLU K 826 -68.61 -28.48 -65.74
CA GLU K 826 -68.86 -27.11 -65.32
C GLU K 826 -67.55 -26.39 -65.04
N ALA K 827 -66.61 -27.07 -64.37
CA ALA K 827 -65.28 -26.52 -64.20
C ALA K 827 -64.53 -26.45 -65.52
N TYR K 828 -64.87 -27.33 -66.45
CA TYR K 828 -64.23 -27.32 -67.76
C TYR K 828 -64.61 -26.06 -68.54
N ASP K 829 -65.90 -25.74 -68.60
CA ASP K 829 -66.30 -24.55 -69.31
C ASP K 829 -65.94 -23.29 -68.54
N LEU K 830 -65.71 -23.41 -67.23
CA LEU K 830 -65.37 -22.25 -66.42
C LEU K 830 -64.02 -21.67 -66.82
N LEU K 831 -63.02 -22.53 -67.00
CA LEU K 831 -61.74 -22.02 -67.50
C LEU K 831 -61.78 -21.78 -69.00
N ARG K 832 -62.77 -22.34 -69.69
CA ARG K 832 -62.94 -22.03 -71.11
C ARG K 832 -63.31 -20.56 -71.30
N GLN K 833 -64.43 -20.12 -70.70
CA GLN K 833 -64.78 -18.71 -70.83
C GLN K 833 -63.91 -17.79 -69.98
N SER K 834 -63.08 -18.35 -69.09
CA SER K 834 -62.05 -17.55 -68.44
C SER K 834 -61.02 -17.06 -69.43
N ILE K 835 -60.67 -17.88 -70.41
CA ILE K 835 -59.70 -17.49 -71.42
C ILE K 835 -60.39 -16.84 -72.62
N ILE K 836 -61.70 -17.06 -72.79
CA ILE K 836 -62.46 -16.27 -73.75
C ILE K 836 -62.51 -14.81 -73.28
N ARG K 837 -62.46 -14.59 -71.97
CA ARG K 837 -62.21 -13.26 -71.44
C ARG K 837 -60.78 -12.77 -71.74
N VAL K 838 -59.87 -13.64 -72.14
CA VAL K 838 -58.50 -13.28 -72.43
C VAL K 838 -58.22 -13.23 -73.92
N ASP K 839 -58.83 -14.14 -74.69
CA ASP K 839 -58.45 -14.35 -76.08
C ASP K 839 -58.91 -13.22 -76.99
N VAL K 840 -59.86 -12.40 -76.51
CA VAL K 840 -60.41 -11.21 -77.18
C VAL K 840 -61.07 -11.56 -78.52
N ALA L 4 9.39 25.50 -0.36
CA ALA L 4 8.29 25.15 -1.24
C ALA L 4 7.38 26.35 -1.50
N LEU L 5 6.89 26.46 -2.74
CA LEU L 5 5.97 27.49 -3.22
C LEU L 5 6.52 28.89 -2.97
N PRO L 6 7.49 29.35 -3.75
CA PRO L 6 8.08 30.68 -3.53
C PRO L 6 7.17 31.81 -3.96
N SER L 7 7.68 33.04 -3.94
CA SER L 7 6.90 34.20 -4.32
C SER L 7 7.69 35.08 -5.28
N ILE L 8 6.96 35.86 -6.08
CA ILE L 8 7.56 36.76 -7.06
C ILE L 8 6.95 38.14 -6.89
N GLN L 9 7.80 39.15 -6.83
CA GLN L 9 7.34 40.53 -6.91
C GLN L 9 7.35 40.99 -8.37
N LEU L 10 6.40 41.85 -8.71
CA LEU L 10 6.22 42.38 -10.04
C LEU L 10 5.82 43.84 -9.93
N PRO L 11 6.08 44.65 -10.96
CA PRO L 11 5.75 46.09 -10.87
C PRO L 11 4.26 46.40 -10.86
N VAL L 12 3.38 45.42 -11.04
CA VAL L 12 1.95 45.68 -11.04
C VAL L 12 1.48 45.81 -9.59
N ASP L 13 0.77 46.89 -9.30
CA ASP L 13 0.21 47.13 -7.98
C ASP L 13 -1.30 46.98 -8.03
N TYR L 14 -1.90 46.71 -6.87
CA TYR L 14 -3.35 46.67 -6.72
C TYR L 14 -3.85 47.76 -5.79
N ASN L 15 -2.96 48.45 -5.09
CA ASN L 15 -3.36 49.35 -4.03
C ASN L 15 -3.67 50.75 -4.55
N ASN L 16 -2.66 51.43 -5.08
CA ASN L 16 -2.85 52.80 -5.56
C ASN L 16 -3.63 52.84 -6.86
N LEU L 17 -3.61 51.75 -7.62
CA LEU L 17 -4.49 51.62 -8.78
C LEU L 17 -5.94 51.64 -8.36
N PHE L 18 -6.27 51.02 -7.23
CA PHE L 18 -7.63 51.08 -6.73
C PHE L 18 -7.96 52.48 -6.22
N ASN L 19 -6.94 53.20 -5.75
CA ASN L 19 -7.16 54.56 -5.29
C ASN L 19 -7.40 55.50 -6.46
N GLU L 20 -6.57 55.40 -7.51
CA GLU L 20 -6.71 56.28 -8.65
C GLU L 20 -7.95 55.96 -9.47
N ILE L 21 -8.35 54.69 -9.51
CA ILE L 21 -9.54 54.32 -10.26
C ILE L 21 -10.81 54.82 -9.56
N THR L 22 -10.72 55.11 -8.27
CA THR L 22 -11.85 55.73 -7.58
C THR L 22 -12.01 57.17 -8.03
N ASP L 23 -10.88 57.87 -8.21
CA ASP L 23 -10.91 59.29 -8.58
C ASP L 23 -11.41 59.49 -10.00
N PHE L 24 -10.97 58.66 -10.94
CA PHE L 24 -11.44 58.77 -12.31
C PHE L 24 -12.90 58.39 -12.42
N LEU L 25 -13.37 57.48 -11.56
CA LEU L 25 -14.79 57.14 -11.54
C LEU L 25 -15.62 58.27 -10.95
N VAL L 26 -15.01 59.11 -10.12
CA VAL L 26 -15.71 60.27 -9.57
C VAL L 26 -15.46 61.50 -10.42
N THR L 27 -14.18 61.88 -10.55
CA THR L 27 -13.81 63.16 -11.16
C THR L 27 -13.77 62.98 -12.67
N PHE L 28 -14.91 63.23 -13.31
CA PHE L 28 -14.95 63.41 -14.75
C PHE L 28 -16.08 64.36 -15.08
N LYS L 29 -15.76 65.41 -15.84
CA LYS L 29 -16.69 66.50 -16.10
C LYS L 29 -16.90 66.74 -17.59
N GLN L 30 -15.97 66.31 -18.44
CA GLN L 30 -15.92 66.76 -19.84
C GLN L 30 -17.11 66.29 -20.65
N ASP L 31 -17.32 64.98 -20.74
CA ASP L 31 -18.42 64.46 -21.52
C ASP L 31 -19.27 63.53 -20.68
N LYS L 59 -24.50 67.46 -17.41
CA LYS L 59 -24.25 68.72 -16.73
C LYS L 59 -23.14 68.57 -15.68
N GLY L 60 -23.34 67.67 -14.74
CA GLY L 60 -22.35 67.42 -13.71
C GLY L 60 -21.39 66.32 -14.12
N PRO L 61 -21.21 65.33 -13.25
CA PRO L 61 -20.36 64.19 -13.58
C PRO L 61 -21.07 63.28 -14.58
N LYS L 62 -20.26 62.65 -15.43
CA LYS L 62 -20.81 61.82 -16.50
C LYS L 62 -21.40 60.53 -15.98
N TYR L 63 -20.56 59.68 -15.39
CA TYR L 63 -20.99 58.33 -15.07
C TYR L 63 -21.82 58.25 -13.81
N MET L 64 -21.77 59.27 -12.95
CA MET L 64 -22.69 59.28 -11.81
C MET L 64 -24.10 59.56 -12.25
N ALA L 65 -24.28 60.46 -13.22
CA ALA L 65 -25.58 60.64 -13.85
C ALA L 65 -26.00 59.36 -14.55
N MET L 66 -25.03 58.65 -15.14
CA MET L 66 -25.30 57.31 -15.62
C MET L 66 -25.59 56.37 -14.46
N LEU L 67 -24.83 56.48 -13.36
CA LEU L 67 -25.09 55.61 -12.22
C LEU L 67 -26.40 55.96 -11.55
N GLN L 68 -26.79 57.25 -11.57
CA GLN L 68 -28.11 57.61 -11.11
C GLN L 68 -29.18 57.05 -12.04
N LYS L 69 -28.88 56.98 -13.33
CA LYS L 69 -29.75 56.29 -14.28
C LYS L 69 -29.75 54.79 -14.04
N VAL L 70 -28.62 54.24 -13.57
CA VAL L 70 -28.63 52.87 -13.08
C VAL L 70 -29.43 52.78 -11.80
N ALA L 71 -29.25 53.77 -10.91
CA ALA L 71 -30.06 53.87 -9.70
C ALA L 71 -31.51 54.22 -10.00
N ASN L 72 -31.79 54.76 -11.19
CA ASN L 72 -33.15 54.92 -11.67
C ASN L 72 -33.79 53.57 -12.03
N ARG L 73 -32.98 52.50 -12.10
CA ARG L 73 -33.44 51.11 -12.26
C ARG L 73 -34.10 50.93 -13.62
N GLU L 74 -33.46 51.47 -14.65
CA GLU L 74 -34.00 51.45 -16.00
C GLU L 74 -32.96 51.04 -17.03
N LEU L 75 -31.82 50.51 -16.60
CA LEU L 75 -30.74 50.16 -17.50
C LEU L 75 -29.90 49.10 -16.83
N ASN L 76 -29.34 48.19 -17.64
CA ASN L 76 -28.62 47.05 -17.12
C ASN L 76 -27.15 47.01 -17.46
N SER L 77 -26.67 47.85 -18.37
CA SER L 77 -25.29 47.77 -18.84
C SER L 77 -24.48 48.93 -18.32
N VAL L 78 -23.17 48.71 -18.24
CA VAL L 78 -22.20 49.76 -17.94
C VAL L 78 -21.10 49.68 -18.99
N ILE L 79 -20.89 50.76 -19.73
CA ILE L 79 -19.95 50.78 -20.84
C ILE L 79 -18.78 51.65 -20.45
N ILE L 80 -17.58 51.09 -20.51
CA ILE L 80 -16.37 51.80 -20.17
C ILE L 80 -15.48 51.82 -21.41
N ASP L 81 -15.11 53.00 -21.85
CA ASP L 81 -14.17 53.15 -22.96
C ASP L 81 -12.74 52.96 -22.47
N LEU L 82 -11.81 53.36 -23.31
CA LEU L 82 -10.40 53.49 -22.92
C LEU L 82 -9.91 54.90 -23.22
N ASP L 83 -10.70 55.67 -23.95
CA ASP L 83 -10.26 56.96 -24.43
C ASP L 83 -10.33 58.05 -23.39
N ASP L 84 -11.42 58.09 -22.61
CA ASP L 84 -11.51 59.03 -21.50
C ASP L 84 -10.49 58.72 -20.42
N ILE L 85 -10.14 57.44 -20.28
CA ILE L 85 -9.00 57.04 -19.47
C ILE L 85 -7.73 57.69 -20.01
N LEU L 86 -7.49 57.53 -21.30
CA LEU L 86 -6.31 58.11 -21.93
C LEU L 86 -6.39 59.62 -21.97
N GLN L 87 -7.61 60.16 -22.11
CA GLN L 87 -7.80 61.60 -21.97
C GLN L 87 -7.49 62.06 -20.55
N TYR L 88 -7.90 61.30 -19.55
CA TYR L 88 -7.52 61.61 -18.18
C TYR L 88 -6.04 61.41 -17.97
N GLN L 89 -5.46 60.41 -18.59
CA GLN L 89 -4.04 60.14 -18.43
C GLN L 89 -3.20 61.19 -19.15
N ASN L 90 -3.72 61.77 -20.23
CA ASN L 90 -3.12 62.99 -20.77
C ASN L 90 -3.29 64.15 -19.82
N GLU L 91 -4.42 64.19 -19.11
CA GLU L 91 -4.78 65.36 -18.35
C GLU L 91 -3.96 65.47 -17.07
N LYS L 92 -3.70 64.33 -16.43
CA LYS L 92 -3.03 64.36 -15.14
C LYS L 92 -1.56 64.71 -15.26
N PHE L 93 -0.88 64.22 -16.29
CA PHE L 93 0.54 64.53 -16.46
C PHE L 93 0.75 66.00 -16.79
N LEU L 94 -0.13 66.59 -17.59
CA LEU L 94 0.02 67.99 -17.96
C LEU L 94 -0.32 68.94 -16.83
N GLN L 95 -1.07 68.49 -15.82
CA GLN L 95 -1.47 69.41 -14.76
C GLN L 95 -0.86 69.02 -13.42
N GLY L 96 -0.73 67.73 -13.18
CA GLY L 96 -0.14 67.26 -11.93
C GLY L 96 1.14 66.51 -12.21
N THR L 97 1.71 65.98 -11.13
CA THR L 97 3.07 65.40 -11.12
C THR L 97 3.05 64.11 -11.94
N GLN L 98 2.29 63.09 -11.53
CA GLN L 98 2.42 61.78 -12.16
C GLN L 98 1.16 60.97 -11.90
N ALA L 99 0.73 60.26 -12.92
CA ALA L 99 -0.34 59.28 -12.82
C ALA L 99 0.23 57.89 -13.07
N ASP L 100 -0.30 56.89 -12.35
CA ASP L 100 0.01 55.52 -12.69
C ASP L 100 -0.64 55.16 -14.01
N ASP L 101 0.09 54.43 -14.85
CA ASP L 101 -0.46 54.03 -16.14
C ASP L 101 -1.56 53.01 -15.94
N LEU L 102 -2.64 53.15 -16.68
CA LEU L 102 -3.83 52.36 -16.44
C LEU L 102 -4.40 51.75 -17.70
N VAL L 103 -4.05 52.28 -18.88
CA VAL L 103 -4.46 51.67 -20.13
C VAL L 103 -3.76 50.34 -20.34
N SER L 104 -2.42 50.37 -20.37
CA SER L 104 -1.64 49.15 -20.55
C SER L 104 -1.74 48.24 -19.32
N ALA L 105 -2.09 48.80 -18.17
CA ALA L 105 -2.35 47.98 -17.00
C ALA L 105 -3.56 47.07 -17.21
N ILE L 106 -4.66 47.62 -17.70
CA ILE L 106 -5.84 46.81 -18.00
C ILE L 106 -5.55 45.89 -19.17
N GLN L 107 -4.78 46.38 -20.13
CA GLN L 107 -4.51 45.67 -21.38
C GLN L 107 -3.82 44.33 -21.16
N GLN L 108 -3.01 44.20 -20.11
CA GLN L 108 -2.28 42.96 -19.91
C GLN L 108 -3.17 41.82 -19.42
N ASN L 109 -3.71 41.94 -18.21
CA ASN L 109 -4.32 40.79 -17.57
C ASN L 109 -5.84 40.78 -17.75
N ALA L 110 -6.51 41.90 -17.51
CA ALA L 110 -7.86 42.23 -17.98
C ALA L 110 -8.98 41.41 -17.35
N ASN L 111 -8.67 40.38 -16.57
CA ASN L 111 -9.71 39.60 -15.92
C ASN L 111 -9.90 40.00 -14.47
N HIS L 112 -8.84 40.38 -13.78
CA HIS L 112 -8.98 40.85 -12.41
C HIS L 112 -9.58 42.25 -12.36
N PHE L 113 -9.54 42.96 -13.49
CA PHE L 113 -10.10 44.31 -13.59
C PHE L 113 -11.61 44.32 -13.69
N THR L 114 -12.28 43.17 -13.69
CA THR L 114 -13.73 43.19 -13.73
C THR L 114 -14.31 43.56 -12.37
N GLU L 115 -14.03 42.74 -11.36
CA GLU L 115 -14.71 42.90 -10.08
C GLU L 115 -13.98 43.87 -9.16
N LEU L 116 -12.66 43.99 -9.33
CA LEU L 116 -11.91 44.96 -8.53
C LEU L 116 -12.28 46.38 -8.94
N PHE L 117 -12.73 46.56 -10.19
CA PHE L 117 -13.27 47.85 -10.58
C PHE L 117 -14.70 48.02 -10.10
N CYS L 118 -15.47 46.94 -10.08
CA CYS L 118 -16.91 47.08 -9.90
C CYS L 118 -17.29 47.23 -8.43
N ARG L 119 -16.47 46.72 -7.51
CA ARG L 119 -16.75 46.96 -6.11
C ARG L 119 -16.49 48.41 -5.70
N ALA L 120 -15.68 49.15 -6.46
CA ALA L 120 -15.51 50.57 -6.19
C ALA L 120 -16.71 51.38 -6.63
N ILE L 121 -17.53 50.83 -7.54
CA ILE L 121 -18.75 51.49 -7.99
C ILE L 121 -19.75 51.56 -6.85
N ASP L 122 -19.87 50.49 -6.07
CA ASP L 122 -20.86 50.42 -5.02
C ASP L 122 -20.51 51.26 -3.79
N ASN L 123 -19.35 51.95 -3.80
CA ASN L 123 -19.05 52.90 -2.73
C ASN L 123 -19.98 54.10 -2.78
N ASN L 124 -20.12 54.71 -3.95
CA ASN L 124 -20.92 55.90 -4.14
C ASN L 124 -22.12 55.59 -5.02
N MET L 125 -23.31 55.92 -4.52
CA MET L 125 -24.55 55.61 -5.23
C MET L 125 -25.67 56.50 -4.75
N PRO L 126 -26.33 57.23 -5.64
CA PRO L 126 -27.57 57.91 -5.25
C PRO L 126 -28.73 56.93 -5.14
N LEU L 127 -28.81 56.26 -3.99
CA LEU L 127 -29.64 55.07 -3.85
C LEU L 127 -31.15 55.34 -3.89
N PRO L 128 -31.75 56.22 -3.04
CA PRO L 128 -33.23 56.27 -3.01
C PRO L 128 -33.84 57.14 -4.09
N THR L 129 -33.11 57.41 -5.18
CA THR L 129 -33.40 58.46 -6.18
C THR L 129 -34.79 58.38 -6.81
N LYS L 130 -35.48 57.24 -6.71
CA LYS L 130 -36.87 57.18 -7.13
C LYS L 130 -37.58 56.15 -6.27
N GLU L 131 -38.80 56.50 -5.85
CA GLU L 131 -39.70 55.55 -5.22
C GLU L 131 -39.97 54.39 -6.18
N ILE L 132 -39.99 53.19 -5.63
CA ILE L 132 -40.08 51.98 -6.44
C ILE L 132 -41.46 51.87 -7.08
N ASP L 133 -41.48 51.38 -8.32
CA ASP L 133 -42.73 51.17 -9.01
C ASP L 133 -43.29 49.80 -8.64
N TYR L 134 -44.62 49.71 -8.62
CA TYR L 134 -45.24 48.44 -8.25
C TYR L 134 -45.09 47.42 -9.37
N LYS L 135 -44.95 47.91 -10.60
CA LYS L 135 -44.81 47.07 -11.79
C LYS L 135 -43.40 47.13 -12.37
N ASP L 136 -42.40 47.46 -11.57
CA ASP L 136 -41.05 47.68 -12.10
C ASP L 136 -40.37 46.39 -12.53
N ASP L 137 -40.13 45.48 -11.60
CA ASP L 137 -39.33 44.27 -11.83
C ASP L 137 -39.55 43.33 -10.64
N VAL L 138 -39.76 42.05 -10.93
CA VAL L 138 -39.76 41.03 -9.90
C VAL L 138 -38.35 40.78 -9.35
N LEU L 139 -37.31 41.12 -10.11
CA LEU L 139 -35.96 41.09 -9.57
C LEU L 139 -35.75 42.22 -8.57
N ASP L 140 -36.43 43.34 -8.78
CA ASP L 140 -36.17 44.54 -7.99
C ASP L 140 -36.69 44.37 -6.56
N VAL L 141 -37.82 43.69 -6.41
CA VAL L 141 -38.42 43.54 -5.09
C VAL L 141 -37.61 42.59 -4.22
N ILE L 142 -36.80 41.72 -4.83
CA ILE L 142 -36.00 40.78 -4.06
C ILE L 142 -34.74 41.46 -3.53
N LEU L 143 -34.08 42.26 -4.37
CA LEU L 143 -32.87 42.95 -3.93
C LEU L 143 -33.18 44.04 -2.92
N ASN L 144 -34.38 44.62 -2.99
CA ASN L 144 -34.77 45.61 -2.01
C ASN L 144 -34.94 44.97 -0.63
N GLN L 145 -35.40 43.72 -0.59
CA GLN L 145 -35.43 42.97 0.65
C GLN L 145 -34.05 42.72 1.21
N ARG L 146 -33.14 42.21 0.37
CA ARG L 146 -31.81 41.82 0.82
C ARG L 146 -30.97 43.04 1.17
N ARG L 147 -31.32 44.20 0.62
CA ARG L 147 -30.76 45.44 1.14
C ARG L 147 -31.32 45.72 2.52
N LEU L 148 -32.62 45.56 2.70
CA LEU L 148 -33.27 45.93 3.95
C LEU L 148 -33.02 44.89 5.04
N ARG L 149 -33.04 43.61 4.66
CA ARG L 149 -32.81 42.53 5.64
C ARG L 149 -31.37 42.57 6.14
N ASN L 150 -30.45 43.07 5.31
CA ASN L 150 -29.09 43.31 5.76
C ASN L 150 -29.05 44.36 6.86
N GLU L 151 -29.81 45.45 6.69
CA GLU L 151 -29.68 46.57 7.60
C GLU L 151 -30.45 46.32 8.90
N ARG L 152 -31.59 45.64 8.81
CA ARG L 152 -32.33 45.32 10.02
C ARG L 152 -31.58 44.32 10.88
N MET L 153 -30.90 43.36 10.25
CA MET L 153 -30.01 42.47 10.99
C MET L 153 -28.83 43.25 11.54
N LEU L 154 -28.35 44.25 10.81
CA LEU L 154 -27.29 45.12 11.29
C LEU L 154 -27.74 45.99 12.45
N SER L 155 -29.01 46.40 12.47
CA SER L 155 -29.53 47.22 13.54
C SER L 155 -29.74 46.46 14.84
N ASP L 156 -29.85 45.13 14.78
CA ASP L 156 -30.10 44.36 15.99
C ASP L 156 -28.83 44.25 16.82
N ARG L 157 -27.70 43.96 16.18
CA ARG L 157 -26.51 43.57 16.91
C ARG L 157 -25.87 44.77 17.62
N THR L 158 -26.01 45.96 17.03
CA THR L 158 -25.50 47.17 17.66
C THR L 158 -26.31 47.59 18.89
N ASN L 159 -27.51 47.03 19.07
CA ASN L 159 -28.30 47.31 20.26
C ASN L 159 -27.83 46.50 21.47
N GLU L 160 -27.51 45.23 21.28
CA GLU L 160 -27.09 44.34 22.37
C GLU L 160 -25.74 44.72 22.94
N ILE L 161 -24.83 45.21 22.10
CA ILE L 161 -23.47 45.47 22.55
C ILE L 161 -23.40 46.75 23.37
N ARG L 162 -24.13 47.78 22.96
CA ARG L 162 -24.17 49.01 23.74
C ARG L 162 -24.95 48.81 25.04
N SER L 163 -25.86 47.83 25.08
CA SER L 163 -26.59 47.49 26.28
C SER L 163 -25.76 46.68 27.27
N GLU L 164 -24.56 46.25 26.89
CA GLU L 164 -23.70 45.43 27.73
C GLU L 164 -22.29 45.97 27.74
N ASN L 165 -22.15 47.27 28.01
CA ASN L 165 -20.87 47.96 27.97
C ASN L 165 -19.93 47.47 29.06
N LEU L 166 -18.69 47.14 28.65
CA LEU L 166 -17.63 46.60 29.50
C LEU L 166 -18.06 45.34 30.24
N MET L 177 -14.50 56.56 18.05
CA MET L 177 -14.84 56.30 19.44
C MET L 177 -15.83 55.14 19.53
N ASN L 178 -16.95 55.24 18.83
CA ASN L 178 -17.83 54.10 18.59
C ASN L 178 -17.47 53.37 17.31
N ASP L 179 -16.35 53.74 16.70
CA ASP L 179 -15.86 53.05 15.51
C ASP L 179 -15.50 51.61 15.82
N ALA L 180 -14.83 51.37 16.95
CA ALA L 180 -14.56 50.00 17.38
C ALA L 180 -15.86 49.33 17.81
N LEU L 181 -16.75 50.08 18.45
CA LEU L 181 -18.09 49.59 18.75
C LEU L 181 -18.85 49.24 17.47
N ARG L 182 -18.64 50.01 16.41
CA ARG L 182 -19.12 49.61 15.10
C ARG L 182 -18.37 48.37 14.60
N GLU L 183 -17.06 48.31 14.86
CA GLU L 183 -16.23 47.25 14.32
C GLU L 183 -16.53 45.88 14.92
N VAL L 184 -17.00 45.84 16.17
CA VAL L 184 -17.36 44.57 16.80
C VAL L 184 -18.57 43.97 16.09
N VAL L 185 -19.48 44.82 15.62
CA VAL L 185 -20.68 44.36 14.94
C VAL L 185 -20.32 43.75 13.58
N GLU L 186 -19.25 44.25 12.97
CA GLU L 186 -18.82 43.88 11.61
C GLU L 186 -18.47 42.42 11.45
N ASP L 187 -17.98 41.76 12.49
CA ASP L 187 -17.39 40.44 12.33
C ASP L 187 -18.15 39.36 13.08
N GLU L 188 -19.25 39.71 13.75
CA GLU L 188 -19.96 38.77 14.60
C GLU L 188 -21.31 38.37 13.99
N THR L 189 -21.51 38.67 12.71
CA THR L 189 -22.80 38.45 12.08
C THR L 189 -22.58 37.99 10.65
N GLU L 190 -23.21 36.86 10.30
CA GLU L 190 -23.20 36.39 8.92
C GLU L 190 -24.14 37.25 8.09
N LEU L 191 -23.71 37.63 6.89
CA LEU L 191 -24.47 38.54 6.06
C LEU L 191 -24.62 37.98 4.66
N PHE L 192 -25.42 38.65 3.86
CA PHE L 192 -25.42 38.42 2.43
C PHE L 192 -24.20 39.09 1.84
N PRO L 193 -23.51 38.47 0.88
CA PRO L 193 -22.37 39.12 0.26
C PRO L 193 -22.83 40.21 -0.70
N PRO L 194 -22.01 41.24 -0.92
CA PRO L 194 -22.36 42.28 -1.89
C PRO L 194 -22.23 41.85 -3.33
N ASN L 195 -21.61 40.69 -3.59
CA ASN L 195 -21.60 40.12 -4.92
C ASN L 195 -22.94 39.53 -5.30
N LEU L 196 -23.79 39.24 -4.33
CA LEU L 196 -25.04 38.53 -4.55
C LEU L 196 -26.17 39.44 -5.00
N THR L 197 -26.11 40.74 -4.70
CA THR L 197 -27.16 41.68 -5.07
C THR L 197 -26.55 42.82 -5.87
N ARG L 198 -26.55 42.65 -7.19
CA ARG L 198 -25.89 43.60 -8.09
C ARG L 198 -26.88 44.30 -9.01
N ARG L 199 -27.66 43.54 -9.78
CA ARG L 199 -28.73 43.90 -10.71
C ARG L 199 -28.19 44.54 -12.00
N TYR L 200 -26.91 44.91 -12.07
CA TYR L 200 -26.42 45.51 -13.31
C TYR L 200 -25.27 44.71 -13.88
N PHE L 201 -24.77 45.14 -15.03
CA PHE L 201 -23.64 44.48 -15.70
C PHE L 201 -22.73 45.52 -16.30
N LEU L 202 -21.50 45.09 -16.58
CA LEU L 202 -20.48 46.00 -17.08
C LEU L 202 -19.77 45.34 -18.25
N TYR L 203 -19.68 46.07 -19.35
CA TYR L 203 -18.94 45.64 -20.53
C TYR L 203 -17.87 46.68 -20.83
N PHE L 204 -16.67 46.22 -21.22
CA PHE L 204 -15.60 47.13 -21.57
C PHE L 204 -15.75 47.56 -23.03
N LYS L 205 -14.91 48.48 -23.48
CA LYS L 205 -14.93 48.91 -24.86
C LYS L 205 -13.53 49.26 -25.32
N PRO L 206 -13.07 48.72 -26.44
CA PRO L 206 -11.71 49.01 -26.92
C PRO L 206 -11.60 50.41 -27.47
N LEU L 207 -10.37 50.93 -27.44
CA LEU L 207 -10.09 52.27 -27.94
C LEU L 207 -9.92 52.25 -29.45
N SER L 208 -10.41 53.30 -30.08
CA SER L 208 -10.14 53.49 -31.49
C SER L 208 -8.72 54.01 -31.67
N GLN L 209 -8.22 53.89 -32.91
CA GLN L 209 -6.93 54.46 -33.25
C GLN L 209 -6.97 55.98 -33.36
N ASN L 210 -8.16 56.57 -33.35
CA ASN L 210 -8.34 57.98 -33.65
C ASN L 210 -7.68 58.87 -32.60
N CYS L 211 -7.95 58.62 -31.32
CA CYS L 211 -7.24 59.35 -30.29
C CYS L 211 -5.81 58.84 -30.15
N ALA L 212 -5.58 57.56 -30.47
CA ALA L 212 -4.23 57.02 -30.53
C ALA L 212 -3.42 57.63 -31.66
N ARG L 213 -4.08 58.12 -32.71
CA ARG L 213 -3.41 58.86 -33.77
C ARG L 213 -2.84 60.17 -33.26
N ARG L 214 -3.52 60.80 -32.30
CA ARG L 214 -3.02 62.05 -31.73
C ARG L 214 -1.85 61.81 -30.81
N TYR L 215 -2.03 60.92 -29.83
CA TYR L 215 -0.97 60.52 -28.92
C TYR L 215 -0.84 59.00 -29.02
N ARG L 216 0.29 58.54 -29.55
CA ARG L 216 0.51 57.11 -29.66
C ARG L 216 0.80 56.52 -28.29
N LYS L 217 -0.04 55.57 -27.91
CA LYS L 217 0.09 54.79 -26.69
C LYS L 217 -0.18 53.34 -27.05
N LYS L 218 -0.44 52.51 -26.04
CA LYS L 218 -0.58 51.07 -26.24
C LYS L 218 -1.89 50.78 -26.98
N ALA L 219 -1.81 50.95 -28.30
CA ALA L 219 -2.99 50.79 -29.14
C ALA L 219 -3.03 49.41 -29.77
N ILE L 220 -2.42 48.43 -29.12
CA ILE L 220 -2.22 47.11 -29.69
C ILE L 220 -3.48 46.26 -29.61
N SER L 221 -4.42 46.64 -28.73
CA SER L 221 -5.65 45.88 -28.56
C SER L 221 -6.59 45.95 -29.75
N SER L 222 -6.49 46.96 -30.60
CA SER L 222 -7.44 47.19 -31.67
C SER L 222 -6.74 47.10 -33.01
N LYS L 223 -6.60 45.88 -33.52
CA LYS L 223 -6.14 45.62 -34.87
C LYS L 223 -6.99 44.50 -35.46
N PRO L 224 -7.29 44.56 -36.75
CA PRO L 224 -8.09 43.50 -37.39
C PRO L 224 -7.31 42.21 -37.55
N LEU L 225 -7.28 41.41 -36.48
CA LEU L 225 -6.40 40.26 -36.46
C LEU L 225 -7.15 39.00 -36.88
N SER L 226 -6.38 38.00 -37.32
CA SER L 226 -6.96 36.76 -37.84
C SER L 226 -6.87 35.65 -36.80
N VAL L 227 -7.68 34.61 -37.01
CA VAL L 227 -7.58 33.39 -36.19
C VAL L 227 -6.25 32.71 -36.44
N ARG L 228 -5.77 32.77 -37.68
CA ARG L 228 -4.41 32.35 -37.98
C ARG L 228 -3.39 33.23 -37.29
N GLN L 229 -3.70 34.51 -37.10
CA GLN L 229 -2.81 35.39 -36.37
C GLN L 229 -2.89 35.20 -34.86
N ILE L 230 -3.86 34.41 -34.38
CA ILE L 230 -3.93 34.13 -32.95
C ILE L 230 -2.87 33.07 -32.64
N LYS L 231 -1.69 33.54 -32.24
CA LYS L 231 -0.71 32.69 -31.61
C LYS L 231 -1.16 32.39 -30.18
N GLY L 232 -0.72 31.26 -29.64
CA GLY L 232 -1.02 30.91 -28.28
C GLY L 232 -0.20 31.63 -27.21
N ASP L 233 0.19 32.87 -27.49
CA ASP L 233 0.87 33.72 -26.51
C ASP L 233 0.03 34.92 -26.14
N PHE L 234 -1.14 35.05 -26.73
CA PHE L 234 -1.99 36.22 -26.53
C PHE L 234 -3.07 35.96 -25.50
N LEU L 235 -2.85 35.00 -24.60
CA LEU L 235 -3.85 34.58 -23.64
C LEU L 235 -3.93 35.62 -22.53
N GLY L 236 -5.14 36.10 -22.27
CA GLY L 236 -5.34 37.04 -21.18
C GLY L 236 -5.35 38.48 -21.66
N GLN L 237 -4.93 38.68 -22.90
CA GLN L 237 -4.89 40.00 -23.50
C GLN L 237 -6.31 40.43 -23.87
N LEU L 238 -6.45 41.65 -24.37
CA LEU L 238 -7.71 42.14 -24.91
C LEU L 238 -7.49 42.35 -26.40
N ILE L 239 -8.32 41.74 -27.23
CA ILE L 239 -8.05 41.61 -28.66
C ILE L 239 -9.18 42.17 -29.50
N THR L 240 -9.02 42.06 -30.82
CA THR L 240 -10.01 42.48 -31.80
C THR L 240 -9.96 41.53 -32.98
N VAL L 241 -11.05 40.80 -33.21
CA VAL L 241 -11.09 39.88 -34.34
C VAL L 241 -12.29 40.20 -35.22
N ARG L 242 -12.37 39.58 -36.38
CA ARG L 242 -13.50 39.74 -37.27
C ARG L 242 -13.66 38.47 -38.10
N GLY L 243 -14.87 38.26 -38.61
CA GLY L 243 -15.14 37.07 -39.39
C GLY L 243 -16.60 36.98 -39.73
N ILE L 244 -17.11 35.75 -39.73
CA ILE L 244 -18.47 35.46 -40.18
C ILE L 244 -19.16 34.64 -39.12
N ILE L 245 -20.32 35.13 -38.66
CA ILE L 245 -21.10 34.42 -37.67
C ILE L 245 -21.70 33.18 -38.29
N THR L 246 -21.39 32.02 -37.71
CA THR L 246 -21.76 30.75 -38.31
C THR L 246 -22.18 29.78 -37.22
N ARG L 247 -23.36 29.16 -37.42
CA ARG L 247 -23.97 28.19 -36.51
C ARG L 247 -24.17 28.81 -35.13
N VAL L 248 -25.09 29.76 -35.09
CA VAL L 248 -25.50 30.39 -33.84
C VAL L 248 -26.38 29.41 -33.07
N SER L 249 -26.14 29.31 -31.78
CA SER L 249 -26.91 28.43 -30.91
C SER L 249 -28.15 29.16 -30.41
N ASP L 250 -28.80 28.59 -29.41
CA ASP L 250 -29.98 29.21 -28.83
C ASP L 250 -29.66 29.77 -27.45
N VAL L 251 -30.46 30.74 -27.02
CA VAL L 251 -30.28 31.39 -25.73
C VAL L 251 -31.04 30.60 -24.68
N LYS L 252 -30.32 30.15 -23.65
CA LYS L 252 -30.89 29.40 -22.54
C LYS L 252 -30.16 29.84 -21.27
N PRO L 253 -30.82 29.81 -20.12
CA PRO L 253 -30.21 30.38 -18.91
C PRO L 253 -29.10 29.51 -18.36
N ALA L 254 -28.05 30.17 -17.87
CA ALA L 254 -26.94 29.51 -17.22
C ALA L 254 -27.01 29.78 -15.72
N VAL L 255 -27.10 28.72 -14.96
CA VAL L 255 -27.14 28.80 -13.51
C VAL L 255 -25.76 29.17 -13.00
N GLU L 256 -25.71 30.12 -12.06
CA GLU L 256 -24.46 30.58 -11.49
C GLU L 256 -24.32 30.22 -10.02
N VAL L 257 -25.27 30.62 -9.19
CA VAL L 257 -25.27 30.30 -7.78
C VAL L 257 -26.64 29.78 -7.39
N ILE L 258 -26.66 28.84 -6.45
CA ILE L 258 -27.88 28.13 -6.06
C ILE L 258 -28.14 28.40 -4.59
N ALA L 259 -29.39 28.73 -4.27
CA ALA L 259 -29.81 28.97 -2.89
C ALA L 259 -30.23 27.63 -2.29
N TYR L 260 -30.11 27.53 -0.97
CA TYR L 260 -30.51 26.33 -0.25
C TYR L 260 -31.16 26.68 1.08
N THR L 261 -32.44 26.34 1.20
CA THR L 261 -33.23 26.60 2.39
C THR L 261 -32.97 25.51 3.42
N CYS L 262 -32.73 25.94 4.66
CA CYS L 262 -32.38 24.99 5.71
C CYS L 262 -33.60 24.21 6.19
N ASP L 263 -34.68 24.94 6.51
CA ASP L 263 -35.97 24.54 7.05
C ASP L 263 -35.85 24.13 8.53
N GLN L 264 -34.66 24.07 9.10
CA GLN L 264 -34.55 23.88 10.54
C GLN L 264 -33.81 25.05 11.19
N CYS L 265 -32.59 25.33 10.73
CA CYS L 265 -31.87 26.45 11.32
C CYS L 265 -32.29 27.76 10.68
N GLY L 266 -32.93 27.70 9.52
CA GLY L 266 -33.45 28.89 8.89
C GLY L 266 -32.44 29.77 8.21
N TYR L 267 -31.29 29.24 7.85
CA TYR L 267 -30.33 30.02 7.09
C TYR L 267 -30.50 29.73 5.60
N GLU L 268 -29.65 30.36 4.79
CA GLU L 268 -29.64 30.11 3.36
C GLU L 268 -28.20 29.83 2.94
N VAL L 269 -27.99 28.65 2.36
CA VAL L 269 -26.66 28.19 1.98
C VAL L 269 -26.48 28.57 0.51
N PHE L 270 -25.27 29.00 0.16
CA PHE L 270 -25.02 29.40 -1.21
C PHE L 270 -23.80 28.72 -1.78
N GLN L 271 -23.96 28.17 -2.98
CA GLN L 271 -22.92 27.41 -3.64
C GLN L 271 -22.64 27.99 -5.00
N GLU L 272 -21.40 28.44 -5.21
CA GLU L 272 -20.98 29.00 -6.48
C GLU L 272 -20.31 27.93 -7.32
N VAL L 273 -20.74 27.84 -8.58
CA VAL L 273 -20.25 26.83 -9.51
C VAL L 273 -19.61 27.53 -10.69
N ASN L 274 -18.33 27.25 -10.93
CA ASN L 274 -17.64 27.72 -12.13
C ASN L 274 -17.22 26.59 -13.05
N SER L 275 -17.59 25.36 -12.73
CA SER L 275 -17.25 24.21 -13.54
C SER L 275 -18.34 23.96 -14.58
N ARG L 276 -18.15 22.94 -15.42
CA ARG L 276 -19.17 22.54 -16.36
C ARG L 276 -20.33 21.87 -15.66
N THR L 277 -20.03 20.85 -14.86
CA THR L 277 -21.03 20.18 -14.05
C THR L 277 -20.68 20.37 -12.58
N PHE L 278 -21.55 19.88 -11.71
CA PHE L 278 -21.43 20.04 -10.27
C PHE L 278 -22.26 18.97 -9.59
N THR L 279 -22.49 19.16 -8.30
CA THR L 279 -23.29 18.26 -7.52
C THR L 279 -24.14 19.04 -6.53
N PRO L 280 -25.29 18.52 -6.14
CA PRO L 280 -25.94 19.01 -4.92
C PRO L 280 -25.12 18.61 -3.71
N LEU L 281 -25.33 19.36 -2.63
CA LEU L 281 -24.50 19.20 -1.45
C LEU L 281 -25.28 18.51 -0.32
N SER L 282 -24.67 18.48 0.85
CA SER L 282 -25.08 17.63 1.95
C SER L 282 -26.30 18.20 2.67
N GLU L 283 -26.58 17.66 3.86
CA GLU L 283 -27.88 17.87 4.50
C GLU L 283 -28.03 19.28 5.04
N CYS L 284 -26.91 19.89 5.46
CA CYS L 284 -26.86 21.28 5.94
C CYS L 284 -25.39 21.63 6.14
N THR L 285 -25.09 22.93 6.03
CA THR L 285 -23.78 23.43 6.41
C THR L 285 -23.94 24.75 7.19
N SER L 286 -24.86 24.79 8.14
CA SER L 286 -25.04 25.99 8.95
C SER L 286 -24.03 25.98 10.08
N GLU L 287 -23.90 27.11 10.77
CA GLU L 287 -23.14 27.19 11.99
C GLU L 287 -23.97 26.78 13.20
N GLU L 288 -25.30 26.87 13.10
CA GLU L 288 -26.21 26.58 14.19
C GLU L 288 -26.73 25.16 14.13
N CYS L 289 -27.00 24.64 12.93
CA CYS L 289 -27.20 23.21 12.77
C CYS L 289 -25.97 22.42 13.15
N SER L 290 -24.78 22.97 12.93
CA SER L 290 -23.53 22.44 13.45
C SER L 290 -23.52 22.48 14.97
N GLN L 291 -22.51 21.80 15.55
CA GLN L 291 -22.34 21.52 16.99
C GLN L 291 -23.63 21.08 17.68
N ASN L 292 -24.46 20.33 16.96
CA ASN L 292 -25.74 19.84 17.46
C ASN L 292 -25.99 18.47 16.89
N GLN L 293 -26.79 17.68 17.62
CA GLN L 293 -27.00 16.28 17.27
C GLN L 293 -27.81 16.14 16.00
N THR L 294 -28.95 16.83 15.92
CA THR L 294 -29.87 16.68 14.80
C THR L 294 -29.62 17.82 13.82
N LYS L 295 -28.89 17.49 12.75
CA LYS L 295 -28.77 18.42 11.63
C LYS L 295 -30.03 18.36 10.77
N GLY L 296 -30.17 19.34 9.89
CA GLY L 296 -31.33 19.44 9.05
C GLY L 296 -31.22 18.58 7.80
N GLN L 297 -32.08 18.88 6.84
CA GLN L 297 -32.04 18.29 5.51
C GLN L 297 -32.61 19.30 4.54
N LEU L 298 -31.81 19.70 3.56
CA LEU L 298 -32.13 20.87 2.75
C LEU L 298 -32.68 20.48 1.39
N PHE L 299 -32.94 21.51 0.60
CA PHE L 299 -33.39 21.43 -0.78
C PHE L 299 -33.18 22.81 -1.39
N MET L 300 -32.98 22.85 -2.70
CA MET L 300 -32.69 24.11 -3.36
C MET L 300 -33.97 24.90 -3.64
N SER L 301 -33.82 26.07 -4.24
CA SER L 301 -34.93 26.93 -4.57
C SER L 301 -34.62 27.62 -5.88
N THR L 302 -35.68 27.96 -6.62
CA THR L 302 -35.55 28.50 -7.96
C THR L 302 -35.52 30.03 -7.98
N ARG L 303 -36.47 30.67 -7.31
CA ARG L 303 -36.67 32.11 -7.43
C ARG L 303 -35.57 32.91 -6.76
N ALA L 304 -34.83 32.30 -5.85
CA ALA L 304 -33.79 33.00 -5.14
C ALA L 304 -32.42 32.86 -5.80
N SER L 305 -32.28 31.97 -6.76
CA SER L 305 -31.00 31.74 -7.42
C SER L 305 -30.71 32.89 -8.39
N LYS L 306 -29.46 33.02 -8.82
CA LYS L 306 -29.09 33.99 -9.84
C LYS L 306 -28.74 33.23 -11.11
N PHE L 307 -29.31 33.65 -12.22
CA PHE L 307 -29.04 33.04 -13.51
C PHE L 307 -28.33 34.06 -14.41
N SER L 308 -28.10 33.64 -15.65
CA SER L 308 -27.45 34.51 -16.62
C SER L 308 -27.84 34.09 -18.02
N ALA L 309 -27.98 35.08 -18.90
CA ALA L 309 -28.23 34.81 -20.30
C ALA L 309 -27.00 34.17 -20.93
N PHE L 310 -27.21 33.05 -21.62
CA PHE L 310 -26.09 32.34 -22.22
C PHE L 310 -26.45 31.83 -23.60
N GLN L 311 -25.52 32.02 -24.53
CA GLN L 311 -25.64 31.58 -25.91
C GLN L 311 -24.25 31.72 -26.51
N GLU L 312 -23.88 30.83 -27.45
CA GLU L 312 -22.60 30.93 -28.11
C GLU L 312 -22.74 30.64 -29.60
N CYS L 313 -21.64 30.83 -30.33
CA CYS L 313 -21.61 30.62 -31.77
C CYS L 313 -20.17 30.43 -32.20
N LYS L 314 -19.97 30.28 -33.51
CA LYS L 314 -18.66 30.09 -34.08
C LYS L 314 -18.40 31.12 -35.17
N ILE L 315 -17.13 31.51 -35.30
CA ILE L 315 -16.71 32.51 -36.27
C ILE L 315 -15.78 31.88 -37.28
N GLN L 316 -16.15 31.93 -38.54
CA GLN L 316 -15.31 31.44 -39.63
C GLN L 316 -14.42 32.58 -40.09
N GLU L 317 -13.26 32.20 -40.65
CA GLU L 317 -12.28 33.15 -41.12
C GLU L 317 -12.83 33.99 -42.28
N LEU L 318 -12.29 35.21 -42.43
CA LEU L 318 -12.81 36.21 -43.35
C LEU L 318 -12.64 35.85 -44.82
N SER L 319 -11.82 34.83 -45.13
CA SER L 319 -11.58 34.30 -46.47
C SER L 319 -11.00 35.34 -47.43
N GLN L 320 -10.20 36.26 -46.91
CA GLN L 320 -9.48 37.23 -47.72
C GLN L 320 -8.00 37.28 -47.39
N GLN L 321 -7.63 37.00 -46.16
CA GLN L 321 -6.23 37.00 -45.72
C GLN L 321 -5.72 35.57 -45.55
N VAL L 322 -6.50 34.61 -46.01
CA VAL L 322 -6.15 33.18 -45.92
C VAL L 322 -5.00 32.94 -46.89
N PRO L 323 -3.97 32.18 -46.51
CA PRO L 323 -2.90 31.84 -47.45
C PRO L 323 -3.38 30.96 -48.60
N VAL L 324 -2.51 30.78 -49.59
CA VAL L 324 -2.94 30.48 -50.96
C VAL L 324 -3.47 29.05 -51.07
N GLY L 325 -3.16 28.20 -50.11
CA GLY L 325 -3.63 26.84 -50.20
C GLY L 325 -4.26 26.32 -48.92
N HIS L 326 -4.96 27.17 -48.19
CA HIS L 326 -5.44 26.77 -46.87
C HIS L 326 -6.97 26.74 -46.84
N ILE L 327 -7.49 26.10 -45.80
CA ILE L 327 -8.93 25.95 -45.58
C ILE L 327 -9.26 26.72 -44.30
N PRO L 328 -10.32 27.51 -44.28
CA PRO L 328 -10.59 28.36 -43.10
C PRO L 328 -11.03 27.56 -41.89
N ARG L 329 -10.57 28.00 -40.72
CA ARG L 329 -10.88 27.36 -39.45
C ARG L 329 -12.03 28.09 -38.76
N SER L 330 -12.29 27.73 -37.51
CA SER L 330 -13.36 28.34 -36.74
C SER L 330 -12.84 28.62 -35.33
N LEU L 331 -13.71 29.20 -34.51
CA LEU L 331 -13.33 29.59 -33.15
C LEU L 331 -14.59 29.73 -32.31
N ASN L 332 -14.51 29.28 -31.06
CA ASN L 332 -15.65 29.34 -30.17
C ASN L 332 -15.65 30.63 -29.35
N ILE L 333 -16.81 31.28 -29.30
CA ILE L 333 -16.99 32.51 -28.53
C ILE L 333 -18.23 32.38 -27.67
N HIS L 334 -18.05 32.49 -26.36
CA HIS L 334 -19.16 32.53 -25.42
C HIS L 334 -19.67 33.96 -25.27
N VAL L 335 -20.99 34.10 -25.15
CA VAL L 335 -21.65 35.40 -25.00
C VAL L 335 -22.50 35.32 -23.74
N ASN L 336 -22.43 36.35 -22.89
CA ASN L 336 -23.17 36.39 -21.64
C ASN L 336 -23.85 37.73 -21.43
N GLY L 337 -25.05 37.68 -20.86
CA GLY L 337 -25.70 38.86 -20.33
C GLY L 337 -26.51 39.71 -21.28
N THR L 338 -26.19 41.00 -21.32
CA THR L 338 -26.99 41.96 -22.06
C THR L 338 -26.82 41.80 -23.56
N LEU L 339 -25.60 41.51 -24.01
CA LEU L 339 -25.25 41.51 -25.42
C LEU L 339 -25.86 40.33 -26.20
N VAL L 340 -26.61 39.46 -25.54
CA VAL L 340 -27.26 38.32 -26.20
C VAL L 340 -28.37 38.82 -27.13
N ARG L 341 -28.78 37.94 -28.05
CA ARG L 341 -29.81 38.20 -29.08
C ARG L 341 -29.45 39.39 -29.94
N SER L 342 -28.17 39.51 -30.29
CA SER L 342 -27.71 40.65 -31.07
C SER L 342 -26.86 40.23 -32.26
N LEU L 343 -26.73 38.93 -32.52
CA LEU L 343 -25.84 38.43 -33.58
C LEU L 343 -26.60 37.46 -34.45
N SER L 344 -27.03 37.93 -35.62
CA SER L 344 -27.61 37.07 -36.64
C SER L 344 -26.52 36.24 -37.30
N PRO L 345 -26.85 35.05 -37.79
CA PRO L 345 -25.84 34.25 -38.49
C PRO L 345 -25.52 34.81 -39.86
N GLY L 346 -24.32 34.52 -40.34
CA GLY L 346 -23.92 34.88 -41.68
C GLY L 346 -23.70 36.36 -41.89
N ASP L 347 -22.90 36.98 -41.01
CA ASP L 347 -22.70 38.42 -41.11
C ASP L 347 -21.22 38.77 -41.16
N ILE L 348 -20.91 40.07 -41.08
CA ILE L 348 -19.55 40.56 -40.94
C ILE L 348 -19.51 41.49 -39.75
N VAL L 349 -18.73 41.13 -38.74
CA VAL L 349 -18.78 41.77 -37.43
C VAL L 349 -17.38 41.86 -36.85
N ASP L 350 -17.12 42.93 -36.10
CA ASP L 350 -15.89 43.10 -35.33
C ASP L 350 -16.21 42.66 -33.90
N VAL L 351 -15.55 41.62 -33.45
CA VAL L 351 -15.71 41.13 -32.08
C VAL L 351 -14.43 41.42 -31.31
N THR L 352 -14.59 42.08 -30.17
CA THR L 352 -13.47 42.37 -29.28
C THR L 352 -13.73 41.68 -27.95
N GLY L 353 -12.68 41.20 -27.32
CA GLY L 353 -12.85 40.51 -26.06
C GLY L 353 -11.52 40.07 -25.49
N ILE L 354 -11.61 39.20 -24.50
CA ILE L 354 -10.46 38.74 -23.76
C ILE L 354 -10.37 37.23 -23.85
N PHE L 355 -9.14 36.72 -23.91
CA PHE L 355 -8.85 35.40 -24.46
C PHE L 355 -8.49 34.43 -23.34
N LEU L 356 -9.41 33.53 -23.03
CA LEU L 356 -9.29 32.65 -21.89
C LEU L 356 -9.40 31.19 -22.29
N PRO L 357 -8.64 30.32 -21.62
CA PRO L 357 -8.75 28.88 -21.89
C PRO L 357 -9.94 28.24 -21.19
N ALA L 358 -10.26 27.02 -21.57
CA ALA L 358 -11.25 26.21 -20.88
C ALA L 358 -10.61 24.87 -20.54
N PRO L 359 -10.85 24.34 -19.35
CA PRO L 359 -10.23 23.06 -18.99
C PRO L 359 -10.90 21.92 -19.76
N TYR L 360 -10.21 21.45 -20.78
CA TYR L 360 -10.68 20.37 -21.64
C TYR L 360 -9.50 19.85 -22.45
N THR L 361 -9.48 18.54 -22.63
CA THR L 361 -8.56 17.89 -23.55
C THR L 361 -9.37 16.92 -24.40
N GLY L 362 -8.73 16.36 -25.41
CA GLY L 362 -9.46 15.56 -26.39
C GLY L 362 -9.66 14.14 -25.94
N PHE L 363 -9.17 13.18 -26.73
CA PHE L 363 -9.29 11.79 -26.35
C PHE L 363 -8.39 11.46 -25.16
N LYS L 364 -8.74 10.37 -24.47
CA LYS L 364 -8.08 10.02 -23.23
C LYS L 364 -6.63 9.60 -23.45
N ALA L 365 -6.36 8.81 -24.48
CA ALA L 365 -5.02 8.34 -24.73
C ALA L 365 -4.13 9.38 -25.40
N LEU L 366 -4.70 10.38 -26.05
CA LEU L 366 -3.92 11.39 -26.76
C LEU L 366 -3.46 12.53 -25.87
N LYS L 367 -3.77 12.48 -24.57
CA LYS L 367 -3.43 13.55 -23.66
C LYS L 367 -1.95 13.52 -23.31
N ALA L 368 -1.25 14.58 -23.69
CA ALA L 368 0.16 14.74 -23.36
C ALA L 368 0.39 15.32 -21.98
N GLY L 369 -0.68 15.59 -21.23
CA GLY L 369 -0.58 15.93 -19.82
C GLY L 369 -1.13 17.29 -19.42
N LEU L 370 -0.85 18.36 -20.17
CA LEU L 370 -1.46 19.67 -19.89
C LEU L 370 -1.97 20.24 -21.21
N LEU L 371 -3.17 19.84 -21.60
CA LEU L 371 -3.74 20.31 -22.86
C LEU L 371 -4.84 21.31 -22.55
N THR L 372 -4.66 22.53 -23.06
CA THR L 372 -5.55 23.64 -22.78
C THR L 372 -6.34 23.97 -24.02
N GLU L 373 -7.66 23.90 -23.92
CA GLU L 373 -8.57 24.25 -25.00
C GLU L 373 -9.05 25.67 -24.76
N THR L 374 -8.95 26.53 -25.77
CA THR L 374 -9.22 27.94 -25.54
C THR L 374 -10.63 28.32 -25.99
N TYR L 375 -11.00 29.56 -25.65
CA TYR L 375 -12.16 30.23 -26.22
C TYR L 375 -11.94 31.73 -26.11
N LEU L 376 -12.98 32.49 -26.44
CA LEU L 376 -12.99 33.95 -26.34
C LEU L 376 -14.29 34.37 -25.69
N GLU L 377 -14.21 35.35 -24.80
CA GLU L 377 -15.42 35.94 -24.27
C GLU L 377 -15.72 37.27 -24.96
N ALA L 378 -16.94 37.39 -25.45
CA ALA L 378 -17.42 38.56 -26.15
C ALA L 378 -17.54 39.75 -25.19
N GLN L 379 -17.19 40.91 -25.68
CA GLN L 379 -17.33 42.11 -24.86
C GLN L 379 -18.09 43.23 -25.57
N PHE L 380 -17.89 43.39 -26.87
CA PHE L 380 -18.54 44.47 -27.58
C PHE L 380 -18.79 44.02 -29.01
N VAL L 381 -19.89 44.47 -29.59
CA VAL L 381 -20.25 44.15 -30.97
C VAL L 381 -20.19 45.43 -31.78
N ARG L 382 -19.37 45.43 -32.83
CA ARG L 382 -19.44 46.45 -33.87
C ARG L 382 -19.58 45.76 -35.20
N GLN L 383 -20.73 45.92 -35.84
CA GLN L 383 -21.03 45.24 -37.08
C GLN L 383 -20.67 46.12 -38.27
N HIS L 384 -19.97 45.54 -39.23
CA HIS L 384 -20.02 46.11 -40.56
C HIS L 384 -21.40 45.85 -41.14
N LYS L 385 -21.79 46.72 -42.09
CA LYS L 385 -23.08 46.68 -42.77
C LYS L 385 -24.23 46.77 -41.76
N LYS L 386 -24.34 47.96 -41.17
CA LYS L 386 -25.31 48.24 -40.12
C LYS L 386 -26.73 47.97 -40.58
N LYS L 387 -27.45 47.15 -39.82
CA LYS L 387 -28.74 46.64 -40.23
C LYS L 387 -29.81 47.74 -40.16
N PHE L 388 -30.70 47.75 -41.14
CA PHE L 388 -31.82 48.69 -41.15
C PHE L 388 -32.86 48.31 -40.11
N ALA L 389 -33.89 49.15 -39.99
CA ALA L 389 -35.02 49.04 -39.06
C ALA L 389 -34.56 48.97 -37.62
N SER L 390 -33.42 49.56 -37.29
CA SER L 390 -32.86 49.47 -35.95
C SER L 390 -32.41 50.84 -35.43
N PHE L 391 -32.51 51.88 -36.24
CA PHE L 391 -32.18 53.23 -35.79
C PHE L 391 -33.48 54.02 -35.66
N SER L 392 -33.41 55.07 -34.86
CA SER L 392 -34.46 56.08 -34.80
C SER L 392 -33.89 57.48 -34.78
N LEU L 393 -32.59 57.63 -34.53
CA LEU L 393 -31.95 58.92 -34.54
C LEU L 393 -31.97 59.50 -35.95
N THR L 394 -32.15 60.81 -36.02
CA THR L 394 -32.32 61.48 -37.29
C THR L 394 -31.48 62.76 -37.40
N SER L 395 -31.04 63.34 -36.28
CA SER L 395 -30.43 64.67 -36.29
C SER L 395 -29.04 64.64 -36.94
N ASP L 396 -28.13 63.86 -36.37
CA ASP L 396 -26.82 63.68 -37.01
C ASP L 396 -26.93 62.90 -38.30
N VAL L 397 -28.01 62.13 -38.48
CA VAL L 397 -28.26 61.47 -39.75
C VAL L 397 -28.59 62.48 -40.83
N GLU L 398 -29.54 63.39 -40.56
CA GLU L 398 -29.90 64.41 -41.54
C GLU L 398 -28.85 65.51 -41.65
N GLU L 399 -27.81 65.48 -40.82
CA GLU L 399 -26.65 66.32 -41.06
C GLU L 399 -25.98 65.97 -42.38
N ARG L 400 -26.07 64.71 -42.81
CA ARG L 400 -25.57 64.29 -44.11
C ARG L 400 -26.68 63.98 -45.11
N VAL L 401 -27.86 63.59 -44.61
CA VAL L 401 -28.96 63.21 -45.51
C VAL L 401 -29.51 64.43 -46.22
N MET L 402 -29.68 65.55 -45.51
CA MET L 402 -30.16 66.77 -46.14
C MET L 402 -29.19 67.33 -47.18
N GLU L 403 -27.89 67.08 -47.01
CA GLU L 403 -26.95 67.47 -48.05
C GLU L 403 -27.08 66.60 -49.28
N LEU L 404 -27.47 65.34 -49.09
CA LEU L 404 -27.84 64.50 -50.22
C LEU L 404 -29.14 64.98 -50.83
N ILE L 405 -30.09 65.43 -50.00
CA ILE L 405 -31.37 65.90 -50.51
C ILE L 405 -31.21 67.22 -51.26
N THR L 406 -30.49 68.18 -50.68
CA THR L 406 -30.26 69.47 -51.32
C THR L 406 -29.21 69.42 -52.42
N SER L 407 -28.69 68.24 -52.75
CA SER L 407 -27.74 68.14 -53.86
C SER L 407 -28.41 68.36 -55.22
N GLY L 408 -29.69 68.01 -55.32
CA GLY L 408 -30.43 68.22 -56.57
C GLY L 408 -30.18 67.12 -57.58
N ASP L 409 -31.27 66.70 -58.25
CA ASP L 409 -31.30 65.57 -59.19
C ASP L 409 -30.76 64.30 -58.53
N VAL L 410 -31.48 63.92 -57.48
CA VAL L 410 -31.00 62.84 -56.61
C VAL L 410 -31.33 61.48 -57.21
N TYR L 411 -32.52 61.35 -57.79
CA TYR L 411 -33.01 60.05 -58.24
C TYR L 411 -32.22 59.54 -59.44
N ASN L 412 -31.81 60.44 -60.31
CA ASN L 412 -30.91 60.06 -61.40
C ASN L 412 -29.50 59.84 -60.89
N ARG L 413 -29.13 60.48 -59.78
CA ARG L 413 -27.79 60.32 -59.23
C ARG L 413 -27.62 58.96 -58.57
N LEU L 414 -28.73 58.39 -58.06
CA LEU L 414 -28.66 57.15 -57.29
C LEU L 414 -28.27 55.96 -58.15
N ALA L 415 -29.01 55.71 -59.23
CA ALA L 415 -28.73 54.55 -60.08
C ALA L 415 -27.41 54.70 -60.82
N LYS L 416 -26.93 55.93 -60.98
CA LYS L 416 -25.55 56.13 -61.41
C LYS L 416 -24.56 55.64 -60.37
N SER L 417 -24.92 55.68 -59.08
CA SER L 417 -23.96 55.39 -58.03
C SER L 417 -23.89 53.91 -57.69
N ILE L 418 -24.98 53.15 -57.84
CA ILE L 418 -24.92 51.73 -57.52
C ILE L 418 -24.20 50.99 -58.64
N ALA L 419 -23.09 50.32 -58.29
CA ALA L 419 -22.14 49.60 -59.13
C ALA L 419 -21.79 50.37 -60.40
N PRO L 420 -21.12 51.53 -60.31
CA PRO L 420 -20.93 52.35 -61.51
C PRO L 420 -19.86 51.84 -62.45
N GLU L 421 -19.25 50.70 -62.17
CA GLU L 421 -18.04 50.28 -62.85
C GLU L 421 -18.29 49.64 -64.22
N ILE L 422 -19.51 49.67 -64.74
CA ILE L 422 -19.75 49.29 -66.12
C ILE L 422 -20.18 50.53 -66.89
N TYR L 423 -20.33 50.36 -68.21
CA TYR L 423 -20.77 51.43 -69.09
C TYR L 423 -22.20 51.18 -69.52
N GLY L 424 -23.00 52.23 -69.54
CA GLY L 424 -24.36 52.14 -70.02
C GLY L 424 -25.30 51.47 -69.03
N ASN L 425 -26.45 51.04 -69.57
CA ASN L 425 -27.49 50.30 -68.86
C ASN L 425 -28.05 51.11 -67.68
N LEU L 426 -28.30 52.39 -67.94
CA LEU L 426 -28.77 53.29 -66.88
C LEU L 426 -30.21 52.98 -66.49
N ASP L 427 -31.07 52.73 -67.46
CA ASP L 427 -32.43 52.28 -67.16
C ASP L 427 -32.42 50.89 -66.53
N VAL L 428 -31.43 50.08 -66.88
CA VAL L 428 -31.27 48.78 -66.24
C VAL L 428 -30.86 48.96 -64.79
N LYS L 429 -29.94 49.89 -64.53
CA LYS L 429 -29.57 50.21 -63.15
C LYS L 429 -30.70 50.91 -62.43
N LYS L 430 -31.57 51.60 -63.16
CA LYS L 430 -32.65 52.34 -62.52
C LYS L 430 -33.70 51.40 -61.93
N ALA L 431 -34.00 50.31 -62.64
CA ALA L 431 -34.94 49.33 -62.12
C ALA L 431 -34.36 48.58 -60.92
N LEU L 432 -33.06 48.33 -60.94
CA LEU L 432 -32.41 47.66 -59.83
C LEU L 432 -32.34 48.54 -58.61
N LEU L 433 -32.25 49.87 -58.81
CA LEU L 433 -32.44 50.82 -57.72
C LEU L 433 -33.82 50.65 -57.09
N LEU L 434 -34.83 50.42 -57.92
CA LEU L 434 -36.18 50.23 -57.41
C LEU L 434 -36.36 48.86 -56.78
N LEU L 435 -35.55 47.88 -57.20
CA LEU L 435 -35.53 46.59 -56.52
C LEU L 435 -34.99 46.74 -55.10
N LEU L 436 -34.04 47.66 -54.92
CA LEU L 436 -33.49 47.92 -53.59
C LEU L 436 -34.52 48.54 -52.66
N VAL L 437 -35.56 49.17 -53.20
CA VAL L 437 -36.55 49.82 -52.35
C VAL L 437 -37.48 48.76 -51.78
N GLY L 438 -38.30 48.16 -52.64
CA GLY L 438 -39.39 47.29 -52.21
C GLY L 438 -40.26 47.96 -51.16
N GLY L 439 -40.37 47.30 -50.01
CA GLY L 439 -40.72 47.96 -48.76
C GLY L 439 -42.14 48.46 -48.64
N VAL L 440 -43.10 47.80 -49.27
CA VAL L 440 -44.51 48.13 -49.11
C VAL L 440 -45.24 46.86 -48.71
N ASP L 441 -46.39 47.02 -48.05
CA ASP L 441 -47.16 45.89 -47.56
C ASP L 441 -48.57 46.33 -47.22
N LYS L 442 -49.50 45.37 -47.27
CA LYS L 442 -50.88 45.60 -46.86
C LYS L 442 -51.55 44.26 -46.61
N ARG L 443 -52.24 44.15 -45.47
CA ARG L 443 -53.16 43.05 -45.22
C ARG L 443 -54.54 43.67 -45.03
N VAL L 444 -55.57 43.01 -45.57
CA VAL L 444 -56.93 43.51 -45.41
C VAL L 444 -57.44 43.21 -44.01
N GLY L 445 -56.79 42.29 -43.30
CA GLY L 445 -57.23 41.93 -41.96
C GLY L 445 -58.29 40.86 -42.01
N ASP L 446 -58.03 39.74 -41.30
CA ASP L 446 -58.75 38.47 -41.46
C ASP L 446 -58.85 38.10 -42.94
N GLY L 447 -57.71 38.05 -43.60
CA GLY L 447 -57.66 37.93 -45.04
C GLY L 447 -56.27 37.52 -45.48
N MET L 448 -55.78 38.20 -46.50
CA MET L 448 -54.47 37.90 -47.05
C MET L 448 -53.57 39.12 -47.02
N LYS L 449 -52.26 38.89 -47.04
CA LYS L 449 -51.32 39.97 -47.26
C LYS L 449 -51.19 40.24 -48.75
N ILE L 450 -50.43 41.26 -49.09
CA ILE L 450 -49.87 41.41 -50.43
C ILE L 450 -48.37 41.57 -50.26
N ARG L 451 -47.60 40.88 -51.10
CA ARG L 451 -46.16 40.97 -50.97
C ARG L 451 -45.64 42.16 -51.76
N GLY L 452 -44.90 43.02 -51.08
CA GLY L 452 -44.27 44.16 -51.73
C GLY L 452 -42.87 43.82 -52.17
N ASP L 453 -42.76 42.85 -53.07
CA ASP L 453 -41.47 42.34 -53.50
C ASP L 453 -41.42 42.43 -55.02
N ILE L 454 -40.21 42.68 -55.52
CA ILE L 454 -39.96 42.86 -56.94
C ILE L 454 -39.11 41.68 -57.41
N ASN L 455 -39.44 41.13 -58.58
CA ASN L 455 -38.74 39.95 -59.09
C ASN L 455 -38.32 40.19 -60.54
N VAL L 456 -37.12 40.73 -60.71
CA VAL L 456 -36.64 41.12 -62.03
C VAL L 456 -35.73 40.03 -62.56
N CYS L 457 -36.02 39.55 -63.76
CA CYS L 457 -35.17 38.57 -64.41
C CYS L 457 -34.31 39.25 -65.47
N LEU L 458 -33.23 38.56 -65.83
CA LEU L 458 -32.27 39.07 -66.78
C LEU L 458 -32.00 38.02 -67.83
N MET L 459 -32.08 38.43 -69.10
CA MET L 459 -31.84 37.52 -70.22
C MET L 459 -30.83 38.17 -71.15
N GLY L 460 -29.94 37.35 -71.70
CA GLY L 460 -28.92 37.84 -72.61
C GLY L 460 -27.57 37.23 -72.33
N ASP L 461 -26.66 37.29 -73.30
CA ASP L 461 -25.38 36.61 -73.20
C ASP L 461 -24.44 37.16 -74.26
N PRO L 462 -23.12 37.09 -74.04
CA PRO L 462 -22.44 36.95 -72.74
C PRO L 462 -21.62 38.17 -72.34
N GLY L 463 -21.41 39.08 -73.28
CA GLY L 463 -20.44 40.16 -73.12
C GLY L 463 -20.99 41.39 -72.45
N VAL L 464 -22.08 41.22 -71.70
CA VAL L 464 -22.67 42.30 -70.93
C VAL L 464 -22.09 42.35 -69.51
N ALA L 465 -21.47 41.25 -69.07
CA ALA L 465 -20.86 41.07 -67.75
C ALA L 465 -21.90 41.33 -66.65
N LYS L 466 -22.96 40.55 -66.70
CA LYS L 466 -24.05 40.61 -65.74
C LYS L 466 -23.62 40.24 -64.33
N SER L 467 -22.63 39.35 -64.20
CA SER L 467 -22.21 38.88 -62.89
C SER L 467 -21.39 39.92 -62.16
N GLN L 468 -20.87 40.92 -62.89
CA GLN L 468 -20.28 42.09 -62.25
C GLN L 468 -21.29 42.82 -61.40
N LEU L 469 -22.55 42.83 -61.84
CA LEU L 469 -23.59 43.47 -61.05
C LEU L 469 -24.16 42.50 -60.03
N LEU L 470 -24.16 41.20 -60.35
CA LEU L 470 -24.77 40.21 -59.46
C LEU L 470 -23.99 40.08 -58.15
N LYS L 471 -22.67 40.18 -58.22
CA LYS L 471 -21.90 40.19 -56.98
C LYS L 471 -22.02 41.54 -56.28
N ALA L 472 -22.22 42.61 -57.04
CA ALA L 472 -22.25 43.95 -56.46
C ALA L 472 -23.54 44.19 -55.68
N ILE L 473 -24.64 43.59 -56.12
CA ILE L 473 -25.93 43.84 -55.48
C ILE L 473 -26.00 43.21 -54.10
N CYS L 474 -25.69 41.91 -53.99
CA CYS L 474 -25.68 41.24 -52.69
C CYS L 474 -24.53 41.69 -51.79
N LYS L 475 -23.57 42.45 -52.30
CA LYS L 475 -22.50 43.02 -51.49
C LYS L 475 -22.93 44.25 -50.72
N ILE L 476 -23.51 45.25 -51.38
CA ILE L 476 -23.91 46.47 -50.69
C ILE L 476 -25.13 46.20 -49.81
N SER L 477 -26.11 45.46 -50.34
CA SER L 477 -27.34 45.20 -49.63
C SER L 477 -27.09 44.33 -48.40
N PRO L 478 -27.57 44.74 -47.23
CA PRO L 478 -27.52 43.86 -46.07
C PRO L 478 -28.44 42.67 -46.27
N ARG L 479 -28.05 41.55 -45.64
CA ARG L 479 -28.65 40.23 -45.81
C ARG L 479 -28.64 39.83 -47.29
N GLY L 480 -27.42 39.67 -47.80
CA GLY L 480 -27.25 39.31 -49.19
C GLY L 480 -26.42 38.06 -49.36
N VAL L 481 -27.04 36.99 -49.88
CA VAL L 481 -26.39 35.71 -50.05
C VAL L 481 -26.26 35.44 -51.54
N TYR L 482 -25.05 35.19 -51.99
CA TYR L 482 -24.75 34.91 -53.40
C TYR L 482 -24.84 33.41 -53.61
N THR L 483 -25.70 32.98 -54.53
CA THR L 483 -25.96 31.57 -54.77
C THR L 483 -25.71 31.21 -56.23
N THR L 484 -25.48 29.92 -56.46
CA THR L 484 -25.24 29.40 -57.79
C THR L 484 -26.33 28.39 -58.16
N GLY L 485 -26.16 27.73 -59.31
CA GLY L 485 -27.11 26.74 -59.78
C GLY L 485 -27.06 25.40 -59.08
N LYS L 486 -25.96 24.68 -59.27
CA LYS L 486 -25.85 23.31 -58.81
C LYS L 486 -25.28 23.19 -57.40
N GLY L 487 -24.59 24.24 -56.92
CA GLY L 487 -23.92 24.15 -55.63
C GLY L 487 -24.88 24.06 -54.45
N SER L 488 -26.14 24.41 -54.67
CA SER L 488 -27.23 24.05 -53.78
C SER L 488 -28.22 23.17 -54.50
N SER L 489 -28.59 22.07 -53.85
CA SER L 489 -29.58 21.16 -54.41
C SER L 489 -30.97 21.55 -53.91
N GLY L 490 -31.95 20.66 -54.11
CA GLY L 490 -33.29 20.94 -53.65
C GLY L 490 -33.43 20.87 -52.13
N VAL L 491 -32.50 20.20 -51.46
CA VAL L 491 -32.51 20.16 -50.00
C VAL L 491 -31.51 21.13 -49.39
N GLY L 492 -30.58 21.67 -50.19
CA GLY L 492 -29.54 22.52 -49.64
C GLY L 492 -29.99 23.89 -49.21
N LEU L 493 -30.61 24.66 -50.11
CA LEU L 493 -31.05 26.01 -49.82
C LEU L 493 -32.25 26.06 -48.88
N THR L 494 -32.95 24.95 -48.70
CA THR L 494 -33.97 24.85 -47.66
C THR L 494 -33.36 24.25 -46.41
N ALA L 495 -34.21 24.01 -45.42
CA ALA L 495 -33.73 23.60 -44.10
C ALA L 495 -33.32 22.13 -44.09
N ALA L 496 -32.69 21.74 -42.99
CA ALA L 496 -32.27 20.36 -42.77
C ALA L 496 -32.28 20.08 -41.27
N VAL L 497 -32.26 18.79 -40.93
CA VAL L 497 -32.35 18.33 -39.56
C VAL L 497 -31.07 17.58 -39.21
N MET L 498 -30.37 18.06 -38.19
CA MET L 498 -29.17 17.40 -37.69
C MET L 498 -29.19 17.40 -36.18
N LYS L 499 -28.33 16.58 -35.59
CA LYS L 499 -28.24 16.52 -34.14
C LYS L 499 -27.58 17.76 -33.58
N ASP L 500 -28.19 18.34 -32.55
CA ASP L 500 -27.73 19.58 -31.96
C ASP L 500 -26.47 19.34 -31.16
N PRO L 501 -25.46 20.19 -31.26
CA PRO L 501 -24.42 20.25 -30.23
C PRO L 501 -24.95 20.80 -28.90
N VAL L 502 -23.99 21.08 -28.01
CA VAL L 502 -24.07 21.12 -26.55
C VAL L 502 -25.39 21.67 -25.99
N THR L 503 -25.87 22.76 -26.56
CA THR L 503 -27.18 23.27 -26.18
C THR L 503 -28.29 22.48 -26.87
N MET L 506 -32.02 18.54 -31.89
CA MET L 506 -32.62 18.17 -33.17
C MET L 506 -33.30 19.35 -33.82
N ILE L 507 -32.61 20.49 -33.82
CA ILE L 507 -33.18 21.72 -34.39
C ILE L 507 -33.10 21.66 -35.90
N LEU L 508 -33.78 22.60 -36.55
CA LEU L 508 -33.85 22.65 -38.00
C LEU L 508 -32.76 23.58 -38.51
N GLU L 509 -31.70 23.00 -39.06
CA GLU L 509 -30.64 23.81 -39.62
C GLU L 509 -31.04 24.29 -41.01
N GLY L 510 -31.07 25.62 -41.18
CA GLY L 510 -31.60 26.19 -42.39
C GLY L 510 -30.57 26.40 -43.48
N GLY L 511 -31.07 26.69 -44.68
CA GLY L 511 -30.28 26.94 -45.86
C GLY L 511 -30.10 28.41 -46.14
N ALA L 512 -29.72 28.73 -47.37
CA ALA L 512 -29.39 30.10 -47.74
C ALA L 512 -30.63 30.97 -47.83
N LEU L 513 -31.71 30.46 -48.44
CA LEU L 513 -32.96 31.21 -48.46
C LEU L 513 -33.57 31.31 -47.07
N VAL L 514 -33.31 30.31 -46.22
CA VAL L 514 -33.64 30.44 -44.81
C VAL L 514 -32.79 31.52 -44.18
N LEU L 515 -31.53 31.62 -44.60
CA LEU L 515 -30.66 32.67 -44.08
C LEU L 515 -31.04 34.02 -44.65
N ALA L 516 -31.23 34.12 -45.97
CA ALA L 516 -31.35 35.40 -46.64
C ALA L 516 -32.82 35.83 -46.72
N ASP L 517 -33.49 35.78 -45.58
CA ASP L 517 -34.82 36.35 -45.46
C ASP L 517 -34.70 37.80 -44.99
N ASN L 518 -35.68 38.62 -45.41
CA ASN L 518 -35.59 40.08 -45.38
C ASN L 518 -34.30 40.55 -46.05
N GLY L 519 -34.04 40.00 -47.22
CA GLY L 519 -32.86 40.32 -47.98
C GLY L 519 -33.00 39.78 -49.38
N ILE L 520 -31.97 39.97 -50.19
CA ILE L 520 -32.03 39.69 -51.61
C ILE L 520 -31.08 38.55 -51.92
N CYS L 521 -31.60 37.51 -52.59
CA CYS L 521 -30.80 36.34 -52.97
C CYS L 521 -30.32 36.52 -54.41
N CYS L 522 -29.01 36.45 -54.60
CA CYS L 522 -28.43 36.49 -55.93
C CYS L 522 -28.26 35.09 -56.48
N ILE L 523 -28.82 34.84 -57.66
CA ILE L 523 -28.97 33.49 -58.20
C ILE L 523 -28.35 33.42 -59.58
N ASP L 524 -27.45 32.45 -59.77
CA ASP L 524 -26.87 32.18 -61.07
C ASP L 524 -27.43 30.89 -61.68
N GLU L 525 -27.73 30.97 -62.98
CA GLU L 525 -28.03 29.82 -63.85
C GLU L 525 -29.25 29.03 -63.34
N PHE L 526 -30.39 29.72 -63.37
CA PHE L 526 -31.65 29.08 -63.01
C PHE L 526 -32.07 28.04 -64.04
N ASP L 527 -31.55 28.13 -65.26
CA ASP L 527 -31.82 27.15 -66.31
C ASP L 527 -31.34 25.75 -65.94
N LYS L 528 -30.29 25.64 -65.14
CA LYS L 528 -29.71 24.35 -64.82
C LYS L 528 -30.03 23.88 -63.42
N MET L 529 -31.13 24.33 -62.83
CA MET L 529 -31.54 23.83 -61.53
C MET L 529 -32.13 22.44 -61.65
N ASP L 530 -32.44 21.84 -60.50
CA ASP L 530 -33.28 20.65 -60.52
C ASP L 530 -34.72 21.07 -60.79
N GLU L 531 -35.47 20.16 -61.40
CA GLU L 531 -36.88 20.41 -61.64
C GLU L 531 -37.67 20.49 -60.34
N SER L 532 -37.26 19.75 -59.30
CA SER L 532 -37.85 19.93 -57.98
C SER L 532 -37.41 21.26 -57.37
N ASP L 533 -36.23 21.74 -57.74
CA ASP L 533 -35.75 23.02 -57.25
C ASP L 533 -36.52 24.17 -57.88
N ARG L 534 -37.06 23.96 -59.09
CA ARG L 534 -37.97 24.94 -59.68
C ARG L 534 -39.25 25.06 -58.87
N THR L 535 -39.73 23.95 -58.29
CA THR L 535 -41.01 23.94 -57.60
C THR L 535 -40.99 24.80 -56.35
N ALA L 536 -39.84 24.85 -55.67
CA ALA L 536 -39.71 25.71 -54.49
C ALA L 536 -39.76 27.19 -54.88
N ILE L 537 -39.24 27.52 -56.06
CA ILE L 537 -39.19 28.91 -56.50
C ILE L 537 -40.58 29.41 -56.82
N HIS L 538 -41.43 28.56 -57.39
CA HIS L 538 -42.84 28.88 -57.54
C HIS L 538 -43.53 29.03 -56.19
N GLU L 539 -43.05 28.31 -55.18
CA GLU L 539 -43.62 28.45 -53.86
C GLU L 539 -43.16 29.71 -53.14
N VAL L 540 -42.19 30.45 -53.69
CA VAL L 540 -41.83 31.73 -53.09
C VAL L 540 -42.65 32.85 -53.71
N MET L 541 -43.11 32.68 -54.95
CA MET L 541 -43.92 33.70 -55.60
C MET L 541 -45.26 33.90 -54.91
N GLU L 542 -45.76 32.89 -54.22
CA GLU L 542 -46.67 33.12 -53.11
C GLU L 542 -45.82 33.26 -51.85
N GLN L 543 -46.03 34.34 -51.11
CA GLN L 543 -45.06 34.76 -50.11
C GLN L 543 -45.10 33.83 -48.88
N GLN L 544 -43.92 33.65 -48.26
CA GLN L 544 -43.62 33.02 -46.98
C GLN L 544 -43.81 31.52 -46.99
N THR L 545 -44.06 30.89 -48.13
CA THR L 545 -44.48 29.50 -48.18
C THR L 545 -43.32 28.61 -48.58
N ILE L 546 -42.89 27.75 -47.66
CA ILE L 546 -41.97 26.65 -47.97
C ILE L 546 -42.51 25.40 -47.30
N SER L 547 -43.11 24.52 -48.09
CA SER L 547 -43.78 23.33 -47.56
C SER L 547 -42.81 22.16 -47.56
N ILE L 548 -42.87 21.34 -46.51
CA ILE L 548 -42.00 20.18 -46.35
C ILE L 548 -42.85 18.99 -45.95
N SER L 549 -42.71 17.89 -46.69
CA SER L 549 -43.38 16.62 -46.39
C SER L 549 -42.37 15.49 -46.37
N LYS L 550 -41.25 15.68 -45.66
CA LYS L 550 -40.23 14.65 -45.57
C LYS L 550 -40.53 13.65 -44.47
N ALA L 551 -39.51 12.86 -44.10
CA ALA L 551 -39.65 11.64 -43.30
C ALA L 551 -40.17 11.89 -41.89
N GLY L 552 -39.90 13.04 -41.30
CA GLY L 552 -40.46 13.34 -40.00
C GLY L 552 -40.80 14.79 -39.82
N ILE L 553 -40.69 15.56 -40.90
CA ILE L 553 -40.79 17.01 -40.84
C ILE L 553 -42.03 17.43 -41.63
N ASN L 554 -42.89 18.23 -40.99
CA ASN L 554 -44.09 18.72 -41.64
C ASN L 554 -44.18 20.24 -41.59
N THR L 555 -43.05 20.92 -41.46
CA THR L 555 -43.04 22.34 -41.21
C THR L 555 -43.34 23.13 -42.47
N THR L 556 -43.92 24.31 -42.28
CA THR L 556 -44.12 25.30 -43.33
C THR L 556 -43.47 26.59 -42.83
N LEU L 557 -42.17 26.72 -43.07
CA LEU L 557 -41.44 27.83 -42.49
C LEU L 557 -41.61 29.09 -43.34
N ASN L 558 -41.35 30.23 -42.71
CA ASN L 558 -41.57 31.53 -43.33
C ASN L 558 -40.26 32.12 -43.83
N ALA L 559 -40.37 33.02 -44.82
CA ALA L 559 -39.20 33.59 -45.47
C ALA L 559 -39.57 34.90 -46.14
N ARG L 560 -38.92 35.99 -45.74
CA ARG L 560 -39.19 37.32 -46.26
C ARG L 560 -38.20 37.69 -47.37
N THR L 561 -37.85 36.70 -48.18
CA THR L 561 -36.75 36.81 -49.12
C THR L 561 -37.10 37.71 -50.30
N SER L 562 -36.10 37.93 -51.16
CA SER L 562 -36.27 38.64 -52.41
C SER L 562 -35.44 37.93 -53.48
N ILE L 563 -35.93 37.95 -54.72
CA ILE L 563 -35.43 37.09 -55.78
C ILE L 563 -34.87 37.97 -56.90
N LEU L 564 -33.62 37.73 -57.26
CA LEU L 564 -33.06 38.19 -58.52
C LEU L 564 -32.57 36.97 -59.28
N ALA L 565 -32.97 36.88 -60.55
CA ALA L 565 -32.58 35.75 -61.39
C ALA L 565 -31.99 36.28 -62.70
N ALA L 566 -31.16 35.44 -63.32
CA ALA L 566 -30.50 35.78 -64.57
C ALA L 566 -30.14 34.47 -65.28
N ALA L 567 -30.83 34.20 -66.37
CA ALA L 567 -30.57 33.01 -67.17
C ALA L 567 -30.04 33.41 -68.54
N ASN L 568 -29.40 32.47 -69.18
CA ASN L 568 -28.87 32.73 -70.51
C ASN L 568 -29.81 32.19 -71.60
N PRO L 569 -29.81 32.83 -72.77
CA PRO L 569 -30.62 32.33 -73.88
C PRO L 569 -30.13 31.01 -74.48
N LEU L 570 -30.78 30.59 -75.56
CA LEU L 570 -30.56 29.29 -76.17
C LEU L 570 -29.23 29.28 -76.92
N TYR L 571 -28.94 28.14 -77.56
CA TYR L 571 -27.77 28.03 -78.43
C TYR L 571 -27.91 29.01 -79.59
N GLY L 572 -26.78 29.57 -80.00
CA GLY L 572 -26.80 30.73 -80.86
C GLY L 572 -27.11 31.98 -80.05
N ARG L 573 -27.37 33.07 -80.77
CA ARG L 573 -27.65 34.33 -80.10
C ARG L 573 -28.56 35.18 -80.98
N TYR L 574 -29.76 35.46 -80.44
CA TYR L 574 -30.76 36.38 -81.00
C TYR L 574 -31.09 36.08 -82.46
N ASN L 575 -31.78 34.97 -82.71
CA ASN L 575 -32.31 34.72 -84.04
C ASN L 575 -33.71 35.31 -84.10
N PRO L 576 -33.98 36.29 -84.97
CA PRO L 576 -35.37 36.72 -85.18
C PRO L 576 -36.25 35.66 -85.82
N ARG L 577 -35.65 34.67 -86.49
CA ARG L 577 -36.39 33.50 -86.92
C ARG L 577 -36.91 32.72 -85.71
N LEU L 578 -36.11 32.68 -84.64
CA LEU L 578 -36.61 32.16 -83.38
C LEU L 578 -37.54 33.18 -82.73
N SER L 579 -38.49 32.65 -81.97
CA SER L 579 -39.51 33.44 -81.32
C SER L 579 -39.16 33.66 -79.86
N PRO L 580 -39.82 34.60 -79.19
CA PRO L 580 -39.94 34.51 -77.73
C PRO L 580 -40.55 33.18 -77.33
N LEU L 581 -39.99 32.59 -76.27
CA LEU L 581 -40.21 31.26 -75.70
C LEU L 581 -39.62 30.15 -76.56
N ASP L 582 -39.19 30.47 -77.78
CA ASP L 582 -38.43 29.50 -78.56
C ASP L 582 -37.00 29.44 -78.09
N ASN L 583 -36.38 30.60 -77.88
CA ASN L 583 -35.04 30.67 -77.31
C ASN L 583 -35.04 30.75 -75.79
N ILE L 584 -36.16 30.38 -75.15
CA ILE L 584 -36.29 30.38 -73.70
C ILE L 584 -36.55 28.95 -73.25
N ASN L 585 -35.83 28.51 -72.21
CA ASN L 585 -35.93 27.14 -71.72
C ASN L 585 -36.87 26.99 -70.51
N LEU L 586 -37.81 27.92 -70.33
CA LEU L 586 -38.71 27.91 -69.19
C LEU L 586 -40.14 28.20 -69.64
N PRO L 587 -41.15 27.62 -68.98
CA PRO L 587 -42.53 27.91 -69.39
C PRO L 587 -42.97 29.31 -68.98
N ALA L 588 -43.92 29.84 -69.75
CA ALA L 588 -44.38 31.21 -69.60
C ALA L 588 -45.19 31.44 -68.32
N ALA L 589 -45.67 30.38 -67.68
CA ALA L 589 -46.31 30.53 -66.37
C ALA L 589 -45.30 31.02 -65.34
N LEU L 590 -44.06 30.57 -65.45
CA LEU L 590 -42.99 31.17 -64.67
C LEU L 590 -42.69 32.59 -65.14
N LEU L 591 -42.80 32.85 -66.45
CA LEU L 591 -42.61 34.21 -66.95
C LEU L 591 -43.76 35.12 -66.55
N SER L 592 -44.96 34.55 -66.36
CA SER L 592 -46.06 35.32 -65.81
C SER L 592 -45.80 35.73 -64.37
N ARG L 593 -45.03 34.96 -63.63
CA ARG L 593 -44.69 35.32 -62.25
C ARG L 593 -43.64 36.41 -62.20
N PHE L 594 -42.94 36.65 -63.29
CA PHE L 594 -41.96 37.74 -63.36
C PHE L 594 -42.65 39.01 -63.82
N ASP L 595 -42.70 40.00 -62.94
CA ASP L 595 -43.28 41.28 -63.29
C ASP L 595 -42.40 42.08 -64.25
N ILE L 596 -41.09 42.05 -64.05
CA ILE L 596 -40.16 42.86 -64.82
C ILE L 596 -39.15 41.92 -65.46
N LEU L 597 -38.92 42.11 -66.75
CA LEU L 597 -37.97 41.31 -67.50
C LEU L 597 -37.14 42.22 -68.40
N PHE L 598 -35.85 41.92 -68.48
CA PHE L 598 -34.92 42.64 -69.34
C PHE L 598 -34.34 41.71 -70.39
N LEU L 599 -33.77 42.32 -71.42
CA LEU L 599 -33.03 41.59 -72.42
C LEU L 599 -31.70 42.30 -72.60
N MET L 600 -30.63 41.51 -72.71
CA MET L 600 -29.29 42.06 -72.85
C MET L 600 -28.85 41.86 -74.30
N LEU L 601 -29.22 42.81 -75.15
CA LEU L 601 -28.81 42.78 -76.53
C LEU L 601 -27.31 43.06 -76.66
N ASP L 602 -26.74 42.59 -77.76
CA ASP L 602 -25.39 43.00 -78.16
C ASP L 602 -25.42 43.18 -79.68
N ILE L 603 -25.76 44.40 -80.10
CA ILE L 603 -25.65 44.81 -81.50
C ILE L 603 -24.30 45.50 -81.65
N PRO L 604 -23.40 44.98 -82.47
CA PRO L 604 -22.13 45.69 -82.70
C PRO L 604 -22.36 46.95 -83.51
N SER L 605 -22.37 48.08 -82.82
CA SER L 605 -22.65 49.37 -83.43
C SER L 605 -21.37 50.20 -83.38
N ARG L 606 -21.12 50.94 -84.47
CA ARG L 606 -19.84 51.63 -84.62
C ARG L 606 -19.68 52.76 -83.63
N ASP L 607 -20.75 53.52 -83.38
CA ASP L 607 -20.62 54.74 -82.58
C ASP L 607 -20.65 54.44 -81.08
N ASP L 608 -21.21 53.30 -80.68
CA ASP L 608 -21.32 52.99 -79.26
C ASP L 608 -20.00 52.51 -78.67
N ASP L 609 -19.00 52.22 -79.50
CA ASP L 609 -17.80 51.56 -79.02
C ASP L 609 -16.81 52.55 -78.42
N GLU L 610 -16.67 53.72 -79.02
CA GLU L 610 -15.57 54.63 -78.70
C GLU L 610 -15.69 55.18 -77.29
N LYS L 611 -16.91 55.46 -76.85
CA LYS L 611 -17.11 55.84 -75.45
C LYS L 611 -16.85 54.64 -74.53
N LEU L 612 -17.30 53.45 -74.95
CA LEU L 612 -17.08 52.26 -74.15
C LEU L 612 -15.61 51.85 -74.17
N ALA L 613 -14.91 52.14 -75.28
CA ALA L 613 -13.48 51.87 -75.32
C ALA L 613 -12.72 52.82 -74.39
N GLU L 614 -13.09 54.11 -74.41
CA GLU L 614 -12.54 55.06 -73.46
C GLU L 614 -12.96 54.75 -72.03
N HIS L 615 -14.09 54.06 -71.87
CA HIS L 615 -14.56 53.66 -70.55
C HIS L 615 -13.63 52.61 -69.94
N VAL L 616 -13.41 51.51 -70.65
CA VAL L 616 -12.73 50.35 -70.07
C VAL L 616 -11.23 50.61 -69.94
N THR L 617 -10.67 51.40 -70.86
CA THR L 617 -9.25 51.74 -70.76
C THR L 617 -8.99 52.69 -69.61
N TYR L 618 -9.99 53.47 -69.21
CA TYR L 618 -9.79 54.38 -68.10
C TYR L 618 -9.85 53.64 -66.77
N VAL L 619 -10.40 52.41 -66.78
CA VAL L 619 -10.47 51.59 -65.59
C VAL L 619 -9.08 51.18 -65.13
N HIS L 620 -8.21 50.88 -66.07
CA HIS L 620 -6.88 50.41 -65.70
C HIS L 620 -5.89 51.55 -65.60
N MET L 621 -6.30 52.75 -66.03
CA MET L 621 -5.43 53.92 -65.85
C MET L 621 -5.45 54.40 -64.41
N HIS L 622 -6.55 54.17 -63.71
CA HIS L 622 -6.76 54.71 -62.37
C HIS L 622 -7.46 53.63 -61.57
N ASN L 623 -8.12 54.02 -60.48
CA ASN L 623 -9.07 53.15 -59.81
C ASN L 623 -10.42 53.81 -59.61
N LYS L 624 -10.75 54.81 -60.44
CA LYS L 624 -12.05 55.48 -60.37
C LYS L 624 -12.46 55.93 -61.77
N GLN L 625 -13.70 55.62 -62.13
CA GLN L 625 -14.21 55.94 -63.46
C GLN L 625 -14.61 57.40 -63.71
N PRO L 626 -15.53 58.02 -62.95
CA PRO L 626 -16.11 59.28 -63.43
C PRO L 626 -15.13 60.44 -63.36
N ASP L 627 -15.36 61.43 -64.21
CA ASP L 627 -14.41 62.50 -64.43
C ASP L 627 -15.16 63.81 -64.62
N LEU L 628 -15.06 64.69 -63.62
CA LEU L 628 -15.45 66.11 -63.65
C LEU L 628 -16.95 66.34 -63.84
N ASP L 629 -17.79 65.30 -63.84
CA ASP L 629 -19.22 65.50 -64.03
C ASP L 629 -20.03 64.87 -62.92
N PHE L 630 -19.43 64.00 -62.11
CA PHE L 630 -20.18 63.18 -61.17
C PHE L 630 -19.29 62.72 -60.03
N THR L 631 -19.84 62.71 -58.81
CA THR L 631 -19.17 62.07 -57.71
C THR L 631 -20.02 60.93 -57.16
N PRO L 632 -19.41 59.78 -56.89
CA PRO L 632 -20.20 58.60 -56.52
C PRO L 632 -20.62 58.65 -55.06
N VAL L 633 -21.68 57.91 -54.75
CA VAL L 633 -22.16 57.83 -53.39
C VAL L 633 -21.56 56.60 -52.73
N GLU L 634 -20.90 56.81 -51.58
CA GLU L 634 -20.40 55.69 -50.81
C GLU L 634 -21.57 54.88 -50.25
N PRO L 635 -21.44 53.55 -50.15
CA PRO L 635 -22.61 52.72 -49.86
C PRO L 635 -23.13 52.83 -48.43
N SER L 636 -22.25 53.12 -47.46
CA SER L 636 -22.70 53.23 -46.07
C SER L 636 -23.62 54.42 -45.87
N LYS L 637 -23.25 55.57 -46.45
CA LYS L 637 -24.15 56.72 -46.43
C LYS L 637 -25.35 56.48 -47.33
N MET L 638 -25.18 55.64 -48.36
CA MET L 638 -26.27 55.39 -49.29
C MET L 638 -27.39 54.59 -48.65
N ARG L 639 -27.04 53.52 -47.93
CA ARG L 639 -28.05 52.64 -47.34
C ARG L 639 -28.80 53.31 -46.20
N GLU L 640 -28.17 54.26 -45.53
CA GLU L 640 -28.86 54.99 -44.46
C GLU L 640 -29.96 55.87 -45.02
N TYR L 641 -29.71 56.47 -46.18
CA TYR L 641 -30.77 57.21 -46.87
C TYR L 641 -31.84 56.27 -47.39
N ILE L 642 -31.45 55.04 -47.75
CA ILE L 642 -32.42 54.03 -48.15
C ILE L 642 -33.27 53.62 -46.97
N ALA L 643 -32.64 53.31 -45.84
CA ALA L 643 -33.34 52.79 -44.67
C ALA L 643 -34.27 53.83 -44.06
N TYR L 644 -33.88 55.10 -44.12
CA TYR L 644 -34.78 56.17 -43.69
C TYR L 644 -35.96 56.31 -44.64
N ALA L 645 -35.74 56.06 -45.94
CA ALA L 645 -36.83 56.05 -46.90
C ALA L 645 -37.72 54.83 -46.75
N LYS L 646 -37.26 53.80 -46.05
CA LYS L 646 -38.05 52.59 -45.82
C LYS L 646 -39.11 52.78 -44.76
N THR L 647 -39.16 53.95 -44.11
CA THR L 647 -40.08 54.18 -43.03
C THR L 647 -41.03 55.32 -43.37
N LYS L 648 -41.58 55.31 -44.58
CA LYS L 648 -42.44 56.40 -45.03
C LYS L 648 -43.89 55.97 -45.22
N ARG L 649 -44.12 54.87 -45.97
CA ARG L 649 -45.43 54.34 -46.37
C ARG L 649 -46.29 55.42 -47.02
N PRO L 650 -46.02 55.77 -48.27
CA PRO L 650 -46.88 56.72 -48.97
C PRO L 650 -48.25 56.12 -49.27
N VAL L 651 -49.24 57.00 -49.32
CA VAL L 651 -50.64 56.62 -49.53
C VAL L 651 -51.09 57.27 -50.83
N MET L 652 -51.88 56.53 -51.62
CA MET L 652 -52.31 56.98 -52.93
C MET L 652 -53.39 58.07 -52.81
N SER L 653 -53.89 58.53 -53.94
CA SER L 653 -54.95 59.53 -53.96
C SER L 653 -56.03 59.06 -54.93
N GLU L 654 -57.01 59.92 -55.20
CA GLU L 654 -58.13 59.56 -56.05
C GLU L 654 -57.91 59.94 -57.51
N ALA L 655 -57.16 61.00 -57.77
CA ALA L 655 -56.87 61.37 -59.15
C ALA L 655 -55.91 60.37 -59.79
N VAL L 656 -54.99 59.81 -58.99
CA VAL L 656 -54.10 58.80 -59.53
C VAL L 656 -54.82 57.46 -59.68
N ASN L 657 -55.95 57.28 -58.98
CA ASN L 657 -56.79 56.12 -59.23
C ASN L 657 -57.40 56.20 -60.63
N ASP L 658 -57.78 57.40 -61.06
CA ASP L 658 -58.44 57.57 -62.33
C ASP L 658 -57.48 57.38 -63.50
N TYR L 659 -56.20 57.72 -63.28
CA TYR L 659 -55.25 57.70 -64.37
C TYR L 659 -54.81 56.28 -64.72
N VAL L 660 -54.87 55.37 -63.76
CA VAL L 660 -54.30 54.04 -63.95
C VAL L 660 -55.32 53.12 -64.64
N VAL L 661 -56.61 53.33 -64.38
CA VAL L 661 -57.65 52.38 -64.81
C VAL L 661 -57.74 52.32 -66.32
N GLN L 662 -57.90 53.48 -66.97
CA GLN L 662 -57.98 53.52 -68.42
C GLN L 662 -56.63 53.18 -69.05
N ALA L 663 -55.54 53.44 -68.33
CA ALA L 663 -54.23 53.03 -68.80
C ALA L 663 -54.07 51.52 -68.77
N TYR L 664 -54.80 50.84 -67.88
CA TYR L 664 -54.79 49.38 -67.93
C TYR L 664 -55.65 48.87 -69.05
N ILE L 665 -56.68 49.62 -69.43
CA ILE L 665 -57.49 49.27 -70.59
C ILE L 665 -56.68 49.47 -71.86
N ARG L 666 -55.73 50.41 -71.83
CA ARG L 666 -54.75 50.52 -72.92
C ARG L 666 -53.94 49.23 -73.04
N LEU L 667 -53.47 48.70 -71.91
CA LEU L 667 -52.66 47.49 -71.93
C LEU L 667 -53.49 46.26 -72.26
N ARG L 668 -54.69 46.17 -71.70
CA ARG L 668 -55.52 44.97 -71.88
C ARG L 668 -56.01 44.83 -73.32
N GLN L 669 -56.20 45.95 -74.01
CA GLN L 669 -56.78 45.89 -75.36
C GLN L 669 -55.74 45.48 -76.39
N ASP L 670 -54.57 46.12 -76.38
CA ASP L 670 -53.59 45.88 -77.44
C ASP L 670 -52.77 44.61 -77.22
N SER L 671 -52.78 44.05 -76.02
CA SER L 671 -52.10 42.79 -75.80
C SER L 671 -52.89 41.62 -76.38
N LYS L 672 -54.21 41.73 -76.39
CA LYS L 672 -55.09 40.65 -76.82
C LYS L 672 -55.60 40.85 -78.25
N ARG L 673 -54.82 41.52 -79.10
CA ARG L 673 -55.13 41.62 -80.51
C ARG L 673 -54.15 40.85 -81.39
N GLU L 674 -53.07 40.32 -80.80
CA GLU L 674 -52.08 39.55 -81.53
C GLU L 674 -52.31 38.06 -81.38
N MET L 675 -52.29 37.55 -80.15
CA MET L 675 -52.56 36.14 -79.80
C MET L 675 -51.62 35.17 -80.53
N ASP L 676 -50.38 35.58 -80.75
CA ASP L 676 -49.47 34.82 -81.60
C ASP L 676 -48.17 34.52 -80.87
N SER L 677 -47.33 33.74 -81.54
CA SER L 677 -45.96 33.46 -81.13
C SER L 677 -44.96 34.38 -81.82
N LYS L 678 -45.34 35.63 -82.08
CA LYS L 678 -44.52 36.62 -82.75
C LYS L 678 -43.56 37.24 -81.72
N PHE L 679 -42.86 38.32 -82.09
CA PHE L 679 -41.97 39.04 -81.19
C PHE L 679 -42.67 39.57 -79.94
N SER L 680 -43.94 39.94 -80.07
CA SER L 680 -44.74 40.28 -78.91
C SER L 680 -45.07 39.03 -78.10
N PHE L 681 -45.14 39.21 -76.79
CA PHE L 681 -45.44 38.10 -75.89
C PHE L 681 -46.95 37.85 -75.88
N GLY L 682 -47.36 36.73 -75.31
CA GLY L 682 -48.72 36.26 -75.49
C GLY L 682 -49.75 37.04 -74.70
N GLN L 683 -49.70 36.94 -73.37
CA GLN L 683 -50.82 37.32 -72.52
C GLN L 683 -50.41 38.43 -71.58
N ALA L 684 -51.38 39.21 -71.12
CA ALA L 684 -51.16 40.27 -70.13
C ALA L 684 -51.93 39.94 -68.85
N THR L 685 -51.18 39.73 -67.78
CA THR L 685 -51.76 39.26 -66.53
C THR L 685 -52.39 40.42 -65.77
N PRO L 686 -53.30 40.15 -64.82
CA PRO L 686 -53.66 41.18 -63.85
C PRO L 686 -52.55 41.44 -62.84
N ARG L 687 -51.59 40.53 -62.75
CA ARG L 687 -50.42 40.74 -61.89
C ARG L 687 -49.53 41.86 -62.42
N THR L 688 -49.61 42.17 -63.72
CA THR L 688 -48.95 43.35 -64.25
C THR L 688 -49.47 44.62 -63.61
N LEU L 689 -50.78 44.71 -63.37
CA LEU L 689 -51.33 45.87 -62.69
C LEU L 689 -50.98 45.82 -61.21
N LEU L 690 -50.89 44.62 -60.65
CA LEU L 690 -50.47 44.45 -59.27
C LEU L 690 -49.05 44.96 -59.03
N GLY L 691 -48.18 44.78 -60.03
CA GLY L 691 -46.84 45.31 -59.90
C GLY L 691 -46.78 46.82 -60.07
N ILE L 692 -47.43 47.34 -61.11
CA ILE L 692 -47.24 48.74 -61.46
C ILE L 692 -47.92 49.68 -60.46
N ILE L 693 -48.95 49.21 -59.76
CA ILE L 693 -49.47 49.96 -58.63
C ILE L 693 -48.47 49.95 -57.49
N ARG L 694 -47.90 48.78 -57.22
CA ARG L 694 -46.85 48.64 -56.20
C ARG L 694 -45.60 49.42 -56.58
N LEU L 695 -45.29 49.51 -57.87
CA LEU L 695 -44.09 50.23 -58.30
C LEU L 695 -44.20 51.72 -58.07
N SER L 696 -45.29 52.35 -58.50
CA SER L 696 -45.46 53.78 -58.32
C SER L 696 -45.64 54.13 -56.85
N GLN L 697 -46.15 53.18 -56.06
CA GLN L 697 -46.07 53.29 -54.61
C GLN L 697 -44.64 53.29 -54.12
N ALA L 698 -43.80 52.40 -54.64
CA ALA L 698 -42.40 52.40 -54.25
C ALA L 698 -41.65 53.57 -54.86
N LEU L 699 -42.09 54.02 -56.04
CA LEU L 699 -41.52 55.23 -56.64
C LEU L 699 -41.80 56.46 -55.79
N ALA L 700 -42.93 56.49 -55.08
CA ALA L 700 -43.22 57.60 -54.19
C ALA L 700 -42.32 57.61 -52.96
N LYS L 701 -41.71 56.46 -52.62
CA LYS L 701 -40.91 56.37 -51.41
C LYS L 701 -39.59 57.13 -51.55
N LEU L 702 -39.09 57.28 -52.76
CA LEU L 702 -37.85 58.03 -52.96
C LEU L 702 -38.10 59.53 -53.05
N ARG L 703 -39.36 59.96 -53.02
CA ARG L 703 -39.66 61.35 -52.78
C ARG L 703 -39.78 61.66 -51.30
N LEU L 704 -40.04 60.62 -50.48
CA LEU L 704 -40.04 60.65 -49.02
C LEU L 704 -41.10 61.62 -48.49
N ALA L 705 -42.25 61.65 -49.16
CA ALA L 705 -43.18 62.75 -48.91
C ALA L 705 -44.65 62.37 -48.84
N ASP L 706 -44.99 61.12 -49.18
CA ASP L 706 -46.37 60.63 -49.28
C ASP L 706 -47.18 61.48 -50.26
N MET L 707 -46.64 61.61 -51.47
CA MET L 707 -47.12 62.53 -52.50
C MET L 707 -47.34 61.78 -53.80
N VAL L 708 -48.14 60.71 -53.74
CA VAL L 708 -48.45 59.91 -54.93
C VAL L 708 -49.18 60.78 -55.95
N ASP L 709 -48.49 61.07 -57.06
CA ASP L 709 -48.94 62.10 -58.00
C ASP L 709 -49.03 61.56 -59.42
N ILE L 710 -49.25 62.47 -60.37
CA ILE L 710 -49.29 62.10 -61.78
C ILE L 710 -47.91 61.77 -62.35
N ASP L 711 -46.87 62.53 -61.98
CA ASP L 711 -45.53 62.22 -62.48
C ASP L 711 -44.96 61.01 -61.75
N ASP L 712 -45.52 60.69 -60.59
CA ASP L 712 -45.22 59.43 -59.91
C ASP L 712 -45.59 58.24 -60.80
N VAL L 713 -46.76 58.30 -61.41
CA VAL L 713 -47.21 57.19 -62.25
C VAL L 713 -46.61 57.31 -63.64
N GLU L 714 -46.32 58.53 -64.08
CA GLU L 714 -45.77 58.78 -65.42
C GLU L 714 -44.40 58.12 -65.59
N GLU L 715 -43.63 58.01 -64.51
CA GLU L 715 -42.36 57.32 -64.59
C GLU L 715 -42.56 55.81 -64.67
N ALA L 716 -43.64 55.31 -64.06
CA ALA L 716 -43.85 53.88 -63.95
C ALA L 716 -44.20 53.25 -65.29
N LEU L 717 -44.91 53.98 -66.16
CA LEU L 717 -45.29 53.42 -67.45
C LEU L 717 -44.12 53.37 -68.40
N ARG L 718 -43.12 54.23 -68.20
CA ARG L 718 -42.00 54.28 -69.12
C ARG L 718 -41.11 53.06 -68.97
N LEU L 719 -40.93 52.59 -67.73
CA LEU L 719 -40.07 51.45 -67.50
C LEU L 719 -40.73 50.13 -67.86
N VAL L 720 -42.02 50.14 -68.21
CA VAL L 720 -42.65 48.91 -68.66
C VAL L 720 -42.42 48.70 -70.14
N ARG L 721 -42.69 49.73 -70.96
CA ARG L 721 -42.65 49.57 -72.40
C ARG L 721 -41.23 49.48 -72.95
N VAL L 722 -40.23 49.93 -72.20
CA VAL L 722 -38.86 49.83 -72.66
C VAL L 722 -38.23 48.51 -72.22
N SER L 723 -38.62 47.98 -71.06
CA SER L 723 -38.15 46.69 -70.57
C SER L 723 -38.53 45.58 -71.53
N LYS L 724 -39.79 45.58 -71.97
CA LYS L 724 -40.24 44.66 -72.99
C LYS L 724 -39.88 45.22 -74.36
N GLU L 725 -39.72 44.33 -75.33
CA GLU L 725 -39.67 44.65 -76.77
C GLU L 725 -38.49 45.55 -77.14
N SER L 726 -37.36 45.37 -76.45
CA SER L 726 -36.14 46.05 -76.83
C SER L 726 -35.37 45.29 -77.92
N LEU L 727 -35.98 44.27 -78.49
CA LEU L 727 -35.39 43.43 -79.53
C LEU L 727 -35.62 43.99 -80.94
N TYR L 728 -35.91 45.28 -81.05
CA TYR L 728 -36.26 45.84 -82.35
C TYR L 728 -35.05 46.02 -83.25
N GLN L 729 -33.90 46.36 -82.68
CA GLN L 729 -32.69 46.55 -83.48
C GLN L 729 -32.00 45.21 -83.70
#